data_6GAZ
#
_entry.id   6GAZ
#
_cell.length_a   1.0
_cell.length_b   1.0
_cell.length_c   1.0
_cell.angle_alpha   90.00
_cell.angle_beta   90.00
_cell.angle_gamma   90.00
#
_symmetry.space_group_name_H-M   'P 1'
#
loop_
_entity.id
_entity.type
_entity.pdbx_description
1 polymer 'Translation initiation factor IF-2, mitochondrial'
2 polymer 'Mitochondrial ribosomal protein L19'
3 polymer '12S ribosomal RNA, mitochondrial'
4 polymer 'Mitochondrial ribosomal protein S2'
5 polymer 'Mitochondrial ribosomal protein S24'
6 polymer 'Mitochondrial ribosomal protein S5'
7 polymer 'Mitochondrial ribosomal protein S6'
8 polymer 'Mitochondrial ribosomal protein S7'
9 polymer 'Mitochondrial ribosomal protein S9'
10 polymer 'Mitochondrial ribosomal protein S10'
11 polymer 'Mitochondrial ribosomal protein S11'
12 polymer 'Mitochondrial ribosomal protein S12'
13 polymer 'Mitochondrial ribosomal protein S14'
14 polymer 'Mitochondrial ribosomal protein S15'
15 polymer 'bS16m, MRPS16'
16 polymer 'Mitochondrial ribosomal protein S17'
17 polymer 'Mitochondrial ribosomal protein S18C'
18 polymer 'Mitochondrial ribosomal protein S21'
19 polymer 'P-site fMet-tRNAMet, mitochondrial'
20 polymer 'MT-CO3 mRNA, mitochondrial'
21 polymer 'unassigned secondary structure elements'
22 polymer 'Mitochondrial ribosomal protein S22'
23 polymer 'Mitochondrial ribosomal protein S23'
24 polymer 'Mitochondrial ribosomal protein S25'
25 polymer 'Mitochondrial ribosomal protein S26'
26 polymer 'Mitochondrial ribosomal protein S27'
27 polymer 'Mitoribosomal protein ms28, mrps28'
28 polymer 'Death associated protein 3'
29 polymer 'mS31, MRPS31'
30 polymer 'Mitochondrial ribosomal protein S33'
31 polymer 'Mitochondrial ribosomal protein S34'
32 polymer 'Mitochondrial ribosomal protein S35'
33 polymer 'Mitochondrial ribosomal protein S37'
34 polymer 'Aurora kinase A interacting protein 1'
35 polymer 'Mitochondrial ribosomal protein S39'
36 polymer '28S ribosomal protein S18b, mitochondrial'
37 non-polymer "5'-GUANOSINE-DIPHOSPHATE-MONOTHIOPHOSPHATE"
38 non-polymer 'MAGNESIUM ION'
39 non-polymer 'SODIUM ION'
40 non-polymer SPERMINE
41 non-polymer 'ZINC ION'
42 non-polymer N-FORMYLMETHIONINE
43 non-polymer "GUANOSINE-5'-TRIPHOSPHATE"
44 water water
#
loop_
_entity_poly.entity_id
_entity_poly.type
_entity_poly.pdbx_seq_one_letter_code
_entity_poly.pdbx_strand_id
1 'polypeptide(L)'
;SGGSGSGWKSQLSSTKSKKVVEVWIGMTIEELARAMEKNTDYVYEALLNTDIDIDSLEADSHLDEVWIKEVITKAGMKLK
WSKLKQDKVRKNKDAVRRPQADPALLTPRSPVVTIMGHVDHGKTTLLDKFRKTQVAAVETGGITQHIGAFLVSLPSGEKI
TFLDTPGHAAFSAMRARGAQVTDIVVLVVAADDGVMKQTVESIQHAKDAQVPIILAVNKCDKAEADPEKVKKELLAYDVV
CEDYGGDVQAVPVSALTGDNLMALAEATVALAEMLELKADPNGPVEGTVIESFTDKGRGLVTTAIIQRGTLRKGSVLVAG
KCWAKVRLMFDENGKTIDEAYPSMPVGITGWRDLPSAGEEILEVESEPRAREVVDWRKYEQEQEKGQEDLKIIEEKRKEH
KEAHQKAREKYGHLLWKKRSILRFLERKEQIPLKPKEKRERDSNVLSVIIKGDVDGSVEAILNIIDTYDASHECELELVH
FGVGDVSANDVNLAETFDGVIYGFNVNAGNVIQQSAAKKGVKIKLHKIIYRLVEDLQEELSSRLPCAVEEHPVGEASILA
TFSVTEGKKKVPVAGCRVQKGQLEKQKKFKLTRNGHVIWKGSLTSLKHHKDDISIVKTGMDCGLSLDEDNMEFQVGDRIV
CYEEKQIQAKTSWDPGF
;
BC
2 'polypeptide(L)'
;MAASITRGSWAAVGLGQSFPPTRALLPAPASVICRTLAGSGRQQVTGSSEPGAFQPPPKPVIVDKRRPQRPETRFLSPEF
IPPRGRTNPLKFQIERKDMLERRKILHIPEFYVGSILRVTTADPYASAKTSQFLGICIQRSGSGLGATFILRNTIEGQGV
EICFELYNPRIQEIQVVKLEKRLDNSLLYLRDALPEYSTFDVNMKPITQEFNQEVPVNQLKVKMKPKPWSKRWERPKFNI
KGIRFDLCLTEEQMREAQKWSQPWLEFDMMREYDTSKIEAAIWDEIEASKNS
;
BT
3 'polyribonucleotide'
;ACACAGGUUUGGUCCUGGCCUUUCUAUUAAUUCUUAAUAAAAUUACACAUGCAAGUAUCCGCGCCCCGGUGAGAAUGCCC
UCCAGAUCUUAAAGAUCAAAAGGAGCAGGUAUCAAGCACACCUAUAACGGUAGCUCAUAACGCCUUGCUCAACCACACCC
CCACGGGAAACAGCAGUGAUAAAAAUUAAGCCAUGAACGAAAGUUUGACUAAGUUAUAUUAAUUAGAGUUGGUAAAUCUC
GUGCCAGCCACCGCGGUCAUACGAUUAACCCAAAUUAAUAGAUCCACGGCGUAAAGAGUGUUUAAGAAAAAAAAUCACAA
UAGAGUUAAAUUAUAACUAAGCUGUAAAAAGCCCUAGUUAAAAUAAAAUAACCCACGAAAGUGACUCUAAUAAUCCUGAC
ACACGAUAGCUAGGACCCAAACUGGGAUUAGAUACCCCACUAUGCCUAGCCCUAAACCCAAAUAGUUACAUAACAAAACU
AUUCGCCAGAGUACUACUCGCAACUGCCUAAAACUCAAAGGACUUGGCGGUGCUUCACAUCCACCUAGAGGAGCCUGUUC
UAUAAUCGAUAAACCCCGAUAGACCUUACCAACCCUUGCCAAUUCAGCCUAUAUACCGCCAUCUUCAGCAAACCCUAAAA
AGGAACAAUAGUAAGCACAAUCAUAGCACAUAAAAACGUUAGGUCAAGGUGUAGCUUAUGGGUUGGAAAGAAAUGGGCUA
CAUUUUCUACAUAAGAAUAUCCACCACACGAAAGUUUUUAUGAAACUAAAAACCAAAGGAGGAUUUAGCAGUAAAUCAAG
AAUAGAGUGCUUGAUUGAAUAAGGCCAUGAAGCACGCACACACCGCCCGUCACCCUCCUCAAGCAUGUAGUAAUAAAAAU
AACCUAUAUUCAAUUACACAACCAUGCAAGAAGAGACAAGUCGUAACAAGGUAAGCAUACUGGAAAGUGUGCUUGGAUUA
CC
;
AA
4 'polypeptide(L)'
;MASGPLLPRLLGAGAPRRPLRLHLVPTATPGPAGPTGRTLGSNAAPAAREPELGNDLRDRILSEPLKHADFFNLKELFSV
RSLFDARVHLGHKAGCRHRFMEPYLFGSRLGQDIIDLEQTAAHLQLALNFTAHVAYREGIILFVSRHRQFAHLIETTARD
CGEYAHTRYFKGGLLTNAPLLLGPGVRLPDLIIFLHTLNNVFEPHVAVRDAAKMNIPTVGIVDTNCNPALITYPVPGNDD
SPPAVRLFCRLFQVAISRAKEKRRQVEALYRLQGPAGAERGPAAPPPPE
;
AB
5 'polypeptide(L)'
;MVASVCGGGLRPLVLSWSRELPCAWRALHISAVCAKNRAARVRVSKGDKPVTYEEAHAPHYIAHRKGWLSLHTGNLDGED
HAAERTVEDVFLRKFMLGTFPGCLADQLVLKRRANQLEICALVLRQLPPHKFYFLVGYSETLLSHFYKCPVHLHLQTVPS
KVVYKYI
;
AC
6 'polypeptide(L)'
;MAAAVRAAGFFPGLFGASAGNLWSRQLYLNTFPAASILTSKTFPSNGPLSPPGTRDNHHFTSLACALQTQCSISSPSNWM
GQQYRSYSFFTKLTADELWKGALAESGAGARKGRGKRTKKKRRKDLNRGQIIGEGRHGFLWPGLNIPLMRNGAVQTIAQR
SKEDQEKVEADMVQQREEWDRRRKMKVKRERGWSGNTWGGVSLGPPDPGPNGETYDDFDTRILEVRNVFNMTAKEGRKRS
VRVLVAVGNGKGAAGFAIGKATERADAFRKAKNRAVHYLHYIERYEDHTIYHDISLKFKRTHIKMKKQPRGYGLHCHRAI
MTICRLIGIKDLYAKVSGSVNMLNLTRGLFLGLSRQETHQQLADKKSLHVVEFREECGPLPIVVASPQGALRKDPEPEDE
VPDITLDWEDVKAAQGMKRSVWSGLKRAAT
;
AE
7 'polypeptide(L)'
;MPRYELALILKAMQRPETAAALKRTLEALMDRGAVVRNLENLGERMLPYKISAHNQRHSRGGYFLVDFYAPATTVESMME
HLSRDIDVIRPNIVKHPLTQEVKECEGIVPVPLEEKLYSTKKRK
;
AF
8 'polypeptide(L)'
;MAAPAVKAARGWSCSALGVRIAVLRFPGLTQVRWSRYGPEYKDPQIDKEYYRKPLAEQTEEEKYERDFKKTQLIKAAPAT
KTSSVFEDPVISKFTNMMMKGGNKVLARSLMTQTLEAVKRKQFAKYHAASAEEQATIERNPYTIFHQALKNCEPVIGLVP
ILKGGHFYQVPVPLADRRRRFLAMKWMIAECREKKHRRVLMPEKLSQELLEAFHNQGPVIKRKHDMHKMAEANRALAHYR
WW
;
AG
9 'polypeptide(L)'
;MAAPCVFCGAAVSYRLFLGCRVSFARGQVLWKAAAPELQAGARCQILRLRHTAVVTTKKNVAASRRETYTVDFIKKQIEE
FNIGKRHLANMMGEDPETFTQEDIDRAIAYLFPSGLFEKRARPIMKHPEEIFPKQRAIQWGEDGRPFHFLFYTGKQSYYS
LMHDTYGKLLDVEKHHNQLRAKDLLAEKTKILKDPIGSRWLIKEELEEMLVEKLSDQDYAQFIRLLERLSALPCGATEED
FVNRFRRSIPIQSKKQLIEPLQYDEQGMAFSRGEGKRKTAKAEVVVYGQGSGRIDVNGVDYLLYFPVTQDREQLMFPLHF
LDRLGKHDMTCAVSGGGRSAQAGAVRLAMARALCSFVTEDEVEWMRQAGLLTADPRVRERKKPGQEGARRKFTWKKR
;
AI
10 'polypeptide(L)'
;MAARTAFGALARRLWQGSRNFSVSSSRSSTAKNGGFLLSTTMKWVQFSNLHVDVPKDMTKPEITISDEPDTLYKRLSVLV
KGHDKAVLDSYEYFAVLAAKELGISIKVHEPPRKIERFTLLKSVHIFKKHRVQYEMRTLYRCLELEHLTGSTADVYLEYI
QRNLPEGVAMEVTKTKLEQLPEHIRKPIWETMPEEKEESKS
;
AJ
11 'polypeptide(L)'
;MQVVRNAGSRLLQSWAWPPKTRIVAGLPASTIHRSAPHLQDAAAKLDIEDKEEARTPSHSSFSIYPPIPGQENSLRWAGK
KFEEIPIAHIKASYNNTQIQVVSAAHQPLAHASCGTEGFRNAKKGTGIAAQTAGIAAAAKATGKGVTHVRVVVKGLGPGR
LSAIKGLTMGGLEVISITDNTPIPHNGCRPRKARRL
;
AK
12 'polypeptide(L)'
;MSWSGLLRGLGTSLNCGLALVPRPWATRPMATLNQMHRLGPPKHPPGKMGPTAGRPQLKGVVLRTFIRKPKKPNSANRKC
CRVRLSTGREAVCFIPGEGHSLQEHHVVLVQGGRTQDLPGVKLTVVRGKYDCGHVQKKK
;
AL
13 'polypeptide(L)'
;MAASMLGFLLRTVRQMVPSSASGQVRSYYVDWKMLRDVKRRKMAYEYADERLRINSLRKNTILPKDLQEVADEEIASLPR
DSCPVRIRNRCVMTSRPRGVKRRWRLSRIVFRHLADHGQLSGVQRAMW
;
AN
14 'polypeptide(L)'
;MLRAAWRALSSIRTQAVTQAPVLGLPGGGCARFPSVQRALPSRPAGLILRAARGYAAQKPVQPNQDDPPPSMLLLDYQNV
PGIHKVDDVVKRLLSLEMANQKEKLKIKKMQLMNKVLENPEDTSSLEARIVALTVKIRNYEEHMQKHRKDKAHKRFLLMS
IDQRKKMLKNLRETNYAVFEKICKELGIEYTFPPPYHRKAHRRWVTKKALCTQVFREVQKLKKQKRALRAAAVAAHKQG
;
AO
15 'polypeptide(L)'
;MVQLTTVLCRAYRGGHLTIRLALGGCTNRPFYRIVAAHSKCPRDGRFVEQLGSYDPLPNSHGEKLVALNFDRIRHWIGCG
AHLSKPVEKLLGLSGFYPLHPMMITNAERLRRKRAREVLLASQKTDTEATETKAS
;
AP
16 'polypeptide(L)'
;MSIARSSVHAKWVVGKVIGTAMQKTAKVRVTRLVLDPYLLKYFNKRKTYFAHDALQQCTVGDIVLLKALPVPRTKHVKHE
LAEIIFKVGQVIDPVTGKPCAGTTYLESPISPESTRLTKNLEALQLSSTQ
;
AQ
17 'polypeptide(L)'
;MAAVVSLCSRLGRRKSTDFVNAAVCLTDPGTHAVLWRSCSQYKQVASNEDLPVPMENPYKEPLKKCILCEKHVDYKNVQL
LSQFISPFTGCIYGRHITGLCGKKQKEITKAIKRAQILGFMPVTYKDPAYLKDPKVCNIKYRE
;
AR
18 'polypeptide(L)'
;MANHLKFIARTVMVQEGNVEGAYRTLNRILTMDGLIEDIKRRRYYEKPCRRRQRESYETCRRIYNMEMARKINFLMRKNR
ADPWQGC
;
AU
19 'polyribonucleotide' AGUAAGGUCAGCUAAAUAAGCUAUCGGGCCCAUACCCCGAAAAUGUUGGUUAUACCCUUCCCGUACUACCA AV
20 'polyribonucleotide'
;AUGACCCACCAAUCACAUGCCUAUCAUAUAGUAAAACCCAGCCCAUGACCCCUAACAGGGGCCCUCUCAGCCCUCCUAAU
GACCUCCGGCCUAGCCAUGUGAUUUCACUUCCACUCCAUAACGCUCCUCAUACUAGGCCUACUAACCAACACACUAACCA
UAUACCAAUGAUGGCGCGAUGUAACACGAGAAAGCACAUAC
;
AX
21 'polypeptide(L)' AAAAAAAAAAAAAAAAAA AZ
22 'polypeptide(L)'
;MPHEPRETRNLSLPLPALVARIIMATLKASALLRSLQTNSCGTGRVCFPVRARPRPRALLQPLPGASGTGTLCRGLGSES
ESGNSEIRKPTFMDEEVQNILIKMTGLDLQKIFKPALQELKPPTYKLMTQAQLEEATKQAVEAAKVRLKMPPVLEERAPI
NDVLAEDKILEGTETAKYVFTDISYSIPHRERFIVVREPSGTLRKASWEERDRMIQVYFPREGRRILTPVIFKEENLQTM
YSQDQHVDVLNLCVAQFEPDSAEYIKIHHHTYEDIDKCGKYDLLRSTRHFGGMAWYFVNKKKIDGLLIDQIQRDLVSDAT
SLVHLYHILHPDGQSAQEAKKQGAEGLHLIKVFAKTEAQKGAYIELTLQAYQEAFITHSAAS
;
Aa
23 'polypeptide(L)'
;MAGSRLETVGSIFSRTRDLIRAGVLKEKPLWLDIYNAFPPLREPVFRRPRLRYGKAKAAVQDIFYHEDRIRAKFYSAYGS
GPKAFDLFNPNFKSTCQRFVEKYIELQRLGETDEEKLFVEAGKALLAEGVTLRRVGEARTQQEGSPISRKSEPTGIKPQT
AVEENQPWKEVPQDQPLEAPEKESKGLPPP
;
Ab
24 'polypeptide(L)'
;MPMKGRFPIRRTLQYLGQGDVVFKDSVKVMTVNYNTHGELGEGARKFVFFNIPQIQYKNPWVQITMFKNMTPSPFLRFYL
DSGEQVLVDVESKSNKEIVEHIRKILGKNEETLEKEEQEKKQLSHPAHFGPRKYCLRECMCEVEGQVPCPGLVPLPKEMT
GKYKAALKATAQD
;
Ac
25 'polypeptide(L)'
;MLRVLGGLGARPAGRLPAPLLLPTRGRKTRHDPPAKSKAGRVATPPAVDPTEFFVLTERYRQYRQTVRALRLEFMSEVRK
KLHEARAGVQAERKAQEDAAEHRELMAWNQAENQRLHELRLARLRQEALEQERRQAEEAVLQAREAQAWAQLKEQEVLQL
QEEAKTFITRENLEARVEEALDSPKSYNWAITREGLVVRPQQKGS
;
Ad
26 'polypeptide(L)'
;RRCLLSAAYVDSHKWEARDKEDCHLADLASLMDKTYERKLPVSSLTISRFVDNIASREDIDHAEYYLYKFRHSPNCWYLR
DWTIHTWIRQCLKYGAQDKALYTLKNKVQYGIFPDNYTFNLLMDYFIKKENYKDALSVVFEIMMQEAFEVPSTQLLSLYV
LYHCLAEKTDLSWEEERNFGASLLLPGLKQKNSVGLSSQLYGYALLGKVELQQGLRAVYCNMPLLWQPGYLHRALQVMEK
VASSPEDGQLCGEALDVLDRVLKAVTAPAQGTSEEQPQEGEESQRSEELVEQLDVEETEQSKLPQYLERFEALRSKLQAL
GKVESESLLTLSTQLAKAQLPTCEAEDIAVYEQRLQQWHGERVRLIQREQEQRERARQDYEARRAAKASA
;
Ae
27 'polypeptide(L)'
;MAALCRTRAVTAKSHFLRVFFFSRPCRGTGTESGSGSESSESTEPKQRPGGFASALERHSELQQKAEFGRMRGSPKNVES
FASMLRHSPLTQMGPAKNKLVIGQIFHIVEDDLYIDFGGKFHCVCKRPEVDGEKYQKGTRVRLRLLDLELTSRFLGATTD
TTILEADAVLLGLQESKDSKSKEERHEK
;
Af
28 'polypeptide(L)'
;MLKGVTRLISRVHKLDPGHVLYMGTQAPQSLAAHLDNQVPVKSPRAISRTSEDDPAKHREQHEGQHYNISLQELKTVFPH
GLPPRFAMQVKTFNEACLMVRKPALELLHYLKNTNFAHPAVRYVLYGEKGTGKTLSLCHILHFCAKQNWLILHIPDAHIW
VKNCRDLLQSNYNKQRFDQPLEASTWLKNFKTANEHFLSQIKVQEKYVWNKRESTEKGRPLGEVVEQGIMRVRNATDAVG
IVLKELKRQSSLGIFHLLVAVDGVNALWGRTTLKREDKSPIAPEELALIHNLRKMVKNDWQGGAIVLTVSQTGSLFKPRN
AYLPQELLGKEGFDALDPFIPILVSNYNPKEFESCIQYYLENNWLQHEKAHTEEGKKELLFLSNRNPGQLERLCAYL
;
Ag
29 'polypeptide(L)'
;MLPRVSAVIPLRPLSRLPLCSGGPEASAAAILLLDSLRGTVRTENNIQRYFGTNNLVYSKKDEQSGPTCEISKETESKGS
VKENSKKDLLNIIKGMKVELSTVNVQTTKPSNKRQLKNLETAIGRIKKAPEDTPQKRSESLSSELVAAVSAVADSLPFDR
RMTKSELLRQLQKHEEDSR(UNK)QKDGEKPKISFSNIISDMKVARSATARVSTRPVHQIQFDEGTDDFADQEKTLNLKK
SFRKNIFKGRRLNIFEPQAVTEEAPETEAVPSLWDIEFAKQLAAVTERPFQNGFEEMIQWTKEGKLWEFPINNEAGFDDD
GSEFHEHIFLDKYLQDFPKQGPIRHFMELVTCGLSKNPYLSVKQKVEHIEWFRNYFNEKRVILKESGIQLN
;
Ah
30 'polypeptide(L)'
;MSSLSEYAVRMSRLSARLFGEVARPTDSKSMKVVKLFSEQPLAKRKETYDWYPNHNTYFALMGTLRFLGLYRDEHQDFRD
EQLRLKKLRGKGKPRKGEGKRAMKKK
;
Ai
31 'polypeptide(L)'
;MARKKVRPRLIAELARRVRALREQRERPRDSQRYALDYETMMRPHSGNRLPMRAWADVRHESRLLQLLNRLPLFGLGRLV
TRKSWLWQHDEPCYWRLTRVRPDYAAENLDHGKAWGILTFKGKTESEAREIEQVMYHDWRLVPKHEEEAFTAFTLVPEDT
PLSVPYPPLLRAMILAQRQKYGDTSTEEPMLNLERARIDPWDYPAKLEAKTKTKGAAV
;
Aj
32 'polypeptide(L)'
;MAATSLPAWLILKSRAGTFRAFSTAMSPATRSPRPALRTTERTSKPERALRRKALPPRTEKMAVDQDWPSVYPVAAPFKP
SAVPLPVRMGYPVKRGVPMAKEGNLELLKIPNFLHLTPVAIKRHCEALKDFCTEWPAALDSDEKCEKHFPIEIDTADYVS
AGPSIRNPKARVVTLRVKLSSLNLDDHAKKKLIKLVGDRYCKSTDVLTIKTDRCPLKRQNYDYAVYLLTVLYHESWKTEE
WEKKKTEADMEEYIWENSTSEKNILETLLQIKAAEKNLELSKEELLGTKEVEDYRKSVVSLKNEGDNENTLSQYKESVKR
LLNLA
;
Ak
33 'polypeptide(L)'
;MATPSLRGRLARLGNPRRPILKPNKPLILANHVGERRREKGEATCITEMSVMMACWKQNEFRDEACRKEIQDFFDCASRA
EAARKMRSIQENLGELGSLPPKKLNKLLHRFPNKPHVS
;
Am
34 'polypeptide(L)'
;MFLVRLTSQLLRAVPGAGRSGSPRVSEVLGRHACRPRYSTQPPGPSGIASLPGKHVHPELEEMLVPRKMSISPLESWLTI
RYLLPRLGAGTPGTVSPAQLYQCPPSQVGEGVKQGDKEVRDTPQMQCKNILKIRRRKMNHHKYRKLVKRTRFLRRKVREG
RLRQKQVKFERDLKRIWQKAGLKEAPAGWQTPKIYLKNQ
;
An
35 'polypeptide(L)'
;MAAVASARWLGVRSGLCLPLTGRRVGPCGRTPRSRFYSGSAAHPEVEGANVTGIEEVVIPKKKTWDKVAILQALASTVHR
DSTAAPYVFQDDPYLIPTSSVESHSFLLAKKSGENAAKFIINSYPKYFQKDIAEPHIPCLMPEYFEPQIEDVSEAALQER
IKL(UNK)(UNK)(UNK)(UNK)(UNK)(UNK)(UNK)(UNK)(UNK)(UNK)(UNK)(UNK)(UNK)(UNK)(UNK)
(UNK)(UNK)(UNK)(UNK)(UNK)(UNK)(UNK)(UNK)(UNK)(UNK)(UNK)(UNK)(UNK)(UNK)(UNK)(UNK)
(UNK)(UNK)(UNK)(UNK)(UNK)(UNK)(UNK)(UNK)(UNK)(UNK)(UNK)(UNK)(UNK)(UNK)(UNK)(UNK)
(UNK)(UNK)(UNK)(UNK)(UNK)(UNK)(UNK)(UNK)(UNK)(UNK)(UNK)(UNK)(UNK)(UNK)(UNK)(UNK)
(UNK)(UNK)(UNK)(UNK)(UNK)(UNK)(UNK)(UNK)(UNK)(UNK)(UNK)(UNK)(UNK)TWRTKNNAERIFALM
PEKNAHSYCTMIRGMVKHQAPTQALNLYTVLLNNRLRADVYTFNSLIEATALVVNEKFEEKWNNILDLLKQMVTQNVKPN
LQTFNTILKCLRRFYAFGKLPALQTLREMKAIGIEPSLATYHYVIQLFYQHESPSKGSSLIIYDIMNEVMGKRFSPRDPD
DDMFFQSAMRVCSSLRDLELAYQVHGLLNTGDNWKLIGSDHRRNFYYSKFFNLLCFMEQIDVTLKWYKDLIPSVFFPHSQ
TMIDLLQALDVANRLDMVPQIWKDSKEYGHTFRNELKEEILMLMARDQHPPELQVAFADCAADIKSTYESQDARQTAPEW
PASSLNYVAVLFLRAGRTQEAWKMLGLFRKHNKIPRAELLNEFLDSAKASSSPAQAIELVKLASAFSLPVCEGLTRRVMA
EFTLTQEQREALGELTALTSDSSSDSDSDSDSDISEGK
;
Ao
36 'polypeptide(L)'
;MAASILNVLLRRLPGVSPFRGAYGVQVLLQTLCTKAPPEDDSLPQVPISPYKDEPWKYLDSEEYQNRYGSRPVWADYRRN
HKGGIPPQRTRKMCIRGNKVAGNPCPICRDQKLHVDFRNVKLLEQFVCAHTGIIFHAPYTGVCMKQHKKLTQAIQKARDH
GLLRYHIPQVEPRDLDFSTTHGAVSSTPPAPTLVSGDPWYPWYSWKQPPERELSRLRRLYQGRLREESGPPPELMPEVPL
TAPAEASSTEPGAPQSAL
;
Ap
#
loop_
_chem_comp.id
_chem_comp.type
_chem_comp.name
_chem_comp.formula
A RNA linking ADENOSINE-5'-MONOPHOSPHATE 'C10 H14 N5 O7 P'
C RNA linking CYTIDINE-5'-MONOPHOSPHATE 'C9 H14 N3 O8 P'
G RNA linking GUANOSINE-5'-MONOPHOSPHATE 'C10 H14 N5 O8 P'
GSP non-polymer 5'-GUANOSINE-DIPHOSPHATE-MONOTHIOPHOSPHATE 'C10 H16 N5 O13 P3 S'
GTP non-polymer GUANOSINE-5'-TRIPHOSPHATE 'C10 H16 N5 O14 P3'
MG non-polymer 'MAGNESIUM ION' 'Mg 2'
NA non-polymer 'SODIUM ION' 'Na 1'
SPM non-polymer SPERMINE 'C10 H26 N4'
U RNA linking URIDINE-5'-MONOPHOSPHATE 'C9 H13 N2 O9 P'
ZN non-polymer 'ZINC ION' 'Zn 2'
#
# COMPACT_ATOMS: atom_id res chain seq x y z
N ASP A 87 -15.10 43.80 9.03
CA ASP A 87 -15.03 43.16 10.35
C ASP A 87 -13.85 43.69 11.15
N LYS A 88 -12.73 43.97 10.48
CA LYS A 88 -11.65 44.72 11.10
C LYS A 88 -11.27 45.91 10.21
N VAL A 89 -11.56 47.11 10.71
CA VAL A 89 -11.17 48.35 10.06
C VAL A 89 -10.21 49.06 10.99
N ARG A 90 -9.03 49.39 10.47
CA ARG A 90 -7.97 49.94 11.32
C ARG A 90 -8.36 51.33 11.80
N LYS A 91 -8.35 51.51 13.12
CA LYS A 91 -8.69 52.79 13.71
C LYS A 91 -7.71 53.85 13.23
N ASN A 92 -8.22 55.03 12.91
CA ASN A 92 -7.32 56.07 12.46
C ASN A 92 -6.83 56.82 13.68
N LYS A 93 -5.56 56.62 13.99
CA LYS A 93 -4.95 57.33 15.09
C LYS A 93 -3.63 57.93 14.64
N ASP A 94 -3.63 59.25 14.51
CA ASP A 94 -2.43 59.99 14.12
C ASP A 94 -2.54 61.39 14.66
N ALA A 95 -1.41 62.03 14.86
CA ALA A 95 -1.40 63.38 15.40
C ALA A 95 -1.95 64.35 14.37
N VAL A 96 -3.00 65.05 14.76
CA VAL A 96 -3.58 66.07 13.91
C VAL A 96 -3.31 67.43 14.54
N ARG A 97 -2.85 68.37 13.74
CA ARG A 97 -2.60 69.73 14.18
C ARG A 97 -3.89 70.32 14.78
N ARG A 98 -3.82 70.79 16.03
CA ARG A 98 -5.00 71.24 16.77
C ARG A 98 -5.77 72.35 16.06
N PRO A 99 -7.10 72.40 16.29
CA PRO A 99 -7.95 73.47 15.73
C PRO A 99 -7.46 74.87 16.16
N GLN A 100 -7.77 75.88 15.35
CA GLN A 100 -7.31 77.25 15.58
C GLN A 100 -7.66 77.74 16.99
N ALA A 101 -6.70 78.41 17.63
CA ALA A 101 -6.86 78.85 19.02
C ALA A 101 -8.00 79.85 19.19
N ASP A 102 -8.65 79.79 20.34
CA ASP A 102 -9.75 80.69 20.67
C ASP A 102 -9.24 82.12 20.80
N PRO A 103 -10.12 83.13 20.58
CA PRO A 103 -9.71 84.53 20.65
C PRO A 103 -9.16 84.95 22.02
N ALA A 104 -9.53 84.21 23.06
CA ALA A 104 -9.18 84.55 24.43
C ALA A 104 -7.70 84.36 24.75
N LEU A 105 -7.16 83.22 24.31
CA LEU A 105 -5.84 82.78 24.76
C LEU A 105 -4.69 83.24 23.84
N LEU A 106 -5.02 83.94 22.76
CA LEU A 106 -4.00 84.38 21.82
C LEU A 106 -3.13 85.49 22.41
N THR A 107 -1.83 85.25 22.37
CA THR A 107 -0.82 86.07 23.05
C THR A 107 0.09 86.73 22.00
N PRO A 108 0.67 87.90 22.32
CA PRO A 108 1.66 88.51 21.43
C PRO A 108 2.81 87.58 21.08
N ARG A 109 3.03 87.45 19.78
CA ARG A 109 4.00 86.53 19.24
C ARG A 109 5.32 87.25 19.01
N SER A 110 6.26 86.57 18.36
CA SER A 110 7.50 87.19 17.92
C SER A 110 7.70 86.83 16.44
N PRO A 111 8.20 87.78 15.64
CA PRO A 111 8.29 87.59 14.19
C PRO A 111 9.39 86.62 13.74
N VAL A 112 9.08 85.82 12.72
CA VAL A 112 10.07 84.97 12.06
C VAL A 112 10.35 85.54 10.67
N VAL A 113 11.63 85.79 10.41
CA VAL A 113 12.01 86.52 9.20
C VAL A 113 13.04 85.78 8.34
N THR A 114 12.66 85.42 7.11
CA THR A 114 13.63 84.82 6.20
C THR A 114 14.38 85.92 5.47
N ILE A 115 15.66 85.72 5.20
CA ILE A 115 16.40 86.68 4.40
C ILE A 115 16.81 86.04 3.10
N MET A 116 16.18 86.46 2.00
CA MET A 116 16.27 85.71 0.75
C MET A 116 16.88 86.51 -0.38
N GLY A 117 17.40 85.81 -1.38
CA GLY A 117 17.83 86.48 -2.59
C GLY A 117 18.97 85.84 -3.34
N HIS A 118 19.39 86.52 -4.39
CA HIS A 118 20.42 86.04 -5.29
C HIS A 118 21.78 85.96 -4.61
N VAL A 119 22.70 85.23 -5.24
CA VAL A 119 24.07 85.09 -4.77
C VAL A 119 24.80 86.40 -4.49
N ASP A 120 25.53 86.43 -3.38
CA ASP A 120 26.46 87.50 -3.03
C ASP A 120 25.82 88.87 -2.82
N HIS A 121 24.55 88.89 -2.43
CA HIS A 121 23.87 90.17 -2.22
C HIS A 121 23.92 90.58 -0.75
N GLY A 122 24.52 89.75 0.09
CA GLY A 122 24.79 90.13 1.48
C GLY A 122 23.93 89.64 2.63
N LYS A 123 23.13 88.59 2.44
CA LYS A 123 22.26 88.10 3.53
C LYS A 123 23.04 87.81 4.81
N THR A 124 24.12 87.06 4.65
CA THR A 124 24.94 86.64 5.79
C THR A 124 25.66 87.82 6.45
N THR A 125 25.98 88.85 5.69
CA THR A 125 26.67 90.01 6.26
C THR A 125 25.70 90.83 7.12
N LEU A 126 24.46 90.98 6.63
CA LEU A 126 23.35 91.50 7.44
C LEU A 126 23.30 90.77 8.78
N LEU A 127 23.06 89.45 8.70
CA LEU A 127 23.02 88.60 9.89
C LEU A 127 24.17 88.88 10.86
N ASP A 128 25.39 88.71 10.37
CA ASP A 128 26.61 88.95 11.12
C ASP A 128 26.59 90.28 11.87
N LYS A 129 26.19 91.35 11.16
CA LYS A 129 26.19 92.67 11.77
C LYS A 129 25.15 92.78 12.89
N PHE A 130 23.98 92.15 12.70
CA PHE A 130 22.96 92.13 13.74
C PHE A 130 23.40 91.37 14.99
N ARG A 131 23.98 90.19 14.78
CA ARG A 131 24.26 89.26 15.86
C ARG A 131 25.59 89.51 16.57
N LYS A 132 26.35 90.49 16.09
CA LYS A 132 27.68 90.77 16.62
C LYS A 132 28.65 89.60 16.43
N THR A 133 28.38 88.76 15.42
CA THR A 133 29.21 87.60 15.14
C THR A 133 29.75 87.66 13.71
N GLN A 134 30.84 86.95 13.40
CA GLN A 134 31.23 86.80 11.99
C GLN A 134 31.13 85.35 11.55
N VAL A 135 30.07 85.01 10.82
CA VAL A 135 30.00 83.72 10.13
C VAL A 135 30.31 83.82 8.63
N ALA A 136 30.49 85.03 8.10
CA ALA A 136 30.78 85.19 6.67
C ALA A 136 32.25 84.92 6.41
N ALA A 137 33.06 85.10 7.46
CA ALA A 137 34.50 84.87 7.39
C ALA A 137 34.82 83.38 7.45
N VAL A 138 34.18 82.68 8.38
CA VAL A 138 34.47 81.28 8.69
C VAL A 138 33.81 80.28 7.71
N GLU A 139 32.69 80.68 7.11
CA GLU A 139 31.94 79.81 6.21
C GLU A 139 32.83 79.26 5.10
N THR A 140 32.67 77.97 4.81
CA THR A 140 33.49 77.28 3.82
C THR A 140 33.18 77.74 2.39
N GLY A 141 34.20 78.22 1.69
CA GLY A 141 34.05 78.70 0.32
C GLY A 141 33.38 80.05 0.22
N GLY A 142 33.10 80.67 1.36
CA GLY A 142 32.40 81.95 1.40
C GLY A 142 30.96 81.80 0.96
N ILE A 143 30.45 80.57 1.12
CA ILE A 143 29.13 80.19 0.64
C ILE A 143 28.20 79.93 1.82
N THR A 144 26.90 80.20 1.65
CA THR A 144 25.94 79.74 2.64
C THR A 144 25.25 78.49 2.09
N GLN A 145 25.65 77.33 2.63
CA GLN A 145 25.13 76.04 2.18
C GLN A 145 24.08 75.43 3.10
N HIS A 146 23.79 76.09 4.21
CA HIS A 146 22.82 75.55 5.16
C HIS A 146 21.85 76.60 5.63
N ILE A 147 20.57 76.25 5.69
CA ILE A 147 19.63 77.10 6.40
C ILE A 147 20.05 77.13 7.86
N GLY A 148 19.80 78.25 8.53
CA GLY A 148 20.03 78.33 9.94
C GLY A 148 19.06 79.32 10.51
N ALA A 149 18.74 79.15 11.79
CA ALA A 149 17.89 80.09 12.49
C ALA A 149 18.76 80.83 13.47
N PHE A 150 18.44 82.08 13.73
CA PHE A 150 19.21 82.84 14.71
C PHE A 150 18.27 83.71 15.49
N LEU A 151 18.47 83.77 16.80
CA LEU A 151 17.67 84.64 17.64
C LEU A 151 18.41 85.96 17.84
N VAL A 152 17.75 87.06 17.52
CA VAL A 152 18.36 88.38 17.66
C VAL A 152 17.47 89.32 18.48
N SER A 153 18.07 89.96 19.48
CA SER A 153 17.39 91.01 20.24
C SER A 153 17.95 92.38 19.81
N LEU A 154 17.04 93.31 19.53
CA LEU A 154 17.40 94.64 19.02
C LEU A 154 17.48 95.66 20.16
N PRO A 155 17.91 96.90 19.88
CA PRO A 155 17.89 97.92 20.93
C PRO A 155 16.51 98.16 21.54
N SER A 156 15.46 98.12 20.72
CA SER A 156 14.10 98.40 21.16
C SER A 156 13.45 97.27 21.96
N GLY A 157 14.16 96.14 22.04
CA GLY A 157 13.65 94.98 22.77
C GLY A 157 12.92 94.03 21.84
N GLU A 158 13.17 94.18 20.54
CA GLU A 158 12.53 93.35 19.53
C GLU A 158 13.21 91.99 19.40
N LYS A 159 12.45 90.92 19.58
CA LYS A 159 12.98 89.58 19.38
C LYS A 159 12.61 89.12 17.97
N ILE A 160 13.63 88.94 17.12
CA ILE A 160 13.40 88.48 15.77
C ILE A 160 14.17 87.19 15.52
N THR A 161 13.51 86.23 14.87
CA THR A 161 14.18 85.00 14.47
C THR A 161 14.47 85.05 12.98
N PHE A 162 15.76 85.07 12.64
CA PHE A 162 16.18 85.15 11.26
C PHE A 162 16.49 83.80 10.66
N LEU A 163 16.10 83.61 9.41
CA LEU A 163 16.47 82.42 8.68
C LEU A 163 17.37 82.80 7.52
N ASP A 164 18.56 82.20 7.47
CA ASP A 164 19.52 82.45 6.40
C ASP A 164 19.38 81.40 5.29
N THR A 165 18.85 81.83 4.14
CA THR A 165 18.71 80.93 3.01
C THR A 165 19.88 81.05 2.04
N PRO A 166 20.38 79.90 1.54
CA PRO A 166 21.42 79.81 0.50
C PRO A 166 21.02 80.49 -0.80
N GLY A 167 22.01 80.92 -1.57
CA GLY A 167 21.72 81.63 -2.81
C GLY A 167 21.67 80.83 -4.09
N HIS A 168 22.31 79.67 -4.10
CA HIS A 168 22.51 78.93 -5.35
C HIS A 168 21.23 78.33 -5.87
N ALA A 169 21.23 77.97 -7.15
CA ALA A 169 20.04 77.40 -7.77
C ALA A 169 19.76 75.99 -7.25
N ALA A 170 20.77 75.36 -6.66
CA ALA A 170 20.66 73.98 -6.18
C ALA A 170 19.74 73.85 -4.97
N PHE A 171 19.67 74.90 -4.16
CA PHE A 171 19.01 74.86 -2.86
C PHE A 171 17.57 75.31 -2.86
N SER A 172 17.00 75.45 -4.05
CA SER A 172 15.62 75.90 -4.20
C SER A 172 14.62 75.14 -3.32
N ALA A 173 14.92 73.90 -2.98
CA ALA A 173 14.08 73.15 -2.04
C ALA A 173 14.09 73.82 -0.66
N MET A 174 15.30 74.16 -0.18
CA MET A 174 15.49 74.81 1.11
C MET A 174 14.68 76.09 1.25
N ARG A 175 14.88 77.00 0.30
CA ARG A 175 14.17 78.29 0.29
C ARG A 175 12.67 78.11 0.47
N ALA A 176 12.10 77.18 -0.29
CA ALA A 176 10.68 76.85 -0.21
C ALA A 176 10.27 76.62 1.25
N ARG A 177 11.01 75.75 1.94
CA ARG A 177 10.77 75.47 3.35
C ARG A 177 10.81 76.75 4.18
N GLY A 178 11.84 77.57 3.96
CA GLY A 178 11.99 78.83 4.66
C GLY A 178 10.75 79.70 4.49
N ALA A 179 10.14 79.62 3.31
CA ALA A 179 8.97 80.44 3.01
C ALA A 179 7.74 79.99 3.80
N GLN A 180 7.70 78.70 4.14
CA GLN A 180 6.54 78.13 4.83
C GLN A 180 6.49 78.52 6.30
N VAL A 181 7.66 78.70 6.91
CA VAL A 181 7.73 78.88 8.35
C VAL A 181 7.72 80.34 8.75
N THR A 182 7.65 81.23 7.77
CA THR A 182 7.91 82.63 8.06
C THR A 182 6.70 83.53 8.08
N ASP A 183 6.79 84.51 8.98
CA ASP A 183 5.88 85.64 9.05
C ASP A 183 6.27 86.65 7.98
N ILE A 184 7.51 87.13 8.07
CA ILE A 184 8.00 88.15 7.14
C ILE A 184 9.21 87.68 6.34
N VAL A 185 9.30 88.09 5.08
CA VAL A 185 10.58 87.91 4.38
C VAL A 185 11.23 89.25 4.04
N VAL A 186 12.56 89.28 4.16
CA VAL A 186 13.38 90.39 3.72
C VAL A 186 14.06 89.98 2.42
N LEU A 187 13.65 90.61 1.33
CA LEU A 187 14.20 90.31 0.02
C LEU A 187 15.42 91.20 -0.26
N VAL A 188 16.60 90.61 -0.34
CA VAL A 188 17.82 91.39 -0.54
C VAL A 188 18.23 91.45 -2.01
N VAL A 189 18.29 92.66 -2.55
CA VAL A 189 18.66 92.88 -3.94
C VAL A 189 19.79 93.90 -4.01
N ALA A 190 20.97 93.48 -4.46
CA ALA A 190 22.10 94.39 -4.58
C ALA A 190 21.80 95.49 -5.59
N ALA A 191 22.40 96.67 -5.38
CA ALA A 191 22.11 97.83 -6.21
C ALA A 191 22.81 97.79 -7.58
N ASP A 192 24.07 97.37 -7.60
CA ASP A 192 24.86 97.39 -8.84
C ASP A 192 24.37 96.37 -9.88
N ASP A 193 23.67 95.34 -9.43
CA ASP A 193 23.16 94.30 -10.32
C ASP A 193 21.67 94.49 -10.60
N GLY A 194 20.86 94.39 -9.55
CA GLY A 194 19.42 94.54 -9.69
C GLY A 194 18.73 93.18 -9.64
N VAL A 195 17.45 93.17 -9.98
CA VAL A 195 16.66 91.94 -9.98
C VAL A 195 17.22 90.89 -10.92
N MET A 196 17.52 89.70 -10.38
CA MET A 196 18.01 88.60 -11.18
C MET A 196 17.29 87.29 -10.83
N LYS A 197 17.72 86.19 -11.45
CA LYS A 197 16.98 84.93 -11.44
C LYS A 197 16.55 84.45 -10.05
N GLN A 198 17.49 84.42 -9.12
CA GLN A 198 17.23 83.90 -7.78
C GLN A 198 16.32 84.83 -6.99
N THR A 199 16.38 86.12 -7.32
CA THR A 199 15.49 87.11 -6.72
C THR A 199 14.08 86.86 -7.24
N VAL A 200 13.98 86.44 -8.50
CA VAL A 200 12.70 86.08 -9.09
C VAL A 200 12.11 84.85 -8.41
N GLU A 201 12.91 83.80 -8.29
CA GLU A 201 12.50 82.59 -7.59
C GLU A 201 12.01 82.91 -6.19
N SER A 202 12.83 83.64 -5.43
CA SER A 202 12.48 84.05 -4.07
C SER A 202 11.14 84.80 -4.02
N ILE A 203 10.98 85.73 -4.95
CA ILE A 203 9.72 86.45 -5.11
C ILE A 203 8.57 85.47 -5.27
N GLN A 204 8.77 84.46 -6.11
CA GLN A 204 7.72 83.48 -6.36
C GLN A 204 7.38 82.66 -5.12
N HIS A 205 8.40 82.20 -4.39
CA HIS A 205 8.17 81.42 -3.18
C HIS A 205 7.36 82.23 -2.15
N ALA A 206 7.80 83.47 -1.89
CA ALA A 206 7.14 84.31 -0.89
C ALA A 206 5.72 84.72 -1.30
N LYS A 207 5.53 84.96 -2.60
CA LYS A 207 4.24 85.33 -3.17
C LYS A 207 3.25 84.15 -3.10
N ASP A 208 3.77 82.94 -3.32
CA ASP A 208 2.95 81.73 -3.32
C ASP A 208 2.62 81.29 -1.90
N ALA A 209 3.48 81.63 -0.94
CA ALA A 209 3.25 81.28 0.46
C ALA A 209 2.44 82.36 1.20
N GLN A 210 2.10 83.42 0.47
CA GLN A 210 1.28 84.54 0.99
C GLN A 210 1.93 85.26 2.16
N VAL A 211 3.25 85.46 2.06
CA VAL A 211 4.04 86.12 3.08
C VAL A 211 4.38 87.58 2.73
N PRO A 212 4.12 88.51 3.66
CA PRO A 212 4.54 89.92 3.54
C PRO A 212 6.04 90.05 3.27
N ILE A 213 6.38 90.86 2.26
CA ILE A 213 7.78 91.00 1.85
C ILE A 213 8.29 92.45 1.96
N ILE A 214 9.58 92.57 2.28
CA ILE A 214 10.23 93.84 2.47
C ILE A 214 11.46 93.93 1.57
N LEU A 215 11.45 94.86 0.62
CA LEU A 215 12.59 95.01 -0.26
C LEU A 215 13.73 95.78 0.40
N ALA A 216 14.88 95.14 0.48
CA ALA A 216 16.10 95.79 0.95
C ALA A 216 17.13 95.85 -0.19
N VAL A 217 17.38 97.05 -0.68
CA VAL A 217 18.42 97.20 -1.68
C VAL A 217 19.75 97.29 -0.96
N ASN A 218 20.73 96.54 -1.46
CA ASN A 218 22.01 96.47 -0.80
C ASN A 218 23.13 96.97 -1.69
N LYS A 219 24.25 97.26 -1.05
CA LYS A 219 25.42 97.87 -1.69
C LYS A 219 25.07 99.26 -2.23
N CYS A 220 24.72 100.17 -1.30
CA CYS A 220 24.48 101.56 -1.65
C CYS A 220 25.71 102.41 -1.37
N ASP A 221 26.74 101.78 -0.81
CA ASP A 221 28.03 102.43 -0.59
C ASP A 221 28.92 102.25 -1.82
N LYS A 222 28.37 101.65 -2.86
CA LYS A 222 29.10 101.36 -4.08
C LYS A 222 29.11 102.56 -5.03
N ALA A 223 29.84 102.42 -6.13
CA ALA A 223 29.98 103.52 -7.09
C ALA A 223 28.75 103.60 -8.00
N GLU A 224 28.32 102.44 -8.50
CA GLU A 224 27.21 102.35 -9.46
C GLU A 224 25.85 102.15 -8.79
N ALA A 225 25.78 102.27 -7.46
CA ALA A 225 24.55 102.01 -6.73
C ALA A 225 23.35 102.80 -7.26
N ASP A 226 22.28 102.08 -7.62
CA ASP A 226 21.10 102.64 -8.29
C ASP A 226 19.77 102.06 -7.78
N PRO A 227 19.28 102.57 -6.63
CA PRO A 227 17.99 102.11 -6.05
C PRO A 227 16.83 102.14 -7.05
N GLU A 228 16.85 103.12 -7.95
CA GLU A 228 15.77 103.37 -8.90
C GLU A 228 15.57 102.25 -9.91
N LYS A 229 16.66 101.82 -10.54
CA LYS A 229 16.66 100.68 -11.47
C LYS A 229 16.00 99.46 -10.84
N VAL A 230 16.45 99.15 -9.62
CA VAL A 230 15.94 98.05 -8.83
C VAL A 230 14.43 98.19 -8.61
N LYS A 231 14.00 99.41 -8.28
CA LYS A 231 12.57 99.68 -8.07
C LYS A 231 11.73 99.46 -9.35
N LYS A 232 12.28 99.85 -10.49
CA LYS A 232 11.61 99.64 -11.79
C LYS A 232 11.46 98.15 -12.11
N GLU A 233 12.59 97.44 -12.02
CA GLU A 233 12.62 96.00 -12.27
C GLU A 233 11.69 95.24 -11.34
N LEU A 234 11.54 95.74 -10.13
CA LEU A 234 10.58 95.19 -9.17
C LEU A 234 9.15 95.48 -9.60
N LEU A 235 8.92 96.67 -10.16
CA LEU A 235 7.62 97.02 -10.73
C LEU A 235 7.23 96.09 -11.88
N ALA A 236 8.25 95.55 -12.57
CA ALA A 236 8.00 94.60 -13.65
C ALA A 236 7.36 93.29 -13.15
N TYR A 237 7.81 92.81 -11.99
CA TYR A 237 7.42 91.52 -11.42
C TYR A 237 6.23 91.59 -10.47
N ASP A 238 5.58 92.75 -10.46
CA ASP A 238 4.38 93.02 -9.64
C ASP A 238 4.69 93.09 -8.15
N VAL A 239 5.82 93.73 -7.84
CA VAL A 239 6.12 94.13 -6.48
C VAL A 239 6.19 95.67 -6.45
N VAL A 240 5.28 96.28 -5.70
CA VAL A 240 5.13 97.74 -5.70
C VAL A 240 5.84 98.40 -4.52
N CYS A 241 6.85 99.22 -4.80
CA CYS A 241 7.64 99.89 -3.77
C CYS A 241 6.83 100.93 -2.99
N GLU A 242 7.31 101.31 -1.81
CA GLU A 242 6.64 102.31 -0.98
C GLU A 242 6.54 103.67 -1.69
N ASP A 243 7.45 103.91 -2.63
CA ASP A 243 7.48 105.17 -3.38
C ASP A 243 6.32 105.30 -4.36
N TYR A 244 5.86 104.18 -4.89
CA TYR A 244 4.81 104.13 -5.91
C TYR A 244 3.43 103.93 -5.30
N GLY A 245 3.36 103.92 -3.97
CA GLY A 245 2.11 103.74 -3.28
C GLY A 245 1.92 102.32 -2.77
N GLY A 246 2.72 101.39 -3.29
CA GLY A 246 2.61 99.99 -2.91
C GLY A 246 3.01 99.75 -1.47
N ASP A 247 2.52 98.68 -0.89
CA ASP A 247 2.76 98.39 0.53
C ASP A 247 4.15 97.82 0.78
N VAL A 248 4.80 97.32 -0.27
CA VAL A 248 6.11 96.72 -0.11
C VAL A 248 7.10 97.81 0.29
N GLN A 249 7.76 97.62 1.42
CA GLN A 249 8.64 98.65 1.99
C GLN A 249 10.04 98.53 1.39
N ALA A 250 10.58 99.66 0.91
CA ALA A 250 11.90 99.66 0.30
C ALA A 250 12.90 100.46 1.15
N VAL A 251 13.86 99.77 1.77
CA VAL A 251 14.90 100.45 2.53
C VAL A 251 16.28 100.19 1.93
N PRO A 252 16.90 101.21 1.32
CA PRO A 252 18.27 101.07 0.80
C PRO A 252 19.29 100.95 1.92
N VAL A 253 20.17 99.95 1.85
CA VAL A 253 21.08 99.65 2.95
C VAL A 253 22.47 99.26 2.45
N SER A 254 23.51 99.70 3.15
CA SER A 254 24.85 99.17 2.93
C SER A 254 25.19 98.20 4.06
N ALA A 255 25.51 96.96 3.70
CA ALA A 255 25.75 95.93 4.70
C ALA A 255 27.10 96.12 5.39
N LEU A 256 28.11 96.53 4.63
CA LEU A 256 29.43 96.78 5.18
C LEU A 256 29.41 97.90 6.20
N THR A 257 28.87 99.05 5.80
CA THR A 257 28.97 100.28 6.58
C THR A 257 27.84 100.44 7.61
N GLY A 258 26.80 99.62 7.50
CA GLY A 258 25.66 99.71 8.39
C GLY A 258 24.85 100.98 8.22
N ASP A 259 24.38 101.21 6.99
CA ASP A 259 23.78 102.49 6.63
C ASP A 259 22.38 102.68 7.20
N ASN A 260 21.41 102.01 6.60
CA ASN A 260 20.00 102.15 6.96
C ASN A 260 19.47 101.11 7.95
N LEU A 261 20.36 100.29 8.51
CA LEU A 261 19.98 99.12 9.32
C LEU A 261 18.87 99.39 10.34
N MET A 262 18.88 100.57 10.95
CA MET A 262 17.81 101.00 11.84
C MET A 262 16.46 101.04 11.12
N ALA A 263 16.47 101.43 9.85
CA ALA A 263 15.24 101.61 9.08
C ALA A 263 14.66 100.29 8.56
N LEU A 264 15.53 99.33 8.27
CA LEU A 264 15.09 97.98 7.94
C LEU A 264 14.56 97.30 9.19
N ALA A 265 15.27 97.49 10.30
CA ALA A 265 14.82 97.01 11.61
C ALA A 265 13.42 97.53 11.93
N GLU A 266 13.23 98.84 11.80
CA GLU A 266 11.96 99.50 12.12
C GLU A 266 10.88 99.17 11.09
N ALA A 267 11.29 98.84 9.88
CA ALA A 267 10.38 98.41 8.82
C ALA A 267 9.76 97.06 9.17
N THR A 268 10.63 96.12 9.52
CA THR A 268 10.22 94.80 9.98
C THR A 268 9.36 94.93 11.24
N VAL A 269 9.77 95.79 12.15
CA VAL A 269 9.00 96.07 13.36
C VAL A 269 7.58 96.53 13.05
N ALA A 270 7.47 97.51 12.15
CA ALA A 270 6.18 98.09 11.77
C ALA A 270 5.27 97.08 11.08
N LEU A 271 5.84 96.33 10.14
CA LEU A 271 5.08 95.32 9.41
C LEU A 271 4.62 94.21 10.38
N ALA A 272 5.45 93.91 11.37
CA ALA A 272 5.14 92.89 12.38
C ALA A 272 4.00 93.33 13.30
N GLU A 273 4.07 94.58 13.75
CA GLU A 273 3.00 95.16 14.54
C GLU A 273 1.72 95.25 13.71
N MET A 274 1.90 95.31 12.40
CA MET A 274 0.77 95.41 11.47
C MET A 274 0.07 94.07 11.26
N LEU A 275 0.85 92.98 11.21
CA LEU A 275 0.28 91.65 11.00
C LEU A 275 -0.49 91.18 12.23
N GLU A 276 -0.13 91.71 13.40
CA GLU A 276 -0.74 91.32 14.69
C GLU A 276 -0.63 89.82 14.91
N LEU A 277 0.61 89.38 15.11
CA LEU A 277 0.94 87.96 15.25
C LEU A 277 0.57 87.43 16.63
N LYS A 278 -0.03 86.25 16.63
CA LYS A 278 -0.50 85.62 17.87
C LYS A 278 0.05 84.21 17.99
N ALA A 279 0.16 83.73 19.22
CA ALA A 279 0.62 82.37 19.48
C ALA A 279 -0.07 81.82 20.73
N ASP A 280 -0.12 80.49 20.85
CA ASP A 280 -0.71 79.87 22.01
C ASP A 280 0.40 79.22 22.84
N PRO A 281 0.79 79.87 23.95
CA PRO A 281 1.85 79.34 24.82
C PRO A 281 1.40 78.14 25.67
N ASN A 282 0.12 78.09 25.99
CA ASN A 282 -0.39 77.14 26.98
C ASN A 282 -0.57 75.71 26.44
N GLY A 283 -0.99 75.59 25.18
CA GLY A 283 -1.31 74.30 24.58
C GLY A 283 -0.11 73.41 24.28
N PRO A 284 -0.33 72.23 23.67
CA PRO A 284 0.79 71.32 23.39
C PRO A 284 1.65 71.86 22.25
N VAL A 285 2.77 71.22 21.91
CA VAL A 285 3.73 71.83 20.99
C VAL A 285 3.55 71.47 19.52
N GLU A 286 3.19 72.46 18.73
CA GLU A 286 3.25 72.35 17.28
C GLU A 286 4.49 73.11 16.80
N GLY A 287 5.25 72.51 15.89
CA GLY A 287 6.52 73.06 15.50
C GLY A 287 6.88 72.66 14.09
N THR A 288 8.09 73.01 13.66
CA THR A 288 8.54 72.61 12.35
C THR A 288 10.05 72.42 12.33
N VAL A 289 10.47 71.37 11.63
CA VAL A 289 11.88 71.00 11.54
C VAL A 289 12.59 71.83 10.47
N ILE A 290 13.69 72.47 10.87
CA ILE A 290 14.58 73.08 9.88
C ILE A 290 15.53 72.04 9.32
N GLU A 291 16.49 71.63 10.14
CA GLU A 291 17.51 70.70 9.72
C GLU A 291 17.69 69.60 10.73
N SER A 292 17.86 68.39 10.24
CA SER A 292 18.05 67.24 11.10
C SER A 292 19.36 66.57 10.77
N PHE A 293 20.21 66.44 11.78
CA PHE A 293 21.53 65.88 11.57
C PHE A 293 21.94 64.99 12.74
N THR A 294 23.03 64.26 12.58
CA THR A 294 23.47 63.36 13.64
C THR A 294 24.83 63.77 14.22
N ASP A 295 24.81 64.06 15.51
CA ASP A 295 26.00 64.34 16.30
C ASP A 295 26.52 63.05 16.93
N LYS A 296 27.83 62.86 16.94
CA LYS A 296 28.42 61.67 17.55
C LYS A 296 28.16 61.60 19.06
N GLY A 297 28.19 62.75 19.72
CA GLY A 297 27.90 62.79 21.14
C GLY A 297 26.41 62.72 21.45
N ARG A 298 25.63 63.53 20.75
CA ARG A 298 24.25 63.75 21.15
C ARG A 298 23.23 62.93 20.38
N GLY A 299 23.69 62.08 19.47
CA GLY A 299 22.79 61.25 18.68
C GLY A 299 22.03 62.01 17.60
N LEU A 300 20.74 61.74 17.45
CA LEU A 300 19.95 62.43 16.42
C LEU A 300 19.49 63.76 16.96
N VAL A 301 19.66 64.80 16.16
CA VAL A 301 19.36 66.17 16.59
C VAL A 301 18.55 66.91 15.53
N THR A 302 17.60 67.72 15.96
CA THR A 302 16.86 68.51 15.00
C THR A 302 16.81 69.98 15.35
N THR A 303 17.01 70.85 14.36
CA THR A 303 16.82 72.29 14.55
C THR A 303 15.39 72.63 14.17
N ALA A 304 14.62 73.12 15.13
CA ALA A 304 13.19 73.30 14.90
C ALA A 304 12.67 74.62 15.44
N ILE A 305 11.84 75.29 14.66
CA ILE A 305 11.20 76.53 15.10
C ILE A 305 9.81 76.23 15.61
N ILE A 306 9.63 76.40 16.91
CA ILE A 306 8.32 76.22 17.51
C ILE A 306 7.31 77.14 16.87
N GLN A 307 6.21 76.58 16.40
CA GLN A 307 5.10 77.38 15.95
C GLN A 307 4.34 77.86 17.16
N ARG A 308 3.80 76.92 17.92
CA ARG A 308 3.09 77.27 19.15
C ARG A 308 3.25 76.20 20.22
N GLY A 309 3.01 76.59 21.47
CA GLY A 309 3.15 75.70 22.60
C GLY A 309 4.46 75.88 23.33
N THR A 310 4.48 75.60 24.63
CA THR A 310 5.72 75.58 25.38
C THR A 310 6.34 74.20 25.30
N LEU A 311 7.60 74.15 24.89
CA LEU A 311 8.30 72.89 24.77
C LEU A 311 9.22 72.69 25.97
N ARG A 312 8.87 71.75 26.85
CA ARG A 312 9.65 71.55 28.07
C ARG A 312 10.34 70.20 28.03
N LYS A 313 11.47 70.14 28.73
CA LYS A 313 12.27 68.92 28.78
C LYS A 313 11.46 67.70 29.21
N GLY A 314 11.53 66.62 28.44
CA GLY A 314 10.81 65.42 28.80
C GLY A 314 9.45 65.27 28.15
N SER A 315 9.16 66.12 27.17
CA SER A 315 7.94 65.96 26.38
C SER A 315 8.11 64.85 25.36
N VAL A 316 7.06 64.53 24.62
CA VAL A 316 7.13 63.44 23.66
C VAL A 316 6.74 63.95 22.28
N LEU A 317 7.68 64.01 21.35
CA LEU A 317 7.43 64.58 20.04
C LEU A 317 7.28 63.52 18.96
N VAL A 318 6.48 63.87 17.96
CA VAL A 318 6.28 63.05 16.77
C VAL A 318 6.38 63.88 15.48
N ALA A 319 7.28 63.46 14.60
CA ALA A 319 7.49 64.16 13.32
C ALA A 319 7.56 63.15 12.18
N GLY A 320 6.67 63.29 11.21
CA GLY A 320 6.66 62.37 10.08
C GLY A 320 6.55 60.91 10.52
N LYS A 321 7.53 60.11 10.13
CA LYS A 321 7.56 58.69 10.50
C LYS A 321 8.40 58.36 11.74
N CYS A 322 8.96 59.35 12.42
CA CYS A 322 9.80 59.06 13.59
C CYS A 322 9.47 59.91 14.81
N TRP A 323 9.98 59.49 15.96
CA TRP A 323 9.60 60.12 17.22
C TRP A 323 10.77 60.34 18.17
N ALA A 324 10.52 61.15 19.20
CA ALA A 324 11.54 61.45 20.19
C ALA A 324 10.93 61.69 21.56
N LYS A 325 11.70 61.39 22.60
CA LYS A 325 11.47 61.94 23.93
C LYS A 325 12.57 63.00 24.08
N VAL A 326 12.30 64.11 24.76
CA VAL A 326 13.23 65.21 24.70
C VAL A 326 14.18 65.21 25.90
N ARG A 327 15.45 64.94 25.61
CA ARG A 327 16.48 64.91 26.63
C ARG A 327 17.09 66.29 26.77
N LEU A 328 17.74 66.76 25.71
CA LEU A 328 18.21 68.13 25.69
C LEU A 328 17.41 68.95 24.71
N MET A 329 17.15 70.20 25.09
CA MET A 329 16.79 71.22 24.13
C MET A 329 17.78 72.34 24.33
N PHE A 330 18.61 72.58 23.33
CA PHE A 330 19.75 73.43 23.52
C PHE A 330 19.73 74.56 22.52
N ASP A 331 20.57 75.57 22.75
CA ASP A 331 20.65 76.70 21.82
C ASP A 331 22.00 76.75 21.12
N GLU A 332 22.00 77.38 19.95
CA GLU A 332 23.07 77.29 18.95
C GLU A 332 24.47 77.67 19.41
N ASN A 333 24.54 78.42 20.50
CA ASN A 333 25.83 78.78 21.07
C ASN A 333 26.30 77.70 22.04
N GLY A 334 25.50 76.65 22.16
CA GLY A 334 25.82 75.52 23.01
C GLY A 334 25.00 75.50 24.29
N LYS A 335 24.36 76.62 24.59
CA LYS A 335 23.62 76.77 25.83
C LYS A 335 22.48 75.78 25.95
N THR A 336 22.25 75.33 27.17
CA THR A 336 21.13 74.46 27.45
C THR A 336 19.97 75.28 27.97
N ILE A 337 18.90 75.38 27.17
CA ILE A 337 17.74 76.17 27.58
C ILE A 337 16.61 75.27 28.10
N ASP A 338 16.01 75.69 29.20
CA ASP A 338 15.03 74.86 29.89
C ASP A 338 13.64 74.92 29.28
N GLU A 339 13.33 76.02 28.59
CA GLU A 339 12.01 76.15 27.97
C GLU A 339 12.08 76.76 26.57
N ALA A 340 11.10 76.40 25.75
CA ALA A 340 10.99 76.93 24.40
C ALA A 340 9.61 77.57 24.21
N TYR A 341 9.62 78.84 23.81
CA TYR A 341 8.39 79.59 23.60
C TYR A 341 8.24 79.87 22.12
N PRO A 342 6.99 79.98 21.64
CA PRO A 342 6.72 80.05 20.21
C PRO A 342 7.62 81.04 19.46
N SER A 343 8.04 80.62 18.26
CA SER A 343 8.93 81.33 17.35
C SER A 343 10.42 81.16 17.67
N MET A 344 10.75 80.61 18.83
CA MET A 344 12.16 80.38 19.18
C MET A 344 12.72 79.16 18.42
N PRO A 345 13.91 79.33 17.80
CA PRO A 345 14.67 78.19 17.27
C PRO A 345 15.27 77.35 18.38
N VAL A 346 15.10 76.03 18.29
CA VAL A 346 15.57 75.12 19.33
C VAL A 346 16.18 73.86 18.73
N GLY A 347 17.40 73.53 19.14
CA GLY A 347 17.97 72.21 18.92
C GLY A 347 17.41 71.15 19.86
N ILE A 348 16.95 70.03 19.31
CA ILE A 348 16.31 68.98 20.09
C ILE A 348 17.07 67.67 19.96
N THR A 349 17.14 66.93 21.07
CA THR A 349 17.85 65.66 21.15
C THR A 349 16.92 64.55 21.62
N GLY A 350 17.21 63.31 21.22
CA GLY A 350 16.43 62.15 21.65
C GLY A 350 15.56 61.47 20.61
N TRP A 351 15.73 61.82 19.35
CA TRP A 351 15.02 61.16 18.26
C TRP A 351 15.46 59.72 18.07
N ARG A 352 14.51 58.82 17.79
CA ARG A 352 14.89 57.43 17.47
C ARG A 352 15.34 57.32 16.02
N ASP A 353 14.66 58.03 15.13
CA ASP A 353 15.09 58.10 13.72
C ASP A 353 15.11 59.55 13.26
N LEU A 354 15.83 59.82 12.18
CA LEU A 354 15.97 61.18 11.68
C LEU A 354 14.73 61.70 10.99
N PRO A 355 14.21 62.82 11.48
CA PRO A 355 13.04 63.40 10.79
C PRO A 355 13.45 64.03 9.46
N SER A 356 12.54 64.01 8.48
CA SER A 356 12.78 64.65 7.19
C SER A 356 12.66 66.16 7.35
N ALA A 357 13.72 66.88 6.98
CA ALA A 357 13.76 68.33 7.15
C ALA A 357 12.57 68.99 6.47
N GLY A 358 11.86 69.83 7.21
CA GLY A 358 10.66 70.47 6.72
C GLY A 358 9.39 69.76 7.17
N GLU A 359 9.52 68.91 8.19
CA GLU A 359 8.39 68.14 8.71
C GLU A 359 7.73 68.85 9.90
N GLU A 360 6.41 68.76 10.01
CA GLU A 360 5.72 69.43 11.12
C GLU A 360 5.72 68.56 12.39
N ILE A 361 6.06 69.18 13.52
CA ILE A 361 6.23 68.45 14.77
C ILE A 361 5.03 68.57 15.69
N LEU A 362 4.45 67.44 16.07
CA LEU A 362 3.32 67.45 16.99
C LEU A 362 3.63 66.67 18.26
N GLU A 363 3.39 67.34 19.39
CA GLU A 363 3.58 66.71 20.69
C GLU A 363 2.43 65.78 20.99
N VAL A 364 2.72 64.72 21.75
CA VAL A 364 1.67 63.84 22.21
C VAL A 364 1.87 63.50 23.70
N GLU A 365 0.97 62.66 24.21
CA GLU A 365 0.77 62.44 25.65
C GLU A 365 1.72 61.47 26.32
N SER A 366 2.15 60.45 25.59
CA SER A 366 3.03 59.42 26.14
C SER A 366 3.88 58.73 25.07
N GLU A 367 4.76 57.83 25.52
CA GLU A 367 5.49 56.95 24.61
C GLU A 367 4.54 56.07 23.79
N PRO A 368 3.64 55.31 24.46
CA PRO A 368 2.81 54.38 23.70
C PRO A 368 1.94 55.09 22.68
N ARG A 369 1.45 56.27 23.03
CA ARG A 369 0.72 57.10 22.08
C ARG A 369 1.61 57.37 20.86
N ALA A 370 2.84 57.80 21.09
CA ALA A 370 3.78 58.08 20.01
C ALA A 370 4.01 56.87 19.09
N ARG A 371 4.04 55.68 19.68
CA ARG A 371 4.25 54.48 18.87
C ARG A 371 3.00 54.09 18.09
N GLU A 372 1.83 54.25 18.71
CA GLU A 372 0.57 54.11 18.00
C GLU A 372 0.61 54.96 16.74
N VAL A 373 0.98 56.22 16.90
CA VAL A 373 1.05 57.17 15.79
C VAL A 373 2.02 56.77 14.68
N VAL A 374 3.26 56.51 15.06
CA VAL A 374 4.28 56.13 14.08
C VAL A 374 3.83 54.90 13.32
N ASP A 375 3.31 53.92 14.06
CA ASP A 375 2.81 52.71 13.43
C ASP A 375 1.74 53.03 12.42
N TRP A 376 0.80 53.88 12.80
CA TRP A 376 -0.27 54.21 11.88
C TRP A 376 0.30 54.80 10.61
N ARG A 377 1.16 55.80 10.76
CA ARG A 377 1.68 56.48 9.58
C ARG A 377 2.41 55.50 8.65
N LYS A 378 3.24 54.64 9.24
CA LYS A 378 3.95 53.66 8.44
C LYS A 378 2.98 52.77 7.68
N TYR A 379 1.99 52.25 8.40
CA TYR A 379 1.00 51.37 7.80
C TYR A 379 0.36 52.05 6.59
N GLU A 380 0.05 53.32 6.77
CA GLU A 380 -0.57 54.12 5.72
C GLU A 380 0.32 54.18 4.47
N GLN A 381 1.58 54.57 4.67
CA GLN A 381 2.50 54.70 3.54
C GLN A 381 2.69 53.38 2.81
N GLU A 382 2.84 52.32 3.60
CA GLU A 382 2.99 50.98 3.06
C GLU A 382 1.78 50.57 2.24
N GLN A 383 0.59 51.03 2.64
CA GLN A 383 -0.60 50.79 1.85
C GLN A 383 -0.54 51.48 0.48
N GLU A 384 -0.26 52.79 0.48
CA GLU A 384 -0.14 53.50 -0.80
C GLU A 384 0.83 52.85 -1.79
N LYS A 385 2.04 52.64 -1.29
CA LYS A 385 3.09 52.02 -2.08
C LYS A 385 2.65 50.65 -2.57
N GLY A 386 2.06 49.87 -1.67
CA GLY A 386 1.51 48.57 -2.02
C GLY A 386 0.55 48.63 -3.20
N GLN A 387 -0.28 49.67 -3.24
CA GLN A 387 -1.26 49.84 -4.33
C GLN A 387 -0.59 50.11 -5.69
N GLU A 388 0.29 51.11 -5.73
CA GLU A 388 1.01 51.36 -6.99
C GLU A 388 1.71 50.09 -7.51
N ASP A 389 2.36 49.43 -6.57
CA ASP A 389 3.03 48.17 -6.86
C ASP A 389 2.04 47.15 -7.41
N LEU A 390 0.83 47.16 -6.87
CA LEU A 390 -0.22 46.24 -7.28
C LEU A 390 -0.57 46.45 -8.74
N LYS A 391 -0.63 47.72 -9.16
CA LYS A 391 -0.86 48.02 -10.58
C LYS A 391 0.24 47.49 -11.48
N ILE A 392 1.48 47.88 -11.19
CA ILE A 392 2.63 47.41 -11.98
C ILE A 392 2.66 45.87 -12.11
N ILE A 393 2.47 45.21 -10.97
CA ILE A 393 2.40 43.75 -10.90
C ILE A 393 1.31 43.18 -11.82
N GLU A 394 0.07 43.63 -11.62
CA GLU A 394 -1.06 43.16 -12.41
C GLU A 394 -0.77 43.21 -13.89
N GLU A 395 -0.17 44.33 -14.32
CA GLU A 395 0.23 44.40 -15.72
C GLU A 395 1.22 43.29 -16.07
N LYS A 396 2.32 43.20 -15.32
CA LYS A 396 3.35 42.19 -15.61
C LYS A 396 2.79 40.78 -15.78
N ARG A 397 1.88 40.43 -14.88
CA ARG A 397 1.33 39.09 -14.88
C ARG A 397 0.22 38.93 -15.90
N LYS A 398 -0.32 40.03 -16.40
CA LYS A 398 -1.28 39.95 -17.50
C LYS A 398 -0.54 39.72 -18.82
N GLU A 399 0.63 40.33 -18.95
CA GLU A 399 1.51 40.03 -20.08
C GLU A 399 1.88 38.56 -20.09
N HIS A 400 2.42 38.10 -18.96
CA HIS A 400 2.76 36.68 -18.84
C HIS A 400 1.55 35.79 -19.16
N LYS A 401 0.39 36.14 -18.60
CA LYS A 401 -0.84 35.38 -18.81
C LYS A 401 -1.20 35.28 -20.30
N GLU A 402 -1.03 36.37 -21.00
CA GLU A 402 -1.26 36.42 -22.44
C GLU A 402 -0.26 35.54 -23.21
N ALA A 403 1.01 35.53 -22.79
CA ALA A 403 2.01 34.68 -23.42
C ALA A 403 1.65 33.22 -23.22
N HIS A 404 1.04 32.92 -22.07
CA HIS A 404 0.61 31.56 -21.77
C HIS A 404 -0.58 31.14 -22.64
N GLN A 405 -1.58 32.01 -22.73
CA GLN A 405 -2.75 31.73 -23.58
C GLN A 405 -2.39 31.56 -25.04
N LYS A 406 -1.56 32.47 -25.54
CA LYS A 406 -0.98 32.32 -26.87
C LYS A 406 -0.36 30.95 -27.01
N ALA A 407 0.67 30.70 -26.21
CA ALA A 407 1.45 29.46 -26.30
C ALA A 407 0.61 28.18 -26.22
N ARG A 408 -0.53 28.26 -25.54
CA ARG A 408 -1.42 27.10 -25.35
C ARG A 408 -2.45 26.93 -26.47
N GLU A 409 -3.32 27.92 -26.62
CA GLU A 409 -4.40 27.88 -27.63
C GLU A 409 -3.89 27.90 -29.07
N LYS A 410 -2.93 28.77 -29.36
CA LYS A 410 -2.42 28.94 -30.73
C LYS A 410 -1.75 27.67 -31.25
N TYR A 411 -1.27 26.86 -30.32
CA TYR A 411 -0.55 25.63 -30.64
C TYR A 411 -1.46 24.39 -30.68
N GLY A 412 -2.78 24.63 -30.70
CA GLY A 412 -3.73 23.57 -30.98
C GLY A 412 -4.04 22.55 -29.90
N HIS A 413 -4.64 23.03 -28.80
CA HIS A 413 -5.12 22.17 -27.71
C HIS A 413 -5.95 20.99 -28.21
N LEU A 414 -5.65 19.80 -27.68
CA LEU A 414 -6.50 18.62 -27.87
C LEU A 414 -6.72 17.93 -26.51
N LEU A 415 -5.64 17.34 -26.02
CA LEU A 415 -5.53 16.81 -24.67
C LEU A 415 -4.16 17.32 -24.20
N TRP A 416 -3.74 17.03 -22.97
CA TRP A 416 -2.46 17.56 -22.52
C TRP A 416 -1.27 16.72 -23.01
N LYS A 417 -1.46 15.41 -23.19
CA LYS A 417 -0.39 14.55 -23.69
C LYS A 417 -0.17 14.79 -25.20
N LYS A 418 -1.27 14.95 -25.93
CA LYS A 418 -1.20 15.36 -27.33
C LYS A 418 -0.77 16.83 -27.46
N ARG A 419 -0.90 17.58 -26.37
CA ARG A 419 -0.33 18.93 -26.31
C ARG A 419 1.19 18.85 -26.15
N SER A 420 1.64 17.84 -25.41
CA SER A 420 3.07 17.59 -25.25
C SER A 420 3.68 17.17 -26.58
N ILE A 421 2.96 16.33 -27.32
CA ILE A 421 3.41 15.88 -28.64
C ILE A 421 3.35 16.99 -29.71
N LEU A 422 2.29 17.81 -29.69
CA LEU A 422 2.14 18.89 -30.67
C LEU A 422 2.92 20.14 -30.25
N ARG A 423 3.55 20.07 -29.08
CA ARG A 423 4.49 21.10 -28.63
C ARG A 423 5.82 20.98 -29.42
N PHE A 424 5.90 19.97 -30.28
CA PHE A 424 7.10 19.70 -31.09
C PHE A 424 7.09 20.37 -32.47
N LEU A 425 6.07 21.18 -32.75
CA LEU A 425 6.02 21.94 -33.99
C LEU A 425 6.89 23.19 -33.93
N GLU A 426 6.88 23.87 -32.78
CA GLU A 426 7.92 24.84 -32.48
C GLU A 426 8.85 24.16 -31.48
N ARG A 427 10.02 23.74 -31.96
CA ARG A 427 10.91 22.86 -31.19
C ARG A 427 12.10 23.63 -30.62
N LYS A 428 12.92 24.22 -31.50
CA LYS A 428 14.07 24.96 -31.04
C LYS A 428 13.64 26.28 -30.43
N GLU A 429 13.94 26.45 -29.14
CA GLU A 429 13.59 27.67 -28.41
C GLU A 429 14.84 28.43 -28.02
N GLN A 430 15.09 29.56 -28.68
CA GLN A 430 16.27 30.35 -28.37
C GLN A 430 15.90 31.55 -27.51
N ILE A 431 16.23 31.46 -26.22
CA ILE A 431 16.11 32.58 -25.29
C ILE A 431 17.33 32.60 -24.36
N PRO A 432 18.08 33.70 -24.41
CA PRO A 432 19.32 33.83 -23.66
C PRO A 432 19.19 34.73 -22.42
N LEU A 433 19.31 34.14 -21.24
CA LEU A 433 19.19 34.89 -19.98
C LEU A 433 20.32 34.56 -18.99
N LYS A 434 21.08 35.57 -18.59
CA LYS A 434 22.19 35.40 -17.63
C LYS A 434 21.91 36.14 -16.32
N PRO A 435 22.16 35.47 -15.19
CA PRO A 435 21.86 36.01 -13.86
C PRO A 435 23.04 36.72 -13.18
N LYS A 436 24.14 36.86 -13.92
CA LYS A 436 25.36 37.51 -13.40
C LYS A 436 25.19 39.04 -13.28
N GLU A 437 25.98 39.65 -12.40
CA GLU A 437 25.88 41.09 -12.12
C GLU A 437 26.88 41.98 -12.89
N LYS A 438 27.70 41.39 -13.74
CA LYS A 438 28.67 42.13 -14.54
C LYS A 438 28.16 42.45 -15.95
N ARG A 439 26.91 42.10 -16.23
CA ARG A 439 26.31 42.25 -17.56
C ARG A 439 26.09 43.73 -17.99
N GLU A 440 25.95 44.62 -17.01
CA GLU A 440 25.66 46.03 -17.29
C GLU A 440 26.87 46.98 -17.27
N ARG A 441 28.06 46.46 -16.97
CA ARG A 441 29.26 47.28 -16.79
C ARG A 441 29.72 47.99 -18.09
N ASP A 442 29.57 47.30 -19.22
CA ASP A 442 29.93 47.85 -20.53
C ASP A 442 28.85 48.81 -21.03
N SER A 443 27.65 48.70 -20.49
CA SER A 443 26.57 49.65 -20.74
C SER A 443 26.82 50.92 -19.91
N ASN A 444 27.80 50.81 -19.02
CA ASN A 444 28.30 51.94 -18.23
C ASN A 444 27.24 52.54 -17.34
N VAL A 445 26.84 51.76 -16.36
CA VAL A 445 26.07 52.29 -15.25
C VAL A 445 27.02 53.00 -14.32
N LEU A 446 26.50 53.98 -13.60
CA LEU A 446 27.25 54.59 -12.53
C LEU A 446 26.53 54.36 -11.21
N SER A 447 27.13 53.56 -10.35
CA SER A 447 26.57 53.33 -9.02
C SER A 447 27.13 54.37 -8.06
N VAL A 448 26.23 55.05 -7.35
CA VAL A 448 26.63 56.21 -6.57
C VAL A 448 26.06 56.21 -5.17
N ILE A 449 26.91 56.41 -4.16
CA ILE A 449 26.43 56.53 -2.79
C ILE A 449 26.66 57.94 -2.27
N ILE A 450 25.56 58.59 -1.87
CA ILE A 450 25.63 59.92 -1.29
C ILE A 450 25.57 59.86 0.23
N LYS A 451 26.55 60.49 0.89
CA LYS A 451 26.44 60.72 2.33
C LYS A 451 26.75 62.16 2.69
N GLY A 452 25.72 62.88 3.13
CA GLY A 452 25.85 64.29 3.44
C GLY A 452 25.85 64.59 4.93
N ASP A 453 26.04 65.87 5.25
CA ASP A 453 26.13 66.32 6.63
C ASP A 453 24.75 66.47 7.29
N VAL A 454 23.78 67.01 6.56
CA VAL A 454 22.45 67.24 7.09
C VAL A 454 21.44 66.73 6.07
N ASP A 455 20.16 66.67 6.45
CA ASP A 455 19.12 66.24 5.53
C ASP A 455 18.96 67.18 4.34
N GLY A 456 18.91 68.49 4.60
CA GLY A 456 18.71 69.48 3.55
C GLY A 456 19.69 69.34 2.42
N SER A 457 20.97 69.26 2.78
CA SER A 457 22.05 69.06 1.83
C SER A 457 21.87 67.80 0.97
N VAL A 458 21.61 66.67 1.64
CA VAL A 458 21.36 65.40 0.96
C VAL A 458 20.24 65.57 -0.07
N GLU A 459 19.12 66.16 0.34
CA GLU A 459 17.99 66.41 -0.55
C GLU A 459 18.39 67.25 -1.76
N ALA A 460 19.21 68.28 -1.50
CA ALA A 460 19.72 69.11 -2.57
C ALA A 460 20.43 68.25 -3.63
N ILE A 461 21.36 67.42 -3.16
CA ILE A 461 22.13 66.56 -4.06
C ILE A 461 21.24 65.57 -4.82
N LEU A 462 20.21 65.05 -4.16
CA LEU A 462 19.33 64.07 -4.80
C LEU A 462 18.36 64.71 -5.80
N ASN A 463 18.08 66.00 -5.62
CA ASN A 463 17.34 66.75 -6.64
C ASN A 463 18.22 66.92 -7.87
N ILE A 464 19.46 67.35 -7.62
CA ILE A 464 20.44 67.47 -8.69
C ILE A 464 20.58 66.16 -9.47
N ILE A 465 20.46 65.02 -8.79
CA ILE A 465 20.56 63.72 -9.46
C ILE A 465 19.25 63.35 -10.18
N ASP A 466 18.13 63.79 -9.63
CA ASP A 466 16.83 63.67 -10.28
C ASP A 466 16.82 64.37 -11.66
N THR A 467 17.56 65.47 -11.76
CA THR A 467 17.67 66.23 -13.00
C THR A 467 18.27 65.46 -14.18
N TYR A 468 18.98 64.37 -13.89
CA TYR A 468 19.76 63.65 -14.89
C TYR A 468 18.89 63.17 -16.07
N ASP A 469 19.21 63.64 -17.27
CA ASP A 469 18.37 63.36 -18.44
C ASP A 469 18.87 62.33 -19.48
N ALA A 470 20.11 61.86 -19.36
CA ALA A 470 20.61 61.00 -20.45
C ALA A 470 20.82 59.58 -19.99
N SER A 471 19.88 58.71 -20.33
CA SER A 471 19.94 57.32 -19.91
C SER A 471 20.55 56.41 -20.97
N HIS A 472 20.69 56.93 -22.18
CA HIS A 472 21.32 56.19 -23.27
C HIS A 472 22.83 56.32 -23.17
N GLU A 473 23.28 57.36 -22.48
CA GLU A 473 24.70 57.64 -22.31
C GLU A 473 25.28 56.82 -21.18
N CYS A 474 24.97 57.26 -19.96
CA CYS A 474 25.27 56.49 -18.77
C CYS A 474 23.97 56.27 -18.04
N GLU A 475 24.02 55.56 -16.93
CA GLU A 475 22.86 55.47 -16.07
C GLU A 475 23.27 55.85 -14.67
N LEU A 476 22.61 56.85 -14.11
CA LEU A 476 22.94 57.28 -12.78
C LEU A 476 22.06 56.51 -11.82
N GLU A 477 22.68 55.64 -11.03
CA GLU A 477 21.94 54.81 -10.10
C GLU A 477 22.38 55.13 -8.68
N LEU A 478 21.43 55.62 -7.91
CA LEU A 478 21.68 55.93 -6.53
C LEU A 478 21.31 54.70 -5.72
N VAL A 479 22.32 54.01 -5.19
CA VAL A 479 22.07 52.78 -4.44
C VAL A 479 21.66 53.11 -3.00
N HIS A 480 22.28 54.13 -2.44
CA HIS A 480 22.02 54.48 -1.06
C HIS A 480 22.34 55.94 -0.84
N PHE A 481 21.57 56.59 0.03
CA PHE A 481 21.85 57.94 0.44
C PHE A 481 21.59 57.99 1.94
N GLY A 482 22.34 58.83 2.65
CA GLY A 482 22.07 58.97 4.07
C GLY A 482 22.91 60.00 4.78
N VAL A 483 22.41 60.42 5.94
CA VAL A 483 23.11 61.35 6.81
C VAL A 483 24.25 60.65 7.54
N GLY A 484 25.21 61.41 8.03
CA GLY A 484 26.28 60.88 8.84
C GLY A 484 27.51 60.56 8.01
N ASP A 485 28.66 60.52 8.66
CA ASP A 485 29.93 60.29 7.99
C ASP A 485 30.01 58.91 7.35
N VAL A 486 30.96 58.74 6.43
CA VAL A 486 31.14 57.47 5.74
C VAL A 486 31.52 56.33 6.69
N SER A 487 30.69 55.27 6.68
CA SER A 487 30.85 54.13 7.59
C SER A 487 31.05 52.83 6.83
N ALA A 488 31.23 51.74 7.56
CA ALA A 488 31.68 50.48 6.95
C ALA A 488 30.65 49.92 5.99
N ASN A 489 29.38 50.15 6.33
CA ASN A 489 28.26 49.66 5.54
C ASN A 489 28.24 50.26 4.16
N ASP A 490 28.54 51.55 4.10
CA ASP A 490 28.56 52.28 2.84
C ASP A 490 29.69 51.76 1.96
N VAL A 491 30.87 51.58 2.54
CA VAL A 491 31.94 50.97 1.80
C VAL A 491 31.52 49.64 1.20
N ASN A 492 31.03 48.72 2.01
CA ASN A 492 30.60 47.42 1.48
C ASN A 492 29.60 47.57 0.36
N LEU A 493 28.55 48.34 0.62
CA LEU A 493 27.50 48.60 -0.36
C LEU A 493 28.11 48.99 -1.70
N ALA A 494 29.02 49.96 -1.67
CA ALA A 494 29.64 50.45 -2.89
C ALA A 494 30.48 49.34 -3.51
N GLU A 495 31.07 48.51 -2.67
CA GLU A 495 31.92 47.45 -3.16
C GLU A 495 31.14 46.42 -3.96
N THR A 496 29.93 46.11 -3.52
CA THR A 496 29.12 45.13 -4.26
C THR A 496 28.64 45.70 -5.58
N PHE A 497 28.25 46.96 -5.60
CA PHE A 497 27.67 47.55 -6.81
C PHE A 497 28.69 48.29 -7.66
N ASP A 498 29.97 48.22 -7.28
CA ASP A 498 31.02 48.99 -7.94
C ASP A 498 30.66 50.48 -7.93
N GLY A 499 30.28 50.94 -6.76
CA GLY A 499 29.85 52.30 -6.56
C GLY A 499 30.98 53.25 -6.26
N VAL A 500 30.60 54.51 -6.15
CA VAL A 500 31.53 55.53 -5.76
C VAL A 500 30.87 56.26 -4.60
N ILE A 501 31.62 56.49 -3.53
CA ILE A 501 31.01 57.09 -2.35
C ILE A 501 31.26 58.59 -2.35
N TYR A 502 30.19 59.38 -2.46
CA TYR A 502 30.38 60.81 -2.44
C TYR A 502 30.03 61.40 -1.08
N GLY A 503 31.06 61.81 -0.36
CA GLY A 503 30.87 62.45 0.92
C GLY A 503 30.65 63.92 0.73
N PHE A 504 29.80 64.51 1.56
CA PHE A 504 29.56 65.93 1.49
C PHE A 504 29.55 66.51 2.89
N ASN A 505 30.52 67.36 3.19
CA ASN A 505 30.66 67.95 4.52
C ASN A 505 30.69 66.91 5.60
N VAL A 506 31.37 65.80 5.30
CA VAL A 506 31.40 64.68 6.22
C VAL A 506 32.81 64.15 6.33
N ASN A 507 32.95 63.04 7.03
CA ASN A 507 34.28 62.48 7.30
C ASN A 507 34.44 61.05 6.83
N ALA A 508 35.69 60.62 6.68
CA ALA A 508 35.98 59.21 6.63
C ALA A 508 37.24 58.93 7.45
N GLY A 509 37.10 58.14 8.51
CA GLY A 509 38.21 57.85 9.40
C GLY A 509 39.27 57.00 8.72
N ASN A 510 40.40 56.81 9.41
CA ASN A 510 41.49 56.00 8.88
C ASN A 510 41.00 54.63 8.45
N VAL A 511 40.39 53.95 9.42
CA VAL A 511 39.98 52.56 9.26
C VAL A 511 39.12 52.41 8.00
N ILE A 512 38.13 53.29 7.87
CA ILE A 512 37.25 53.26 6.72
C ILE A 512 38.04 53.41 5.42
N GLN A 513 38.96 54.37 5.42
CA GLN A 513 39.73 54.65 4.24
C GLN A 513 40.52 53.44 3.77
N GLN A 514 41.33 52.85 4.66
CA GLN A 514 42.16 51.68 4.32
C GLN A 514 41.31 50.50 3.89
N SER A 515 40.11 50.43 4.47
CA SER A 515 39.14 49.40 4.11
C SER A 515 38.63 49.59 2.68
N ALA A 516 38.39 50.83 2.27
CA ALA A 516 37.92 51.09 0.91
C ALA A 516 39.08 51.00 -0.08
N ALA A 517 40.30 51.07 0.46
CA ALA A 517 41.54 50.83 -0.30
C ALA A 517 41.67 49.35 -0.65
N LYS A 518 41.45 48.50 0.35
CA LYS A 518 41.38 47.05 0.12
C LYS A 518 40.25 46.68 -0.85
N LYS A 519 39.07 47.21 -0.63
CA LYS A 519 37.91 46.76 -1.39
C LYS A 519 37.75 47.45 -2.75
N GLY A 520 38.66 48.38 -3.06
CA GLY A 520 38.69 48.99 -4.39
C GLY A 520 37.60 50.03 -4.61
N VAL A 521 37.22 50.69 -3.53
CA VAL A 521 36.16 51.69 -3.59
C VAL A 521 36.83 53.07 -3.49
N LYS A 522 36.29 54.06 -4.22
CA LYS A 522 36.77 55.41 -4.01
C LYS A 522 35.74 56.27 -3.30
N ILE A 523 36.26 56.95 -2.27
CA ILE A 523 35.51 57.87 -1.42
C ILE A 523 35.92 59.31 -1.71
N LYS A 524 35.04 60.07 -2.36
CA LYS A 524 35.35 61.45 -2.70
C LYS A 524 34.58 62.40 -1.83
N LEU A 525 35.31 63.13 -0.98
CA LEU A 525 34.72 64.08 -0.04
C LEU A 525 34.74 65.52 -0.58
N HIS A 526 33.62 66.22 -0.41
CA HIS A 526 33.45 67.56 -0.96
C HIS A 526 32.75 68.50 0.03
N LYS A 527 33.29 69.68 0.29
CA LYS A 527 32.61 70.65 1.15
C LYS A 527 31.73 71.61 0.35
N ILE A 528 31.89 71.58 -0.97
CA ILE A 528 31.29 72.56 -1.88
C ILE A 528 30.45 71.89 -2.96
N ILE A 529 29.15 72.13 -2.93
CA ILE A 529 28.19 71.33 -3.69
C ILE A 529 28.43 71.27 -5.21
N TYR A 530 28.84 72.38 -5.82
CA TYR A 530 29.06 72.36 -7.26
C TYR A 530 30.35 71.63 -7.65
N ARG A 531 31.34 71.59 -6.74
CA ARG A 531 32.54 70.76 -6.96
C ARG A 531 32.09 69.32 -7.07
N LEU A 532 31.17 68.97 -6.18
CA LEU A 532 30.59 67.65 -6.12
C LEU A 532 29.91 67.31 -7.43
N VAL A 533 29.06 68.21 -7.92
CA VAL A 533 28.35 67.91 -9.18
C VAL A 533 29.31 67.85 -10.38
N GLU A 534 30.33 68.70 -10.37
CA GLU A 534 31.41 68.65 -11.35
C GLU A 534 32.01 67.26 -11.40
N ASP A 535 32.29 66.75 -10.20
CA ASP A 535 32.94 65.46 -10.06
C ASP A 535 32.03 64.35 -10.54
N LEU A 536 30.73 64.53 -10.29
CA LEU A 536 29.75 63.60 -10.82
C LEU A 536 29.87 63.55 -12.34
N GLN A 537 29.90 64.72 -12.96
CA GLN A 537 30.01 64.81 -14.42
C GLN A 537 31.27 64.15 -14.94
N GLU A 538 32.37 64.45 -14.27
CA GLU A 538 33.67 63.85 -14.55
C GLU A 538 33.57 62.33 -14.54
N GLU A 539 32.84 61.82 -13.55
CA GLU A 539 32.68 60.39 -13.38
C GLU A 539 31.83 59.79 -14.48
N LEU A 540 30.75 60.49 -14.84
CA LEU A 540 29.84 60.01 -15.85
C LEU A 540 30.51 59.95 -17.22
N SER A 541 31.32 60.97 -17.50
CA SER A 541 31.99 61.11 -18.78
C SER A 541 33.15 60.13 -18.91
N SER A 542 33.88 59.92 -17.82
CA SER A 542 34.99 58.98 -17.84
C SER A 542 34.52 57.56 -18.17
N ARG A 543 33.30 57.24 -17.77
CA ARG A 543 32.71 55.93 -18.06
C ARG A 543 32.09 55.89 -19.46
N LEU A 544 31.78 57.08 -20.00
CA LEU A 544 31.04 57.20 -21.25
C LEU A 544 31.71 56.49 -22.42
N PRO A 545 30.91 55.84 -23.28
CA PRO A 545 31.47 55.10 -24.43
C PRO A 545 32.31 56.01 -25.31
N CYS A 546 33.54 55.58 -25.59
CA CYS A 546 34.42 56.36 -26.45
C CYS A 546 33.84 56.41 -27.86
N ALA A 547 33.73 57.60 -28.42
CA ALA A 547 33.15 57.77 -29.75
C ALA A 547 34.18 57.41 -30.83
N VAL A 548 33.87 56.39 -31.62
CA VAL A 548 34.80 55.88 -32.62
C VAL A 548 34.57 56.54 -33.98
N GLU A 549 35.61 57.18 -34.50
CA GLU A 549 35.53 57.82 -35.80
C GLU A 549 36.49 57.17 -36.79
N GLU A 550 35.97 56.85 -37.97
CA GLU A 550 36.75 56.27 -39.04
C GLU A 550 37.20 57.36 -40.01
N HIS A 551 38.50 57.61 -40.06
CA HIS A 551 39.04 58.55 -41.03
C HIS A 551 40.00 57.81 -41.95
N PRO A 552 39.99 58.15 -43.25
CA PRO A 552 40.70 57.40 -44.30
C PRO A 552 42.22 57.57 -44.28
N VAL A 553 42.93 56.52 -44.66
CA VAL A 553 44.38 56.55 -44.77
C VAL A 553 44.80 56.41 -46.23
N GLY A 554 44.42 55.30 -46.85
CA GLY A 554 44.82 55.07 -48.23
C GLY A 554 43.80 54.36 -49.10
N GLU A 555 44.02 54.42 -50.41
CA GLU A 555 43.14 53.78 -51.39
C GLU A 555 43.95 53.17 -52.53
N ALA A 556 43.67 51.91 -52.86
CA ALA A 556 44.41 51.22 -53.91
C ALA A 556 43.50 50.34 -54.77
N SER A 557 43.66 50.43 -56.09
CA SER A 557 42.87 49.63 -57.03
C SER A 557 43.58 48.33 -57.42
N ILE A 558 42.87 47.21 -57.31
CA ILE A 558 43.41 45.91 -57.72
C ILE A 558 43.54 45.86 -59.25
N LEU A 559 44.53 45.10 -59.72
CA LEU A 559 44.79 44.96 -61.15
C LEU A 559 44.77 43.50 -61.57
N ALA A 560 45.74 42.73 -61.07
CA ALA A 560 45.86 41.32 -61.42
C ALA A 560 45.65 40.43 -60.20
N THR A 561 45.05 39.26 -60.42
CA THR A 561 44.84 38.29 -59.35
C THR A 561 45.75 37.07 -59.54
N PHE A 562 46.50 36.73 -58.50
CA PHE A 562 47.46 35.62 -58.55
C PHE A 562 47.06 34.46 -57.65
N SER A 563 47.46 33.25 -58.05
CA SER A 563 47.38 32.08 -57.18
C SER A 563 48.78 31.58 -56.86
N VAL A 564 49.22 31.78 -55.62
CA VAL A 564 50.57 31.43 -55.17
C VAL A 564 50.55 30.22 -54.23
N THR A 565 51.46 29.26 -54.44
CA THR A 565 51.49 28.05 -53.62
C THR A 565 52.61 28.10 -52.56
N GLU A 566 52.20 28.24 -51.31
CA GLU A 566 53.15 28.29 -50.18
C GLU A 566 52.67 27.40 -49.04
N GLY A 567 53.44 26.36 -48.75
CA GLY A 567 53.08 25.41 -47.70
C GLY A 567 51.89 24.55 -48.05
N LYS A 568 51.80 24.13 -49.32
CA LYS A 568 50.70 23.29 -49.83
C LYS A 568 49.33 23.95 -49.70
N LYS A 569 49.29 25.28 -49.69
CA LYS A 569 48.04 26.03 -49.61
C LYS A 569 47.98 27.09 -50.71
N LYS A 570 46.92 27.03 -51.54
CA LYS A 570 46.76 28.02 -52.60
C LYS A 570 46.25 29.33 -52.01
N VAL A 571 47.02 30.39 -52.20
CA VAL A 571 46.71 31.68 -51.58
C VAL A 571 46.31 32.71 -52.64
N PRO A 572 45.04 33.17 -52.60
CA PRO A 572 44.68 34.24 -53.54
C PRO A 572 45.42 35.53 -53.22
N VAL A 573 46.03 36.13 -54.24
CA VAL A 573 46.84 37.33 -54.05
C VAL A 573 46.34 38.47 -54.93
N ALA A 574 45.96 39.58 -54.29
CA ALA A 574 45.49 40.75 -55.02
C ALA A 574 46.65 41.69 -55.29
N GLY A 575 47.05 41.80 -56.54
CA GLY A 575 48.02 42.82 -56.95
C GLY A 575 47.35 44.18 -56.95
N CYS A 576 47.93 45.14 -56.25
CA CYS A 576 47.26 46.43 -56.09
C CYS A 576 48.15 47.60 -56.47
N ARG A 577 47.52 48.67 -56.95
CA ARG A 577 48.20 49.91 -57.22
C ARG A 577 47.63 51.00 -56.31
N VAL A 578 48.47 51.56 -55.44
CA VAL A 578 48.02 52.58 -54.50
C VAL A 578 47.91 53.93 -55.19
N GLN A 579 46.71 54.51 -55.14
CA GLN A 579 46.40 55.72 -55.88
C GLN A 579 46.56 56.98 -55.04
N LYS A 580 45.65 57.16 -54.09
CA LYS A 580 45.72 58.29 -53.18
C LYS A 580 45.92 57.81 -51.74
N GLY A 581 46.99 58.27 -51.11
CA GLY A 581 47.31 57.87 -49.75
C GLY A 581 48.30 56.71 -49.69
N GLN A 582 48.35 56.07 -48.53
CA GLN A 582 49.24 54.94 -48.31
C GLN A 582 48.53 53.82 -47.57
N LEU A 583 49.10 52.61 -47.60
CA LEU A 583 48.55 51.48 -46.87
C LEU A 583 49.52 51.01 -45.77
N GLU A 584 49.00 50.75 -44.58
CA GLU A 584 49.82 50.23 -43.48
C GLU A 584 49.26 48.91 -42.96
N LYS A 585 50.15 48.01 -42.56
CA LYS A 585 49.82 46.62 -42.23
C LYS A 585 48.88 46.48 -41.02
N GLN A 586 49.05 47.34 -40.03
CA GLN A 586 48.33 47.24 -38.77
C GLN A 586 46.91 47.83 -38.84
N LYS A 587 46.66 48.70 -39.80
CA LYS A 587 45.36 49.37 -39.95
C LYS A 587 44.25 48.41 -40.38
N LYS A 588 43.01 48.84 -40.19
CA LYS A 588 41.86 48.06 -40.65
C LYS A 588 41.50 48.41 -42.10
N PHE A 589 41.11 47.39 -42.87
CA PHE A 589 40.81 47.55 -44.29
C PHE A 589 39.35 47.27 -44.62
N LYS A 590 38.87 47.86 -45.70
CA LYS A 590 37.59 47.46 -46.26
C LYS A 590 37.65 47.44 -47.79
N LEU A 591 37.04 46.41 -48.38
CA LEU A 591 37.05 46.20 -49.83
C LEU A 591 35.79 46.82 -50.47
N THR A 592 35.97 47.43 -51.64
CA THR A 592 34.89 48.13 -52.33
C THR A 592 34.70 47.62 -53.76
N ARG A 593 33.49 47.15 -54.07
CA ARG A 593 33.14 46.72 -55.43
C ARG A 593 32.12 47.65 -56.06
N ASN A 594 32.57 48.47 -57.02
CA ASN A 594 31.72 49.41 -57.75
C ASN A 594 30.75 50.23 -56.86
N GLY A 595 31.25 50.65 -55.69
CA GLY A 595 30.45 51.42 -54.74
C GLY A 595 29.90 50.63 -53.55
N HIS A 596 29.77 49.31 -53.70
CA HIS A 596 29.40 48.44 -52.59
C HIS A 596 30.60 48.21 -51.69
N VAL A 597 30.36 47.84 -50.43
CA VAL A 597 31.45 47.42 -49.55
C VAL A 597 31.35 45.91 -49.31
N ILE A 598 32.31 45.16 -49.85
CA ILE A 598 32.29 43.70 -49.83
C ILE A 598 32.80 43.10 -48.51
N TRP A 599 33.85 43.69 -47.94
CA TRP A 599 34.56 43.06 -46.82
C TRP A 599 34.99 44.06 -45.75
N LYS A 600 35.21 43.53 -44.54
CA LYS A 600 35.79 44.30 -43.44
C LYS A 600 36.81 43.44 -42.69
N GLY A 601 38.03 43.96 -42.50
CA GLY A 601 39.06 43.23 -41.78
C GLY A 601 40.49 43.59 -42.13
N SER A 602 41.43 42.81 -41.60
CA SER A 602 42.85 43.06 -41.80
C SER A 602 43.48 41.99 -42.71
N LEU A 603 44.49 42.41 -43.45
CA LEU A 603 45.26 41.52 -44.30
C LEU A 603 45.94 40.41 -43.51
N THR A 604 46.18 39.28 -44.16
CA THR A 604 47.10 38.29 -43.60
C THR A 604 48.52 38.70 -44.07
N SER A 605 48.76 38.81 -45.38
CA SER A 605 50.08 39.20 -45.86
C SER A 605 50.07 40.35 -46.88
N LEU A 606 50.71 41.45 -46.51
CA LEU A 606 51.05 42.50 -47.47
C LEU A 606 52.51 42.33 -47.87
N LYS A 607 52.74 41.99 -49.13
CA LYS A 607 54.10 41.68 -49.60
C LYS A 607 54.39 42.39 -50.91
N HIS A 608 55.54 43.04 -50.99
CA HIS A 608 55.88 43.82 -52.17
C HIS A 608 57.26 43.42 -52.72
N HIS A 609 57.26 42.81 -53.91
CA HIS A 609 58.47 42.38 -54.62
C HIS A 609 59.41 41.51 -53.80
N LYS A 610 58.86 40.41 -53.26
CA LYS A 610 59.60 39.43 -52.45
C LYS A 610 59.98 39.97 -51.06
N ASP A 611 59.67 41.24 -50.81
CA ASP A 611 59.87 41.84 -49.49
C ASP A 611 58.54 42.07 -48.78
N ASP A 612 58.50 41.79 -47.48
CA ASP A 612 57.34 42.18 -46.69
C ASP A 612 57.55 43.61 -46.22
N ILE A 613 56.64 44.50 -46.61
CA ILE A 613 56.77 45.91 -46.29
C ILE A 613 55.52 46.37 -45.51
N SER A 614 55.74 47.00 -44.37
CA SER A 614 54.65 47.42 -43.50
C SER A 614 53.87 48.58 -44.09
N ILE A 615 54.59 49.56 -44.64
CA ILE A 615 53.95 50.73 -45.26
C ILE A 615 54.33 50.89 -46.74
N VAL A 616 53.34 50.76 -47.62
CA VAL A 616 53.53 51.05 -49.05
C VAL A 616 53.05 52.46 -49.37
N LYS A 617 53.90 53.24 -50.03
CA LYS A 617 53.52 54.62 -50.36
C LYS A 617 52.62 54.67 -51.58
N THR A 618 52.41 55.90 -52.06
CA THR A 618 51.61 56.15 -53.24
C THR A 618 52.37 55.77 -54.52
N GLY A 619 51.69 55.06 -55.42
CA GLY A 619 52.26 54.65 -56.69
C GLY A 619 52.95 53.31 -56.56
N MET A 620 52.99 52.81 -55.34
CA MET A 620 53.63 51.54 -55.02
C MET A 620 52.68 50.39 -55.31
N ASP A 621 53.19 49.37 -55.98
CA ASP A 621 52.45 48.13 -56.18
C ASP A 621 52.61 47.24 -54.95
N CYS A 622 51.51 46.64 -54.51
CA CYS A 622 51.57 45.81 -53.32
C CYS A 622 50.69 44.58 -53.45
N GLY A 623 51.24 43.41 -53.11
CA GLY A 623 50.44 42.20 -53.08
C GLY A 623 49.70 42.07 -51.76
N LEU A 624 48.46 41.61 -51.84
CA LEU A 624 47.56 41.56 -50.69
C LEU A 624 46.83 40.22 -50.55
N SER A 625 47.10 39.50 -49.47
CA SER A 625 46.35 38.27 -49.19
C SER A 625 45.59 38.40 -47.88
N LEU A 626 44.26 38.35 -47.98
CA LEU A 626 43.36 38.44 -46.84
C LEU A 626 43.32 37.15 -46.02
N ASP A 627 42.84 37.21 -44.79
CA ASP A 627 42.65 36.01 -43.98
C ASP A 627 41.37 35.26 -44.35
N GLU A 628 40.43 35.97 -44.99
CA GLU A 628 39.15 35.40 -45.41
C GLU A 628 39.25 34.79 -46.81
N ASP A 629 39.06 33.47 -46.89
CA ASP A 629 39.16 32.73 -48.15
C ASP A 629 37.91 32.90 -49.03
N ASN A 630 36.79 33.23 -48.39
CA ASN A 630 35.52 33.43 -49.10
C ASN A 630 35.52 34.68 -49.98
N MET A 631 36.45 35.60 -49.73
CA MET A 631 36.52 36.84 -50.51
C MET A 631 37.03 36.59 -51.94
N GLU A 632 36.25 37.06 -52.92
CA GLU A 632 36.64 37.00 -54.33
C GLU A 632 37.27 38.32 -54.80
N PHE A 633 38.45 38.21 -55.41
CA PHE A 633 39.12 39.39 -55.97
C PHE A 633 38.96 39.40 -57.48
N GLN A 634 38.30 40.44 -57.99
CA GLN A 634 38.15 40.62 -59.43
C GLN A 634 39.27 41.53 -59.95
N VAL A 635 39.19 41.90 -61.22
CA VAL A 635 40.23 42.71 -61.86
C VAL A 635 40.08 44.21 -61.52
N GLY A 636 38.84 44.66 -61.29
CA GLY A 636 38.57 46.09 -61.14
C GLY A 636 38.23 46.63 -59.76
N ASP A 637 38.38 45.82 -58.73
CA ASP A 637 37.95 46.20 -57.37
C ASP A 637 38.76 47.37 -56.79
N ARG A 638 38.18 48.01 -55.79
CA ARG A 638 38.83 49.12 -55.08
C ARG A 638 39.08 48.70 -53.63
N ILE A 639 40.07 49.33 -52.99
CA ILE A 639 40.40 48.99 -51.60
C ILE A 639 40.67 50.24 -50.76
N VAL A 640 39.95 50.35 -49.64
CA VAL A 640 40.11 51.50 -48.74
C VAL A 640 40.69 51.08 -47.39
N CYS A 641 41.92 51.52 -47.12
CA CYS A 641 42.54 51.34 -45.82
C CYS A 641 42.18 52.53 -44.92
N TYR A 642 41.56 52.21 -43.78
CA TYR A 642 41.14 53.25 -42.83
C TYR A 642 41.74 53.05 -41.44
N GLU A 643 41.77 54.12 -40.65
CA GLU A 643 42.26 54.07 -39.29
C GLU A 643 41.20 54.66 -38.36
N GLU A 644 41.05 54.08 -37.17
CA GLU A 644 40.05 54.55 -36.21
C GLU A 644 40.68 55.38 -35.08
N LYS A 645 40.26 56.64 -34.99
CA LYS A 645 40.69 57.52 -33.92
C LYS A 645 39.59 57.66 -32.88
N GLN A 646 39.98 57.80 -31.61
CA GLN A 646 39.03 57.83 -30.51
C GLN A 646 38.63 59.26 -30.09
N ILE A 647 37.31 59.47 -30.05
CA ILE A 647 36.74 60.74 -29.60
C ILE A 647 36.17 60.58 -28.19
N GLN A 648 36.68 61.37 -27.24
CA GLN A 648 36.26 61.24 -25.85
C GLN A 648 35.12 62.19 -25.53
N ALA A 649 33.93 61.62 -25.35
CA ALA A 649 32.72 62.39 -25.14
C ALA A 649 32.58 62.81 -23.68
N LYS A 650 32.10 64.04 -23.47
CA LYS A 650 31.73 64.46 -22.13
C LYS A 650 30.27 64.17 -21.86
N THR A 651 29.83 64.49 -20.65
CA THR A 651 28.46 64.27 -20.23
C THR A 651 27.45 64.97 -21.11
N SER A 652 26.47 64.23 -21.60
CA SER A 652 25.34 64.81 -22.33
C SER A 652 24.43 65.58 -21.37
N TRP A 653 24.62 65.33 -20.07
CA TRP A 653 23.83 65.96 -18.99
C TRP A 653 24.44 67.26 -18.52
N ASP A 654 23.67 68.33 -18.66
CA ASP A 654 24.04 69.61 -18.08
C ASP A 654 23.03 69.96 -17.00
N PRO A 655 23.44 69.92 -15.73
CA PRO A 655 22.56 70.28 -14.63
C PRO A 655 22.10 71.71 -14.75
N GLY A 656 20.81 71.94 -14.52
CA GLY A 656 20.23 73.27 -14.68
C GLY A 656 21.05 74.35 -13.99
N PHE A 657 21.46 74.09 -12.75
CA PHE A 657 22.25 75.06 -12.01
C PHE A 657 23.66 75.19 -12.59
N ALA B 53 60.03 88.65 57.78
CA ALA B 53 60.58 87.81 56.72
C ALA B 53 62.09 87.81 56.75
N PHE B 54 62.69 86.65 56.56
CA PHE B 54 64.12 86.49 56.71
C PHE B 54 64.82 86.23 55.38
N GLN B 55 65.91 86.95 55.15
CA GLN B 55 66.73 86.73 53.97
C GLN B 55 68.04 86.07 54.38
N PRO B 56 68.25 84.83 53.91
CA PRO B 56 69.47 84.06 54.19
C PRO B 56 70.75 84.79 53.74
N PRO B 57 71.88 84.51 54.40
CA PRO B 57 73.14 85.16 54.02
C PRO B 57 73.62 84.77 52.62
N PRO B 58 74.11 85.75 51.82
CA PRO B 58 74.64 85.49 50.48
C PRO B 58 75.85 84.55 50.47
N LYS B 59 76.06 83.86 49.36
CA LYS B 59 77.18 82.92 49.20
C LYS B 59 78.54 83.58 49.39
N PRO B 60 79.36 83.03 50.29
CA PRO B 60 80.70 83.51 50.66
C PRO B 60 81.77 83.24 49.59
N VAL B 61 82.73 84.15 49.46
CA VAL B 61 83.96 83.90 48.75
C VAL B 61 85.07 83.77 49.80
N ILE B 62 85.51 82.54 50.05
CA ILE B 62 86.43 82.24 51.15
C ILE B 62 87.89 82.18 50.71
N VAL B 63 88.15 82.51 49.44
CA VAL B 63 89.46 82.34 48.84
C VAL B 63 90.53 83.29 49.40
N ASP B 64 91.62 82.69 49.91
CA ASP B 64 92.83 83.42 50.26
C ASP B 64 93.88 83.10 49.20
N LYS B 65 94.20 84.07 48.36
CA LYS B 65 95.09 83.85 47.22
C LYS B 65 96.57 83.81 47.63
N ARG B 66 96.85 84.11 48.90
CA ARG B 66 98.20 84.05 49.43
C ARG B 66 98.63 82.61 49.78
N ARG B 67 97.67 81.81 50.23
CA ARG B 67 97.92 80.43 50.61
C ARG B 67 98.10 79.53 49.39
N PRO B 68 97.19 79.66 48.43
CA PRO B 68 97.26 78.92 47.18
C PRO B 68 97.48 79.89 46.02
N GLN B 69 98.68 79.85 45.44
CA GLN B 69 99.03 80.78 44.36
C GLN B 69 98.85 80.13 42.99
N ASN D 55 -34.39 -36.85 34.86
CA ASN D 55 -33.26 -35.99 34.54
C ASN D 55 -32.13 -36.08 35.56
N ASP D 56 -32.49 -36.18 36.84
CA ASP D 56 -31.50 -36.34 37.91
C ASP D 56 -30.80 -37.70 37.81
N LEU D 57 -31.59 -38.71 37.44
CA LEU D 57 -31.09 -40.08 37.39
C LEU D 57 -30.38 -40.36 36.05
N ARG D 58 -30.57 -39.47 35.09
CA ARG D 58 -29.76 -39.48 33.88
C ARG D 58 -28.35 -38.98 34.23
N ASP D 59 -28.32 -37.96 35.09
CA ASP D 59 -27.06 -37.51 35.66
C ASP D 59 -26.44 -38.62 36.50
N ARG D 60 -27.27 -39.44 37.15
CA ARG D 60 -26.77 -40.63 37.84
C ARG D 60 -26.12 -41.62 36.86
N ILE D 61 -26.78 -41.87 35.73
CA ILE D 61 -26.31 -42.87 34.77
C ILE D 61 -25.03 -42.43 34.07
N LEU D 62 -24.84 -41.11 33.96
CA LEU D 62 -23.61 -40.58 33.40
C LEU D 62 -22.48 -40.50 34.43
N SER D 63 -22.84 -40.21 35.67
CA SER D 63 -21.85 -40.02 36.73
C SER D 63 -21.29 -41.33 37.27
N GLU D 64 -22.17 -42.30 37.48
CA GLU D 64 -21.82 -43.58 38.11
C GLU D 64 -20.53 -44.24 37.60
N PRO D 65 -20.39 -44.45 36.28
CA PRO D 65 -19.23 -45.22 35.86
C PRO D 65 -17.91 -44.52 36.09
N LEU D 66 -17.92 -43.22 36.36
CA LEU D 66 -16.66 -42.49 36.50
C LEU D 66 -15.92 -42.79 37.80
N LYS D 67 -16.59 -43.43 38.74
CA LYS D 67 -16.08 -43.58 40.09
C LYS D 67 -15.30 -44.88 40.31
N HIS D 68 -15.34 -45.78 39.35
CA HIS D 68 -14.57 -47.02 39.43
C HIS D 68 -13.46 -46.94 38.38
N ALA D 69 -12.34 -47.60 38.63
CA ALA D 69 -11.25 -47.53 37.67
C ALA D 69 -11.50 -48.46 36.49
N ASP D 70 -12.00 -49.66 36.80
CA ASP D 70 -12.09 -50.76 35.83
C ASP D 70 -13.40 -50.93 35.12
N PHE D 71 -14.32 -49.98 35.26
CA PHE D 71 -15.77 -50.24 35.19
C PHE D 71 -16.24 -51.23 34.12
N PHE D 72 -15.54 -51.31 33.00
CA PHE D 72 -15.89 -52.29 31.98
C PHE D 72 -15.03 -53.54 32.09
N ASN D 73 -14.16 -53.55 33.10
CA ASN D 73 -13.34 -54.71 33.40
C ASN D 73 -12.49 -55.13 32.20
N LEU D 74 -11.77 -54.17 31.64
CA LEU D 74 -11.01 -54.43 30.43
C LEU D 74 -9.62 -54.95 30.75
N LYS D 75 -9.28 -55.01 32.04
CA LYS D 75 -8.00 -55.56 32.48
C LYS D 75 -7.76 -56.93 31.84
N GLU D 76 -8.84 -57.70 31.73
CA GLU D 76 -8.76 -59.11 31.40
C GLU D 76 -8.80 -59.43 29.92
N LEU D 77 -8.73 -58.40 29.07
CA LEU D 77 -8.74 -58.63 27.62
C LEU D 77 -7.36 -58.84 27.03
N PHE D 78 -6.33 -58.56 27.81
CA PHE D 78 -4.97 -58.75 27.32
C PHE D 78 -3.96 -58.82 28.46
N SER D 79 -2.71 -59.09 28.10
CA SER D 79 -1.63 -59.18 29.07
C SER D 79 -0.34 -58.79 28.38
N VAL D 80 0.76 -58.76 29.11
CA VAL D 80 2.04 -58.48 28.49
C VAL D 80 2.43 -59.66 27.59
N ARG D 81 2.13 -60.87 28.03
CA ARG D 81 2.36 -62.04 27.21
C ARG D 81 1.46 -62.04 25.98
N SER D 82 0.22 -61.59 26.16
CA SER D 82 -0.73 -61.52 25.05
C SER D 82 -0.17 -60.66 23.93
N LEU D 83 0.21 -59.42 24.29
CA LEU D 83 0.84 -58.48 23.38
C LEU D 83 2.10 -59.06 22.76
N PHE D 84 2.91 -59.73 23.58
CA PHE D 84 4.21 -60.21 23.10
C PHE D 84 4.09 -61.20 21.98
N ASP D 85 3.04 -62.00 22.02
CA ASP D 85 2.90 -63.06 21.04
C ASP D 85 2.38 -62.50 19.73
N ALA D 86 1.77 -61.33 19.81
CA ALA D 86 1.25 -60.66 18.63
C ALA D 86 2.32 -59.80 17.98
N ARG D 87 3.53 -59.87 18.51
CA ARG D 87 4.71 -59.22 17.94
C ARG D 87 4.74 -57.70 18.17
N VAL D 88 3.74 -57.21 18.90
CA VAL D 88 3.61 -55.79 19.20
C VAL D 88 4.90 -55.12 19.64
N HIS D 89 5.76 -55.86 20.33
CA HIS D 89 7.00 -55.28 20.83
C HIS D 89 8.02 -54.97 19.73
N LEU D 90 7.72 -55.29 18.49
CA LEU D 90 8.70 -55.07 17.42
C LEU D 90 8.57 -53.74 16.67
N GLY D 91 9.65 -52.97 16.59
CA GLY D 91 9.66 -51.70 15.87
C GLY D 91 10.50 -51.70 14.60
N HIS D 92 10.75 -50.51 14.04
CA HIS D 92 11.57 -50.39 12.84
C HIS D 92 13.03 -50.42 13.17
N LYS D 93 13.88 -50.26 12.15
CA LYS D 93 15.32 -50.15 12.40
C LYS D 93 15.61 -48.83 13.12
N ALA D 94 16.79 -48.76 13.73
CA ALA D 94 17.19 -47.58 14.48
C ALA D 94 17.47 -46.39 13.56
N GLY D 95 17.63 -46.65 12.27
CA GLY D 95 17.87 -45.61 11.29
C GLY D 95 16.60 -44.83 11.03
N CYS D 96 15.47 -45.45 11.29
CA CYS D 96 14.17 -44.82 11.09
C CYS D 96 13.58 -44.22 12.36
N ARG D 97 14.26 -44.39 13.48
CA ARG D 97 13.68 -44.06 14.78
C ARG D 97 13.35 -42.58 14.93
N HIS D 98 12.11 -42.29 15.28
CA HIS D 98 11.71 -40.91 15.51
C HIS D 98 12.11 -40.45 16.90
N ARG D 99 12.63 -39.23 16.99
CA ARG D 99 13.27 -38.76 18.21
C ARG D 99 12.38 -38.85 19.42
N PHE D 100 11.11 -38.58 19.23
CA PHE D 100 10.19 -38.47 20.36
C PHE D 100 9.73 -39.81 20.91
N MET D 101 10.19 -40.87 20.28
CA MET D 101 9.80 -42.20 20.68
C MET D 101 10.73 -42.88 21.64
N GLU D 102 11.90 -42.30 21.85
CA GLU D 102 12.95 -42.97 22.63
C GLU D 102 12.57 -43.38 24.07
N PRO D 103 11.76 -42.58 24.79
CA PRO D 103 11.27 -43.03 26.10
C PRO D 103 10.46 -44.32 26.10
N TYR D 104 9.91 -44.70 24.96
CA TYR D 104 9.09 -45.90 24.87
C TYR D 104 9.86 -47.10 24.39
N LEU D 105 11.14 -46.91 24.11
CA LEU D 105 11.96 -48.02 23.64
C LEU D 105 12.61 -48.72 24.80
N PHE D 106 12.41 -50.03 24.87
CA PHE D 106 13.11 -50.84 25.85
C PHE D 106 14.57 -50.91 25.45
N GLY D 107 14.84 -50.73 24.16
CA GLY D 107 16.19 -50.71 23.66
C GLY D 107 16.26 -51.06 22.19
N SER D 108 17.44 -51.37 21.71
CA SER D 108 17.62 -51.74 20.31
C SER D 108 18.39 -53.02 20.17
N ARG D 109 17.75 -54.04 19.62
CA ARG D 109 18.40 -55.33 19.46
C ARG D 109 18.92 -55.50 18.05
N LEU D 110 20.25 -55.42 17.90
CA LEU D 110 20.89 -55.62 16.60
C LEU D 110 20.32 -54.76 15.48
N GLY D 111 19.97 -53.54 15.81
CA GLY D 111 19.47 -52.62 14.81
C GLY D 111 17.96 -52.48 14.84
N GLN D 112 17.26 -53.47 15.38
CA GLN D 112 15.81 -53.34 15.50
C GLN D 112 15.48 -52.65 16.81
N ASP D 113 14.43 -51.83 16.80
CA ASP D 113 14.04 -51.17 18.04
C ASP D 113 12.95 -51.97 18.70
N ILE D 114 13.16 -52.34 19.96
CA ILE D 114 12.18 -53.12 20.68
C ILE D 114 11.40 -52.22 21.62
N ILE D 115 10.12 -52.04 21.34
CA ILE D 115 9.28 -51.20 22.17
C ILE D 115 9.18 -51.81 23.55
N ASP D 116 8.99 -51.01 24.59
CA ASP D 116 8.84 -51.56 25.93
C ASP D 116 7.38 -51.88 26.25
N LEU D 117 7.11 -53.17 26.39
CA LEU D 117 5.74 -53.65 26.50
C LEU D 117 5.08 -53.30 27.82
N GLU D 118 5.88 -53.20 28.87
CA GLU D 118 5.36 -52.77 30.15
C GLU D 118 4.60 -51.45 29.97
N GLN D 119 5.26 -50.52 29.28
CA GLN D 119 4.66 -49.24 28.92
C GLN D 119 3.50 -49.36 27.91
N THR D 120 3.62 -50.25 26.94
CA THR D 120 2.54 -50.46 26.00
C THR D 120 1.28 -50.90 26.75
N ALA D 121 1.44 -51.82 27.70
CA ALA D 121 0.31 -52.26 28.50
C ALA D 121 -0.27 -51.09 29.33
N ALA D 122 0.62 -50.38 30.01
CA ALA D 122 0.24 -49.23 30.82
C ALA D 122 -0.64 -48.27 30.04
N HIS D 123 -0.18 -47.93 28.84
CA HIS D 123 -0.90 -47.00 27.99
C HIS D 123 -2.21 -47.60 27.45
N LEU D 124 -2.13 -48.83 26.95
CA LEU D 124 -3.24 -49.46 26.25
C LEU D 124 -4.43 -49.59 27.16
N GLN D 125 -4.15 -49.91 28.42
CA GLN D 125 -5.18 -49.93 29.45
C GLN D 125 -5.94 -48.59 29.46
N LEU D 126 -5.19 -47.50 29.42
CA LEU D 126 -5.76 -46.17 29.45
C LEU D 126 -6.58 -45.82 28.21
N ALA D 127 -6.04 -46.12 27.03
CA ALA D 127 -6.72 -45.86 25.76
C ALA D 127 -8.03 -46.60 25.69
N LEU D 128 -7.99 -47.90 26.00
CA LEU D 128 -9.20 -48.72 26.02
C LEU D 128 -10.22 -48.18 26.98
N ASN D 129 -9.77 -47.85 28.19
CA ASN D 129 -10.64 -47.27 29.19
C ASN D 129 -11.37 -46.04 28.65
N PHE D 130 -10.61 -45.17 28.01
CA PHE D 130 -11.16 -43.94 27.48
C PHE D 130 -12.18 -44.21 26.37
N THR D 131 -11.78 -45.05 25.41
CA THR D 131 -12.62 -45.49 24.30
C THR D 131 -13.96 -45.98 24.77
N ALA D 132 -13.90 -46.90 25.73
CA ALA D 132 -15.09 -47.48 26.33
C ALA D 132 -15.98 -46.40 26.91
N HIS D 133 -15.42 -45.54 27.76
CA HIS D 133 -16.28 -44.54 28.38
C HIS D 133 -16.92 -43.63 27.35
N VAL D 134 -16.23 -43.37 26.24
CA VAL D 134 -16.84 -42.55 25.20
C VAL D 134 -17.99 -43.32 24.56
N ALA D 135 -17.80 -44.62 24.37
CA ALA D 135 -18.85 -45.45 23.78
C ALA D 135 -20.09 -45.47 24.64
N TYR D 136 -19.90 -45.70 25.94
CA TYR D 136 -20.97 -45.73 26.93
C TYR D 136 -21.76 -44.43 26.92
N ARG D 137 -21.08 -43.35 26.59
CA ARG D 137 -21.69 -42.04 26.62
C ARG D 137 -22.30 -41.72 25.28
N GLU D 138 -22.37 -42.73 24.40
CA GLU D 138 -23.05 -42.60 23.13
C GLU D 138 -22.42 -41.52 22.33
N GLY D 139 -21.23 -41.80 21.83
CA GLY D 139 -20.50 -40.77 21.13
C GLY D 139 -19.85 -41.45 19.95
N ILE D 140 -19.47 -40.63 18.98
CA ILE D 140 -19.05 -41.16 17.71
C ILE D 140 -17.60 -41.51 17.77
N ILE D 141 -17.28 -42.72 17.32
CA ILE D 141 -15.91 -43.15 17.22
C ILE D 141 -15.56 -43.37 15.78
N LEU D 142 -14.39 -42.88 15.41
CA LEU D 142 -13.95 -42.93 14.04
C LEU D 142 -12.62 -43.65 13.95
N PHE D 143 -12.59 -44.81 13.31
CA PHE D 143 -11.34 -45.51 13.08
C PHE D 143 -10.71 -44.92 11.84
N VAL D 144 -9.45 -44.58 11.94
CA VAL D 144 -8.80 -43.98 10.81
C VAL D 144 -7.49 -44.66 10.53
N SER D 145 -7.35 -45.18 9.34
CA SER D 145 -6.04 -45.59 8.93
C SER D 145 -5.92 -45.46 7.47
N ARG D 146 -4.77 -45.05 7.01
CA ARG D 146 -4.55 -45.13 5.61
C ARG D 146 -3.38 -46.08 5.49
N HIS D 147 -3.68 -47.37 5.37
CA HIS D 147 -2.65 -48.39 5.14
C HIS D 147 -3.31 -49.42 4.30
N ARG D 148 -2.80 -49.73 3.11
CA ARG D 148 -3.67 -50.61 2.39
C ARG D 148 -3.14 -51.99 2.58
N GLN D 149 -3.58 -52.61 3.65
CA GLN D 149 -3.46 -54.02 3.83
C GLN D 149 -4.72 -54.22 4.60
N PHE D 150 -4.71 -53.54 5.73
CA PHE D 150 -5.73 -53.67 6.74
C PHE D 150 -6.96 -52.84 6.51
N ALA D 151 -7.00 -52.14 5.39
CA ALA D 151 -8.12 -51.24 5.10
C ALA D 151 -9.45 -51.96 5.22
N HIS D 152 -9.53 -53.11 4.58
CA HIS D 152 -10.74 -53.89 4.66
C HIS D 152 -10.98 -54.31 6.10
N LEU D 153 -9.95 -54.88 6.73
CA LEU D 153 -10.07 -55.34 8.11
C LEU D 153 -10.67 -54.31 9.06
N ILE D 154 -10.16 -53.09 8.97
CA ILE D 154 -10.63 -51.99 9.79
C ILE D 154 -12.04 -51.56 9.44
N GLU D 155 -12.34 -51.38 8.15
CA GLU D 155 -13.71 -51.01 7.76
C GLU D 155 -14.69 -52.03 8.33
N THR D 156 -14.34 -53.31 8.21
CA THR D 156 -15.13 -54.38 8.80
C THR D 156 -15.34 -54.21 10.31
N THR D 157 -14.22 -54.10 11.01
CA THR D 157 -14.21 -53.95 12.46
C THR D 157 -15.15 -52.86 12.94
N ALA D 158 -14.96 -51.69 12.35
CA ALA D 158 -15.81 -50.54 12.65
C ALA D 158 -17.28 -50.87 12.43
N ARG D 159 -17.62 -51.43 11.28
CA ARG D 159 -19.04 -51.68 11.00
C ARG D 159 -19.62 -52.64 12.04
N ASP D 160 -18.76 -53.50 12.59
CA ASP D 160 -19.24 -54.47 13.58
C ASP D 160 -19.43 -53.89 14.97
N CYS D 161 -18.69 -52.84 15.30
CA CYS D 161 -18.92 -52.15 16.59
C CYS D 161 -20.05 -51.15 16.53
N GLY D 162 -20.56 -50.90 15.33
CA GLY D 162 -21.50 -49.82 15.13
C GLY D 162 -20.78 -48.49 15.21
N GLU D 163 -19.53 -48.48 14.75
CA GLU D 163 -18.68 -47.30 14.73
C GLU D 163 -18.22 -47.02 13.32
N TYR D 164 -17.67 -45.85 13.07
CA TYR D 164 -17.45 -45.42 11.70
C TYR D 164 -16.01 -45.57 11.28
N ALA D 165 -15.76 -45.79 10.00
CA ALA D 165 -14.37 -45.87 9.59
C ALA D 165 -14.09 -44.97 8.42
N HIS D 166 -12.96 -44.28 8.47
CA HIS D 166 -12.45 -43.64 7.28
C HIS D 166 -11.12 -44.28 6.96
N THR D 167 -11.10 -45.16 5.97
CA THR D 167 -9.83 -45.78 5.57
C THR D 167 -9.23 -45.26 4.28
N ARG D 168 -9.94 -44.37 3.61
CA ARG D 168 -9.62 -43.96 2.26
C ARG D 168 -8.88 -42.66 2.26
N TYR D 169 -8.66 -42.11 1.08
CA TYR D 169 -8.02 -40.81 0.96
C TYR D 169 -8.81 -39.77 1.76
N PHE D 170 -8.10 -39.00 2.57
CA PHE D 170 -8.74 -38.08 3.49
C PHE D 170 -8.90 -36.72 2.85
N LYS D 171 -10.12 -36.35 2.52
CA LYS D 171 -10.32 -35.12 1.76
C LYS D 171 -9.86 -33.96 2.60
N GLY D 172 -9.46 -32.87 1.93
CA GLY D 172 -8.72 -31.80 2.58
C GLY D 172 -9.34 -31.19 3.81
N GLY D 173 -10.55 -30.65 3.68
CA GLY D 173 -11.13 -29.95 4.80
C GLY D 173 -12.10 -30.73 5.63
N LEU D 174 -12.02 -32.06 5.59
CA LEU D 174 -13.05 -32.90 6.20
C LEU D 174 -13.41 -32.56 7.63
N LEU D 175 -12.40 -32.43 8.50
CA LEU D 175 -12.64 -32.06 9.89
C LEU D 175 -12.79 -30.56 10.11
N THR D 176 -11.92 -29.75 9.52
CA THR D 176 -11.95 -28.31 9.75
C THR D 176 -13.12 -27.66 9.10
N ASN D 177 -13.30 -27.89 7.82
CA ASN D 177 -14.49 -27.42 7.19
C ASN D 177 -15.41 -28.60 7.05
N ALA D 178 -16.17 -28.88 8.10
CA ALA D 178 -17.10 -29.98 8.07
C ALA D 178 -18.38 -29.64 7.31
N PRO D 179 -19.01 -28.49 7.63
CA PRO D 179 -20.34 -28.28 7.05
C PRO D 179 -20.36 -28.19 5.53
N LEU D 180 -19.23 -27.93 4.88
CA LEU D 180 -19.22 -27.95 3.43
C LEU D 180 -19.06 -29.35 2.86
N LEU D 181 -18.17 -30.15 3.45
CA LEU D 181 -17.92 -31.48 2.90
C LEU D 181 -19.07 -32.43 3.16
N LEU D 182 -19.44 -32.56 4.43
CA LEU D 182 -20.47 -33.49 4.80
C LEU D 182 -21.89 -32.93 4.71
N GLY D 183 -22.12 -31.72 5.19
CA GLY D 183 -23.49 -31.19 5.19
C GLY D 183 -23.80 -30.02 6.11
N PRO D 184 -24.99 -29.44 5.95
CA PRO D 184 -25.48 -28.21 6.57
C PRO D 184 -25.31 -28.12 8.08
N GLY D 185 -25.53 -29.20 8.79
CA GLY D 185 -25.09 -29.23 10.18
C GLY D 185 -24.77 -30.67 10.42
N VAL D 186 -23.79 -30.95 11.24
CA VAL D 186 -23.20 -32.28 11.28
C VAL D 186 -22.67 -32.49 12.66
N ARG D 187 -22.62 -33.74 13.07
CA ARG D 187 -21.92 -34.04 14.27
C ARG D 187 -20.53 -34.51 13.85
N LEU D 188 -19.54 -34.18 14.65
CA LEU D 188 -18.20 -34.59 14.35
C LEU D 188 -17.82 -35.66 15.34
N PRO D 189 -16.87 -36.52 14.96
CA PRO D 189 -16.53 -37.64 15.85
C PRO D 189 -16.16 -37.15 17.25
N ASP D 190 -16.50 -37.93 18.25
CA ASP D 190 -16.12 -37.56 19.61
C ASP D 190 -14.76 -38.12 19.96
N LEU D 191 -14.30 -39.06 19.16
CA LEU D 191 -13.02 -39.69 19.44
C LEU D 191 -12.51 -40.22 18.12
N ILE D 192 -11.20 -40.23 17.93
CA ILE D 192 -10.67 -40.77 16.69
C ILE D 192 -9.54 -41.73 16.98
N ILE D 193 -9.67 -42.96 16.51
CA ILE D 193 -8.63 -43.96 16.73
C ILE D 193 -7.76 -44.14 15.50
N PHE D 194 -6.45 -44.04 15.65
CA PHE D 194 -5.60 -44.28 14.49
C PHE D 194 -4.94 -45.60 14.63
N LEU D 195 -5.16 -46.50 13.69
CA LEU D 195 -4.42 -47.74 13.75
C LEU D 195 -3.05 -47.57 13.11
N HIS D 196 -2.92 -46.56 12.25
CA HIS D 196 -1.61 -46.16 11.75
C HIS D 196 -1.58 -44.67 11.66
N THR D 197 -0.57 -44.08 12.26
CA THR D 197 -0.50 -42.65 12.40
C THR D 197 0.07 -41.97 11.17
N LEU D 198 0.44 -42.78 10.19
CA LEU D 198 1.12 -42.30 8.99
C LEU D 198 0.27 -42.48 7.75
N ASN D 199 0.58 -41.72 6.71
CA ASN D 199 -0.09 -41.86 5.44
C ASN D 199 0.93 -42.42 4.47
N ASN D 200 0.48 -42.99 3.37
CA ASN D 200 1.34 -43.85 2.55
C ASN D 200 2.57 -43.16 1.97
N VAL D 201 2.66 -41.85 2.17
CA VAL D 201 3.84 -41.08 1.82
C VAL D 201 4.78 -40.87 3.03
N PHE D 202 4.47 -41.53 4.13
CA PHE D 202 5.23 -41.48 5.40
C PHE D 202 5.28 -40.15 6.16
N GLU D 203 4.38 -39.21 5.88
CA GLU D 203 4.19 -38.08 6.78
C GLU D 203 3.06 -38.43 7.71
N PRO D 204 2.94 -37.72 8.83
CA PRO D 204 1.78 -37.92 9.71
C PRO D 204 0.46 -37.71 9.01
N HIS D 205 -0.50 -38.59 9.27
CA HIS D 205 -1.84 -38.47 8.74
C HIS D 205 -2.45 -37.15 9.15
N VAL D 206 -3.04 -36.46 8.18
CA VAL D 206 -3.61 -35.14 8.39
C VAL D 206 -4.52 -35.06 9.59
N ALA D 207 -5.30 -36.12 9.74
CA ALA D 207 -6.35 -36.13 10.73
C ALA D 207 -5.77 -35.90 12.09
N VAL D 208 -4.50 -36.18 12.28
CA VAL D 208 -3.93 -35.93 13.60
C VAL D 208 -3.91 -34.43 13.90
N ARG D 209 -3.25 -33.67 13.03
CA ARG D 209 -3.19 -32.23 13.18
C ARG D 209 -4.59 -31.62 13.22
N ASP D 210 -5.51 -32.14 12.40
CA ASP D 210 -6.85 -31.52 12.35
C ASP D 210 -7.80 -31.97 13.46
N ALA D 211 -7.59 -33.14 14.03
CA ALA D 211 -8.39 -33.55 15.16
C ALA D 211 -7.93 -32.74 16.35
N ALA D 212 -6.62 -32.55 16.46
CA ALA D 212 -6.11 -31.66 17.49
C ALA D 212 -6.74 -30.27 17.30
N LYS D 213 -6.69 -29.81 16.07
CA LYS D 213 -7.20 -28.50 15.70
C LYS D 213 -8.67 -28.36 16.07
N MET D 214 -9.38 -29.48 16.09
CA MET D 214 -10.81 -29.43 16.33
C MET D 214 -11.28 -29.73 17.75
N ASN D 215 -10.32 -29.86 18.67
CA ASN D 215 -10.56 -30.34 20.03
C ASN D 215 -11.31 -31.64 20.03
N ILE D 216 -10.71 -32.65 19.42
CA ILE D 216 -11.21 -33.99 19.51
C ILE D 216 -10.08 -34.85 20.04
N PRO D 217 -10.37 -35.68 21.05
CA PRO D 217 -9.30 -36.46 21.65
C PRO D 217 -8.99 -37.62 20.74
N THR D 218 -7.75 -38.08 20.78
CA THR D 218 -7.27 -39.03 19.79
C THR D 218 -6.52 -40.20 20.41
N VAL D 219 -6.99 -41.43 20.18
CA VAL D 219 -6.22 -42.62 20.54
C VAL D 219 -5.43 -43.02 19.33
N GLY D 220 -4.21 -43.50 19.50
CA GLY D 220 -3.56 -44.06 18.34
C GLY D 220 -2.34 -44.89 18.59
N ILE D 221 -2.14 -45.84 17.68
CA ILE D 221 -1.06 -46.76 17.85
C ILE D 221 0.11 -46.13 17.14
N VAL D 222 1.11 -45.77 17.92
CA VAL D 222 2.27 -45.10 17.37
C VAL D 222 3.42 -46.06 17.30
N ASP D 223 3.82 -46.40 16.09
CA ASP D 223 4.95 -47.28 15.89
C ASP D 223 6.21 -46.54 16.22
N THR D 224 7.34 -47.18 16.01
CA THR D 224 8.58 -46.66 16.50
C THR D 224 9.01 -45.39 15.77
N ASN D 225 8.58 -45.21 14.51
CA ASN D 225 8.94 -44.03 13.71
C ASN D 225 7.87 -42.94 13.62
N CYS D 226 6.76 -43.11 14.31
CA CYS D 226 5.69 -42.12 14.39
C CYS D 226 6.01 -40.97 15.33
N ASN D 227 5.25 -39.88 15.21
CA ASN D 227 5.32 -38.79 16.17
C ASN D 227 4.06 -38.70 17.03
N PRO D 228 4.19 -39.14 18.27
CA PRO D 228 3.17 -39.29 19.31
C PRO D 228 2.66 -37.98 19.89
N ALA D 229 3.36 -36.87 19.63
CA ALA D 229 3.19 -35.64 20.40
C ALA D 229 1.76 -35.11 20.48
N LEU D 230 1.08 -35.07 19.33
CA LEU D 230 -0.25 -34.47 19.26
C LEU D 230 -1.35 -35.48 19.51
N ILE D 231 -0.96 -36.69 19.88
CA ILE D 231 -1.92 -37.74 20.08
C ILE D 231 -2.31 -37.90 21.54
N THR D 232 -3.59 -37.76 21.83
CA THR D 232 -4.06 -37.71 23.21
C THR D 232 -3.67 -38.93 24.06
N TYR D 233 -4.19 -40.11 23.75
CA TYR D 233 -3.66 -41.33 24.37
C TYR D 233 -2.98 -42.21 23.37
N PRO D 234 -1.66 -42.13 23.28
CA PRO D 234 -0.87 -42.98 22.40
C PRO D 234 -0.64 -44.32 23.02
N VAL D 235 -0.64 -45.37 22.21
CA VAL D 235 -0.16 -46.64 22.71
C VAL D 235 0.98 -47.09 21.80
N PRO D 236 2.21 -47.09 22.34
CA PRO D 236 3.36 -47.48 21.52
C PRO D 236 3.30 -48.95 21.21
N GLY D 237 3.61 -49.34 19.98
CA GLY D 237 3.59 -50.73 19.63
C GLY D 237 3.74 -50.88 18.14
N ASN D 238 3.64 -52.10 17.64
CA ASN D 238 3.85 -52.35 16.22
C ASN D 238 2.59 -52.23 15.39
N ASP D 239 2.59 -51.30 14.44
CA ASP D 239 1.44 -51.15 13.53
C ASP D 239 1.56 -51.95 12.22
N ASP D 240 2.75 -52.46 11.91
CA ASP D 240 2.97 -53.04 10.59
C ASP D 240 2.54 -54.50 10.45
N SER D 241 2.76 -55.30 11.48
CA SER D 241 2.50 -56.74 11.38
C SER D 241 1.04 -57.14 11.67
N PRO D 242 0.50 -58.11 10.90
CA PRO D 242 -0.90 -58.53 10.90
C PRO D 242 -1.48 -59.00 12.24
N PRO D 243 -0.77 -59.85 13.01
CA PRO D 243 -1.34 -60.20 14.32
C PRO D 243 -1.50 -59.01 15.25
N ALA D 244 -0.66 -57.99 15.08
CA ALA D 244 -0.72 -56.79 15.90
C ALA D 244 -1.96 -55.97 15.58
N VAL D 245 -2.14 -55.68 14.30
CA VAL D 245 -3.27 -54.87 13.89
C VAL D 245 -4.56 -55.62 14.16
N ARG D 246 -4.56 -56.93 13.90
CA ARG D 246 -5.74 -57.71 14.19
C ARG D 246 -6.04 -57.67 15.68
N LEU D 247 -4.98 -57.72 16.49
CA LEU D 247 -5.15 -57.65 17.94
C LEU D 247 -5.81 -56.34 18.37
N PHE D 248 -5.25 -55.21 17.92
CA PHE D 248 -5.74 -53.89 18.32
C PHE D 248 -7.16 -53.62 17.85
N CYS D 249 -7.43 -54.04 16.62
CA CYS D 249 -8.79 -54.03 16.16
C CYS D 249 -9.71 -54.79 17.08
N ARG D 250 -9.38 -56.05 17.34
CA ARG D 250 -10.23 -56.87 18.21
C ARG D 250 -10.46 -56.20 19.58
N LEU D 251 -9.40 -55.64 20.17
CA LEU D 251 -9.52 -55.03 21.47
C LEU D 251 -10.46 -53.84 21.47
N PHE D 252 -10.25 -52.91 20.54
CA PHE D 252 -11.10 -51.73 20.53
C PHE D 252 -12.54 -52.11 20.22
N GLN D 253 -12.68 -53.15 19.41
CA GLN D 253 -14.00 -53.69 19.12
C GLN D 253 -14.70 -54.14 20.39
N VAL D 254 -14.04 -55.01 21.13
CA VAL D 254 -14.62 -55.56 22.33
C VAL D 254 -14.93 -54.47 23.34
N ALA D 255 -14.00 -53.54 23.55
CA ALA D 255 -14.25 -52.42 24.46
C ALA D 255 -15.52 -51.65 24.12
N ILE D 256 -15.66 -51.29 22.84
CA ILE D 256 -16.85 -50.61 22.40
C ILE D 256 -18.10 -51.42 22.68
N SER D 257 -18.11 -52.65 22.20
CA SER D 257 -19.30 -53.50 22.36
C SER D 257 -19.71 -53.64 23.81
N ARG D 258 -18.71 -53.91 24.66
CA ARG D 258 -18.92 -54.04 26.10
C ARG D 258 -19.55 -52.80 26.70
N ALA D 259 -19.04 -51.63 26.31
CA ALA D 259 -19.61 -50.39 26.81
C ALA D 259 -21.06 -50.20 26.38
N LYS D 260 -21.34 -50.43 25.11
CA LYS D 260 -22.71 -50.25 24.63
C LYS D 260 -23.65 -51.19 25.36
N GLU D 261 -23.20 -52.42 25.60
CA GLU D 261 -23.98 -53.33 26.43
C GLU D 261 -24.24 -52.76 27.80
N LYS D 262 -23.17 -52.40 28.51
CA LYS D 262 -23.31 -51.91 29.87
C LYS D 262 -24.29 -50.75 29.93
N ARG D 263 -24.26 -49.91 28.90
CA ARG D 263 -25.19 -48.80 28.82
C ARG D 263 -26.62 -49.28 28.65
N ARG D 264 -26.83 -50.31 27.82
CA ARG D 264 -28.18 -50.89 27.67
C ARG D 264 -28.70 -51.43 28.98
N GLN D 265 -27.86 -52.20 29.67
CA GLN D 265 -28.26 -52.84 30.90
C GLN D 265 -28.57 -51.82 31.98
N VAL D 266 -27.69 -50.84 32.15
CA VAL D 266 -27.91 -49.80 33.16
C VAL D 266 -29.12 -48.93 32.82
N GLU D 267 -29.37 -48.74 31.53
CA GLU D 267 -30.60 -48.08 31.11
C GLU D 267 -31.83 -48.88 31.52
N ALA D 268 -31.81 -50.18 31.30
CA ALA D 268 -32.91 -51.07 31.69
C ALA D 268 -33.18 -50.97 33.19
N LEU D 269 -32.09 -51.08 33.96
CA LEU D 269 -32.15 -50.93 35.40
C LEU D 269 -32.81 -49.60 35.79
N TYR D 270 -32.37 -48.50 35.17
CA TYR D 270 -32.95 -47.18 35.41
C TYR D 270 -34.44 -47.11 35.05
N ARG D 271 -34.86 -47.92 34.09
CA ARG D 271 -36.27 -47.96 33.71
C ARG D 271 -37.12 -48.73 34.72
N LEU D 272 -36.54 -49.78 35.31
CA LEU D 272 -37.26 -50.53 36.34
C LEU D 272 -37.23 -49.84 37.72
N GLN D 273 -36.28 -48.92 37.90
CA GLN D 273 -36.16 -48.13 39.14
C GLN D 273 -37.44 -47.35 39.42
N GLY D 274 -38.21 -47.08 38.36
CA GLY D 274 -39.46 -46.36 38.47
C GLY D 274 -40.45 -46.80 37.41
N LYS E 36 -16.31 -9.26 -28.34
CA LYS E 36 -17.41 -9.84 -27.57
C LYS E 36 -18.76 -9.28 -28.00
N ASN E 37 -19.71 -10.15 -28.34
CA ASN E 37 -21.04 -9.65 -28.64
C ASN E 37 -21.63 -9.06 -27.37
N ARG E 38 -22.14 -7.85 -27.45
CA ARG E 38 -22.85 -7.31 -26.31
C ARG E 38 -24.39 -7.28 -26.40
N ALA E 39 -24.97 -7.61 -27.56
CA ALA E 39 -26.36 -7.23 -27.82
C ALA E 39 -27.34 -7.90 -26.89
N ALA E 40 -28.18 -7.08 -26.26
CA ALA E 40 -29.27 -7.53 -25.39
C ALA E 40 -28.79 -8.59 -24.42
N ARG E 41 -27.70 -8.31 -23.74
CA ARG E 41 -27.14 -9.28 -22.83
C ARG E 41 -27.19 -8.71 -21.42
N VAL E 42 -27.32 -9.57 -20.43
CA VAL E 42 -27.11 -9.11 -19.06
C VAL E 42 -25.86 -9.77 -18.54
N ARG E 43 -24.81 -8.96 -18.39
CA ARG E 43 -23.49 -9.46 -18.05
C ARG E 43 -23.42 -10.10 -16.67
N VAL E 44 -22.46 -10.98 -16.49
CA VAL E 44 -22.30 -11.64 -15.21
C VAL E 44 -21.75 -10.66 -14.18
N SER E 45 -22.48 -10.52 -13.08
CA SER E 45 -22.02 -9.73 -11.94
C SER E 45 -21.29 -10.63 -10.95
N LYS E 46 -21.08 -10.13 -9.74
CA LYS E 46 -20.39 -10.87 -8.68
C LYS E 46 -21.15 -12.16 -8.31
N GLY E 47 -22.33 -12.35 -8.90
CA GLY E 47 -23.11 -13.56 -8.67
C GLY E 47 -24.37 -13.36 -7.85
N ASP E 48 -24.66 -12.11 -7.49
CA ASP E 48 -25.88 -11.78 -6.73
C ASP E 48 -27.08 -11.36 -7.60
N LYS E 49 -26.85 -11.12 -8.88
CA LYS E 49 -27.80 -10.40 -9.72
C LYS E 49 -29.05 -11.21 -10.12
N PRO E 50 -30.23 -10.74 -9.72
CA PRO E 50 -31.46 -11.41 -10.15
C PRO E 50 -31.74 -11.21 -11.63
N VAL E 51 -32.08 -12.30 -12.33
CA VAL E 51 -32.26 -12.24 -13.77
C VAL E 51 -33.50 -12.98 -14.23
N THR E 52 -34.38 -12.29 -14.93
CA THR E 52 -35.59 -12.91 -15.48
C THR E 52 -35.26 -13.96 -16.53
N TYR E 53 -36.19 -14.88 -16.77
CA TYR E 53 -36.00 -15.90 -17.79
C TYR E 53 -35.68 -15.29 -19.14
N GLU E 54 -36.34 -14.16 -19.42
CA GLU E 54 -36.11 -13.42 -20.64
C GLU E 54 -34.69 -12.88 -20.75
N GLU E 55 -34.27 -12.14 -19.74
CA GLU E 55 -33.00 -11.47 -19.76
C GLU E 55 -31.80 -12.40 -19.74
N ALA E 56 -32.03 -13.67 -19.41
CA ALA E 56 -30.91 -14.60 -19.25
C ALA E 56 -30.58 -15.30 -20.55
N HIS E 57 -31.25 -14.89 -21.62
CA HIS E 57 -31.05 -15.56 -22.89
C HIS E 57 -30.71 -14.59 -24.02
N ALA E 58 -29.48 -14.72 -24.51
CA ALA E 58 -28.93 -13.88 -25.56
C ALA E 58 -29.65 -14.12 -26.88
N PRO E 59 -29.67 -13.12 -27.77
CA PRO E 59 -30.42 -13.16 -29.02
C PRO E 59 -30.28 -14.46 -29.81
N HIS E 60 -29.15 -15.13 -29.70
CA HIS E 60 -29.00 -16.34 -30.50
C HIS E 60 -29.89 -17.45 -29.99
N TYR E 61 -30.57 -17.23 -28.88
CA TYR E 61 -31.49 -18.24 -28.37
C TYR E 61 -32.93 -18.02 -28.79
N ILE E 62 -33.21 -16.91 -29.47
CA ILE E 62 -34.57 -16.65 -29.89
C ILE E 62 -35.01 -17.78 -30.80
N ALA E 63 -36.27 -18.16 -30.67
CA ALA E 63 -36.87 -19.22 -31.47
C ALA E 63 -36.28 -20.59 -31.16
N HIS E 64 -35.27 -20.62 -30.29
CA HIS E 64 -34.70 -21.87 -29.81
C HIS E 64 -35.17 -22.15 -28.41
N ARG E 65 -34.83 -21.26 -27.49
CA ARG E 65 -35.32 -21.40 -26.13
C ARG E 65 -36.40 -20.36 -25.78
N LYS E 66 -36.09 -19.07 -25.75
CA LYS E 66 -37.15 -18.10 -25.54
C LYS E 66 -37.93 -17.84 -26.85
N GLY E 67 -39.18 -17.36 -26.74
CA GLY E 67 -40.01 -17.11 -27.90
C GLY E 67 -40.18 -15.64 -28.24
N TRP E 68 -41.11 -15.29 -29.13
CA TRP E 68 -41.26 -13.88 -29.56
C TRP E 68 -42.18 -13.03 -28.68
N LEU E 69 -41.71 -11.84 -28.32
CA LEU E 69 -42.47 -10.97 -27.45
C LEU E 69 -43.66 -10.36 -28.17
N SER E 70 -43.67 -10.47 -29.49
CA SER E 70 -44.83 -10.06 -30.28
C SER E 70 -45.28 -11.19 -31.21
N LEU E 71 -46.52 -11.12 -31.65
CA LEU E 71 -47.00 -12.01 -32.69
C LEU E 71 -47.85 -11.19 -33.64
N HIS E 72 -47.50 -11.19 -34.92
CA HIS E 72 -48.41 -10.68 -35.92
C HIS E 72 -48.04 -11.18 -37.30
N THR E 73 -48.98 -11.07 -38.21
CA THR E 73 -48.88 -11.66 -39.53
C THR E 73 -47.79 -11.02 -40.41
N GLY E 74 -47.50 -9.74 -40.15
CA GLY E 74 -46.68 -8.94 -41.03
C GLY E 74 -45.33 -9.43 -41.53
N ASN E 75 -44.62 -10.25 -40.75
CA ASN E 75 -43.29 -10.67 -41.16
C ASN E 75 -43.25 -11.95 -41.97
N LEU E 76 -44.42 -12.56 -42.16
CA LEU E 76 -44.55 -13.75 -42.98
C LEU E 76 -44.30 -13.44 -44.43
N ASP E 77 -44.04 -14.48 -45.22
CA ASP E 77 -43.53 -14.33 -46.58
C ASP E 77 -44.27 -13.34 -47.49
N GLY E 78 -45.56 -13.52 -47.66
CA GLY E 78 -46.30 -12.78 -48.66
C GLY E 78 -47.13 -11.62 -48.14
N GLU E 79 -46.74 -11.05 -47.03
CA GLU E 79 -47.66 -10.22 -46.23
C GLU E 79 -47.21 -8.78 -46.15
N ASP E 80 -48.12 -7.91 -45.70
CA ASP E 80 -47.87 -6.49 -45.77
C ASP E 80 -47.93 -5.73 -44.44
N HIS E 81 -47.38 -4.52 -44.49
CA HIS E 81 -47.46 -3.51 -43.43
C HIS E 81 -46.70 -3.87 -42.18
N ALA E 82 -45.64 -4.65 -42.35
CA ALA E 82 -44.74 -4.97 -41.26
C ALA E 82 -44.33 -3.69 -40.51
N ALA E 83 -44.04 -2.64 -41.28
CA ALA E 83 -43.49 -1.40 -40.72
C ALA E 83 -44.46 -0.75 -39.73
N GLU E 84 -45.71 -0.71 -40.14
CA GLU E 84 -46.76 -0.16 -39.31
C GLU E 84 -46.80 -0.85 -37.95
N ARG E 85 -46.90 -2.17 -37.98
CA ARG E 85 -46.97 -2.95 -36.77
C ARG E 85 -45.72 -2.80 -35.92
N THR E 86 -44.56 -2.62 -36.54
CA THR E 86 -43.36 -2.39 -35.75
C THR E 86 -43.47 -1.08 -34.97
N VAL E 87 -43.82 -0.01 -35.65
CA VAL E 87 -43.93 1.27 -34.94
C VAL E 87 -44.97 1.18 -33.83
N GLU E 88 -46.14 0.65 -34.17
CA GLU E 88 -47.19 0.43 -33.18
C GLU E 88 -46.64 -0.26 -31.95
N ASP E 89 -45.93 -1.35 -32.17
CA ASP E 89 -45.27 -2.10 -31.09
C ASP E 89 -44.41 -1.21 -30.21
N VAL E 90 -43.48 -0.50 -30.83
CA VAL E 90 -42.56 0.36 -30.07
C VAL E 90 -43.33 1.34 -29.17
N PHE E 91 -44.34 1.98 -29.76
CA PHE E 91 -45.15 2.90 -28.99
C PHE E 91 -45.87 2.23 -27.84
N LEU E 92 -46.34 1.00 -28.05
CA LEU E 92 -47.03 0.31 -26.98
C LEU E 92 -46.12 0.01 -25.80
N ARG E 93 -44.94 -0.54 -26.05
CA ARG E 93 -44.00 -0.77 -24.95
C ARG E 93 -43.73 0.51 -24.17
N LYS E 94 -43.42 1.59 -24.89
CA LYS E 94 -43.14 2.87 -24.22
C LYS E 94 -44.32 3.37 -23.37
N PHE E 95 -45.48 3.39 -24.01
CA PHE E 95 -46.71 3.85 -23.40
C PHE E 95 -47.05 3.11 -22.13
N MET E 96 -47.17 1.78 -22.24
CA MET E 96 -47.38 0.91 -21.08
C MET E 96 -46.37 1.09 -19.97
N LEU E 97 -45.11 1.28 -20.33
CA LEU E 97 -44.08 1.47 -19.33
C LEU E 97 -44.30 2.77 -18.55
N GLY E 98 -44.84 3.78 -19.22
CA GLY E 98 -45.07 5.04 -18.55
C GLY E 98 -46.40 5.16 -17.81
N THR E 99 -47.37 4.36 -18.25
CA THR E 99 -48.73 4.37 -17.69
C THR E 99 -48.83 3.59 -16.38
N PHE E 100 -47.98 2.58 -16.24
CA PHE E 100 -47.94 1.79 -15.04
C PHE E 100 -46.55 1.86 -14.41
N PRO E 101 -46.17 3.05 -13.89
CA PRO E 101 -44.79 3.25 -13.42
C PRO E 101 -44.39 2.33 -12.26
N GLY E 102 -43.26 1.66 -12.46
CA GLY E 102 -42.69 0.84 -11.41
C GLY E 102 -43.32 -0.53 -11.23
N CYS E 103 -44.50 -0.75 -11.77
CA CYS E 103 -45.21 -2.02 -11.54
C CYS E 103 -45.07 -3.05 -12.66
N LEU E 104 -44.37 -2.69 -13.73
CA LEU E 104 -44.18 -3.62 -14.84
C LEU E 104 -43.07 -4.63 -14.54
N ALA E 105 -43.42 -5.92 -14.53
CA ALA E 105 -42.48 -6.98 -14.14
C ALA E 105 -41.50 -7.34 -15.27
N ASP E 106 -42.04 -7.86 -16.37
CA ASP E 106 -41.24 -8.24 -17.57
C ASP E 106 -41.76 -7.51 -18.79
N GLN E 107 -41.01 -7.56 -19.88
CA GLN E 107 -41.43 -6.92 -21.12
C GLN E 107 -42.79 -7.44 -21.59
N LEU E 108 -43.51 -6.57 -22.31
CA LEU E 108 -44.88 -6.82 -22.76
C LEU E 108 -45.03 -7.98 -23.72
N VAL E 109 -46.23 -8.54 -23.78
CA VAL E 109 -46.55 -9.52 -24.81
C VAL E 109 -47.66 -8.97 -25.69
N LEU E 110 -47.43 -8.87 -27.00
CA LEU E 110 -48.44 -8.29 -27.89
C LEU E 110 -48.96 -9.28 -28.90
N LYS E 111 -50.20 -9.73 -28.72
CA LYS E 111 -50.81 -10.68 -29.66
C LYS E 111 -51.78 -9.93 -30.54
N ARG E 112 -51.63 -10.08 -31.85
CA ARG E 112 -52.56 -9.43 -32.77
C ARG E 112 -53.35 -10.48 -33.52
N ARG E 113 -54.67 -10.40 -33.40
CA ARG E 113 -55.52 -11.39 -34.04
C ARG E 113 -56.71 -10.74 -34.73
N ALA E 114 -56.76 -10.89 -36.05
CA ALA E 114 -57.91 -10.46 -36.85
C ALA E 114 -58.38 -9.07 -36.48
N ASN E 115 -57.46 -8.10 -36.46
CA ASN E 115 -57.75 -6.68 -36.20
C ASN E 115 -57.86 -6.24 -34.74
N GLN E 116 -57.80 -7.17 -33.79
CA GLN E 116 -57.74 -6.74 -32.40
C GLN E 116 -56.38 -7.05 -31.77
N LEU E 117 -55.88 -6.16 -30.91
CA LEU E 117 -54.66 -6.49 -30.17
C LEU E 117 -54.91 -6.73 -28.70
N GLU E 118 -54.53 -7.92 -28.29
CA GLU E 118 -54.49 -8.27 -26.88
C GLU E 118 -53.10 -8.00 -26.36
N ILE E 119 -53.00 -7.01 -25.50
CA ILE E 119 -51.78 -6.77 -24.74
C ILE E 119 -51.82 -7.61 -23.48
N CYS E 120 -50.73 -8.29 -23.16
CA CYS E 120 -50.68 -9.09 -21.95
C CYS E 120 -49.44 -8.70 -21.17
N ALA E 121 -49.63 -8.41 -19.89
CA ALA E 121 -48.52 -7.90 -19.08
C ALA E 121 -48.36 -8.64 -17.75
N LEU E 122 -47.11 -8.72 -17.30
CA LEU E 122 -46.80 -9.16 -15.96
C LEU E 122 -46.62 -7.93 -15.08
N VAL E 123 -47.43 -7.84 -14.04
CA VAL E 123 -47.45 -6.68 -13.18
C VAL E 123 -47.15 -7.05 -11.72
N LEU E 124 -46.21 -6.31 -11.13
CA LEU E 124 -45.94 -6.35 -9.69
C LEU E 124 -47.17 -5.86 -8.93
N ARG E 125 -47.42 -6.36 -7.71
CA ARG E 125 -48.52 -5.77 -6.94
C ARG E 125 -47.96 -4.58 -6.19
N GLN E 126 -48.40 -3.40 -6.61
CA GLN E 126 -47.96 -2.14 -6.04
C GLN E 126 -49.18 -1.33 -5.70
N LEU E 127 -49.92 -1.04 -6.76
CA LEU E 127 -51.13 -0.25 -6.66
C LEU E 127 -52.25 -1.05 -5.99
N PRO E 128 -53.22 -0.32 -5.39
CA PRO E 128 -54.53 -0.84 -5.01
C PRO E 128 -55.36 -1.13 -6.25
N PRO E 129 -56.16 -2.20 -6.24
CA PRO E 129 -56.94 -2.64 -7.41
C PRO E 129 -57.79 -1.53 -8.05
N HIS E 130 -58.07 -0.47 -7.29
CA HIS E 130 -58.72 0.73 -7.81
C HIS E 130 -57.88 1.35 -8.91
N LYS E 131 -56.61 1.58 -8.61
CA LYS E 131 -55.68 2.17 -9.57
C LYS E 131 -55.45 1.24 -10.77
N PHE E 132 -55.37 -0.06 -10.52
CA PHE E 132 -55.24 -1.04 -11.61
C PHE E 132 -56.42 -1.07 -12.56
N TYR E 133 -57.64 -1.09 -12.04
CA TYR E 133 -58.80 -1.09 -12.91
C TYR E 133 -58.94 0.27 -13.62
N PHE E 134 -58.64 1.35 -12.91
CA PHE E 134 -58.67 2.68 -13.53
C PHE E 134 -57.76 2.71 -14.73
N LEU E 135 -56.56 2.20 -14.55
CA LEU E 135 -55.61 2.25 -15.63
C LEU E 135 -55.96 1.26 -16.74
N VAL E 136 -56.51 0.10 -16.39
CA VAL E 136 -56.97 -0.83 -17.42
C VAL E 136 -57.95 -0.12 -18.34
N GLY E 137 -59.03 0.41 -17.77
CA GLY E 137 -60.08 1.03 -18.56
C GLY E 137 -59.58 2.22 -19.35
N TYR E 138 -58.85 3.09 -18.66
CA TYR E 138 -58.26 4.27 -19.28
C TYR E 138 -57.43 3.90 -20.49
N SER E 139 -56.53 2.95 -20.29
CA SER E 139 -55.68 2.52 -21.35
C SER E 139 -56.49 1.98 -22.51
N GLU E 140 -57.24 0.92 -22.26
CA GLU E 140 -57.96 0.23 -23.33
C GLU E 140 -58.76 1.21 -24.18
N THR E 141 -59.45 2.14 -23.53
CA THR E 141 -60.20 3.11 -24.31
C THR E 141 -59.26 4.00 -25.10
N LEU E 142 -58.24 4.53 -24.42
CA LEU E 142 -57.34 5.49 -25.06
C LEU E 142 -56.69 4.92 -26.32
N LEU E 143 -56.09 3.75 -26.18
CA LEU E 143 -55.42 3.09 -27.30
C LEU E 143 -56.41 2.64 -28.36
N SER E 144 -57.60 2.19 -27.96
CA SER E 144 -58.62 1.86 -28.95
C SER E 144 -58.93 3.05 -29.86
N HIS E 145 -59.01 4.24 -29.27
CA HIS E 145 -59.30 5.43 -30.08
C HIS E 145 -58.10 5.93 -30.84
N PHE E 146 -56.91 5.62 -30.34
CA PHE E 146 -55.69 6.00 -31.04
C PHE E 146 -55.42 5.19 -32.29
N TYR E 147 -55.44 3.87 -32.14
CA TYR E 147 -55.12 2.95 -33.22
C TYR E 147 -56.34 2.44 -33.99
N LYS E 148 -57.52 2.92 -33.61
CA LYS E 148 -58.76 2.62 -34.32
C LYS E 148 -59.01 1.12 -34.46
N CYS E 149 -58.73 0.38 -33.40
CA CYS E 149 -59.09 -1.04 -33.33
C CYS E 149 -59.35 -1.42 -31.90
N PRO E 150 -60.17 -2.44 -31.67
CA PRO E 150 -60.43 -2.90 -30.30
C PRO E 150 -59.16 -3.38 -29.60
N VAL E 151 -58.91 -2.87 -28.39
CA VAL E 151 -57.73 -3.26 -27.64
C VAL E 151 -58.12 -3.92 -26.32
N HIS E 152 -57.59 -5.12 -26.10
CA HIS E 152 -57.78 -5.83 -24.84
C HIS E 152 -56.52 -5.74 -23.99
N LEU E 153 -56.70 -5.70 -22.68
CA LEU E 153 -55.58 -5.64 -21.77
C LEU E 153 -55.74 -6.73 -20.75
N HIS E 154 -54.69 -7.54 -20.58
CA HIS E 154 -54.77 -8.63 -19.62
C HIS E 154 -53.61 -8.55 -18.64
N LEU E 155 -53.98 -8.32 -17.40
CA LEU E 155 -53.02 -8.18 -16.34
C LEU E 155 -52.87 -9.48 -15.60
N GLN E 156 -51.63 -9.94 -15.45
CA GLN E 156 -51.30 -11.04 -14.56
C GLN E 156 -50.46 -10.51 -13.42
N THR E 157 -50.87 -10.82 -12.20
CA THR E 157 -50.24 -10.18 -11.06
C THR E 157 -49.30 -11.11 -10.32
N VAL E 158 -48.20 -10.52 -9.88
CA VAL E 158 -47.08 -11.26 -9.36
C VAL E 158 -46.53 -10.55 -8.12
N PRO E 159 -46.17 -11.33 -7.06
CA PRO E 159 -45.64 -10.76 -5.81
C PRO E 159 -44.34 -9.99 -5.99
N SER E 160 -43.39 -10.58 -6.71
CA SER E 160 -42.08 -9.99 -6.97
C SER E 160 -41.53 -10.56 -8.27
N LYS E 161 -40.56 -9.87 -8.87
CA LYS E 161 -40.04 -10.27 -10.17
C LYS E 161 -39.65 -11.72 -10.13
N VAL E 162 -40.22 -12.52 -11.03
CA VAL E 162 -39.95 -13.94 -11.07
C VAL E 162 -38.46 -14.09 -11.38
N VAL E 163 -37.78 -14.98 -10.67
CA VAL E 163 -36.33 -15.05 -10.82
C VAL E 163 -35.89 -16.38 -11.37
N TYR E 164 -35.27 -16.32 -12.54
CA TYR E 164 -34.76 -17.51 -13.19
C TYR E 164 -33.37 -17.91 -12.69
N LYS E 165 -32.51 -16.93 -12.46
CA LYS E 165 -31.10 -17.26 -12.31
C LYS E 165 -30.33 -16.29 -11.40
N TYR E 166 -29.13 -16.73 -11.03
CA TYR E 166 -28.32 -16.21 -9.92
C TYR E 166 -29.20 -16.07 -8.69
N ILE E 167 -29.08 -14.92 -8.03
CA ILE E 167 -29.82 -14.66 -6.80
C ILE E 167 -29.62 -15.79 -5.77
N SER F 88 -39.80 12.60 -31.88
CA SER F 88 -38.87 12.79 -30.77
C SER F 88 -39.29 12.02 -29.52
N PHE F 89 -40.50 11.47 -29.55
CA PHE F 89 -40.95 10.63 -28.45
C PHE F 89 -40.26 9.27 -28.50
N PHE F 90 -40.04 8.75 -29.71
CA PHE F 90 -39.38 7.46 -29.89
C PHE F 90 -37.92 7.53 -29.54
N THR F 91 -37.40 8.75 -29.63
CA THR F 91 -36.00 9.01 -29.49
C THR F 91 -35.54 8.86 -28.04
N LYS F 92 -36.48 8.75 -27.12
CA LYS F 92 -36.17 8.74 -25.68
C LYS F 92 -36.02 7.33 -25.07
N LEU F 93 -35.65 7.26 -23.79
CA LEU F 93 -35.19 6.02 -23.17
C LEU F 93 -35.69 5.77 -21.75
N THR F 94 -35.22 4.67 -21.17
CA THR F 94 -35.48 4.28 -19.79
C THR F 94 -34.53 5.01 -18.82
N ALA F 95 -34.97 5.20 -17.58
CA ALA F 95 -34.18 5.92 -16.58
C ALA F 95 -32.89 5.18 -16.30
N ASP F 96 -33.01 3.86 -16.15
CA ASP F 96 -31.87 3.00 -15.89
C ASP F 96 -30.80 3.19 -16.94
N GLU F 97 -31.21 3.22 -18.20
CA GLU F 97 -30.31 3.46 -19.30
C GLU F 97 -29.60 4.80 -19.17
N LEU F 98 -30.37 5.84 -18.87
CA LEU F 98 -29.83 7.20 -18.81
C LEU F 98 -28.85 7.42 -17.67
N TRP F 99 -29.14 6.81 -16.52
CA TRP F 99 -28.28 6.92 -15.35
C TRP F 99 -27.03 6.13 -15.60
N LYS F 100 -27.20 4.88 -16.04
CA LYS F 100 -26.08 4.03 -16.38
C LYS F 100 -25.17 4.79 -17.29
N GLY F 101 -25.77 5.49 -18.24
CA GLY F 101 -25.02 6.35 -19.14
C GLY F 101 -24.26 7.46 -18.43
N ALA F 102 -24.96 8.23 -17.61
CA ALA F 102 -24.38 9.45 -17.06
C ALA F 102 -23.30 9.20 -16.00
N LEU F 103 -23.47 8.15 -15.22
CA LEU F 103 -22.58 7.87 -14.09
C LEU F 103 -21.17 7.44 -14.51
N ALA F 104 -21.12 6.67 -15.60
CA ALA F 104 -19.87 6.18 -16.17
C ALA F 104 -19.07 5.40 -15.14
N GLU F 105 -19.72 4.43 -14.50
CA GLU F 105 -19.03 3.55 -13.57
C GLU F 105 -18.33 2.39 -14.26
N SER F 106 -18.80 2.06 -15.47
CA SER F 106 -18.37 0.87 -16.17
C SER F 106 -17.23 1.13 -17.16
N GLY F 107 -16.79 2.39 -17.23
CA GLY F 107 -15.73 2.78 -18.15
C GLY F 107 -14.36 2.24 -17.79
N ALA F 108 -13.38 2.52 -18.64
CA ALA F 108 -12.02 2.02 -18.41
C ALA F 108 -11.26 2.94 -17.46
N GLY F 109 -11.81 4.12 -17.20
CA GLY F 109 -11.22 5.05 -16.25
C GLY F 109 -11.24 4.49 -14.82
N ALA F 110 -12.35 3.85 -14.45
CA ALA F 110 -12.56 3.36 -13.10
C ALA F 110 -11.66 2.18 -12.75
N ARG F 111 -11.27 1.41 -13.76
CA ARG F 111 -10.61 0.13 -13.54
C ARG F 111 -9.13 0.22 -13.18
N LYS F 112 -8.37 1.01 -13.93
CA LYS F 112 -6.93 1.12 -13.67
C LYS F 112 -6.68 2.25 -12.69
N GLY F 113 -7.76 2.82 -12.17
CA GLY F 113 -7.66 3.98 -11.30
C GLY F 113 -7.13 5.14 -12.12
N ARG F 114 -7.75 5.37 -13.26
CA ARG F 114 -7.29 6.39 -14.20
C ARG F 114 -7.93 7.73 -13.88
N GLY F 115 -8.67 7.79 -12.78
CA GLY F 115 -9.26 9.03 -12.32
C GLY F 115 -9.33 9.04 -10.81
N LYS F 116 -9.38 10.25 -10.26
CA LYS F 116 -9.19 10.47 -8.83
C LYS F 116 -10.47 10.19 -8.02
N ARG F 117 -10.28 9.87 -6.74
CA ARG F 117 -11.35 9.45 -5.85
C ARG F 117 -12.13 10.63 -5.23
N THR F 118 -11.60 11.84 -5.35
CA THR F 118 -12.26 13.03 -4.82
C THR F 118 -13.41 13.47 -5.74
N LYS F 119 -13.42 12.94 -6.96
CA LYS F 119 -14.50 13.20 -7.91
C LYS F 119 -15.60 12.16 -7.71
N LYS F 120 -16.78 12.63 -7.34
CA LYS F 120 -17.90 11.76 -6.98
C LYS F 120 -19.23 12.33 -7.47
N LYS F 121 -20.05 11.49 -8.09
CA LYS F 121 -21.42 11.88 -8.45
C LYS F 121 -22.35 10.71 -8.17
N ARG F 122 -23.62 11.00 -7.88
CA ARG F 122 -24.53 9.96 -7.46
C ARG F 122 -25.84 9.93 -8.25
N ARG F 123 -26.55 8.82 -8.12
CA ARG F 123 -27.81 8.59 -8.81
C ARG F 123 -29.00 8.81 -7.88
N LYS F 124 -29.89 9.73 -8.22
CA LYS F 124 -31.10 9.94 -7.44
C LYS F 124 -32.34 9.49 -8.19
N ASP F 125 -33.13 8.63 -7.56
CA ASP F 125 -34.39 8.20 -8.13
C ASP F 125 -35.27 9.42 -8.43
N LEU F 126 -35.79 9.50 -9.65
CA LEU F 126 -36.65 10.62 -10.02
C LEU F 126 -38.12 10.30 -9.90
N ASN F 127 -38.43 9.07 -9.49
CA ASN F 127 -39.78 8.69 -9.16
C ASN F 127 -40.08 8.70 -7.66
N ARG F 128 -39.09 9.09 -6.85
CA ARG F 128 -39.16 8.91 -5.41
C ARG F 128 -40.41 9.52 -4.77
N GLY F 129 -40.68 10.77 -5.11
CA GLY F 129 -41.77 11.49 -4.44
C GLY F 129 -43.04 11.65 -5.25
N GLN F 130 -43.14 10.95 -6.37
CA GLN F 130 -44.27 11.14 -7.27
C GLN F 130 -45.38 10.15 -7.05
N ILE F 131 -46.61 10.63 -7.24
CA ILE F 131 -47.78 9.79 -7.14
C ILE F 131 -48.49 9.65 -8.49
N ILE F 132 -49.04 8.47 -8.73
CA ILE F 132 -49.86 8.21 -9.90
C ILE F 132 -50.97 9.24 -10.03
N GLY F 133 -51.14 9.78 -11.22
CA GLY F 133 -52.19 10.74 -11.47
C GLY F 133 -51.75 12.18 -11.32
N GLU F 134 -50.68 12.39 -10.56
CA GLU F 134 -50.20 13.73 -10.31
C GLU F 134 -49.58 14.37 -11.56
N GLY F 135 -50.02 15.59 -11.89
CA GLY F 135 -49.42 16.35 -12.97
C GLY F 135 -49.50 17.82 -12.60
N ARG F 136 -48.75 18.68 -13.27
CA ARG F 136 -48.74 20.09 -12.89
C ARG F 136 -49.83 20.88 -13.62
N HIS F 137 -50.64 20.17 -14.38
CA HIS F 137 -51.85 20.75 -14.95
C HIS F 137 -52.95 20.81 -13.88
N GLY F 138 -52.84 19.92 -12.90
CA GLY F 138 -53.67 19.98 -11.71
C GLY F 138 -54.93 19.13 -11.66
N PHE F 139 -55.02 18.10 -12.49
CA PHE F 139 -56.24 17.30 -12.54
C PHE F 139 -56.43 16.39 -11.33
N LEU F 140 -57.68 15.99 -11.12
CA LEU F 140 -58.01 15.05 -10.05
C LEU F 140 -58.84 13.91 -10.63
N TRP F 141 -58.25 12.72 -10.66
CA TRP F 141 -58.90 11.59 -11.27
C TRP F 141 -59.50 10.70 -10.20
N PRO F 142 -60.77 10.31 -10.37
CA PRO F 142 -61.59 9.49 -9.47
C PRO F 142 -60.90 8.25 -8.89
N GLY F 143 -60.07 7.56 -9.65
CA GLY F 143 -59.42 6.35 -9.14
C GLY F 143 -58.04 6.54 -8.55
N LEU F 144 -57.38 7.64 -8.91
CA LEU F 144 -55.94 7.82 -8.63
C LEU F 144 -55.63 8.85 -7.53
N ASN F 145 -55.76 10.14 -7.85
CA ASN F 145 -55.47 11.18 -6.87
C ASN F 145 -56.41 11.18 -5.67
N ILE F 146 -57.71 11.14 -5.97
CA ILE F 146 -58.76 11.28 -4.98
C ILE F 146 -59.53 9.98 -4.85
N PRO F 147 -60.07 9.70 -3.64
CA PRO F 147 -60.89 8.50 -3.42
C PRO F 147 -62.05 8.42 -4.43
N LEU F 148 -62.43 7.19 -4.77
CA LEU F 148 -63.42 6.95 -5.82
C LEU F 148 -64.81 7.50 -5.47
N MET F 149 -65.18 7.41 -4.21
CA MET F 149 -66.51 7.85 -3.77
C MET F 149 -66.44 8.87 -2.62
N ARG F 150 -67.13 9.99 -2.81
CA ARG F 150 -67.25 11.03 -1.78
C ARG F 150 -68.72 11.19 -1.39
N ASN F 151 -69.00 11.02 -0.09
CA ASN F 151 -70.36 11.11 0.45
C ASN F 151 -71.30 10.06 -0.16
N GLY F 152 -70.76 8.89 -0.49
CA GLY F 152 -71.55 7.80 -1.02
C GLY F 152 -71.90 7.89 -2.50
N ALA F 153 -71.29 8.84 -3.22
CA ALA F 153 -71.51 9.00 -4.66
C ALA F 153 -70.20 8.96 -5.45
N VAL F 154 -70.29 9.04 -6.79
CA VAL F 154 -69.11 8.97 -7.66
C VAL F 154 -68.58 10.36 -8.00
N GLN F 155 -67.35 10.66 -7.58
CA GLN F 155 -66.78 11.97 -7.88
C GLN F 155 -66.47 12.11 -9.37
N THR F 156 -66.82 13.27 -9.94
CA THR F 156 -66.52 13.57 -11.33
C THR F 156 -65.07 14.07 -11.48
N ILE F 157 -64.54 13.93 -12.70
CA ILE F 157 -63.26 14.52 -13.09
C ILE F 157 -63.27 16.04 -12.87
N ALA F 158 -62.27 16.54 -12.14
CA ALA F 158 -62.22 17.94 -11.75
C ALA F 158 -60.79 18.47 -11.68
N GLN F 159 -60.66 19.79 -11.61
CA GLN F 159 -59.34 20.39 -11.59
C GLN F 159 -59.15 21.34 -10.41
N ARG F 160 -57.95 21.34 -9.83
CA ARG F 160 -57.65 22.21 -8.71
C ARG F 160 -57.61 23.68 -9.12
N SER F 161 -57.73 24.56 -8.14
CA SER F 161 -57.60 26.01 -8.33
C SER F 161 -56.14 26.35 -8.56
N LYS F 162 -55.88 27.52 -9.12
CA LYS F 162 -54.51 27.94 -9.37
C LYS F 162 -53.65 27.90 -8.10
N GLU F 163 -54.13 28.56 -7.04
CA GLU F 163 -53.35 28.69 -5.81
C GLU F 163 -53.14 27.34 -5.10
N ASP F 164 -54.10 26.42 -5.29
CA ASP F 164 -53.99 25.08 -4.71
C ASP F 164 -52.82 24.31 -5.32
N GLN F 165 -52.68 24.42 -6.64
CA GLN F 165 -51.55 23.85 -7.34
C GLN F 165 -50.24 24.52 -6.91
N GLU F 166 -50.29 25.85 -6.72
CA GLU F 166 -49.13 26.57 -6.18
C GLU F 166 -48.62 25.95 -4.88
N LYS F 167 -49.55 25.71 -3.95
CA LYS F 167 -49.21 25.08 -2.69
C LYS F 167 -48.67 23.65 -2.86
N VAL F 168 -49.31 22.86 -3.73
CA VAL F 168 -48.85 21.48 -3.95
C VAL F 168 -47.39 21.42 -4.47
N GLU F 169 -47.09 22.27 -5.45
CA GLU F 169 -45.73 22.36 -5.98
C GLU F 169 -44.74 22.87 -4.93
N ALA F 170 -45.18 23.82 -4.10
CA ALA F 170 -44.38 24.26 -2.95
C ALA F 170 -44.01 23.06 -2.07
N ASP F 171 -45.00 22.23 -1.76
CA ASP F 171 -44.77 21.01 -0.97
C ASP F 171 -43.73 20.08 -1.59
N MET F 172 -43.88 19.84 -2.90
CA MET F 172 -42.96 18.93 -3.58
C MET F 172 -41.52 19.46 -3.61
N VAL F 173 -41.39 20.77 -3.89
CA VAL F 173 -40.08 21.44 -3.85
C VAL F 173 -39.44 21.30 -2.48
N GLN F 174 -40.22 21.56 -1.42
CA GLN F 174 -39.71 21.41 -0.04
C GLN F 174 -39.32 19.97 0.28
N GLN F 175 -40.02 19.00 -0.31
CA GLN F 175 -39.65 17.59 -0.18
C GLN F 175 -38.28 17.32 -0.80
N ARG F 176 -38.06 17.81 -2.01
CA ARG F 176 -36.75 17.68 -2.66
C ARG F 176 -35.65 18.29 -1.79
N GLU F 177 -35.91 19.51 -1.31
CA GLU F 177 -34.94 20.22 -0.46
C GLU F 177 -34.66 19.45 0.84
N GLU F 178 -35.68 18.79 1.37
CA GLU F 178 -35.53 17.95 2.55
C GLU F 178 -34.64 16.75 2.26
N TRP F 179 -34.81 16.13 1.10
CA TRP F 179 -34.00 14.97 0.74
C TRP F 179 -32.55 15.35 0.43
N ASP F 180 -32.36 16.58 -0.04
CA ASP F 180 -31.02 17.13 -0.23
C ASP F 180 -30.37 17.52 1.10
N ARG F 181 -31.19 17.91 2.06
CA ARG F 181 -30.73 18.19 3.40
C ARG F 181 -30.31 16.88 4.10
N ARG F 182 -31.02 15.79 3.82
CA ARG F 182 -30.71 14.46 4.37
C ARG F 182 -29.47 13.84 3.73
N ARG F 183 -29.31 14.09 2.44
CA ARG F 183 -28.22 13.48 1.67
C ARG F 183 -26.86 14.11 1.95
N LYS F 184 -26.83 15.42 2.19
CA LYS F 184 -25.57 16.15 2.37
C LYS F 184 -25.02 16.00 3.78
N MET F 185 -25.78 15.38 4.67
CA MET F 185 -25.30 15.14 6.02
C MET F 185 -24.58 13.81 6.09
N LYS F 186 -23.29 13.86 6.42
CA LYS F 186 -22.47 12.65 6.52
C LYS F 186 -22.42 12.14 7.97
N VAL F 187 -22.74 10.86 8.14
CA VAL F 187 -22.74 10.21 9.46
C VAL F 187 -21.33 10.20 10.06
N LYS F 188 -21.26 10.36 11.38
CA LYS F 188 -19.97 10.41 12.07
C LYS F 188 -19.33 9.03 12.19
N ARG F 189 -18.02 8.98 11.92
CA ARG F 189 -17.23 7.78 12.09
C ARG F 189 -16.35 7.95 13.32
N GLU F 190 -16.52 7.08 14.31
CA GLU F 190 -15.70 7.13 15.53
C GLU F 190 -14.23 6.87 15.21
N ARG F 191 -13.35 7.79 15.57
CA ARG F 191 -11.98 7.70 15.07
C ARG F 191 -11.12 6.80 15.94
N GLY F 192 -10.43 5.87 15.28
CA GLY F 192 -9.67 4.87 16.03
C GLY F 192 -8.40 5.32 16.71
N TRP F 193 -7.46 5.76 15.89
CA TRP F 193 -6.16 6.14 16.36
C TRP F 193 -6.00 7.51 15.78
N SER F 194 -6.09 7.55 14.47
CA SER F 194 -6.14 8.80 13.75
C SER F 194 -7.42 8.84 12.93
N GLY F 195 -7.76 10.03 12.46
CA GLY F 195 -8.91 10.21 11.59
C GLY F 195 -8.98 9.35 10.35
N ASN F 196 -7.87 9.20 9.63
CA ASN F 196 -7.89 8.37 8.41
C ASN F 196 -7.35 6.97 8.58
N THR F 197 -6.95 6.64 9.79
CA THR F 197 -6.51 5.30 10.06
C THR F 197 -7.77 4.45 10.32
N TRP F 198 -7.74 3.19 9.90
CA TRP F 198 -8.77 2.26 10.34
C TRP F 198 -8.36 1.61 11.64
N GLY F 199 -7.08 1.74 12.01
CA GLY F 199 -6.56 1.12 13.21
C GLY F 199 -7.32 1.55 14.46
N GLY F 200 -7.56 0.60 15.35
CA GLY F 200 -8.21 0.89 16.61
C GLY F 200 -9.72 0.90 16.55
N VAL F 201 -10.27 1.01 15.34
CA VAL F 201 -11.72 1.08 15.14
C VAL F 201 -12.44 -0.22 15.52
N SER F 202 -13.63 -0.12 16.09
CA SER F 202 -14.46 -1.28 16.35
C SER F 202 -15.34 -1.72 15.15
N LEU F 203 -15.31 -3.02 14.84
CA LEU F 203 -16.21 -3.62 13.86
C LEU F 203 -17.53 -4.11 14.46
N GLY F 204 -17.58 -4.19 15.79
CA GLY F 204 -18.71 -4.77 16.50
C GLY F 204 -18.75 -6.29 16.38
N PRO F 205 -19.58 -6.96 17.20
CA PRO F 205 -19.51 -8.40 17.45
C PRO F 205 -19.39 -9.25 16.21
N PRO F 206 -18.62 -10.34 16.28
CA PRO F 206 -18.56 -11.24 15.13
C PRO F 206 -19.90 -11.91 14.90
N ASP F 207 -20.00 -12.65 13.81
CA ASP F 207 -21.29 -13.13 13.39
C ASP F 207 -21.52 -14.50 14.02
N PRO F 208 -22.79 -14.83 14.28
CA PRO F 208 -23.16 -16.10 14.89
C PRO F 208 -22.66 -17.29 14.10
N GLY F 209 -22.13 -18.28 14.79
CA GLY F 209 -21.65 -19.48 14.15
C GLY F 209 -22.81 -20.33 13.67
N PRO F 210 -22.53 -21.33 12.82
CA PRO F 210 -23.55 -22.16 12.18
C PRO F 210 -24.45 -22.90 13.17
N ASN F 211 -23.94 -23.14 14.38
CA ASN F 211 -24.68 -23.92 15.38
C ASN F 211 -25.69 -23.07 16.15
N GLY F 212 -25.74 -21.77 15.84
CA GLY F 212 -26.59 -20.83 16.57
C GLY F 212 -25.81 -20.11 17.66
N GLU F 213 -24.59 -20.58 17.92
CA GLU F 213 -23.69 -20.01 18.93
C GLU F 213 -23.44 -18.52 18.68
N THR F 214 -23.70 -17.71 19.70
CA THR F 214 -23.70 -16.27 19.52
C THR F 214 -22.77 -15.54 20.47
N TYR F 215 -21.93 -14.68 19.92
CA TYR F 215 -21.09 -13.85 20.76
C TYR F 215 -21.47 -12.40 20.64
N ASP F 216 -22.16 -11.90 21.65
CA ASP F 216 -22.37 -10.48 21.77
C ASP F 216 -21.41 -9.92 22.81
N ASP F 217 -20.67 -10.83 23.44
CA ASP F 217 -19.76 -10.43 24.50
C ASP F 217 -18.42 -10.05 23.93
N PHE F 218 -18.21 -10.43 22.70
CA PHE F 218 -16.96 -10.17 22.04
C PHE F 218 -17.04 -8.83 21.33
N ASP F 219 -15.92 -8.10 21.38
CA ASP F 219 -15.76 -6.94 20.54
C ASP F 219 -14.65 -7.27 19.60
N THR F 220 -14.60 -6.55 18.49
CA THR F 220 -13.48 -6.67 17.58
C THR F 220 -12.89 -5.30 17.25
N ARG F 221 -11.57 -5.24 17.27
CA ARG F 221 -10.88 -4.05 16.85
C ARG F 221 -9.99 -4.36 15.67
N ILE F 222 -9.94 -3.42 14.75
CA ILE F 222 -9.02 -3.47 13.64
C ILE F 222 -7.63 -3.04 14.07
N LEU F 223 -6.63 -3.83 13.73
CA LEU F 223 -5.25 -3.43 14.03
C LEU F 223 -4.63 -2.83 12.78
N GLU F 224 -4.57 -3.58 11.70
CA GLU F 224 -3.95 -3.01 10.52
C GLU F 224 -4.70 -3.30 9.23
N VAL F 225 -5.13 -2.26 8.51
CA VAL F 225 -5.70 -2.49 7.19
C VAL F 225 -4.69 -2.07 6.13
N ARG F 226 -4.46 -2.92 5.13
CA ARG F 226 -3.48 -2.56 4.11
C ARG F 226 -3.85 -2.91 2.69
N ASN F 227 -3.72 -1.95 1.77
CA ASN F 227 -3.85 -2.23 0.34
C ASN F 227 -2.61 -2.92 -0.17
N VAL F 228 -2.81 -4.09 -0.75
CA VAL F 228 -1.75 -5.01 -1.09
C VAL F 228 -1.91 -5.37 -2.55
N PHE F 229 -0.81 -5.60 -3.28
CA PHE F 229 -0.97 -5.84 -4.72
C PHE F 229 -0.34 -7.12 -5.22
N ASN F 230 -0.86 -7.59 -6.33
CA ASN F 230 -0.26 -8.72 -7.01
C ASN F 230 -0.32 -8.52 -8.51
N MET F 231 0.76 -8.90 -9.19
CA MET F 231 0.86 -8.69 -10.63
C MET F 231 0.25 -9.88 -11.38
N THR F 232 -0.81 -9.58 -12.11
CA THR F 232 -1.60 -10.57 -12.82
C THR F 232 -1.28 -10.54 -14.32
N ALA F 233 -1.29 -11.72 -14.95
CA ALA F 233 -1.08 -11.86 -16.39
C ALA F 233 -1.95 -10.92 -17.23
N LYS F 234 -3.25 -10.90 -16.95
CA LYS F 234 -4.19 -10.08 -17.70
C LYS F 234 -4.33 -8.67 -17.15
N GLU F 235 -4.77 -8.55 -15.90
CA GLU F 235 -5.14 -7.25 -15.35
C GLU F 235 -3.99 -6.33 -14.97
N GLY F 236 -2.76 -6.84 -14.98
CA GLY F 236 -1.63 -6.11 -14.44
C GLY F 236 -1.65 -6.04 -12.92
N ARG F 237 -1.58 -4.85 -12.34
CA ARG F 237 -1.70 -4.73 -10.89
C ARG F 237 -3.09 -5.18 -10.43
N LYS F 238 -3.14 -5.88 -9.32
CA LYS F 238 -4.42 -6.32 -8.78
C LYS F 238 -4.46 -6.08 -7.27
N ARG F 239 -5.43 -5.27 -6.84
CA ARG F 239 -5.47 -4.70 -5.50
C ARG F 239 -6.39 -5.44 -4.55
N SER F 240 -5.80 -6.12 -3.56
CA SER F 240 -6.56 -6.76 -2.49
C SER F 240 -6.37 -5.99 -1.18
N VAL F 241 -7.41 -5.87 -0.38
CA VAL F 241 -7.21 -5.40 0.97
C VAL F 241 -6.92 -6.56 1.88
N ARG F 242 -5.97 -6.40 2.79
CA ARG F 242 -5.88 -7.38 3.85
C ARG F 242 -5.86 -6.70 5.20
N VAL F 243 -6.77 -7.14 6.06
CA VAL F 243 -6.93 -6.56 7.36
C VAL F 243 -6.51 -7.55 8.41
N LEU F 244 -6.07 -7.02 9.53
CA LEU F 244 -5.64 -7.81 10.65
C LEU F 244 -6.43 -7.30 11.82
N VAL F 245 -7.09 -8.22 12.50
CA VAL F 245 -8.13 -7.90 13.46
C VAL F 245 -7.95 -8.68 14.75
N ALA F 246 -8.46 -8.14 15.86
CA ALA F 246 -8.45 -8.92 17.10
C ALA F 246 -9.79 -8.87 17.83
N VAL F 247 -10.19 -10.00 18.40
CA VAL F 247 -11.41 -10.11 19.19
C VAL F 247 -11.15 -10.56 20.61
N GLY F 248 -12.06 -10.21 21.51
CA GLY F 248 -11.95 -10.66 22.88
C GLY F 248 -13.17 -10.26 23.68
N ASN F 249 -13.43 -10.97 24.77
CA ASN F 249 -14.61 -10.69 25.58
C ASN F 249 -14.32 -9.84 26.81
N GLY F 250 -13.05 -9.52 27.03
CA GLY F 250 -12.63 -8.72 28.17
C GLY F 250 -12.37 -9.57 29.40
N LYS F 251 -12.87 -10.81 29.36
CA LYS F 251 -12.78 -11.75 30.46
C LYS F 251 -11.59 -12.70 30.37
N GLY F 252 -10.66 -12.44 29.45
CA GLY F 252 -9.46 -13.26 29.38
C GLY F 252 -9.31 -14.11 28.14
N ALA F 253 -10.33 -14.12 27.28
CA ALA F 253 -10.19 -14.80 25.99
C ALA F 253 -10.21 -13.81 24.85
N ALA F 254 -9.08 -13.78 24.15
CA ALA F 254 -8.90 -12.96 22.96
C ALA F 254 -8.12 -13.74 21.93
N GLY F 255 -8.17 -13.27 20.70
CA GLY F 255 -7.43 -13.89 19.61
C GLY F 255 -7.45 -13.00 18.41
N PHE F 256 -6.53 -13.25 17.51
CA PHE F 256 -6.44 -12.39 16.35
C PHE F 256 -6.48 -13.22 15.10
N ALA F 257 -6.91 -12.60 14.02
CA ALA F 257 -6.76 -13.25 12.72
C ALA F 257 -6.75 -12.22 11.63
N ILE F 258 -6.36 -12.69 10.47
CA ILE F 258 -6.11 -11.83 9.34
C ILE F 258 -7.05 -12.27 8.22
N GLY F 259 -7.47 -11.37 7.35
CA GLY F 259 -8.37 -11.80 6.31
C GLY F 259 -8.18 -10.90 5.12
N LYS F 260 -8.45 -11.40 3.93
CA LYS F 260 -7.99 -10.70 2.74
C LYS F 260 -8.99 -10.86 1.64
N ALA F 261 -9.33 -9.78 0.94
CA ALA F 261 -10.32 -9.87 -0.11
C ALA F 261 -10.23 -8.67 -1.05
N THR F 262 -10.89 -8.73 -2.20
CA THR F 262 -10.91 -7.57 -3.10
C THR F 262 -11.58 -6.34 -2.49
N GLU F 263 -12.69 -6.57 -1.78
CA GLU F 263 -13.44 -5.50 -1.14
C GLU F 263 -13.09 -5.35 0.33
N ARG F 264 -13.03 -4.12 0.81
CA ARG F 264 -12.70 -3.89 2.21
C ARG F 264 -13.73 -4.51 3.15
N ALA F 265 -15.00 -4.26 2.87
CA ALA F 265 -16.08 -4.86 3.65
C ALA F 265 -15.89 -6.37 3.81
N ASP F 266 -15.57 -7.00 2.68
CA ASP F 266 -15.40 -8.44 2.62
C ASP F 266 -14.26 -8.91 3.50
N ALA F 267 -13.12 -8.23 3.45
CA ALA F 267 -12.03 -8.64 4.31
C ALA F 267 -12.39 -8.45 5.77
N PHE F 268 -13.10 -7.37 6.10
CA PHE F 268 -13.54 -7.18 7.49
C PHE F 268 -14.31 -8.38 7.98
N ARG F 269 -15.37 -8.73 7.25
CA ARG F 269 -16.14 -9.91 7.62
C ARG F 269 -15.25 -11.13 7.82
N LYS F 270 -14.47 -11.44 6.78
CA LYS F 270 -13.61 -12.60 6.81
C LYS F 270 -12.71 -12.66 8.06
N ALA F 271 -12.06 -11.56 8.40
CA ALA F 271 -11.12 -11.58 9.51
C ALA F 271 -11.82 -11.67 10.86
N LYS F 272 -12.97 -11.02 11.03
CA LYS F 272 -13.78 -11.26 12.24
C LYS F 272 -14.03 -12.75 12.48
N ASN F 273 -14.81 -13.27 11.54
CA ASN F 273 -15.34 -14.61 11.66
C ASN F 273 -14.22 -15.60 11.79
N ARG F 274 -13.10 -15.30 11.17
CA ARG F 274 -11.96 -16.18 11.34
C ARG F 274 -11.30 -16.03 12.72
N ALA F 275 -11.30 -14.82 13.26
CA ALA F 275 -10.58 -14.57 14.51
C ALA F 275 -11.19 -15.43 15.59
N VAL F 276 -12.52 -15.47 15.64
CA VAL F 276 -13.16 -16.22 16.73
C VAL F 276 -12.69 -17.68 16.84
N HIS F 277 -12.12 -18.20 15.77
CA HIS F 277 -11.58 -19.55 15.79
C HIS F 277 -10.23 -19.69 16.45
N TYR F 278 -9.40 -18.66 16.47
CA TYR F 278 -8.18 -18.82 17.25
C TYR F 278 -8.22 -17.94 18.47
N LEU F 279 -8.53 -18.53 19.62
CA LEU F 279 -8.68 -17.76 20.83
C LEU F 279 -7.58 -18.18 21.76
N HIS F 280 -7.04 -17.29 22.56
CA HIS F 280 -6.15 -17.77 23.59
C HIS F 280 -6.82 -17.48 24.91
N TYR F 281 -6.39 -18.20 25.93
CA TYR F 281 -6.73 -17.78 27.26
C TYR F 281 -5.54 -17.08 27.89
N ILE F 282 -5.75 -15.87 28.36
CA ILE F 282 -4.68 -15.12 28.99
C ILE F 282 -4.89 -15.07 30.49
N GLU F 283 -3.95 -15.65 31.22
CA GLU F 283 -4.10 -15.69 32.66
C GLU F 283 -3.78 -14.32 33.23
N ARG F 284 -4.74 -13.76 33.97
CA ARG F 284 -4.56 -12.43 34.56
C ARG F 284 -4.40 -12.52 36.06
N TYR F 285 -3.35 -11.88 36.58
CA TYR F 285 -3.14 -11.84 38.02
C TYR F 285 -4.14 -10.90 38.62
N GLU F 286 -4.99 -11.40 39.50
CA GLU F 286 -5.93 -10.55 40.19
C GLU F 286 -6.82 -9.80 39.20
N ASP F 287 -6.86 -10.32 37.98
CA ASP F 287 -7.68 -9.77 36.89
C ASP F 287 -7.41 -8.33 36.48
N HIS F 288 -6.21 -7.83 36.67
CA HIS F 288 -5.87 -6.57 36.05
C HIS F 288 -4.51 -6.67 35.33
N THR F 289 -3.45 -7.06 36.02
CA THR F 289 -2.17 -7.18 35.35
C THR F 289 -1.90 -8.54 34.75
N ILE F 290 -0.69 -8.71 34.23
CA ILE F 290 -0.17 -10.02 33.90
C ILE F 290 0.43 -10.58 35.18
N TYR F 291 1.03 -11.76 35.15
CA TYR F 291 1.56 -12.34 36.38
C TYR F 291 2.94 -11.85 36.76
N HIS F 292 3.82 -11.73 35.78
CA HIS F 292 5.23 -11.44 36.03
C HIS F 292 5.81 -10.78 34.80
N ASP F 293 7.00 -10.20 34.90
CA ASP F 293 7.58 -9.52 33.74
C ASP F 293 7.90 -10.48 32.59
N ILE F 294 7.69 -9.98 31.38
CA ILE F 294 7.81 -10.77 30.17
C ILE F 294 8.79 -10.11 29.23
N SER F 295 9.71 -10.85 28.66
CA SER F 295 10.49 -10.29 27.55
C SER F 295 10.61 -11.36 26.50
N LEU F 296 10.29 -11.01 25.26
CA LEU F 296 10.28 -12.00 24.21
C LEU F 296 10.83 -11.37 22.96
N LYS F 297 11.60 -12.15 22.22
CA LYS F 297 12.02 -11.72 20.92
C LYS F 297 11.28 -12.59 19.93
N PHE F 298 10.29 -12.03 19.26
CA PHE F 298 9.59 -12.75 18.23
C PHE F 298 10.03 -12.24 16.87
N LYS F 299 10.73 -13.09 16.13
CA LYS F 299 11.33 -12.68 14.86
C LYS F 299 12.24 -11.46 15.07
N ARG F 300 11.95 -10.33 14.45
CA ARG F 300 12.79 -9.15 14.71
C ARG F 300 12.20 -8.18 15.71
N THR F 301 11.07 -8.52 16.31
CA THR F 301 10.39 -7.64 17.25
C THR F 301 10.74 -8.03 18.68
N HIS F 302 11.14 -7.08 19.52
CA HIS F 302 11.29 -7.40 20.94
C HIS F 302 10.19 -6.74 21.71
N ILE F 303 9.35 -7.53 22.37
CA ILE F 303 8.46 -6.88 23.29
C ILE F 303 9.03 -7.08 24.67
N LYS F 304 8.87 -6.05 25.49
CA LYS F 304 9.24 -6.14 26.87
C LYS F 304 8.11 -5.56 27.71
N MET F 305 7.49 -6.40 28.53
CA MET F 305 6.41 -5.93 29.38
C MET F 305 6.75 -6.12 30.86
N LYS F 306 6.20 -5.21 31.65
CA LYS F 306 6.36 -5.15 33.09
C LYS F 306 4.99 -5.05 33.74
N LYS F 307 4.90 -5.75 34.87
CA LYS F 307 3.69 -5.91 35.65
C LYS F 307 3.53 -4.75 36.61
N GLN F 308 2.44 -4.01 36.45
CA GLN F 308 2.15 -2.88 37.30
C GLN F 308 1.19 -3.15 38.46
N PRO F 309 1.18 -2.25 39.45
CA PRO F 309 0.16 -2.15 40.52
C PRO F 309 -1.17 -1.62 40.02
N ARG F 310 -2.15 -1.51 40.90
CA ARG F 310 -3.54 -1.33 40.49
C ARG F 310 -3.89 -0.07 39.72
N GLY F 311 -3.23 1.03 40.02
CA GLY F 311 -3.65 2.30 39.45
C GLY F 311 -3.02 2.73 38.15
N TYR F 312 -2.00 2.01 37.69
CA TYR F 312 -1.14 2.53 36.64
C TYR F 312 -1.69 1.95 35.35
N GLY F 313 -2.54 2.72 34.66
CA GLY F 313 -3.24 2.18 33.52
C GLY F 313 -2.48 2.09 32.21
N LEU F 314 -2.36 0.90 31.63
CA LEU F 314 -2.15 0.76 30.18
C LEU F 314 -1.21 1.76 29.52
N HIS F 315 0.08 1.62 29.76
CA HIS F 315 1.09 2.45 29.15
C HIS F 315 1.84 1.56 28.15
N CYS F 316 1.50 1.70 26.88
CA CYS F 316 1.87 0.70 25.88
C CYS F 316 1.83 1.22 24.46
N HIS F 317 2.46 0.50 23.55
CA HIS F 317 2.22 0.77 22.13
C HIS F 317 0.71 0.75 21.88
N ARG F 318 0.21 1.55 20.95
CA ARG F 318 -1.23 1.70 20.86
C ARG F 318 -1.95 0.41 20.49
N ALA F 319 -1.29 -0.42 19.69
CA ALA F 319 -1.82 -1.74 19.33
C ALA F 319 -1.98 -2.66 20.56
N ILE F 320 -0.95 -2.68 21.39
CA ILE F 320 -0.96 -3.44 22.62
C ILE F 320 -2.03 -2.95 23.57
N MET F 321 -2.26 -1.65 23.62
CA MET F 321 -3.35 -1.15 24.43
C MET F 321 -4.67 -1.63 23.91
N THR F 322 -4.85 -1.60 22.60
CA THR F 322 -6.07 -2.12 22.00
C THR F 322 -6.34 -3.59 22.40
N ILE F 323 -5.35 -4.43 22.17
CA ILE F 323 -5.42 -5.86 22.47
C ILE F 323 -5.66 -6.11 23.96
N CYS F 324 -5.00 -5.33 24.81
CA CYS F 324 -5.18 -5.46 26.25
C CYS F 324 -6.57 -5.15 26.67
N ARG F 325 -7.11 -4.07 26.12
CA ARG F 325 -8.46 -3.70 26.45
C ARG F 325 -9.40 -4.82 26.05
N LEU F 326 -9.05 -5.55 25.00
CA LEU F 326 -9.88 -6.70 24.58
C LEU F 326 -9.74 -7.93 25.48
N ILE F 327 -8.53 -8.17 25.99
CA ILE F 327 -8.26 -9.25 26.92
C ILE F 327 -8.87 -9.01 28.31
N GLY F 328 -8.82 -7.76 28.76
CA GLY F 328 -9.11 -7.42 30.14
C GLY F 328 -7.90 -7.07 31.01
N ILE F 329 -6.74 -6.84 30.39
CA ILE F 329 -5.54 -6.46 31.13
C ILE F 329 -5.52 -4.95 31.31
N LYS F 330 -5.69 -4.48 32.54
CA LYS F 330 -5.92 -3.07 32.75
C LYS F 330 -4.71 -2.25 33.14
N ASP F 331 -3.63 -2.89 33.55
CA ASP F 331 -2.48 -2.12 34.03
C ASP F 331 -1.18 -2.69 33.53
N LEU F 332 -0.44 -1.97 32.72
CA LEU F 332 0.68 -2.63 32.10
C LEU F 332 1.73 -1.68 31.58
N TYR F 333 2.96 -2.16 31.43
CA TYR F 333 3.93 -1.33 30.74
C TYR F 333 4.68 -2.11 29.68
N ALA F 334 4.62 -1.69 28.43
CA ALA F 334 5.36 -2.44 27.41
C ALA F 334 6.06 -1.57 26.41
N LYS F 335 7.33 -1.90 26.20
CA LYS F 335 8.16 -1.24 25.22
C LYS F 335 8.53 -2.22 24.12
N VAL F 336 8.20 -1.84 22.89
CA VAL F 336 8.55 -2.65 21.74
C VAL F 336 9.72 -2.02 21.02
N SER F 337 10.68 -2.86 20.65
CA SER F 337 11.89 -2.41 19.96
C SER F 337 12.15 -3.30 18.77
N GLY F 338 13.07 -2.89 17.91
CA GLY F 338 13.29 -3.62 16.68
C GLY F 338 12.13 -3.29 15.77
N SER F 339 11.77 -4.21 14.89
CA SER F 339 10.72 -3.94 13.92
C SER F 339 9.34 -3.84 14.56
N VAL F 340 8.62 -2.79 14.21
CA VAL F 340 7.31 -2.54 14.79
C VAL F 340 6.22 -3.14 13.92
N ASN F 341 6.61 -3.98 12.96
CA ASN F 341 5.63 -4.62 12.08
C ASN F 341 4.45 -5.28 12.82
N MET F 342 3.24 -4.91 12.39
CA MET F 342 2.05 -5.16 13.18
C MET F 342 1.72 -6.63 13.43
N LEU F 343 1.76 -7.44 12.38
CA LEU F 343 1.45 -8.84 12.57
C LEU F 343 2.44 -9.52 13.52
N ASN F 344 3.73 -9.24 13.34
CA ASN F 344 4.73 -9.83 14.22
C ASN F 344 4.59 -9.36 15.63
N LEU F 345 4.12 -8.13 15.78
CA LEU F 345 3.81 -7.60 17.10
C LEU F 345 2.68 -8.37 17.78
N THR F 346 1.53 -8.55 17.13
CA THR F 346 0.44 -9.25 17.84
C THR F 346 0.67 -10.77 17.99
N ARG F 347 1.33 -11.39 17.02
CA ARG F 347 1.74 -12.78 17.18
C ARG F 347 2.66 -12.85 18.37
N GLY F 348 3.71 -12.03 18.34
CA GLY F 348 4.71 -12.01 19.40
C GLY F 348 4.08 -11.81 20.76
N LEU F 349 3.11 -10.90 20.81
CA LEU F 349 2.44 -10.57 22.06
C LEU F 349 1.65 -11.74 22.60
N PHE F 350 0.85 -12.34 21.74
CA PHE F 350 0.03 -13.44 22.18
C PHE F 350 0.85 -14.62 22.60
N LEU F 351 1.94 -14.85 21.89
CA LEU F 351 2.85 -15.91 22.27
C LEU F 351 3.32 -15.64 23.66
N GLY F 352 3.73 -14.41 23.89
CA GLY F 352 4.31 -14.04 25.17
C GLY F 352 3.33 -14.22 26.28
N LEU F 353 2.17 -13.58 26.16
CA LEU F 353 1.14 -13.67 27.19
C LEU F 353 0.68 -15.10 27.44
N SER F 354 0.57 -15.90 26.39
CA SER F 354 0.18 -17.29 26.55
C SER F 354 1.12 -18.05 27.48
N ARG F 355 2.40 -17.73 27.37
CA ARG F 355 3.47 -18.45 28.06
C ARG F 355 3.70 -18.00 29.52
N GLN F 356 2.84 -17.12 30.02
CA GLN F 356 2.84 -16.75 31.44
C GLN F 356 2.78 -17.96 32.36
N GLU F 357 3.56 -17.91 33.43
CA GLU F 357 3.56 -18.95 34.43
C GLU F 357 2.87 -18.50 35.71
N THR F 358 1.69 -19.04 35.96
CA THR F 358 0.87 -18.63 37.09
C THR F 358 1.58 -18.92 38.41
N HIS F 359 1.16 -18.22 39.47
CA HIS F 359 1.64 -18.47 40.82
C HIS F 359 1.33 -19.86 41.32
N GLN F 360 0.17 -20.39 40.96
CA GLN F 360 -0.13 -21.75 41.34
C GLN F 360 0.82 -22.73 40.64
N GLN F 361 1.10 -22.51 39.36
CA GLN F 361 2.00 -23.39 38.61
C GLN F 361 3.40 -23.40 39.20
N LEU F 362 3.85 -22.21 39.58
CA LEU F 362 5.14 -22.02 40.20
C LEU F 362 5.21 -22.72 41.55
N ALA F 363 4.17 -22.50 42.37
CA ALA F 363 4.02 -23.15 43.66
C ALA F 363 4.16 -24.64 43.51
N ASP F 364 3.47 -25.19 42.52
CA ASP F 364 3.46 -26.62 42.32
C ASP F 364 4.80 -27.17 41.83
N LYS F 365 5.46 -26.48 40.91
CA LYS F 365 6.70 -27.04 40.39
C LYS F 365 7.85 -26.92 41.41
N LYS F 366 7.87 -25.86 42.22
CA LYS F 366 8.88 -25.74 43.28
C LYS F 366 8.49 -26.48 44.56
N SER F 367 7.17 -26.70 44.72
CA SER F 367 6.58 -27.32 45.90
C SER F 367 6.69 -26.48 47.20
N LEU F 368 6.65 -25.15 47.07
CA LEU F 368 6.76 -24.22 48.21
C LEU F 368 5.56 -23.28 48.27
N HIS F 369 5.41 -22.55 49.36
CA HIS F 369 4.50 -21.40 49.38
C HIS F 369 5.09 -20.25 48.58
N VAL F 370 4.30 -19.61 47.72
CA VAL F 370 4.75 -18.36 47.12
C VAL F 370 4.01 -17.23 47.83
N VAL F 371 4.84 -16.36 48.40
CA VAL F 371 4.42 -15.31 49.31
C VAL F 371 4.74 -13.92 48.77
N GLU F 372 3.73 -13.06 48.81
CA GLU F 372 3.75 -11.77 48.15
C GLU F 372 3.93 -10.63 49.13
N PHE F 373 5.00 -9.85 49.00
CA PHE F 373 5.14 -8.70 49.86
C PHE F 373 4.81 -7.40 49.15
N ARG F 374 3.65 -6.88 49.51
CA ARG F 374 3.24 -5.56 49.08
C ARG F 374 4.11 -4.55 49.82
N GLU F 375 4.35 -3.38 49.22
CA GLU F 375 5.08 -2.31 49.89
C GLU F 375 4.20 -1.47 50.80
N GLU F 376 2.95 -1.33 50.40
CA GLU F 376 1.96 -0.54 51.11
C GLU F 376 1.36 -1.27 52.30
N CYS F 377 1.54 -2.59 52.31
CA CYS F 377 1.11 -3.43 53.41
C CYS F 377 2.25 -3.78 54.38
N GLY F 378 3.43 -3.21 54.16
CA GLY F 378 4.56 -3.46 55.04
C GLY F 378 5.12 -4.86 54.92
N PRO F 379 5.73 -5.36 56.00
CA PRO F 379 6.38 -6.68 56.13
C PRO F 379 5.40 -7.86 56.11
N LEU F 380 4.11 -7.59 56.26
CA LEU F 380 3.08 -8.64 56.30
C LEU F 380 3.07 -9.55 55.08
N PRO F 381 3.32 -10.84 55.28
CA PRO F 381 3.49 -11.85 54.23
C PRO F 381 2.18 -12.43 53.72
N ILE F 382 1.58 -11.78 52.73
CA ILE F 382 0.44 -12.36 52.03
C ILE F 382 0.80 -13.65 51.29
N VAL F 383 0.09 -14.75 51.58
CA VAL F 383 0.37 -16.00 50.92
C VAL F 383 -0.52 -16.15 49.71
N VAL F 384 0.09 -16.05 48.54
CA VAL F 384 -0.64 -16.09 47.30
C VAL F 384 -0.92 -17.53 46.93
N ALA F 385 0.13 -18.32 46.73
CA ALA F 385 -0.11 -19.70 46.28
C ALA F 385 0.50 -20.77 47.18
N SER F 386 -0.22 -21.87 47.36
CA SER F 386 0.31 -22.98 48.14
C SER F 386 0.28 -24.27 47.31
N PRO F 387 1.33 -25.08 47.42
CA PRO F 387 1.57 -26.25 46.58
C PRO F 387 0.67 -27.42 46.93
N GLN F 388 -0.54 -27.49 46.36
CA GLN F 388 -1.39 -28.66 46.54
C GLN F 388 -0.58 -29.94 46.31
N GLY F 389 -0.70 -30.85 47.25
CA GLY F 389 0.28 -31.92 47.38
C GLY F 389 1.26 -31.66 48.50
N ALA F 390 2.40 -32.34 48.46
CA ALA F 390 3.35 -32.29 49.57
C ALA F 390 4.40 -31.18 49.43
N LEU F 391 4.34 -30.26 50.39
CA LEU F 391 5.26 -29.14 50.50
C LEU F 391 6.68 -29.61 50.87
N ARG F 392 7.72 -28.94 50.38
CA ARG F 392 9.09 -29.27 50.78
C ARG F 392 9.39 -28.87 52.21
N LYS F 393 10.32 -29.58 52.84
CA LYS F 393 10.95 -29.10 54.08
C LYS F 393 12.31 -28.47 53.78
N ASP F 394 12.69 -28.53 52.51
CA ASP F 394 13.98 -28.04 52.07
C ASP F 394 13.90 -26.57 51.62
N PRO F 395 14.68 -25.68 52.27
CA PRO F 395 14.81 -24.28 51.83
C PRO F 395 15.46 -24.18 50.45
N GLU F 396 15.20 -23.08 49.76
CA GLU F 396 15.86 -22.83 48.48
C GLU F 396 17.31 -22.45 48.71
N PRO F 397 18.21 -22.97 47.86
CA PRO F 397 19.62 -22.60 48.00
C PRO F 397 19.75 -21.11 47.93
N GLU F 398 20.43 -20.53 48.92
CA GLU F 398 20.58 -19.10 48.95
C GLU F 398 21.76 -18.70 48.08
N ASP F 399 21.47 -18.01 46.99
CA ASP F 399 22.52 -17.48 46.12
C ASP F 399 22.79 -16.07 46.57
N GLU F 400 23.97 -15.89 47.14
CA GLU F 400 24.45 -14.58 47.53
C GLU F 400 24.26 -13.62 46.36
N VAL F 401 24.92 -13.91 45.25
CA VAL F 401 24.78 -13.12 44.03
C VAL F 401 24.16 -13.96 42.92
N PRO F 402 22.99 -13.52 42.44
CA PRO F 402 22.29 -14.24 41.37
C PRO F 402 22.98 -14.06 40.01
N ASP F 403 22.85 -15.05 39.15
CA ASP F 403 23.20 -14.85 37.75
C ASP F 403 21.93 -14.75 36.91
N ILE F 404 21.60 -13.54 36.49
CA ILE F 404 20.41 -13.30 35.67
C ILE F 404 20.80 -12.44 34.49
N THR F 405 20.10 -12.59 33.38
CA THR F 405 20.31 -11.68 32.27
C THR F 405 19.69 -10.34 32.65
N LEU F 406 20.46 -9.27 32.53
CA LEU F 406 19.93 -7.95 32.83
C LEU F 406 19.81 -7.11 31.58
N ASP F 407 18.76 -6.29 31.52
CA ASP F 407 18.60 -5.37 30.40
C ASP F 407 19.13 -4.02 30.79
N TRP F 408 20.05 -3.51 29.98
CA TRP F 408 20.72 -2.26 30.26
C TRP F 408 19.71 -1.11 30.33
N GLU F 409 18.55 -1.30 29.72
CA GLU F 409 17.49 -0.30 29.78
C GLU F 409 16.90 -0.15 31.17
N ASP F 410 16.61 -1.27 31.81
CA ASP F 410 16.04 -1.26 33.14
C ASP F 410 17.01 -0.75 34.18
N VAL F 411 18.27 -1.14 34.02
CA VAL F 411 19.31 -0.66 34.90
C VAL F 411 19.49 0.84 34.73
N LYS F 412 19.48 1.31 33.49
CA LYS F 412 19.61 2.74 33.23
C LYS F 412 18.42 3.49 33.84
N ALA F 413 17.25 2.88 33.81
CA ALA F 413 16.05 3.48 34.40
C ALA F 413 16.16 3.59 35.91
N ALA F 414 16.54 2.49 36.55
CA ALA F 414 16.71 2.44 38.00
C ALA F 414 17.69 3.48 38.55
N GLN F 415 18.75 3.77 37.81
CA GLN F 415 19.79 4.65 38.31
C GLN F 415 19.63 6.12 37.87
N GLY F 416 18.52 6.42 37.19
CA GLY F 416 18.22 7.79 36.79
C GLY F 416 19.08 8.31 35.64
N MET F 417 19.49 7.40 34.77
CA MET F 417 20.23 7.78 33.57
C MET F 417 19.34 7.88 32.32
N LYS F 418 18.03 7.72 32.48
CA LYS F 418 17.11 7.96 31.36
C LYS F 418 16.60 9.39 31.41
N ARG F 419 17.14 10.23 30.53
CA ARG F 419 16.78 11.63 30.54
C ARG F 419 15.86 12.09 29.40
N SER F 420 15.40 11.14 28.58
CA SER F 420 14.55 11.46 27.43
C SER F 420 13.33 12.35 27.71
N VAL F 421 13.16 13.39 26.91
CA VAL F 421 12.06 14.31 27.06
C VAL F 421 10.76 13.71 26.67
N TRP F 422 10.81 12.53 26.07
CA TRP F 422 9.57 11.89 25.60
C TRP F 422 8.93 10.95 26.62
N SER F 423 9.65 10.60 27.67
CA SER F 423 9.17 9.57 28.58
C SER F 423 8.20 10.03 29.67
N GLY F 424 8.45 11.18 30.28
CA GLY F 424 7.59 11.59 31.38
C GLY F 424 6.21 12.09 30.99
N LEU F 425 6.02 12.32 29.69
CA LEU F 425 4.91 13.10 29.16
C LEU F 425 3.57 12.70 29.69
N LYS F 426 2.76 13.70 29.99
CA LYS F 426 1.38 13.47 30.40
C LYS F 426 0.51 13.12 29.18
N ARG F 427 -0.21 12.02 29.28
CA ARG F 427 -1.01 11.52 28.17
C ARG F 427 -2.44 11.48 28.65
N ALA F 428 -3.38 11.27 27.74
CA ALA F 428 -4.78 11.19 28.14
C ALA F 428 -5.01 9.92 28.91
N ALA F 429 -6.21 9.72 29.43
CA ALA F 429 -6.45 8.51 30.21
C ALA F 429 -6.38 7.32 29.26
N THR F 430 -6.10 6.15 29.83
CA THR F 430 -5.97 4.88 29.10
C THR F 430 -6.82 4.78 27.83
N PRO G 2 69.43 -52.70 6.08
CA PRO G 2 69.97 -52.17 4.82
C PRO G 2 69.48 -50.74 4.57
N ARG G 3 70.39 -49.82 4.27
CA ARG G 3 70.05 -48.40 4.27
C ARG G 3 69.70 -47.75 2.93
N TYR G 4 70.62 -47.82 1.96
CA TYR G 4 70.29 -47.43 0.60
C TYR G 4 70.29 -48.63 -0.34
N GLU G 5 69.52 -48.48 -1.39
CA GLU G 5 69.44 -49.41 -2.49
C GLU G 5 69.93 -48.71 -3.75
N LEU G 6 70.96 -49.26 -4.36
CA LEU G 6 71.44 -48.76 -5.65
C LEU G 6 70.85 -49.58 -6.78
N ALA G 7 70.01 -48.95 -7.60
CA ALA G 7 69.49 -49.60 -8.78
C ALA G 7 70.40 -49.25 -9.96
N LEU G 8 71.12 -50.26 -10.43
CA LEU G 8 72.06 -50.10 -11.51
C LEU G 8 71.50 -50.68 -12.77
N ILE G 9 71.39 -49.89 -13.83
CA ILE G 9 71.17 -50.52 -15.12
C ILE G 9 72.39 -50.39 -15.98
N LEU G 10 73.09 -51.51 -16.18
CA LEU G 10 74.35 -51.52 -16.92
C LEU G 10 74.11 -51.80 -18.36
N LYS G 11 74.95 -51.22 -19.20
CA LYS G 11 75.04 -51.63 -20.59
C LYS G 11 75.19 -53.14 -20.63
N ALA G 12 74.50 -53.78 -21.58
CA ALA G 12 74.55 -55.23 -21.70
C ALA G 12 75.81 -55.67 -22.43
N MET G 13 76.66 -56.43 -21.75
CA MET G 13 77.95 -56.81 -22.30
C MET G 13 78.26 -58.26 -21.98
N GLN G 14 79.49 -58.67 -22.29
CA GLN G 14 79.93 -60.04 -21.96
C GLN G 14 80.27 -60.18 -20.49
N ARG G 15 80.61 -61.39 -20.09
CA ARG G 15 80.93 -61.68 -18.70
C ARG G 15 82.02 -60.77 -18.11
N PRO G 16 83.24 -60.79 -18.70
CA PRO G 16 84.35 -60.16 -17.98
C PRO G 16 84.14 -58.67 -17.78
N GLU G 17 83.62 -58.01 -18.81
CA GLU G 17 83.45 -56.55 -18.80
C GLU G 17 82.37 -56.14 -17.80
N THR G 18 81.32 -56.94 -17.73
CA THR G 18 80.28 -56.72 -16.74
C THR G 18 80.91 -56.82 -15.37
N ALA G 19 81.56 -57.95 -15.11
CA ALA G 19 82.22 -58.15 -13.83
C ALA G 19 83.13 -56.97 -13.46
N ALA G 20 83.85 -56.46 -14.45
CA ALA G 20 84.74 -55.34 -14.24
C ALA G 20 83.95 -54.13 -13.79
N ALA G 21 82.90 -53.79 -14.53
CA ALA G 21 82.07 -52.62 -14.22
C ALA G 21 81.48 -52.70 -12.81
N LEU G 22 80.98 -53.88 -12.44
CA LEU G 22 80.46 -54.09 -11.10
C LEU G 22 81.55 -53.88 -10.06
N LYS G 23 82.74 -54.44 -10.33
CA LYS G 23 83.84 -54.30 -9.40
C LYS G 23 84.23 -52.84 -9.19
N ARG G 24 84.43 -52.10 -10.27
CA ARG G 24 84.89 -50.73 -10.13
C ARG G 24 83.80 -49.89 -9.48
N THR G 25 82.54 -50.20 -9.78
CA THR G 25 81.41 -49.51 -9.15
C THR G 25 81.41 -49.69 -7.64
N LEU G 26 81.43 -50.94 -7.20
CA LEU G 26 81.45 -51.22 -5.78
C LEU G 26 82.65 -50.56 -5.10
N GLU G 27 83.81 -50.61 -5.76
CA GLU G 27 84.99 -49.97 -5.20
C GLU G 27 84.74 -48.50 -4.94
N ALA G 28 84.27 -47.79 -5.96
CA ALA G 28 83.88 -46.38 -5.81
C ALA G 28 82.94 -46.19 -4.61
N LEU G 29 82.01 -47.12 -4.45
CA LEU G 29 81.10 -47.04 -3.31
C LEU G 29 81.85 -47.10 -1.99
N MET G 30 82.78 -48.05 -1.86
CA MET G 30 83.52 -48.21 -0.60
C MET G 30 84.50 -47.06 -0.33
N ASP G 31 84.87 -46.34 -1.39
CA ASP G 31 85.69 -45.13 -1.26
C ASP G 31 84.91 -43.89 -0.89
N ARG G 32 83.62 -43.85 -1.20
CA ARG G 32 82.82 -42.73 -0.71
C ARG G 32 82.41 -43.03 0.73
N GLY G 33 82.91 -44.14 1.27
CA GLY G 33 82.75 -44.43 2.68
C GLY G 33 81.69 -45.45 2.98
N ALA G 34 81.14 -46.04 1.92
CA ALA G 34 80.04 -46.97 2.07
C ALA G 34 80.46 -48.34 2.59
N VAL G 35 79.50 -49.03 3.18
CA VAL G 35 79.63 -50.43 3.58
C VAL G 35 78.63 -51.25 2.78
N VAL G 36 79.12 -52.13 1.93
CA VAL G 36 78.21 -52.84 1.03
C VAL G 36 77.73 -54.18 1.60
N ARG G 37 76.42 -54.26 1.78
CA ARG G 37 75.77 -55.41 2.37
C ARG G 37 75.67 -56.59 1.41
N ASN G 38 75.19 -56.33 0.19
CA ASN G 38 74.87 -57.42 -0.74
C ASN G 38 74.85 -56.98 -2.21
N LEU G 39 74.96 -57.93 -3.13
CA LEU G 39 74.94 -57.65 -4.57
C LEU G 39 73.97 -58.59 -5.29
N GLU G 40 72.91 -58.05 -5.87
CA GLU G 40 71.89 -58.88 -6.50
C GLU G 40 71.80 -58.64 -7.99
N ASN G 41 71.49 -59.68 -8.73
CA ASN G 41 71.46 -59.59 -10.17
C ASN G 41 70.08 -59.96 -10.70
N LEU G 42 69.37 -58.98 -11.23
CA LEU G 42 68.00 -59.23 -11.72
C LEU G 42 67.99 -59.65 -13.19
N GLY G 43 69.18 -59.90 -13.73
CA GLY G 43 69.33 -60.47 -15.05
C GLY G 43 69.44 -59.42 -16.12
N GLU G 44 69.58 -59.83 -17.38
CA GLU G 44 69.56 -58.85 -18.45
C GLU G 44 68.29 -59.00 -19.26
N ARG G 45 67.65 -57.87 -19.53
CA ARG G 45 66.38 -57.87 -20.23
C ARG G 45 66.41 -56.85 -21.33
N MET G 46 65.36 -56.86 -22.15
CA MET G 46 65.13 -55.74 -23.02
C MET G 46 64.60 -54.57 -22.18
N LEU G 47 65.26 -53.42 -22.22
CA LEU G 47 64.77 -52.24 -21.50
C LEU G 47 63.35 -51.87 -21.88
N PRO G 48 62.57 -51.34 -20.93
CA PRO G 48 61.13 -51.10 -21.16
C PRO G 48 60.92 -50.11 -22.30
N TYR G 49 61.82 -49.13 -22.40
CA TYR G 49 61.86 -48.20 -23.52
C TYR G 49 63.31 -47.96 -23.87
N LYS G 50 63.56 -47.28 -24.97
CA LYS G 50 64.93 -47.07 -25.41
C LYS G 50 65.60 -45.98 -24.59
N ILE G 51 66.77 -46.30 -24.04
CA ILE G 51 67.44 -45.33 -23.16
C ILE G 51 68.69 -44.73 -23.78
N SER G 52 68.70 -43.41 -23.90
CA SER G 52 69.84 -42.71 -24.50
C SER G 52 70.85 -42.23 -23.46
N ALA G 53 72.04 -42.81 -23.49
CA ALA G 53 73.10 -42.40 -22.58
C ALA G 53 74.47 -42.49 -23.25
N HIS G 54 75.30 -41.49 -22.98
CA HIS G 54 76.68 -41.50 -23.46
C HIS G 54 76.77 -41.79 -24.94
N ASN G 55 76.04 -40.98 -25.72
CA ASN G 55 76.03 -41.07 -27.18
C ASN G 55 75.79 -42.47 -27.66
N GLN G 56 74.90 -43.15 -26.96
CA GLN G 56 74.48 -44.45 -27.39
C GLN G 56 72.99 -44.56 -27.12
N ARG G 57 72.29 -45.21 -28.03
CA ARG G 57 70.88 -45.48 -27.84
C ARG G 57 70.71 -46.96 -27.51
N HIS G 58 70.30 -47.25 -26.27
CA HIS G 58 70.31 -48.61 -25.73
C HIS G 58 68.97 -49.27 -25.71
N SER G 59 69.02 -50.58 -25.94
CA SER G 59 67.84 -51.43 -26.07
C SER G 59 67.76 -52.43 -24.91
N ARG G 60 68.80 -53.22 -24.74
CA ARG G 60 68.86 -54.15 -23.62
C ARG G 60 69.65 -53.56 -22.47
N GLY G 61 69.66 -54.26 -21.34
CA GLY G 61 70.47 -53.89 -20.20
C GLY G 61 70.51 -54.94 -19.09
N GLY G 62 71.61 -54.93 -18.34
CA GLY G 62 71.73 -55.77 -17.16
C GLY G 62 71.21 -55.01 -15.96
N TYR G 63 70.62 -55.72 -15.01
CA TYR G 63 70.02 -55.06 -13.85
C TYR G 63 70.66 -55.51 -12.55
N PHE G 64 71.05 -54.58 -11.69
CA PHE G 64 71.63 -54.99 -10.42
C PHE G 64 71.14 -54.14 -9.28
N LEU G 65 71.09 -54.74 -8.09
CA LEU G 65 70.81 -54.01 -6.88
C LEU G 65 72.00 -54.08 -5.96
N VAL G 66 72.30 -52.97 -5.32
CA VAL G 66 73.36 -52.98 -4.34
C VAL G 66 72.78 -52.43 -3.05
N ASP G 67 72.68 -53.25 -2.01
CA ASP G 67 72.24 -52.69 -0.74
C ASP G 67 73.48 -52.29 0.03
N PHE G 68 73.46 -51.09 0.60
CA PHE G 68 74.62 -50.61 1.34
C PHE G 68 74.27 -49.53 2.34
N TYR G 69 75.12 -49.37 3.35
CA TYR G 69 74.95 -48.29 4.31
C TYR G 69 75.92 -47.21 3.91
N ALA G 70 75.52 -45.96 3.98
CA ALA G 70 76.44 -44.89 3.64
C ALA G 70 76.14 -43.63 4.43
N PRO G 71 77.15 -42.79 4.66
CA PRO G 71 76.92 -41.52 5.36
C PRO G 71 76.07 -40.60 4.49
N ALA G 72 75.06 -39.96 5.07
CA ALA G 72 74.04 -39.20 4.33
C ALA G 72 74.63 -38.25 3.30
N THR G 73 75.75 -37.62 3.67
CA THR G 73 76.47 -36.69 2.82
C THR G 73 76.79 -37.22 1.42
N THR G 74 76.99 -38.52 1.32
CA THR G 74 77.75 -39.05 0.21
C THR G 74 76.93 -39.47 -1.01
N VAL G 75 75.61 -39.53 -0.86
CA VAL G 75 74.76 -39.95 -1.96
C VAL G 75 75.01 -39.09 -3.22
N GLU G 76 75.15 -37.78 -3.02
CA GLU G 76 75.49 -36.87 -4.10
C GLU G 76 76.79 -37.25 -4.80
N SER G 77 77.79 -37.61 -4.01
CA SER G 77 79.08 -38.03 -4.54
C SER G 77 78.95 -39.27 -5.41
N MET G 78 78.40 -40.36 -4.86
CA MET G 78 78.26 -41.58 -5.64
C MET G 78 77.50 -41.28 -6.91
N MET G 79 76.45 -40.48 -6.77
CA MET G 79 75.59 -40.12 -7.89
C MET G 79 76.40 -39.47 -9.01
N GLU G 80 77.17 -38.46 -8.63
CA GLU G 80 78.13 -37.86 -9.54
C GLU G 80 78.97 -38.91 -10.24
N HIS G 81 79.48 -39.88 -9.48
CA HIS G 81 80.38 -40.85 -10.06
C HIS G 81 79.73 -41.75 -11.09
N LEU G 82 78.60 -42.34 -10.72
CA LEU G 82 77.87 -43.20 -11.64
C LEU G 82 77.42 -42.43 -12.88
N SER G 83 77.25 -41.12 -12.72
CA SER G 83 76.82 -40.29 -13.83
C SER G 83 77.79 -40.37 -15.00
N ARG G 84 79.08 -40.26 -14.70
CA ARG G 84 80.08 -40.11 -15.74
C ARG G 84 80.74 -41.42 -16.16
N ASP G 85 80.28 -42.54 -15.62
CA ASP G 85 80.73 -43.86 -16.09
C ASP G 85 79.99 -44.24 -17.38
N ILE G 86 80.74 -44.49 -18.46
CA ILE G 86 80.10 -44.73 -19.77
C ILE G 86 79.54 -46.13 -19.92
N ASP G 87 79.76 -46.97 -18.91
CA ASP G 87 79.20 -48.32 -18.92
C ASP G 87 77.84 -48.43 -18.21
N VAL G 88 77.42 -47.37 -17.53
CA VAL G 88 76.16 -47.37 -16.82
C VAL G 88 75.06 -46.80 -17.69
N ILE G 89 73.99 -47.56 -17.90
CA ILE G 89 72.90 -47.06 -18.70
C ILE G 89 72.08 -46.07 -17.90
N ARG G 90 71.83 -46.40 -16.63
CA ARG G 90 71.11 -45.47 -15.76
C ARG G 90 71.09 -45.94 -14.32
N PRO G 91 71.66 -45.11 -13.43
CA PRO G 91 71.78 -45.23 -11.98
C PRO G 91 70.64 -44.60 -11.18
N ASN G 92 70.32 -45.17 -10.03
CA ASN G 92 69.42 -44.49 -9.07
C ASN G 92 69.63 -44.95 -7.65
N ILE G 93 69.46 -44.06 -6.69
CA ILE G 93 69.69 -44.48 -5.32
C ILE G 93 68.47 -44.17 -4.47
N VAL G 94 67.85 -45.23 -3.96
CA VAL G 94 66.62 -45.09 -3.19
C VAL G 94 66.90 -45.47 -1.74
N LYS G 95 66.24 -44.81 -0.79
CA LYS G 95 66.25 -45.30 0.58
C LYS G 95 65.80 -46.75 0.56
N HIS G 96 66.58 -47.65 1.14
CA HIS G 96 66.27 -49.08 1.06
C HIS G 96 64.87 -49.40 1.57
N PRO G 97 64.08 -50.07 0.73
CA PRO G 97 62.68 -50.40 1.01
C PRO G 97 62.49 -51.29 2.24
N LEU G 98 63.57 -51.87 2.75
CA LEU G 98 63.49 -52.69 3.96
C LEU G 98 63.63 -51.90 5.26
N THR G 99 63.85 -50.60 5.15
CA THR G 99 63.88 -49.74 6.34
C THR G 99 62.47 -49.37 6.78
N GLN G 100 61.65 -48.99 5.80
CA GLN G 100 60.24 -48.71 6.06
C GLN G 100 59.56 -50.01 6.43
N GLU G 101 58.82 -50.00 7.52
CA GLU G 101 58.15 -51.22 7.95
C GLU G 101 56.63 -51.09 7.79
N VAL G 102 55.97 -52.23 7.57
CA VAL G 102 54.54 -52.25 7.25
C VAL G 102 53.66 -52.08 8.49
N LYS G 103 52.87 -51.01 8.52
CA LYS G 103 51.83 -50.88 9.55
C LYS G 103 50.70 -51.83 9.15
N GLU G 104 49.79 -52.14 10.08
CA GLU G 104 48.73 -53.11 9.80
C GLU G 104 47.43 -52.49 9.33
N CYS G 105 47.05 -52.71 8.06
CA CYS G 105 45.68 -52.41 7.65
C CYS G 105 44.92 -53.30 8.64
N GLU G 106 44.06 -52.70 9.46
CA GLU G 106 43.23 -53.46 10.39
C GLU G 106 42.04 -53.90 9.60
N GLY G 107 41.84 -53.17 8.51
CA GLY G 107 40.76 -53.39 7.59
C GLY G 107 40.31 -52.08 6.98
N ILE G 108 39.24 -52.17 6.20
CA ILE G 108 38.63 -51.01 5.58
C ILE G 108 37.50 -50.51 6.44
N VAL G 109 37.69 -49.34 7.05
CA VAL G 109 36.64 -48.71 7.81
C VAL G 109 35.61 -48.10 6.86
N PRO G 110 34.39 -48.63 6.85
CA PRO G 110 33.42 -48.12 5.88
C PRO G 110 32.96 -46.72 6.29
N VAL G 111 32.81 -45.84 5.31
CA VAL G 111 32.44 -44.46 5.58
C VAL G 111 30.94 -44.28 5.37
N PRO G 112 30.25 -43.81 6.41
CA PRO G 112 28.79 -43.61 6.30
C PRO G 112 28.50 -42.41 5.42
N LEU G 113 27.34 -42.38 4.77
CA LEU G 113 26.96 -41.19 4.03
C LEU G 113 26.93 -40.02 4.99
N GLU G 114 27.32 -38.84 4.51
CA GLU G 114 27.47 -37.69 5.39
C GLU G 114 26.13 -37.02 5.67
N GLU G 115 25.91 -36.62 6.91
CA GLU G 115 24.61 -36.10 7.30
C GLU G 115 24.66 -34.65 7.71
N LYS G 116 23.48 -34.04 7.70
CA LYS G 116 23.29 -32.69 8.19
C LYS G 116 24.06 -31.67 7.35
N LEU G 117 24.19 -31.92 6.06
CA LEU G 117 24.91 -30.98 5.20
C LEU G 117 24.00 -29.84 4.87
N TYR G 118 22.71 -30.08 5.08
CA TYR G 118 21.72 -29.06 4.80
C TYR G 118 20.77 -28.95 5.95
N SER G 119 20.12 -27.81 6.06
CA SER G 119 19.17 -27.56 7.13
C SER G 119 17.83 -28.24 6.85
N THR G 120 16.93 -28.11 7.81
CA THR G 120 15.69 -28.87 7.86
C THR G 120 14.56 -28.19 7.11
N LYS G 121 14.91 -27.16 6.35
CA LYS G 121 13.94 -26.38 5.59
C LYS G 121 12.98 -27.24 4.79
N LYS G 122 11.70 -26.87 4.79
CA LYS G 122 10.72 -27.57 3.99
C LYS G 122 10.44 -26.76 2.73
N ARG G 123 10.87 -27.30 1.59
CA ARG G 123 10.79 -26.58 0.31
C ARG G 123 9.36 -26.49 -0.22
N SER H 35 -13.76 -34.42 -45.50
CA SER H 35 -14.12 -34.55 -44.09
C SER H 35 -15.61 -34.30 -43.86
N ARG H 36 -16.43 -34.76 -44.78
CA ARG H 36 -17.84 -34.94 -44.47
C ARG H 36 -17.97 -36.41 -44.09
N TYR H 37 -16.83 -37.08 -44.07
CA TYR H 37 -16.71 -38.42 -43.52
C TYR H 37 -15.96 -38.37 -42.19
N GLY H 38 -16.53 -38.98 -41.16
CA GLY H 38 -15.85 -39.14 -39.89
C GLY H 38 -14.67 -40.07 -40.10
N PRO H 39 -13.69 -40.04 -39.20
CA PRO H 39 -12.51 -40.93 -39.31
C PRO H 39 -12.90 -42.42 -39.28
N GLU H 40 -14.14 -42.70 -38.89
CA GLU H 40 -14.71 -44.05 -38.89
C GLU H 40 -14.78 -44.68 -40.29
N TYR H 41 -14.86 -43.84 -41.32
CA TYR H 41 -15.11 -44.32 -42.68
C TYR H 41 -13.86 -44.78 -43.41
N LYS H 42 -13.84 -46.05 -43.78
CA LYS H 42 -12.74 -46.63 -44.57
C LYS H 42 -12.87 -46.34 -46.06
N ASP H 43 -11.74 -46.33 -46.76
CA ASP H 43 -11.73 -46.20 -48.22
C ASP H 43 -12.25 -47.47 -48.85
N PRO H 44 -12.99 -47.35 -49.95
CA PRO H 44 -13.52 -48.56 -50.60
C PRO H 44 -12.44 -49.29 -51.39
N GLN H 45 -12.60 -50.60 -51.56
CA GLN H 45 -11.74 -51.35 -52.46
C GLN H 45 -12.51 -51.71 -53.71
N ILE H 46 -12.10 -51.10 -54.83
CA ILE H 46 -12.87 -51.17 -56.05
C ILE H 46 -12.60 -52.45 -56.85
N ASP H 47 -11.46 -53.08 -56.60
CA ASP H 47 -11.01 -54.25 -57.36
C ASP H 47 -12.03 -55.39 -57.38
N LYS H 48 -12.38 -55.85 -58.57
CA LYS H 48 -13.38 -56.91 -58.69
C LYS H 48 -12.75 -58.28 -58.43
N GLU H 49 -11.51 -58.45 -58.88
CA GLU H 49 -10.78 -59.69 -58.73
C GLU H 49 -10.63 -60.10 -57.26
N TYR H 50 -10.52 -59.10 -56.40
CA TYR H 50 -10.37 -59.36 -54.97
C TYR H 50 -11.62 -60.05 -54.41
N TYR H 51 -12.79 -59.55 -54.77
CA TYR H 51 -14.03 -60.08 -54.23
C TYR H 51 -14.47 -61.37 -54.92
N ARG H 52 -14.11 -61.53 -56.19
CA ARG H 52 -14.56 -62.69 -56.95
C ARG H 52 -13.91 -64.02 -56.55
N LYS H 53 -12.65 -64.00 -56.11
CA LYS H 53 -11.89 -65.23 -55.91
C LYS H 53 -11.27 -65.39 -54.52
N PRO H 54 -12.11 -65.40 -53.46
CA PRO H 54 -11.72 -65.42 -52.05
C PRO H 54 -11.21 -66.75 -51.45
N LEU H 55 -11.66 -67.89 -51.96
CA LEU H 55 -11.59 -69.15 -51.22
C LEU H 55 -10.19 -69.74 -51.01
N ALA H 56 -9.18 -69.18 -51.69
CA ALA H 56 -7.82 -69.72 -51.62
C ALA H 56 -6.90 -69.02 -50.60
N GLU H 57 -7.37 -67.97 -49.94
CA GLU H 57 -6.53 -67.18 -49.02
C GLU H 57 -7.12 -67.07 -47.61
N GLN H 58 -6.40 -67.59 -46.62
CA GLN H 58 -6.87 -67.58 -45.22
C GLN H 58 -6.82 -66.21 -44.53
N THR H 59 -5.65 -65.58 -44.56
CA THR H 59 -5.43 -64.35 -43.82
C THR H 59 -6.28 -63.22 -44.39
N GLU H 60 -6.49 -63.23 -45.70
CA GLU H 60 -7.29 -62.22 -46.38
C GLU H 60 -8.80 -62.45 -46.18
N GLU H 61 -9.21 -63.72 -46.11
CA GLU H 61 -10.58 -64.07 -45.73
C GLU H 61 -10.89 -63.52 -44.34
N GLU H 62 -9.99 -63.80 -43.39
CA GLU H 62 -10.06 -63.26 -42.04
C GLU H 62 -10.11 -61.72 -42.05
N LYS H 63 -9.30 -61.13 -42.92
CA LYS H 63 -9.16 -59.67 -43.01
C LYS H 63 -10.41 -58.94 -43.52
N TYR H 64 -11.01 -59.41 -44.61
CA TYR H 64 -12.20 -58.70 -45.09
C TYR H 64 -13.45 -59.18 -44.34
N GLU H 65 -13.35 -60.34 -43.69
CA GLU H 65 -14.34 -60.72 -42.68
C GLU H 65 -14.39 -59.63 -41.62
N ARG H 66 -13.23 -59.35 -41.04
CA ARG H 66 -13.10 -58.26 -40.08
C ARG H 66 -13.49 -56.91 -40.70
N ASP H 67 -13.29 -56.74 -42.00
CA ASP H 67 -13.69 -55.51 -42.70
C ASP H 67 -15.20 -55.26 -42.56
N PHE H 68 -16.02 -56.10 -43.20
CA PHE H 68 -17.46 -55.81 -43.21
C PHE H 68 -18.10 -56.09 -41.85
N LYS H 69 -17.72 -57.20 -41.23
CA LYS H 69 -18.35 -57.66 -39.98
C LYS H 69 -18.07 -56.69 -38.82
N LYS H 70 -17.06 -55.83 -38.99
CA LYS H 70 -16.78 -54.81 -38.00
C LYS H 70 -17.87 -53.75 -38.03
N THR H 71 -18.83 -53.93 -38.94
CA THR H 71 -19.92 -52.98 -39.11
C THR H 71 -19.22 -51.69 -39.52
N GLN H 72 -18.26 -51.83 -40.43
CA GLN H 72 -17.43 -50.70 -40.81
C GLN H 72 -18.06 -49.88 -41.93
N LEU H 73 -18.06 -48.57 -41.73
CA LEU H 73 -18.60 -47.63 -42.71
C LEU H 73 -17.63 -47.46 -43.87
N ILE H 74 -18.18 -47.28 -45.07
CA ILE H 74 -17.38 -47.14 -46.27
C ILE H 74 -17.68 -45.85 -47.02
N LYS H 75 -16.63 -45.09 -47.34
CA LYS H 75 -16.78 -43.89 -48.17
C LYS H 75 -17.37 -44.29 -49.52
N ALA H 76 -18.21 -43.44 -50.09
CA ALA H 76 -18.82 -43.76 -51.39
C ALA H 76 -17.80 -43.63 -52.51
N ALA H 77 -17.72 -44.65 -53.37
CA ALA H 77 -16.71 -44.72 -54.41
C ALA H 77 -16.78 -43.50 -55.31
N PRO H 78 -15.63 -42.81 -55.47
CA PRO H 78 -15.49 -41.54 -56.19
C PRO H 78 -15.82 -41.67 -57.69
N ALA H 79 -16.23 -40.56 -58.29
CA ALA H 79 -16.69 -40.55 -59.68
C ALA H 79 -15.57 -40.85 -60.68
N THR H 80 -14.36 -40.42 -60.35
CA THR H 80 -13.18 -40.65 -61.19
C THR H 80 -12.88 -42.14 -61.34
N LYS H 81 -12.91 -42.84 -60.21
CA LYS H 81 -12.50 -44.24 -60.17
C LYS H 81 -13.65 -45.16 -60.55
N THR H 82 -13.32 -46.16 -61.36
CA THR H 82 -14.30 -47.08 -61.89
C THR H 82 -13.81 -48.52 -61.72
N SER H 83 -14.69 -49.47 -61.98
CA SER H 83 -14.33 -50.87 -61.99
C SER H 83 -13.76 -51.23 -63.37
N SER H 84 -13.67 -50.23 -64.24
CA SER H 84 -13.26 -50.43 -65.63
C SER H 84 -11.95 -51.20 -65.74
N VAL H 85 -11.92 -52.12 -66.69
CA VAL H 85 -10.73 -52.90 -66.97
C VAL H 85 -9.74 -52.02 -67.74
N PHE H 86 -10.23 -50.86 -68.19
CA PHE H 86 -9.44 -49.97 -69.05
C PHE H 86 -8.76 -48.76 -68.40
N GLU H 87 -8.89 -48.58 -67.09
CA GLU H 87 -8.37 -47.33 -66.51
C GLU H 87 -7.06 -47.48 -65.75
N ASP H 88 -6.07 -46.69 -66.18
CA ASP H 88 -4.76 -46.66 -65.55
C ASP H 88 -4.63 -45.47 -64.61
N PRO H 89 -4.55 -45.74 -63.31
CA PRO H 89 -4.44 -44.73 -62.24
C PRO H 89 -3.35 -43.69 -62.51
N VAL H 90 -2.31 -44.08 -63.21
CA VAL H 90 -1.24 -43.15 -63.59
C VAL H 90 -1.70 -42.20 -64.67
N ILE H 91 -2.39 -42.75 -65.67
CA ILE H 91 -2.98 -41.93 -66.72
C ILE H 91 -3.95 -40.93 -66.11
N SER H 92 -4.76 -41.39 -65.16
CA SER H 92 -5.74 -40.55 -64.48
C SER H 92 -5.08 -39.43 -63.65
N LYS H 93 -4.06 -39.78 -62.87
CA LYS H 93 -3.25 -38.77 -62.16
C LYS H 93 -2.73 -37.70 -63.12
N PHE H 94 -2.08 -38.15 -64.19
CA PHE H 94 -1.54 -37.23 -65.18
C PHE H 94 -2.64 -36.33 -65.74
N THR H 95 -3.77 -36.94 -66.06
CA THR H 95 -4.94 -36.22 -66.53
C THR H 95 -5.23 -35.06 -65.59
N ASN H 96 -5.29 -35.39 -64.31
CA ASN H 96 -5.61 -34.41 -63.29
C ASN H 96 -4.59 -33.28 -63.24
N MET H 97 -3.31 -33.64 -63.18
CA MET H 97 -2.26 -32.62 -63.12
C MET H 97 -2.25 -31.71 -64.36
N MET H 98 -2.82 -32.20 -65.47
CA MET H 98 -2.92 -31.37 -66.66
C MET H 98 -4.08 -30.38 -66.55
N MET H 99 -5.09 -30.72 -65.76
CA MET H 99 -6.34 -29.95 -65.74
C MET H 99 -6.24 -28.55 -65.14
N LYS H 100 -6.65 -27.57 -65.92
CA LYS H 100 -6.75 -26.20 -65.47
C LYS H 100 -8.20 -25.90 -65.16
N GLY H 101 -8.43 -25.09 -64.15
CA GLY H 101 -9.80 -24.77 -63.75
C GLY H 101 -10.56 -26.00 -63.31
N GLY H 102 -11.77 -26.16 -63.81
CA GLY H 102 -12.54 -27.34 -63.48
C GLY H 102 -12.72 -28.34 -64.61
N ASN H 103 -11.93 -28.22 -65.68
CA ASN H 103 -12.22 -28.99 -66.89
C ASN H 103 -11.59 -30.36 -66.87
N LYS H 104 -12.41 -31.38 -66.60
CA LYS H 104 -11.96 -32.75 -66.72
C LYS H 104 -12.12 -33.10 -68.18
N VAL H 105 -13.27 -32.70 -68.72
CA VAL H 105 -13.64 -32.95 -70.10
C VAL H 105 -12.52 -32.52 -71.05
N LEU H 106 -12.00 -31.33 -70.83
CA LEU H 106 -10.91 -30.83 -71.66
C LEU H 106 -9.59 -31.56 -71.41
N ALA H 107 -9.25 -31.82 -70.15
CA ALA H 107 -7.99 -32.51 -69.86
C ALA H 107 -8.04 -33.99 -70.27
N ARG H 108 -9.20 -34.64 -70.07
CA ARG H 108 -9.39 -36.02 -70.52
C ARG H 108 -9.36 -36.07 -72.03
N SER H 109 -9.87 -35.02 -72.66
CA SER H 109 -9.72 -34.88 -74.10
C SER H 109 -8.25 -34.89 -74.48
N LEU H 110 -7.47 -33.96 -73.91
CA LEU H 110 -6.06 -33.84 -74.28
C LEU H 110 -5.26 -35.11 -74.01
N MET H 111 -5.58 -35.81 -72.94
CA MET H 111 -4.91 -37.09 -72.67
C MET H 111 -5.27 -38.12 -73.72
N THR H 112 -6.57 -38.30 -73.94
CA THR H 112 -7.06 -39.22 -74.95
C THR H 112 -6.37 -38.97 -76.31
N GLN H 113 -6.42 -37.73 -76.76
CA GLN H 113 -5.76 -37.32 -77.98
C GLN H 113 -4.26 -37.59 -78.00
N THR H 114 -3.61 -37.43 -76.85
CA THR H 114 -2.17 -37.66 -76.79
C THR H 114 -1.87 -39.15 -76.95
N LEU H 115 -2.63 -40.00 -76.27
CA LEU H 115 -2.44 -41.44 -76.38
C LEU H 115 -2.65 -41.91 -77.82
N GLU H 116 -3.72 -41.42 -78.42
CA GLU H 116 -4.00 -41.68 -79.83
C GLU H 116 -2.84 -41.21 -80.73
N ALA H 117 -2.26 -40.06 -80.41
CA ALA H 117 -1.17 -39.48 -81.20
C ALA H 117 0.14 -40.28 -81.10
N VAL H 118 0.49 -40.73 -79.90
CA VAL H 118 1.63 -41.61 -79.73
C VAL H 118 1.39 -42.89 -80.52
N LYS H 119 0.19 -43.47 -80.34
CA LYS H 119 -0.22 -44.67 -81.08
C LYS H 119 0.04 -44.54 -82.59
N ARG H 120 -0.57 -43.54 -83.21
CA ARG H 120 -0.42 -43.29 -84.66
C ARG H 120 1.00 -42.91 -85.11
N LYS H 121 1.77 -42.26 -84.23
CA LYS H 121 3.18 -41.94 -84.51
C LYS H 121 4.04 -43.21 -84.60
N GLN H 122 3.72 -44.18 -83.74
CA GLN H 122 4.37 -45.49 -83.75
C GLN H 122 3.87 -46.42 -84.85
N PHE H 123 2.60 -46.29 -85.24
CA PHE H 123 2.10 -47.02 -86.40
C PHE H 123 2.72 -46.49 -87.67
N ALA H 124 3.00 -45.19 -87.70
CA ALA H 124 3.76 -44.59 -88.80
C ALA H 124 5.18 -45.13 -88.83
N LYS H 125 5.82 -45.18 -87.66
CA LYS H 125 7.20 -45.68 -87.57
C LYS H 125 7.30 -47.19 -87.81
N TYR H 126 6.18 -47.90 -87.72
CA TYR H 126 6.17 -49.36 -87.91
C TYR H 126 6.13 -49.81 -89.38
N HIS H 127 5.31 -49.15 -90.19
CA HIS H 127 5.09 -49.59 -91.58
C HIS H 127 6.16 -49.09 -92.55
N ALA H 128 6.94 -48.09 -92.12
CA ALA H 128 8.05 -47.58 -92.93
C ALA H 128 9.35 -48.30 -92.54
N ALA H 129 9.23 -49.29 -91.65
CA ALA H 129 10.38 -50.04 -91.16
C ALA H 129 10.48 -51.45 -91.76
N SER H 130 11.48 -52.20 -91.29
CA SER H 130 11.78 -53.55 -91.78
C SER H 130 11.55 -54.57 -90.66
N ALA H 131 11.39 -55.84 -91.03
CA ALA H 131 10.93 -56.91 -90.10
C ALA H 131 11.63 -56.93 -88.73
N GLU H 132 12.94 -56.66 -88.71
CA GLU H 132 13.69 -56.55 -87.45
C GLU H 132 13.14 -55.45 -86.54
N GLU H 133 13.06 -54.25 -87.10
CA GLU H 133 12.55 -53.09 -86.40
C GLU H 133 11.03 -53.19 -86.16
N GLN H 134 10.37 -54.06 -86.92
CA GLN H 134 8.96 -54.37 -86.69
C GLN H 134 8.81 -55.30 -85.49
N ALA H 135 9.86 -56.07 -85.19
CA ALA H 135 9.91 -56.86 -83.96
C ALA H 135 10.30 -56.00 -82.76
N THR H 136 11.16 -55.01 -82.99
CA THR H 136 11.65 -54.12 -81.93
C THR H 136 10.66 -53.05 -81.42
N ILE H 137 10.09 -52.27 -82.33
CA ILE H 137 9.31 -51.07 -81.99
C ILE H 137 8.03 -51.36 -81.18
N GLU H 138 7.81 -50.55 -80.14
CA GLU H 138 6.64 -50.69 -79.25
C GLU H 138 5.43 -49.89 -79.73
N ARG H 139 4.31 -50.56 -79.96
CA ARG H 139 3.10 -49.85 -80.34
C ARG H 139 2.05 -49.62 -79.23
N ASN H 140 2.25 -50.14 -78.03
CA ASN H 140 1.30 -49.91 -76.94
C ASN H 140 1.57 -48.55 -76.30
N PRO H 141 0.64 -47.58 -76.47
CA PRO H 141 0.90 -46.23 -75.97
C PRO H 141 0.97 -46.19 -74.45
N TYR H 142 0.31 -47.14 -73.80
CA TYR H 142 0.33 -47.22 -72.36
C TYR H 142 1.71 -47.59 -71.83
N THR H 143 2.30 -48.65 -72.38
CA THR H 143 3.63 -49.07 -71.95
C THR H 143 4.65 -47.97 -72.25
N ILE H 144 4.42 -47.21 -73.32
CA ILE H 144 5.31 -46.12 -73.68
C ILE H 144 5.22 -45.00 -72.65
N PHE H 145 3.99 -44.65 -72.29
CA PHE H 145 3.77 -43.64 -71.25
C PHE H 145 4.52 -44.04 -69.97
N HIS H 146 4.23 -45.24 -69.48
CA HIS H 146 4.85 -45.72 -68.24
C HIS H 146 6.37 -45.71 -68.29
N GLN H 147 6.93 -46.34 -69.32
CA GLN H 147 8.38 -46.42 -69.44
C GLN H 147 9.01 -45.04 -69.52
N ALA H 148 8.35 -44.12 -70.23
CA ALA H 148 8.88 -42.77 -70.38
C ALA H 148 8.85 -42.01 -69.07
N LEU H 149 7.90 -42.35 -68.19
CA LEU H 149 7.91 -41.73 -66.89
C LEU H 149 8.98 -42.35 -65.97
N LYS H 150 9.11 -43.68 -66.00
CA LYS H 150 10.12 -44.36 -65.19
C LYS H 150 11.53 -43.84 -65.47
N ASN H 151 11.79 -43.50 -66.74
CA ASN H 151 13.10 -43.00 -67.14
C ASN H 151 13.34 -41.57 -66.67
N CYS H 152 12.25 -40.82 -66.53
CA CYS H 152 12.35 -39.40 -66.25
C CYS H 152 12.33 -39.06 -64.77
N GLU H 153 12.01 -40.04 -63.94
CA GLU H 153 11.93 -39.83 -62.50
C GLU H 153 13.33 -39.75 -61.89
N PRO H 154 13.57 -38.73 -61.05
CA PRO H 154 14.88 -38.53 -60.43
C PRO H 154 15.18 -39.55 -59.35
N VAL H 155 16.45 -39.86 -59.18
CA VAL H 155 16.91 -40.73 -58.12
C VAL H 155 17.06 -40.01 -56.77
N ILE H 156 17.72 -38.87 -56.84
CA ILE H 156 18.11 -38.11 -55.67
C ILE H 156 17.61 -36.69 -55.85
N GLY H 157 17.63 -35.87 -54.79
CA GLY H 157 17.00 -34.58 -54.87
C GLY H 157 17.71 -33.56 -54.02
N LEU H 158 17.17 -32.34 -53.97
CA LEU H 158 17.80 -31.27 -53.20
C LEU H 158 16.84 -30.54 -52.27
N VAL H 159 17.28 -30.33 -51.03
CA VAL H 159 16.52 -29.54 -50.08
C VAL H 159 17.43 -28.43 -49.59
N PRO H 160 16.89 -27.21 -49.47
CA PRO H 160 17.69 -26.13 -48.87
C PRO H 160 17.76 -26.30 -47.36
N ILE H 161 18.94 -26.08 -46.79
CA ILE H 161 19.12 -26.18 -45.36
C ILE H 161 19.86 -24.95 -44.90
N LEU H 162 19.31 -24.32 -43.87
CA LEU H 162 19.90 -23.12 -43.30
C LEU H 162 20.90 -23.52 -42.24
N LYS H 163 22.14 -23.08 -42.41
CA LYS H 163 23.15 -23.28 -41.41
C LYS H 163 24.04 -22.05 -41.35
N GLY H 164 24.28 -21.53 -40.15
CA GLY H 164 25.11 -20.36 -39.97
C GLY H 164 24.74 -19.17 -40.85
N GLY H 165 23.44 -18.97 -41.03
CA GLY H 165 22.94 -17.84 -41.80
C GLY H 165 23.16 -17.95 -43.29
N HIS H 166 23.44 -19.16 -43.76
CA HIS H 166 23.57 -19.39 -45.19
C HIS H 166 22.69 -20.55 -45.62
N PHE H 167 22.17 -20.47 -46.83
CA PHE H 167 21.32 -21.54 -47.35
C PHE H 167 22.07 -22.42 -48.32
N TYR H 168 22.37 -23.63 -47.87
CA TYR H 168 23.09 -24.57 -48.71
C TYR H 168 22.08 -25.50 -49.33
N GLN H 169 22.32 -25.91 -50.57
CA GLN H 169 21.46 -26.92 -51.18
C GLN H 169 22.06 -28.30 -50.95
N VAL H 170 21.25 -29.20 -50.41
CA VAL H 170 21.75 -30.46 -49.89
C VAL H 170 21.08 -31.65 -50.57
N PRO H 171 21.87 -32.67 -50.93
CA PRO H 171 21.29 -33.91 -51.46
C PRO H 171 20.42 -34.69 -50.46
N VAL H 172 19.18 -34.91 -50.87
CA VAL H 172 18.17 -35.65 -50.12
C VAL H 172 17.59 -36.83 -50.89
N PRO H 173 17.67 -38.04 -50.31
CA PRO H 173 16.87 -39.16 -50.84
C PRO H 173 15.38 -38.81 -50.86
N LEU H 174 14.66 -39.25 -51.89
CA LEU H 174 13.24 -38.92 -52.05
C LEU H 174 12.33 -40.14 -51.92
N ALA H 175 11.11 -39.91 -51.44
CA ALA H 175 10.09 -40.97 -51.41
C ALA H 175 9.66 -41.32 -52.82
N ASP H 176 9.02 -42.47 -53.00
CA ASP H 176 8.58 -42.88 -54.33
C ASP H 176 7.60 -41.88 -54.94
N ARG H 177 6.52 -41.64 -54.21
CA ARG H 177 5.47 -40.71 -54.64
C ARG H 177 6.02 -39.35 -55.08
N ARG H 178 6.97 -38.81 -54.32
CA ARG H 178 7.60 -37.54 -54.65
C ARG H 178 8.27 -37.59 -56.00
N ARG H 179 8.92 -38.71 -56.27
CA ARG H 179 9.63 -38.91 -57.53
C ARG H 179 8.65 -39.00 -58.72
N ARG H 180 7.62 -39.84 -58.61
CA ARG H 180 6.63 -39.94 -59.70
C ARG H 180 6.05 -38.58 -59.98
N PHE H 181 5.72 -37.88 -58.90
CA PHE H 181 5.19 -36.54 -59.02
C PHE H 181 6.13 -35.65 -59.80
N LEU H 182 7.42 -35.67 -59.44
CA LEU H 182 8.40 -34.82 -60.11
C LEU H 182 8.47 -35.10 -61.60
N ALA H 183 8.39 -36.39 -61.95
CA ALA H 183 8.36 -36.78 -63.35
C ALA H 183 7.18 -36.14 -64.07
N MET H 184 5.97 -36.46 -63.62
CA MET H 184 4.77 -35.99 -64.31
C MET H 184 4.76 -34.46 -64.41
N LYS H 185 5.08 -33.80 -63.30
CA LYS H 185 5.07 -32.35 -63.27
C LYS H 185 6.09 -31.77 -64.23
N TRP H 186 7.25 -32.41 -64.36
CA TRP H 186 8.26 -31.91 -65.30
C TRP H 186 7.80 -32.06 -66.74
N MET H 187 7.17 -33.20 -67.04
CA MET H 187 6.61 -33.44 -68.38
C MET H 187 5.68 -32.30 -68.74
N ILE H 188 4.65 -32.15 -67.92
CA ILE H 188 3.61 -31.18 -68.21
C ILE H 188 4.16 -29.75 -68.25
N ALA H 189 5.10 -29.42 -67.36
CA ALA H 189 5.65 -28.09 -67.34
C ALA H 189 6.37 -27.80 -68.65
N GLU H 190 7.12 -28.78 -69.15
CA GLU H 190 7.82 -28.56 -70.41
C GLU H 190 6.89 -28.45 -71.59
N CYS H 191 5.92 -29.37 -71.69
CA CYS H 191 5.08 -29.38 -72.88
C CYS H 191 3.94 -28.36 -72.79
N ARG H 192 3.84 -27.65 -71.67
CA ARG H 192 3.12 -26.39 -71.61
C ARG H 192 3.98 -25.21 -72.06
N GLU H 193 5.20 -25.16 -71.51
CA GLU H 193 6.03 -23.96 -71.60
C GLU H 193 6.74 -23.73 -72.92
N LYS H 194 7.38 -24.79 -73.43
CA LYS H 194 8.39 -24.62 -74.48
C LYS H 194 7.90 -24.82 -75.91
N LYS H 195 6.63 -25.14 -76.08
CA LYS H 195 6.08 -25.34 -77.42
C LYS H 195 5.84 -23.99 -78.11
N HIS H 196 5.83 -24.00 -79.43
CA HIS H 196 5.46 -22.80 -80.17
C HIS H 196 3.93 -22.67 -80.17
N ARG H 197 3.43 -21.44 -80.05
CA ARG H 197 2.00 -21.22 -79.81
C ARG H 197 1.05 -21.81 -80.87
N ARG H 198 1.55 -22.00 -82.08
CA ARG H 198 0.80 -22.66 -83.13
C ARG H 198 0.56 -24.12 -82.79
N VAL H 199 1.55 -24.70 -82.12
CA VAL H 199 1.55 -26.13 -81.83
C VAL H 199 0.57 -26.52 -80.71
N LEU H 200 -0.26 -27.52 -81.00
CA LEU H 200 -1.20 -28.06 -80.03
C LEU H 200 -0.52 -28.91 -78.94
N MET H 201 -1.23 -29.13 -77.84
CA MET H 201 -0.73 -29.92 -76.72
C MET H 201 -0.53 -31.43 -76.96
N PRO H 202 -1.53 -32.14 -77.53
CA PRO H 202 -1.28 -33.58 -77.68
C PRO H 202 -0.10 -33.86 -78.62
N GLU H 203 0.15 -32.95 -79.56
CA GLU H 203 1.29 -33.09 -80.45
C GLU H 203 2.61 -33.05 -79.68
N LYS H 204 2.84 -31.94 -78.98
CA LYS H 204 4.08 -31.71 -78.23
C LYS H 204 4.27 -32.77 -77.15
N LEU H 205 3.18 -33.15 -76.50
CA LEU H 205 3.22 -34.14 -75.44
C LEU H 205 3.57 -35.53 -75.98
N SER H 206 2.98 -35.92 -77.11
CA SER H 206 3.33 -37.21 -77.71
C SER H 206 4.81 -37.22 -78.12
N GLN H 207 5.27 -36.10 -78.69
CA GLN H 207 6.69 -35.94 -79.01
C GLN H 207 7.58 -36.21 -77.82
N GLU H 208 7.33 -35.50 -76.72
CA GLU H 208 8.16 -35.60 -75.53
C GLU H 208 8.04 -36.95 -74.84
N LEU H 209 6.89 -37.59 -74.96
CA LEU H 209 6.71 -38.93 -74.43
C LEU H 209 7.63 -39.91 -75.16
N LEU H 210 7.66 -39.78 -76.48
CA LEU H 210 8.50 -40.68 -77.27
C LEU H 210 9.99 -40.38 -77.11
N GLU H 211 10.34 -39.11 -76.97
CA GLU H 211 11.73 -38.73 -76.76
C GLU H 211 12.23 -39.14 -75.39
N ALA H 212 11.35 -39.13 -74.40
CA ALA H 212 11.72 -39.58 -73.06
C ALA H 212 11.70 -41.10 -72.98
N PHE H 213 11.01 -41.75 -73.90
CA PHE H 213 11.06 -43.21 -74.00
C PHE H 213 12.48 -43.66 -74.30
N HIS H 214 13.14 -42.92 -75.19
CA HIS H 214 14.48 -43.23 -75.65
C HIS H 214 15.59 -42.47 -74.92
N ASN H 215 15.21 -41.73 -73.87
CA ASN H 215 16.16 -41.07 -72.95
C ASN H 215 16.82 -39.78 -73.47
N GLN H 216 16.48 -39.36 -74.68
CA GLN H 216 17.09 -38.15 -75.24
C GLN H 216 16.28 -36.84 -75.05
N GLY H 217 15.15 -36.92 -74.34
CA GLY H 217 14.29 -35.75 -74.13
C GLY H 217 14.85 -34.68 -73.20
N PRO H 218 14.43 -33.41 -73.37
CA PRO H 218 14.85 -32.29 -72.52
C PRO H 218 14.49 -32.49 -71.05
N VAL H 219 13.36 -33.14 -70.82
CA VAL H 219 12.96 -33.60 -69.50
C VAL H 219 14.08 -34.39 -68.81
N ILE H 220 14.62 -35.35 -69.55
CA ILE H 220 15.73 -36.16 -69.05
C ILE H 220 16.96 -35.30 -68.78
N LYS H 221 17.20 -34.28 -69.61
CA LYS H 221 18.29 -33.35 -69.34
C LYS H 221 18.07 -32.64 -68.01
N ARG H 222 16.83 -32.31 -67.70
CA ARG H 222 16.50 -31.71 -66.40
C ARG H 222 16.85 -32.67 -65.27
N LYS H 223 16.38 -33.91 -65.40
CA LYS H 223 16.73 -34.95 -64.45
C LYS H 223 18.25 -34.99 -64.22
N HIS H 224 19.02 -34.92 -65.29
CA HIS H 224 20.47 -34.95 -65.16
C HIS H 224 21.02 -33.70 -64.48
N ASP H 225 20.43 -32.55 -64.76
CA ASP H 225 20.88 -31.32 -64.11
C ASP H 225 20.74 -31.47 -62.61
N MET H 226 19.63 -32.06 -62.19
CA MET H 226 19.46 -32.35 -60.78
C MET H 226 20.55 -33.29 -60.28
N HIS H 227 20.76 -34.39 -61.00
CA HIS H 227 21.75 -35.38 -60.56
C HIS H 227 23.16 -34.78 -60.43
N LYS H 228 23.50 -33.86 -61.34
CA LYS H 228 24.82 -33.23 -61.35
C LYS H 228 24.95 -32.19 -60.25
N MET H 229 23.86 -31.47 -59.97
CA MET H 229 23.84 -30.52 -58.87
C MET H 229 23.95 -31.27 -57.55
N ALA H 230 23.46 -32.51 -57.55
CA ALA H 230 23.52 -33.34 -56.37
C ALA H 230 24.89 -33.95 -56.17
N GLU H 231 25.63 -34.17 -57.26
CA GLU H 231 27.01 -34.62 -57.04
C GLU H 231 27.92 -33.47 -56.67
N ALA H 232 27.74 -32.32 -57.31
CA ALA H 232 28.55 -31.14 -56.99
C ALA H 232 28.53 -30.82 -55.49
N ASN H 233 27.39 -31.05 -54.86
CA ASN H 233 27.19 -30.74 -53.45
C ASN H 233 27.36 -31.90 -52.47
N ARG H 234 27.81 -33.06 -52.97
CA ARG H 234 27.81 -34.27 -52.15
C ARG H 234 28.43 -34.14 -50.75
N ALA H 235 29.47 -33.31 -50.59
CA ALA H 235 30.03 -33.06 -49.26
C ALA H 235 28.93 -32.60 -48.29
N LEU H 236 28.14 -31.63 -48.73
CA LEU H 236 27.10 -31.06 -47.89
C LEU H 236 26.07 -32.11 -47.43
N ALA H 237 26.17 -33.34 -47.95
CA ALA H 237 25.29 -34.42 -47.51
C ALA H 237 25.40 -34.65 -46.01
N HIS H 238 26.42 -34.09 -45.37
CA HIS H 238 26.53 -34.26 -43.92
C HIS H 238 25.57 -33.39 -43.11
N TYR H 239 25.18 -32.25 -43.69
CA TYR H 239 24.30 -31.30 -43.01
C TYR H 239 22.92 -31.88 -42.77
N ARG H 240 22.54 -32.87 -43.57
CA ARG H 240 21.24 -33.52 -43.41
C ARG H 240 21.24 -34.32 -42.11
N TRP H 241 20.29 -34.04 -41.22
CA TRP H 241 20.27 -34.68 -39.90
C TRP H 241 19.28 -35.87 -39.81
N TRP H 242 18.57 -36.15 -40.89
CA TRP H 242 17.56 -37.19 -40.86
C TRP H 242 17.81 -38.27 -41.91
N THR I 70 -37.29 -30.98 1.30
CA THR I 70 -37.80 -30.99 -0.07
C THR I 70 -38.69 -32.22 -0.30
N VAL I 71 -39.06 -32.92 0.78
CA VAL I 71 -39.91 -34.10 0.65
C VAL I 71 -41.39 -33.73 0.52
N ASP I 72 -41.81 -32.74 1.31
CA ASP I 72 -43.17 -32.21 1.24
C ASP I 72 -43.48 -31.70 -0.16
N PHE I 73 -42.46 -31.11 -0.77
CA PHE I 73 -42.56 -30.64 -2.13
C PHE I 73 -42.96 -31.79 -3.02
N ILE I 74 -42.15 -32.85 -3.03
CA ILE I 74 -42.41 -33.99 -3.90
C ILE I 74 -43.80 -34.58 -3.66
N LYS I 75 -44.19 -34.72 -2.39
CA LYS I 75 -45.53 -35.22 -2.10
C LYS I 75 -46.60 -34.34 -2.76
N LYS I 76 -46.56 -33.04 -2.47
CA LYS I 76 -47.51 -32.10 -3.06
C LYS I 76 -47.55 -32.19 -4.59
N GLN I 77 -46.36 -32.15 -5.19
CA GLN I 77 -46.22 -32.18 -6.64
C GLN I 77 -46.88 -33.41 -7.24
N ILE I 78 -46.79 -34.53 -6.53
CA ILE I 78 -47.44 -35.74 -6.99
C ILE I 78 -48.97 -35.64 -6.85
N GLU I 79 -49.43 -35.05 -5.74
CA GLU I 79 -50.86 -34.80 -5.57
C GLU I 79 -51.44 -34.02 -6.74
N GLU I 80 -50.80 -32.89 -7.03
CA GLU I 80 -51.27 -31.97 -8.05
C GLU I 80 -51.04 -32.49 -9.47
N PHE I 81 -50.03 -33.33 -9.66
CA PHE I 81 -49.87 -34.01 -10.93
C PHE I 81 -51.03 -34.99 -11.16
N ASN I 82 -51.52 -35.64 -10.10
CA ASN I 82 -52.64 -36.58 -10.25
C ASN I 82 -53.97 -35.86 -10.45
N ILE I 83 -54.22 -34.84 -9.66
CA ILE I 83 -55.38 -33.96 -9.85
C ILE I 83 -55.40 -33.37 -11.27
N GLY I 84 -54.25 -32.82 -11.66
CA GLY I 84 -54.09 -32.26 -12.98
C GLY I 84 -54.33 -33.28 -14.09
N LYS I 85 -53.73 -34.46 -13.97
CA LYS I 85 -53.91 -35.52 -14.97
C LYS I 85 -55.38 -35.88 -15.12
N ARG I 86 -56.10 -35.86 -13.99
CA ARG I 86 -57.54 -36.03 -14.03
C ARG I 86 -58.18 -34.91 -14.87
N HIS I 87 -57.91 -33.66 -14.51
CA HIS I 87 -58.47 -32.51 -15.25
C HIS I 87 -58.23 -32.59 -16.76
N LEU I 88 -56.98 -32.82 -17.11
CA LEU I 88 -56.56 -32.89 -18.50
C LEU I 88 -57.32 -33.97 -19.22
N ALA I 89 -57.34 -35.17 -18.63
CA ALA I 89 -58.09 -36.27 -19.21
C ALA I 89 -59.56 -35.87 -19.43
N ASN I 90 -60.08 -34.99 -18.58
CA ASN I 90 -61.46 -34.54 -18.74
C ASN I 90 -61.72 -33.64 -19.97
N MET I 91 -60.87 -32.64 -20.17
CA MET I 91 -61.06 -31.67 -21.28
C MET I 91 -60.77 -32.31 -22.62
N MET I 92 -59.73 -33.13 -22.67
CA MET I 92 -59.38 -33.89 -23.86
C MET I 92 -60.44 -34.97 -24.16
N GLY I 93 -61.36 -35.17 -23.22
CA GLY I 93 -62.50 -36.04 -23.40
C GLY I 93 -62.15 -37.51 -23.42
N GLU I 94 -61.24 -37.92 -22.55
CA GLU I 94 -60.77 -39.30 -22.53
C GLU I 94 -60.97 -39.93 -21.17
N ASP I 95 -60.87 -41.26 -21.11
CA ASP I 95 -60.99 -42.01 -19.87
C ASP I 95 -59.78 -41.79 -18.97
N PRO I 96 -59.99 -41.24 -17.76
CA PRO I 96 -58.91 -40.93 -16.82
C PRO I 96 -58.02 -42.12 -16.43
N GLU I 97 -58.53 -43.34 -16.58
CA GLU I 97 -57.78 -44.54 -16.22
C GLU I 97 -56.77 -44.98 -17.30
N THR I 98 -57.18 -44.90 -18.56
CA THR I 98 -56.37 -45.38 -19.68
C THR I 98 -55.44 -44.29 -20.22
N PHE I 99 -55.42 -43.14 -19.55
CA PHE I 99 -54.52 -42.03 -19.90
C PHE I 99 -53.06 -42.37 -19.61
N THR I 100 -52.19 -42.25 -20.61
CA THR I 100 -50.79 -42.62 -20.46
C THR I 100 -49.93 -41.37 -20.50
N GLN I 101 -48.62 -41.50 -20.35
CA GLN I 101 -47.74 -40.37 -20.55
C GLN I 101 -47.79 -39.98 -22.03
N GLU I 102 -47.77 -41.00 -22.88
CA GLU I 102 -47.89 -40.82 -24.32
C GLU I 102 -49.07 -39.92 -24.69
N ASP I 103 -50.17 -40.07 -23.96
CA ASP I 103 -51.39 -39.32 -24.21
C ASP I 103 -51.30 -37.91 -23.64
N ILE I 104 -50.72 -37.80 -22.44
CA ILE I 104 -50.47 -36.51 -21.82
C ILE I 104 -49.71 -35.59 -22.78
N ASP I 105 -48.66 -36.15 -23.39
CA ASP I 105 -47.84 -35.40 -24.32
C ASP I 105 -48.63 -34.84 -25.51
N ARG I 106 -49.35 -35.70 -26.23
CA ARG I 106 -50.18 -35.25 -27.35
C ARG I 106 -51.14 -34.15 -26.89
N ALA I 107 -51.68 -34.33 -25.69
CA ALA I 107 -52.62 -33.37 -25.14
C ALA I 107 -52.01 -31.98 -24.92
N ILE I 108 -50.80 -31.94 -24.36
CA ILE I 108 -50.14 -30.64 -24.16
C ILE I 108 -49.69 -30.02 -25.48
N ALA I 109 -49.02 -30.83 -26.28
CA ALA I 109 -48.56 -30.44 -27.60
C ALA I 109 -49.69 -29.79 -28.37
N TYR I 110 -50.90 -30.32 -28.22
CA TYR I 110 -52.03 -29.70 -28.87
C TYR I 110 -52.55 -28.47 -28.11
N LEU I 111 -52.46 -28.47 -26.80
CA LEU I 111 -53.00 -27.34 -26.05
C LEU I 111 -52.05 -26.13 -25.98
N PHE I 112 -50.77 -26.41 -25.75
CA PHE I 112 -49.74 -25.36 -25.71
C PHE I 112 -48.67 -25.64 -26.77
N PRO I 113 -48.95 -25.31 -28.03
CA PRO I 113 -48.12 -25.61 -29.20
C PRO I 113 -46.92 -24.69 -29.33
N SER I 114 -45.81 -25.00 -28.67
CA SER I 114 -44.63 -24.17 -28.83
C SER I 114 -43.72 -24.72 -29.89
N GLY I 115 -43.62 -24.02 -31.02
CA GLY I 115 -42.45 -24.22 -31.83
C GLY I 115 -41.32 -23.57 -31.07
N LEU I 116 -40.34 -24.38 -30.67
CA LEU I 116 -39.03 -23.92 -30.26
C LEU I 116 -38.17 -25.10 -30.63
N PHE I 117 -36.98 -24.87 -31.16
CA PHE I 117 -36.23 -25.99 -31.69
C PHE I 117 -35.71 -26.90 -30.59
N GLU I 118 -35.38 -26.30 -29.44
CA GLU I 118 -34.86 -27.07 -28.32
C GLU I 118 -35.99 -27.79 -27.61
N LYS I 119 -35.92 -29.12 -27.54
CA LYS I 119 -37.08 -29.85 -27.06
C LYS I 119 -37.24 -29.76 -25.56
N ARG I 120 -36.16 -29.41 -24.87
CA ARG I 120 -36.23 -29.30 -23.42
C ARG I 120 -36.92 -28.01 -22.94
N ALA I 121 -37.13 -27.07 -23.86
CA ALA I 121 -37.69 -25.77 -23.49
C ALA I 121 -39.19 -25.69 -23.74
N ARG I 122 -39.76 -26.77 -24.27
CA ARG I 122 -41.18 -26.79 -24.63
C ARG I 122 -41.99 -27.22 -23.42
N PRO I 123 -43.31 -26.95 -23.43
CA PRO I 123 -44.14 -27.24 -22.26
C PRO I 123 -44.24 -28.71 -21.90
N ILE I 124 -44.16 -28.97 -20.60
CA ILE I 124 -44.09 -30.32 -20.08
C ILE I 124 -44.95 -30.45 -18.85
N MET I 125 -45.79 -31.48 -18.82
CA MET I 125 -46.40 -31.94 -17.58
C MET I 125 -46.00 -33.39 -17.38
N LYS I 126 -45.18 -33.66 -16.36
CA LYS I 126 -44.70 -35.01 -16.14
C LYS I 126 -44.67 -35.38 -14.66
N HIS I 127 -44.54 -36.67 -14.39
CA HIS I 127 -44.46 -37.15 -13.02
C HIS I 127 -43.21 -36.59 -12.35
N PRO I 128 -43.38 -35.89 -11.22
CA PRO I 128 -42.33 -35.15 -10.53
C PRO I 128 -41.06 -35.94 -10.26
N GLU I 129 -41.14 -37.26 -10.21
CA GLU I 129 -39.96 -38.09 -10.03
C GLU I 129 -39.01 -37.99 -11.24
N GLU I 130 -39.57 -37.88 -12.43
CA GLU I 130 -38.79 -37.76 -13.68
C GLU I 130 -38.28 -36.34 -13.87
N ILE I 131 -39.10 -35.38 -13.45
CA ILE I 131 -38.78 -33.96 -13.54
C ILE I 131 -37.68 -33.54 -12.56
N PHE I 132 -37.86 -33.84 -11.28
CA PHE I 132 -36.89 -33.46 -10.27
C PHE I 132 -35.72 -34.45 -10.21
N PRO I 133 -34.52 -33.96 -9.84
CA PRO I 133 -33.36 -34.84 -9.72
C PRO I 133 -33.39 -35.64 -8.41
N LYS I 134 -32.77 -36.82 -8.41
CA LYS I 134 -32.72 -37.68 -7.22
C LYS I 134 -32.04 -36.96 -6.06
N GLN I 135 -32.52 -37.23 -4.87
CA GLN I 135 -31.99 -36.59 -3.67
C GLN I 135 -31.26 -37.56 -2.75
N ARG I 136 -30.10 -37.14 -2.29
CA ARG I 136 -29.42 -37.83 -1.20
C ARG I 136 -30.38 -37.81 -0.03
N ALA I 137 -30.67 -38.97 0.57
CA ALA I 137 -31.60 -39.00 1.71
C ALA I 137 -30.91 -38.40 2.94
N ILE I 138 -31.65 -38.24 4.05
CA ILE I 138 -31.03 -37.66 5.24
C ILE I 138 -30.01 -38.65 5.79
N GLN I 139 -28.83 -38.14 6.13
CA GLN I 139 -27.71 -39.02 6.43
C GLN I 139 -27.56 -39.41 7.89
N TRP I 140 -28.34 -38.80 8.76
CA TRP I 140 -28.23 -39.12 10.17
C TRP I 140 -29.56 -38.98 10.91
N GLY I 141 -29.67 -39.66 12.05
CA GLY I 141 -30.86 -39.59 12.88
C GLY I 141 -30.98 -38.23 13.53
N GLU I 142 -31.96 -38.09 14.41
CA GLU I 142 -32.19 -36.81 15.07
C GLU I 142 -31.18 -36.56 16.19
N ASP I 143 -30.46 -37.60 16.58
CA ASP I 143 -29.44 -37.50 17.61
C ASP I 143 -28.09 -37.07 17.04
N GLY I 144 -27.94 -37.15 15.72
CA GLY I 144 -26.69 -36.75 15.08
C GLY I 144 -25.82 -37.90 14.57
N ARG I 145 -26.08 -39.11 15.05
CA ARG I 145 -25.31 -40.25 14.59
C ARG I 145 -25.68 -40.55 13.16
N PRO I 146 -24.69 -40.57 12.26
CA PRO I 146 -24.83 -40.92 10.85
C PRO I 146 -25.18 -42.38 10.66
N PHE I 147 -26.11 -42.67 9.76
CA PHE I 147 -26.66 -44.03 9.62
C PHE I 147 -25.63 -45.01 9.09
N HIS I 148 -24.92 -44.60 8.05
CA HIS I 148 -24.02 -45.51 7.38
C HIS I 148 -22.57 -45.39 7.87
N PHE I 149 -21.91 -46.52 8.12
CA PHE I 149 -20.64 -46.50 8.82
C PHE I 149 -19.50 -45.84 8.05
N LEU I 150 -19.70 -45.60 6.76
CA LEU I 150 -18.69 -44.95 5.96
C LEU I 150 -18.90 -43.46 5.77
N PHE I 151 -19.88 -42.91 6.48
CA PHE I 151 -20.32 -41.55 6.26
C PHE I 151 -19.20 -40.54 6.17
N TYR I 152 -18.31 -40.59 7.13
CA TYR I 152 -17.25 -39.59 7.22
C TYR I 152 -16.28 -39.61 6.05
N THR I 153 -16.39 -40.57 5.14
CA THR I 153 -15.52 -40.59 3.97
C THR I 153 -15.93 -39.53 2.97
N GLY I 154 -17.15 -39.05 3.09
CA GLY I 154 -17.63 -37.98 2.23
C GLY I 154 -18.26 -38.56 0.98
N LYS I 155 -17.81 -39.74 0.59
CA LYS I 155 -18.57 -40.52 -0.36
C LYS I 155 -18.93 -41.82 0.31
N GLN I 156 -20.16 -41.99 0.75
CA GLN I 156 -20.48 -43.26 1.37
C GLN I 156 -20.82 -44.24 0.27
N SER I 157 -21.60 -43.78 -0.69
CA SER I 157 -22.16 -44.65 -1.70
C SER I 157 -21.06 -45.39 -2.42
N TYR I 158 -20.10 -44.63 -2.95
CA TYR I 158 -19.04 -45.21 -3.73
C TYR I 158 -18.13 -46.13 -2.92
N TYR I 159 -17.77 -45.72 -1.71
CA TYR I 159 -16.83 -46.55 -0.97
C TYR I 159 -17.49 -47.79 -0.38
N SER I 160 -18.82 -47.76 -0.27
CA SER I 160 -19.54 -48.96 0.14
C SER I 160 -19.44 -49.97 -0.96
N LEU I 161 -19.79 -49.53 -2.16
CA LEU I 161 -19.67 -50.33 -3.35
C LEU I 161 -18.30 -50.98 -3.44
N MET I 162 -17.27 -50.17 -3.25
CA MET I 162 -15.92 -50.70 -3.26
C MET I 162 -15.72 -51.71 -2.14
N HIS I 163 -16.35 -51.46 -1.00
CA HIS I 163 -16.16 -52.33 0.16
C HIS I 163 -16.77 -53.72 -0.07
N ASP I 164 -17.99 -53.74 -0.58
CA ASP I 164 -18.72 -54.97 -0.81
C ASP I 164 -18.15 -55.72 -1.99
N THR I 165 -17.73 -54.98 -3.01
CA THR I 165 -17.06 -55.59 -4.13
C THR I 165 -15.81 -56.31 -3.67
N TYR I 166 -14.96 -55.61 -2.94
CA TYR I 166 -13.74 -56.23 -2.45
C TYR I 166 -14.05 -57.42 -1.54
N GLY I 167 -15.15 -57.31 -0.81
CA GLY I 167 -15.57 -58.36 0.10
C GLY I 167 -15.91 -59.62 -0.66
N LYS I 168 -16.66 -59.45 -1.74
CA LYS I 168 -17.02 -60.55 -2.62
C LYS I 168 -15.79 -61.15 -3.28
N LEU I 169 -14.81 -60.31 -3.59
CA LEU I 169 -13.56 -60.82 -4.14
C LEU I 169 -12.87 -61.75 -3.15
N LEU I 170 -12.73 -61.29 -1.91
CA LEU I 170 -12.12 -62.12 -0.85
C LEU I 170 -12.87 -63.42 -0.65
N ASP I 171 -14.19 -63.32 -0.62
CA ASP I 171 -15.07 -64.47 -0.48
C ASP I 171 -14.76 -65.52 -1.56
N VAL I 172 -14.79 -65.07 -2.82
CA VAL I 172 -14.42 -65.90 -3.95
C VAL I 172 -13.06 -66.56 -3.76
N GLU I 173 -12.08 -65.79 -3.32
CA GLU I 173 -10.75 -66.34 -3.10
C GLU I 173 -10.76 -67.46 -2.05
N LYS I 174 -11.44 -67.24 -0.93
CA LYS I 174 -11.54 -68.24 0.13
C LYS I 174 -12.17 -69.53 -0.37
N HIS I 175 -13.40 -69.39 -0.87
CA HIS I 175 -14.17 -70.53 -1.35
C HIS I 175 -13.41 -71.32 -2.41
N HIS I 176 -12.83 -70.61 -3.37
CA HIS I 176 -12.07 -71.26 -4.43
C HIS I 176 -10.79 -71.90 -3.91
N ASN I 177 -10.24 -71.40 -2.81
CA ASN I 177 -9.06 -72.02 -2.22
C ASN I 177 -9.41 -73.31 -1.48
N GLN I 178 -10.55 -73.32 -0.78
CA GLN I 178 -11.08 -74.54 -0.16
C GLN I 178 -11.33 -75.59 -1.23
N LEU I 179 -11.89 -75.15 -2.36
CA LEU I 179 -12.13 -76.05 -3.49
C LEU I 179 -10.82 -76.45 -4.20
N ARG I 180 -9.75 -75.67 -4.01
CA ARG I 180 -8.43 -76.07 -4.50
C ARG I 180 -7.85 -77.17 -3.62
N ALA I 181 -8.12 -77.10 -2.32
CA ALA I 181 -7.64 -78.10 -1.36
C ALA I 181 -8.47 -79.39 -1.38
N LYS I 182 -9.70 -79.30 -1.87
CA LYS I 182 -10.59 -80.46 -2.02
C LYS I 182 -10.52 -81.11 -3.41
N ASP I 183 -9.60 -80.62 -4.25
CA ASP I 183 -9.41 -81.07 -5.64
C ASP I 183 -10.65 -80.82 -6.51
N LEU I 184 -11.21 -79.62 -6.39
CA LEU I 184 -12.37 -79.23 -7.18
C LEU I 184 -12.20 -77.85 -7.85
N LEU I 185 -12.16 -77.83 -9.18
CA LEU I 185 -12.51 -76.62 -9.90
C LEU I 185 -13.80 -76.94 -10.64
N ALA I 186 -14.93 -76.53 -10.06
CA ALA I 186 -16.24 -76.85 -10.62
C ALA I 186 -16.87 -75.68 -11.38
N GLU I 187 -16.20 -74.53 -11.35
CA GLU I 187 -16.76 -73.32 -11.92
C GLU I 187 -16.38 -73.17 -13.39
N LYS I 188 -16.89 -72.11 -14.01
CA LYS I 188 -16.60 -71.82 -15.41
C LYS I 188 -16.32 -70.33 -15.58
N THR I 189 -15.80 -69.96 -16.74
CA THR I 189 -15.57 -68.55 -17.04
C THR I 189 -16.79 -67.94 -17.75
N LYS I 190 -17.49 -67.06 -17.04
CA LYS I 190 -18.67 -66.39 -17.55
C LYS I 190 -18.29 -65.05 -18.16
N ILE I 191 -16.97 -64.82 -18.21
CA ILE I 191 -16.41 -63.52 -18.59
C ILE I 191 -16.57 -63.19 -20.07
N LEU I 192 -16.98 -64.15 -20.89
CA LEU I 192 -17.26 -63.83 -22.27
C LEU I 192 -18.77 -63.76 -22.50
N LYS I 193 -19.28 -62.52 -22.51
CA LYS I 193 -20.65 -62.22 -22.93
C LYS I 193 -20.68 -61.58 -24.32
N ASP I 194 -19.50 -61.47 -24.95
CA ASP I 194 -19.31 -60.67 -26.17
C ASP I 194 -20.39 -60.83 -27.28
N PRO I 195 -20.93 -62.06 -27.51
CA PRO I 195 -22.07 -62.14 -28.45
C PRO I 195 -23.33 -61.37 -28.01
N ILE I 196 -23.55 -61.21 -26.71
CA ILE I 196 -24.66 -60.41 -26.17
C ILE I 196 -24.40 -58.91 -26.39
N GLY I 197 -23.17 -58.60 -26.79
CA GLY I 197 -22.74 -57.22 -26.90
C GLY I 197 -22.78 -56.60 -25.53
N SER I 198 -22.07 -57.19 -24.57
CA SER I 198 -22.05 -56.66 -23.21
C SER I 198 -20.91 -55.68 -23.02
N ARG I 199 -21.19 -54.61 -22.29
CA ARG I 199 -20.20 -53.62 -21.92
C ARG I 199 -20.42 -53.25 -20.47
N TRP I 200 -19.45 -52.54 -19.90
CA TRP I 200 -19.58 -51.97 -18.57
C TRP I 200 -20.48 -50.74 -18.58
N LEU I 201 -20.98 -50.33 -17.42
CA LEU I 201 -21.67 -49.06 -17.33
C LEU I 201 -20.74 -47.93 -17.71
N ILE I 202 -21.29 -46.82 -18.18
CA ILE I 202 -20.45 -45.64 -18.30
C ILE I 202 -20.33 -45.03 -16.91
N LYS I 203 -19.49 -44.01 -16.79
CA LYS I 203 -19.32 -43.32 -15.53
C LYS I 203 -20.61 -42.61 -15.17
N GLU I 204 -21.28 -42.09 -16.20
CA GLU I 204 -22.55 -41.41 -16.03
C GLU I 204 -23.60 -42.32 -15.37
N GLU I 205 -23.66 -43.57 -15.84
CA GLU I 205 -24.63 -44.53 -15.34
C GLU I 205 -24.40 -44.87 -13.88
N LEU I 206 -23.18 -45.29 -13.57
CA LEU I 206 -22.75 -45.55 -12.20
C LEU I 206 -23.07 -44.38 -11.29
N GLU I 207 -22.75 -43.17 -11.75
CA GLU I 207 -23.02 -41.93 -11.03
C GLU I 207 -24.52 -41.75 -10.76
N GLU I 208 -25.34 -42.26 -11.66
CA GLU I 208 -26.78 -42.23 -11.48
C GLU I 208 -27.29 -43.33 -10.50
N MET I 209 -26.55 -44.43 -10.42
CA MET I 209 -26.92 -45.60 -9.60
C MET I 209 -26.57 -45.43 -8.11
N LEU I 210 -25.57 -44.62 -7.81
CA LEU I 210 -25.21 -44.29 -6.44
C LEU I 210 -25.78 -42.98 -5.94
N VAL I 211 -26.44 -42.24 -6.83
CA VAL I 211 -26.94 -40.89 -6.53
C VAL I 211 -25.78 -40.04 -5.97
N GLU I 212 -24.64 -40.14 -6.61
CA GLU I 212 -23.46 -39.43 -6.15
C GLU I 212 -22.49 -39.09 -7.28
N LYS I 213 -21.87 -37.90 -7.23
CA LYS I 213 -20.83 -37.56 -8.21
C LYS I 213 -19.63 -38.48 -8.05
N LEU I 214 -18.92 -38.75 -9.16
CA LEU I 214 -17.72 -39.58 -9.11
C LEU I 214 -16.57 -38.93 -9.85
N SER I 215 -15.38 -39.51 -9.71
CA SER I 215 -14.20 -39.03 -10.41
C SER I 215 -13.77 -40.05 -11.43
N ASP I 216 -13.03 -39.63 -12.44
CA ASP I 216 -12.60 -40.55 -13.48
C ASP I 216 -11.74 -41.67 -12.91
N GLN I 217 -10.78 -41.32 -12.07
CA GLN I 217 -9.95 -42.35 -11.45
C GLN I 217 -10.79 -43.26 -10.54
N ASP I 218 -11.86 -42.72 -9.96
CA ASP I 218 -12.78 -43.54 -9.14
C ASP I 218 -13.41 -44.64 -9.96
N TYR I 219 -14.10 -44.21 -10.99
CA TYR I 219 -14.76 -45.10 -11.93
C TYR I 219 -13.77 -46.15 -12.40
N ALA I 220 -12.59 -45.68 -12.79
CA ALA I 220 -11.53 -46.55 -13.23
C ALA I 220 -11.23 -47.63 -12.20
N GLN I 221 -11.00 -47.20 -10.96
CA GLN I 221 -10.70 -48.13 -9.86
C GLN I 221 -11.74 -49.22 -9.76
N PHE I 222 -12.99 -48.78 -9.68
CA PHE I 222 -14.10 -49.70 -9.52
C PHE I 222 -14.13 -50.73 -10.64
N ILE I 223 -14.11 -50.25 -11.88
CA ILE I 223 -14.14 -51.13 -13.03
C ILE I 223 -13.00 -52.14 -12.98
N ARG I 224 -11.80 -51.66 -12.69
CA ARG I 224 -10.66 -52.56 -12.58
C ARG I 224 -10.94 -53.66 -11.56
N LEU I 225 -11.62 -53.29 -10.48
CA LEU I 225 -11.92 -54.26 -9.44
C LEU I 225 -12.91 -55.32 -9.93
N LEU I 226 -13.97 -54.88 -10.61
CA LEU I 226 -14.93 -55.80 -11.19
C LEU I 226 -14.22 -56.77 -12.14
N GLU I 227 -13.28 -56.24 -12.91
CA GLU I 227 -12.46 -57.07 -13.76
C GLU I 227 -11.75 -58.15 -12.95
N ARG I 228 -11.05 -57.76 -11.89
CA ARG I 228 -10.41 -58.74 -10.99
C ARG I 228 -11.38 -59.83 -10.54
N LEU I 229 -12.60 -59.40 -10.24
CA LEU I 229 -13.64 -60.31 -9.78
C LEU I 229 -13.96 -61.35 -10.84
N SER I 230 -14.34 -60.87 -12.02
CA SER I 230 -14.82 -61.74 -13.09
C SER I 230 -13.73 -62.69 -13.61
N ALA I 231 -12.47 -62.32 -13.36
CA ALA I 231 -11.32 -63.11 -13.83
C ALA I 231 -11.07 -64.37 -12.97
N LEU I 232 -11.84 -64.51 -11.90
CA LEU I 232 -11.76 -65.69 -11.03
C LEU I 232 -12.94 -66.63 -11.26
N PRO I 233 -12.97 -67.79 -10.57
CA PRO I 233 -14.20 -68.61 -10.59
C PRO I 233 -15.44 -67.84 -10.10
N CYS I 234 -16.51 -67.86 -10.89
CA CYS I 234 -17.69 -67.04 -10.61
C CYS I 234 -18.74 -67.80 -9.81
N GLY I 235 -19.07 -67.31 -8.62
CA GLY I 235 -20.18 -67.83 -7.86
C GLY I 235 -21.50 -67.34 -8.46
N ALA I 236 -22.62 -67.86 -7.95
CA ALA I 236 -23.95 -67.46 -8.44
C ALA I 236 -24.29 -66.03 -8.02
N THR I 237 -24.17 -65.76 -6.72
CA THR I 237 -24.38 -64.42 -6.17
C THR I 237 -23.35 -63.44 -6.72
N GLU I 238 -22.18 -63.96 -7.09
CA GLU I 238 -21.11 -63.16 -7.69
C GLU I 238 -21.46 -62.76 -9.11
N GLU I 239 -21.86 -63.73 -9.91
CA GLU I 239 -22.31 -63.47 -11.28
C GLU I 239 -23.44 -62.45 -11.27
N ASP I 240 -24.45 -62.71 -10.44
CA ASP I 240 -25.56 -61.78 -10.28
C ASP I 240 -25.08 -60.40 -9.85
N PHE I 241 -24.06 -60.37 -8.99
CA PHE I 241 -23.53 -59.11 -8.52
C PHE I 241 -22.90 -58.31 -9.65
N VAL I 242 -21.97 -58.91 -10.38
CA VAL I 242 -21.28 -58.19 -11.46
C VAL I 242 -22.22 -57.85 -12.59
N ASN I 243 -23.37 -58.51 -12.65
CA ASN I 243 -24.25 -58.26 -13.77
C ASN I 243 -25.20 -57.07 -13.59
N ARG I 244 -25.17 -56.43 -12.43
CA ARG I 244 -25.86 -55.15 -12.33
C ARG I 244 -25.11 -54.14 -13.16
N PHE I 245 -23.80 -54.37 -13.26
CA PHE I 245 -22.88 -53.42 -13.85
C PHE I 245 -22.65 -53.69 -15.33
N ARG I 246 -23.45 -54.62 -15.83
CA ARG I 246 -23.50 -54.89 -17.26
C ARG I 246 -24.56 -54.01 -17.92
N ARG I 247 -24.26 -53.61 -19.14
CA ARG I 247 -25.29 -53.19 -20.07
C ARG I 247 -25.05 -53.95 -21.36
N SER I 248 -26.04 -53.99 -22.22
CA SER I 248 -25.85 -54.62 -23.51
C SER I 248 -25.93 -53.56 -24.59
N ILE I 249 -24.90 -53.51 -25.43
CA ILE I 249 -24.95 -52.61 -26.57
C ILE I 249 -25.95 -53.16 -27.57
N PRO I 250 -26.79 -52.27 -28.12
CA PRO I 250 -27.89 -52.69 -28.99
C PRO I 250 -27.38 -53.33 -30.28
N ILE I 251 -28.31 -53.68 -31.17
CA ILE I 251 -27.99 -54.44 -32.37
C ILE I 251 -26.87 -53.82 -33.22
N GLN I 252 -25.84 -54.60 -33.48
CA GLN I 252 -24.86 -54.20 -34.46
C GLN I 252 -24.91 -55.14 -35.64
N SER I 253 -25.56 -54.70 -36.72
CA SER I 253 -25.45 -55.34 -38.01
C SER I 253 -25.61 -54.23 -39.04
N LYS I 254 -24.74 -54.21 -40.03
CA LYS I 254 -24.87 -53.21 -41.07
C LYS I 254 -25.52 -53.73 -42.34
N LYS I 255 -25.93 -54.99 -42.31
CA LYS I 255 -26.60 -55.60 -43.46
C LYS I 255 -27.76 -54.73 -43.91
N GLN I 256 -27.90 -54.60 -45.23
CA GLN I 256 -28.94 -53.73 -45.79
C GLN I 256 -30.32 -54.37 -45.68
N LEU I 257 -31.33 -53.62 -46.09
CA LEU I 257 -32.69 -54.14 -46.14
C LEU I 257 -33.05 -54.36 -47.59
N ILE I 258 -33.11 -55.63 -47.97
CA ILE I 258 -33.37 -56.02 -49.34
C ILE I 258 -34.78 -55.60 -49.75
N GLU I 259 -34.87 -54.89 -50.88
CA GLU I 259 -36.16 -54.59 -51.47
C GLU I 259 -36.81 -55.88 -51.96
N PRO I 260 -38.02 -56.17 -51.49
CA PRO I 260 -38.76 -57.32 -52.02
C PRO I 260 -38.90 -57.20 -53.55
N LEU I 261 -38.55 -58.24 -54.30
CA LEU I 261 -38.67 -58.16 -55.75
C LEU I 261 -40.15 -58.05 -56.14
N GLN I 262 -40.41 -57.48 -57.31
CA GLN I 262 -41.78 -57.10 -57.66
C GLN I 262 -42.20 -57.58 -59.05
N TYR I 263 -43.43 -58.08 -59.14
CA TYR I 263 -43.97 -58.60 -60.39
C TYR I 263 -45.19 -57.77 -60.80
N ASP I 264 -45.12 -57.13 -61.96
CA ASP I 264 -46.13 -56.13 -62.33
C ASP I 264 -46.74 -56.38 -63.71
N GLU I 265 -48.08 -56.43 -63.74
CA GLU I 265 -48.87 -56.56 -64.98
C GLU I 265 -48.32 -57.60 -65.94
N GLN I 266 -48.29 -58.86 -65.50
CA GLN I 266 -47.79 -59.98 -66.30
C GLN I 266 -46.30 -59.87 -66.60
N GLY I 267 -45.70 -58.70 -66.31
CA GLY I 267 -44.27 -58.52 -66.45
C GLY I 267 -43.60 -59.04 -65.21
N MET I 268 -42.46 -59.69 -65.40
CA MET I 268 -41.78 -60.33 -64.28
C MET I 268 -40.54 -59.59 -63.86
N ALA I 269 -40.30 -59.58 -62.56
CA ALA I 269 -39.00 -59.22 -62.04
C ALA I 269 -38.54 -57.82 -62.43
N PHE I 270 -39.14 -56.83 -61.81
CA PHE I 270 -38.61 -55.48 -61.88
C PHE I 270 -38.38 -54.96 -60.45
N SER I 271 -37.28 -54.24 -60.25
CA SER I 271 -36.98 -53.67 -58.96
C SER I 271 -36.77 -52.16 -59.03
N ARG I 272 -36.95 -51.49 -57.89
CA ARG I 272 -36.86 -50.04 -57.87
C ARG I 272 -35.73 -49.57 -56.93
N GLY I 273 -35.18 -48.40 -57.23
CA GLY I 273 -34.21 -47.78 -56.34
C GLY I 273 -34.13 -46.28 -56.54
N GLU I 274 -33.74 -45.57 -55.49
CA GLU I 274 -33.69 -44.11 -55.53
C GLU I 274 -32.39 -43.56 -55.00
N GLY I 275 -31.62 -42.95 -55.88
CA GLY I 275 -30.40 -42.28 -55.49
C GLY I 275 -30.56 -40.78 -55.31
N LYS I 276 -29.71 -40.22 -54.48
CA LYS I 276 -29.67 -38.78 -54.28
C LYS I 276 -28.20 -38.38 -54.23
N ARG I 277 -27.77 -37.54 -55.16
CA ARG I 277 -26.46 -36.96 -55.00
C ARG I 277 -26.46 -35.49 -55.36
N LYS I 278 -26.14 -34.63 -54.39
CA LYS I 278 -25.76 -33.26 -54.66
C LYS I 278 -26.77 -32.53 -55.52
N THR I 279 -27.96 -32.25 -54.99
CA THR I 279 -28.99 -31.53 -55.75
C THR I 279 -29.57 -32.32 -56.93
N ALA I 280 -29.06 -33.53 -57.17
CA ALA I 280 -29.66 -34.38 -58.19
C ALA I 280 -30.41 -35.56 -57.55
N LYS I 281 -31.67 -35.76 -57.96
CA LYS I 281 -32.44 -36.91 -57.54
C LYS I 281 -32.63 -37.87 -58.70
N ALA I 282 -32.52 -39.17 -58.45
CA ALA I 282 -32.72 -40.16 -59.51
C ALA I 282 -33.57 -41.34 -59.05
N GLU I 283 -34.61 -41.66 -59.82
CA GLU I 283 -35.41 -42.87 -59.61
C GLU I 283 -35.17 -43.84 -60.76
N VAL I 284 -34.67 -45.03 -60.41
CA VAL I 284 -34.34 -46.03 -61.41
C VAL I 284 -35.14 -47.30 -61.22
N VAL I 285 -35.83 -47.69 -62.28
CA VAL I 285 -36.52 -48.97 -62.32
C VAL I 285 -35.75 -49.92 -63.25
N VAL I 286 -35.38 -51.09 -62.74
CA VAL I 286 -34.64 -52.06 -63.54
C VAL I 286 -35.45 -53.34 -63.78
N TYR I 287 -35.46 -53.82 -65.03
CA TYR I 287 -36.12 -55.07 -65.39
C TYR I 287 -35.09 -56.16 -65.60
N GLY I 288 -35.27 -57.27 -64.90
CA GLY I 288 -34.36 -58.39 -65.00
C GLY I 288 -34.56 -59.16 -66.29
N GLN I 289 -35.76 -59.05 -66.85
CA GLN I 289 -36.15 -59.84 -68.00
C GLN I 289 -35.68 -59.30 -69.35
N GLY I 290 -35.05 -58.12 -69.34
CA GLY I 290 -34.71 -57.46 -70.59
C GLY I 290 -33.28 -57.65 -71.04
N SER I 291 -32.96 -57.14 -72.24
CA SER I 291 -31.58 -57.07 -72.72
C SER I 291 -30.90 -55.81 -72.21
N GLY I 292 -29.60 -55.66 -72.45
CA GLY I 292 -28.93 -54.45 -72.01
C GLY I 292 -29.27 -53.20 -72.81
N ARG I 293 -29.94 -52.25 -72.14
CA ARG I 293 -30.06 -50.86 -72.60
C ARG I 293 -30.53 -50.00 -71.43
N ILE I 294 -30.35 -48.68 -71.55
CA ILE I 294 -30.71 -47.76 -70.48
C ILE I 294 -31.40 -46.51 -71.04
N ASP I 295 -32.61 -46.25 -70.56
CA ASP I 295 -33.37 -45.07 -71.00
C ASP I 295 -33.54 -44.06 -69.88
N VAL I 296 -32.85 -42.93 -70.01
CA VAL I 296 -32.85 -41.90 -68.99
C VAL I 296 -33.68 -40.71 -69.47
N ASN I 297 -34.76 -40.42 -68.74
CA ASN I 297 -35.69 -39.35 -69.10
C ASN I 297 -36.21 -39.50 -70.53
N GLY I 298 -36.52 -40.74 -70.90
CA GLY I 298 -37.13 -41.03 -72.19
C GLY I 298 -36.20 -41.04 -73.38
N VAL I 299 -34.89 -40.90 -73.16
CA VAL I 299 -33.93 -40.95 -74.26
C VAL I 299 -32.81 -41.96 -73.96
N ASP I 300 -32.02 -42.30 -74.97
CA ASP I 300 -30.93 -43.26 -74.83
C ASP I 300 -29.79 -42.70 -73.98
N TYR I 301 -29.11 -43.57 -73.25
CA TYR I 301 -28.10 -43.14 -72.28
C TYR I 301 -26.82 -42.62 -72.94
N LEU I 302 -26.63 -42.93 -74.22
CA LEU I 302 -25.50 -42.38 -74.96
C LEU I 302 -25.78 -40.94 -75.36
N LEU I 303 -27.06 -40.62 -75.54
CA LEU I 303 -27.48 -39.27 -75.90
C LEU I 303 -27.53 -38.34 -74.68
N TYR I 304 -28.03 -38.85 -73.57
CA TYR I 304 -28.23 -38.06 -72.36
C TYR I 304 -26.92 -37.83 -71.63
N PHE I 305 -25.97 -38.76 -71.77
CA PHE I 305 -24.67 -38.64 -71.12
C PHE I 305 -23.53 -38.65 -72.12
N PRO I 306 -23.35 -37.54 -72.86
CA PRO I 306 -22.35 -37.44 -73.93
C PRO I 306 -20.93 -37.73 -73.48
N VAL I 307 -20.63 -37.38 -72.23
CA VAL I 307 -19.30 -37.55 -71.65
C VAL I 307 -19.00 -38.99 -71.30
N THR I 308 -17.82 -39.45 -71.66
CA THR I 308 -17.41 -40.83 -71.41
C THR I 308 -17.52 -41.16 -69.93
N GLN I 309 -16.95 -40.28 -69.12
CA GLN I 309 -16.85 -40.44 -67.67
C GLN I 309 -18.18 -40.81 -67.01
N ASP I 310 -19.25 -40.18 -67.48
CA ASP I 310 -20.58 -40.42 -66.93
C ASP I 310 -21.13 -41.77 -67.38
N ARG I 311 -20.83 -42.16 -68.61
CA ARG I 311 -21.24 -43.45 -69.10
C ARG I 311 -20.53 -44.55 -68.31
N GLU I 312 -19.28 -44.30 -67.96
CA GLU I 312 -18.50 -45.24 -67.14
C GLU I 312 -19.06 -45.33 -65.74
N GLN I 313 -19.49 -44.19 -65.22
CA GLN I 313 -20.17 -44.18 -63.93
C GLN I 313 -21.42 -45.04 -63.96
N LEU I 314 -22.22 -44.90 -65.03
CA LEU I 314 -23.42 -45.73 -65.18
C LEU I 314 -23.07 -47.21 -65.34
N MET I 315 -21.87 -47.46 -65.89
CA MET I 315 -21.42 -48.81 -66.17
C MET I 315 -20.91 -49.54 -64.94
N PHE I 316 -20.36 -48.77 -64.00
CA PHE I 316 -19.68 -49.30 -62.83
C PHE I 316 -20.42 -50.46 -62.12
N PRO I 317 -21.67 -50.25 -61.68
CA PRO I 317 -22.31 -51.32 -60.90
C PRO I 317 -22.59 -52.60 -61.69
N LEU I 318 -23.04 -52.44 -62.94
CA LEU I 318 -23.31 -53.58 -63.80
C LEU I 318 -22.03 -54.35 -64.10
N HIS I 319 -20.98 -53.64 -64.50
CA HIS I 319 -19.71 -54.28 -64.78
C HIS I 319 -19.17 -54.96 -63.53
N PHE I 320 -19.51 -54.43 -62.36
CA PHE I 320 -19.08 -55.01 -61.10
C PHE I 320 -19.75 -56.36 -60.84
N LEU I 321 -21.02 -56.46 -61.21
CA LEU I 321 -21.78 -57.69 -60.96
C LEU I 321 -21.80 -58.62 -62.18
N ASP I 322 -21.13 -58.20 -63.25
CA ASP I 322 -21.08 -58.94 -64.53
C ASP I 322 -22.48 -59.13 -65.12
N ARG I 323 -23.36 -58.18 -64.84
CA ARG I 323 -24.73 -58.19 -65.31
C ARG I 323 -24.85 -57.41 -66.62
N LEU I 324 -23.69 -57.02 -67.16
CA LEU I 324 -23.59 -55.99 -68.18
C LEU I 324 -24.50 -56.12 -69.41
N GLY I 325 -24.89 -57.34 -69.76
CA GLY I 325 -25.81 -57.51 -70.86
C GLY I 325 -27.24 -57.83 -70.47
N LYS I 326 -27.46 -58.11 -69.18
CA LYS I 326 -28.66 -58.83 -68.78
C LYS I 326 -29.87 -58.01 -68.28
N HIS I 327 -29.73 -56.70 -68.18
CA HIS I 327 -30.80 -55.92 -67.54
C HIS I 327 -31.24 -54.71 -68.34
N ASP I 328 -32.48 -54.28 -68.12
CA ASP I 328 -33.06 -53.22 -68.93
C ASP I 328 -33.67 -52.11 -68.05
N MET I 329 -33.12 -50.90 -68.09
CA MET I 329 -33.46 -49.89 -67.08
C MET I 329 -34.10 -48.60 -67.61
N THR I 330 -35.04 -48.07 -66.84
CA THR I 330 -35.63 -46.76 -67.09
C THR I 330 -35.35 -45.80 -65.92
N CYS I 331 -35.06 -44.54 -66.23
CA CYS I 331 -34.64 -43.59 -65.21
C CYS I 331 -35.31 -42.23 -65.29
N ALA I 332 -35.50 -41.62 -64.13
CA ALA I 332 -35.93 -40.24 -64.02
C ALA I 332 -34.94 -39.47 -63.15
N VAL I 333 -34.19 -38.55 -63.74
CA VAL I 333 -33.21 -37.80 -62.98
C VAL I 333 -33.42 -36.30 -63.12
N SER I 334 -33.39 -35.60 -61.99
CA SER I 334 -33.66 -34.17 -62.00
C SER I 334 -32.64 -33.40 -61.17
N GLY I 335 -32.41 -32.16 -61.58
CA GLY I 335 -31.56 -31.24 -60.84
C GLY I 335 -30.09 -31.53 -61.00
N GLY I 336 -29.24 -30.69 -60.39
CA GLY I 336 -27.80 -30.86 -60.48
C GLY I 336 -27.29 -30.71 -61.91
N GLY I 337 -25.99 -30.97 -62.10
CA GLY I 337 -25.39 -30.89 -63.42
C GLY I 337 -25.31 -32.28 -64.05
N ARG I 338 -24.45 -32.46 -65.03
CA ARG I 338 -24.35 -33.74 -65.69
C ARG I 338 -23.71 -34.80 -64.79
N SER I 339 -22.55 -34.48 -64.22
CA SER I 339 -21.80 -35.41 -63.39
C SER I 339 -22.55 -35.82 -62.13
N ALA I 340 -23.29 -34.88 -61.56
CA ALA I 340 -24.10 -35.15 -60.40
C ALA I 340 -25.23 -36.13 -60.74
N GLN I 341 -25.82 -35.97 -61.91
CA GLN I 341 -26.87 -36.87 -62.36
C GLN I 341 -26.33 -38.27 -62.61
N ALA I 342 -25.17 -38.36 -63.27
CA ALA I 342 -24.52 -39.64 -63.45
C ALA I 342 -24.31 -40.31 -62.10
N GLY I 343 -23.75 -39.58 -61.13
CA GLY I 343 -23.61 -40.09 -59.78
C GLY I 343 -24.91 -40.58 -59.16
N ALA I 344 -25.98 -39.80 -59.33
CA ALA I 344 -27.30 -40.14 -58.79
C ALA I 344 -27.82 -41.46 -59.36
N VAL I 345 -27.89 -41.54 -60.69
CA VAL I 345 -28.29 -42.75 -61.39
C VAL I 345 -27.41 -43.92 -60.99
N ARG I 346 -26.13 -43.66 -60.78
CA ARG I 346 -25.19 -44.68 -60.36
C ARG I 346 -25.67 -45.31 -59.07
N LEU I 347 -25.83 -44.46 -58.06
CA LEU I 347 -26.27 -44.94 -56.77
C LEU I 347 -27.63 -45.65 -56.84
N ALA I 348 -28.59 -45.05 -57.52
CA ALA I 348 -29.93 -45.63 -57.63
C ALA I 348 -29.91 -47.01 -58.30
N MET I 349 -29.20 -47.09 -59.42
CA MET I 349 -29.03 -48.35 -60.13
C MET I 349 -28.47 -49.40 -59.20
N ALA I 350 -27.36 -49.06 -58.54
CA ALA I 350 -26.75 -49.94 -57.54
C ALA I 350 -27.77 -50.45 -56.53
N ARG I 351 -28.58 -49.54 -56.00
CA ARG I 351 -29.55 -49.92 -54.98
C ARG I 351 -30.69 -50.77 -55.53
N ALA I 352 -30.95 -50.64 -56.83
CA ALA I 352 -32.01 -51.40 -57.48
C ALA I 352 -31.57 -52.83 -57.81
N LEU I 353 -30.28 -52.98 -58.10
CA LEU I 353 -29.75 -54.27 -58.52
C LEU I 353 -29.51 -55.21 -57.34
N CYS I 354 -29.81 -54.73 -56.15
CA CYS I 354 -29.62 -55.54 -54.96
C CYS I 354 -30.72 -56.57 -54.77
N SER I 355 -31.84 -56.39 -55.48
CA SER I 355 -32.94 -57.34 -55.41
C SER I 355 -32.61 -58.58 -56.23
N PHE I 356 -31.90 -58.37 -57.32
CA PHE I 356 -31.61 -59.43 -58.27
C PHE I 356 -30.41 -60.28 -57.89
N VAL I 357 -29.60 -59.78 -56.96
CA VAL I 357 -28.32 -60.43 -56.72
C VAL I 357 -28.33 -61.24 -55.41
N THR I 358 -27.24 -61.95 -55.13
CA THR I 358 -27.11 -62.73 -53.91
C THR I 358 -26.73 -61.84 -52.72
N GLU I 359 -27.07 -62.28 -51.52
CA GLU I 359 -26.83 -61.49 -50.31
C GLU I 359 -25.35 -61.18 -50.09
N ASP I 360 -24.48 -62.00 -50.66
CA ASP I 360 -23.04 -61.80 -50.48
C ASP I 360 -22.51 -60.68 -51.38
N GLU I 361 -22.97 -60.67 -52.63
CA GLU I 361 -22.58 -59.64 -53.57
C GLU I 361 -23.12 -58.27 -53.16
N VAL I 362 -24.19 -58.25 -52.36
CA VAL I 362 -24.65 -56.99 -51.79
C VAL I 362 -23.57 -56.43 -50.89
N GLU I 363 -23.05 -57.27 -49.99
CA GLU I 363 -21.94 -56.85 -49.13
C GLU I 363 -20.74 -56.40 -49.95
N TRP I 364 -20.51 -57.06 -51.08
CA TRP I 364 -19.42 -56.63 -51.95
C TRP I 364 -19.65 -55.23 -52.52
N MET I 365 -20.86 -54.98 -53.01
CA MET I 365 -21.17 -53.66 -53.56
C MET I 365 -21.02 -52.58 -52.51
N ARG I 366 -21.49 -52.87 -51.29
CA ARG I 366 -21.29 -51.94 -50.19
C ARG I 366 -19.79 -51.72 -49.96
N GLN I 367 -18.98 -52.78 -50.06
CA GLN I 367 -17.56 -52.64 -49.73
C GLN I 367 -16.78 -52.00 -50.87
N ALA I 368 -17.44 -51.85 -52.02
CA ALA I 368 -16.88 -51.10 -53.14
C ALA I 368 -17.33 -49.65 -53.07
N GLY I 369 -18.21 -49.36 -52.12
CA GLY I 369 -18.71 -48.02 -51.94
C GLY I 369 -19.76 -47.71 -52.99
N LEU I 370 -20.47 -48.73 -53.44
CA LEU I 370 -21.52 -48.53 -54.41
C LEU I 370 -22.87 -48.13 -53.80
N LEU I 371 -23.12 -48.53 -52.56
CA LEU I 371 -24.43 -48.34 -51.97
C LEU I 371 -24.60 -47.14 -51.04
N THR I 372 -23.50 -46.44 -50.79
CA THR I 372 -23.54 -45.29 -49.87
C THR I 372 -23.77 -43.99 -50.62
N ALA I 373 -24.72 -43.18 -50.15
CA ALA I 373 -24.86 -41.84 -50.70
C ALA I 373 -23.58 -41.06 -50.44
N ASP I 374 -23.25 -40.14 -51.34
CA ASP I 374 -22.06 -39.32 -51.19
C ASP I 374 -22.45 -38.05 -50.44
N PRO I 375 -22.02 -37.92 -49.19
CA PRO I 375 -22.42 -36.81 -48.32
C PRO I 375 -21.86 -35.48 -48.78
N ARG I 376 -20.80 -35.50 -49.58
CA ARG I 376 -20.13 -34.27 -49.99
C ARG I 376 -21.06 -33.37 -50.82
N VAL I 377 -21.22 -32.15 -50.34
CA VAL I 377 -22.20 -31.21 -50.85
C VAL I 377 -21.57 -29.81 -50.77
N ARG I 378 -22.06 -28.87 -51.57
CA ARG I 378 -21.55 -27.51 -51.53
C ARG I 378 -21.70 -26.83 -50.16
N GLU I 379 -20.60 -26.26 -49.64
CA GLU I 379 -20.63 -25.47 -48.41
C GLU I 379 -21.15 -24.07 -48.63
N ARG I 380 -21.77 -23.48 -47.62
CA ARG I 380 -22.29 -22.12 -47.73
C ARG I 380 -21.18 -21.10 -47.71
N LYS I 381 -21.26 -20.09 -48.59
CA LYS I 381 -20.33 -18.96 -48.51
C LYS I 381 -20.51 -18.29 -47.14
N LYS I 382 -19.42 -17.76 -46.59
CA LYS I 382 -19.50 -17.12 -45.28
C LYS I 382 -19.19 -15.64 -45.35
N PRO I 383 -19.92 -14.83 -44.58
CA PRO I 383 -19.78 -13.37 -44.68
C PRO I 383 -18.39 -12.91 -44.24
N GLY I 384 -17.78 -12.03 -45.02
CA GLY I 384 -16.45 -11.55 -44.68
C GLY I 384 -15.34 -12.39 -45.28
N GLN I 385 -15.72 -13.49 -45.91
CA GLN I 385 -14.78 -14.27 -46.71
C GLN I 385 -15.20 -14.13 -48.16
N GLU I 386 -14.51 -14.85 -49.04
CA GLU I 386 -14.91 -14.90 -50.42
C GLU I 386 -15.68 -16.18 -50.75
N GLY I 387 -15.03 -17.32 -50.54
CA GLY I 387 -15.54 -18.60 -51.02
C GLY I 387 -16.08 -19.74 -50.15
N ALA I 388 -16.46 -19.46 -48.91
CA ALA I 388 -16.77 -20.49 -47.88
C ALA I 388 -15.52 -21.05 -47.25
N ARG I 389 -14.37 -20.84 -47.87
CA ARG I 389 -13.09 -21.09 -47.23
C ARG I 389 -12.16 -19.92 -47.51
N ARG I 390 -12.02 -19.62 -48.81
CA ARG I 390 -11.18 -18.51 -49.28
C ARG I 390 -11.44 -17.21 -48.50
N LYS I 391 -10.36 -16.60 -48.02
CA LYS I 391 -10.44 -15.39 -47.23
C LYS I 391 -10.08 -14.19 -48.07
N PHE I 392 -10.64 -13.04 -47.74
CA PHE I 392 -10.19 -11.79 -48.36
C PHE I 392 -8.72 -11.55 -48.06
N THR I 393 -8.02 -10.94 -49.00
CA THR I 393 -6.58 -10.78 -48.86
C THR I 393 -6.20 -10.03 -47.58
N TRP I 394 -5.30 -10.65 -46.82
CA TRP I 394 -4.91 -10.16 -45.51
C TRP I 394 -3.65 -9.31 -45.56
N LYS I 395 -3.77 -8.03 -45.24
CA LYS I 395 -2.61 -7.15 -45.28
C LYS I 395 -1.97 -7.05 -43.91
N LYS I 396 -0.71 -7.46 -43.80
CA LYS I 396 0.01 -7.40 -42.54
C LYS I 396 0.17 -5.97 -42.06
N ARG I 397 0.68 -5.12 -42.92
CA ARG I 397 0.89 -3.70 -42.57
C ARG I 397 0.29 -2.76 -43.61
N LEU J 50 -69.86 -30.42 -9.93
CA LEU J 50 -71.30 -30.71 -9.94
C LEU J 50 -72.11 -29.43 -10.15
N HIS J 51 -72.77 -29.32 -11.31
CA HIS J 51 -73.48 -28.10 -11.68
C HIS J 51 -75.00 -28.26 -11.60
N VAL J 52 -75.58 -27.63 -10.59
CA VAL J 52 -77.02 -27.66 -10.32
C VAL J 52 -77.86 -26.66 -11.08
N ASP J 53 -77.36 -25.43 -11.19
CA ASP J 53 -78.18 -24.31 -11.59
C ASP J 53 -78.14 -24.20 -13.11
N VAL J 54 -79.27 -24.51 -13.73
CA VAL J 54 -79.39 -24.57 -15.18
C VAL J 54 -80.34 -23.53 -15.75
N PRO J 55 -79.82 -22.57 -16.52
CA PRO J 55 -80.69 -21.65 -17.27
C PRO J 55 -81.62 -22.42 -18.22
N LYS J 56 -82.89 -22.04 -18.25
CA LYS J 56 -83.90 -22.78 -19.01
C LYS J 56 -84.23 -22.06 -20.32
N ASP J 57 -84.36 -22.82 -21.40
CA ASP J 57 -84.67 -22.29 -22.73
C ASP J 57 -83.64 -21.25 -23.17
N MET J 58 -82.42 -21.71 -23.42
CA MET J 58 -81.27 -20.81 -23.67
C MET J 58 -80.96 -20.55 -25.15
N THR J 59 -81.71 -21.18 -26.04
CA THR J 59 -81.34 -21.17 -27.47
C THR J 59 -82.31 -20.37 -28.35
N LYS J 60 -81.76 -19.45 -29.14
CA LYS J 60 -82.54 -18.70 -30.14
C LYS J 60 -81.75 -18.41 -31.43
N PRO J 61 -81.57 -19.43 -32.27
CA PRO J 61 -80.90 -19.25 -33.56
C PRO J 61 -81.85 -18.60 -34.57
N GLU J 62 -81.32 -17.79 -35.47
CA GLU J 62 -82.15 -17.18 -36.50
C GLU J 62 -81.67 -17.60 -37.89
N ILE J 63 -82.44 -18.42 -38.60
CA ILE J 63 -82.06 -18.81 -39.96
C ILE J 63 -83.23 -18.67 -40.94
N THR J 64 -82.95 -18.19 -42.15
CA THR J 64 -83.97 -18.03 -43.18
C THR J 64 -83.52 -18.70 -44.47
N ILE J 65 -84.47 -19.16 -45.28
CA ILE J 65 -84.16 -19.78 -46.57
C ILE J 65 -84.66 -18.93 -47.73
N SER J 66 -83.74 -18.30 -48.46
CA SER J 66 -84.11 -17.55 -49.65
C SER J 66 -84.30 -18.53 -50.80
N ASP J 67 -85.12 -18.17 -51.77
CA ASP J 67 -85.48 -19.09 -52.86
C ASP J 67 -84.32 -19.30 -53.85
N GLU J 68 -83.26 -18.54 -53.67
CA GLU J 68 -82.15 -18.51 -54.63
C GLU J 68 -81.28 -19.78 -54.60
N PRO J 69 -80.73 -20.17 -55.76
CA PRO J 69 -79.90 -21.35 -55.96
C PRO J 69 -78.51 -21.18 -55.36
N ASP J 70 -78.33 -21.54 -54.09
CA ASP J 70 -77.05 -21.36 -53.39
C ASP J 70 -75.84 -21.84 -54.17
N THR J 71 -74.76 -21.07 -54.09
CA THR J 71 -73.57 -21.29 -54.89
C THR J 71 -72.80 -22.58 -54.55
N LEU J 72 -72.38 -23.28 -55.58
CA LEU J 72 -71.64 -24.53 -55.46
C LEU J 72 -70.14 -24.30 -55.57
N TYR J 73 -69.36 -24.95 -54.72
CA TYR J 73 -67.91 -24.81 -54.76
C TYR J 73 -67.25 -26.13 -55.11
N LYS J 74 -66.61 -26.19 -56.27
CA LYS J 74 -65.98 -27.44 -56.72
C LYS J 74 -64.86 -27.84 -55.80
N ARG J 75 -64.05 -26.86 -55.43
CA ARG J 75 -62.91 -27.07 -54.58
C ARG J 75 -62.67 -25.78 -53.80
N LEU J 76 -62.23 -25.92 -52.57
CA LEU J 76 -61.93 -24.74 -51.77
C LEU J 76 -60.59 -24.97 -51.09
N SER J 77 -59.60 -24.18 -51.43
CA SER J 77 -58.28 -24.34 -50.85
C SER J 77 -58.02 -23.25 -49.81
N VAL J 78 -57.46 -23.68 -48.70
CA VAL J 78 -57.14 -22.79 -47.61
C VAL J 78 -55.68 -22.97 -47.23
N LEU J 79 -54.90 -21.92 -47.42
CA LEU J 79 -53.48 -21.96 -47.17
C LEU J 79 -53.15 -21.20 -45.90
N VAL J 80 -52.62 -21.90 -44.90
CA VAL J 80 -52.21 -21.23 -43.67
C VAL J 80 -50.68 -21.11 -43.60
N LYS J 81 -50.24 -19.86 -43.54
CA LYS J 81 -48.85 -19.54 -43.33
C LYS J 81 -48.66 -19.24 -41.87
N GLY J 82 -47.56 -19.68 -41.28
CA GLY J 82 -47.27 -19.33 -39.92
C GLY J 82 -45.78 -19.29 -39.73
N HIS J 83 -45.36 -18.93 -38.53
CA HIS J 83 -43.94 -18.92 -38.19
C HIS J 83 -43.47 -20.21 -37.56
N ASP J 84 -44.07 -20.61 -36.45
CA ASP J 84 -43.71 -21.91 -35.84
C ASP J 84 -44.67 -23.07 -36.17
N LYS J 85 -44.05 -24.21 -36.50
CA LYS J 85 -44.72 -25.41 -36.96
C LYS J 85 -45.83 -25.89 -36.07
N ALA J 86 -45.51 -26.03 -34.79
CA ALA J 86 -46.40 -26.62 -33.82
C ALA J 86 -47.80 -25.99 -33.86
N VAL J 87 -47.84 -24.67 -33.99
CA VAL J 87 -49.13 -24.01 -34.03
C VAL J 87 -49.90 -24.41 -35.28
N LEU J 88 -49.19 -24.61 -36.38
CA LEU J 88 -49.85 -25.02 -37.59
C LEU J 88 -50.35 -26.45 -37.47
N ASP J 89 -49.67 -27.27 -36.68
CA ASP J 89 -50.12 -28.65 -36.47
C ASP J 89 -51.38 -28.70 -35.63
N SER J 90 -51.40 -27.93 -34.56
CA SER J 90 -52.59 -27.84 -33.72
C SER J 90 -53.77 -27.32 -34.52
N TYR J 91 -53.50 -26.30 -35.32
CA TYR J 91 -54.53 -25.70 -36.15
C TYR J 91 -55.08 -26.69 -37.16
N GLU J 92 -54.18 -27.47 -37.74
CA GLU J 92 -54.53 -28.49 -38.71
C GLU J 92 -55.46 -29.52 -38.07
N TYR J 93 -55.05 -30.01 -36.91
CA TYR J 93 -55.87 -30.94 -36.14
C TYR J 93 -57.27 -30.37 -35.92
N PHE J 94 -57.33 -29.16 -35.38
CA PHE J 94 -58.61 -28.49 -35.14
C PHE J 94 -59.47 -28.34 -36.39
N ALA J 95 -58.85 -27.93 -37.49
CA ALA J 95 -59.57 -27.70 -38.74
C ALA J 95 -60.16 -29.00 -39.27
N VAL J 96 -59.32 -30.03 -39.34
CA VAL J 96 -59.76 -31.33 -39.82
C VAL J 96 -60.91 -31.85 -38.95
N LEU J 97 -60.73 -31.77 -37.64
CA LEU J 97 -61.77 -32.20 -36.72
C LEU J 97 -63.07 -31.45 -36.98
N ALA J 98 -62.96 -30.15 -37.23
CA ALA J 98 -64.12 -29.31 -37.46
C ALA J 98 -64.82 -29.67 -38.77
N ALA J 99 -64.04 -30.12 -39.74
CA ALA J 99 -64.62 -30.48 -41.02
C ALA J 99 -65.26 -31.87 -40.98
N LYS J 100 -64.67 -32.79 -40.20
CA LYS J 100 -65.20 -34.15 -40.09
C LYS J 100 -66.55 -34.16 -39.41
N GLU J 101 -66.76 -33.17 -38.55
CA GLU J 101 -68.01 -33.03 -37.82
C GLU J 101 -69.10 -32.37 -38.66
N LEU J 102 -68.70 -31.63 -39.68
CA LEU J 102 -69.67 -31.07 -40.63
C LEU J 102 -69.80 -31.91 -41.90
N GLY J 103 -69.08 -33.03 -41.94
CA GLY J 103 -69.10 -33.93 -43.09
C GLY J 103 -68.61 -33.24 -44.36
N ILE J 104 -67.49 -32.54 -44.25
CA ILE J 104 -66.99 -31.73 -45.34
C ILE J 104 -65.90 -32.43 -46.20
N SER J 105 -65.37 -33.56 -45.76
CA SER J 105 -64.51 -34.42 -46.60
C SER J 105 -63.25 -33.73 -47.18
N ILE J 106 -62.25 -33.52 -46.33
CA ILE J 106 -61.07 -32.75 -46.70
C ILE J 106 -59.75 -33.53 -46.71
N LYS J 107 -58.78 -33.01 -47.45
CA LYS J 107 -57.40 -33.54 -47.43
C LYS J 107 -56.48 -32.46 -46.89
N VAL J 108 -55.33 -32.87 -46.39
CA VAL J 108 -54.34 -31.90 -45.90
C VAL J 108 -52.92 -32.25 -46.30
N HIS J 109 -52.22 -31.32 -46.96
CA HIS J 109 -50.82 -31.58 -47.31
C HIS J 109 -49.93 -30.40 -46.92
N GLU J 110 -48.61 -30.60 -46.94
CA GLU J 110 -47.67 -29.57 -46.47
C GLU J 110 -46.75 -29.04 -47.58
N PRO J 111 -46.96 -27.79 -48.04
CA PRO J 111 -46.11 -27.12 -49.03
C PRO J 111 -44.77 -26.70 -48.48
N PRO J 112 -43.70 -26.83 -49.28
CA PRO J 112 -42.30 -26.61 -48.87
C PRO J 112 -42.07 -25.28 -48.16
N ARG J 113 -41.26 -25.30 -47.11
CA ARG J 113 -41.05 -24.12 -46.28
C ARG J 113 -40.13 -23.10 -46.94
N LYS J 114 -40.41 -21.80 -46.72
CA LYS J 114 -39.58 -20.75 -47.31
C LYS J 114 -38.76 -20.06 -46.25
N ILE J 115 -37.45 -20.05 -46.41
CA ILE J 115 -36.62 -19.32 -45.47
C ILE J 115 -35.98 -18.13 -46.13
N GLU J 116 -36.31 -16.93 -45.64
CA GLU J 116 -35.72 -15.70 -46.16
C GLU J 116 -34.58 -15.22 -45.25
N ARG J 117 -33.39 -15.09 -45.81
CA ARG J 117 -32.23 -14.67 -45.03
C ARG J 117 -31.79 -13.29 -45.47
N PHE J 118 -31.19 -12.52 -44.55
CA PHE J 118 -30.50 -11.32 -44.98
C PHE J 118 -29.47 -10.87 -43.99
N THR J 119 -28.60 -9.96 -44.41
CA THR J 119 -27.44 -9.61 -43.59
C THR J 119 -27.45 -8.16 -43.17
N LEU J 120 -26.96 -7.86 -41.98
CA LEU J 120 -26.65 -6.48 -41.62
C LEU J 120 -25.27 -6.40 -40.99
N LEU J 121 -24.76 -5.19 -40.82
CA LEU J 121 -23.47 -4.99 -40.17
C LEU J 121 -23.55 -5.24 -38.67
N LYS J 122 -22.52 -5.87 -38.16
CA LYS J 122 -22.50 -6.26 -36.76
C LYS J 122 -22.13 -5.10 -35.88
N SER J 123 -21.40 -4.14 -36.43
CA SER J 123 -20.94 -3.00 -35.65
C SER J 123 -21.65 -1.73 -36.02
N VAL J 124 -21.71 -0.83 -35.05
CA VAL J 124 -22.19 0.50 -35.32
C VAL J 124 -21.31 1.19 -36.36
N HIS J 125 -20.00 1.19 -36.17
CA HIS J 125 -19.25 1.99 -37.11
C HIS J 125 -18.53 1.23 -38.19
N ILE J 126 -17.32 0.75 -37.95
CA ILE J 126 -16.63 0.15 -39.11
C ILE J 126 -15.90 -1.13 -38.93
N PHE J 127 -16.57 -2.24 -39.16
CA PHE J 127 -15.81 -3.41 -39.40
C PHE J 127 -16.63 -4.09 -40.41
N LYS J 128 -16.24 -4.08 -41.67
CA LYS J 128 -17.25 -4.53 -42.60
C LYS J 128 -17.20 -6.03 -42.63
N LYS J 129 -16.08 -6.55 -42.13
CA LYS J 129 -15.78 -7.95 -42.23
C LYS J 129 -16.71 -8.77 -41.32
N HIS J 130 -17.44 -8.10 -40.43
CA HIS J 130 -18.28 -8.80 -39.45
C HIS J 130 -19.73 -8.49 -39.62
N ARG J 131 -20.54 -9.53 -39.69
CA ARG J 131 -21.95 -9.36 -40.00
C ARG J 131 -22.87 -10.13 -39.07
N VAL J 132 -24.16 -9.84 -39.13
CA VAL J 132 -25.15 -10.62 -38.41
C VAL J 132 -26.22 -11.02 -39.40
N GLN J 133 -26.63 -12.27 -39.39
CA GLN J 133 -27.59 -12.70 -40.39
C GLN J 133 -28.89 -13.09 -39.76
N TYR J 134 -29.98 -12.60 -40.31
CA TYR J 134 -31.26 -12.88 -39.71
C TYR J 134 -32.08 -13.73 -40.66
N GLU J 135 -33.03 -14.45 -40.07
CA GLU J 135 -33.94 -15.32 -40.80
C GLU J 135 -35.37 -14.86 -40.60
N MET J 136 -36.22 -15.23 -41.55
CA MET J 136 -37.65 -15.39 -41.26
C MET J 136 -38.14 -16.62 -42.00
N ARG J 137 -38.59 -17.61 -41.23
CA ARG J 137 -39.06 -18.87 -41.78
C ARG J 137 -40.57 -18.83 -41.89
N THR J 138 -41.10 -19.10 -43.07
CA THR J 138 -42.55 -19.24 -43.23
C THR J 138 -42.90 -20.67 -43.57
N LEU J 139 -43.77 -21.25 -42.73
CA LEU J 139 -44.21 -22.62 -42.91
C LEU J 139 -45.67 -22.67 -43.32
N TYR J 140 -46.03 -23.72 -44.03
CA TYR J 140 -47.37 -23.79 -44.61
C TYR J 140 -48.14 -25.05 -44.25
N ARG J 141 -49.46 -24.92 -44.23
CA ARG J 141 -50.35 -26.08 -44.33
C ARG J 141 -51.34 -25.78 -45.41
N CYS J 142 -51.76 -26.81 -46.13
CA CYS J 142 -52.82 -26.63 -47.08
C CYS J 142 -53.96 -27.57 -46.76
N LEU J 143 -55.12 -26.95 -46.54
CA LEU J 143 -56.37 -27.64 -46.34
C LEU J 143 -57.17 -27.58 -47.61
N GLU J 144 -57.33 -28.73 -48.24
CA GLU J 144 -58.01 -28.81 -49.51
C GLU J 144 -59.38 -29.46 -49.31
N LEU J 145 -60.45 -28.68 -49.43
CA LEU J 145 -61.80 -29.22 -49.27
C LEU J 145 -62.46 -29.41 -50.64
N GLU J 146 -63.31 -30.42 -50.76
CA GLU J 146 -63.95 -30.70 -52.04
C GLU J 146 -65.46 -30.84 -51.90
N HIS J 147 -66.18 -30.55 -52.97
CA HIS J 147 -67.64 -30.74 -53.07
C HIS J 147 -68.35 -30.13 -51.88
N LEU J 148 -68.36 -28.81 -51.86
CA LEU J 148 -68.91 -28.03 -50.76
C LEU J 148 -70.05 -27.16 -51.26
N THR J 149 -70.92 -26.72 -50.37
CA THR J 149 -71.93 -25.74 -50.77
C THR J 149 -71.60 -24.34 -50.26
N GLY J 150 -72.42 -23.37 -50.65
CA GLY J 150 -72.15 -21.98 -50.34
C GLY J 150 -72.29 -21.73 -48.85
N SER J 151 -73.42 -22.14 -48.30
CA SER J 151 -73.69 -21.92 -46.90
C SER J 151 -72.65 -22.63 -46.04
N THR J 152 -72.41 -23.90 -46.36
CA THR J 152 -71.45 -24.70 -45.61
C THR J 152 -70.08 -24.06 -45.62
N ALA J 153 -69.70 -23.52 -46.77
CA ALA J 153 -68.45 -22.81 -46.91
C ALA J 153 -68.41 -21.60 -46.01
N ASP J 154 -69.49 -20.82 -45.98
CA ASP J 154 -69.48 -19.61 -45.17
C ASP J 154 -69.42 -19.91 -43.68
N VAL J 155 -70.05 -21.02 -43.26
CA VAL J 155 -69.99 -21.40 -41.86
C VAL J 155 -68.61 -21.90 -41.47
N TYR J 156 -68.13 -22.89 -42.21
CA TYR J 156 -66.84 -23.51 -41.95
C TYR J 156 -65.72 -22.50 -41.95
N LEU J 157 -65.78 -21.59 -42.92
CA LEU J 157 -64.82 -20.50 -43.01
C LEU J 157 -64.98 -19.50 -41.88
N GLU J 158 -66.20 -19.18 -41.51
CA GLU J 158 -66.39 -18.30 -40.36
C GLU J 158 -65.72 -18.90 -39.13
N TYR J 159 -66.09 -20.14 -38.81
CA TYR J 159 -65.60 -20.84 -37.64
C TYR J 159 -64.06 -20.90 -37.67
N ILE J 160 -63.53 -21.44 -38.76
CA ILE J 160 -62.08 -21.54 -38.95
C ILE J 160 -61.39 -20.19 -38.77
N GLN J 161 -61.87 -19.15 -39.47
CA GLN J 161 -61.19 -17.85 -39.45
C GLN J 161 -61.20 -17.19 -38.08
N ARG J 162 -62.32 -17.30 -37.36
CA ARG J 162 -62.37 -16.74 -36.02
C ARG J 162 -61.21 -17.24 -35.15
N ASN J 163 -60.94 -18.53 -35.30
CA ASN J 163 -60.06 -19.28 -34.43
C ASN J 163 -58.61 -19.31 -34.89
N LEU J 164 -58.34 -18.56 -35.95
CA LEU J 164 -56.98 -18.35 -36.44
C LEU J 164 -56.10 -17.81 -35.32
N PRO J 165 -55.02 -18.55 -34.97
CA PRO J 165 -54.09 -18.07 -33.94
C PRO J 165 -53.40 -16.79 -34.41
N GLU J 166 -52.77 -16.09 -33.50
CA GLU J 166 -52.30 -14.74 -33.79
C GLU J 166 -51.07 -14.69 -34.71
N GLY J 167 -50.18 -15.67 -34.62
CA GLY J 167 -48.99 -15.64 -35.44
C GLY J 167 -49.15 -16.19 -36.85
N VAL J 168 -50.38 -16.48 -37.28
CA VAL J 168 -50.57 -17.10 -38.59
C VAL J 168 -51.45 -16.28 -39.53
N ALA J 169 -51.28 -16.54 -40.83
CA ALA J 169 -52.03 -15.89 -41.88
C ALA J 169 -52.77 -16.93 -42.71
N MET J 170 -53.77 -16.50 -43.47
CA MET J 170 -54.56 -17.42 -44.28
C MET J 170 -55.03 -16.90 -45.63
N GLU J 171 -54.88 -17.74 -46.65
CA GLU J 171 -55.30 -17.40 -48.02
C GLU J 171 -56.34 -18.41 -48.49
N VAL J 172 -57.47 -17.92 -48.97
CA VAL J 172 -58.58 -18.79 -49.35
C VAL J 172 -58.88 -18.75 -50.84
N THR J 173 -58.58 -19.84 -51.54
CA THR J 173 -58.86 -19.89 -52.97
C THR J 173 -60.12 -20.72 -53.24
N LYS J 174 -61.20 -20.02 -53.63
CA LYS J 174 -62.46 -20.68 -53.91
C LYS J 174 -62.64 -20.87 -55.42
N THR J 175 -62.70 -22.11 -55.88
CA THR J 175 -63.13 -22.32 -57.25
C THR J 175 -64.61 -22.74 -57.25
N LYS J 176 -65.44 -21.86 -57.79
CA LYS J 176 -66.87 -22.00 -57.73
C LYS J 176 -67.42 -22.44 -59.08
N LEU J 177 -68.54 -23.17 -59.06
CA LEU J 177 -69.17 -23.69 -60.28
C LEU J 177 -70.32 -22.80 -60.80
N GLU J 178 -70.17 -22.37 -62.05
CA GLU J 178 -71.23 -21.67 -62.78
C GLU J 178 -71.49 -22.39 -64.10
N GLN J 179 -72.76 -22.62 -64.43
CA GLN J 179 -73.08 -23.35 -65.64
C GLN J 179 -72.61 -22.69 -66.95
N LEU J 180 -73.37 -21.72 -67.45
CA LEU J 180 -72.97 -20.92 -68.61
C LEU J 180 -73.61 -19.55 -68.50
N PRO J 181 -72.99 -18.53 -69.13
CA PRO J 181 -73.67 -17.23 -69.16
C PRO J 181 -74.88 -17.26 -70.10
N GLU J 182 -75.76 -16.27 -69.99
CA GLU J 182 -77.03 -16.24 -70.73
C GLU J 182 -76.87 -16.01 -72.23
N HIS J 183 -76.10 -14.98 -72.58
CA HIS J 183 -75.97 -14.55 -73.96
C HIS J 183 -75.11 -15.52 -74.78
N ILE J 184 -74.48 -16.47 -74.11
CA ILE J 184 -73.68 -17.48 -74.79
C ILE J 184 -74.40 -18.81 -75.00
N ARG J 185 -75.60 -18.97 -74.41
CA ARG J 185 -76.12 -20.32 -74.12
C ARG J 185 -76.22 -21.22 -75.35
N LYS J 186 -77.25 -21.04 -76.17
CA LYS J 186 -77.14 -21.34 -77.60
C LYS J 186 -77.83 -20.28 -78.50
N PRO J 187 -77.59 -18.96 -78.26
CA PRO J 187 -77.70 -18.04 -79.40
C PRO J 187 -76.41 -17.94 -80.21
N ILE J 188 -76.51 -17.49 -81.45
CA ILE J 188 -75.35 -17.01 -82.19
C ILE J 188 -75.67 -15.62 -82.72
N TRP J 189 -75.01 -14.62 -82.14
CA TRP J 189 -75.34 -13.21 -82.34
C TRP J 189 -76.85 -12.96 -82.41
N SER K 60 38.04 -71.61 -31.29
CA SER K 60 38.86 -70.60 -31.95
C SER K 60 39.30 -69.51 -30.96
N SER K 61 40.59 -69.52 -30.65
CA SER K 61 41.20 -68.55 -29.76
C SER K 61 41.72 -67.37 -30.56
N PHE K 62 41.12 -66.20 -30.35
CA PHE K 62 41.52 -65.02 -31.08
C PHE K 62 41.91 -63.91 -30.14
N SER K 63 43.18 -63.54 -30.14
CA SER K 63 43.66 -62.51 -29.24
C SER K 63 43.56 -61.13 -29.89
N ILE K 64 42.97 -60.19 -29.18
CA ILE K 64 42.90 -58.81 -29.65
C ILE K 64 44.28 -58.19 -29.68
N TYR K 65 45.16 -58.64 -28.79
CA TYR K 65 46.51 -58.11 -28.69
C TYR K 65 47.37 -58.62 -29.82
N PRO K 66 48.14 -57.71 -30.40
CA PRO K 66 49.10 -58.02 -31.45
C PRO K 66 50.18 -58.97 -30.96
N PRO K 67 50.86 -59.64 -31.90
CA PRO K 67 52.00 -60.56 -31.87
C PRO K 67 53.35 -59.91 -31.64
N ILE K 68 53.80 -59.88 -30.39
CA ILE K 68 55.13 -59.39 -30.03
C ILE K 68 56.26 -59.96 -30.92
N PRO K 69 57.26 -59.12 -31.25
CA PRO K 69 58.35 -59.54 -32.15
C PRO K 69 59.18 -60.75 -31.68
N GLY K 70 59.52 -60.81 -30.40
CA GLY K 70 60.37 -61.87 -29.89
C GLY K 70 59.69 -63.22 -29.83
N GLN K 71 58.37 -63.22 -30.01
CA GLN K 71 57.57 -64.44 -29.87
C GLN K 71 57.68 -65.34 -31.10
N GLU K 72 57.57 -66.65 -30.87
CA GLU K 72 57.52 -67.64 -31.93
C GLU K 72 56.26 -67.53 -32.77
N ASN K 73 55.33 -66.64 -32.38
CA ASN K 73 53.96 -66.69 -32.86
C ASN K 73 53.87 -66.78 -34.37
N SER K 74 53.10 -67.77 -34.82
CA SER K 74 52.90 -67.99 -36.24
C SER K 74 51.50 -67.57 -36.65
N LEU K 75 51.47 -66.44 -37.35
CA LEU K 75 50.33 -65.98 -38.11
C LEU K 75 50.95 -65.34 -39.32
N ARG K 76 50.46 -65.64 -40.51
CA ARG K 76 50.92 -64.89 -41.67
C ARG K 76 49.72 -64.36 -42.47
N TRP K 77 49.94 -63.24 -43.14
CA TRP K 77 49.02 -62.76 -44.16
C TRP K 77 49.79 -62.66 -45.47
N ALA K 78 49.43 -63.54 -46.41
CA ALA K 78 50.21 -63.73 -47.65
C ALA K 78 51.67 -64.06 -47.32
N GLY K 79 51.88 -64.94 -46.35
CA GLY K 79 53.21 -65.44 -46.04
C GLY K 79 54.14 -64.54 -45.22
N LYS K 80 53.73 -63.29 -45.01
CA LYS K 80 54.50 -62.36 -44.19
C LYS K 80 54.17 -62.43 -42.69
N LYS K 81 55.18 -62.15 -41.86
CA LYS K 81 55.00 -61.97 -40.41
C LYS K 81 54.19 -60.71 -40.14
N PHE K 82 53.60 -60.58 -38.93
CA PHE K 82 52.89 -59.34 -38.59
C PHE K 82 53.78 -58.10 -38.75
N GLU K 83 55.08 -58.26 -38.59
CA GLU K 83 56.01 -57.14 -38.65
C GLU K 83 56.29 -56.66 -40.06
N GLU K 84 56.14 -57.55 -41.04
CA GLU K 84 56.56 -57.27 -42.41
C GLU K 84 55.49 -56.58 -43.22
N ILE K 85 54.28 -56.55 -42.66
CA ILE K 85 53.13 -55.94 -43.32
C ILE K 85 53.26 -54.41 -43.40
N PRO K 86 52.90 -53.81 -44.55
CA PRO K 86 52.93 -52.35 -44.70
C PRO K 86 52.01 -51.62 -43.72
N ILE K 87 52.31 -50.34 -43.47
CA ILE K 87 51.55 -49.51 -42.53
C ILE K 87 50.79 -48.40 -43.23
N ALA K 88 49.50 -48.28 -42.94
CA ALA K 88 48.76 -47.17 -43.50
C ALA K 88 48.59 -46.10 -42.44
N HIS K 89 49.32 -45.01 -42.57
CA HIS K 89 49.21 -43.92 -41.63
C HIS K 89 48.06 -43.04 -42.01
N ILE K 90 47.19 -42.70 -41.05
CA ILE K 90 46.08 -41.79 -41.31
C ILE K 90 46.00 -40.65 -40.34
N LYS K 91 46.28 -39.44 -40.79
CA LYS K 91 46.17 -38.31 -39.89
C LYS K 91 44.82 -37.65 -40.07
N ALA K 92 43.93 -37.79 -39.09
CA ALA K 92 42.58 -37.24 -39.23
C ALA K 92 42.37 -36.02 -38.35
N SER K 93 42.48 -34.85 -38.97
CA SER K 93 42.51 -33.57 -38.28
C SER K 93 41.31 -32.78 -38.73
N TYR K 94 40.89 -31.82 -37.93
CA TYR K 94 39.53 -31.31 -38.09
C TYR K 94 39.23 -30.69 -39.46
N ASN K 95 40.23 -30.12 -40.12
CA ASN K 95 39.95 -29.56 -41.43
C ASN K 95 40.39 -30.41 -42.58
N ASN K 96 40.97 -31.58 -42.32
CA ASN K 96 41.53 -32.38 -43.40
C ASN K 96 42.08 -33.72 -42.91
N THR K 97 42.16 -34.69 -43.83
CA THR K 97 42.57 -36.06 -43.52
C THR K 97 43.64 -36.46 -44.51
N GLN K 98 44.74 -37.01 -44.04
CA GLN K 98 45.79 -37.41 -44.97
C GLN K 98 46.14 -38.84 -44.76
N ILE K 99 46.55 -39.53 -45.82
CA ILE K 99 46.85 -40.94 -45.74
C ILE K 99 48.14 -41.26 -46.45
N GLN K 100 48.98 -42.04 -45.80
CA GLN K 100 50.19 -42.48 -46.44
C GLN K 100 50.46 -43.95 -46.15
N VAL K 101 50.47 -44.75 -47.20
CA VAL K 101 50.85 -46.15 -47.09
C VAL K 101 52.35 -46.32 -47.26
N VAL K 102 52.95 -47.07 -46.35
CA VAL K 102 54.40 -47.18 -46.23
C VAL K 102 54.90 -48.64 -46.05
N SER K 103 56.13 -48.92 -46.50
CA SER K 103 56.75 -50.24 -46.30
C SER K 103 56.92 -50.50 -44.83
N ALA K 104 56.96 -51.78 -44.44
CA ALA K 104 57.40 -52.13 -43.10
C ALA K 104 58.75 -51.47 -42.78
N ALA K 105 59.57 -51.30 -43.81
CA ALA K 105 60.92 -50.75 -43.67
C ALA K 105 60.90 -49.22 -43.77
N HIS K 106 59.70 -48.66 -43.82
CA HIS K 106 59.46 -47.21 -43.94
C HIS K 106 60.00 -46.61 -45.24
N GLN K 107 59.64 -47.22 -46.37
CA GLN K 107 59.72 -46.54 -47.66
C GLN K 107 58.29 -46.26 -48.09
N PRO K 108 57.99 -45.00 -48.33
CA PRO K 108 56.61 -44.64 -48.68
C PRO K 108 56.17 -45.27 -49.99
N LEU K 109 55.06 -46.00 -49.97
CA LEU K 109 54.47 -46.50 -51.21
C LEU K 109 53.50 -45.54 -51.90
N ALA K 110 52.58 -44.98 -51.11
CA ALA K 110 51.47 -44.23 -51.72
C ALA K 110 50.99 -43.09 -50.82
N HIS K 111 50.59 -41.97 -51.41
CA HIS K 111 50.07 -40.89 -50.59
C HIS K 111 48.81 -40.30 -51.16
N ALA K 112 47.78 -40.17 -50.34
CA ALA K 112 46.58 -39.48 -50.78
C ALA K 112 45.93 -38.70 -49.66
N SER K 113 45.56 -37.46 -49.96
CA SER K 113 44.95 -36.58 -48.97
C SER K 113 43.65 -36.04 -49.52
N CYS K 114 42.81 -35.46 -48.68
CA CYS K 114 41.57 -34.89 -49.18
C CYS K 114 41.83 -33.70 -50.11
N GLY K 115 42.98 -33.05 -49.91
CA GLY K 115 43.38 -31.95 -50.77
C GLY K 115 43.80 -32.50 -52.12
N THR K 116 44.63 -33.54 -52.07
CA THR K 116 45.11 -34.26 -53.25
C THR K 116 43.96 -34.77 -54.12
N GLU K 117 42.81 -34.94 -53.46
CA GLU K 117 41.66 -35.54 -54.09
C GLU K 117 40.75 -34.50 -54.70
N GLY K 118 41.19 -33.25 -54.67
CA GLY K 118 40.44 -32.19 -55.29
C GLY K 118 39.14 -31.86 -54.59
N PHE K 119 39.16 -31.83 -53.26
CA PHE K 119 38.15 -31.06 -52.56
C PHE K 119 38.82 -29.76 -52.19
N ARG K 120 38.03 -28.82 -51.70
CA ARG K 120 38.59 -27.53 -51.34
C ARG K 120 38.16 -27.24 -49.92
N ASN K 121 38.39 -26.02 -49.47
CA ASN K 121 38.58 -25.76 -48.04
C ASN K 121 37.67 -26.50 -47.05
N ALA K 122 36.39 -26.18 -47.01
CA ALA K 122 35.57 -26.75 -45.92
C ALA K 122 35.16 -28.19 -46.20
N LYS K 123 34.87 -28.45 -47.47
CA LYS K 123 34.38 -29.72 -47.94
C LYS K 123 35.36 -30.85 -47.59
N LYS K 124 36.64 -30.53 -47.55
CA LYS K 124 37.61 -31.58 -47.31
C LYS K 124 37.66 -31.96 -45.84
N GLY K 125 36.87 -31.29 -45.02
CA GLY K 125 36.73 -31.68 -43.63
C GLY K 125 35.91 -32.96 -43.51
N THR K 126 34.88 -33.09 -44.34
CA THR K 126 33.83 -34.09 -44.15
C THR K 126 34.30 -35.55 -44.27
N GLY K 127 33.46 -36.45 -43.77
CA GLY K 127 33.66 -37.88 -43.91
C GLY K 127 33.76 -38.38 -45.34
N ILE K 128 32.87 -37.92 -46.22
CA ILE K 128 32.87 -38.33 -47.62
C ILE K 128 34.23 -38.16 -48.24
N ALA K 129 34.75 -36.95 -48.11
CA ALA K 129 36.07 -36.60 -48.60
C ALA K 129 37.10 -37.59 -48.10
N ALA K 130 37.05 -37.86 -46.81
CA ALA K 130 38.00 -38.75 -46.17
C ALA K 130 37.96 -40.12 -46.83
N GLN K 131 36.75 -40.63 -47.02
CA GLN K 131 36.53 -41.90 -47.68
C GLN K 131 37.12 -41.91 -49.10
N THR K 132 36.87 -40.85 -49.84
CA THR K 132 37.40 -40.72 -51.19
C THR K 132 38.91 -40.77 -51.20
N ALA K 133 39.54 -40.16 -50.20
CA ALA K 133 40.99 -40.20 -50.11
C ALA K 133 41.43 -41.62 -49.79
N GLY K 134 40.62 -42.31 -49.01
CA GLY K 134 40.92 -43.68 -48.66
C GLY K 134 40.98 -44.58 -49.88
N ILE K 135 39.91 -44.56 -50.66
CA ILE K 135 39.83 -45.32 -51.90
C ILE K 135 41.02 -45.08 -52.81
N ALA K 136 41.30 -43.81 -53.05
CA ALA K 136 42.42 -43.39 -53.88
C ALA K 136 43.74 -43.97 -53.39
N ALA K 137 44.00 -43.78 -52.10
CA ALA K 137 45.22 -44.28 -51.47
C ALA K 137 45.37 -45.77 -51.71
N ALA K 138 44.28 -46.51 -51.48
CA ALA K 138 44.26 -47.96 -51.65
C ALA K 138 44.51 -48.38 -53.10
N ALA K 139 43.97 -47.64 -54.07
CA ALA K 139 44.26 -47.93 -55.47
C ALA K 139 45.75 -47.80 -55.76
N LYS K 140 46.27 -46.60 -55.50
CA LYS K 140 47.69 -46.32 -55.74
C LYS K 140 48.57 -47.35 -55.04
N ALA K 141 48.05 -47.85 -53.92
CA ALA K 141 48.75 -48.83 -53.11
C ALA K 141 48.76 -50.22 -53.73
N THR K 142 47.59 -50.70 -54.16
CA THR K 142 47.47 -52.05 -54.70
C THR K 142 48.20 -52.12 -56.03
N GLY K 143 48.34 -50.97 -56.69
CA GLY K 143 49.18 -50.88 -57.88
C GLY K 143 50.60 -51.34 -57.59
N LYS K 144 51.14 -50.90 -56.46
CA LYS K 144 52.48 -51.24 -56.02
C LYS K 144 52.45 -52.55 -55.25
N GLY K 145 51.29 -53.21 -55.28
CA GLY K 145 51.12 -54.56 -54.77
C GLY K 145 51.16 -54.75 -53.27
N VAL K 146 50.29 -54.04 -52.55
CA VAL K 146 50.13 -54.29 -51.12
C VAL K 146 48.72 -54.81 -50.86
N THR K 147 48.66 -56.06 -50.43
CA THR K 147 47.38 -56.71 -50.16
C THR K 147 46.78 -56.39 -48.78
N HIS K 148 47.63 -56.50 -47.76
CA HIS K 148 47.22 -56.27 -46.39
C HIS K 148 47.94 -55.08 -45.81
N VAL K 149 47.28 -54.37 -44.90
CA VAL K 149 47.89 -53.20 -44.31
C VAL K 149 47.42 -52.99 -42.87
N ARG K 150 48.35 -52.54 -42.01
CA ARG K 150 48.05 -52.22 -40.62
C ARG K 150 47.83 -50.72 -40.43
N VAL K 151 46.62 -50.35 -40.02
CA VAL K 151 46.23 -48.97 -39.92
C VAL K 151 46.74 -48.33 -38.66
N VAL K 152 47.30 -47.13 -38.78
CA VAL K 152 47.64 -46.30 -37.64
C VAL K 152 46.93 -44.96 -37.67
N VAL K 153 45.99 -44.78 -36.77
CA VAL K 153 45.16 -43.59 -36.80
C VAL K 153 45.65 -42.55 -35.84
N LYS K 154 46.02 -41.41 -36.40
CA LYS K 154 46.63 -40.32 -35.66
C LYS K 154 45.68 -39.17 -35.68
N GLY K 155 45.11 -38.84 -34.53
CA GLY K 155 44.23 -37.69 -34.48
C GLY K 155 42.79 -38.08 -34.36
N LEU K 156 42.00 -37.09 -33.97
CA LEU K 156 40.59 -37.28 -33.74
C LEU K 156 39.88 -36.30 -34.63
N GLY K 157 39.17 -36.81 -35.62
CA GLY K 157 38.62 -35.91 -36.62
C GLY K 157 37.35 -36.51 -37.16
N PRO K 158 36.75 -35.81 -38.13
CA PRO K 158 35.56 -36.23 -38.88
C PRO K 158 35.89 -37.34 -39.87
N GLY K 159 37.19 -37.51 -40.17
CA GLY K 159 37.62 -38.44 -41.21
C GLY K 159 38.23 -39.75 -40.76
N ARG K 160 38.21 -40.02 -39.46
CA ARG K 160 38.84 -41.21 -38.87
C ARG K 160 38.35 -42.55 -39.43
N LEU K 161 37.13 -42.90 -39.02
CA LEU K 161 36.53 -44.16 -39.41
C LEU K 161 36.39 -44.20 -40.92
N SER K 162 35.91 -43.10 -41.48
CA SER K 162 35.63 -43.03 -42.90
C SER K 162 36.82 -43.36 -43.77
N ALA K 163 37.99 -42.81 -43.46
CA ALA K 163 39.18 -43.12 -44.23
C ALA K 163 39.60 -44.56 -44.02
N ILE K 164 39.36 -45.08 -42.81
CA ILE K 164 39.64 -46.51 -42.65
C ILE K 164 38.78 -47.37 -43.57
N LYS K 165 37.45 -47.20 -43.55
CA LYS K 165 36.65 -48.15 -44.32
C LYS K 165 36.68 -47.79 -45.78
N GLY K 166 37.24 -46.63 -46.09
CA GLY K 166 37.59 -46.29 -47.46
C GLY K 166 38.80 -47.09 -47.91
N LEU K 167 39.70 -47.37 -46.98
CA LEU K 167 40.83 -48.25 -47.29
C LEU K 167 40.35 -49.66 -47.63
N THR K 168 39.25 -50.09 -47.03
CA THR K 168 38.70 -51.42 -47.31
C THR K 168 37.88 -51.41 -48.61
N MET K 169 37.07 -50.37 -48.75
CA MET K 169 36.26 -50.16 -49.95
C MET K 169 37.11 -50.15 -51.20
N GLY K 170 38.27 -49.52 -51.07
CA GLY K 170 39.20 -49.37 -52.17
C GLY K 170 40.04 -50.60 -52.40
N GLY K 171 39.55 -51.75 -51.93
CA GLY K 171 40.18 -53.02 -52.24
C GLY K 171 41.53 -53.18 -51.59
N LEU K 172 41.54 -53.13 -50.26
CA LEU K 172 42.77 -53.29 -49.48
C LEU K 172 42.37 -53.94 -48.17
N GLU K 173 43.23 -54.78 -47.60
CA GLU K 173 42.80 -55.51 -46.42
C GLU K 173 43.46 -55.05 -45.12
N VAL K 174 42.62 -54.66 -44.18
CA VAL K 174 43.09 -54.13 -42.91
C VAL K 174 43.16 -55.24 -41.88
N ILE K 175 44.34 -55.48 -41.33
CA ILE K 175 44.50 -56.51 -40.30
C ILE K 175 44.36 -55.93 -38.88
N SER K 176 45.18 -54.95 -38.55
CA SER K 176 45.24 -54.33 -37.23
C SER K 176 44.99 -52.84 -37.31
N ILE K 177 44.24 -52.31 -36.36
CA ILE K 177 44.04 -50.87 -36.39
C ILE K 177 44.42 -50.28 -35.05
N THR K 178 45.49 -49.50 -35.11
CA THR K 178 46.14 -48.88 -33.96
C THR K 178 45.77 -47.40 -33.85
N ASP K 179 45.61 -46.89 -32.65
CA ASP K 179 45.51 -45.45 -32.51
C ASP K 179 46.77 -44.89 -31.87
N ASN K 180 47.54 -44.12 -32.62
CA ASN K 180 48.56 -43.32 -31.98
C ASN K 180 48.19 -41.86 -32.19
N THR K 181 47.61 -41.29 -31.14
CA THR K 181 47.25 -39.89 -31.11
C THR K 181 48.16 -39.23 -30.12
N PRO K 182 48.79 -38.13 -30.51
CA PRO K 182 49.57 -37.42 -29.48
C PRO K 182 48.70 -37.10 -28.26
N ILE K 183 49.20 -37.50 -27.10
CA ILE K 183 48.59 -37.19 -25.82
C ILE K 183 49.69 -36.66 -24.96
N PRO K 184 49.80 -35.35 -24.88
CA PRO K 184 50.93 -34.94 -24.05
C PRO K 184 50.62 -35.27 -22.59
N HIS K 185 51.65 -35.61 -21.84
CA HIS K 185 51.61 -35.92 -20.40
C HIS K 185 51.95 -34.63 -19.63
N ASN K 186 51.57 -33.55 -20.33
CA ASN K 186 51.81 -32.12 -20.14
C ASN K 186 53.14 -31.50 -20.53
N GLY K 187 53.35 -31.45 -21.85
CA GLY K 187 54.32 -30.60 -22.52
C GLY K 187 53.58 -29.33 -22.92
N CYS K 188 53.90 -28.76 -24.09
CA CYS K 188 53.45 -27.41 -24.50
C CYS K 188 51.97 -27.07 -24.40
N ARG K 189 51.73 -25.91 -23.80
CA ARG K 189 50.43 -25.31 -23.62
C ARG K 189 49.74 -24.99 -24.93
N PRO K 190 48.55 -25.56 -25.17
CA PRO K 190 47.78 -25.39 -26.41
C PRO K 190 47.19 -23.99 -26.51
N ARG K 191 46.70 -23.55 -27.66
CA ARG K 191 46.18 -22.18 -27.79
C ARG K 191 44.90 -21.90 -27.00
N LYS K 192 44.62 -20.62 -26.75
CA LYS K 192 43.51 -20.22 -25.88
C LYS K 192 42.13 -20.58 -26.42
N ALA K 193 41.13 -20.58 -25.55
CA ALA K 193 39.76 -20.95 -25.93
C ALA K 193 39.07 -19.93 -26.83
N ARG K 194 38.13 -20.39 -27.66
CA ARG K 194 37.38 -19.51 -28.55
C ARG K 194 36.18 -18.82 -27.89
N ARG K 195 35.79 -17.67 -28.40
CA ARG K 195 34.75 -16.80 -27.81
C ARG K 195 35.06 -16.36 -26.38
N LEU K 196 35.94 -15.37 -26.22
CA LEU K 196 36.20 -14.71 -24.93
C LEU K 196 34.96 -14.17 -24.21
N ALA L 31 30.51 -4.24 20.88
CA ALA L 31 31.94 -4.32 21.18
C ALA L 31 32.09 -4.99 22.51
N THR L 32 33.32 -5.21 22.97
CA THR L 32 33.50 -5.79 24.31
C THR L 32 33.62 -4.69 25.35
N LEU L 33 33.76 -5.07 26.61
CA LEU L 33 33.71 -4.06 27.65
C LEU L 33 34.97 -3.27 27.62
N ASN L 34 36.08 -3.92 27.31
CA ASN L 34 37.32 -3.18 27.16
C ASN L 34 37.22 -2.17 26.03
N GLN L 35 36.83 -2.61 24.86
CA GLN L 35 36.71 -1.71 23.73
C GLN L 35 35.79 -0.55 24.00
N MET L 36 34.73 -0.79 24.76
CA MET L 36 33.81 0.28 25.09
C MET L 36 34.41 1.22 26.12
N HIS L 37 35.35 0.69 26.91
CA HIS L 37 36.03 1.51 27.91
C HIS L 37 37.00 2.42 27.22
N ARG L 38 37.61 1.87 26.19
CA ARG L 38 38.71 2.51 25.49
C ARG L 38 38.24 3.61 24.54
N LEU L 39 37.01 3.52 24.05
CA LEU L 39 36.49 4.58 23.21
C LEU L 39 35.70 5.64 23.95
N GLY L 40 35.33 5.37 25.20
CA GLY L 40 34.36 6.22 25.88
C GLY L 40 32.96 6.01 25.31
N PRO L 41 31.94 6.60 25.95
CA PRO L 41 30.58 6.46 25.41
C PRO L 41 30.42 7.30 24.15
N PRO L 42 29.40 7.01 23.33
CA PRO L 42 29.29 7.78 22.08
C PRO L 42 28.85 9.20 22.37
N LYS L 43 29.40 10.17 21.65
CA LYS L 43 29.07 11.57 21.89
C LYS L 43 28.29 12.17 20.71
N HIS L 44 27.21 12.88 21.01
CA HIS L 44 26.38 13.45 19.94
C HIS L 44 27.09 14.59 19.23
N PRO L 45 27.30 14.44 17.91
CA PRO L 45 28.08 15.44 17.17
C PRO L 45 27.34 16.77 17.14
N PRO L 46 28.06 17.87 17.30
CA PRO L 46 27.43 19.20 17.30
C PRO L 46 26.69 19.46 15.98
N GLY L 47 25.64 20.25 16.04
CA GLY L 47 24.85 20.55 14.86
C GLY L 47 25.71 21.31 13.86
N LYS L 48 25.74 20.82 12.63
CA LYS L 48 26.45 21.52 11.55
C LYS L 48 25.63 22.74 11.15
N MET L 49 26.31 23.86 10.85
CA MET L 49 25.60 25.12 10.68
C MET L 49 25.22 25.43 9.23
N GLY L 50 24.04 26.05 9.09
CA GLY L 50 23.43 26.28 7.79
C GLY L 50 23.62 27.67 7.20
N PRO L 51 22.77 28.04 6.25
CA PRO L 51 22.80 29.24 5.40
C PRO L 51 22.78 30.57 6.19
N THR L 52 22.02 30.60 7.28
CA THR L 52 21.92 31.80 8.09
C THR L 52 22.98 31.84 9.19
N ALA L 53 23.90 30.89 9.13
CA ALA L 53 25.05 30.85 10.04
C ALA L 53 24.62 30.76 11.50
N GLY L 54 23.47 30.15 11.73
CA GLY L 54 22.97 29.96 13.08
C GLY L 54 22.16 31.12 13.61
N ARG L 55 22.04 32.19 12.82
CA ARG L 55 21.18 33.30 13.19
C ARG L 55 19.77 33.07 12.63
N PRO L 56 18.74 33.60 13.30
CA PRO L 56 17.37 33.46 12.84
C PRO L 56 17.05 34.20 11.55
N GLN L 57 17.53 35.42 11.40
CA GLN L 57 17.42 36.09 10.13
C GLN L 57 18.75 36.69 9.72
N LEU L 58 18.76 37.25 8.53
CA LEU L 58 19.89 38.02 8.11
C LEU L 58 19.34 39.17 7.32
N LYS L 59 20.05 40.27 7.29
CA LYS L 59 19.62 41.36 6.45
C LYS L 59 20.50 41.38 5.21
N GLY L 60 19.91 41.56 4.03
CA GLY L 60 20.73 41.62 2.83
C GLY L 60 20.18 42.43 1.68
N VAL L 61 21.07 42.95 0.82
CA VAL L 61 20.65 43.77 -0.32
C VAL L 61 20.50 42.96 -1.57
N VAL L 62 19.53 43.34 -2.39
CA VAL L 62 19.21 42.61 -3.59
C VAL L 62 20.15 42.93 -4.73
N LEU L 63 20.87 41.95 -5.22
CA LEU L 63 21.73 42.14 -6.38
C LEU L 63 20.98 42.03 -7.70
N ARG L 64 20.16 41.00 -7.82
CA ARG L 64 19.51 40.70 -9.09
C ARG L 64 18.24 39.95 -8.84
N THR L 65 17.23 40.17 -9.66
CA THR L 65 16.02 39.37 -9.56
C THR L 65 15.92 38.50 -10.81
N PHE L 66 15.68 37.21 -10.63
CA PHE L 66 15.60 36.32 -11.77
C PHE L 66 14.58 35.19 -11.53
N ILE L 67 14.64 34.17 -12.38
CA ILE L 67 13.69 33.06 -12.32
C ILE L 67 14.38 31.69 -12.45
N ARG L 68 13.94 30.71 -11.67
CA ARG L 68 14.47 29.35 -11.76
C ARG L 68 13.40 28.29 -11.92
N LYS L 69 13.64 27.37 -12.84
CA LYS L 69 12.78 26.21 -12.99
C LYS L 69 13.02 25.23 -11.84
N PRO L 70 11.95 24.55 -11.40
CA PRO L 70 12.07 23.53 -10.35
C PRO L 70 12.74 22.29 -10.88
N LYS L 71 12.79 21.26 -10.06
CA LYS L 71 13.30 19.98 -10.52
C LYS L 71 12.23 19.19 -11.24
N LYS L 72 12.66 18.05 -11.78
CA LYS L 72 11.95 17.37 -12.85
C LYS L 72 10.47 17.05 -12.61
N PRO L 73 10.14 16.33 -11.53
CA PRO L 73 8.79 15.78 -11.48
C PRO L 73 7.70 16.82 -11.52
N ASN L 74 7.99 18.02 -11.10
CA ASN L 74 6.96 19.04 -11.02
C ASN L 74 7.48 20.41 -11.41
N SER L 75 6.73 21.11 -12.26
CA SER L 75 7.26 22.34 -12.87
C SER L 75 6.43 23.62 -12.84
N ALA L 76 7.16 24.74 -12.83
CA ALA L 76 6.68 26.12 -12.82
C ALA L 76 7.91 26.98 -13.10
N ASN L 77 7.81 28.30 -12.97
CA ASN L 77 9.05 29.07 -12.85
C ASN L 77 8.98 30.00 -11.64
N ARG L 78 9.91 29.77 -10.72
CA ARG L 78 9.87 30.33 -9.39
C ARG L 78 10.68 31.60 -9.32
N LYS L 79 10.11 32.64 -8.69
CA LYS L 79 10.81 33.92 -8.60
C LYS L 79 11.78 33.90 -7.42
N CYS L 80 13.04 34.13 -7.75
CA CYS L 80 14.11 34.21 -6.79
C CYS L 80 14.81 35.51 -6.97
N CYS L 81 15.67 35.83 -6.00
CA CYS L 81 16.63 36.90 -6.18
C CYS L 81 17.97 36.42 -5.73
N ARG L 82 18.99 37.22 -6.00
CA ARG L 82 20.30 37.01 -5.44
C ARG L 82 20.51 38.07 -4.39
N VAL L 83 20.95 37.70 -3.19
CA VAL L 83 21.18 38.74 -2.19
C VAL L 83 22.60 38.67 -1.69
N ARG L 84 23.08 39.81 -1.23
CA ARG L 84 24.31 39.86 -0.47
C ARG L 84 23.90 40.02 0.97
N LEU L 85 24.48 39.23 1.87
CA LEU L 85 24.08 39.19 3.27
C LEU L 85 25.10 39.88 4.16
N SER L 86 24.63 40.33 5.32
CA SER L 86 25.44 41.11 6.26
C SER L 86 26.76 40.39 6.59
N THR L 87 26.78 39.07 6.38
CA THR L 87 28.00 38.30 6.62
C THR L 87 28.92 38.37 5.40
N GLY L 88 28.52 39.14 4.39
CA GLY L 88 29.35 39.34 3.23
C GLY L 88 29.20 38.24 2.20
N ARG L 89 28.59 37.14 2.60
CA ARG L 89 28.39 36.02 1.69
C ARG L 89 27.21 36.30 0.78
N GLU L 90 27.35 35.93 -0.49
CA GLU L 90 26.32 36.19 -1.47
C GLU L 90 25.56 34.88 -1.76
N ALA L 91 24.24 34.93 -1.82
CA ALA L 91 23.45 33.71 -1.91
C ALA L 91 22.10 33.87 -2.59
N VAL L 92 21.69 32.81 -3.30
CA VAL L 92 20.38 32.79 -3.94
C VAL L 92 19.28 32.64 -2.91
N CYS L 93 18.20 33.36 -3.10
CA CYS L 93 17.15 33.36 -2.11
C CYS L 93 15.80 33.42 -2.80
N PHE L 94 14.74 32.97 -2.15
CA PHE L 94 13.47 32.81 -2.84
C PHE L 94 12.35 33.71 -2.33
N ILE L 95 11.50 34.17 -3.23
CA ILE L 95 10.45 35.11 -2.84
C ILE L 95 9.06 34.50 -2.87
N PRO L 96 8.49 34.25 -1.69
CA PRO L 96 7.16 33.69 -1.48
C PRO L 96 6.05 34.61 -1.95
N GLY L 97 4.84 34.07 -2.02
CA GLY L 97 3.65 34.85 -2.37
C GLY L 97 3.54 35.03 -3.86
N GLU L 98 2.38 35.46 -4.34
CA GLU L 98 2.25 35.67 -5.78
C GLU L 98 2.34 37.14 -6.15
N GLY L 99 3.40 37.44 -6.89
CA GLY L 99 3.73 38.80 -7.27
C GLY L 99 4.65 39.43 -6.25
N HIS L 100 5.41 40.43 -6.69
CA HIS L 100 6.34 41.12 -5.84
C HIS L 100 6.96 42.27 -6.60
N SER L 101 7.46 43.23 -5.86
CA SER L 101 8.21 44.32 -6.44
C SER L 101 9.56 44.33 -5.78
N LEU L 102 10.60 43.95 -6.51
CA LEU L 102 11.93 44.01 -5.94
C LEU L 102 12.91 44.41 -7.02
N GLN L 103 13.73 45.41 -6.71
CA GLN L 103 14.70 45.93 -7.64
C GLN L 103 16.06 45.76 -6.99
N GLU L 104 17.12 45.95 -7.76
CA GLU L 104 18.44 45.99 -7.16
C GLU L 104 18.47 47.09 -6.10
N HIS L 105 19.35 46.92 -5.13
CA HIS L 105 19.59 47.89 -4.05
C HIS L 105 18.50 47.88 -2.99
N HIS L 106 17.42 47.13 -3.16
CA HIS L 106 16.45 47.00 -2.07
C HIS L 106 17.02 46.16 -0.95
N VAL L 107 16.82 46.57 0.29
CA VAL L 107 17.25 45.70 1.36
C VAL L 107 16.07 44.85 1.78
N VAL L 108 16.34 43.59 2.04
CA VAL L 108 15.35 42.65 2.49
C VAL L 108 15.88 41.96 3.69
N LEU L 109 14.99 41.22 4.33
CA LEU L 109 15.37 40.40 5.45
C LEU L 109 15.10 38.93 5.13
N VAL L 110 16.12 38.09 5.16
CA VAL L 110 15.94 36.70 4.77
C VAL L 110 16.00 35.72 5.93
N GLN L 111 15.34 34.58 5.74
CA GLN L 111 15.20 33.59 6.80
C GLN L 111 15.35 32.19 6.24
N GLY L 112 15.42 31.23 7.15
CA GLY L 112 16.00 29.93 6.86
C GLY L 112 15.29 28.82 6.13
N GLY L 113 13.98 28.91 5.91
CA GLY L 113 13.29 27.80 5.26
C GLY L 113 13.79 27.42 3.86
N ARG L 114 14.09 26.15 3.64
CA ARG L 114 14.58 25.71 2.32
C ARG L 114 13.43 25.35 1.38
N THR L 115 13.51 25.83 0.13
CA THR L 115 12.47 25.57 -0.88
C THR L 115 12.70 24.26 -1.60
N GLN L 116 11.73 23.35 -1.51
CA GLN L 116 11.94 21.95 -1.85
C GLN L 116 12.18 21.70 -3.34
N ASP L 117 11.43 22.40 -4.19
CA ASP L 117 11.59 22.26 -5.63
C ASP L 117 12.97 22.68 -6.06
N LEU L 118 13.31 23.92 -5.75
CA LEU L 118 14.54 24.50 -6.23
C LEU L 118 15.74 23.82 -5.59
N PRO L 119 16.55 23.15 -6.41
CA PRO L 119 17.83 22.68 -5.89
C PRO L 119 18.75 23.85 -5.64
N GLY L 120 19.39 23.87 -4.48
CA GLY L 120 20.37 24.87 -4.14
C GLY L 120 19.86 26.09 -3.38
N VAL L 121 18.55 26.28 -3.33
CA VAL L 121 18.04 27.51 -2.74
C VAL L 121 17.53 27.31 -1.32
N LYS L 122 18.35 27.76 -0.38
CA LYS L 122 18.13 27.49 1.04
C LYS L 122 17.54 28.64 1.85
N LEU L 123 17.34 29.80 1.22
CA LEU L 123 16.84 30.96 1.94
C LEU L 123 15.55 31.49 1.35
N THR L 124 14.90 32.33 2.14
CA THR L 124 13.56 32.84 1.83
C THR L 124 13.43 34.29 2.28
N VAL L 125 12.91 35.15 1.42
CA VAL L 125 12.69 36.50 1.83
C VAL L 125 11.56 36.58 2.85
N VAL L 126 11.73 37.39 3.89
CA VAL L 126 10.62 37.64 4.80
C VAL L 126 9.70 38.68 4.19
N ARG L 127 8.47 38.28 3.94
CA ARG L 127 7.48 39.17 3.39
C ARG L 127 6.99 40.10 4.49
N GLY L 128 6.90 41.38 4.19
CA GLY L 128 6.40 42.35 5.17
C GLY L 128 7.46 43.12 5.95
N LYS L 129 8.72 43.07 5.49
CA LYS L 129 9.79 43.79 6.18
C LYS L 129 10.73 44.53 5.25
N TYR L 130 11.11 45.74 5.63
CA TYR L 130 11.93 46.63 4.81
C TYR L 130 11.27 46.83 3.45
N ASP L 131 11.97 46.47 2.36
CA ASP L 131 11.45 46.79 1.04
C ASP L 131 10.56 45.73 0.40
N CYS L 132 10.44 44.56 1.02
CA CYS L 132 9.44 43.59 0.57
C CYS L 132 8.17 43.76 1.38
N GLY L 133 7.11 44.24 0.74
CA GLY L 133 5.87 44.54 1.40
C GLY L 133 4.99 43.31 1.42
N HIS L 134 3.96 43.31 2.26
CA HIS L 134 3.05 42.19 2.29
C HIS L 134 2.34 42.07 0.96
N VAL L 135 1.93 40.86 0.62
CA VAL L 135 1.23 40.64 -0.64
C VAL L 135 -0.10 41.37 -0.66
N GLN L 136 -0.29 42.13 -1.73
CA GLN L 136 -1.48 42.94 -1.88
C GLN L 136 -2.64 42.14 -2.43
N LYS L 137 -3.73 42.14 -1.68
CA LYS L 137 -4.93 41.40 -2.02
C LYS L 137 -5.55 41.98 -3.27
N LYS L 138 -6.03 41.10 -4.14
CA LYS L 138 -6.36 41.46 -5.52
C LYS L 138 -7.36 42.62 -5.63
N LYS L 139 -6.95 43.62 -6.40
CA LYS L 139 -7.73 44.84 -6.62
C LYS L 139 -7.61 45.33 -8.06
N TYR M 28 -42.39 16.82 -32.71
CA TYR M 28 -41.03 16.89 -33.25
C TYR M 28 -40.63 15.64 -34.01
N TYR M 29 -40.21 15.82 -35.26
CA TYR M 29 -39.46 14.78 -35.97
C TYR M 29 -38.02 14.84 -35.45
N VAL M 30 -37.40 13.67 -35.34
CA VAL M 30 -36.16 13.53 -34.59
C VAL M 30 -35.08 14.50 -35.05
N ASP M 31 -35.10 14.83 -36.33
CA ASP M 31 -34.13 15.76 -36.86
C ASP M 31 -34.75 16.77 -37.82
N TRP M 32 -34.11 17.92 -37.95
CA TRP M 32 -34.51 18.91 -38.94
C TRP M 32 -34.59 18.27 -40.31
N LYS M 33 -33.61 17.42 -40.63
CA LYS M 33 -33.57 16.75 -41.93
C LYS M 33 -34.87 16.01 -42.16
N MET M 34 -35.27 15.22 -41.17
CA MET M 34 -36.53 14.48 -41.22
C MET M 34 -37.69 15.42 -41.54
N LEU M 35 -37.69 16.60 -40.92
CA LEU M 35 -38.70 17.62 -41.18
C LEU M 35 -38.74 17.98 -42.66
N ARG M 36 -37.56 18.32 -43.17
CA ARG M 36 -37.41 18.62 -44.59
C ARG M 36 -38.06 17.54 -45.42
N ASP M 37 -37.78 16.31 -45.05
CA ASP M 37 -38.26 15.18 -45.81
C ASP M 37 -39.77 15.07 -45.76
N VAL M 38 -40.34 15.25 -44.57
CA VAL M 38 -41.80 15.24 -44.43
C VAL M 38 -42.44 16.24 -45.39
N LYS M 39 -41.92 17.47 -45.37
CA LYS M 39 -42.41 18.50 -46.29
C LYS M 39 -42.36 17.98 -47.72
N ARG M 40 -41.18 17.51 -48.11
CA ARG M 40 -40.97 17.00 -49.46
C ARG M 40 -42.00 15.96 -49.86
N ARG M 41 -42.28 15.02 -48.97
CA ARG M 41 -43.27 14.00 -49.28
C ARG M 41 -44.67 14.59 -49.40
N LYS M 42 -44.97 15.61 -48.60
CA LYS M 42 -46.27 16.28 -48.71
C LYS M 42 -46.46 16.97 -50.07
N MET M 43 -45.50 17.82 -50.42
CA MET M 43 -45.54 18.54 -51.68
C MET M 43 -45.60 17.55 -52.84
N ALA M 44 -44.70 16.58 -52.82
CA ALA M 44 -44.67 15.57 -53.86
C ALA M 44 -45.99 14.79 -53.96
N TYR M 45 -46.72 14.68 -52.86
CA TYR M 45 -48.03 14.07 -52.93
C TYR M 45 -49.02 14.98 -53.61
N GLU M 46 -48.99 16.25 -53.22
CA GLU M 46 -49.89 17.25 -53.78
C GLU M 46 -49.80 17.40 -55.32
N TYR M 47 -48.60 17.54 -55.85
CA TYR M 47 -48.41 17.83 -57.27
C TYR M 47 -48.30 16.60 -58.15
N ALA M 48 -48.50 15.42 -57.57
CA ALA M 48 -48.35 14.17 -58.31
C ALA M 48 -49.18 14.15 -59.59
N ASP M 49 -50.42 14.62 -59.48
CA ASP M 49 -51.33 14.67 -60.60
C ASP M 49 -50.87 15.59 -61.73
N GLU M 50 -50.50 16.82 -61.39
CA GLU M 50 -49.97 17.74 -62.37
C GLU M 50 -48.75 17.12 -63.05
N ARG M 51 -47.77 16.72 -62.24
CA ARG M 51 -46.52 16.16 -62.76
C ARG M 51 -46.77 15.02 -63.71
N LEU M 52 -47.67 14.11 -63.33
CA LEU M 52 -47.99 12.97 -64.16
C LEU M 52 -48.59 13.43 -65.49
N ARG M 53 -49.65 14.24 -65.39
CA ARG M 53 -50.36 14.71 -66.57
C ARG M 53 -49.45 15.38 -67.59
N ILE M 54 -48.48 16.13 -67.10
CA ILE M 54 -47.53 16.84 -67.97
C ILE M 54 -46.48 15.92 -68.56
N ASN M 55 -45.90 15.09 -67.71
CA ASN M 55 -44.90 14.15 -68.16
C ASN M 55 -45.50 13.12 -69.12
N SER M 56 -46.82 13.08 -69.20
CA SER M 56 -47.47 12.29 -70.24
C SER M 56 -47.08 12.87 -71.58
N LEU M 57 -47.34 14.15 -71.75
CA LEU M 57 -47.02 14.89 -72.97
C LEU M 57 -45.54 14.77 -73.27
N ARG M 58 -44.74 15.03 -72.24
CA ARG M 58 -43.27 15.05 -72.38
C ARG M 58 -42.66 13.74 -72.93
N LYS M 59 -43.23 12.61 -72.51
CA LYS M 59 -42.64 11.28 -72.77
C LYS M 59 -43.18 10.61 -74.03
N ASN M 60 -43.96 11.38 -74.78
CA ASN M 60 -44.66 10.85 -75.93
C ASN M 60 -44.04 11.24 -77.27
N THR M 61 -43.86 10.28 -78.18
CA THR M 61 -43.35 10.57 -79.52
C THR M 61 -44.44 11.09 -80.48
N ILE M 62 -45.69 10.74 -80.20
CA ILE M 62 -46.82 11.02 -81.08
C ILE M 62 -47.13 12.52 -81.24
N LEU M 63 -47.10 13.25 -80.13
CA LEU M 63 -47.35 14.70 -80.18
C LEU M 63 -46.17 15.44 -80.82
N PRO M 64 -46.43 16.65 -81.35
CA PRO M 64 -45.38 17.49 -81.97
C PRO M 64 -44.42 18.07 -80.94
N LYS M 65 -43.21 18.41 -81.37
CA LYS M 65 -42.17 18.89 -80.46
C LYS M 65 -42.53 20.25 -79.84
N ASP M 66 -43.34 21.02 -80.55
CA ASP M 66 -43.68 22.37 -80.12
C ASP M 66 -44.54 22.35 -78.86
N LEU M 67 -45.36 21.33 -78.72
CA LEU M 67 -46.14 21.13 -77.50
C LEU M 67 -45.22 20.69 -76.37
N GLN M 68 -44.26 19.86 -76.73
CA GLN M 68 -43.38 19.23 -75.76
C GLN M 68 -42.36 20.20 -75.15
N GLU M 69 -42.00 21.26 -75.87
CA GLU M 69 -41.07 22.23 -75.29
C GLU M 69 -41.77 23.12 -74.28
N VAL M 70 -43.02 23.47 -74.59
CA VAL M 70 -43.85 24.23 -73.67
C VAL M 70 -44.17 23.43 -72.43
N ALA M 71 -44.54 22.16 -72.64
CA ALA M 71 -44.79 21.22 -71.56
C ALA M 71 -43.53 21.01 -70.70
N ASP M 72 -42.38 21.04 -71.35
CA ASP M 72 -41.08 20.96 -70.69
C ASP M 72 -40.89 22.12 -69.69
N GLU M 73 -41.03 23.35 -70.18
CA GLU M 73 -40.95 24.51 -69.28
C GLU M 73 -42.05 24.41 -68.21
N GLU M 74 -43.17 23.81 -68.57
CA GLU M 74 -44.30 23.63 -67.65
C GLU M 74 -43.92 22.83 -66.43
N ILE M 75 -43.29 21.67 -66.65
CA ILE M 75 -42.92 20.81 -65.54
C ILE M 75 -41.65 21.29 -64.82
N ALA M 76 -40.81 22.05 -65.51
CA ALA M 76 -39.66 22.62 -64.81
C ALA M 76 -40.05 23.92 -64.09
N SER M 77 -41.31 24.34 -64.25
CA SER M 77 -41.89 25.48 -63.51
C SER M 77 -42.29 25.09 -62.10
N LEU M 78 -42.80 23.87 -61.99
CA LEU M 78 -43.29 23.30 -60.73
C LEU M 78 -42.25 23.38 -59.63
N PRO M 79 -42.70 23.62 -58.39
CA PRO M 79 -41.82 23.77 -57.22
C PRO M 79 -40.83 22.63 -57.18
N ARG M 80 -39.58 22.94 -56.89
CA ARG M 80 -38.52 21.96 -57.04
C ARG M 80 -38.66 20.83 -56.01
N ASP M 81 -39.29 21.12 -54.88
CA ASP M 81 -39.45 20.09 -53.84
C ASP M 81 -40.66 19.20 -54.06
N SER M 82 -41.33 19.38 -55.19
CA SER M 82 -42.44 18.51 -55.54
C SER M 82 -41.98 17.28 -56.32
N CYS M 83 -40.73 17.26 -56.80
CA CYS M 83 -40.30 16.10 -57.61
C CYS M 83 -39.71 14.98 -56.75
N PRO M 84 -40.14 13.74 -57.04
CA PRO M 84 -39.95 12.60 -56.16
C PRO M 84 -38.51 12.19 -55.96
N VAL M 85 -37.65 12.37 -56.95
CA VAL M 85 -36.26 11.97 -56.78
C VAL M 85 -35.57 12.65 -55.60
N ARG M 86 -36.16 13.74 -55.12
CA ARG M 86 -35.62 14.49 -54.00
C ARG M 86 -36.02 13.90 -52.65
N ILE M 87 -36.76 12.80 -52.67
CA ILE M 87 -37.19 12.14 -51.44
C ILE M 87 -36.11 11.18 -50.96
N ARG M 88 -35.97 11.06 -49.66
CA ARG M 88 -35.09 10.06 -49.11
C ARG M 88 -35.87 9.15 -48.15
N ASN M 89 -35.72 7.84 -48.30
CA ASN M 89 -36.25 6.95 -47.29
C ASN M 89 -35.31 6.95 -46.10
N ARG M 90 -35.80 7.41 -44.97
CA ARG M 90 -34.95 7.59 -43.80
C ARG M 90 -35.40 6.64 -42.73
N CYS M 91 -34.52 6.30 -41.80
CA CYS M 91 -34.96 5.51 -40.68
C CYS M 91 -36.06 6.29 -40.00
N VAL M 92 -37.13 5.60 -39.64
CA VAL M 92 -38.29 6.30 -39.12
C VAL M 92 -38.14 6.71 -37.67
N MET M 93 -37.55 5.86 -36.82
CA MET M 93 -37.25 6.30 -35.45
C MET M 93 -36.00 7.15 -35.37
N THR M 94 -34.92 6.68 -35.98
CA THR M 94 -33.65 7.30 -35.68
C THR M 94 -33.15 8.29 -36.75
N SER M 95 -33.87 8.40 -37.87
CA SER M 95 -33.55 9.37 -38.94
C SER M 95 -32.29 9.09 -39.79
N ARG M 96 -31.59 7.98 -39.53
CA ARG M 96 -30.44 7.56 -40.35
C ARG M 96 -30.76 7.42 -41.85
N PRO M 97 -30.01 8.12 -42.69
CA PRO M 97 -30.22 8.30 -44.14
C PRO M 97 -29.91 7.07 -44.99
N ARG M 98 -29.16 6.13 -44.43
CA ARG M 98 -28.79 4.91 -45.13
C ARG M 98 -28.49 3.78 -44.16
N GLY M 99 -28.43 2.54 -44.64
CA GLY M 99 -28.32 1.41 -43.75
C GLY M 99 -29.72 1.10 -43.27
N VAL M 100 -30.68 1.37 -44.15
CA VAL M 100 -32.08 1.15 -43.86
C VAL M 100 -32.57 -0.12 -44.52
N LYS M 101 -33.46 -0.84 -43.84
CA LYS M 101 -34.12 -1.96 -44.46
C LYS M 101 -35.54 -1.54 -44.82
N ARG M 102 -35.85 -1.52 -46.12
CA ARG M 102 -37.12 -0.96 -46.60
C ARG M 102 -38.37 -1.54 -45.96
N ARG M 103 -38.33 -2.81 -45.62
CA ARG M 103 -39.52 -3.48 -45.13
C ARG M 103 -40.00 -2.93 -43.79
N TRP M 104 -39.08 -2.68 -42.86
CA TRP M 104 -39.48 -2.12 -41.58
C TRP M 104 -39.29 -0.62 -41.48
N ARG M 105 -38.76 -0.02 -42.54
CA ARG M 105 -38.47 1.40 -42.55
C ARG M 105 -37.59 1.75 -41.37
N LEU M 106 -36.68 0.84 -41.06
CA LEU M 106 -35.84 0.94 -39.88
C LEU M 106 -34.36 0.95 -40.21
N SER M 107 -33.61 1.74 -39.45
CA SER M 107 -32.16 1.74 -39.55
C SER M 107 -31.66 0.37 -39.20
N ARG M 108 -30.51 0.00 -39.74
CA ARG M 108 -29.96 -1.32 -39.47
C ARG M 108 -29.77 -1.46 -37.98
N ILE M 109 -29.32 -0.38 -37.34
CA ILE M 109 -29.00 -0.42 -35.93
C ILE M 109 -30.22 -0.60 -35.05
N VAL M 110 -31.26 0.18 -35.35
CA VAL M 110 -32.48 0.08 -34.59
C VAL M 110 -33.18 -1.25 -34.88
N PHE M 111 -33.11 -1.70 -36.13
CA PHE M 111 -33.66 -3.00 -36.46
C PHE M 111 -33.02 -4.07 -35.62
N ARG M 112 -31.70 -4.13 -35.60
CA ARG M 112 -31.06 -5.12 -34.78
C ARG M 112 -31.47 -4.97 -33.33
N HIS M 113 -31.57 -3.74 -32.85
CA HIS M 113 -31.90 -3.54 -31.45
C HIS M 113 -33.25 -4.07 -31.08
N LEU M 114 -34.22 -3.97 -31.98
CA LEU M 114 -35.54 -4.56 -31.71
C LEU M 114 -35.53 -6.08 -31.87
N ALA M 115 -34.93 -6.57 -32.95
CA ALA M 115 -34.96 -8.00 -33.22
C ALA M 115 -34.23 -8.78 -32.15
N ASP M 116 -33.18 -8.20 -31.58
CA ASP M 116 -32.36 -8.93 -30.61
C ASP M 116 -32.99 -9.01 -29.22
N HIS M 117 -34.03 -8.22 -29.00
CA HIS M 117 -34.83 -8.40 -27.81
C HIS M 117 -36.04 -9.22 -28.14
N GLY M 118 -36.18 -9.57 -29.41
CA GLY M 118 -37.24 -10.46 -29.84
C GLY M 118 -38.59 -9.77 -29.93
N GLN M 119 -38.56 -8.50 -30.26
CA GLN M 119 -39.79 -7.75 -30.42
C GLN M 119 -40.23 -7.69 -31.88
N LEU M 120 -39.48 -8.35 -32.76
CA LEU M 120 -39.89 -8.47 -34.15
C LEU M 120 -40.35 -9.88 -34.43
N SER M 121 -41.66 -10.05 -34.64
CA SER M 121 -42.23 -11.37 -34.71
C SER M 121 -41.70 -12.16 -35.89
N GLY M 122 -41.22 -13.36 -35.63
CA GLY M 122 -40.79 -14.25 -36.69
C GLY M 122 -39.40 -13.95 -37.23
N VAL M 123 -38.72 -13.01 -36.59
CA VAL M 123 -37.35 -12.71 -36.93
C VAL M 123 -36.47 -13.41 -35.92
N GLN M 124 -35.35 -13.95 -36.37
CA GLN M 124 -34.47 -14.68 -35.49
C GLN M 124 -33.08 -14.65 -36.08
N ARG M 125 -32.08 -14.96 -35.28
CA ARG M 125 -30.73 -15.09 -35.82
C ARG M 125 -30.77 -16.23 -36.81
N ALA M 126 -29.84 -16.24 -37.74
CA ALA M 126 -29.81 -17.26 -38.77
C ALA M 126 -28.61 -18.18 -38.59
N MET M 127 -28.89 -19.45 -38.36
CA MET M 127 -27.86 -20.45 -38.47
C MET M 127 -28.18 -21.37 -39.63
N TRP M 128 -27.17 -21.70 -40.44
CA TRP M 128 -27.26 -22.78 -41.42
C TRP M 128 -25.88 -23.07 -42.00
N GLN N 65 81.31 -23.29 18.10
CA GLN N 65 80.63 -24.46 17.55
C GLN N 65 81.16 -25.76 18.14
N ASP N 66 80.25 -26.66 18.52
CA ASP N 66 80.66 -27.94 19.10
C ASP N 66 80.79 -29.02 18.02
N ASP N 67 81.30 -30.17 18.42
CA ASP N 67 81.66 -31.23 17.47
C ASP N 67 81.38 -32.64 18.04
N PRO N 68 80.14 -33.15 17.90
CA PRO N 68 79.77 -34.48 18.39
C PRO N 68 80.40 -35.55 17.51
N PRO N 69 81.62 -36.00 17.86
CA PRO N 69 82.62 -36.70 17.03
C PRO N 69 82.02 -37.81 16.19
N PRO N 70 82.53 -38.03 14.97
CA PRO N 70 81.95 -38.96 13.98
C PRO N 70 81.73 -40.38 14.52
N SER N 71 82.56 -40.81 15.47
CA SER N 71 82.59 -42.19 15.97
C SER N 71 81.64 -42.43 17.16
N MET N 72 80.84 -41.43 17.50
CA MET N 72 80.20 -41.34 18.79
C MET N 72 79.07 -42.32 19.11
N LEU N 73 78.71 -43.23 18.20
CA LEU N 73 77.91 -44.37 18.66
C LEU N 73 76.52 -44.02 19.21
N LEU N 74 75.52 -43.89 18.33
CA LEU N 74 74.28 -43.18 18.60
C LEU N 74 73.59 -43.47 19.91
N LEU N 75 72.84 -42.47 20.33
CA LEU N 75 72.23 -42.37 21.64
C LEU N 75 71.61 -43.68 22.15
N ASP N 76 70.87 -44.36 21.28
CA ASP N 76 70.11 -45.52 21.71
C ASP N 76 71.00 -46.74 21.95
N TYR N 77 72.12 -46.81 21.25
CA TYR N 77 73.04 -47.94 21.35
C TYR N 77 74.20 -47.73 22.33
N GLN N 78 74.19 -46.64 23.09
CA GLN N 78 75.31 -46.34 23.98
C GLN N 78 75.34 -47.22 25.23
N ASN N 79 74.16 -47.48 25.78
CA ASN N 79 74.03 -48.20 27.04
C ASN N 79 73.75 -49.69 26.92
N VAL N 80 73.70 -50.23 25.70
CA VAL N 80 73.57 -51.68 25.56
C VAL N 80 74.91 -52.36 25.83
N PRO N 81 74.87 -53.43 26.64
CA PRO N 81 76.03 -54.12 27.21
C PRO N 81 76.99 -54.75 26.19
N GLY N 82 78.28 -54.51 26.41
CA GLY N 82 79.32 -55.19 25.66
C GLY N 82 79.48 -54.67 24.25
N ILE N 83 78.98 -53.47 24.01
CA ILE N 83 79.05 -52.86 22.70
C ILE N 83 80.49 -52.74 22.23
N HIS N 84 81.39 -52.42 23.14
CA HIS N 84 82.75 -52.11 22.75
C HIS N 84 83.55 -53.34 22.32
N LYS N 85 83.01 -54.52 22.58
CA LYS N 85 83.66 -55.77 22.19
C LYS N 85 83.39 -56.12 20.71
N VAL N 86 82.34 -55.54 20.14
CA VAL N 86 81.93 -55.80 18.76
C VAL N 86 83.01 -55.35 17.76
N ASP N 87 83.07 -56.01 16.61
CA ASP N 87 84.07 -55.69 15.58
C ASP N 87 83.86 -54.31 14.97
N ASP N 88 84.91 -53.78 14.35
CA ASP N 88 84.92 -52.40 13.85
C ASP N 88 83.73 -52.05 12.98
N VAL N 89 83.29 -52.98 12.14
CA VAL N 89 82.28 -52.68 11.13
C VAL N 89 80.91 -52.36 11.74
N VAL N 90 80.42 -53.19 12.65
CA VAL N 90 79.13 -52.92 13.26
C VAL N 90 79.20 -51.66 14.11
N LYS N 91 80.31 -51.50 14.83
CA LYS N 91 80.54 -50.29 15.61
C LYS N 91 80.41 -49.10 14.69
N ARG N 92 80.86 -49.28 13.45
CA ARG N 92 80.84 -48.22 12.45
C ARG N 92 79.44 -47.91 11.95
N LEU N 93 78.60 -48.94 11.83
CA LEU N 93 77.21 -48.75 11.39
C LEU N 93 76.34 -48.10 12.45
N LEU N 94 76.78 -48.19 13.71
CA LEU N 94 76.06 -47.57 14.80
C LEU N 94 76.64 -46.21 15.15
N SER N 95 77.63 -45.78 14.39
CA SER N 95 78.30 -44.49 14.60
C SER N 95 77.48 -43.32 14.12
N LEU N 96 77.82 -42.12 14.58
CA LEU N 96 77.27 -40.91 13.98
C LEU N 96 77.78 -40.73 12.56
N GLU N 97 78.78 -41.53 12.21
CA GLU N 97 79.28 -41.57 10.85
C GLU N 97 78.19 -41.92 9.84
N MET N 98 77.55 -43.06 10.01
CA MET N 98 76.52 -43.51 9.08
C MET N 98 75.18 -42.90 9.42
N ALA N 99 75.20 -42.03 10.40
CA ALA N 99 73.97 -41.50 10.95
C ALA N 99 73.28 -40.45 10.07
N ASN N 100 72.02 -40.24 10.41
CA ASN N 100 71.24 -39.12 9.92
C ASN N 100 71.75 -37.81 10.52
N GLN N 101 71.08 -36.69 10.25
CA GLN N 101 71.35 -35.47 11.03
C GLN N 101 70.57 -35.49 12.34
N LYS N 102 69.40 -36.14 12.31
CA LYS N 102 68.53 -36.14 13.46
C LYS N 102 69.16 -36.87 14.66
N GLU N 103 70.09 -37.79 14.37
CA GLU N 103 70.80 -38.48 15.41
C GLU N 103 71.82 -37.58 16.09
N LYS N 104 72.51 -36.76 15.28
CA LYS N 104 73.39 -35.74 15.81
C LYS N 104 72.62 -34.73 16.64
N LEU N 105 71.38 -34.47 16.28
CA LEU N 105 70.61 -33.58 17.14
C LEU N 105 70.26 -34.26 18.46
N LYS N 106 69.86 -35.53 18.44
CA LYS N 106 69.61 -36.25 19.70
C LYS N 106 70.81 -36.19 20.65
N ILE N 107 71.98 -36.53 20.11
CA ILE N 107 73.23 -36.44 20.85
C ILE N 107 73.47 -35.04 21.41
N LYS N 108 73.43 -34.04 20.55
CA LYS N 108 73.66 -32.66 20.96
C LYS N 108 72.73 -32.26 22.09
N LYS N 109 71.47 -32.67 21.98
CA LYS N 109 70.46 -32.37 22.99
C LYS N 109 70.79 -33.00 24.33
N MET N 110 71.10 -34.29 24.33
CA MET N 110 71.50 -34.97 25.57
C MET N 110 72.67 -34.23 26.21
N GLN N 111 73.72 -34.00 25.41
CA GLN N 111 74.94 -33.39 25.92
C GLN N 111 74.72 -32.03 26.54
N LEU N 112 74.01 -31.17 25.82
CA LEU N 112 73.66 -29.87 26.37
C LEU N 112 72.86 -29.98 27.65
N MET N 113 71.82 -30.82 27.65
CA MET N 113 70.96 -30.94 28.83
C MET N 113 71.72 -31.51 30.03
N ASN N 114 72.83 -32.19 29.77
CA ASN N 114 73.71 -32.63 30.86
C ASN N 114 74.68 -31.56 31.35
N LYS N 115 75.24 -30.76 30.44
CA LYS N 115 76.13 -29.66 30.84
C LYS N 115 75.42 -28.60 31.64
N VAL N 116 74.30 -28.16 31.10
CA VAL N 116 73.58 -26.99 31.59
C VAL N 116 72.69 -27.23 32.80
N LEU N 117 71.97 -28.33 32.82
CA LEU N 117 70.88 -28.49 33.78
C LEU N 117 71.31 -28.98 35.15
N GLU N 118 70.28 -29.28 35.94
CA GLU N 118 70.39 -29.84 37.29
C GLU N 118 69.75 -31.23 37.29
N ASN N 119 68.48 -31.28 36.91
CA ASN N 119 67.74 -32.53 36.82
C ASN N 119 67.36 -32.80 35.37
N PRO N 120 68.27 -33.47 34.63
CA PRO N 120 68.06 -33.83 33.22
C PRO N 120 66.83 -34.73 33.01
N GLU N 121 66.31 -35.29 34.08
CA GLU N 121 65.11 -36.13 33.99
C GLU N 121 63.81 -35.35 33.74
N ASP N 122 63.74 -34.09 34.18
CA ASP N 122 62.49 -33.33 34.02
C ASP N 122 62.44 -32.71 32.64
N THR N 123 61.52 -33.18 31.81
CA THR N 123 61.31 -32.56 30.52
C THR N 123 60.41 -31.37 30.72
N SER N 124 59.59 -31.43 31.77
CA SER N 124 58.53 -30.47 32.00
C SER N 124 59.03 -29.08 32.38
N SER N 125 60.14 -29.02 33.09
CA SER N 125 60.65 -27.77 33.67
C SER N 125 60.97 -26.73 32.60
N LEU N 126 60.73 -25.46 32.92
CA LEU N 126 61.02 -24.38 31.99
C LEU N 126 62.44 -24.46 31.43
N GLU N 127 63.42 -24.63 32.30
CA GLU N 127 64.82 -24.68 31.90
C GLU N 127 65.09 -25.75 30.85
N ALA N 128 64.50 -26.92 31.07
CA ALA N 128 64.65 -28.03 30.15
C ALA N 128 64.16 -27.65 28.77
N ARG N 129 62.93 -27.12 28.70
CA ARG N 129 62.35 -26.64 27.45
C ARG N 129 63.24 -25.61 26.75
N ILE N 130 63.82 -24.69 27.52
CA ILE N 130 64.72 -23.68 26.95
C ILE N 130 65.94 -24.34 26.31
N VAL N 131 66.48 -25.36 26.96
CA VAL N 131 67.64 -26.03 26.40
C VAL N 131 67.27 -26.72 25.09
N ALA N 132 66.21 -27.53 25.13
CA ALA N 132 65.74 -28.21 23.93
C ALA N 132 65.53 -27.24 22.75
N LEU N 133 64.72 -26.21 23.00
CA LEU N 133 64.42 -25.19 21.99
C LEU N 133 65.67 -24.55 21.46
N THR N 134 66.67 -24.42 22.31
CA THR N 134 67.92 -23.85 21.87
C THR N 134 68.65 -24.79 20.92
N VAL N 135 68.59 -26.08 21.16
CA VAL N 135 69.16 -27.00 20.18
C VAL N 135 68.48 -26.86 18.81
N LYS N 136 67.15 -26.89 18.83
CA LYS N 136 66.38 -26.69 17.58
C LYS N 136 66.75 -25.39 16.86
N ILE N 137 66.89 -24.32 17.63
CA ILE N 137 67.24 -23.03 17.06
C ILE N 137 68.61 -23.05 16.43
N ARG N 138 69.62 -23.55 17.12
CA ARG N 138 70.93 -23.61 16.49
C ARG N 138 70.87 -24.41 15.18
N ASN N 139 70.04 -25.45 15.17
CA ASN N 139 69.87 -26.23 13.95
C ASN N 139 69.25 -25.45 12.77
N TYR N 140 68.14 -24.73 13.01
CA TYR N 140 67.61 -23.86 11.96
C TYR N 140 68.64 -22.84 11.50
N GLU N 141 69.45 -22.32 12.43
CA GLU N 141 70.51 -21.40 12.03
C GLU N 141 71.37 -22.04 10.97
N GLU N 142 71.85 -23.26 11.24
CA GLU N 142 72.69 -23.95 10.26
C GLU N 142 72.00 -24.08 8.90
N HIS N 143 70.80 -24.66 8.94
CA HIS N 143 69.99 -24.82 7.73
C HIS N 143 69.82 -23.50 6.94
N MET N 144 69.64 -22.38 7.64
CA MET N 144 69.41 -21.09 7.02
C MET N 144 70.67 -20.53 6.45
N GLN N 145 71.79 -20.87 7.04
CA GLN N 145 73.03 -20.44 6.45
C GLN N 145 73.22 -21.13 5.12
N LYS N 146 72.84 -22.40 5.01
CA LYS N 146 72.95 -23.03 3.69
C LYS N 146 71.87 -22.57 2.69
N HIS N 147 70.61 -22.59 3.08
CA HIS N 147 69.56 -22.14 2.19
C HIS N 147 69.17 -20.74 2.56
N ARG N 148 69.57 -19.75 1.77
CA ARG N 148 69.30 -18.36 2.12
C ARG N 148 67.84 -18.02 1.90
N LYS N 149 67.25 -18.53 0.84
CA LYS N 149 65.95 -18.06 0.38
C LYS N 149 64.79 -18.90 0.87
N ASP N 150 65.04 -19.86 1.76
CA ASP N 150 63.92 -20.64 2.29
C ASP N 150 63.20 -19.75 3.28
N LYS N 151 61.97 -19.37 2.95
CA LYS N 151 61.26 -18.45 3.81
C LYS N 151 60.55 -19.23 4.88
N ALA N 152 60.21 -20.48 4.61
CA ALA N 152 59.52 -21.30 5.59
C ALA N 152 60.37 -21.51 6.86
N HIS N 153 61.63 -21.83 6.66
CA HIS N 153 62.48 -22.04 7.83
C HIS N 153 62.85 -20.73 8.47
N LYS N 154 62.95 -19.66 7.71
CA LYS N 154 63.12 -18.38 8.34
C LYS N 154 61.97 -18.17 9.33
N ARG N 155 60.77 -18.56 8.93
CA ARG N 155 59.65 -18.44 9.83
C ARG N 155 59.86 -19.27 11.06
N PHE N 156 60.22 -20.53 10.90
CA PHE N 156 60.43 -21.35 12.09
C PHE N 156 61.46 -20.73 13.00
N LEU N 157 62.54 -20.24 12.43
CA LEU N 157 63.61 -19.69 13.24
C LEU N 157 63.10 -18.50 14.04
N LEU N 158 62.62 -17.45 13.37
CA LEU N 158 62.18 -16.27 14.11
C LEU N 158 61.11 -16.59 15.13
N MET N 159 60.21 -17.47 14.76
CA MET N 159 59.14 -17.82 15.66
C MET N 159 59.66 -18.48 16.89
N SER N 160 60.48 -19.50 16.66
CA SER N 160 60.94 -20.33 17.72
C SER N 160 61.85 -19.55 18.66
N ILE N 161 62.57 -18.57 18.12
CA ILE N 161 63.32 -17.63 18.94
C ILE N 161 62.39 -16.83 19.88
N ASP N 162 61.25 -16.38 19.37
CA ASP N 162 60.31 -15.65 20.20
C ASP N 162 59.79 -16.54 21.29
N GLN N 163 59.61 -17.82 20.99
CA GLN N 163 59.14 -18.71 22.05
C GLN N 163 60.18 -18.89 23.13
N ARG N 164 61.44 -19.08 22.71
CA ARG N 164 62.51 -19.17 23.69
C ARG N 164 62.41 -17.98 24.61
N LYS N 165 62.42 -16.79 24.02
CA LYS N 165 62.45 -15.56 24.79
C LYS N 165 61.27 -15.41 25.71
N LYS N 166 60.10 -15.83 25.25
CA LYS N 166 58.92 -15.80 26.10
C LYS N 166 59.17 -16.66 27.33
N MET N 167 59.72 -17.85 27.12
CA MET N 167 60.05 -18.71 28.24
C MET N 167 61.11 -18.10 29.15
N LEU N 168 62.12 -17.44 28.60
CA LEU N 168 63.14 -16.80 29.42
C LEU N 168 62.52 -15.75 30.31
N LYS N 169 61.75 -14.85 29.73
CA LYS N 169 61.05 -13.84 30.50
C LYS N 169 60.12 -14.48 31.53
N ASN N 170 59.73 -15.72 31.29
CA ASN N 170 58.97 -16.39 32.31
C ASN N 170 59.83 -17.00 33.43
N LEU N 171 61.08 -17.36 33.13
CA LEU N 171 62.00 -17.84 34.16
C LEU N 171 62.39 -16.70 35.08
N ARG N 172 62.87 -15.62 34.46
CA ARG N 172 63.31 -14.43 35.14
C ARG N 172 62.27 -13.95 36.13
N GLU N 173 61.00 -14.16 35.84
CA GLU N 173 59.98 -13.71 36.76
C GLU N 173 59.66 -14.71 37.86
N THR N 174 60.19 -15.93 37.75
CA THR N 174 59.84 -16.95 38.73
C THR N 174 61.04 -17.52 39.50
N ASN N 175 61.98 -18.16 38.80
CA ASN N 175 63.21 -18.59 39.45
C ASN N 175 64.44 -17.87 38.88
N TYR N 176 64.97 -16.90 39.61
CA TYR N 176 65.94 -16.01 39.01
C TYR N 176 67.32 -16.63 38.96
N ALA N 177 67.70 -17.35 40.01
CA ALA N 177 69.02 -17.99 40.07
C ALA N 177 69.29 -18.82 38.82
N VAL N 178 68.33 -19.71 38.54
CA VAL N 178 68.42 -20.57 37.39
C VAL N 178 68.48 -19.77 36.11
N PHE N 179 67.59 -18.80 35.95
CA PHE N 179 67.58 -17.96 34.75
C PHE N 179 68.95 -17.38 34.46
N GLU N 180 69.54 -16.82 35.51
CA GLU N 180 70.89 -16.28 35.46
C GLU N 180 71.87 -17.32 34.90
N LYS N 181 71.86 -18.49 35.52
CA LYS N 181 72.74 -19.58 35.08
C LYS N 181 72.53 -19.91 33.60
N ILE N 182 71.30 -20.25 33.21
CA ILE N 182 70.96 -20.58 31.81
C ILE N 182 71.47 -19.56 30.81
N CYS N 183 71.17 -18.29 31.06
CA CYS N 183 71.65 -17.25 30.16
C CYS N 183 73.15 -17.31 30.02
N LYS N 184 73.85 -17.50 31.14
CA LYS N 184 75.31 -17.64 31.03
C LYS N 184 75.74 -18.85 30.17
N GLU N 185 75.11 -20.00 30.40
CA GLU N 185 75.55 -21.28 29.83
C GLU N 185 75.23 -21.48 28.36
N LEU N 186 74.07 -21.00 27.93
CA LEU N 186 73.66 -21.11 26.54
C LEU N 186 74.02 -19.86 25.78
N GLY N 187 74.67 -18.92 26.47
CA GLY N 187 75.12 -17.70 25.83
C GLY N 187 73.97 -16.84 25.34
N ILE N 188 72.75 -17.16 25.75
CA ILE N 188 71.63 -16.31 25.44
C ILE N 188 71.78 -15.04 26.24
N GLU N 189 71.40 -13.92 25.64
CA GLU N 189 71.43 -12.67 26.35
C GLU N 189 70.02 -12.10 26.38
N TYR N 190 69.49 -11.86 27.58
CA TYR N 190 68.11 -11.44 27.69
C TYR N 190 67.95 -9.93 27.73
N THR N 191 67.31 -9.41 26.69
CA THR N 191 67.03 -7.98 26.55
C THR N 191 65.60 -7.66 26.91
N PHE N 192 65.36 -6.58 27.64
CA PHE N 192 63.97 -6.19 27.90
C PHE N 192 63.39 -5.58 26.66
N PRO N 193 62.12 -5.89 26.37
CA PRO N 193 61.49 -5.27 25.20
C PRO N 193 61.49 -3.76 25.38
N PRO N 194 61.52 -3.01 24.28
CA PRO N 194 61.40 -1.56 24.46
C PRO N 194 59.96 -1.22 24.80
N PRO N 195 59.72 -0.07 25.42
CA PRO N 195 58.35 0.41 25.32
C PRO N 195 58.23 1.03 23.93
N TYR N 196 57.04 1.20 23.36
CA TYR N 196 56.95 1.91 22.07
C TYR N 196 57.72 1.26 20.94
N HIS N 197 57.14 0.24 20.32
CA HIS N 197 57.69 -0.15 19.05
C HIS N 197 57.22 0.78 17.95
N ARG N 198 58.15 1.53 17.35
CA ARG N 198 57.81 2.41 16.24
C ARG N 198 58.85 2.25 15.18
N LYS N 199 58.46 2.46 13.94
CA LYS N 199 59.39 2.26 12.86
C LYS N 199 60.26 3.48 12.74
N ALA N 200 61.58 3.29 12.86
CA ALA N 200 62.43 4.45 12.76
C ALA N 200 62.57 4.77 11.29
N HIS N 201 62.06 5.92 10.87
CA HIS N 201 62.09 6.24 9.44
C HIS N 201 63.07 7.34 9.16
N ARG N 202 63.21 7.72 7.91
CA ARG N 202 64.30 8.58 7.49
C ARG N 202 64.27 9.91 8.19
N ARG N 203 63.07 10.49 8.26
CA ARG N 203 62.95 11.80 8.85
C ARG N 203 63.30 11.76 10.32
N TRP N 204 62.66 10.85 11.05
CA TRP N 204 62.91 10.77 12.49
C TRP N 204 64.35 10.43 12.83
N VAL N 205 64.92 9.44 12.14
CA VAL N 205 66.32 9.08 12.35
C VAL N 205 67.24 10.28 12.15
N THR N 206 67.05 11.00 11.06
CA THR N 206 67.91 12.13 10.83
C THR N 206 67.70 13.19 11.91
N LYS N 207 66.46 13.64 12.10
CA LYS N 207 66.19 14.66 13.08
C LYS N 207 66.78 14.30 14.43
N LYS N 208 66.55 13.08 14.92
CA LYS N 208 67.11 12.70 16.21
C LYS N 208 68.62 12.81 16.21
N ALA N 209 69.27 12.28 15.17
CA ALA N 209 70.72 12.43 15.09
C ALA N 209 71.12 13.90 15.28
N LEU N 210 70.43 14.80 14.57
CA LEU N 210 70.71 16.23 14.73
C LEU N 210 70.55 16.67 16.17
N CYS N 211 69.38 16.42 16.76
CA CYS N 211 69.09 16.84 18.12
C CYS N 211 70.13 16.39 19.13
N THR N 212 70.67 15.19 18.90
CA THR N 212 71.72 14.67 19.76
C THR N 212 73.03 15.45 19.54
N GLN N 213 73.40 15.70 18.29
CA GLN N 213 74.59 16.51 18.05
C GLN N 213 74.46 17.92 18.63
N VAL N 214 73.29 18.52 18.50
CA VAL N 214 73.03 19.84 19.05
C VAL N 214 73.26 19.82 20.52
N PHE N 215 72.65 18.86 21.20
CA PHE N 215 72.81 18.73 22.63
C PHE N 215 74.28 18.65 23.05
N ARG N 216 75.01 17.71 22.44
CA ARG N 216 76.43 17.55 22.75
C ARG N 216 77.21 18.83 22.52
N GLU N 217 76.84 19.60 21.49
CA GLU N 217 77.49 20.90 21.30
C GLU N 217 77.20 21.84 22.44
N VAL N 218 75.93 22.06 22.72
CA VAL N 218 75.54 23.00 23.74
C VAL N 218 76.22 22.72 25.08
N GLN N 219 76.20 21.47 25.54
CA GLN N 219 76.72 21.28 26.89
C GLN N 219 78.26 21.42 26.89
N LYS N 220 78.89 21.13 25.76
CA LYS N 220 80.33 21.38 25.58
C LYS N 220 80.66 22.88 25.66
N LEU N 221 79.78 23.70 25.08
CA LEU N 221 79.94 25.15 25.13
C LEU N 221 79.73 25.72 26.52
N LYS N 222 78.74 25.19 27.25
CA LYS N 222 78.59 25.59 28.66
C LYS N 222 79.82 25.22 29.48
N LYS N 223 80.41 24.06 29.18
CA LYS N 223 81.65 23.65 29.83
C LYS N 223 82.83 24.62 29.54
N GLN N 224 82.98 25.03 28.28
CA GLN N 224 84.01 26.00 27.92
C GLN N 224 83.80 27.37 28.57
N LYS N 225 82.55 27.81 28.63
CA LYS N 225 82.20 29.07 29.29
C LYS N 225 82.49 29.04 30.79
N ARG N 226 82.27 27.88 31.42
CA ARG N 226 82.62 27.73 32.84
C ARG N 226 84.12 27.65 33.07
N ALA N 227 84.86 27.07 32.12
CA ALA N 227 86.33 27.09 32.19
C ALA N 227 86.85 28.53 32.13
N LEU N 228 86.31 29.32 31.19
CA LEU N 228 86.65 30.73 31.07
C LEU N 228 86.30 31.53 32.34
N ARG N 229 85.11 31.29 32.89
CA ARG N 229 84.68 31.91 34.15
C ARG N 229 85.62 31.59 35.33
N ALA N 230 85.95 30.31 35.50
CA ALA N 230 86.85 29.87 36.57
C ALA N 230 88.24 30.52 36.43
N ALA N 231 88.80 30.47 35.22
CA ALA N 231 90.10 31.09 34.95
C ALA N 231 90.11 32.60 35.25
N ALA N 232 89.11 33.31 34.72
CA ALA N 232 88.98 34.75 34.92
C ALA N 232 88.85 35.13 36.40
N VAL N 233 87.88 34.52 37.10
CA VAL N 233 87.64 34.84 38.52
C VAL N 233 88.83 34.45 39.42
N ALA N 234 89.52 33.35 39.09
CA ALA N 234 90.71 32.94 39.86
C ALA N 234 91.87 33.93 39.68
N ALA N 235 92.21 34.23 38.43
CA ALA N 235 93.29 35.18 38.11
C ALA N 235 92.98 36.61 38.58
N HIS N 236 91.69 36.92 38.74
CA HIS N 236 91.26 38.18 39.37
C HIS N 236 91.49 38.15 40.89
N LYS N 237 91.01 37.09 41.55
CA LYS N 237 91.09 36.98 43.01
C LYS N 237 92.53 36.93 43.55
N GLN N 238 93.43 36.30 42.81
CA GLN N 238 94.84 36.24 43.24
C GLN N 238 95.49 37.63 43.27
N GLY N 239 95.44 38.35 42.14
CA GLY N 239 96.01 39.67 42.04
C GLY N 239 96.21 40.11 40.60
N ARG O 10 36.50 34.67 46.96
CA ARG O 10 37.74 35.04 46.26
C ARG O 10 38.74 35.73 47.18
N ALA O 11 40.02 35.69 46.81
CA ALA O 11 41.08 36.28 47.62
C ALA O 11 40.96 37.80 47.73
N TYR O 12 40.94 38.29 48.97
CA TYR O 12 40.86 39.71 49.20
C TYR O 12 42.13 40.22 49.87
N ARG O 13 42.26 41.54 49.98
CA ARG O 13 43.43 42.11 50.64
C ARG O 13 43.24 42.04 52.13
N GLY O 14 42.10 42.51 52.60
CA GLY O 14 41.87 42.61 54.03
C GLY O 14 40.39 42.58 54.32
N GLY O 15 40.02 42.87 55.55
CA GLY O 15 38.63 42.78 55.95
C GLY O 15 38.41 41.62 56.89
N HIS O 16 37.35 41.74 57.67
CA HIS O 16 37.16 40.96 58.86
C HIS O 16 35.89 40.11 58.76
N LEU O 17 35.77 39.11 59.62
CA LEU O 17 34.51 38.38 59.74
C LEU O 17 33.43 39.25 60.40
N THR O 18 32.18 39.10 59.97
CA THR O 18 31.11 40.02 60.38
C THR O 18 29.75 39.34 60.46
N ILE O 19 28.88 39.77 61.37
CA ILE O 19 27.51 39.29 61.34
C ILE O 19 26.53 40.35 60.90
N ARG O 20 25.93 40.15 59.74
CA ARG O 20 25.10 41.16 59.10
C ARG O 20 23.77 40.62 58.62
N LEU O 21 23.00 41.44 57.91
CA LEU O 21 21.81 40.91 57.31
C LEU O 21 21.93 40.83 55.80
N ALA O 22 21.74 39.64 55.23
CA ALA O 22 21.56 39.54 53.80
C ALA O 22 20.14 39.90 53.53
N LEU O 23 19.89 40.57 52.41
CA LEU O 23 18.53 40.89 52.07
C LEU O 23 18.04 40.00 50.96
N GLY O 24 17.17 39.09 51.33
CA GLY O 24 16.44 38.31 50.36
C GLY O 24 15.08 38.93 50.32
N GLY O 25 14.30 38.55 49.34
CA GLY O 25 12.98 39.08 49.32
C GLY O 25 12.67 39.38 47.91
N CYS O 26 11.54 40.02 47.72
CA CYS O 26 10.92 40.17 46.42
C CYS O 26 10.37 41.59 46.56
N THR O 27 10.10 42.30 45.48
CA THR O 27 9.83 43.73 45.62
C THR O 27 8.67 44.05 46.55
N ASN O 28 8.95 44.86 47.57
CA ASN O 28 8.01 45.28 48.61
C ASN O 28 7.85 44.28 49.73
N ARG O 29 8.37 43.08 49.56
CA ARG O 29 8.29 42.09 50.60
C ARG O 29 9.70 41.65 50.95
N PRO O 30 10.32 42.37 51.88
CA PRO O 30 11.70 42.12 52.31
C PRO O 30 11.77 40.93 53.27
N PHE O 31 12.96 40.35 53.38
CA PHE O 31 13.22 39.24 54.26
C PHE O 31 14.71 39.24 54.56
N TYR O 32 15.15 38.81 55.73
CA TYR O 32 16.60 38.87 55.96
C TYR O 32 17.20 37.58 56.46
N ARG O 33 18.34 37.23 55.89
CA ARG O 33 19.10 36.13 56.44
C ARG O 33 20.26 36.66 57.26
N ILE O 34 20.19 36.50 58.58
CA ILE O 34 21.30 36.85 59.42
C ILE O 34 22.46 35.95 59.07
N VAL O 35 23.63 36.53 58.89
CA VAL O 35 24.71 35.79 58.27
C VAL O 35 26.09 36.16 58.81
N ALA O 36 26.96 35.17 58.98
CA ALA O 36 28.37 35.44 59.24
C ALA O 36 29.11 35.39 57.93
N ALA O 37 29.62 36.54 57.50
CA ALA O 37 30.33 36.62 56.22
C ALA O 37 31.61 37.40 56.31
N HIS O 38 32.46 37.24 55.30
CA HIS O 38 33.61 38.12 55.19
C HIS O 38 33.06 39.52 54.97
N SER O 39 33.82 40.54 55.30
CA SER O 39 33.29 41.89 55.20
C SER O 39 33.26 42.34 53.74
N LYS O 40 34.30 41.98 53.00
CA LYS O 40 34.49 42.56 51.69
C LYS O 40 33.68 41.91 50.59
N CYS O 41 32.92 40.87 50.95
CA CYS O 41 32.14 40.17 49.94
C CYS O 41 30.71 40.73 49.83
N PRO O 42 30.01 40.49 48.69
CA PRO O 42 28.74 41.17 48.38
C PRO O 42 27.62 40.87 49.35
N ARG O 43 26.65 41.78 49.46
CA ARG O 43 25.61 41.68 50.49
C ARG O 43 24.87 40.36 50.43
N ASP O 44 24.38 40.04 49.25
CA ASP O 44 23.54 38.87 49.12
C ASP O 44 24.38 37.65 48.76
N GLY O 45 25.69 37.86 48.68
CA GLY O 45 26.60 36.89 48.13
C GLY O 45 27.06 35.79 49.07
N ARG O 46 28.26 35.29 48.80
CA ARG O 46 28.88 34.23 49.56
C ARG O 46 28.94 34.52 51.06
N PHE O 47 28.75 33.50 51.87
CA PHE O 47 28.91 33.69 53.30
C PHE O 47 29.62 32.53 53.98
N VAL O 48 30.04 32.75 55.22
CA VAL O 48 30.69 31.70 55.98
C VAL O 48 29.70 30.74 56.62
N GLU O 49 28.72 31.27 57.32
CA GLU O 49 27.68 30.44 57.92
C GLU O 49 26.37 31.18 58.10
N GLN O 50 25.25 30.52 57.87
CA GLN O 50 24.00 31.19 58.16
C GLN O 50 23.71 31.09 59.64
N LEU O 51 23.28 32.18 60.25
CA LEU O 51 23.04 32.23 61.70
C LEU O 51 21.56 32.24 62.05
N GLY O 52 20.80 33.11 61.41
CA GLY O 52 19.39 33.21 61.72
C GLY O 52 18.57 33.73 60.57
N SER O 53 17.34 34.11 60.85
CA SER O 53 16.56 34.85 59.89
C SER O 53 15.71 35.87 60.61
N TYR O 54 15.39 36.95 59.92
CA TYR O 54 14.53 37.97 60.48
C TYR O 54 13.54 38.36 59.40
N ASP O 55 12.26 38.32 59.74
CA ASP O 55 11.22 38.69 58.80
C ASP O 55 10.59 39.96 59.36
N PRO O 56 10.82 41.09 58.69
CA PRO O 56 10.36 42.41 59.14
C PRO O 56 8.86 42.60 59.11
N LEU O 57 8.23 42.08 58.07
CA LEU O 57 6.78 42.24 57.95
C LEU O 57 6.04 41.45 59.02
N PRO O 58 5.16 42.13 59.78
CA PRO O 58 4.37 41.48 60.82
C PRO O 58 3.41 40.47 60.21
N ASN O 59 3.30 39.28 60.78
CA ASN O 59 2.51 38.20 60.18
C ASN O 59 1.05 38.19 60.64
N SER O 60 0.37 37.09 60.34
CA SER O 60 -1.03 36.88 60.73
C SER O 60 -1.33 37.23 62.20
N HIS O 61 -0.38 36.89 63.08
CA HIS O 61 -0.50 37.14 64.50
C HIS O 61 0.16 38.43 65.00
N GLY O 62 0.68 39.24 64.07
CA GLY O 62 1.24 40.52 64.42
C GLY O 62 2.60 40.39 65.05
N GLU O 63 3.33 39.39 64.60
CA GLU O 63 4.66 39.11 65.10
C GLU O 63 5.70 39.29 64.00
N LYS O 64 6.85 39.84 64.36
CA LYS O 64 8.00 39.78 63.49
C LYS O 64 8.80 38.59 63.96
N LEU O 65 9.09 37.66 63.07
CA LEU O 65 9.81 36.47 63.48
C LEU O 65 11.31 36.65 63.37
N VAL O 66 12.01 36.46 64.48
CA VAL O 66 13.46 36.45 64.45
C VAL O 66 13.93 35.10 64.91
N ALA O 67 14.94 34.58 64.23
CA ALA O 67 15.52 33.32 64.62
C ALA O 67 17.00 33.49 64.84
N LEU O 68 17.49 33.01 65.97
CA LEU O 68 18.90 33.17 66.27
C LEU O 68 19.50 31.87 66.72
N ASN O 69 20.57 31.46 66.06
CA ASN O 69 21.26 30.26 66.48
C ASN O 69 22.26 30.75 67.49
N PHE O 70 21.93 30.59 68.77
CA PHE O 70 22.63 31.37 69.76
C PHE O 70 23.98 30.79 69.94
N ASP O 71 24.02 29.46 70.01
CA ASP O 71 25.26 28.73 70.16
C ASP O 71 26.30 29.17 69.12
N ARG O 72 25.90 29.16 67.85
CA ARG O 72 26.83 29.51 66.81
C ARG O 72 27.14 30.99 66.81
N ILE O 73 26.15 31.82 67.16
CA ILE O 73 26.39 33.25 67.23
C ILE O 73 27.50 33.56 68.20
N ARG O 74 27.43 32.97 69.39
CA ARG O 74 28.45 33.29 70.35
C ARG O 74 29.74 32.56 70.05
N HIS O 75 29.68 31.46 69.30
CA HIS O 75 30.92 30.90 68.80
C HIS O 75 31.67 31.92 67.94
N TRP O 76 30.96 32.62 67.05
CA TRP O 76 31.64 33.55 66.15
C TRP O 76 32.02 34.84 66.82
N ILE O 77 31.15 35.38 67.66
CA ILE O 77 31.52 36.56 68.42
C ILE O 77 32.79 36.24 69.17
N GLY O 78 32.87 35.02 69.67
CA GLY O 78 34.06 34.54 70.35
C GLY O 78 35.30 34.38 69.48
N CYS O 79 35.13 34.43 68.16
CA CYS O 79 36.28 34.47 67.27
C CYS O 79 36.57 35.90 66.82
N GLY O 80 35.82 36.82 67.38
CA GLY O 80 36.04 38.23 67.10
C GLY O 80 35.39 38.70 65.82
N ALA O 81 34.26 38.12 65.47
CA ALA O 81 33.48 38.66 64.38
C ALA O 81 32.88 39.98 64.82
N HIS O 82 32.50 40.84 63.88
CA HIS O 82 31.90 42.14 64.20
C HIS O 82 30.42 42.17 63.90
N LEU O 83 29.67 42.93 64.69
CA LEU O 83 28.24 43.01 64.45
C LEU O 83 27.86 44.27 63.69
N SER O 84 26.84 44.14 62.85
CA SER O 84 26.20 45.28 62.21
C SER O 84 25.30 46.01 63.18
N LYS O 85 25.11 47.30 62.98
CA LYS O 85 24.20 48.06 63.85
C LYS O 85 22.81 47.43 63.93
N PRO O 86 22.24 46.99 62.81
CA PRO O 86 20.91 46.37 62.98
C PRO O 86 20.92 44.99 63.66
N VAL O 87 21.98 44.20 63.50
CA VAL O 87 22.06 42.92 64.21
C VAL O 87 22.19 43.21 65.71
N GLU O 88 22.98 44.23 66.03
CA GLU O 88 23.12 44.70 67.40
C GLU O 88 21.77 45.04 67.98
N LYS O 89 21.02 45.81 67.21
CA LYS O 89 19.69 46.21 67.63
C LYS O 89 18.81 44.96 67.85
N LEU O 90 18.96 43.95 67.00
CA LEU O 90 18.15 42.73 67.13
C LEU O 90 18.49 41.92 68.38
N LEU O 91 19.77 41.56 68.54
CA LEU O 91 20.23 40.89 69.75
C LEU O 91 19.78 41.62 71.00
N GLY O 92 19.96 42.94 71.00
CA GLY O 92 19.57 43.75 72.15
C GLY O 92 18.10 43.60 72.43
N LEU O 93 17.29 43.72 71.39
CA LEU O 93 15.86 43.50 71.53
C LEU O 93 15.56 42.14 72.12
N SER O 94 16.31 41.13 71.70
CA SER O 94 16.11 39.78 72.20
C SER O 94 16.48 39.68 73.69
N GLY O 95 17.50 40.43 74.11
CA GLY O 95 17.92 40.39 75.49
C GLY O 95 19.17 39.56 75.67
N PHE O 96 19.75 39.18 74.54
CA PHE O 96 21.03 38.50 74.54
C PHE O 96 22.19 39.52 74.65
N TYR O 97 21.93 40.77 74.30
CA TYR O 97 22.86 41.90 74.53
C TYR O 97 22.15 42.99 75.27
N PRO O 98 22.90 43.85 75.98
CA PRO O 98 22.20 45.00 76.54
C PRO O 98 21.58 45.82 75.43
N LEU O 99 20.58 46.64 75.72
CA LEU O 99 20.04 47.55 74.72
C LEU O 99 21.17 48.37 74.08
N HIS O 100 21.11 48.55 72.76
CA HIS O 100 22.07 49.42 72.09
C HIS O 100 21.69 50.87 72.36
N PRO O 101 22.67 51.70 72.81
CA PRO O 101 22.42 53.07 73.27
C PRO O 101 21.56 53.85 72.31
N MET O 102 21.73 53.53 71.04
CA MET O 102 21.03 54.25 70.01
C MET O 102 19.53 53.92 69.99
N MET O 103 19.18 52.70 70.39
CA MET O 103 17.78 52.35 70.55
C MET O 103 17.13 53.23 71.60
N ILE O 104 17.81 53.33 72.73
CA ILE O 104 17.34 54.12 73.86
C ILE O 104 17.16 55.57 73.48
N THR O 105 18.20 56.12 72.88
CA THR O 105 18.17 57.52 72.46
C THR O 105 17.05 57.80 71.47
N ASN O 106 16.94 56.99 70.43
CA ASN O 106 15.87 57.19 69.46
C ASN O 106 14.49 57.10 70.10
N ALA O 107 14.39 56.24 71.11
CA ALA O 107 13.17 56.14 71.89
C ALA O 107 12.85 57.47 72.54
N GLU O 108 13.85 58.04 73.21
CA GLU O 108 13.68 59.34 73.85
C GLU O 108 13.26 60.43 72.88
N ARG O 109 13.99 60.54 71.76
CA ARG O 109 13.65 61.51 70.72
C ARG O 109 12.21 61.34 70.29
N LEU O 110 11.81 60.09 70.09
CA LEU O 110 10.44 59.78 69.71
C LEU O 110 9.45 60.33 70.73
N ARG O 111 9.75 60.11 72.01
CA ARG O 111 8.93 60.64 73.09
C ARG O 111 8.79 62.16 73.04
N ARG O 112 9.90 62.85 72.81
CA ARG O 112 9.84 64.31 72.75
C ARG O 112 9.06 64.81 71.53
N LYS O 113 9.11 64.07 70.43
CA LYS O 113 8.29 64.41 69.26
C LYS O 113 6.81 64.25 69.57
N ARG O 114 6.45 63.15 70.22
CA ARG O 114 5.06 62.96 70.65
C ARG O 114 4.61 64.10 71.58
N ALA O 115 5.51 64.53 72.46
CA ALA O 115 5.21 65.62 73.38
C ALA O 115 4.91 66.92 72.63
N ARG O 116 5.80 67.30 71.71
CA ARG O 116 5.65 68.56 70.97
C ARG O 116 4.45 68.54 70.01
N GLU O 117 4.07 67.36 69.55
CA GLU O 117 2.86 67.23 68.73
C GLU O 117 1.59 67.27 69.59
N VAL O 118 1.70 66.82 70.84
CA VAL O 118 0.61 66.93 71.81
C VAL O 118 0.31 68.40 72.09
N LEU O 119 1.36 69.13 72.47
CA LEU O 119 1.22 70.56 72.70
C LEU O 119 0.74 71.29 71.46
N LEU O 120 1.35 71.02 70.30
CA LEU O 120 0.91 71.66 69.06
C LEU O 120 -0.55 71.35 68.74
N ALA O 121 -1.00 70.16 69.10
CA ALA O 121 -2.40 69.77 68.94
C ALA O 121 -3.35 70.60 69.82
N SER O 122 -3.02 70.74 71.11
CA SER O 122 -3.85 71.56 72.00
C SER O 122 -3.69 73.08 71.74
N GLN O 123 -2.62 73.47 71.04
CA GLN O 123 -2.42 74.87 70.60
C GLN O 123 -3.22 75.22 69.34
N LYS O 124 -3.28 74.28 68.39
CA LYS O 124 -4.08 74.45 67.17
C LYS O 124 -5.58 74.33 67.46
N THR O 125 -5.95 73.43 68.38
CA THR O 125 -7.36 73.27 68.77
C THR O 125 -7.94 74.58 69.35
N ASP O 126 -7.10 75.33 70.07
CA ASP O 126 -7.50 76.64 70.60
C ASP O 126 -7.75 77.65 69.48
N SER P 2 55.16 17.30 66.74
CA SER P 2 55.83 16.35 65.86
C SER P 2 55.43 16.57 64.41
N ILE P 3 56.11 17.48 63.72
CA ILE P 3 55.78 17.76 62.32
C ILE P 3 56.82 17.26 61.32
N ALA P 4 56.49 16.16 60.66
CA ALA P 4 57.11 15.77 59.40
C ALA P 4 55.99 15.23 58.50
N ARG P 5 55.72 15.91 57.39
CA ARG P 5 54.63 15.51 56.51
C ARG P 5 54.99 15.73 55.06
N SER P 6 54.18 15.16 54.18
CA SER P 6 54.22 15.51 52.77
C SER P 6 52.81 15.83 52.31
N SER P 7 52.68 16.88 51.50
CA SER P 7 51.38 17.35 51.06
C SER P 7 50.73 16.40 50.05
N VAL P 8 51.47 15.39 49.64
CA VAL P 8 51.01 14.39 48.67
C VAL P 8 49.87 13.51 49.21
N HIS P 9 48.95 13.08 48.34
CA HIS P 9 47.90 12.08 48.71
C HIS P 9 48.43 10.65 48.83
N ALA P 10 49.65 10.47 48.34
CA ALA P 10 50.23 9.18 48.02
C ALA P 10 50.97 8.51 49.16
N LYS P 11 50.71 8.89 50.41
CA LYS P 11 51.59 8.58 51.54
C LYS P 11 52.23 7.20 51.52
N TRP P 12 51.47 6.18 51.15
CA TRP P 12 52.05 4.86 50.90
C TRP P 12 51.53 4.29 49.59
N VAL P 13 52.42 3.80 48.74
CA VAL P 13 51.95 3.11 47.54
C VAL P 13 52.73 1.85 47.30
N VAL P 14 52.21 0.99 46.45
CA VAL P 14 52.93 -0.22 46.10
C VAL P 14 52.90 -0.37 44.58
N GLY P 15 54.05 -0.69 43.99
CA GLY P 15 54.18 -0.69 42.55
C GLY P 15 55.34 -1.49 42.02
N LYS P 16 55.33 -1.71 40.71
CA LYS P 16 56.34 -2.49 40.01
C LYS P 16 57.53 -1.63 39.63
N VAL P 17 58.74 -2.18 39.54
CA VAL P 17 59.86 -1.34 39.13
C VAL P 17 60.02 -1.37 37.62
N ILE P 18 59.72 -0.23 37.00
CA ILE P 18 59.79 -0.09 35.54
C ILE P 18 61.21 -0.03 35.01
N GLY P 19 62.01 0.92 35.49
CA GLY P 19 63.40 0.97 35.07
C GLY P 19 64.32 1.66 36.05
N THR P 20 65.56 1.20 36.04
CA THR P 20 66.56 1.64 37.02
C THR P 20 67.58 2.65 36.48
N ALA P 21 67.41 3.06 35.23
CA ALA P 21 68.44 3.75 34.44
C ALA P 21 69.15 4.97 35.05
N MET P 22 68.47 5.70 35.93
CA MET P 22 69.07 6.86 36.56
C MET P 22 69.77 6.47 37.87
N GLN P 23 70.87 7.14 38.20
CA GLN P 23 71.58 6.87 39.46
C GLN P 23 70.66 6.92 40.68
N LYS P 24 70.71 5.88 41.52
CA LYS P 24 70.03 5.87 42.81
C LYS P 24 68.54 6.20 42.75
N THR P 25 67.92 5.98 41.60
CA THR P 25 66.50 6.31 41.45
C THR P 25 65.74 5.27 40.67
N ALA P 26 64.73 4.69 41.31
CA ALA P 26 63.91 3.69 40.66
C ALA P 26 62.69 4.35 40.02
N LYS P 27 62.40 4.00 38.77
CA LYS P 27 61.11 4.37 38.19
C LYS P 27 60.11 3.29 38.59
N VAL P 28 58.94 3.69 39.07
CA VAL P 28 58.02 2.72 39.62
C VAL P 28 56.61 2.90 39.13
N ARG P 29 56.06 1.90 38.45
CA ARG P 29 54.69 2.01 37.99
C ARG P 29 53.71 1.57 39.05
N VAL P 30 52.88 2.49 39.44
CA VAL P 30 51.83 2.24 40.42
C VAL P 30 50.53 2.11 39.68
N THR P 31 49.65 1.26 40.17
CA THR P 31 48.40 1.03 39.48
C THR P 31 47.24 0.99 40.43
N ARG P 32 46.19 1.74 40.14
CA ARG P 32 45.00 1.73 40.98
C ARG P 32 43.77 1.28 40.22
N LEU P 33 42.74 0.89 40.94
CA LEU P 33 41.45 0.62 40.33
C LEU P 33 40.59 1.90 40.25
N VAL P 34 40.11 2.20 39.05
CA VAL P 34 39.24 3.34 38.85
C VAL P 34 37.95 2.91 38.21
N LEU P 35 36.84 3.47 38.69
CA LEU P 35 35.56 3.02 38.23
C LEU P 35 35.06 3.83 37.06
N ASP P 36 35.12 3.20 35.89
CA ASP P 36 34.58 3.78 34.67
C ASP P 36 33.11 3.92 34.92
N PRO P 37 32.62 5.17 34.88
CA PRO P 37 31.32 5.67 35.28
C PRO P 37 30.21 5.15 34.39
N TYR P 38 30.49 5.00 33.11
CA TYR P 38 29.47 4.56 32.19
C TYR P 38 29.21 3.09 32.37
N LEU P 39 30.28 2.31 32.41
CA LEU P 39 30.14 0.87 32.46
C LEU P 39 30.05 0.33 33.88
N LEU P 40 30.21 1.22 34.84
CA LEU P 40 30.40 0.86 36.25
C LEU P 40 31.32 -0.32 36.35
N LYS P 41 32.53 -0.19 35.84
CA LYS P 41 33.41 -1.33 35.98
C LYS P 41 34.74 -0.82 36.51
N TYR P 42 35.63 -1.70 36.94
CA TYR P 42 36.90 -1.18 37.42
C TYR P 42 38.06 -1.51 36.48
N PHE P 43 38.84 -0.51 36.12
CA PHE P 43 39.99 -0.74 35.25
C PHE P 43 41.25 -0.25 35.93
N ASN P 44 42.41 -0.65 35.45
CA ASN P 44 43.63 -0.21 36.09
C ASN P 44 44.23 1.05 35.48
N LYS P 45 44.14 2.17 36.18
CA LYS P 45 44.87 3.36 35.73
C LYS P 45 46.29 3.25 36.24
N ARG P 46 47.27 3.55 35.40
CA ARG P 46 48.63 3.52 35.87
C ARG P 46 49.25 4.91 35.90
N LYS P 47 50.23 5.06 36.79
CA LYS P 47 50.91 6.33 37.02
C LYS P 47 52.33 6.03 37.45
N THR P 48 53.30 6.82 37.06
CA THR P 48 54.65 6.49 37.52
C THR P 48 55.13 7.41 38.62
N TYR P 49 56.00 6.86 39.45
CA TYR P 49 56.61 7.58 40.52
C TYR P 49 58.11 7.35 40.49
N PHE P 50 58.90 8.40 40.70
CA PHE P 50 60.30 8.19 40.93
C PHE P 50 60.50 7.96 42.40
N ALA P 51 61.39 7.05 42.73
CA ALA P 51 61.65 6.81 44.12
C ALA P 51 63.14 6.86 44.34
N HIS P 52 63.53 7.30 45.53
CA HIS P 52 64.94 7.35 45.85
C HIS P 52 65.41 6.00 46.39
N ASP P 53 66.38 5.41 45.69
CA ASP P 53 67.01 4.16 46.12
C ASP P 53 68.45 4.41 46.61
N ALA P 54 68.66 4.31 47.92
CA ALA P 54 69.94 4.66 48.51
C ALA P 54 71.06 3.70 48.12
N LEU P 55 70.81 2.41 48.22
CA LEU P 55 71.81 1.39 47.90
C LEU P 55 71.69 0.84 46.48
N GLN P 56 70.79 1.41 45.68
CA GLN P 56 70.54 0.92 44.31
C GLN P 56 70.21 -0.57 44.30
N GLN P 57 69.20 -0.90 45.08
CA GLN P 57 68.84 -2.26 45.42
C GLN P 57 67.90 -2.93 44.40
N CYS P 58 67.44 -2.14 43.42
CA CYS P 58 66.26 -2.52 42.65
C CYS P 58 66.47 -3.00 41.22
N THR P 59 66.17 -4.28 41.00
CA THR P 59 66.06 -4.84 39.67
C THR P 59 64.78 -4.40 39.01
N VAL P 60 64.69 -4.53 37.69
CA VAL P 60 63.43 -4.26 37.01
C VAL P 60 62.46 -5.44 37.18
N GLY P 61 61.23 -5.12 37.56
CA GLY P 61 60.20 -6.13 37.74
C GLY P 61 59.82 -6.42 39.18
N ASP P 62 60.63 -5.93 40.12
CA ASP P 62 60.38 -6.12 41.55
C ASP P 62 59.16 -5.39 42.02
N ILE P 63 58.36 -6.03 42.86
CA ILE P 63 57.27 -5.30 43.47
C ILE P 63 57.83 -4.67 44.72
N VAL P 64 57.42 -3.43 44.93
CA VAL P 64 58.12 -2.56 45.83
C VAL P 64 57.11 -1.63 46.53
N LEU P 65 57.49 -1.13 47.68
CA LEU P 65 56.62 -0.26 48.47
C LEU P 65 57.26 1.13 48.62
N LEU P 66 56.49 2.16 48.40
CA LEU P 66 57.02 3.52 48.47
C LEU P 66 56.38 4.30 49.60
N LYS P 67 57.23 5.03 50.31
CA LYS P 67 56.77 5.96 51.34
C LYS P 67 57.00 7.37 50.84
N ALA P 68 56.07 8.26 51.14
CA ALA P 68 56.19 9.65 50.71
C ALA P 68 57.29 10.36 51.51
N LEU P 69 58.16 11.04 50.77
CA LEU P 69 59.26 11.81 51.33
C LEU P 69 58.75 13.11 51.94
N PRO P 70 59.11 13.38 53.20
CA PRO P 70 58.73 14.65 53.85
C PRO P 70 59.18 15.89 53.06
N VAL P 71 60.42 15.91 52.61
CA VAL P 71 60.87 16.99 51.73
C VAL P 71 61.28 16.47 50.36
N PRO P 72 60.58 16.93 49.32
CA PRO P 72 60.80 16.50 47.93
C PRO P 72 62.26 16.67 47.51
N ARG P 73 62.87 15.60 47.01
CA ARG P 73 64.28 15.60 46.62
C ARG P 73 64.50 16.38 45.34
N THR P 74 63.47 16.39 44.50
CA THR P 74 63.46 17.14 43.25
C THR P 74 62.01 17.44 42.95
N LYS P 75 61.71 17.88 41.74
CA LYS P 75 60.33 18.12 41.38
C LYS P 75 59.64 16.80 41.11
N HIS P 76 60.36 15.83 40.55
CA HIS P 76 59.79 14.52 40.25
C HIS P 76 59.98 13.45 41.29
N VAL P 77 60.82 13.69 42.30
CA VAL P 77 61.05 12.64 43.29
C VAL P 77 60.39 12.99 44.60
N LYS P 78 59.21 12.44 44.83
CA LYS P 78 58.55 12.68 46.08
C LYS P 78 58.50 11.47 47.01
N HIS P 79 59.09 10.36 46.61
CA HIS P 79 59.01 9.15 47.42
C HIS P 79 60.35 8.49 47.60
N GLU P 80 60.48 7.84 48.74
CA GLU P 80 61.62 7.01 49.03
C GLU P 80 61.16 5.57 49.03
N LEU P 81 62.02 4.68 48.55
CA LEU P 81 61.69 3.28 48.54
C LEU P 81 61.88 2.69 49.94
N ALA P 82 60.79 2.19 50.49
CA ALA P 82 60.78 1.70 51.85
C ALA P 82 61.22 0.23 51.92
N GLU P 83 60.45 -0.66 51.31
CA GLU P 83 60.78 -2.08 51.32
C GLU P 83 60.74 -2.69 49.94
N ILE P 84 61.40 -3.83 49.79
CA ILE P 84 61.23 -4.63 48.58
C ILE P 84 60.32 -5.80 48.91
N ILE P 85 59.10 -5.74 48.38
CA ILE P 85 58.07 -6.68 48.76
C ILE P 85 58.21 -8.01 48.06
N PHE P 86 58.47 -7.98 46.76
CA PHE P 86 58.82 -9.19 46.05
C PHE P 86 60.01 -8.95 45.18
N LYS P 87 61.14 -9.58 45.49
CA LYS P 87 62.29 -9.45 44.62
C LYS P 87 61.90 -10.14 43.33
N VAL P 88 62.44 -9.70 42.19
CA VAL P 88 62.00 -10.30 40.93
C VAL P 88 62.53 -11.73 40.80
N GLY P 89 61.60 -12.67 40.64
CA GLY P 89 61.97 -14.05 40.42
C GLY P 89 62.75 -14.71 41.55
N GLN P 90 62.92 -14.00 42.66
CA GLN P 90 63.33 -14.64 43.90
C GLN P 90 62.36 -14.15 44.92
N VAL P 91 61.48 -15.04 45.34
CA VAL P 91 60.38 -14.60 46.18
C VAL P 91 60.31 -15.52 47.36
N ILE P 92 60.28 -14.93 48.53
CA ILE P 92 60.12 -15.71 49.73
C ILE P 92 58.68 -15.52 50.18
N ASP P 93 57.95 -16.63 50.23
CA ASP P 93 56.55 -16.62 50.62
C ASP P 93 56.39 -15.94 51.97
N PRO P 94 55.60 -14.86 52.03
CA PRO P 94 55.34 -14.19 53.31
C PRO P 94 54.54 -15.06 54.27
N VAL P 95 53.65 -15.91 53.75
CA VAL P 95 52.94 -16.84 54.59
C VAL P 95 53.86 -17.83 55.33
N THR P 96 54.52 -18.70 54.58
CA THR P 96 55.34 -19.76 55.16
C THR P 96 56.85 -19.49 55.23
N GLY P 97 57.29 -18.30 54.82
CA GLY P 97 58.68 -17.90 54.91
C GLY P 97 59.64 -18.70 54.04
N LYS P 98 59.12 -19.36 53.01
CA LYS P 98 59.94 -20.27 52.22
C LYS P 98 60.15 -19.80 50.78
N PRO P 99 61.32 -20.10 50.22
CA PRO P 99 61.61 -19.79 48.81
C PRO P 99 60.64 -20.51 47.88
N CYS P 100 60.16 -19.81 46.86
CA CYS P 100 59.22 -20.39 45.89
C CYS P 100 59.42 -19.84 44.51
N ALA P 101 59.25 -20.67 43.49
CA ALA P 101 59.26 -20.17 42.11
C ALA P 101 57.89 -20.39 41.52
N GLY P 102 57.17 -19.29 41.35
CA GLY P 102 55.78 -19.36 40.97
C GLY P 102 54.94 -20.03 42.04
N THR P 103 54.22 -21.06 41.65
CA THR P 103 53.26 -21.70 42.51
C THR P 103 53.89 -22.93 43.21
N THR P 104 55.17 -23.14 42.94
CA THR P 104 55.91 -24.27 43.49
C THR P 104 56.75 -23.85 44.69
N TYR P 105 56.88 -24.72 45.69
CA TYR P 105 57.82 -24.49 46.78
C TYR P 105 59.22 -24.93 46.40
N LEU P 106 60.19 -24.03 46.54
CA LEU P 106 61.58 -24.36 46.22
C LEU P 106 62.27 -25.17 47.32
N GLU P 107 61.90 -24.88 48.56
CA GLU P 107 62.26 -25.68 49.73
C GLU P 107 60.98 -25.93 50.53
N SER P 108 60.59 -27.20 50.66
CA SER P 108 59.33 -27.52 51.34
C SER P 108 59.34 -27.04 52.79
N PRO P 109 58.24 -26.42 53.22
CA PRO P 109 58.04 -25.93 54.59
C PRO P 109 57.86 -27.05 55.63
N ILE P 110 57.55 -28.27 55.18
CA ILE P 110 57.38 -29.38 56.11
C ILE P 110 58.66 -30.20 56.31
N SER P 111 59.76 -29.77 55.70
CA SER P 111 61.03 -30.46 55.88
C SER P 111 62.04 -29.54 56.55
N PRO P 112 61.87 -29.33 57.86
CA PRO P 112 62.69 -28.37 58.61
C PRO P 112 64.13 -28.84 58.76
N GLU P 113 64.31 -30.14 58.91
CA GLU P 113 65.62 -30.73 59.21
C GLU P 113 66.09 -31.62 58.05
N SER Q 47 16.91 -55.85 40.98
CA SER Q 47 17.26 -57.25 41.23
C SER Q 47 16.76 -58.15 40.09
N ASN Q 48 16.53 -57.57 38.93
CA ASN Q 48 16.11 -58.33 37.75
C ASN Q 48 17.34 -58.83 36.99
N GLU Q 49 17.46 -60.15 36.90
CA GLU Q 49 18.64 -60.75 36.29
C GLU Q 49 18.51 -60.82 34.77
N ASP Q 50 17.31 -60.59 34.28
CA ASP Q 50 17.02 -60.75 32.85
C ASP Q 50 17.25 -59.46 32.04
N LEU Q 51 17.69 -58.41 32.72
CA LEU Q 51 18.02 -57.17 32.04
C LEU Q 51 19.30 -57.32 31.24
N PRO Q 52 19.42 -56.58 30.13
CA PRO Q 52 20.60 -56.65 29.25
C PRO Q 52 21.92 -56.18 29.86
N VAL Q 53 23.00 -56.75 29.34
CA VAL Q 53 24.37 -56.45 29.76
C VAL Q 53 25.10 -55.55 28.75
N PRO Q 54 25.70 -54.45 29.24
CA PRO Q 54 26.33 -53.48 28.33
C PRO Q 54 27.67 -53.93 27.72
N MET Q 55 27.71 -55.11 27.10
CA MET Q 55 28.88 -55.56 26.35
C MET Q 55 28.97 -55.00 24.94
N GLU Q 56 30.16 -55.01 24.37
CA GLU Q 56 30.40 -54.78 22.93
C GLU Q 56 29.78 -55.89 22.07
N ASN Q 57 29.41 -55.55 20.85
CA ASN Q 57 28.71 -56.48 19.97
C ASN Q 57 29.57 -57.70 19.63
N PRO Q 58 29.14 -58.88 20.10
CA PRO Q 58 29.87 -60.14 19.93
C PRO Q 58 29.84 -60.62 18.51
N TYR Q 59 28.75 -60.28 17.84
CA TYR Q 59 28.44 -60.80 16.53
C TYR Q 59 29.22 -60.09 15.45
N LYS Q 60 29.69 -58.88 15.77
CA LYS Q 60 30.27 -57.95 14.77
C LYS Q 60 31.33 -58.60 13.89
N GLU Q 61 31.17 -58.46 12.57
CA GLU Q 61 32.02 -59.11 11.60
C GLU Q 61 33.40 -58.48 11.56
N PRO Q 62 34.40 -59.21 11.05
CA PRO Q 62 35.70 -58.60 10.78
C PRO Q 62 35.56 -57.55 9.68
N LEU Q 63 36.54 -56.66 9.54
CA LEU Q 63 36.49 -55.66 8.47
C LEU Q 63 37.09 -56.22 7.18
N LYS Q 64 36.51 -55.88 6.03
CA LYS Q 64 37.00 -56.40 4.77
C LYS Q 64 38.36 -55.79 4.44
N LYS Q 65 39.18 -56.55 3.70
CA LYS Q 65 40.58 -56.17 3.48
C LYS Q 65 40.97 -55.94 2.03
N CYS Q 66 41.77 -54.89 1.78
CA CYS Q 66 42.34 -54.65 0.45
C CYS Q 66 43.05 -55.96 0.10
N ILE Q 67 43.06 -56.32 -1.18
CA ILE Q 67 43.75 -57.55 -1.60
C ILE Q 67 45.18 -57.61 -1.05
N LEU Q 68 45.75 -56.44 -0.80
CA LEU Q 68 47.11 -56.34 -0.33
C LEU Q 68 47.35 -56.08 1.19
N CYS Q 69 46.30 -56.06 2.04
CA CYS Q 69 46.50 -55.59 3.44
C CYS Q 69 47.67 -56.39 3.96
N GLU Q 70 48.68 -55.68 4.45
CA GLU Q 70 49.90 -56.31 4.94
C GLU Q 70 50.64 -57.19 3.92
N LYS Q 71 50.65 -56.76 2.66
CA LYS Q 71 51.66 -57.24 1.70
C LYS Q 71 52.64 -56.12 1.51
N HIS Q 72 53.69 -56.34 0.73
CA HIS Q 72 54.63 -55.26 0.53
C HIS Q 72 54.78 -54.87 -0.94
N VAL Q 73 54.30 -53.70 -1.29
CA VAL Q 73 54.43 -53.22 -2.65
C VAL Q 73 55.80 -52.69 -2.93
N ASP Q 74 56.50 -53.32 -3.85
CA ASP Q 74 57.87 -52.93 -4.13
C ASP Q 74 58.10 -52.58 -5.59
N TYR Q 75 58.60 -51.38 -5.83
CA TYR Q 75 58.79 -50.89 -7.19
C TYR Q 75 59.55 -51.89 -8.07
N LYS Q 76 60.31 -52.79 -7.44
CA LYS Q 76 61.14 -53.73 -8.18
C LYS Q 76 60.37 -54.85 -8.85
N ASN Q 77 59.18 -55.20 -8.37
CA ASN Q 77 58.44 -56.20 -9.14
C ASN Q 77 57.32 -55.57 -9.95
N VAL Q 78 57.61 -55.55 -11.24
CA VAL Q 78 56.78 -54.93 -12.21
C VAL Q 78 55.57 -55.81 -12.47
N GLN Q 79 55.60 -57.05 -12.01
CA GLN Q 79 54.49 -57.92 -12.27
C GLN Q 79 53.25 -57.47 -11.50
N LEU Q 80 53.44 -57.36 -10.18
CA LEU Q 80 52.35 -56.96 -9.31
C LEU Q 80 51.84 -55.63 -9.76
N LEU Q 81 52.76 -54.72 -10.05
CA LEU Q 81 52.38 -53.39 -10.47
C LEU Q 81 51.54 -53.48 -11.73
N SER Q 82 52.09 -54.15 -12.73
CA SER Q 82 51.48 -54.22 -14.03
C SER Q 82 50.10 -54.85 -13.98
N GLN Q 83 49.75 -55.44 -12.84
CA GLN Q 83 48.35 -55.83 -12.70
C GLN Q 83 47.33 -54.66 -12.69
N PHE Q 84 47.71 -53.52 -12.15
CA PHE Q 84 46.75 -52.44 -11.93
C PHE Q 84 46.71 -51.37 -13.04
N ILE Q 85 47.43 -51.68 -14.11
CA ILE Q 85 47.48 -50.89 -15.32
C ILE Q 85 46.45 -51.37 -16.35
N SER Q 86 45.91 -50.46 -17.14
CA SER Q 86 45.24 -50.83 -18.39
C SER Q 86 46.19 -51.37 -19.43
N PRO Q 87 45.89 -52.56 -19.98
CA PRO Q 87 46.77 -53.16 -20.98
C PRO Q 87 47.01 -52.30 -22.21
N PHE Q 88 45.98 -51.60 -22.68
CA PHE Q 88 46.08 -50.84 -23.92
C PHE Q 88 46.67 -49.43 -23.87
N THR Q 89 46.59 -48.80 -22.70
CA THR Q 89 46.90 -47.39 -22.58
C THR Q 89 48.06 -47.20 -21.64
N GLY Q 90 47.98 -47.83 -20.49
CA GLY Q 90 49.09 -47.81 -19.57
C GLY Q 90 48.69 -46.93 -18.43
N CYS Q 91 47.44 -46.53 -18.47
CA CYS Q 91 46.88 -45.75 -17.40
C CYS Q 91 46.90 -46.54 -16.12
N ILE Q 92 46.87 -45.84 -15.00
CA ILE Q 92 46.75 -46.53 -13.74
C ILE Q 92 45.27 -46.57 -13.39
N TYR Q 93 44.80 -47.72 -12.94
CA TYR Q 93 43.38 -47.82 -12.68
C TYR Q 93 43.02 -47.08 -11.38
N GLY Q 94 41.76 -46.67 -11.22
CA GLY Q 94 41.32 -45.99 -10.01
C GLY Q 94 40.98 -46.95 -8.88
N ARG Q 95 40.70 -46.44 -7.68
CA ARG Q 95 40.20 -47.34 -6.64
C ARG Q 95 39.00 -48.11 -7.13
N HIS Q 96 38.05 -47.41 -7.75
CA HIS Q 96 36.76 -47.99 -8.09
C HIS Q 96 36.91 -49.14 -9.09
N ILE Q 97 38.14 -49.31 -9.59
CA ILE Q 97 38.52 -50.44 -10.41
C ILE Q 97 39.35 -51.42 -9.60
N THR Q 98 40.51 -50.98 -9.12
CA THR Q 98 41.39 -51.86 -8.35
C THR Q 98 40.80 -52.33 -7.00
N GLY Q 99 39.99 -51.48 -6.38
CA GLY Q 99 39.37 -51.79 -5.11
C GLY Q 99 40.36 -51.88 -3.96
N LEU Q 100 41.15 -50.83 -3.75
CA LEU Q 100 42.18 -50.90 -2.73
C LEU Q 100 41.95 -49.94 -1.55
N CYS Q 101 42.44 -50.30 -0.35
CA CYS Q 101 42.53 -49.36 0.77
C CYS Q 101 43.23 -48.16 0.19
N GLY Q 102 42.79 -46.97 0.57
CA GLY Q 102 43.45 -45.78 0.09
C GLY Q 102 44.96 -45.88 0.22
N LYS Q 103 45.41 -46.46 1.33
CA LYS Q 103 46.82 -46.68 1.57
C LYS Q 103 47.46 -47.41 0.43
N LYS Q 104 46.87 -48.54 0.03
CA LYS Q 104 47.55 -49.32 -0.99
C LYS Q 104 47.43 -48.68 -2.36
N GLN Q 105 46.27 -48.15 -2.73
CA GLN Q 105 46.16 -47.45 -4.01
C GLN Q 105 47.27 -46.43 -4.13
N LYS Q 106 47.55 -45.76 -3.03
CA LYS Q 106 48.62 -44.80 -3.02
C LYS Q 106 49.98 -45.49 -3.20
N GLU Q 107 50.24 -46.52 -2.41
CA GLU Q 107 51.51 -47.24 -2.52
C GLU Q 107 51.76 -47.75 -3.94
N ILE Q 108 50.71 -48.28 -4.54
CA ILE Q 108 50.72 -48.78 -5.90
C ILE Q 108 51.04 -47.68 -6.88
N THR Q 109 50.37 -46.55 -6.78
CA THR Q 109 50.65 -45.42 -7.68
C THR Q 109 52.10 -44.99 -7.61
N LYS Q 110 52.56 -44.73 -6.40
CA LYS Q 110 53.91 -44.26 -6.20
C LYS Q 110 54.92 -45.27 -6.71
N ALA Q 111 54.66 -46.55 -6.45
CA ALA Q 111 55.57 -47.60 -6.87
C ALA Q 111 55.63 -47.67 -8.38
N ILE Q 112 54.47 -47.54 -9.00
CA ILE Q 112 54.41 -47.52 -10.44
C ILE Q 112 55.27 -46.40 -10.98
N LYS Q 113 54.99 -45.16 -10.59
CA LYS Q 113 55.71 -44.05 -11.18
C LYS Q 113 57.20 -44.21 -10.95
N ARG Q 114 57.57 -44.69 -9.77
CA ARG Q 114 58.99 -44.91 -9.50
C ARG Q 114 59.60 -45.90 -10.49
N ALA Q 115 58.92 -47.03 -10.67
CA ALA Q 115 59.40 -48.04 -11.58
C ALA Q 115 59.56 -47.47 -12.97
N GLN Q 116 58.51 -46.82 -13.44
CA GLN Q 116 58.50 -46.25 -14.78
C GLN Q 116 59.69 -45.33 -15.04
N ILE Q 117 60.08 -44.51 -14.06
CA ILE Q 117 61.24 -43.66 -14.32
C ILE Q 117 62.62 -44.29 -14.03
N LEU Q 118 62.70 -45.25 -13.11
CA LEU Q 118 64.00 -45.89 -12.86
C LEU Q 118 64.33 -46.84 -13.99
N GLY Q 119 63.35 -47.05 -14.87
CA GLY Q 119 63.50 -47.91 -16.03
C GLY Q 119 63.25 -49.39 -15.80
N PHE Q 120 62.38 -49.72 -14.87
CA PHE Q 120 61.92 -51.09 -14.76
C PHE Q 120 60.73 -51.46 -15.62
N MET Q 121 59.78 -50.55 -15.72
CA MET Q 121 58.48 -50.87 -16.29
C MET Q 121 58.08 -49.86 -17.36
N PRO Q 122 57.52 -50.33 -18.47
CA PRO Q 122 57.14 -49.45 -19.58
C PRO Q 122 55.97 -48.57 -19.23
N VAL Q 123 55.95 -47.36 -19.75
CA VAL Q 123 54.90 -46.40 -19.42
C VAL Q 123 53.62 -46.45 -20.23
N THR Q 124 53.74 -46.62 -21.54
CA THR Q 124 52.59 -46.44 -22.43
C THR Q 124 51.74 -47.67 -22.68
N TYR Q 125 52.21 -48.83 -22.25
CA TYR Q 125 51.47 -50.05 -22.47
C TYR Q 125 51.85 -51.04 -21.40
N LYS Q 126 50.96 -51.97 -21.07
CA LYS Q 126 51.34 -53.03 -20.13
C LYS Q 126 52.25 -54.00 -20.86
N ASP Q 127 53.40 -54.28 -20.26
CA ASP Q 127 54.39 -55.18 -20.86
C ASP Q 127 53.72 -56.51 -21.22
N PRO Q 128 53.86 -56.93 -22.49
CA PRO Q 128 53.09 -58.05 -23.04
C PRO Q 128 53.27 -59.37 -22.29
N ALA Q 129 54.44 -59.57 -21.68
CA ALA Q 129 54.71 -60.76 -20.89
C ALA Q 129 53.63 -61.01 -19.84
N TYR Q 130 53.22 -59.94 -19.20
CA TYR Q 130 52.33 -60.03 -18.05
C TYR Q 130 50.87 -59.97 -18.46
N LEU Q 131 50.61 -60.05 -19.77
CA LEU Q 131 49.24 -60.02 -20.25
C LEU Q 131 48.34 -61.13 -19.70
N LYS Q 132 48.90 -62.32 -19.53
CA LYS Q 132 48.11 -63.50 -19.17
C LYS Q 132 48.14 -63.83 -17.68
N ASP Q 133 48.72 -62.95 -16.87
CA ASP Q 133 48.66 -63.12 -15.41
C ASP Q 133 47.23 -62.91 -14.89
N PRO Q 134 46.99 -63.19 -13.59
CA PRO Q 134 45.59 -63.11 -13.12
C PRO Q 134 45.02 -61.71 -13.15
N LYS Q 135 43.74 -61.62 -13.49
CA LYS Q 135 43.10 -60.34 -13.67
C LYS Q 135 42.33 -59.98 -12.42
N VAL Q 136 42.88 -59.04 -11.67
CA VAL Q 136 42.31 -58.59 -10.42
C VAL Q 136 41.22 -57.52 -10.58
N CYS Q 137 41.39 -56.68 -11.58
CA CYS Q 137 40.55 -55.50 -11.72
C CYS Q 137 39.19 -55.72 -12.37
N ASN Q 138 38.26 -54.82 -12.05
CA ASN Q 138 36.87 -55.00 -12.39
C ASN Q 138 36.45 -54.48 -13.76
N ILE Q 139 37.40 -54.00 -14.55
CA ILE Q 139 37.02 -53.39 -15.82
C ILE Q 139 36.78 -54.45 -16.91
N LYS Q 140 35.78 -54.20 -17.77
CA LYS Q 140 35.54 -55.02 -18.96
C LYS Q 140 35.56 -54.18 -20.23
N TYR Q 141 36.59 -54.36 -21.04
CA TYR Q 141 36.66 -53.69 -22.33
C TYR Q 141 35.80 -54.35 -23.39
N ARG Q 142 35.99 -55.65 -23.56
CA ARG Q 142 35.40 -56.35 -24.69
C ARG Q 142 34.06 -56.96 -24.35
N GLU Q 143 33.03 -56.51 -25.07
CA GLU Q 143 31.66 -56.86 -24.76
C GLU Q 143 30.93 -57.38 -26.00
N ALA R 2 57.18 -43.11 -28.40
CA ALA R 2 58.29 -42.66 -29.24
C ALA R 2 59.56 -43.43 -28.97
N ASN R 3 59.91 -43.61 -27.69
CA ASN R 3 60.98 -44.54 -27.33
C ASN R 3 60.46 -45.92 -26.95
N HIS R 4 59.16 -46.02 -26.82
CA HIS R 4 58.57 -47.31 -26.57
C HIS R 4 58.56 -48.08 -27.87
N LEU R 5 58.43 -49.40 -27.78
CA LEU R 5 58.22 -50.25 -28.95
C LEU R 5 56.87 -49.95 -29.58
N LYS R 6 56.83 -50.00 -30.91
CA LYS R 6 55.61 -49.67 -31.63
C LYS R 6 54.59 -50.83 -31.66
N PHE R 7 53.33 -50.45 -31.83
CA PHE R 7 52.27 -51.40 -32.17
C PHE R 7 51.79 -52.25 -31.05
N ILE R 8 52.37 -52.08 -29.87
CA ILE R 8 51.88 -52.83 -28.72
C ILE R 8 50.72 -52.09 -28.01
N ALA R 9 50.51 -50.82 -28.34
CA ALA R 9 49.60 -49.99 -27.54
C ALA R 9 48.49 -49.32 -28.32
N ARG R 10 47.29 -49.29 -27.73
CA ARG R 10 46.07 -48.76 -28.35
C ARG R 10 45.81 -49.48 -29.67
N THR R 11 46.27 -50.72 -29.72
CA THR R 11 46.15 -51.56 -30.90
C THR R 11 45.09 -52.62 -30.71
N VAL R 12 44.25 -52.77 -31.72
CA VAL R 12 43.27 -53.83 -31.73
C VAL R 12 43.53 -54.61 -33.01
N MET R 13 43.43 -55.94 -32.96
CA MET R 13 43.53 -56.73 -34.19
C MET R 13 42.15 -57.13 -34.68
N VAL R 14 41.87 -56.96 -35.97
CA VAL R 14 40.52 -57.23 -36.47
C VAL R 14 40.31 -58.74 -36.65
N GLN R 15 39.07 -59.17 -36.45
CA GLN R 15 38.73 -60.59 -36.48
C GLN R 15 37.80 -60.92 -37.63
N GLU R 16 38.15 -61.96 -38.39
CA GLU R 16 37.35 -62.41 -39.50
C GLU R 16 37.04 -61.26 -40.45
N GLY R 17 37.98 -60.33 -40.51
CA GLY R 17 37.95 -59.24 -41.46
C GLY R 17 36.89 -58.16 -41.26
N ASN R 18 36.18 -58.17 -40.14
CA ASN R 18 35.18 -57.11 -39.95
C ASN R 18 35.82 -55.96 -39.16
N VAL R 19 36.02 -54.87 -39.88
CA VAL R 19 36.78 -53.74 -39.37
C VAL R 19 35.95 -52.82 -38.49
N GLU R 20 34.70 -52.56 -38.88
CA GLU R 20 33.82 -51.69 -38.11
C GLU R 20 33.81 -52.10 -36.66
N GLY R 21 33.75 -53.42 -36.42
CA GLY R 21 33.70 -53.96 -35.08
C GLY R 21 34.99 -53.74 -34.31
N ALA R 22 36.13 -53.95 -34.97
CA ALA R 22 37.42 -53.70 -34.35
C ALA R 22 37.50 -52.25 -33.92
N TYR R 23 37.26 -51.36 -34.86
CA TYR R 23 37.25 -49.94 -34.56
C TYR R 23 36.33 -49.62 -33.39
N ARG R 24 35.10 -50.11 -33.38
CA ARG R 24 34.23 -49.94 -32.23
C ARG R 24 34.92 -50.33 -30.94
N THR R 25 35.60 -51.48 -30.95
CA THR R 25 36.27 -51.98 -29.75
C THR R 25 37.35 -51.01 -29.29
N LEU R 26 38.16 -50.55 -30.24
CA LEU R 26 39.17 -49.54 -29.98
C LEU R 26 38.58 -48.31 -29.32
N ASN R 27 37.58 -47.74 -29.96
CA ASN R 27 36.89 -46.56 -29.46
C ASN R 27 36.31 -46.75 -28.08
N ARG R 28 35.90 -47.97 -27.77
CA ARG R 28 35.41 -48.25 -26.43
C ARG R 28 36.59 -48.25 -25.45
N ILE R 29 37.70 -48.89 -25.84
CA ILE R 29 38.92 -48.85 -25.03
C ILE R 29 39.32 -47.42 -24.66
N LEU R 30 39.36 -46.55 -25.66
CA LEU R 30 39.76 -45.17 -25.46
C LEU R 30 38.73 -44.35 -24.73
N THR R 31 37.45 -44.64 -24.93
CA THR R 31 36.46 -43.88 -24.19
C THR R 31 36.59 -44.22 -22.71
N MET R 32 36.74 -45.51 -22.42
CA MET R 32 36.81 -46.03 -21.06
C MET R 32 37.97 -45.45 -20.23
N ASP R 33 39.09 -45.20 -20.89
CA ASP R 33 40.25 -44.69 -20.17
C ASP R 33 40.33 -43.16 -20.18
N GLY R 34 39.34 -42.52 -20.78
CA GLY R 34 39.23 -41.08 -20.80
C GLY R 34 40.12 -40.41 -21.82
N LEU R 35 40.91 -41.21 -22.52
CA LEU R 35 41.76 -40.71 -23.58
C LEU R 35 40.98 -39.85 -24.55
N ILE R 36 39.74 -40.20 -24.82
CA ILE R 36 38.97 -39.41 -25.76
C ILE R 36 38.64 -38.03 -25.21
N GLU R 37 38.03 -37.99 -24.03
CA GLU R 37 37.75 -36.70 -23.38
C GLU R 37 39.02 -35.88 -23.23
N ASP R 38 40.12 -36.52 -22.85
CA ASP R 38 41.39 -35.82 -22.69
C ASP R 38 41.86 -35.19 -24.02
N ILE R 39 41.93 -36.00 -25.07
CA ILE R 39 42.23 -35.49 -26.40
C ILE R 39 41.39 -34.28 -26.71
N LYS R 40 40.09 -34.39 -26.47
CA LYS R 40 39.18 -33.32 -26.86
C LYS R 40 39.40 -32.07 -26.04
N ARG R 41 39.81 -32.26 -24.80
CA ARG R 41 39.91 -31.15 -23.88
C ARG R 41 41.24 -30.45 -24.03
N ARG R 42 42.19 -31.11 -24.69
CA ARG R 42 43.50 -30.51 -24.88
C ARG R 42 43.63 -29.78 -26.21
N ARG R 43 42.52 -29.67 -26.94
CA ARG R 43 42.53 -28.93 -28.19
C ARG R 43 42.76 -27.45 -27.92
N TYR R 44 42.04 -26.94 -26.91
CA TYR R 44 42.28 -25.60 -26.42
C TYR R 44 42.82 -25.72 -25.01
N TYR R 45 43.26 -24.62 -24.42
CA TYR R 45 43.78 -24.76 -23.07
C TYR R 45 42.64 -24.44 -22.17
N GLU R 46 42.74 -24.83 -20.91
CA GLU R 46 41.67 -24.48 -19.97
C GLU R 46 42.36 -24.07 -18.71
N LYS R 47 42.08 -22.86 -18.30
CA LYS R 47 42.86 -22.23 -17.29
C LYS R 47 42.51 -22.92 -15.98
N PRO R 48 43.46 -23.00 -15.07
CA PRO R 48 43.35 -23.80 -13.86
C PRO R 48 42.07 -23.62 -13.06
N CYS R 49 41.64 -22.40 -12.79
CA CYS R 49 40.41 -22.21 -12.00
C CYS R 49 39.24 -22.88 -12.69
N ARG R 50 39.22 -22.75 -14.01
CA ARG R 50 38.18 -23.28 -14.88
C ARG R 50 38.11 -24.79 -14.79
N ARG R 51 39.27 -25.40 -14.61
CA ARG R 51 39.42 -26.83 -14.50
C ARG R 51 39.00 -27.32 -13.12
N ARG R 52 39.47 -26.64 -12.08
CA ARG R 52 38.99 -26.85 -10.72
C ARG R 52 37.48 -26.88 -10.69
N GLN R 53 36.86 -25.87 -11.29
CA GLN R 53 35.40 -25.79 -11.32
C GLN R 53 34.76 -26.98 -11.99
N ARG R 54 35.38 -27.45 -13.07
CA ARG R 54 34.84 -28.58 -13.80
C ARG R 54 34.91 -29.83 -12.95
N GLU R 55 36.08 -30.15 -12.43
CA GLU R 55 36.25 -31.32 -11.58
C GLU R 55 35.22 -31.30 -10.47
N SER R 56 35.09 -30.18 -9.78
CA SER R 56 34.08 -30.13 -8.72
C SER R 56 32.67 -30.38 -9.23
N TYR R 57 32.30 -29.78 -10.34
CA TYR R 57 30.96 -30.01 -10.89
C TYR R 57 30.74 -31.46 -11.27
N GLU R 58 31.75 -32.07 -11.87
CA GLU R 58 31.69 -33.47 -12.26
C GLU R 58 31.50 -34.36 -11.06
N THR R 59 32.28 -34.13 -10.01
CA THR R 59 32.14 -34.98 -8.85
C THR R 59 30.78 -34.79 -8.20
N CYS R 60 30.31 -33.56 -8.05
CA CYS R 60 28.95 -33.40 -7.58
C CYS R 60 28.00 -34.23 -8.42
N ARG R 61 28.01 -33.98 -9.72
CA ARG R 61 27.14 -34.67 -10.66
C ARG R 61 27.16 -36.20 -10.44
N ARG R 62 28.36 -36.74 -10.31
CA ARG R 62 28.56 -38.17 -10.11
C ARG R 62 27.95 -38.67 -8.81
N ILE R 63 28.23 -37.98 -7.72
CA ILE R 63 27.61 -38.28 -6.45
C ILE R 63 26.12 -38.35 -6.60
N TYR R 64 25.52 -37.37 -7.23
CA TYR R 64 24.07 -37.38 -7.34
C TYR R 64 23.57 -38.53 -8.17
N ASN R 65 24.16 -38.75 -9.34
CA ASN R 65 23.71 -39.84 -10.21
C ASN R 65 23.88 -41.20 -9.57
N MET R 66 25.02 -41.39 -8.96
CA MET R 66 25.32 -42.57 -8.18
C MET R 66 24.25 -42.86 -7.14
N GLU R 67 23.89 -41.83 -6.39
CA GLU R 67 22.97 -42.05 -5.31
C GLU R 67 21.55 -42.26 -5.78
N MET R 68 21.14 -41.49 -6.78
CA MET R 68 19.83 -41.70 -7.38
C MET R 68 19.71 -43.11 -7.92
N ALA R 69 20.75 -43.56 -8.62
CA ALA R 69 20.78 -44.92 -9.17
C ALA R 69 20.63 -45.93 -8.05
N ARG R 70 21.41 -45.73 -6.98
CA ARG R 70 21.32 -46.60 -5.83
C ARG R 70 19.89 -46.69 -5.29
N LYS R 71 19.22 -45.56 -5.15
CA LYS R 71 17.85 -45.58 -4.68
C LYS R 71 16.92 -46.23 -5.69
N ILE R 72 17.23 -46.12 -6.97
CA ILE R 72 16.38 -46.79 -7.96
C ILE R 72 16.49 -48.30 -7.73
N ASN R 73 17.71 -48.82 -7.74
CA ASN R 73 17.93 -50.26 -7.63
C ASN R 73 17.50 -50.84 -6.31
N PHE R 74 17.38 -49.99 -5.31
CA PHE R 74 16.86 -50.40 -4.01
C PHE R 74 15.35 -50.43 -4.04
N LEU R 75 14.73 -49.43 -4.65
CA LEU R 75 13.28 -49.36 -4.71
C LEU R 75 12.68 -50.30 -5.75
N MET R 76 13.53 -50.92 -6.56
CA MET R 76 13.07 -51.61 -7.77
C MET R 76 12.08 -52.76 -7.55
N ARG R 77 12.25 -53.48 -6.45
CA ARG R 77 11.35 -54.55 -6.06
C ARG R 77 9.91 -54.10 -6.12
N LYS R 78 9.64 -52.91 -5.63
CA LYS R 78 8.27 -52.53 -5.31
C LYS R 78 7.50 -52.08 -6.54
N ASN R 79 8.12 -52.21 -7.71
CA ASN R 79 7.41 -51.95 -8.96
C ASN R 79 6.40 -53.04 -9.34
N ARG R 80 6.43 -54.18 -8.65
CA ARG R 80 5.54 -55.31 -8.95
C ARG R 80 4.06 -54.99 -8.83
N ALA R 81 3.21 -55.77 -9.48
CA ALA R 81 1.74 -55.55 -9.45
C ALA R 81 1.22 -55.46 -8.02
N ASP R 82 0.35 -54.49 -7.75
CA ASP R 82 0.01 -54.22 -6.35
C ASP R 82 -1.07 -55.15 -5.82
N PRO R 83 -0.82 -55.70 -4.64
CA PRO R 83 -1.63 -56.78 -4.08
C PRO R 83 -2.98 -56.31 -3.61
N TRP R 84 -3.02 -55.07 -3.21
CA TRP R 84 -4.13 -54.53 -2.44
C TRP R 84 -5.18 -53.80 -3.27
N GLN R 85 -5.09 -53.95 -4.58
CA GLN R 85 -5.81 -53.10 -5.53
C GLN R 85 -7.28 -52.87 -5.25
N GLY R 86 -7.66 -51.60 -5.30
CA GLY R 86 -9.01 -51.14 -5.04
C GLY R 86 -9.42 -51.49 -3.62
N CYS R 87 -8.64 -51.05 -2.65
CA CYS R 87 -8.82 -51.56 -1.29
C CYS R 87 -10.11 -51.06 -0.63
N ALA U 1 -51.33 0.92 -92.05
CA ALA U 1 -52.09 1.30 -93.23
C ALA U 1 -53.59 1.12 -92.99
N ALA U 2 -54.05 -0.12 -93.12
CA ALA U 2 -55.47 -0.48 -93.04
C ALA U 2 -56.08 -0.12 -91.69
N ALA U 3 -57.19 0.60 -91.72
CA ALA U 3 -57.95 0.90 -90.52
C ALA U 3 -59.31 0.21 -90.59
N ALA U 4 -59.50 -0.81 -89.74
CA ALA U 4 -60.71 -1.61 -89.75
C ALA U 4 -61.68 -1.13 -88.68
N ALA U 5 -62.96 -1.19 -88.98
CA ALA U 5 -63.99 -0.73 -88.07
C ALA U 5 -64.45 -1.82 -87.11
N ALA U 6 -64.17 -1.62 -85.81
CA ALA U 6 -64.69 -2.47 -84.75
C ALA U 6 -65.75 -1.68 -84.00
N ALA U 7 -66.93 -2.28 -83.84
CA ALA U 7 -68.02 -1.55 -83.20
C ALA U 7 -67.98 -1.81 -81.70
N ALA U 8 -67.61 -0.79 -80.94
CA ALA U 8 -67.57 -0.89 -79.50
C ALA U 8 -69.00 -0.94 -79.00
N ALA U 9 -69.84 -0.06 -79.56
CA ALA U 9 -71.19 0.21 -79.07
C ALA U 9 -72.18 -0.95 -79.24
N ALA U 10 -72.10 -1.67 -80.36
CA ALA U 10 -73.01 -2.78 -80.65
C ALA U 10 -72.83 -3.96 -79.67
N ALA U 11 -71.61 -4.47 -79.59
CA ALA U 11 -71.27 -5.53 -78.65
C ALA U 11 -71.43 -5.04 -77.21
N ALA U 12 -71.24 -3.73 -77.01
CA ALA U 12 -71.45 -3.09 -75.70
C ALA U 12 -72.87 -3.25 -75.20
N ALA U 13 -73.80 -2.57 -75.84
CA ALA U 13 -75.19 -2.66 -75.42
C ALA U 13 -75.66 -4.12 -75.39
N ALA U 14 -75.23 -4.94 -76.36
CA ALA U 14 -75.72 -6.33 -76.42
C ALA U 14 -75.30 -7.20 -75.22
N ALA U 15 -74.04 -7.11 -74.80
CA ALA U 15 -73.50 -7.94 -73.72
C ALA U 15 -73.53 -7.28 -72.32
N ALA U 16 -74.22 -6.14 -72.20
CA ALA U 16 -74.26 -5.28 -70.98
C ALA U 16 -72.92 -4.59 -70.73
N ALA U 17 -72.24 -4.27 -71.83
CA ALA U 17 -70.86 -3.75 -71.81
C ALA U 17 -70.66 -2.23 -71.97
N ALA U 18 -71.71 -1.43 -72.01
CA ALA U 18 -71.50 0.00 -72.14
C ALA U 18 -71.93 0.73 -70.88
N ARG V 88 2.92 6.77 94.05
CA ARG V 88 2.72 5.42 93.55
C ARG V 88 1.29 5.22 93.04
N LYS V 89 0.64 6.32 92.74
CA LYS V 89 -0.62 6.29 92.02
C LYS V 89 -0.33 5.77 90.62
N PRO V 90 -1.04 4.69 90.20
CA PRO V 90 -0.70 3.99 88.96
C PRO V 90 -0.70 4.93 87.76
N THR V 91 0.30 4.81 86.90
CA THR V 91 0.43 5.68 85.73
C THR V 91 0.33 4.85 84.46
N PHE V 92 -0.04 5.51 83.37
CA PHE V 92 -0.21 4.87 82.08
C PHE V 92 1.00 4.07 81.58
N MET V 93 2.19 4.40 82.07
CA MET V 93 3.39 3.70 81.64
C MET V 93 3.85 2.57 82.59
N ASP V 94 3.07 2.32 83.65
CA ASP V 94 3.33 1.22 84.58
C ASP V 94 3.19 -0.13 83.90
N GLU V 95 4.20 -0.99 84.03
CA GLU V 95 4.24 -2.28 83.34
C GLU V 95 2.97 -3.11 83.50
N GLU V 96 2.33 -3.00 84.66
CA GLU V 96 1.03 -3.64 84.86
C GLU V 96 0.02 -3.16 83.82
N VAL V 97 -0.20 -1.85 83.80
CA VAL V 97 -1.23 -1.25 82.97
C VAL V 97 -0.87 -1.35 81.49
N GLN V 98 0.41 -1.21 81.19
CA GLN V 98 0.88 -1.44 79.83
C GLN V 98 0.53 -2.85 79.39
N ASN V 99 0.82 -3.86 80.21
CA ASN V 99 0.57 -5.23 79.78
C ASN V 99 -0.92 -5.53 79.62
N ILE V 100 -1.71 -5.04 80.57
CA ILE V 100 -3.16 -5.17 80.46
C ILE V 100 -3.71 -4.56 79.17
N LEU V 101 -3.23 -3.37 78.83
CA LEU V 101 -3.75 -2.68 77.65
C LEU V 101 -3.24 -3.27 76.34
N ILE V 102 -1.96 -3.61 76.28
CA ILE V 102 -1.42 -4.31 75.13
C ILE V 102 -2.25 -5.54 74.85
N LYS V 103 -2.51 -6.31 75.90
CA LYS V 103 -3.38 -7.49 75.78
C LYS V 103 -4.78 -7.15 75.25
N MET V 104 -5.46 -6.18 75.85
CA MET V 104 -6.84 -5.83 75.46
C MET V 104 -6.95 -5.27 74.06
N THR V 105 -5.84 -4.73 73.57
CA THR V 105 -5.73 -4.20 72.22
C THR V 105 -5.95 -5.29 71.18
N GLY V 106 -5.07 -6.28 71.23
CA GLY V 106 -5.13 -7.41 70.33
C GLY V 106 -4.40 -7.18 69.03
N LEU V 107 -3.82 -8.24 68.50
CA LEU V 107 -3.09 -8.15 67.25
C LEU V 107 -3.93 -8.71 66.10
N ASP V 108 -4.42 -7.82 65.26
CA ASP V 108 -5.13 -8.22 64.05
C ASP V 108 -4.25 -7.82 62.88
N LEU V 109 -3.56 -8.76 62.28
CA LEU V 109 -2.53 -8.41 61.31
C LEU V 109 -3.09 -7.86 60.01
N GLN V 110 -4.38 -8.08 59.79
CA GLN V 110 -5.05 -7.56 58.60
C GLN V 110 -5.45 -6.09 58.73
N LYS V 111 -5.82 -5.67 59.93
CA LYS V 111 -6.11 -4.26 60.16
C LYS V 111 -4.84 -3.44 60.40
N ILE V 112 -3.89 -4.00 61.14
CA ILE V 112 -2.61 -3.32 61.41
C ILE V 112 -1.97 -2.92 60.13
N PHE V 113 -1.71 -3.92 59.30
CA PHE V 113 -1.14 -3.67 58.01
C PHE V 113 -2.25 -3.74 56.99
N LYS V 114 -2.64 -2.58 56.50
CA LYS V 114 -3.79 -2.47 55.65
C LYS V 114 -3.29 -1.71 54.44
N PRO V 115 -3.84 -2.01 53.26
CA PRO V 115 -3.43 -1.21 52.11
C PRO V 115 -3.59 0.29 52.40
N ALA V 116 -2.56 1.05 52.09
CA ALA V 116 -2.56 2.49 52.33
C ALA V 116 -2.64 3.24 51.01
N LEU V 117 -3.15 4.47 51.02
CA LEU V 117 -3.47 5.17 49.77
C LEU V 117 -2.27 5.78 49.07
N GLN V 118 -1.08 5.56 49.59
CA GLN V 118 0.14 6.09 48.99
C GLN V 118 0.40 5.50 47.60
N GLU V 119 1.30 6.14 46.85
CA GLU V 119 1.74 5.63 45.55
C GLU V 119 2.24 4.20 45.63
N LEU V 120 1.67 3.35 44.78
CA LEU V 120 2.01 1.93 44.74
C LEU V 120 3.20 1.61 43.87
N LYS V 121 3.93 0.59 44.28
CA LYS V 121 4.96 0.00 43.44
C LYS V 121 4.67 -1.48 43.35
N PRO V 122 5.05 -2.13 42.24
CA PRO V 122 4.69 -3.54 42.03
C PRO V 122 5.19 -4.43 43.17
N PRO V 123 4.42 -5.46 43.51
CA PRO V 123 4.74 -6.37 44.62
C PRO V 123 5.95 -7.25 44.37
N THR V 124 6.50 -7.83 45.45
CA THR V 124 7.62 -8.76 45.34
C THR V 124 7.22 -10.16 45.78
N TYR V 125 7.86 -11.17 45.20
CA TYR V 125 7.49 -12.54 45.49
C TYR V 125 8.70 -13.36 45.90
N LYS V 126 8.58 -14.11 46.99
CA LYS V 126 9.60 -15.10 47.33
C LYS V 126 9.00 -16.45 47.67
N LEU V 127 9.81 -17.48 47.51
CA LEU V 127 9.40 -18.86 47.73
C LEU V 127 9.86 -19.37 49.09
N MET V 128 8.91 -19.69 49.95
CA MET V 128 9.26 -20.05 51.31
C MET V 128 8.78 -21.44 51.71
N THR V 129 9.48 -22.01 52.68
CA THR V 129 9.07 -23.24 53.33
C THR V 129 7.88 -22.93 54.21
N GLN V 130 7.38 -23.91 54.95
CA GLN V 130 6.42 -23.62 56.00
C GLN V 130 7.17 -22.85 57.11
N ALA V 131 8.42 -23.26 57.32
CA ALA V 131 9.30 -22.66 58.33
C ALA V 131 9.51 -21.18 58.10
N GLN V 132 9.99 -20.84 56.90
CA GLN V 132 10.33 -19.47 56.56
C GLN V 132 9.11 -18.59 56.59
N LEU V 133 7.97 -19.18 56.26
CA LEU V 133 6.72 -18.46 56.33
C LEU V 133 6.34 -18.14 57.77
N GLU V 134 6.53 -19.09 58.67
CA GLU V 134 6.28 -18.83 60.10
C GLU V 134 7.21 -17.74 60.63
N GLU V 135 8.47 -17.78 60.22
CA GLU V 135 9.44 -16.76 60.61
C GLU V 135 9.05 -15.37 60.14
N ALA V 136 8.71 -15.27 58.86
CA ALA V 136 8.28 -14.01 58.29
C ALA V 136 7.06 -13.49 59.03
N THR V 137 6.13 -14.39 59.36
CA THR V 137 4.94 -13.96 60.09
C THR V 137 5.31 -13.43 61.46
N LYS V 138 6.26 -14.08 62.14
CA LYS V 138 6.64 -13.65 63.48
C LYS V 138 7.36 -12.29 63.42
N GLN V 139 8.22 -12.09 62.41
CA GLN V 139 8.86 -10.79 62.21
C GLN V 139 7.84 -9.71 61.97
N ALA V 140 6.86 -10.01 61.13
CA ALA V 140 5.76 -9.10 60.87
C ALA V 140 5.05 -8.74 62.17
N VAL V 141 4.84 -9.73 63.03
CA VAL V 141 4.19 -9.47 64.31
C VAL V 141 5.02 -8.50 65.15
N GLU V 142 6.31 -8.77 65.30
CA GLU V 142 7.18 -7.86 66.04
C GLU V 142 7.15 -6.44 65.47
N ALA V 143 7.03 -6.33 64.15
CA ALA V 143 6.93 -5.03 63.51
C ALA V 143 5.62 -4.35 63.89
N ALA V 144 4.57 -5.15 63.96
CA ALA V 144 3.22 -4.65 64.30
C ALA V 144 3.12 -4.24 65.76
N LYS V 145 4.06 -4.72 66.57
CA LYS V 145 4.17 -4.27 67.96
C LYS V 145 4.61 -2.82 67.98
N VAL V 146 5.64 -2.52 67.21
CA VAL V 146 6.17 -1.16 67.08
C VAL V 146 5.13 -0.24 66.47
N ARG V 147 4.39 -0.76 65.49
CA ARG V 147 3.27 0.00 64.94
C ARG V 147 2.17 0.27 65.96
N LEU V 148 2.18 -0.51 67.04
CA LEU V 148 1.13 -0.41 68.03
C LEU V 148 1.47 0.45 69.24
N LYS V 149 2.69 0.96 69.29
CA LYS V 149 3.19 1.65 70.48
C LYS V 149 2.30 2.85 70.82
N MET V 150 1.76 2.84 72.03
CA MET V 150 0.76 3.83 72.43
C MET V 150 1.30 5.24 72.48
N PRO V 151 0.59 6.19 71.86
CA PRO V 151 0.90 7.60 72.07
C PRO V 151 0.69 7.95 73.53
N PRO V 152 1.69 8.62 74.15
CA PRO V 152 1.65 8.98 75.58
C PRO V 152 0.36 9.68 76.00
N VAL V 153 -0.03 9.50 77.24
CA VAL V 153 -1.06 10.36 77.80
C VAL V 153 -0.46 11.12 78.96
N LEU V 154 -0.71 12.42 78.95
CA LEU V 154 -0.18 13.34 79.94
C LEU V 154 -1.32 14.17 80.46
N GLU V 155 -1.21 14.69 81.68
CA GLU V 155 -2.21 15.64 82.11
C GLU V 155 -1.87 16.96 81.45
N GLU V 156 -2.73 17.94 81.62
CA GLU V 156 -2.54 19.18 80.87
C GLU V 156 -1.34 19.95 81.42
N ARG V 157 -0.64 20.63 80.52
CA ARG V 157 0.49 21.47 80.89
C ARG V 157 0.01 22.78 81.52
N ALA V 158 0.86 23.38 82.34
CA ALA V 158 0.56 24.63 83.01
C ALA V 158 0.89 25.83 82.13
N PRO V 159 -0.01 26.82 82.06
CA PRO V 159 0.26 28.05 81.31
C PRO V 159 1.60 28.68 81.69
N ILE V 160 2.37 29.12 80.71
CA ILE V 160 3.62 29.81 80.98
C ILE V 160 3.41 31.31 81.07
N ASN V 161 3.68 31.89 82.23
CA ASN V 161 3.82 33.34 82.32
C ASN V 161 5.07 33.72 83.06
N ASP V 162 6.04 34.26 82.33
CA ASP V 162 7.26 34.76 82.96
C ASP V 162 7.81 35.98 82.22
N VAL V 163 8.03 37.08 82.95
CA VAL V 163 8.64 38.25 82.36
C VAL V 163 10.12 38.26 82.71
N LEU V 164 10.96 38.30 81.69
CA LEU V 164 12.39 38.35 81.92
C LEU V 164 12.92 39.75 82.21
N ALA V 165 12.17 40.77 81.80
CA ALA V 165 12.63 42.16 81.91
C ALA V 165 11.55 43.13 81.48
N GLU V 166 11.66 44.37 81.95
CA GLU V 166 10.76 45.44 81.54
C GLU V 166 11.58 46.65 81.18
N ASP V 167 11.51 47.09 79.93
CA ASP V 167 12.21 48.31 79.58
C ASP V 167 11.15 49.33 79.22
N LYS V 168 10.92 50.27 80.12
CA LYS V 168 9.81 51.17 79.92
C LYS V 168 10.13 52.07 78.73
N ILE V 169 11.42 52.29 78.50
CA ILE V 169 11.90 53.21 77.49
C ILE V 169 11.49 52.85 76.08
N LEU V 170 11.33 51.55 75.82
CA LEU V 170 11.06 51.09 74.47
C LEU V 170 9.59 51.21 74.14
N GLU V 171 8.81 51.75 75.07
CA GLU V 171 7.37 51.53 75.07
C GLU V 171 6.62 51.78 73.75
N GLY V 172 6.72 52.95 73.16
CA GLY V 172 5.89 53.21 71.99
C GLY V 172 6.57 52.96 70.68
N THR V 173 7.77 52.38 70.75
CA THR V 173 8.69 52.34 69.62
C THR V 173 8.25 51.42 68.48
N GLU V 174 7.55 50.34 68.81
CA GLU V 174 7.09 49.40 67.77
C GLU V 174 5.62 49.10 67.91
N THR V 175 4.97 48.86 66.79
CA THR V 175 3.56 48.48 66.79
C THR V 175 3.33 46.98 67.00
N ALA V 176 4.33 46.16 66.65
CA ALA V 176 4.16 44.69 66.66
C ALA V 176 5.00 44.02 67.75
N LYS V 177 4.95 42.69 67.83
CA LYS V 177 5.85 42.01 68.76
C LYS V 177 6.97 41.28 68.03
N TYR V 178 8.17 41.33 68.60
CA TYR V 178 9.27 40.52 68.09
C TYR V 178 9.25 39.17 68.78
N VAL V 179 9.42 38.11 68.02
CA VAL V 179 9.51 36.79 68.64
C VAL V 179 10.84 36.09 68.33
N PHE V 180 11.62 35.85 69.37
CA PHE V 180 12.97 35.31 69.24
C PHE V 180 13.07 33.85 69.59
N THR V 181 13.45 33.06 68.59
CA THR V 181 13.53 31.63 68.77
C THR V 181 14.94 31.14 68.71
N ASP V 182 15.42 30.57 69.79
CA ASP V 182 16.70 29.92 69.68
C ASP V 182 16.52 28.74 68.76
N ILE V 183 17.31 28.68 67.70
CA ILE V 183 17.35 27.47 66.90
C ILE V 183 18.77 26.96 66.94
N SER V 184 18.98 25.83 67.59
CA SER V 184 20.29 25.19 67.56
C SER V 184 20.01 23.72 67.38
N TYR V 185 20.83 23.04 66.59
CA TYR V 185 20.41 21.71 66.20
C TYR V 185 20.42 20.70 67.36
N SER V 186 21.26 20.96 68.36
CA SER V 186 21.43 20.03 69.47
C SER V 186 20.27 20.01 70.49
N ILE V 187 19.66 21.18 70.72
CA ILE V 187 18.73 21.38 71.84
C ILE V 187 17.38 20.66 71.72
N PRO V 188 16.95 19.98 72.80
CA PRO V 188 15.62 19.40 72.95
C PRO V 188 14.49 20.45 72.92
N HIS V 189 13.41 20.17 72.18
CA HIS V 189 12.41 21.20 71.89
C HIS V 189 11.65 21.68 73.12
N ARG V 190 11.83 20.97 74.24
CA ARG V 190 11.21 21.44 75.46
C ARG V 190 12.15 22.38 76.19
N GLU V 191 13.42 22.36 75.78
CA GLU V 191 14.44 23.24 76.35
C GLU V 191 14.86 24.50 75.53
N ARG V 192 14.28 24.71 74.35
CA ARG V 192 14.60 25.92 73.56
C ARG V 192 14.07 27.19 74.21
N PHE V 193 14.79 28.29 74.02
CA PHE V 193 14.31 29.56 74.53
C PHE V 193 13.45 30.31 73.53
N ILE V 194 12.20 30.54 73.87
CA ILE V 194 11.36 31.34 72.98
C ILE V 194 10.91 32.60 73.71
N VAL V 195 11.42 33.73 73.25
CA VAL V 195 11.27 35.00 73.93
C VAL V 195 10.43 35.98 73.12
N VAL V 196 9.75 36.89 73.78
CA VAL V 196 8.89 37.83 73.07
C VAL V 196 9.05 39.26 73.57
N ARG V 197 9.45 40.19 72.69
CA ARG V 197 9.42 41.61 73.03
C ARG V 197 8.05 42.12 72.64
N GLU V 198 7.31 42.69 73.59
CA GLU V 198 6.01 43.22 73.25
C GLU V 198 6.15 44.66 72.84
N PRO V 199 5.07 45.25 72.34
CA PRO V 199 5.14 46.70 72.14
C PRO V 199 5.22 47.41 73.48
N SER V 200 4.53 46.90 74.49
CA SER V 200 4.56 47.50 75.83
C SER V 200 5.96 47.54 76.44
N GLY V 201 6.90 46.83 75.83
CA GLY V 201 8.29 46.92 76.23
C GLY V 201 8.76 45.74 77.05
N THR V 202 7.84 45.02 77.67
CA THR V 202 8.19 43.86 78.49
C THR V 202 8.67 42.67 77.65
N LEU V 203 9.74 42.04 78.12
CA LEU V 203 10.30 40.87 77.47
C LEU V 203 9.88 39.60 78.21
N ARG V 204 8.99 38.83 77.61
CA ARG V 204 8.43 37.68 78.32
C ARG V 204 8.73 36.40 77.61
N LYS V 205 8.59 35.28 78.33
CA LYS V 205 8.68 33.99 77.66
C LYS V 205 7.42 33.80 76.83
N ALA V 206 7.56 33.04 75.76
CA ALA V 206 6.46 32.84 74.84
C ALA V 206 5.40 31.96 75.48
N SER V 207 4.14 32.09 75.08
CA SER V 207 3.13 31.20 75.63
C SER V 207 3.35 29.81 75.05
N TRP V 208 2.54 28.85 75.47
CA TRP V 208 2.68 27.50 74.97
C TRP V 208 2.39 27.42 73.48
N GLU V 209 1.20 27.87 73.09
CA GLU V 209 0.79 27.78 71.69
C GLU V 209 1.75 28.49 70.74
N GLU V 210 2.16 29.69 71.12
CA GLU V 210 3.17 30.45 70.37
C GLU V 210 4.42 29.63 70.21
N ARG V 211 4.79 28.97 71.30
CA ARG V 211 6.00 28.20 71.34
C ARG V 211 5.96 27.07 70.31
N ASP V 212 4.89 26.29 70.35
CA ASP V 212 4.77 25.16 69.45
C ASP V 212 4.70 25.62 68.00
N ARG V 213 3.83 26.59 67.73
CA ARG V 213 3.74 27.18 66.38
C ARG V 213 5.12 27.59 65.86
N MET V 214 5.91 28.16 66.76
CA MET V 214 7.23 28.66 66.41
C MET V 214 8.20 27.52 66.07
N ILE V 215 8.19 26.50 66.91
CA ILE V 215 9.06 25.35 66.71
C ILE V 215 8.74 24.74 65.36
N GLN V 216 7.45 24.71 65.04
CA GLN V 216 7.02 24.21 63.74
C GLN V 216 7.61 25.04 62.61
N VAL V 217 7.51 26.36 62.71
CA VAL V 217 8.11 27.23 61.70
C VAL V 217 9.56 26.88 61.45
N TYR V 218 10.37 26.81 62.50
CA TYR V 218 11.79 26.61 62.23
C TYR V 218 12.24 25.15 62.18
N PHE V 219 11.43 24.22 62.69
CA PHE V 219 11.80 22.81 62.64
C PHE V 219 10.66 21.96 62.15
N PRO V 220 10.19 22.24 60.94
CA PRO V 220 8.94 21.66 60.47
C PRO V 220 9.04 20.15 60.41
N ARG V 221 7.96 19.48 60.79
CA ARG V 221 7.89 18.03 60.70
C ARG V 221 6.52 17.70 60.14
N GLU V 222 6.49 16.84 59.12
CA GLU V 222 5.30 16.64 58.30
C GLU V 222 4.09 16.23 59.12
N GLY V 223 2.94 16.80 58.77
CA GLY V 223 1.70 16.52 59.46
C GLY V 223 1.21 17.69 60.29
N ARG V 224 2.10 18.66 60.52
CA ARG V 224 1.72 19.86 61.25
C ARG V 224 1.51 21.05 60.34
N ARG V 225 0.35 21.68 60.45
CA ARG V 225 0.17 23.01 59.89
C ARG V 225 0.48 24.00 61.00
N ILE V 226 1.06 25.14 60.63
CA ILE V 226 1.32 26.19 61.59
C ILE V 226 0.02 26.79 62.11
N LEU V 227 -0.81 27.27 61.19
CA LEU V 227 -2.16 27.67 61.55
C LEU V 227 -3.00 26.43 61.85
N THR V 228 -3.73 26.44 62.96
CA THR V 228 -4.52 25.26 63.36
C THR V 228 -5.63 24.90 62.35
N PRO V 229 -5.57 23.67 61.80
CA PRO V 229 -6.43 23.24 60.69
C PRO V 229 -7.93 23.29 60.99
N VAL V 230 -8.73 23.51 59.96
CA VAL V 230 -10.18 23.65 60.09
C VAL V 230 -10.87 22.42 60.67
N ILE V 231 -10.26 21.27 60.44
CA ILE V 231 -10.92 19.99 60.71
C ILE V 231 -11.29 19.78 62.19
N PHE V 232 -10.64 20.50 63.09
CA PHE V 232 -10.84 20.26 64.51
C PHE V 232 -11.96 21.11 65.13
N LYS V 233 -12.59 21.95 64.31
CA LYS V 233 -13.80 22.63 64.75
C LYS V 233 -14.84 21.56 64.98
N GLU V 234 -15.85 21.84 65.80
CA GLU V 234 -16.83 20.82 66.16
C GLU V 234 -17.61 20.26 64.97
N GLU V 235 -17.97 21.13 64.03
CA GLU V 235 -18.74 20.70 62.88
C GLU V 235 -18.03 19.61 62.08
N ASN V 236 -16.84 19.93 61.61
CA ASN V 236 -16.06 19.00 60.81
C ASN V 236 -15.81 17.70 61.56
N LEU V 237 -15.56 17.83 62.86
CA LEU V 237 -15.32 16.66 63.68
C LEU V 237 -16.54 15.75 63.68
N GLN V 238 -17.71 16.32 63.90
CA GLN V 238 -18.94 15.55 63.90
C GLN V 238 -19.11 14.81 62.56
N THR V 239 -18.91 15.55 61.47
CA THR V 239 -18.94 14.96 60.13
C THR V 239 -18.02 13.74 60.03
N MET V 240 -16.82 13.86 60.58
CA MET V 240 -15.86 12.77 60.48
C MET V 240 -16.21 11.58 61.38
N TYR V 241 -16.94 11.83 62.46
CA TYR V 241 -17.41 10.76 63.33
C TYR V 241 -18.51 9.97 62.65
N SER V 242 -19.31 10.68 61.84
CA SER V 242 -20.41 10.05 61.14
C SER V 242 -19.95 9.16 59.98
N GLN V 243 -18.75 9.42 59.45
CA GLN V 243 -18.14 8.51 58.47
C GLN V 243 -17.23 7.53 59.17
N ASP V 244 -17.22 7.58 60.50
CA ASP V 244 -16.51 6.66 61.43
C ASP V 244 -14.99 6.61 61.24
N GLN V 245 -14.41 7.78 61.02
CA GLN V 245 -12.99 7.90 60.72
C GLN V 245 -12.15 7.98 61.98
N HIS V 246 -12.78 7.72 63.13
CA HIS V 246 -12.27 8.11 64.45
C HIS V 246 -10.76 7.85 64.60
N VAL V 247 -10.30 6.73 64.08
CA VAL V 247 -8.87 6.44 64.02
C VAL V 247 -8.05 7.57 63.38
N ASP V 248 -8.52 8.02 62.22
CA ASP V 248 -7.85 9.09 61.47
C ASP V 248 -7.84 10.38 62.25
N VAL V 249 -8.97 10.75 62.85
CA VAL V 249 -9.00 11.91 63.72
C VAL V 249 -7.90 11.80 64.77
N LEU V 250 -7.86 10.70 65.50
CA LEU V 250 -6.85 10.55 66.54
C LEU V 250 -5.46 10.69 65.98
N ASN V 251 -5.25 10.22 64.76
CA ASN V 251 -3.91 10.34 64.19
C ASN V 251 -3.55 11.76 63.77
N LEU V 252 -4.50 12.46 63.16
CA LEU V 252 -4.32 13.88 62.86
C LEU V 252 -3.89 14.56 64.11
N CYS V 253 -4.73 14.41 65.13
CA CYS V 253 -4.49 15.00 66.43
C CYS V 253 -3.11 14.73 67.01
N VAL V 254 -2.65 13.48 66.97
CA VAL V 254 -1.31 13.16 67.45
C VAL V 254 -0.25 13.88 66.65
N ALA V 255 -0.49 14.07 65.35
CA ALA V 255 0.50 14.79 64.55
C ALA V 255 0.48 16.29 64.86
N GLN V 256 -0.71 16.87 64.86
CA GLN V 256 -0.92 18.30 64.92
C GLN V 256 -0.57 18.91 66.26
N PHE V 257 -1.14 18.36 67.33
CA PHE V 257 -0.97 18.95 68.64
C PHE V 257 0.04 18.22 69.51
N GLU V 258 0.16 18.65 70.75
CA GLU V 258 1.18 18.13 71.62
C GLU V 258 0.49 17.35 72.72
N PRO V 259 1.07 16.21 73.16
CA PRO V 259 0.24 15.30 73.96
C PRO V 259 -0.18 15.91 75.28
N ASP V 260 0.58 16.87 75.79
CA ASP V 260 0.21 17.52 77.05
C ASP V 260 -0.59 18.79 76.81
N SER V 261 -0.94 19.06 75.55
CA SER V 261 -1.63 20.30 75.22
C SER V 261 -3.09 20.33 75.68
N ALA V 262 -3.75 21.45 75.46
CA ALA V 262 -5.15 21.59 75.79
C ALA V 262 -6.00 20.98 74.69
N GLU V 263 -5.59 21.19 73.45
CA GLU V 263 -6.37 20.73 72.31
C GLU V 263 -6.28 19.23 72.14
N TYR V 264 -5.08 18.69 72.32
CA TYR V 264 -4.87 17.26 72.19
C TYR V 264 -5.79 16.54 73.14
N ILE V 265 -5.81 17.01 74.37
CA ILE V 265 -6.64 16.39 75.38
C ILE V 265 -8.11 16.62 75.10
N LYS V 266 -8.47 17.84 74.71
CA LYS V 266 -9.86 18.15 74.36
C LYS V 266 -10.42 17.21 73.30
N ILE V 267 -9.62 16.97 72.26
CA ILE V 267 -10.05 16.21 71.09
C ILE V 267 -10.03 14.71 71.37
N HIS V 268 -8.99 14.21 72.02
CA HIS V 268 -9.01 12.82 72.40
C HIS V 268 -10.19 12.51 73.31
N HIS V 269 -10.48 13.36 74.29
CA HIS V 269 -11.61 13.06 75.17
C HIS V 269 -12.95 13.19 74.44
N HIS V 270 -13.11 14.20 73.61
CA HIS V 270 -14.36 14.35 72.85
C HIS V 270 -14.61 13.16 71.91
N THR V 271 -13.53 12.65 71.32
CA THR V 271 -13.60 11.48 70.46
C THR V 271 -14.01 10.24 71.25
N TYR V 272 -13.27 9.92 72.32
CA TYR V 272 -13.65 8.81 73.18
C TYR V 272 -15.11 8.88 73.54
N GLU V 273 -15.52 10.05 73.98
CA GLU V 273 -16.91 10.32 74.29
C GLU V 273 -17.82 9.91 73.13
N ASP V 274 -17.39 10.17 71.90
CA ASP V 274 -18.27 9.79 70.81
C ASP V 274 -18.26 8.30 70.51
N ILE V 275 -17.13 7.61 70.67
CA ILE V 275 -17.17 6.18 70.42
C ILE V 275 -17.99 5.49 71.50
N ASP V 276 -18.13 6.15 72.65
CA ASP V 276 -18.95 5.63 73.75
C ASP V 276 -20.43 5.86 73.53
N LYS V 277 -20.79 7.04 73.05
CA LYS V 277 -22.19 7.31 72.74
C LYS V 277 -22.74 6.33 71.70
N CYS V 278 -21.91 5.97 70.71
CA CYS V 278 -22.35 5.12 69.60
C CYS V 278 -22.01 3.62 69.70
N GLY V 279 -21.29 3.21 70.74
CA GLY V 279 -20.93 1.81 70.88
C GLY V 279 -19.92 1.28 69.84
N LYS V 280 -19.06 2.17 69.37
CA LYS V 280 -18.21 1.91 68.21
C LYS V 280 -16.81 1.38 68.55
N TYR V 281 -16.62 0.95 69.78
CA TYR V 281 -15.33 0.58 70.37
C TYR V 281 -14.38 -0.23 69.48
N ASP V 282 -14.95 -1.19 68.76
CA ASP V 282 -14.17 -2.05 67.89
C ASP V 282 -13.39 -1.30 66.81
N LEU V 283 -13.77 -0.05 66.55
CA LEU V 283 -13.06 0.76 65.57
C LEU V 283 -11.62 0.98 65.99
N LEU V 284 -11.39 1.02 67.30
CA LEU V 284 -10.05 1.26 67.82
C LEU V 284 -9.34 -0.02 68.23
N ARG V 285 -9.98 -1.16 67.97
CA ARG V 285 -9.54 -2.45 68.52
C ARG V 285 -8.07 -2.76 68.30
N SER V 286 -7.65 -2.99 67.06
CA SER V 286 -6.27 -3.37 66.86
C SER V 286 -5.42 -2.13 66.61
N THR V 287 -6.04 -0.96 66.76
CA THR V 287 -5.35 0.32 66.71
C THR V 287 -4.34 0.50 67.84
N ARG V 288 -3.34 1.35 67.62
CA ARG V 288 -2.45 1.80 68.70
C ARG V 288 -3.16 2.74 69.66
N HIS V 289 -4.39 3.13 69.34
CA HIS V 289 -5.14 4.08 70.15
C HIS V 289 -6.09 3.44 71.16
N PHE V 290 -6.07 2.13 71.31
CA PHE V 290 -7.03 1.45 72.19
C PHE V 290 -6.86 1.80 73.68
N GLY V 291 -5.64 1.60 74.18
CA GLY V 291 -5.35 1.88 75.58
C GLY V 291 -5.73 3.29 76.01
N GLY V 292 -5.78 4.20 75.06
CA GLY V 292 -6.22 5.54 75.35
C GLY V 292 -7.63 5.54 75.90
N MET V 293 -8.59 5.01 75.16
CA MET V 293 -9.96 5.05 75.66
C MET V 293 -10.12 4.06 76.80
N ALA V 294 -9.24 3.06 76.87
CA ALA V 294 -9.25 2.23 78.07
C ALA V 294 -9.00 3.12 79.29
N TRP V 295 -7.80 3.67 79.37
CA TRP V 295 -7.40 4.52 80.49
C TRP V 295 -8.34 5.70 80.74
N TYR V 296 -9.01 6.16 79.69
CA TYR V 296 -9.97 7.24 79.90
C TYR V 296 -11.19 6.71 80.62
N PHE V 297 -11.73 5.60 80.11
CA PHE V 297 -12.98 5.08 80.63
C PHE V 297 -12.81 4.54 82.04
N VAL V 298 -11.62 4.06 82.35
CA VAL V 298 -11.35 3.63 83.70
C VAL V 298 -11.44 4.84 84.64
N ASN V 299 -10.73 5.91 84.30
CA ASN V 299 -10.66 7.07 85.19
C ASN V 299 -11.93 7.91 85.24
N LYS V 300 -12.72 7.86 84.18
CA LYS V 300 -14.02 8.53 84.20
C LYS V 300 -15.08 7.66 84.83
N LYS V 301 -14.72 6.40 85.12
CA LYS V 301 -15.66 5.41 85.64
C LYS V 301 -16.88 5.16 84.75
N LYS V 302 -16.68 5.07 83.44
CA LYS V 302 -17.66 4.40 82.60
C LYS V 302 -17.01 3.17 81.96
N ILE V 303 -17.27 1.99 82.51
CA ILE V 303 -16.79 0.76 81.89
C ILE V 303 -17.92 0.00 81.18
N ASP V 304 -19.13 0.51 81.31
CA ASP V 304 -20.33 -0.18 80.82
C ASP V 304 -20.18 -0.60 79.38
N GLY V 305 -20.19 0.39 78.49
CA GLY V 305 -20.14 0.13 77.07
C GLY V 305 -19.02 -0.81 76.69
N LEU V 306 -17.83 -0.58 77.24
CA LEU V 306 -16.67 -1.35 76.82
C LEU V 306 -16.72 -2.81 77.32
N LEU V 307 -17.31 -3.02 78.50
CA LEU V 307 -17.52 -4.36 79.03
C LEU V 307 -18.52 -5.11 78.17
N ILE V 308 -19.67 -4.48 77.96
CA ILE V 308 -20.74 -5.06 77.15
C ILE V 308 -20.24 -5.44 75.77
N ASP V 309 -19.61 -4.49 75.10
CA ASP V 309 -18.97 -4.73 73.81
C ASP V 309 -18.04 -5.93 73.94
N GLN V 310 -17.11 -5.87 74.89
CA GLN V 310 -16.09 -6.91 74.94
C GLN V 310 -16.65 -8.31 75.11
N ILE V 311 -17.76 -8.41 75.82
CA ILE V 311 -18.40 -9.69 76.06
C ILE V 311 -19.21 -10.17 74.84
N GLN V 312 -19.96 -9.29 74.19
CA GLN V 312 -20.66 -9.67 72.97
C GLN V 312 -19.75 -10.08 71.81
N ARG V 313 -18.49 -9.65 71.84
CA ARG V 313 -17.48 -10.08 70.86
C ARG V 313 -16.91 -11.41 71.25
N ASP V 314 -17.40 -11.93 72.38
CA ASP V 314 -16.97 -13.22 72.89
C ASP V 314 -15.51 -13.17 73.28
N LEU V 315 -15.08 -12.01 73.79
CA LEU V 315 -13.79 -11.93 74.44
C LEU V 315 -14.03 -11.66 75.91
N VAL V 316 -13.91 -12.69 76.75
CA VAL V 316 -14.13 -12.45 78.15
C VAL V 316 -12.81 -12.33 78.92
N SER V 317 -11.73 -12.80 78.32
CA SER V 317 -10.41 -12.66 78.93
C SER V 317 -10.08 -11.17 79.02
N ASP V 318 -10.59 -10.44 78.04
CA ASP V 318 -10.34 -9.01 77.95
C ASP V 318 -11.27 -8.23 78.90
N ALA V 319 -12.54 -8.62 78.98
CA ALA V 319 -13.47 -7.97 79.90
C ALA V 319 -12.97 -8.10 81.34
N THR V 320 -12.45 -9.28 81.67
CA THR V 320 -11.93 -9.51 83.02
C THR V 320 -10.59 -8.78 83.24
N SER V 321 -9.77 -8.68 82.20
CA SER V 321 -8.56 -7.87 82.30
C SER V 321 -8.93 -6.42 82.57
N LEU V 322 -10.07 -6.02 82.04
CA LEU V 322 -10.56 -4.65 82.16
C LEU V 322 -11.04 -4.34 83.55
N VAL V 323 -11.83 -5.24 84.13
CA VAL V 323 -12.28 -5.00 85.49
C VAL V 323 -11.08 -5.08 86.44
N HIS V 324 -10.16 -5.99 86.15
CA HIS V 324 -8.91 -6.07 86.90
C HIS V 324 -8.23 -4.68 86.92
N LEU V 325 -8.08 -4.10 85.73
CA LEU V 325 -7.50 -2.77 85.59
C LEU V 325 -8.26 -1.73 86.43
N TYR V 326 -9.59 -1.73 86.31
CA TYR V 326 -10.44 -0.84 87.10
C TYR V 326 -10.11 -0.95 88.58
N HIS V 327 -9.84 -2.17 89.04
CA HIS V 327 -9.53 -2.39 90.44
C HIS V 327 -8.16 -1.80 90.78
N ILE V 328 -7.18 -1.98 89.90
CA ILE V 328 -5.85 -1.39 90.14
C ILE V 328 -5.92 0.12 90.34
N LEU V 329 -6.67 0.80 89.47
CA LEU V 329 -6.73 2.26 89.48
C LEU V 329 -7.78 2.80 90.44
N HIS V 330 -8.46 1.90 91.14
CA HIS V 330 -9.31 2.31 92.25
C HIS V 330 -9.21 1.31 93.40
N PRO V 331 -8.01 1.19 93.99
CA PRO V 331 -7.67 0.14 94.98
C PRO V 331 -8.71 0.06 96.08
N ASP V 332 -9.12 1.22 96.57
CA ASP V 332 -10.16 1.29 97.58
C ASP V 332 -11.44 1.80 96.96
N GLY V 333 -12.39 0.90 96.83
CA GLY V 333 -13.69 1.17 96.24
C GLY V 333 -14.41 -0.13 96.50
N GLN V 334 -15.73 -0.11 96.49
CA GLN V 334 -16.48 -1.27 96.95
C GLN V 334 -16.27 -2.51 96.07
N SER V 335 -16.17 -2.32 94.75
CA SER V 335 -15.94 -3.45 93.84
C SER V 335 -14.58 -4.10 94.08
N ALA V 336 -13.53 -3.27 94.05
CA ALA V 336 -12.17 -3.76 94.24
C ALA V 336 -11.99 -4.47 95.59
N GLN V 337 -12.71 -4.00 96.60
CA GLN V 337 -12.63 -4.56 97.95
C GLN V 337 -13.40 -5.89 98.05
N GLU V 338 -14.59 -5.90 97.47
CA GLU V 338 -15.44 -7.09 97.47
C GLU V 338 -14.82 -8.21 96.62
N ALA V 339 -13.96 -7.85 95.68
CA ALA V 339 -13.21 -8.83 94.88
C ALA V 339 -12.07 -9.44 95.70
N LYS V 340 -11.62 -8.71 96.70
CA LYS V 340 -10.65 -9.24 97.66
C LYS V 340 -11.34 -10.17 98.68
N LYS V 341 -12.53 -9.77 99.14
CA LYS V 341 -13.34 -10.61 100.05
C LYS V 341 -13.77 -11.94 99.44
N GLN V 342 -14.47 -11.88 98.31
CA GLN V 342 -15.07 -13.07 97.72
C GLN V 342 -14.06 -13.96 96.97
N GLY V 343 -12.83 -13.47 96.83
CA GLY V 343 -11.78 -14.23 96.15
C GLY V 343 -12.19 -14.55 94.72
N ALA V 344 -12.50 -13.50 93.97
CA ALA V 344 -13.20 -13.65 92.69
C ALA V 344 -12.31 -14.15 91.53
N GLU V 345 -12.76 -15.23 90.91
CA GLU V 345 -12.21 -15.68 89.63
C GLU V 345 -12.72 -14.75 88.54
N GLY V 346 -12.07 -14.77 87.38
CA GLY V 346 -12.31 -13.79 86.33
C GLY V 346 -13.75 -13.52 85.94
N LEU V 347 -14.47 -14.58 85.58
CA LEU V 347 -15.86 -14.39 85.21
C LEU V 347 -16.65 -13.84 86.41
N HIS V 348 -16.39 -14.44 87.57
CA HIS V 348 -17.04 -14.00 88.81
C HIS V 348 -16.60 -12.60 89.22
N LEU V 349 -15.42 -12.20 88.75
CA LEU V 349 -14.92 -10.86 88.99
C LEU V 349 -15.81 -9.87 88.24
N ILE V 350 -16.08 -10.20 86.99
CA ILE V 350 -16.99 -9.37 86.20
C ILE V 350 -18.38 -9.31 86.83
N LYS V 351 -18.79 -10.43 87.44
CA LYS V 351 -20.07 -10.42 88.18
C LYS V 351 -20.03 -9.49 89.40
N VAL V 352 -18.91 -9.53 90.14
CA VAL V 352 -18.68 -8.66 91.29
C VAL V 352 -18.87 -7.21 90.88
N PHE V 353 -18.11 -6.81 89.87
CA PHE V 353 -18.18 -5.45 89.37
C PHE V 353 -19.58 -5.11 88.92
N ALA V 354 -20.25 -6.07 88.28
CA ALA V 354 -21.60 -5.88 87.80
C ALA V 354 -22.54 -5.50 88.94
N LYS V 355 -22.35 -6.17 90.09
CA LYS V 355 -23.15 -5.90 91.29
C LYS V 355 -22.85 -4.55 91.95
N THR V 356 -21.57 -4.31 92.25
CA THR V 356 -21.22 -3.20 93.15
C THR V 356 -21.21 -1.79 92.56
N GLU V 357 -20.64 -1.64 91.37
CA GLU V 357 -20.24 -0.32 90.88
C GLU V 357 -20.91 0.10 89.60
N ALA V 358 -20.76 -0.71 88.55
CA ALA V 358 -21.19 -0.33 87.22
C ALA V 358 -22.61 0.24 87.16
N GLN V 359 -22.74 1.31 86.38
CA GLN V 359 -23.98 2.07 86.26
C GLN V 359 -25.12 1.28 85.63
N LYS V 360 -24.80 0.41 84.69
CA LYS V 360 -25.79 -0.51 84.14
C LYS V 360 -25.42 -1.94 84.52
N GLY V 361 -26.15 -2.51 85.47
CA GLY V 361 -25.90 -3.88 85.88
C GLY V 361 -26.82 -4.83 85.15
N ALA V 362 -27.91 -4.29 84.63
CA ALA V 362 -28.92 -5.08 83.93
C ALA V 362 -28.36 -5.65 82.64
N TYR V 363 -27.82 -4.77 81.80
CA TYR V 363 -27.23 -5.17 80.53
C TYR V 363 -26.03 -6.08 80.73
N ILE V 364 -25.21 -5.75 81.74
CA ILE V 364 -24.01 -6.54 82.02
C ILE V 364 -24.37 -7.96 82.44
N GLU V 365 -25.27 -8.08 83.40
CA GLU V 365 -25.67 -9.40 83.89
C GLU V 365 -26.36 -10.20 82.78
N LEU V 366 -27.17 -9.52 81.98
CA LEU V 366 -27.88 -10.19 80.88
C LEU V 366 -26.93 -10.72 79.81
N THR V 367 -25.94 -9.90 79.45
CA THR V 367 -24.97 -10.27 78.43
C THR V 367 -24.05 -11.36 78.95
N LEU V 368 -23.76 -11.30 80.25
CA LEU V 368 -22.91 -12.31 80.86
C LEU V 368 -23.64 -13.65 80.86
N GLN V 369 -24.92 -13.58 81.18
CA GLN V 369 -25.84 -14.70 81.09
C GLN V 369 -25.79 -15.34 79.71
N ALA V 370 -26.20 -14.57 78.70
CA ALA V 370 -26.23 -15.05 77.32
C ALA V 370 -24.90 -15.66 76.90
N TYR V 371 -23.80 -14.96 77.16
CA TYR V 371 -22.48 -15.49 76.79
C TYR V 371 -22.24 -16.82 77.45
N GLN V 372 -22.30 -16.84 78.78
CA GLN V 372 -22.01 -18.05 79.56
C GLN V 372 -22.81 -19.23 79.02
N GLU V 373 -24.14 -19.12 79.10
CA GLU V 373 -25.04 -20.20 78.68
C GLU V 373 -24.84 -20.66 77.22
N ALA V 374 -24.92 -19.70 76.28
CA ALA V 374 -24.81 -20.03 74.86
C ALA V 374 -23.46 -20.68 74.53
N PHE V 375 -22.38 -20.14 75.09
CA PHE V 375 -21.03 -20.69 74.86
C PHE V 375 -20.87 -22.09 75.44
N ILE V 376 -21.35 -22.30 76.67
CA ILE V 376 -21.23 -23.59 77.33
C ILE V 376 -22.02 -24.68 76.58
N THR V 377 -23.20 -24.32 76.07
CA THR V 377 -24.02 -25.27 75.29
C THR V 377 -23.47 -25.52 73.87
N HIS V 378 -22.84 -24.51 73.26
CA HIS V 378 -22.30 -24.66 71.89
C HIS V 378 -21.01 -25.49 71.83
N SER V 379 -20.09 -25.24 72.76
CA SER V 379 -18.81 -25.94 72.78
C SER V 379 -18.88 -27.19 73.67
N ALA W 2 -16.17 -19.73 19.31
CA ALA W 2 -16.46 -21.06 18.76
C ALA W 2 -15.69 -22.18 19.50
N GLY W 3 -14.36 -22.14 19.33
CA GLY W 3 -13.42 -23.11 19.88
C GLY W 3 -12.02 -22.53 19.65
N SER W 4 -10.99 -23.35 19.79
CA SER W 4 -9.64 -22.85 19.50
C SER W 4 -8.85 -23.79 18.62
N ARG W 5 -8.46 -23.28 17.47
CA ARG W 5 -7.82 -24.08 16.45
C ARG W 5 -6.34 -23.98 16.55
N LEU W 6 -5.83 -23.41 17.63
CA LEU W 6 -4.38 -23.43 17.77
C LEU W 6 -3.95 -24.80 18.27
N GLU W 7 -3.23 -25.53 17.42
CA GLU W 7 -2.81 -26.88 17.75
C GLU W 7 -1.56 -26.81 18.59
N THR W 8 -0.80 -25.74 18.37
CA THR W 8 0.52 -25.58 18.96
C THR W 8 0.51 -25.03 20.38
N VAL W 9 -0.53 -24.29 20.73
CA VAL W 9 -0.55 -23.58 22.01
C VAL W 9 -0.60 -24.45 23.29
N GLY W 10 -1.44 -25.49 23.33
CA GLY W 10 -1.58 -26.26 24.55
C GLY W 10 -2.05 -27.67 24.21
N SER W 11 -2.47 -28.45 25.20
CA SER W 11 -3.26 -29.66 24.94
C SER W 11 -4.69 -29.30 24.56
N ILE W 12 -5.42 -30.22 23.95
CA ILE W 12 -6.85 -30.01 23.75
C ILE W 12 -7.55 -29.83 25.09
N PHE W 13 -7.07 -30.57 26.09
CA PHE W 13 -7.56 -30.42 27.46
C PHE W 13 -7.42 -28.98 27.93
N SER W 14 -6.18 -28.47 27.90
CA SER W 14 -5.89 -27.10 28.29
C SER W 14 -6.84 -26.12 27.63
N ARG W 15 -6.77 -26.03 26.31
CA ARG W 15 -7.61 -25.11 25.54
C ARG W 15 -9.09 -25.24 25.85
N THR W 16 -9.55 -26.46 26.06
CA THR W 16 -10.97 -26.68 26.28
C THR W 16 -11.43 -26.17 27.65
N ARG W 17 -10.73 -26.64 28.68
CA ARG W 17 -10.98 -26.21 30.03
C ARG W 17 -10.92 -24.70 30.12
N ASP W 18 -9.88 -24.11 29.52
CA ASP W 18 -9.69 -22.66 29.59
C ASP W 18 -10.76 -21.89 28.86
N LEU W 19 -11.16 -22.38 27.69
CA LEU W 19 -12.20 -21.72 26.94
C LEU W 19 -13.54 -21.80 27.67
N ILE W 20 -13.72 -22.84 28.48
CA ILE W 20 -14.91 -22.94 29.34
C ILE W 20 -14.81 -21.94 30.49
N ARG W 21 -13.62 -21.87 31.07
CA ARG W 21 -13.26 -20.96 32.16
C ARG W 21 -13.60 -19.52 31.79
N ALA W 22 -13.27 -19.13 30.57
CA ALA W 22 -13.52 -17.77 30.09
C ALA W 22 -14.99 -17.54 29.76
N GLY W 23 -15.80 -18.59 29.85
CA GLY W 23 -17.22 -18.46 29.60
C GLY W 23 -17.56 -18.31 28.13
N VAL W 24 -16.61 -18.65 27.27
CA VAL W 24 -16.85 -18.64 25.83
C VAL W 24 -17.64 -19.84 25.39
N LEU W 25 -17.17 -20.99 25.84
CA LEU W 25 -17.73 -22.27 25.44
C LEU W 25 -18.72 -22.70 26.50
N LYS W 26 -20.00 -22.69 26.15
CA LYS W 26 -21.04 -22.74 27.18
C LYS W 26 -21.49 -24.16 27.48
N GLU W 27 -21.03 -25.11 26.68
CA GLU W 27 -21.37 -26.51 26.91
C GLU W 27 -20.12 -27.36 27.07
N LYS W 28 -20.07 -28.11 28.16
CA LYS W 28 -19.00 -29.03 28.39
C LYS W 28 -19.12 -30.24 27.44
N PRO W 29 -18.04 -30.60 26.72
CA PRO W 29 -17.96 -31.77 25.81
C PRO W 29 -17.74 -33.10 26.55
N LEU W 30 -18.23 -34.23 26.02
CA LEU W 30 -18.24 -35.52 26.75
C LEU W 30 -16.86 -35.95 27.25
N TRP W 31 -16.00 -35.97 26.26
CA TRP W 31 -14.69 -36.50 26.45
C TRP W 31 -13.98 -35.76 27.57
N LEU W 32 -14.49 -34.59 27.95
CA LEU W 32 -13.87 -33.80 29.02
C LEU W 32 -13.95 -34.48 30.37
N ASP W 33 -15.18 -34.76 30.81
CA ASP W 33 -15.36 -35.47 32.07
C ASP W 33 -14.61 -36.76 32.06
N ILE W 34 -14.71 -37.48 30.93
CA ILE W 34 -13.97 -38.74 30.87
C ILE W 34 -12.47 -38.55 31.05
N TYR W 35 -11.97 -37.47 30.46
CA TYR W 35 -10.56 -37.12 30.48
C TYR W 35 -10.11 -36.87 31.90
N ASN W 36 -10.78 -35.94 32.58
CA ASN W 36 -10.51 -35.59 33.97
C ASN W 36 -10.42 -36.82 34.84
N ALA W 37 -11.39 -37.72 34.64
CA ALA W 37 -11.41 -38.97 35.39
C ALA W 37 -10.12 -39.79 35.26
N PHE W 38 -9.75 -40.17 34.04
CA PHE W 38 -8.56 -41.00 33.86
C PHE W 38 -7.57 -40.41 32.88
N PRO W 39 -6.94 -39.29 33.23
CA PRO W 39 -6.07 -38.58 32.29
C PRO W 39 -4.89 -39.43 31.79
N PRO W 40 -4.41 -39.16 30.58
CA PRO W 40 -3.26 -39.82 29.95
C PRO W 40 -1.96 -39.59 30.69
N LEU W 41 -0.94 -40.39 30.41
CA LEU W 41 0.32 -40.31 31.14
C LEU W 41 1.09 -39.02 30.90
N ARG W 42 1.05 -38.55 29.66
CA ARG W 42 1.72 -37.32 29.29
C ARG W 42 0.72 -36.30 28.75
N GLU W 43 0.87 -35.05 29.12
CA GLU W 43 0.07 -34.00 28.50
C GLU W 43 0.35 -33.93 27.01
N PRO W 44 -0.70 -34.07 26.19
CA PRO W 44 -0.56 -34.08 24.73
C PRO W 44 -0.30 -32.68 24.13
N VAL W 45 0.73 -31.99 24.62
CA VAL W 45 1.07 -30.65 24.14
C VAL W 45 1.99 -30.73 22.94
N PHE W 46 1.80 -29.83 21.98
CA PHE W 46 2.62 -29.89 20.77
C PHE W 46 4.11 -29.65 21.04
N ARG W 47 4.96 -30.31 20.25
CA ARG W 47 6.40 -30.20 20.39
C ARG W 47 7.10 -30.30 19.06
N ARG W 48 8.13 -29.49 18.83
CA ARG W 48 8.83 -29.57 17.54
C ARG W 48 10.04 -30.47 17.60
N PRO W 49 10.14 -31.36 16.63
CA PRO W 49 11.19 -32.37 16.54
C PRO W 49 12.46 -31.82 15.93
N ARG W 50 13.30 -31.19 16.75
CA ARG W 50 14.60 -30.73 16.28
C ARG W 50 15.53 -31.90 15.97
N LEU W 51 16.31 -31.74 14.92
CA LEU W 51 17.42 -32.64 14.66
C LEU W 51 18.53 -32.45 15.69
N ARG W 52 19.13 -33.53 16.20
CA ARG W 52 20.23 -33.38 17.16
C ARG W 52 21.45 -32.81 16.47
N TYR W 53 22.35 -32.19 17.25
CA TYR W 53 23.61 -31.71 16.67
C TYR W 53 24.81 -31.97 17.57
N GLY W 54 26.00 -31.64 17.07
CA GLY W 54 27.22 -31.70 17.85
C GLY W 54 27.58 -33.08 18.38
N LYS W 55 27.88 -33.16 19.67
CA LYS W 55 28.23 -34.42 20.30
C LYS W 55 27.03 -35.22 20.78
N ALA W 56 25.86 -34.58 20.80
CA ALA W 56 24.68 -35.23 21.38
C ALA W 56 24.28 -36.47 20.59
N LYS W 57 23.89 -37.52 21.30
CA LYS W 57 23.35 -38.73 20.70
C LYS W 57 22.16 -39.17 21.54
N ALA W 58 21.49 -40.23 21.12
CA ALA W 58 20.32 -40.69 21.86
C ALA W 58 20.75 -41.54 23.06
N ALA W 59 19.79 -41.90 23.89
CA ALA W 59 20.09 -42.63 25.12
C ALA W 59 19.88 -44.14 24.99
N VAL W 60 19.38 -44.57 23.83
CA VAL W 60 18.90 -45.93 23.64
C VAL W 60 19.99 -46.99 23.85
N GLN W 61 19.71 -47.93 24.74
CA GLN W 61 20.65 -48.99 25.08
C GLN W 61 20.54 -50.17 24.11
N ASP W 62 21.68 -50.64 23.62
CA ASP W 62 21.63 -51.85 22.80
C ASP W 62 21.50 -53.10 23.68
N ILE W 63 20.75 -54.05 23.18
CA ILE W 63 20.30 -55.20 23.94
C ILE W 63 21.20 -56.40 23.71
N PHE W 64 21.97 -56.76 24.75
CA PHE W 64 22.84 -57.92 24.65
C PHE W 64 22.79 -58.76 25.92
N TYR W 65 23.04 -60.06 25.79
CA TYR W 65 23.13 -60.94 26.93
C TYR W 65 24.33 -61.86 26.79
N HIS W 66 24.85 -62.38 27.89
CA HIS W 66 26.04 -63.25 27.86
C HIS W 66 25.91 -64.43 26.89
N GLU W 67 24.70 -64.95 26.86
CA GLU W 67 24.37 -65.99 25.91
C GLU W 67 24.83 -65.58 24.51
N ASP W 68 24.64 -64.31 24.15
CA ASP W 68 25.08 -63.82 22.82
C ASP W 68 26.56 -64.09 22.58
N ARG W 69 27.35 -63.74 23.59
CA ARG W 69 28.79 -63.95 23.58
C ARG W 69 29.10 -65.39 23.25
N ILE W 70 28.22 -66.29 23.70
CA ILE W 70 28.34 -67.69 23.27
C ILE W 70 27.84 -67.98 21.83
N ARG W 71 26.63 -67.51 21.54
CA ARG W 71 25.96 -67.76 20.27
C ARG W 71 26.84 -67.40 19.09
N ALA W 72 27.62 -66.33 19.25
CA ALA W 72 28.52 -65.89 18.19
C ALA W 72 29.53 -66.98 17.84
N LYS W 73 30.16 -67.58 18.86
CA LYS W 73 31.09 -68.68 18.61
C LYS W 73 30.35 -69.81 17.95
N PHE W 74 29.11 -70.04 18.39
CA PHE W 74 28.35 -71.12 17.76
C PHE W 74 28.17 -70.90 16.28
N TYR W 75 27.70 -69.71 15.88
CA TYR W 75 27.41 -69.42 14.48
C TYR W 75 28.66 -69.35 13.62
N SER W 76 29.73 -68.79 14.18
CA SER W 76 31.00 -68.78 13.51
C SER W 76 31.41 -70.21 13.20
N ALA W 77 31.22 -71.11 14.17
CA ALA W 77 31.63 -72.50 13.96
C ALA W 77 30.66 -73.23 13.03
N TYR W 78 29.42 -73.42 13.50
CA TYR W 78 28.48 -74.32 12.85
C TYR W 78 27.45 -73.67 11.91
N GLY W 79 27.55 -72.36 11.73
CA GLY W 79 26.55 -71.65 10.94
C GLY W 79 25.20 -71.73 11.63
N SER W 80 24.12 -71.37 10.95
CA SER W 80 22.80 -71.61 11.52
C SER W 80 22.59 -73.12 11.59
N GLY W 81 21.83 -73.55 12.60
CA GLY W 81 21.62 -74.96 12.82
C GLY W 81 20.82 -75.68 11.75
N PRO W 82 20.71 -77.01 11.88
CA PRO W 82 19.95 -77.89 10.98
C PRO W 82 18.44 -77.76 11.08
N LYS W 83 17.94 -77.33 12.24
CA LYS W 83 16.50 -77.39 12.55
C LYS W 83 15.70 -76.20 11.99
N ALA W 84 16.39 -75.33 11.27
CA ALA W 84 15.85 -74.05 10.83
C ALA W 84 15.35 -73.26 12.04
N PHE W 85 14.26 -72.53 11.84
CA PHE W 85 13.72 -71.66 12.89
C PHE W 85 12.23 -71.60 12.73
N ASP W 86 11.52 -71.56 13.84
CA ASP W 86 10.10 -71.34 13.78
C ASP W 86 9.81 -70.18 14.69
N LEU W 87 9.48 -69.04 14.10
CA LEU W 87 9.32 -67.83 14.88
C LEU W 87 7.86 -67.68 15.28
N PHE W 88 7.04 -68.61 14.81
CA PHE W 88 5.65 -68.69 15.23
C PHE W 88 5.54 -69.40 16.57
N ASN W 89 6.30 -70.48 16.76
CA ASN W 89 6.22 -71.26 17.98
C ASN W 89 6.87 -70.53 19.15
N PRO W 90 6.06 -70.08 20.12
CA PRO W 90 6.52 -69.22 21.21
C PRO W 90 7.58 -69.88 22.09
N ASN W 91 7.50 -71.19 22.24
CA ASN W 91 8.45 -71.91 23.07
C ASN W 91 9.60 -72.56 22.32
N PHE W 92 9.62 -72.38 21.00
CA PHE W 92 10.61 -73.03 20.15
C PHE W 92 12.04 -72.81 20.67
N LYS W 93 12.82 -73.88 20.75
CA LYS W 93 14.23 -73.76 21.09
C LYS W 93 15.04 -74.17 19.89
N SER W 94 16.06 -73.37 19.56
CA SER W 94 16.88 -73.74 18.42
C SER W 94 18.07 -74.58 18.85
N THR W 95 18.82 -75.04 17.87
CA THR W 95 20.02 -75.83 18.10
C THR W 95 21.06 -74.97 18.82
N CYS W 96 21.11 -73.70 18.44
CA CYS W 96 21.97 -72.74 19.09
C CYS W 96 21.63 -72.63 20.56
N GLN W 97 20.34 -72.63 20.87
CA GLN W 97 19.90 -72.46 22.26
C GLN W 97 20.23 -73.67 23.11
N ARG W 98 20.06 -74.87 22.55
CA ARG W 98 20.51 -76.10 23.20
C ARG W 98 21.97 -76.00 23.55
N PHE W 99 22.79 -75.70 22.54
CA PHE W 99 24.22 -75.53 22.72
C PHE W 99 24.53 -74.54 23.85
N VAL W 100 23.79 -73.45 23.88
CA VAL W 100 23.89 -72.48 24.96
C VAL W 100 23.67 -73.12 26.32
N GLU W 101 22.54 -73.79 26.49
CA GLU W 101 22.22 -74.40 27.77
C GLU W 101 23.28 -75.40 28.23
N LYS W 102 23.77 -76.22 27.31
CA LYS W 102 24.84 -77.17 27.63
C LYS W 102 26.11 -76.44 28.10
N TYR W 103 26.50 -75.43 27.33
CA TYR W 103 27.66 -74.60 27.66
C TYR W 103 27.52 -73.98 29.06
N ILE W 104 26.32 -73.50 29.38
CA ILE W 104 26.05 -72.91 30.68
C ILE W 104 26.15 -73.95 31.79
N GLU W 105 25.71 -75.17 31.50
CA GLU W 105 25.77 -76.23 32.52
C GLU W 105 27.20 -76.64 32.80
N LEU W 106 28.00 -76.77 31.74
CA LEU W 106 29.41 -77.11 31.92
C LEU W 106 30.21 -75.94 32.49
N GLN W 107 29.64 -74.73 32.43
CA GLN W 107 30.22 -73.57 33.09
C GLN W 107 30.09 -73.71 34.61
N ARG W 108 29.01 -74.39 35.04
CA ARG W 108 28.71 -74.58 36.46
C ARG W 108 29.51 -75.71 37.10
N LEU W 109 30.27 -76.44 36.28
CA LEU W 109 31.19 -77.44 36.80
C LEU W 109 32.57 -76.83 37.01
N GLY W 110 32.74 -75.60 36.54
CA GLY W 110 33.92 -74.81 36.86
C GLY W 110 35.05 -74.78 35.84
N GLU W 111 34.78 -75.21 34.60
CA GLU W 111 35.84 -75.22 33.59
C GLU W 111 35.93 -73.84 32.97
N THR W 112 37.05 -73.17 33.18
CA THR W 112 37.19 -71.77 32.77
C THR W 112 37.84 -71.66 31.38
N ASP W 113 38.30 -72.78 30.84
CA ASP W 113 38.87 -72.79 29.50
C ASP W 113 37.76 -72.76 28.45
N GLU W 114 37.92 -71.94 27.43
CA GLU W 114 36.95 -71.83 26.36
C GLU W 114 36.83 -73.13 25.58
N GLU W 115 37.97 -73.67 25.17
CA GLU W 115 38.05 -74.87 24.33
C GLU W 115 37.30 -76.06 24.96
N LYS W 116 37.59 -76.34 26.21
CA LYS W 116 36.94 -77.43 26.94
C LYS W 116 35.43 -77.27 26.90
N LEU W 117 34.96 -76.11 27.36
CA LEU W 117 33.53 -75.81 27.41
C LEU W 117 32.88 -76.04 26.05
N PHE W 118 33.44 -75.39 25.04
CA PHE W 118 32.90 -75.43 23.70
C PHE W 118 32.82 -76.85 23.13
N VAL W 119 33.97 -77.52 23.05
CA VAL W 119 34.03 -78.84 22.44
C VAL W 119 33.18 -79.85 23.20
N GLU W 120 33.23 -79.78 24.53
CA GLU W 120 32.50 -80.72 25.37
C GLU W 120 31.00 -80.47 25.30
N ALA W 121 30.61 -79.24 25.00
CA ALA W 121 29.19 -78.95 24.78
C ALA W 121 28.77 -79.50 23.42
N GLY W 122 29.68 -79.43 22.45
CA GLY W 122 29.44 -80.05 21.16
C GLY W 122 29.21 -81.54 21.29
N LYS W 123 30.00 -82.18 22.15
CA LYS W 123 29.88 -83.60 22.45
C LYS W 123 28.58 -83.90 23.17
N ALA W 124 28.26 -83.08 24.17
CA ALA W 124 27.01 -83.21 24.92
C ALA W 124 25.79 -83.09 24.01
N LEU W 125 25.94 -82.34 22.92
CA LEU W 125 24.87 -82.21 21.93
C LEU W 125 24.81 -83.39 20.97
N LEU W 126 25.98 -83.86 20.52
CA LEU W 126 26.05 -85.06 19.68
C LEU W 126 25.41 -86.25 20.40
N ALA W 127 25.55 -86.26 21.72
CA ALA W 127 24.94 -87.27 22.57
C ALA W 127 23.42 -87.36 22.34
N GLU W 128 22.76 -86.21 22.29
CA GLU W 128 21.32 -86.15 22.15
C GLU W 128 20.85 -86.47 20.73
N GLY W 129 21.80 -86.53 19.79
CA GLY W 129 21.47 -86.89 18.43
C GLY W 129 21.40 -85.77 17.41
N VAL W 130 21.91 -84.58 17.77
CA VAL W 130 21.96 -83.48 16.82
C VAL W 130 23.28 -83.47 16.05
N THR W 131 23.19 -83.23 14.74
CA THR W 131 24.37 -83.24 13.88
C THR W 131 24.94 -81.84 13.69
N LEU W 132 26.20 -81.65 14.05
CA LEU W 132 26.88 -80.40 13.74
C LEU W 132 27.81 -80.62 12.56
N ARG W 133 27.43 -80.11 11.41
CA ARG W 133 28.14 -80.34 10.15
C ARG W 133 29.32 -79.37 10.03
N ARG W 134 29.33 -78.40 10.93
CA ARG W 134 30.24 -77.25 10.94
C ARG W 134 30.30 -76.47 9.61
N VAL W 135 31.43 -75.81 9.37
CA VAL W 135 31.75 -75.06 8.16
C VAL W 135 33.28 -74.96 8.19
N GLY W 136 33.91 -74.74 7.04
CA GLY W 136 35.35 -74.61 6.95
C GLY W 136 35.94 -73.47 7.78
N PRO X 2 22.66 -4.47 32.69
CA PRO X 2 23.64 -4.36 31.60
C PRO X 2 23.96 -5.73 31.04
N MET X 3 23.85 -5.90 29.74
CA MET X 3 23.89 -7.24 29.19
C MET X 3 25.28 -7.83 29.28
N LYS X 4 26.28 -7.23 28.66
CA LYS X 4 27.54 -7.97 28.49
C LYS X 4 28.17 -8.30 29.82
N GLY X 5 28.99 -9.34 29.83
CA GLY X 5 29.71 -9.77 31.01
C GLY X 5 29.16 -11.07 31.57
N ARG X 6 29.91 -11.67 32.48
CA ARG X 6 29.52 -12.93 33.10
C ARG X 6 28.50 -12.79 34.23
N PHE X 7 28.70 -11.86 35.15
CA PHE X 7 27.75 -11.64 36.25
C PHE X 7 27.40 -10.17 36.27
N PRO X 8 26.52 -9.76 35.38
CA PRO X 8 26.17 -8.37 35.05
C PRO X 8 25.65 -7.59 36.26
N ILE X 9 25.08 -8.31 37.21
CA ILE X 9 24.55 -7.66 38.36
C ILE X 9 25.63 -6.97 39.16
N ARG X 10 26.88 -7.38 38.97
CA ARG X 10 27.97 -6.77 39.76
C ARG X 10 28.50 -5.49 39.12
N ARG X 11 27.94 -5.13 37.98
CA ARG X 11 28.26 -3.84 37.39
C ARG X 11 27.20 -2.82 37.71
N THR X 12 26.25 -3.16 38.56
CA THR X 12 25.18 -2.22 38.92
C THR X 12 25.51 -1.33 40.13
N LEU X 13 25.09 -0.07 40.11
CA LEU X 13 25.29 0.85 41.23
C LEU X 13 24.78 0.29 42.54
N GLN X 14 23.66 -0.43 42.49
CA GLN X 14 23.11 -1.02 43.70
C GLN X 14 24.06 -2.04 44.31
N TYR X 15 24.50 -3.00 43.51
CA TYR X 15 25.39 -4.04 43.98
C TYR X 15 26.64 -3.47 44.61
N LEU X 16 27.17 -2.43 43.98
CA LEU X 16 28.37 -1.78 44.45
C LEU X 16 28.11 -1.09 45.77
N GLY X 17 26.94 -0.47 45.89
CA GLY X 17 26.59 0.20 47.13
C GLY X 17 26.45 -0.75 48.29
N GLN X 18 25.82 -1.90 48.06
CA GLN X 18 25.36 -2.71 49.17
C GLN X 18 26.45 -3.53 49.84
N GLY X 19 27.64 -3.54 49.28
CA GLY X 19 28.72 -4.24 49.94
C GLY X 19 29.07 -3.47 51.19
N ASP X 20 29.20 -4.16 52.32
CA ASP X 20 29.65 -3.45 53.50
C ASP X 20 30.98 -3.90 54.08
N VAL X 21 31.99 -3.08 53.82
CA VAL X 21 33.26 -3.04 54.51
C VAL X 21 33.65 -1.58 54.45
N VAL X 22 34.08 -0.99 55.55
CA VAL X 22 34.69 0.33 55.45
C VAL X 22 35.95 0.30 56.27
N PHE X 23 37.09 0.49 55.62
CA PHE X 23 38.33 0.38 56.33
C PHE X 23 38.45 1.44 57.41
N LYS X 24 39.31 1.19 58.39
CA LYS X 24 39.68 2.26 59.30
C LYS X 24 40.59 3.18 58.51
N ASP X 25 40.96 4.32 59.08
CA ASP X 25 41.67 5.31 58.29
C ASP X 25 43.15 5.00 58.36
N SER X 26 43.48 3.94 59.08
CA SER X 26 44.87 3.49 59.13
C SER X 26 45.27 2.81 57.81
N VAL X 27 44.29 2.18 57.15
CA VAL X 27 44.50 1.43 55.92
C VAL X 27 44.75 2.33 54.73
N LYS X 28 45.85 2.10 54.03
CA LYS X 28 46.18 2.83 52.83
C LYS X 28 46.12 1.90 51.63
N VAL X 29 46.93 0.86 51.71
CA VAL X 29 47.03 -0.10 50.63
C VAL X 29 46.54 -1.50 51.03
N MET X 30 45.67 -2.07 50.21
CA MET X 30 45.37 -3.48 50.33
C MET X 30 45.87 -4.24 49.12
N THR X 31 46.64 -5.29 49.34
CA THR X 31 47.23 -6.03 48.24
C THR X 31 46.70 -7.47 48.26
N VAL X 32 46.10 -7.90 47.16
CA VAL X 32 45.64 -9.27 47.05
C VAL X 32 46.62 -10.11 46.25
N ASN X 33 46.90 -11.30 46.75
CA ASN X 33 47.76 -12.21 46.03
C ASN X 33 47.04 -13.53 45.88
N TYR X 34 46.71 -13.91 44.66
CA TYR X 34 45.96 -15.15 44.54
C TYR X 34 46.41 -15.97 43.37
N ASN X 35 45.84 -17.16 43.22
CA ASN X 35 46.24 -18.05 42.15
C ASN X 35 45.10 -18.31 41.19
N THR X 36 45.46 -18.67 39.97
CA THR X 36 44.46 -18.89 38.96
C THR X 36 44.00 -20.34 38.95
N HIS X 37 44.70 -21.18 39.71
CA HIS X 37 44.39 -22.60 39.73
C HIS X 37 44.32 -23.17 41.14
N GLY X 38 44.05 -24.45 41.26
CA GLY X 38 43.99 -25.13 42.54
C GLY X 38 42.62 -25.00 43.17
N GLU X 39 42.22 -26.01 43.94
CA GLU X 39 40.92 -25.97 44.59
C GLU X 39 40.96 -25.06 45.81
N LEU X 40 42.07 -25.15 46.54
CA LEU X 40 42.26 -24.39 47.75
C LEU X 40 42.11 -22.91 47.48
N GLY X 41 42.77 -22.44 46.42
CA GLY X 41 42.69 -21.04 46.04
C GLY X 41 41.31 -20.49 45.74
N GLU X 42 40.33 -21.38 45.53
CA GLU X 42 39.02 -20.98 45.02
C GLU X 42 38.44 -19.75 45.68
N GLY X 43 38.23 -19.82 46.99
CA GLY X 43 37.64 -18.72 47.72
C GLY X 43 38.25 -17.38 47.38
N ALA X 44 39.58 -17.31 47.38
CA ALA X 44 40.27 -16.05 47.12
C ALA X 44 39.84 -15.50 45.77
N ARG X 45 39.80 -16.37 44.77
CA ARG X 45 39.36 -15.97 43.45
C ARG X 45 37.99 -15.35 43.50
N LYS X 46 37.01 -16.01 44.14
CA LYS X 46 35.66 -15.43 44.11
C LYS X 46 35.67 -14.08 44.81
N PHE X 47 36.56 -13.92 45.78
CA PHE X 47 36.70 -12.67 46.50
C PHE X 47 37.08 -11.55 45.52
N VAL X 48 38.05 -11.82 44.66
CA VAL X 48 38.51 -10.83 43.69
C VAL X 48 37.43 -10.57 42.66
N PHE X 49 36.58 -11.56 42.44
CA PHE X 49 35.58 -11.46 41.38
C PHE X 49 34.33 -10.69 41.82
N PHE X 50 33.99 -10.78 43.10
CA PHE X 50 32.71 -10.32 43.61
C PHE X 50 32.84 -9.14 44.55
N ASN X 51 33.60 -9.33 45.63
CA ASN X 51 33.74 -8.29 46.65
C ASN X 51 34.73 -7.15 46.38
N ILE X 52 35.87 -7.44 45.74
CA ILE X 52 36.85 -6.39 45.49
C ILE X 52 36.19 -5.15 44.88
N PRO X 53 35.31 -5.33 43.86
CA PRO X 53 34.55 -4.17 43.40
C PRO X 53 33.75 -3.46 44.49
N GLN X 54 33.04 -4.19 45.34
CA GLN X 54 32.26 -3.58 46.44
C GLN X 54 33.17 -2.81 47.38
N ILE X 55 34.21 -3.51 47.87
CA ILE X 55 35.20 -2.90 48.75
C ILE X 55 35.73 -1.60 48.22
N GLN X 56 36.36 -1.66 47.07
CA GLN X 56 36.92 -0.47 46.43
C GLN X 56 35.93 0.69 46.37
N TYR X 57 34.68 0.39 46.09
CA TYR X 57 33.70 1.44 45.85
C TYR X 57 33.46 2.24 47.10
N LYS X 58 33.59 1.58 48.24
CA LYS X 58 33.33 2.27 49.49
C LYS X 58 34.59 2.85 50.11
N ASN X 59 35.74 2.47 49.56
CA ASN X 59 37.02 3.00 50.04
C ASN X 59 37.83 3.57 48.92
N PRO X 60 37.28 4.59 48.25
CA PRO X 60 37.82 5.06 46.96
C PRO X 60 39.26 5.57 47.03
N TRP X 61 39.74 5.84 48.24
CA TRP X 61 41.06 6.36 48.39
C TRP X 61 42.13 5.31 48.71
N VAL X 62 41.72 4.06 48.79
CA VAL X 62 42.64 3.00 49.20
C VAL X 62 43.20 2.26 48.00
N GLN X 63 44.52 2.26 47.80
CA GLN X 63 45.04 1.53 46.64
C GLN X 63 44.85 0.05 46.83
N ILE X 64 44.13 -0.59 45.91
CA ILE X 64 43.99 -2.05 45.89
C ILE X 64 44.79 -2.62 44.74
N THR X 65 45.57 -3.66 44.99
CA THR X 65 46.39 -4.17 43.90
C THR X 65 46.45 -5.68 43.85
N MET X 66 46.24 -6.27 42.67
CA MET X 66 46.26 -7.72 42.59
C MET X 66 47.51 -8.27 41.95
N PHE X 67 47.89 -9.45 42.41
CA PHE X 67 49.01 -10.17 41.83
C PHE X 67 48.63 -11.62 41.65
N LYS X 68 48.93 -12.17 40.48
CA LYS X 68 48.54 -13.53 40.19
C LYS X 68 49.75 -14.45 40.10
N ASN X 69 49.62 -15.60 40.75
CA ASN X 69 50.59 -16.70 40.68
C ASN X 69 52.01 -16.31 41.04
N MET X 70 52.18 -15.64 42.18
CA MET X 70 53.51 -15.32 42.67
C MET X 70 53.89 -16.33 43.72
N THR X 71 53.09 -16.37 44.78
CA THR X 71 53.20 -17.33 45.88
C THR X 71 52.33 -18.55 45.62
N PRO X 72 52.71 -19.72 46.14
CA PRO X 72 51.86 -20.92 46.09
C PRO X 72 50.53 -20.79 46.84
N SER X 73 50.39 -19.79 47.69
CA SER X 73 49.19 -19.65 48.50
C SER X 73 48.59 -18.27 48.39
N PRO X 74 47.25 -18.18 48.43
CA PRO X 74 46.49 -16.92 48.45
C PRO X 74 46.66 -16.16 49.76
N PHE X 75 46.79 -14.85 49.69
CA PHE X 75 46.75 -14.02 50.90
C PHE X 75 46.42 -12.54 50.64
N LEU X 76 46.02 -11.85 51.68
CA LEU X 76 45.93 -10.41 51.61
C LEU X 76 47.03 -9.80 52.45
N ARG X 77 47.48 -8.61 52.06
CA ARG X 77 48.35 -7.82 52.91
C ARG X 77 47.80 -6.42 53.02
N PHE X 78 47.84 -5.88 54.21
CA PHE X 78 47.33 -4.57 54.46
C PHE X 78 48.44 -3.68 54.91
N TYR X 79 48.55 -2.54 54.27
CA TYR X 79 49.57 -1.58 54.62
C TYR X 79 48.86 -0.42 55.29
N LEU X 80 49.34 -0.11 56.49
CA LEU X 80 48.73 0.93 57.30
C LEU X 80 49.57 2.18 57.27
N ASP X 81 49.07 3.23 57.90
CA ASP X 81 49.79 4.49 57.88
C ASP X 81 51.00 4.47 58.82
N SER X 82 50.86 3.74 59.92
CA SER X 82 51.92 3.63 60.91
C SER X 82 53.16 2.94 60.36
N GLY X 83 52.98 2.19 59.27
CA GLY X 83 54.05 1.35 58.76
C GLY X 83 53.76 -0.11 59.06
N GLU X 84 52.85 -0.33 60.01
CA GLU X 84 52.35 -1.67 60.35
C GLU X 84 51.84 -2.43 59.13
N GLN X 85 52.05 -3.75 59.10
CA GLN X 85 51.56 -4.57 57.99
C GLN X 85 50.73 -5.78 58.43
N VAL X 86 49.45 -5.77 58.12
CA VAL X 86 48.57 -6.86 58.49
C VAL X 86 48.64 -7.96 57.44
N LEU X 87 48.90 -9.20 57.82
CA LEU X 87 48.91 -10.26 56.78
C LEU X 87 47.81 -11.25 57.02
N VAL X 88 46.92 -11.40 56.06
CA VAL X 88 45.78 -12.28 56.24
C VAL X 88 45.84 -13.47 55.32
N ASP X 89 46.05 -14.65 55.88
CA ASP X 89 46.08 -15.84 55.05
C ASP X 89 44.67 -16.28 54.72
N VAL X 90 44.34 -16.27 53.43
CA VAL X 90 43.05 -16.78 52.99
C VAL X 90 43.33 -18.05 52.23
N GLU X 91 42.93 -19.19 52.77
CA GLU X 91 43.29 -20.40 52.05
C GLU X 91 42.10 -21.21 51.64
N SER X 92 41.56 -21.96 52.57
CA SER X 92 40.44 -22.77 52.19
C SER X 92 39.19 -21.99 52.53
N LYS X 93 39.41 -20.76 52.98
CA LYS X 93 38.33 -19.87 53.37
C LYS X 93 37.41 -19.53 52.21
N SER X 94 36.12 -19.42 52.51
CA SER X 94 35.12 -19.00 51.53
C SER X 94 35.26 -17.54 51.22
N ASN X 95 34.65 -17.15 50.12
CA ASN X 95 34.47 -15.76 49.77
C ASN X 95 33.92 -14.94 50.97
N LYS X 96 32.79 -15.41 51.48
CA LYS X 96 32.10 -14.76 52.58
C LYS X 96 32.95 -14.65 53.84
N GLU X 97 33.63 -15.73 54.18
CA GLU X 97 34.46 -15.77 55.37
C GLU X 97 35.56 -14.72 55.33
N ILE X 98 36.14 -14.54 54.15
CA ILE X 98 37.18 -13.53 53.95
C ILE X 98 36.64 -12.13 54.19
N VAL X 99 35.51 -11.84 53.55
CA VAL X 99 34.92 -10.51 53.78
C VAL X 99 34.62 -10.27 55.25
N GLU X 100 34.13 -11.29 55.95
CA GLU X 100 33.75 -11.12 57.34
C GLU X 100 34.96 -10.94 58.23
N HIS X 101 35.97 -11.75 58.00
CA HIS X 101 37.19 -11.68 58.78
C HIS X 101 37.90 -10.34 58.60
N ILE X 102 37.96 -9.83 57.36
CA ILE X 102 38.50 -8.49 57.10
C ILE X 102 37.70 -7.38 57.78
N ARG X 103 36.37 -7.47 57.69
CA ARG X 103 35.51 -6.50 58.34
C ARG X 103 35.76 -6.50 59.84
N LYS X 104 36.03 -7.68 60.41
CA LYS X 104 36.36 -7.78 61.82
C LYS X 104 37.70 -7.10 62.15
N ILE X 105 38.78 -7.46 61.48
CA ILE X 105 40.09 -6.87 61.79
C ILE X 105 40.13 -5.36 61.67
N LEU X 106 40.15 -4.83 60.44
CA LEU X 106 39.99 -3.39 60.31
C LEU X 106 38.75 -3.04 59.52
N GLY X 107 37.68 -2.82 60.25
CA GLY X 107 36.43 -2.34 59.71
C GLY X 107 36.16 -1.00 60.34
N LYS X 108 34.88 -0.68 60.42
CA LYS X 108 34.40 0.31 61.37
C LYS X 108 33.14 -0.25 62.02
N ASN X 109 33.07 -0.20 63.34
CA ASN X 109 31.87 -0.66 64.04
C ASN X 109 30.64 0.08 63.55
N GLU X 110 29.49 -0.59 63.53
CA GLU X 110 28.28 0.06 63.05
C GLU X 110 27.99 1.34 63.84
N GLU X 111 28.40 1.32 65.11
CA GLU X 111 28.37 2.52 65.95
C GLU X 111 29.10 3.68 65.30
N THR X 112 30.36 3.44 64.94
CA THR X 112 31.20 4.45 64.31
C THR X 112 30.53 5.06 63.07
N LEU X 113 30.11 4.18 62.16
CA LEU X 113 29.49 4.60 60.91
C LEU X 113 28.23 5.45 61.16
N GLU X 114 27.40 5.01 62.09
CA GLU X 114 26.18 5.76 62.40
C GLU X 114 26.48 7.13 63.04
N LYS X 115 27.50 7.22 63.88
CA LYS X 115 27.94 8.51 64.43
C LYS X 115 28.39 9.44 63.32
N GLU X 116 29.18 8.91 62.39
CA GLU X 116 29.66 9.70 61.26
C GLU X 116 28.53 10.25 60.41
N GLU X 117 27.62 9.36 60.01
CA GLU X 117 26.50 9.81 59.20
C GLU X 117 25.58 10.76 59.99
N GLN X 118 25.59 10.63 61.31
CA GLN X 118 24.84 11.55 62.16
C GLN X 118 25.47 12.94 62.13
N GLU X 119 26.80 13.00 62.07
CA GLU X 119 27.51 14.28 61.95
C GLU X 119 27.31 14.90 60.57
N LYS X 120 27.08 14.06 59.56
CA LYS X 120 26.78 14.58 58.21
C LYS X 120 25.33 15.03 58.03
N LYS X 121 24.42 14.49 58.84
CA LYS X 121 23.00 14.86 58.73
C LYS X 121 22.62 16.07 59.60
N GLN X 122 23.55 16.50 60.45
CA GLN X 122 23.35 17.71 61.23
C GLN X 122 23.96 18.89 60.50
N LEU X 123 24.44 18.62 59.29
CA LEU X 123 25.10 19.61 58.46
C LEU X 123 24.10 20.51 57.75
N SER X 124 22.99 19.94 57.31
CA SER X 124 21.95 20.74 56.67
C SER X 124 20.80 20.99 57.64
N HIS X 125 20.77 22.21 58.13
CA HIS X 125 19.89 22.61 59.22
C HIS X 125 18.52 22.98 58.67
N PRO X 126 17.45 22.56 59.34
CA PRO X 126 16.07 22.71 58.86
C PRO X 126 15.59 24.14 58.82
N ALA X 127 16.10 25.00 59.68
CA ALA X 127 15.54 26.33 59.83
C ALA X 127 16.18 27.38 58.92
N HIS X 128 17.12 26.96 58.05
CA HIS X 128 17.77 27.92 57.17
C HIS X 128 16.95 28.23 55.93
N PHE X 129 17.42 29.20 55.15
CA PHE X 129 16.71 29.65 53.96
C PHE X 129 17.68 29.80 52.83
N GLY X 130 17.25 29.48 51.62
CA GLY X 130 18.17 29.57 50.51
C GLY X 130 17.75 28.78 49.30
N PRO X 131 18.73 28.42 48.45
CA PRO X 131 18.55 27.66 47.21
C PRO X 131 18.05 26.24 47.47
N ARG X 132 17.17 25.73 46.61
CA ARG X 132 16.54 24.43 46.83
C ARG X 132 17.57 23.37 47.10
N LYS X 133 18.72 23.49 46.44
CA LYS X 133 19.81 22.55 46.62
C LYS X 133 20.16 22.35 48.10
N TYR X 134 20.40 23.44 48.82
CA TYR X 134 20.80 23.33 50.21
C TYR X 134 19.71 23.49 51.28
N CYS X 135 18.51 23.95 50.92
CA CYS X 135 17.50 24.26 51.97
C CYS X 135 16.08 23.84 51.65
N LEU X 136 15.27 23.77 52.70
CA LEU X 136 13.89 23.34 52.57
C LEU X 136 13.01 24.44 52.00
N ARG X 137 13.40 25.68 52.21
CA ARG X 137 12.59 26.82 51.82
C ARG X 137 13.45 27.96 51.28
N GLU X 138 12.91 28.80 50.41
CA GLU X 138 13.70 29.87 49.87
C GLU X 138 13.37 31.21 50.50
N CYS X 139 12.25 31.82 50.09
CA CYS X 139 11.80 33.05 50.76
C CYS X 139 11.23 32.54 52.09
N MET X 140 10.79 33.45 52.94
CA MET X 140 9.89 33.11 54.04
C MET X 140 8.50 33.39 53.55
N CYS X 141 8.45 33.80 52.29
CA CYS X 141 7.21 34.08 51.59
C CYS X 141 6.36 32.80 51.66
N GLU X 142 7.02 31.65 51.78
CA GLU X 142 6.37 30.34 51.75
C GLU X 142 6.08 29.66 53.10
N VAL X 143 6.30 30.33 54.21
CA VAL X 143 5.85 29.78 55.49
C VAL X 143 4.41 30.27 55.78
N GLU X 144 3.57 29.39 56.33
CA GLU X 144 2.13 29.60 56.30
C GLU X 144 1.59 30.94 56.79
N GLY X 145 1.91 31.33 58.01
CA GLY X 145 1.30 32.52 58.58
C GLY X 145 1.81 33.84 58.05
N GLN X 146 2.98 33.80 57.41
CA GLN X 146 3.69 35.00 56.99
C GLN X 146 3.06 35.71 55.79
N VAL X 147 3.70 36.79 55.36
CA VAL X 147 3.27 37.53 54.18
C VAL X 147 3.75 36.87 52.89
N PRO X 148 2.82 36.60 51.97
CA PRO X 148 3.05 35.86 50.73
C PRO X 148 3.81 36.61 49.63
N CYS X 149 4.57 35.88 48.82
CA CYS X 149 5.32 36.44 47.69
C CYS X 149 4.37 37.19 46.77
N PRO X 150 4.58 38.49 46.63
CA PRO X 150 3.70 39.34 45.81
C PRO X 150 3.64 38.88 44.37
N GLY X 151 4.59 38.04 43.95
CA GLY X 151 4.50 37.36 42.68
C GLY X 151 3.34 36.36 42.61
N LEU X 152 2.69 36.14 43.75
CA LEU X 152 1.51 35.29 43.82
C LEU X 152 0.28 36.11 44.14
N VAL X 153 0.31 36.75 45.30
CA VAL X 153 -0.83 37.48 45.83
C VAL X 153 -0.47 38.95 45.98
N PRO X 154 -0.80 39.74 44.96
CA PRO X 154 -0.45 41.16 44.86
C PRO X 154 -0.79 41.91 46.14
N LEU X 155 0.08 42.83 46.54
CA LEU X 155 -0.03 43.44 47.86
C LEU X 155 -1.18 44.45 47.95
N PRO X 156 -1.72 44.65 49.15
CA PRO X 156 -2.63 45.77 49.43
C PRO X 156 -1.94 47.10 49.10
N LYS X 157 -2.62 47.98 48.37
CA LYS X 157 -2.01 49.21 47.81
C LYS X 157 -1.18 49.99 48.83
N GLU X 158 -1.58 49.93 50.08
CA GLU X 158 -0.89 50.67 51.14
C GLU X 158 0.54 50.20 51.39
N MET X 159 0.80 48.89 51.29
CA MET X 159 2.14 48.35 51.58
C MET X 159 3.10 48.58 50.41
N THR X 160 2.55 48.89 49.25
CA THR X 160 3.31 49.25 48.08
C THR X 160 4.12 50.53 48.34
N GLY X 161 5.37 50.54 47.90
CA GLY X 161 6.20 51.73 48.04
C GLY X 161 5.76 52.84 47.12
N LYS X 162 5.13 52.45 46.01
CA LYS X 162 4.61 53.41 45.05
C LYS X 162 3.60 54.32 45.72
N TYR X 163 2.68 53.71 46.45
CA TYR X 163 1.62 54.44 47.12
C TYR X 163 2.16 55.34 48.23
N LYS X 164 3.13 54.82 48.99
CA LYS X 164 3.73 55.60 50.06
C LYS X 164 4.40 56.84 49.49
N ALA X 165 5.13 56.65 48.40
CA ALA X 165 5.85 57.75 47.76
C ALA X 165 4.88 58.80 47.20
N ALA X 166 3.85 58.34 46.50
CA ALA X 166 2.85 59.25 45.96
C ALA X 166 2.05 59.95 47.07
N LEU X 167 2.05 59.37 48.27
CA LEU X 167 1.44 60.03 49.43
C LEU X 167 2.31 61.13 50.02
N LYS X 168 3.59 60.83 50.24
CA LYS X 168 4.52 61.80 50.80
C LYS X 168 4.74 62.98 49.85
N ALA X 169 4.68 62.71 48.55
CA ALA X 169 4.79 63.76 47.55
C ALA X 169 3.68 64.80 47.74
N THR X 170 2.44 64.33 47.82
CA THR X 170 1.29 65.21 48.02
C THR X 170 1.02 65.42 49.52
N ARG Y 27 31.12 51.24 42.17
CA ARG Y 27 31.82 52.33 42.85
C ARG Y 27 33.05 52.76 42.07
N LYS Y 28 33.52 53.97 42.35
CA LYS Y 28 34.62 54.57 41.60
C LYS Y 28 35.92 53.84 41.88
N THR Y 29 37.01 54.33 41.33
CA THR Y 29 38.29 53.66 41.55
C THR Y 29 39.34 54.68 42.01
N ARG Y 30 40.41 54.17 42.62
CA ARG Y 30 41.56 54.94 43.06
C ARG Y 30 42.02 55.93 41.96
N HIS Y 31 41.96 55.50 40.71
CA HIS Y 31 42.45 56.28 39.58
C HIS Y 31 41.39 57.11 38.88
N ASP Y 32 40.15 57.02 39.34
CA ASP Y 32 39.08 57.78 38.72
C ASP Y 32 38.93 59.16 39.36
N PRO Y 33 39.32 60.21 38.62
CA PRO Y 33 39.34 61.60 39.10
C PRO Y 33 37.98 62.04 39.64
N PRO Y 34 37.96 62.78 40.76
CA PRO Y 34 36.71 63.21 41.42
C PRO Y 34 35.93 64.18 40.55
N ALA Y 35 34.67 64.39 40.88
CA ALA Y 35 33.83 65.28 40.08
C ALA Y 35 34.33 66.72 40.19
N LYS Y 36 33.94 67.54 39.23
CA LYS Y 36 34.26 68.97 39.23
C LYS Y 36 33.40 69.75 40.22
N SER Y 37 32.19 69.26 40.47
CA SER Y 37 31.26 69.93 41.39
C SER Y 37 31.64 69.65 42.85
N LYS Y 38 32.01 68.41 43.10
CA LYS Y 38 32.41 67.97 44.44
C LYS Y 38 33.76 68.56 44.83
N ALA Y 39 34.41 69.23 43.90
CA ALA Y 39 35.80 69.67 44.08
C ALA Y 39 35.99 70.63 45.25
N GLY Y 40 35.28 71.76 45.21
CA GLY Y 40 35.44 72.78 46.22
C GLY Y 40 34.65 72.54 47.49
N ARG Y 41 34.17 71.30 47.65
CA ARG Y 41 33.29 70.95 48.76
C ARG Y 41 33.92 69.96 49.74
N VAL Y 42 33.83 70.28 51.01
CA VAL Y 42 34.20 69.36 52.08
C VAL Y 42 33.00 69.22 53.03
N ALA Y 43 32.94 68.09 53.74
CA ALA Y 43 31.76 67.74 54.53
C ALA Y 43 31.38 68.81 55.57
N THR Y 44 30.09 68.92 55.86
CA THR Y 44 29.57 69.86 56.85
C THR Y 44 28.94 69.12 58.03
N PRO Y 45 29.56 69.22 59.22
CA PRO Y 45 29.17 68.40 60.37
C PRO Y 45 27.89 68.92 61.01
N PRO Y 46 27.14 68.04 61.69
CA PRO Y 46 25.81 68.34 62.22
C PRO Y 46 25.80 69.23 63.47
N ALA Y 47 24.63 69.80 63.78
CA ALA Y 47 24.43 70.57 65.00
C ALA Y 47 24.55 69.67 66.21
N VAL Y 48 25.30 70.11 67.22
CA VAL Y 48 25.46 69.33 68.45
C VAL Y 48 24.58 69.81 69.60
N ASP Y 49 23.71 68.93 70.08
CA ASP Y 49 22.92 69.19 71.28
C ASP Y 49 23.70 68.67 72.49
N PRO Y 50 24.25 69.59 73.30
CA PRO Y 50 25.27 69.21 74.31
C PRO Y 50 24.75 68.18 75.32
N THR Y 51 23.54 68.39 75.83
CA THR Y 51 22.96 67.50 76.83
C THR Y 51 22.87 66.05 76.34
N GLU Y 52 21.98 65.87 75.38
CA GLU Y 52 21.76 64.58 74.77
C GLU Y 52 23.07 63.94 74.38
N PHE Y 53 23.96 64.75 73.81
CA PHE Y 53 25.24 64.26 73.33
C PHE Y 53 26.11 63.67 74.45
N PHE Y 54 26.18 64.37 75.58
CA PHE Y 54 26.94 63.87 76.72
C PHE Y 54 26.35 62.57 77.20
N VAL Y 55 25.05 62.60 77.44
CA VAL Y 55 24.30 61.43 77.90
C VAL Y 55 24.67 60.23 77.05
N LEU Y 56 24.59 60.46 75.75
CA LEU Y 56 24.89 59.48 74.73
C LEU Y 56 26.30 58.94 74.82
N THR Y 57 27.28 59.82 74.95
CA THR Y 57 28.66 59.37 75.08
C THR Y 57 28.83 58.41 76.27
N GLU Y 58 28.15 58.73 77.37
CA GLU Y 58 28.24 57.84 78.53
C GLU Y 58 27.63 56.50 78.21
N ARG Y 59 26.42 56.55 77.65
CA ARG Y 59 25.74 55.35 77.23
C ARG Y 59 26.66 54.46 76.41
N TYR Y 60 27.30 55.04 75.41
CA TYR Y 60 28.18 54.26 74.56
C TYR Y 60 29.36 53.68 75.29
N ARG Y 61 29.96 54.44 76.21
CA ARG Y 61 31.12 53.93 76.93
C ARG Y 61 30.73 52.71 77.77
N GLN Y 62 29.63 52.84 78.49
CA GLN Y 62 29.15 51.74 79.33
C GLN Y 62 28.87 50.53 78.48
N TYR Y 63 27.98 50.73 77.51
CA TYR Y 63 27.53 49.68 76.63
C TYR Y 63 28.71 48.93 76.05
N ARG Y 64 29.67 49.66 75.50
CA ARG Y 64 30.85 49.02 74.93
C ARG Y 64 31.65 48.25 75.96
N GLN Y 65 31.66 48.75 77.19
CA GLN Y 65 32.38 48.04 78.25
C GLN Y 65 31.70 46.69 78.46
N THR Y 66 30.40 46.72 78.69
CA THR Y 66 29.63 45.51 78.91
C THR Y 66 29.89 44.49 77.81
N VAL Y 67 29.72 44.93 76.56
CA VAL Y 67 29.88 44.04 75.42
C VAL Y 67 31.31 43.53 75.27
N ARG Y 68 32.29 44.35 75.63
CA ARG Y 68 33.67 43.88 75.64
C ARG Y 68 33.81 42.71 76.62
N ALA Y 69 33.20 42.88 77.79
CA ALA Y 69 33.19 41.82 78.79
C ALA Y 69 32.61 40.54 78.22
N LEU Y 70 31.38 40.65 77.72
CA LEU Y 70 30.68 39.53 77.09
C LEU Y 70 31.54 38.83 76.07
N ARG Y 71 32.15 39.62 75.20
CA ARG Y 71 32.98 39.10 74.11
C ARG Y 71 34.15 38.28 74.65
N LEU Y 72 34.72 38.76 75.75
CA LEU Y 72 35.83 38.03 76.37
C LEU Y 72 35.35 36.71 76.97
N GLU Y 73 34.20 36.77 77.62
CA GLU Y 73 33.50 35.59 78.12
C GLU Y 73 33.38 34.49 77.06
N PHE Y 74 32.94 34.90 75.87
CA PHE Y 74 32.79 33.97 74.76
C PHE Y 74 34.12 33.45 74.17
N MET Y 75 35.12 34.32 74.05
CA MET Y 75 36.45 33.86 73.62
C MET Y 75 36.97 32.75 74.53
N SER Y 76 36.78 32.96 75.83
CA SER Y 76 37.13 31.95 76.81
C SER Y 76 36.36 30.64 76.56
N GLU Y 77 35.03 30.75 76.41
CA GLU Y 77 34.23 29.56 76.09
C GLU Y 77 34.80 28.76 74.94
N VAL Y 78 35.28 29.45 73.91
CA VAL Y 78 35.89 28.78 72.75
C VAL Y 78 37.22 28.12 73.08
N ARG Y 79 38.04 28.80 73.88
CA ARG Y 79 39.27 28.18 74.39
C ARG Y 79 38.95 26.82 75.00
N LYS Y 80 38.06 26.85 75.99
CA LYS Y 80 37.60 25.66 76.70
C LYS Y 80 37.18 24.59 75.71
N LYS Y 81 36.13 24.85 74.94
CA LYS Y 81 35.55 23.81 74.07
C LYS Y 81 36.57 23.20 73.12
N LEU Y 82 37.50 24.02 72.62
CA LEU Y 82 38.53 23.52 71.73
C LEU Y 82 39.50 22.59 72.45
N HIS Y 83 39.99 23.04 73.59
CA HIS Y 83 40.92 22.26 74.38
C HIS Y 83 40.29 20.96 74.85
N GLU Y 84 39.00 21.00 75.16
CA GLU Y 84 38.27 19.85 75.71
C GLU Y 84 37.97 18.81 74.65
N ALA Y 85 37.63 19.25 73.44
CA ALA Y 85 37.38 18.29 72.37
C ALA Y 85 38.69 17.90 71.64
N ARG Y 86 39.82 18.49 72.05
CA ARG Y 86 41.12 18.04 71.56
C ARG Y 86 41.85 17.14 72.55
N ALA Y 87 42.34 17.73 73.65
CA ALA Y 87 43.17 17.01 74.62
C ALA Y 87 42.42 16.51 75.86
N GLY Y 88 41.10 16.70 75.88
CA GLY Y 88 40.30 16.38 77.06
C GLY Y 88 40.16 14.91 77.36
N VAL Y 89 39.31 14.60 78.34
CA VAL Y 89 39.10 13.24 78.83
C VAL Y 89 38.78 12.22 77.74
N GLN Y 90 37.60 12.38 77.16
CA GLN Y 90 37.05 11.38 76.25
C GLN Y 90 37.84 11.27 74.95
N ALA Y 91 38.56 12.33 74.61
CA ALA Y 91 39.45 12.28 73.46
C ALA Y 91 40.55 11.24 73.72
N GLU Y 92 41.13 11.32 74.91
CA GLU Y 92 42.15 10.36 75.34
C GLU Y 92 41.59 8.96 75.49
N ARG Y 93 40.40 8.85 76.07
CA ARG Y 93 39.71 7.56 76.13
C ARG Y 93 39.59 6.92 74.76
N LYS Y 94 39.06 7.67 73.80
CA LYS Y 94 38.99 7.22 72.42
C LYS Y 94 40.35 6.73 71.93
N ALA Y 95 41.38 7.55 72.09
CA ALA Y 95 42.72 7.20 71.60
C ALA Y 95 43.20 5.86 72.18
N GLN Y 96 43.22 5.77 73.50
CA GLN Y 96 43.71 4.55 74.17
C GLN Y 96 42.89 3.33 73.79
N GLU Y 97 41.57 3.44 73.89
CA GLU Y 97 40.67 2.34 73.55
C GLU Y 97 40.89 1.84 72.13
N ASP Y 98 41.02 2.78 71.19
CA ASP Y 98 41.21 2.39 69.79
C ASP Y 98 42.57 1.73 69.55
N ALA Y 99 43.62 2.28 70.17
CA ALA Y 99 44.92 1.64 70.12
C ALA Y 99 44.84 0.19 70.63
N ALA Y 100 44.22 0.01 71.79
CA ALA Y 100 44.13 -1.31 72.43
C ALA Y 100 43.29 -2.28 71.62
N GLU Y 101 42.14 -1.84 71.13
CA GLU Y 101 41.30 -2.65 70.26
C GLU Y 101 42.12 -3.13 69.08
N HIS Y 102 42.84 -2.18 68.48
CA HIS Y 102 43.70 -2.48 67.35
C HIS Y 102 44.68 -3.60 67.67
N ARG Y 103 45.46 -3.46 68.74
CA ARG Y 103 46.42 -4.54 69.06
C ARG Y 103 45.74 -5.87 69.39
N GLU Y 104 44.61 -5.84 70.10
CA GLU Y 104 43.81 -7.04 70.33
C GLU Y 104 43.55 -7.77 69.04
N LEU Y 105 43.14 -7.00 68.04
CA LEU Y 105 42.76 -7.56 66.75
C LEU Y 105 43.96 -8.04 65.94
N MET Y 106 45.08 -7.33 66.02
CA MET Y 106 46.27 -7.78 65.33
C MET Y 106 46.79 -9.08 65.93
N ALA Y 107 46.67 -9.21 67.25
CA ALA Y 107 47.05 -10.44 67.92
C ALA Y 107 46.12 -11.58 67.54
N TRP Y 108 44.84 -11.26 67.47
CA TRP Y 108 43.84 -12.24 67.10
C TRP Y 108 44.17 -12.78 65.72
N ASN Y 109 44.44 -11.87 64.79
CA ASN Y 109 44.80 -12.22 63.43
C ASN Y 109 46.05 -13.10 63.38
N GLN Y 110 47.06 -12.71 64.14
CA GLN Y 110 48.26 -13.51 64.28
C GLN Y 110 47.96 -14.96 64.66
N ALA Y 111 47.22 -15.15 65.75
CA ALA Y 111 46.90 -16.49 66.23
C ALA Y 111 46.14 -17.28 65.17
N GLU Y 112 45.29 -16.57 64.44
CA GLU Y 112 44.54 -17.17 63.34
C GLU Y 112 45.44 -17.70 62.22
N ASN Y 113 46.35 -16.85 61.74
CA ASN Y 113 47.34 -17.28 60.76
C ASN Y 113 48.14 -18.48 61.25
N GLN Y 114 48.48 -18.52 62.54
CA GLN Y 114 49.24 -19.66 63.06
C GLN Y 114 48.41 -20.94 63.01
N ARG Y 115 47.15 -20.82 63.40
CA ARG Y 115 46.20 -21.93 63.30
C ARG Y 115 46.20 -22.54 61.90
N LEU Y 116 45.97 -21.66 60.92
CA LEU Y 116 45.96 -22.09 59.53
C LEU Y 116 47.29 -22.70 59.10
N HIS Y 117 48.39 -22.16 59.62
CA HIS Y 117 49.72 -22.68 59.30
C HIS Y 117 49.85 -24.14 59.70
N GLU Y 118 49.45 -24.46 60.93
CA GLU Y 118 49.50 -25.85 61.36
C GLU Y 118 48.60 -26.76 60.51
N LEU Y 119 47.39 -26.32 60.23
CA LEU Y 119 46.52 -27.07 59.32
C LEU Y 119 47.26 -27.43 58.02
N ARG Y 120 47.81 -26.40 57.40
CA ARG Y 120 48.55 -26.55 56.16
C ARG Y 120 49.70 -27.54 56.27
N LEU Y 121 50.49 -27.45 57.32
CA LEU Y 121 51.60 -28.36 57.48
C LEU Y 121 51.09 -29.81 57.51
N ALA Y 122 49.96 -30.03 58.19
CA ALA Y 122 49.34 -31.37 58.17
C ALA Y 122 49.04 -31.82 56.73
N ARG Y 123 48.32 -30.95 56.02
CA ARG Y 123 47.95 -31.25 54.64
C ARG Y 123 49.16 -31.59 53.75
N LEU Y 124 50.23 -30.82 53.88
CA LEU Y 124 51.43 -31.05 53.06
C LEU Y 124 52.16 -32.33 53.42
N ARG Y 125 52.24 -32.68 54.71
CA ARG Y 125 52.83 -33.97 55.06
C ARG Y 125 52.06 -35.09 54.38
N GLN Y 126 50.73 -35.03 54.49
CA GLN Y 126 49.86 -35.98 53.80
C GLN Y 126 50.18 -36.08 52.28
N GLU Y 127 50.26 -34.91 51.64
CA GLU Y 127 50.55 -34.88 50.20
C GLU Y 127 51.90 -35.48 49.88
N ALA Y 128 52.89 -35.27 50.75
CA ALA Y 128 54.22 -35.85 50.57
C ALA Y 128 54.12 -37.36 50.54
N LEU Y 129 53.36 -37.93 51.49
CA LEU Y 129 53.15 -39.38 51.50
C LEU Y 129 52.54 -39.90 50.19
N GLU Y 130 51.39 -39.32 49.82
CA GLU Y 130 50.72 -39.73 48.59
C GLU Y 130 51.68 -39.65 47.39
N GLN Y 131 52.53 -38.62 47.40
CA GLN Y 131 53.51 -38.40 46.35
C GLN Y 131 54.57 -39.51 46.28
N GLU Y 132 55.10 -39.93 47.42
CA GLU Y 132 56.05 -41.05 47.43
C GLU Y 132 55.42 -42.31 46.86
N ARG Y 133 54.14 -42.53 47.20
CA ARG Y 133 53.39 -43.64 46.60
C ARG Y 133 53.42 -43.56 45.05
N ARG Y 134 53.12 -42.37 44.53
CA ARG Y 134 53.24 -42.13 43.10
C ARG Y 134 54.64 -42.47 42.55
N GLN Y 135 55.69 -42.06 43.26
CA GLN Y 135 57.07 -42.35 42.86
C GLN Y 135 57.36 -43.84 42.75
N ALA Y 136 56.80 -44.62 43.67
CA ALA Y 136 56.88 -46.08 43.56
C ALA Y 136 56.27 -46.55 42.24
N GLU Y 137 55.03 -46.14 41.97
CA GLU Y 137 54.37 -46.53 40.72
C GLU Y 137 55.18 -46.21 39.44
N GLU Y 138 55.56 -44.95 39.33
CA GLU Y 138 56.33 -44.48 38.18
C GLU Y 138 57.69 -45.20 38.06
N ALA Y 139 58.36 -45.45 39.18
CA ALA Y 139 59.63 -46.18 39.15
C ALA Y 139 59.44 -47.59 38.58
N VAL Y 140 58.35 -48.25 39.00
CA VAL Y 140 57.99 -49.56 38.44
C VAL Y 140 57.81 -49.50 36.92
N LEU Y 141 56.92 -48.63 36.44
CA LEU Y 141 56.66 -48.55 35.00
C LEU Y 141 57.91 -48.22 34.17
N GLN Y 142 58.65 -47.20 34.61
CA GLN Y 142 59.88 -46.80 33.92
C GLN Y 142 60.93 -47.91 33.92
N ALA Y 143 60.98 -48.71 34.98
CA ALA Y 143 61.87 -49.87 35.01
C ALA Y 143 61.47 -50.90 33.94
N ARG Y 144 60.17 -51.23 33.89
CA ARG Y 144 59.67 -52.16 32.86
C ARG Y 144 60.02 -51.72 31.44
N GLU Y 145 59.74 -50.46 31.13
CA GLU Y 145 60.01 -49.96 29.78
C GLU Y 145 61.51 -49.81 29.50
N ALA Y 146 62.30 -49.50 30.53
CA ALA Y 146 63.76 -49.52 30.40
C ALA Y 146 64.23 -50.89 29.96
N GLN Y 147 63.73 -51.92 30.63
CA GLN Y 147 64.02 -53.30 30.23
C GLN Y 147 63.65 -53.57 28.78
N ALA Y 148 62.39 -53.33 28.42
CA ALA Y 148 61.92 -53.59 27.06
C ALA Y 148 62.81 -52.93 26.01
N TRP Y 149 63.17 -51.68 26.27
CA TRP Y 149 64.03 -50.95 25.36
C TRP Y 149 65.41 -51.63 25.26
N ALA Y 150 66.00 -51.93 26.41
CA ALA Y 150 67.31 -52.58 26.45
C ALA Y 150 67.32 -53.88 25.62
N GLN Y 151 66.25 -54.66 25.76
CA GLN Y 151 66.11 -55.89 24.98
C GLN Y 151 66.07 -55.62 23.50
N LEU Y 152 65.17 -54.75 23.06
CA LEU Y 152 65.09 -54.44 21.63
C LEU Y 152 66.45 -54.03 21.06
N LYS Y 153 67.08 -53.06 21.69
CA LYS Y 153 68.35 -52.56 21.19
C LYS Y 153 69.44 -53.64 21.18
N GLU Y 154 69.47 -54.44 22.24
CA GLU Y 154 70.44 -55.54 22.30
C GLU Y 154 70.25 -56.51 21.13
N GLN Y 155 69.01 -56.92 20.91
CA GLN Y 155 68.67 -57.80 19.79
C GLN Y 155 69.16 -57.21 18.48
N GLU Y 156 68.92 -55.92 18.30
CA GLU Y 156 69.37 -55.26 17.07
C GLU Y 156 70.87 -55.37 16.90
N VAL Y 157 71.63 -55.09 17.96
CA VAL Y 157 73.09 -55.15 17.85
C VAL Y 157 73.58 -56.57 17.55
N LEU Y 158 72.95 -57.56 18.15
CA LEU Y 158 73.32 -58.95 17.87
C LEU Y 158 73.00 -59.33 16.42
N GLN Y 159 71.80 -58.97 15.98
CA GLN Y 159 71.35 -59.19 14.60
C GLN Y 159 72.36 -58.65 13.60
N LEU Y 160 72.70 -57.37 13.76
CA LEU Y 160 73.66 -56.73 12.87
C LEU Y 160 75.04 -57.37 13.00
N GLN Y 161 75.35 -57.87 14.19
CA GLN Y 161 76.59 -58.59 14.43
C GLN Y 161 76.67 -59.81 13.54
N GLU Y 162 75.54 -60.51 13.41
CA GLU Y 162 75.42 -61.65 12.50
C GLU Y 162 75.53 -61.25 11.05
N GLU Y 163 74.70 -60.30 10.66
CA GLU Y 163 74.63 -59.87 9.26
C GLU Y 163 75.97 -59.37 8.76
N ALA Y 164 76.78 -58.84 9.68
CA ALA Y 164 78.07 -58.28 9.30
C ALA Y 164 79.06 -59.31 8.76
N LYS Y 165 78.85 -60.58 9.13
CA LYS Y 165 79.71 -61.67 8.67
C LYS Y 165 79.62 -61.78 7.16
N THR Y 166 78.46 -61.38 6.64
CA THR Y 166 78.10 -61.60 5.26
C THR Y 166 78.37 -60.41 4.33
N PHE Y 167 78.85 -59.29 4.86
CA PHE Y 167 79.01 -58.08 4.02
C PHE Y 167 80.12 -58.23 3.00
N ILE Y 168 80.06 -57.41 1.96
CA ILE Y 168 81.05 -57.41 0.90
C ILE Y 168 82.25 -56.53 1.25
N THR Y 169 83.44 -57.11 1.14
CA THR Y 169 84.67 -56.43 1.55
C THR Y 169 85.73 -56.54 0.46
N ARG Y 170 86.84 -55.85 0.63
CA ARG Y 170 87.93 -55.84 -0.35
C ARG Y 170 88.38 -57.25 -0.78
N GLU Y 171 88.25 -58.23 0.10
CA GLU Y 171 88.57 -59.62 -0.22
C GLU Y 171 87.47 -60.31 -1.00
N ASN Y 172 86.25 -60.18 -0.49
CA ASN Y 172 85.12 -60.87 -1.08
C ASN Y 172 84.71 -60.31 -2.42
N LEU Y 173 85.28 -59.17 -2.82
CA LEU Y 173 84.80 -58.48 -4.01
C LEU Y 173 84.79 -59.40 -5.22
N GLU Y 174 85.96 -59.92 -5.55
CA GLU Y 174 86.14 -60.81 -6.70
C GLU Y 174 85.18 -61.98 -6.67
N ALA Y 175 85.10 -62.61 -5.50
CA ALA Y 175 84.36 -63.84 -5.35
C ALA Y 175 82.88 -63.52 -5.49
N ARG Y 176 82.39 -62.69 -4.58
CA ARG Y 176 81.00 -62.24 -4.58
C ARG Y 176 80.46 -61.73 -5.91
N VAL Y 177 81.22 -60.91 -6.61
CA VAL Y 177 80.72 -60.41 -7.89
C VAL Y 177 80.47 -61.57 -8.83
N GLU Y 178 81.51 -62.38 -9.04
CA GLU Y 178 81.43 -63.55 -9.91
C GLU Y 178 80.31 -64.48 -9.45
N GLU Y 179 80.03 -64.44 -8.15
CA GLU Y 179 78.98 -65.25 -7.57
C GLU Y 179 77.62 -64.74 -8.01
N ALA Y 180 77.43 -63.42 -7.91
CA ALA Y 180 76.14 -62.80 -8.20
C ALA Y 180 75.86 -62.83 -9.69
N LEU Y 181 76.91 -62.86 -10.51
CA LEU Y 181 76.74 -62.94 -11.94
C LEU Y 181 76.18 -64.28 -12.38
N ASP Y 182 76.35 -65.28 -11.51
CA ASP Y 182 75.80 -66.62 -11.71
C ASP Y 182 74.35 -66.81 -11.30
N SER Y 183 73.86 -66.03 -10.34
CA SER Y 183 72.59 -66.35 -9.67
C SER Y 183 71.47 -65.30 -9.82
N PRO Y 184 70.79 -65.28 -10.97
CA PRO Y 184 69.70 -64.32 -11.14
C PRO Y 184 68.57 -64.54 -10.14
N LYS Y 185 68.07 -63.45 -9.56
CA LYS Y 185 66.96 -63.47 -8.61
C LYS Y 185 65.80 -62.68 -9.19
N SER Y 186 64.58 -63.05 -8.81
CA SER Y 186 63.41 -62.28 -9.23
C SER Y 186 62.75 -61.66 -8.03
N TYR Y 187 62.23 -60.46 -8.22
CA TYR Y 187 61.40 -59.88 -7.19
C TYR Y 187 59.93 -60.07 -7.56
N ASN Y 188 59.69 -60.66 -8.72
CA ASN Y 188 58.34 -60.74 -9.27
C ASN Y 188 57.42 -61.73 -8.58
N TRP Y 189 56.18 -61.29 -8.36
CA TRP Y 189 55.07 -62.17 -8.00
C TRP Y 189 53.75 -61.46 -8.30
N ALA Y 190 52.65 -62.20 -8.37
CA ALA Y 190 51.36 -61.62 -8.73
C ALA Y 190 50.35 -61.87 -7.61
N ILE Y 191 49.20 -61.19 -7.62
CA ILE Y 191 48.10 -61.57 -6.71
C ILE Y 191 46.85 -62.08 -7.41
N THR Y 192 46.09 -62.87 -6.65
CA THR Y 192 44.83 -63.43 -7.10
C THR Y 192 43.72 -62.70 -6.37
N ARG Y 193 42.52 -62.63 -6.95
CA ARG Y 193 41.43 -61.83 -6.37
C ARG Y 193 41.15 -62.22 -4.92
N GLU Y 194 41.64 -63.40 -4.54
CA GLU Y 194 41.44 -63.96 -3.22
C GLU Y 194 42.35 -63.38 -2.13
N GLY Y 195 43.41 -62.68 -2.54
CA GLY Y 195 44.41 -62.22 -1.59
C GLY Y 195 45.56 -63.21 -1.50
N LEU Y 196 45.75 -63.96 -2.58
CA LEU Y 196 46.75 -64.99 -2.60
C LEU Y 196 47.95 -64.63 -3.49
N VAL Y 197 49.15 -65.00 -3.04
CA VAL Y 197 50.37 -64.76 -3.81
C VAL Y 197 50.62 -65.88 -4.83
N VAL Y 198 51.03 -65.48 -6.02
CA VAL Y 198 51.35 -66.41 -7.08
C VAL Y 198 52.79 -66.19 -7.54
N ARG Y 199 53.62 -67.23 -7.54
CA ARG Y 199 55.04 -67.06 -7.88
C ARG Y 199 55.43 -67.83 -9.16
N PRO Y 200 56.30 -67.21 -10.00
CA PRO Y 200 56.69 -67.61 -11.36
C PRO Y 200 57.65 -68.80 -11.50
N GLN Y 201 58.41 -69.12 -10.45
CA GLN Y 201 59.52 -70.08 -10.56
C GLN Y 201 59.08 -71.48 -10.96
N GLN Y 202 57.77 -71.73 -10.95
CA GLN Y 202 57.22 -73.03 -11.31
C GLN Y 202 57.23 -73.25 -12.82
N LYS Y 203 57.59 -72.22 -13.58
CA LYS Y 203 57.68 -72.31 -15.03
C LYS Y 203 58.66 -73.40 -15.47
N CYS Z 3 79.22 94.85 85.12
CA CYS Z 3 80.57 95.34 84.84
C CYS Z 3 81.66 94.54 85.54
N LEU Z 4 81.45 94.24 86.82
CA LEU Z 4 82.46 93.54 87.63
C LEU Z 4 82.72 92.13 87.08
N LEU Z 5 81.67 91.48 86.61
CA LEU Z 5 81.74 90.14 86.05
C LEU Z 5 82.82 89.98 84.98
N SER Z 6 82.59 90.62 83.83
CA SER Z 6 83.53 90.58 82.69
C SER Z 6 84.99 90.90 83.08
N ALA Z 7 85.22 92.11 83.60
CA ALA Z 7 86.58 92.54 83.95
C ALA Z 7 87.28 91.63 84.96
N ALA Z 8 86.59 91.26 86.04
CA ALA Z 8 87.22 90.46 87.11
C ALA Z 8 87.33 88.97 86.78
N TYR Z 9 86.66 88.55 85.70
CA TYR Z 9 86.61 87.14 85.32
C TYR Z 9 87.80 86.62 84.50
N VAL Z 10 88.56 87.55 83.90
CA VAL Z 10 89.67 87.18 83.00
C VAL Z 10 89.13 86.34 81.83
N ASP Z 11 88.35 86.99 80.98
CA ASP Z 11 87.75 86.37 79.80
C ASP Z 11 88.76 86.14 78.67
N SER Z 12 89.43 87.23 78.29
CA SER Z 12 90.26 87.28 77.10
C SER Z 12 91.42 86.29 77.16
N HIS Z 13 91.99 86.11 78.36
CA HIS Z 13 93.12 85.20 78.54
C HIS Z 13 92.72 83.76 78.27
N LYS Z 14 91.58 83.35 78.83
CA LYS Z 14 91.08 82.01 78.63
C LYS Z 14 90.75 81.76 77.14
N TRP Z 15 90.02 82.69 76.52
CA TRP Z 15 89.67 82.49 75.11
C TRP Z 15 90.90 82.47 74.19
N GLU Z 16 91.89 83.32 74.44
CA GLU Z 16 93.14 83.25 73.70
C GLU Z 16 93.81 81.89 73.92
N ALA Z 17 93.71 81.37 75.15
CA ALA Z 17 94.28 80.07 75.50
C ALA Z 17 93.60 78.89 74.83
N ARG Z 18 92.38 79.09 74.34
CA ARG Z 18 91.56 77.98 73.84
C ARG Z 18 91.83 77.41 72.43
N ASP Z 19 92.25 78.21 71.45
CA ASP Z 19 92.23 77.72 70.06
C ASP Z 19 93.52 77.00 69.67
N LYS Z 20 93.44 75.67 69.61
CA LYS Z 20 94.60 74.81 69.38
C LYS Z 20 94.74 74.18 67.98
N GLU Z 21 93.78 74.43 67.10
CA GLU Z 21 93.52 73.50 65.98
C GLU Z 21 94.40 73.56 64.73
N ASP Z 22 94.90 74.74 64.37
CA ASP Z 22 95.81 74.90 63.22
C ASP Z 22 95.21 74.47 61.87
N CYS Z 23 94.03 74.97 61.53
CA CYS Z 23 93.43 74.64 60.25
C CYS Z 23 93.42 75.80 59.23
N HIS Z 24 92.84 75.53 58.07
CA HIS Z 24 92.75 76.53 57.00
C HIS Z 24 91.28 76.74 56.62
N LEU Z 25 90.92 77.99 56.28
CA LEU Z 25 89.52 78.35 56.01
C LEU Z 25 89.01 77.87 54.64
N ALA Z 26 89.85 77.97 53.61
CA ALA Z 26 89.46 77.58 52.26
C ALA Z 26 89.29 76.07 52.12
N ASP Z 27 90.16 75.31 52.79
CA ASP Z 27 90.10 73.84 52.76
C ASP Z 27 88.84 73.31 53.45
N LEU Z 28 88.51 73.90 54.61
CA LEU Z 28 87.27 73.57 55.31
C LEU Z 28 86.05 73.99 54.49
N ALA Z 29 86.08 75.17 53.88
CA ALA Z 29 84.97 75.65 53.05
C ALA Z 29 84.71 74.74 51.83
N SER Z 30 85.78 74.22 51.23
CA SER Z 30 85.65 73.31 50.09
C SER Z 30 85.17 71.92 50.50
N LEU Z 31 85.67 71.42 51.63
CA LEU Z 31 85.20 70.13 52.16
C LEU Z 31 83.70 70.20 52.49
N MET Z 32 83.31 71.26 53.21
CA MET Z 32 81.91 71.55 53.53
C MET Z 32 81.06 71.62 52.26
N ASP Z 33 81.36 72.59 51.40
CA ASP Z 33 80.64 72.78 50.13
C ASP Z 33 80.50 71.46 49.37
N LYS Z 34 81.56 70.66 49.37
CA LYS Z 34 81.53 69.31 48.80
C LYS Z 34 80.45 68.44 49.46
N THR Z 35 80.48 68.36 50.79
CA THR Z 35 79.53 67.51 51.51
C THR Z 35 78.07 67.95 51.32
N TYR Z 36 77.85 69.24 51.12
CA TYR Z 36 76.51 69.75 50.85
C TYR Z 36 76.11 69.53 49.40
N GLU Z 37 77.10 69.48 48.51
CA GLU Z 37 76.87 69.20 47.10
C GLU Z 37 76.44 67.76 46.87
N ARG Z 38 77.23 66.84 47.41
CA ARG Z 38 76.93 65.41 47.32
C ARG Z 38 75.75 65.02 48.21
N LYS Z 39 75.27 65.97 49.01
CA LYS Z 39 74.18 65.76 49.97
C LYS Z 39 74.50 64.68 51.00
N LEU Z 40 75.42 65.01 51.90
CA LEU Z 40 75.84 64.12 52.98
C LEU Z 40 76.00 64.92 54.27
N PRO Z 41 76.08 64.23 55.42
CA PRO Z 41 76.26 65.02 56.65
C PRO Z 41 77.65 65.64 56.81
N VAL Z 42 77.79 66.46 57.85
CA VAL Z 42 79.03 67.18 58.15
C VAL Z 42 79.28 67.13 59.66
N SER Z 43 80.50 66.79 60.07
CA SER Z 43 80.83 66.71 61.48
C SER Z 43 80.70 68.08 62.15
N SER Z 44 80.40 68.09 63.45
CA SER Z 44 80.40 69.32 64.21
C SER Z 44 81.84 69.83 64.36
N LEU Z 45 82.80 68.91 64.22
CA LEU Z 45 84.21 69.24 64.28
C LEU Z 45 84.61 70.27 63.22
N THR Z 46 84.30 69.99 61.96
CA THR Z 46 84.66 70.88 60.86
C THR Z 46 84.15 72.30 61.09
N ILE Z 47 82.96 72.38 61.66
CA ILE Z 47 82.35 73.67 61.98
C ILE Z 47 83.09 74.37 63.13
N SER Z 48 83.36 73.65 64.23
CA SER Z 48 84.09 74.25 65.36
C SER Z 48 85.46 74.78 64.91
N ARG Z 49 86.12 74.03 64.04
CA ARG Z 49 87.38 74.46 63.42
C ARG Z 49 87.17 75.74 62.61
N PHE Z 50 86.21 75.70 61.69
CA PHE Z 50 85.95 76.85 60.81
C PHE Z 50 85.64 78.12 61.58
N VAL Z 51 84.99 77.98 62.74
CA VAL Z 51 84.68 79.13 63.58
C VAL Z 51 85.90 79.55 64.42
N ASP Z 52 86.77 78.60 64.74
CA ASP Z 52 88.00 78.90 65.47
C ASP Z 52 89.01 79.71 64.66
N ASN Z 53 89.05 79.44 63.35
CA ASN Z 53 90.11 80.00 62.50
C ASN Z 53 89.83 81.34 61.83
N ILE Z 54 88.73 81.98 62.19
CA ILE Z 54 88.34 83.27 61.61
C ILE Z 54 89.27 84.45 61.97
N ALA Z 55 89.87 85.10 60.96
CA ALA Z 55 90.67 86.29 61.21
C ALA Z 55 89.98 87.65 60.93
N SER Z 56 88.84 87.64 60.24
CA SER Z 56 88.29 88.87 59.65
C SER Z 56 86.77 88.99 59.75
N ARG Z 57 86.25 90.17 59.42
CA ARG Z 57 84.80 90.39 59.36
C ARG Z 57 84.17 89.61 58.21
N GLU Z 58 84.90 89.55 57.09
CA GLU Z 58 84.47 88.79 55.92
C GLU Z 58 84.36 87.29 56.27
N ASP Z 59 85.34 86.80 57.02
CA ASP Z 59 85.38 85.41 57.47
C ASP Z 59 84.35 85.16 58.57
N ILE Z 60 83.91 86.22 59.26
CA ILE Z 60 82.80 86.09 60.22
C ILE Z 60 81.47 85.99 59.45
N ASP Z 61 81.33 86.75 58.36
CA ASP Z 61 80.21 86.58 57.44
C ASP Z 61 80.14 85.13 56.95
N HIS Z 62 81.29 84.60 56.54
CA HIS Z 62 81.38 83.23 56.05
C HIS Z 62 81.04 82.22 57.16
N ALA Z 63 81.45 82.55 58.39
CA ALA Z 63 81.09 81.75 59.56
C ALA Z 63 79.57 81.69 59.75
N GLU Z 64 78.93 82.86 59.66
CA GLU Z 64 77.47 82.98 59.77
C GLU Z 64 76.78 82.08 58.73
N TYR Z 65 77.19 82.25 57.48
CA TYR Z 65 76.66 81.47 56.38
C TYR Z 65 76.79 79.97 56.61
N TYR Z 66 77.99 79.50 56.98
CA TYR Z 66 78.20 78.06 57.15
C TYR Z 66 77.54 77.50 58.41
N LEU Z 67 77.28 78.34 59.40
CA LEU Z 67 76.54 77.92 60.59
C LEU Z 67 75.05 77.73 60.28
N TYR Z 68 74.49 78.67 59.52
CA TYR Z 68 73.16 78.55 58.92
C TYR Z 68 73.00 77.25 58.11
N LYS Z 69 73.81 77.15 57.06
CA LYS Z 69 73.77 75.99 56.18
C LYS Z 69 74.14 74.70 56.92
N PHE Z 70 74.72 74.83 58.10
CA PHE Z 70 74.89 73.66 58.95
C PHE Z 70 73.63 73.30 59.75
N ARG Z 71 72.94 74.31 60.28
CA ARG Z 71 71.74 74.06 61.09
C ARG Z 71 70.60 73.57 60.20
N HIS Z 72 70.75 73.73 58.89
CA HIS Z 72 69.82 73.13 57.94
C HIS Z 72 70.29 71.75 57.45
N SER Z 73 71.27 71.17 58.13
CA SER Z 73 71.83 69.85 57.80
C SER Z 73 71.51 68.82 58.89
N PRO Z 74 71.56 67.51 58.56
CA PRO Z 74 71.11 66.42 59.45
C PRO Z 74 71.67 66.45 60.88
N ASN Z 75 72.82 67.10 61.07
CA ASN Z 75 73.49 67.08 62.35
C ASN Z 75 73.17 68.27 63.26
N CYS Z 76 72.18 69.07 62.85
CA CYS Z 76 71.90 70.36 63.49
C CYS Z 76 71.72 70.30 65.01
N TRP Z 77 71.49 69.10 65.54
CA TRP Z 77 71.37 68.92 66.98
C TRP Z 77 72.75 68.67 67.63
N TYR Z 78 73.77 68.51 66.80
CA TYR Z 78 75.12 68.17 67.30
C TYR Z 78 76.07 69.35 67.53
N LEU Z 79 75.57 70.58 67.37
CA LEU Z 79 76.33 71.75 67.77
C LEU Z 79 76.61 71.70 69.28
N ARG Z 80 77.88 71.80 69.67
CA ARG Z 80 78.25 71.75 71.08
C ARG Z 80 78.36 73.16 71.65
N ASP Z 81 78.63 73.27 72.94
CA ASP Z 81 78.70 74.57 73.61
C ASP Z 81 79.96 75.34 73.22
N TRP Z 82 81.07 74.62 73.05
CA TRP Z 82 82.35 75.29 72.80
C TRP Z 82 82.42 75.93 71.43
N THR Z 83 81.65 75.41 70.48
CA THR Z 83 81.60 76.01 69.14
C THR Z 83 80.81 77.32 69.15
N ILE Z 84 79.66 77.28 69.80
CA ILE Z 84 78.85 78.48 70.04
C ILE Z 84 79.71 79.54 70.72
N HIS Z 85 80.44 79.09 71.74
CA HIS Z 85 81.37 79.92 72.50
C HIS Z 85 82.43 80.57 71.62
N THR Z 86 83.06 79.75 70.78
CA THR Z 86 84.01 80.26 69.80
C THR Z 86 83.41 81.38 68.98
N TRP Z 87 82.20 81.17 68.49
CA TRP Z 87 81.59 82.17 67.61
C TRP Z 87 81.30 83.48 68.36
N ILE Z 88 80.76 83.37 69.57
CA ILE Z 88 80.54 84.55 70.40
C ILE Z 88 81.85 85.33 70.65
N ARG Z 89 82.90 84.62 71.05
CA ARG Z 89 84.21 85.23 71.31
C ARG Z 89 84.83 85.88 70.07
N GLN Z 90 84.62 85.27 68.91
CA GLN Z 90 85.10 85.83 67.64
C GLN Z 90 84.38 87.16 67.36
N CYS Z 91 83.06 87.17 67.59
CA CYS Z 91 82.32 88.43 67.50
C CYS Z 91 82.85 89.46 68.51
N LEU Z 92 83.23 89.01 69.70
CA LEU Z 92 83.84 89.90 70.70
C LEU Z 92 85.16 90.49 70.22
N LYS Z 93 85.92 89.69 69.47
CA LYS Z 93 87.13 90.16 68.81
C LYS Z 93 86.81 91.25 67.79
N TYR Z 94 85.68 91.14 67.08
CA TYR Z 94 85.44 92.16 66.05
C TYR Z 94 84.45 93.27 66.42
N GLY Z 95 83.15 93.06 66.19
CA GLY Z 95 82.18 94.04 66.62
C GLY Z 95 81.33 93.68 67.84
N ALA Z 96 81.00 92.39 67.97
CA ALA Z 96 80.28 91.82 69.11
C ALA Z 96 78.84 92.35 69.34
N GLN Z 97 78.54 93.54 68.82
CA GLN Z 97 77.27 94.21 69.15
C GLN Z 97 76.19 94.07 68.05
N ASP Z 98 76.54 93.44 66.93
CA ASP Z 98 75.64 93.35 65.78
C ASP Z 98 75.26 91.92 65.41
N LYS Z 99 76.27 91.15 65.02
CA LYS Z 99 76.06 89.81 64.46
C LYS Z 99 75.62 88.78 65.51
N ALA Z 100 76.17 88.87 66.73
CA ALA Z 100 75.76 87.97 67.80
C ALA Z 100 74.29 88.21 68.15
N LEU Z 101 73.90 89.49 68.19
CA LEU Z 101 72.51 89.88 68.43
C LEU Z 101 71.59 89.43 67.28
N TYR Z 102 72.13 89.45 66.06
CA TYR Z 102 71.35 89.06 64.88
C TYR Z 102 71.14 87.56 64.82
N THR Z 103 72.13 86.78 65.24
CA THR Z 103 72.00 85.32 65.27
C THR Z 103 71.21 84.86 66.50
N LEU Z 104 71.17 85.69 67.54
CA LEU Z 104 70.29 85.41 68.68
C LEU Z 104 68.84 85.73 68.37
N LYS Z 105 68.58 86.87 67.70
CA LYS Z 105 67.21 87.25 67.32
C LYS Z 105 66.69 86.36 66.19
N ASN Z 106 67.58 85.93 65.31
CA ASN Z 106 67.22 84.93 64.32
C ASN Z 106 66.95 83.60 65.00
N LYS Z 107 67.76 83.28 66.02
CA LYS Z 107 67.50 82.10 66.84
C LYS Z 107 67.46 80.88 65.94
N VAL Z 108 66.23 80.44 65.69
CA VAL Z 108 65.88 79.21 64.98
C VAL Z 108 66.71 78.88 63.75
N GLN Z 109 67.02 79.89 62.94
CA GLN Z 109 67.78 79.65 61.71
C GLN Z 109 69.22 79.20 61.97
N TYR Z 110 69.95 79.99 62.75
CA TYR Z 110 71.37 79.73 63.00
C TYR Z 110 71.61 78.69 64.07
N GLY Z 111 70.69 78.60 65.03
CA GLY Z 111 70.74 77.56 66.04
C GLY Z 111 71.92 77.68 66.97
N ILE Z 112 72.21 78.89 67.42
CA ILE Z 112 73.27 79.08 68.40
C ILE Z 112 72.81 78.62 69.79
N PHE Z 113 71.66 79.13 70.23
CA PHE Z 113 71.08 78.81 71.55
C PHE Z 113 72.11 78.61 72.66
N PRO Z 114 72.83 79.69 73.04
CA PRO Z 114 73.82 79.61 74.10
C PRO Z 114 73.21 79.68 75.49
N ASP Z 115 72.69 78.57 76.00
CA ASP Z 115 72.10 78.59 77.33
C ASP Z 115 73.28 78.29 78.26
N ASN Z 116 73.74 79.33 78.95
CA ASN Z 116 75.07 79.33 79.57
C ASN Z 116 75.44 80.66 80.22
N TYR Z 117 76.65 80.69 80.79
CA TYR Z 117 77.29 81.91 81.24
C TYR Z 117 77.63 82.86 80.07
N THR Z 118 77.57 82.34 78.85
CA THR Z 118 77.85 83.14 77.65
C THR Z 118 76.92 84.34 77.51
N PHE Z 119 75.66 84.13 77.88
CA PHE Z 119 74.68 85.22 77.89
C PHE Z 119 75.13 86.32 78.84
N ASN Z 120 75.56 85.91 80.04
CA ASN Z 120 76.13 86.81 81.03
C ASN Z 120 77.30 87.61 80.43
N LEU Z 121 78.17 86.89 79.73
CA LEU Z 121 79.35 87.47 79.07
C LEU Z 121 78.97 88.57 78.06
N LEU Z 122 78.11 88.21 77.12
CA LEU Z 122 77.59 89.16 76.14
C LEU Z 122 76.99 90.39 76.82
N MET Z 123 76.16 90.14 77.83
CA MET Z 123 75.50 91.23 78.56
C MET Z 123 76.50 92.18 79.19
N ASP Z 124 77.55 91.63 79.80
CA ASP Z 124 78.61 92.45 80.39
C ASP Z 124 79.33 93.29 79.34
N TYR Z 125 79.64 92.67 78.19
CA TYR Z 125 80.29 93.39 77.09
C TYR Z 125 79.37 94.46 76.49
N PHE Z 126 78.08 94.37 76.77
CA PHE Z 126 77.18 95.48 76.47
C PHE Z 126 77.28 96.56 77.54
N ILE Z 127 77.20 96.17 78.82
CA ILE Z 127 77.24 97.14 79.92
C ILE Z 127 78.47 98.05 79.88
N LYS Z 128 79.65 97.45 79.69
CA LYS Z 128 80.92 98.21 79.59
C LYS Z 128 80.83 99.34 78.56
N LYS Z 129 80.33 99.00 77.38
CA LYS Z 129 80.32 99.85 76.19
C LYS Z 129 79.03 100.67 76.00
N GLU Z 130 78.20 100.72 77.04
CA GLU Z 130 76.82 101.26 76.98
C GLU Z 130 75.92 100.39 76.09
N ASN Z 131 75.39 100.96 75.01
CA ASN Z 131 74.53 100.19 74.10
C ASN Z 131 73.34 99.56 74.83
N TYR Z 132 72.36 100.40 75.17
CA TYR Z 132 71.23 99.95 75.99
C TYR Z 132 70.22 99.10 75.20
N LYS Z 133 69.61 99.67 74.16
CA LYS Z 133 68.54 98.99 73.41
C LYS Z 133 68.90 97.56 72.97
N ASP Z 134 70.11 97.36 72.48
CA ASP Z 134 70.50 96.03 72.01
C ASP Z 134 70.66 95.05 73.19
N ALA Z 135 71.15 95.56 74.32
CA ALA Z 135 71.22 94.78 75.55
C ALA Z 135 69.82 94.41 76.03
N LEU Z 136 68.86 95.28 75.76
CA LEU Z 136 67.44 95.05 76.09
C LEU Z 136 66.86 93.90 75.27
N SER Z 137 67.03 93.99 73.95
CA SER Z 137 66.59 92.91 73.07
C SER Z 137 67.21 91.60 73.54
N VAL Z 138 68.53 91.59 73.78
CA VAL Z 138 69.20 90.37 74.26
C VAL Z 138 68.60 89.86 75.58
N VAL Z 139 68.23 90.77 76.47
CA VAL Z 139 67.47 90.39 77.66
C VAL Z 139 66.20 89.62 77.28
N PHE Z 140 65.43 90.18 76.34
CA PHE Z 140 64.20 89.55 75.87
C PHE Z 140 64.44 88.15 75.32
N GLU Z 141 65.54 87.94 74.60
CA GLU Z 141 65.81 86.63 74.00
C GLU Z 141 66.30 85.60 75.04
N ILE Z 142 67.06 86.08 76.02
CA ILE Z 142 67.45 85.25 77.16
C ILE Z 142 66.21 84.82 77.98
N MET Z 143 65.19 85.69 78.03
CA MET Z 143 63.92 85.35 78.68
C MET Z 143 63.08 84.37 77.85
N MET Z 144 63.07 84.57 76.53
CA MET Z 144 62.35 83.70 75.61
C MET Z 144 62.90 82.28 75.67
N GLN Z 145 64.21 82.14 75.83
CA GLN Z 145 64.79 80.80 75.97
C GLN Z 145 64.72 80.29 77.40
N GLU Z 146 64.14 81.11 78.28
CA GLU Z 146 64.03 80.86 79.73
C GLU Z 146 65.31 80.26 80.28
N ALA Z 147 66.34 81.10 80.27
CA ALA Z 147 67.73 80.66 80.44
C ALA Z 147 68.29 80.76 81.87
N PHE Z 148 67.48 81.10 82.86
CA PHE Z 148 68.09 81.44 84.14
C PHE Z 148 68.11 80.30 85.16
N GLU Z 149 69.23 79.59 85.20
CA GLU Z 149 69.69 78.87 86.39
C GLU Z 149 70.87 79.63 87.00
N VAL Z 150 71.29 80.70 86.32
CA VAL Z 150 72.50 81.48 86.65
C VAL Z 150 72.03 82.85 87.12
N PRO Z 151 72.80 83.54 87.99
CA PRO Z 151 72.11 84.79 88.30
C PRO Z 151 72.37 85.91 87.29
N SER Z 152 72.34 85.55 86.00
CA SER Z 152 72.28 86.52 84.91
C SER Z 152 70.99 87.29 85.11
N THR Z 153 70.05 86.61 85.76
CA THR Z 153 68.78 87.15 86.19
C THR Z 153 69.01 88.51 86.83
N GLN Z 154 69.80 88.56 87.91
CA GLN Z 154 70.02 89.84 88.56
C GLN Z 154 70.63 90.82 87.56
N LEU Z 155 71.63 90.35 86.82
CA LEU Z 155 72.31 91.16 85.80
C LEU Z 155 71.29 91.69 84.80
N LEU Z 156 70.32 90.84 84.47
CA LEU Z 156 69.23 91.22 83.58
C LEU Z 156 68.16 92.01 84.32
N SER Z 157 67.84 91.58 85.55
CA SER Z 157 66.81 92.26 86.34
C SER Z 157 67.25 93.70 86.46
N LEU Z 158 68.52 93.85 86.84
CA LEU Z 158 69.21 95.13 86.83
C LEU Z 158 68.86 95.88 85.57
N TYR Z 159 69.31 95.32 84.44
CA TYR Z 159 69.11 96.00 83.19
C TYR Z 159 67.64 96.33 82.97
N VAL Z 160 66.75 95.37 83.20
CA VAL Z 160 65.35 95.61 82.85
C VAL Z 160 64.87 96.77 83.68
N LEU Z 161 65.26 96.80 84.95
CA LEU Z 161 64.79 97.83 85.85
C LEU Z 161 65.37 99.19 85.45
N TYR Z 162 66.59 99.20 84.87
CA TYR Z 162 67.10 100.44 84.24
C TYR Z 162 66.09 100.92 83.22
N HIS Z 163 65.74 100.02 82.30
CA HIS Z 163 64.78 100.31 81.26
C HIS Z 163 63.44 100.63 81.89
N CYS Z 164 63.16 100.05 83.07
CA CYS Z 164 61.88 100.29 83.74
C CYS Z 164 61.75 101.77 84.10
N LEU Z 165 62.87 102.42 84.43
CA LEU Z 165 62.87 103.86 84.66
C LEU Z 165 62.94 104.60 83.33
N ALA Z 166 63.62 103.99 82.36
CA ALA Z 166 63.78 104.55 81.01
C ALA Z 166 62.46 104.49 80.25
N GLU Z 167 61.44 103.89 80.89
CA GLU Z 167 60.10 103.87 80.32
C GLU Z 167 59.27 105.05 80.78
N LYS Z 168 59.09 106.00 79.87
CA LYS Z 168 57.93 106.88 79.90
C LYS Z 168 57.45 106.94 78.46
N THR Z 169 56.29 106.35 78.22
CA THR Z 169 55.79 106.11 76.86
C THR Z 169 54.44 105.42 77.01
N ASP Z 170 53.63 105.44 75.95
CA ASP Z 170 52.38 104.68 75.94
C ASP Z 170 52.62 103.34 75.24
N LEU Z 171 52.57 102.26 76.02
CA LEU Z 171 52.95 100.93 75.53
C LEU Z 171 51.80 100.25 74.81
N SER Z 172 52.09 99.70 73.63
CA SER Z 172 51.11 98.94 72.87
C SER Z 172 50.99 97.53 73.44
N TRP Z 173 50.25 96.67 72.75
CA TRP Z 173 49.94 95.32 73.24
C TRP Z 173 51.21 94.50 73.42
N GLU Z 174 51.97 94.34 72.33
CA GLU Z 174 53.17 93.52 72.33
C GLU Z 174 54.27 94.06 73.26
N GLU Z 175 54.35 95.38 73.40
CA GLU Z 175 55.34 96.00 74.29
C GLU Z 175 55.02 95.70 75.76
N GLU Z 176 53.75 95.93 76.12
CA GLU Z 176 53.25 95.58 77.46
C GLU Z 176 53.53 94.11 77.79
N ARG Z 177 53.24 93.24 76.82
CA ARG Z 177 53.51 91.79 76.97
C ARG Z 177 54.97 91.52 77.25
N ASN Z 178 55.83 92.00 76.35
CA ASN Z 178 57.28 91.85 76.47
C ASN Z 178 57.77 92.27 77.85
N PHE Z 179 57.30 93.43 78.31
CA PHE Z 179 57.69 93.95 79.61
C PHE Z 179 57.23 93.06 80.75
N GLY Z 180 55.96 92.66 80.70
CA GLY Z 180 55.43 91.75 81.72
C GLY Z 180 56.24 90.48 81.83
N ALA Z 181 56.60 89.91 80.68
CA ALA Z 181 57.37 88.69 80.63
C ALA Z 181 58.79 88.89 81.17
N SER Z 182 59.39 90.03 80.83
CA SER Z 182 60.75 90.33 81.28
C SER Z 182 60.79 90.70 82.77
N LEU Z 183 59.64 91.05 83.34
CA LEU Z 183 59.52 91.24 84.79
C LEU Z 183 59.32 89.91 85.51
N LEU Z 184 58.49 89.06 84.91
CA LEU Z 184 58.07 87.82 85.55
C LEU Z 184 59.14 86.73 85.49
N LEU Z 185 59.47 86.29 84.28
CA LEU Z 185 60.38 85.17 84.11
C LEU Z 185 61.79 85.45 84.66
N PRO Z 186 62.35 86.64 84.37
CA PRO Z 186 63.59 86.95 85.08
C PRO Z 186 63.41 87.02 86.61
N GLY Z 187 62.40 87.70 87.15
CA GLY Z 187 62.30 87.69 88.60
C GLY Z 187 61.89 86.31 89.11
N LEU Z 188 62.87 85.60 89.66
CA LEU Z 188 62.68 84.40 90.46
C LEU Z 188 63.00 84.69 91.94
N LYS Z 189 63.38 85.93 92.25
CA LYS Z 189 64.21 86.22 93.42
C LYS Z 189 63.45 86.19 94.75
N GLN Z 190 63.85 85.24 95.60
CA GLN Z 190 63.34 85.07 96.95
C GLN Z 190 64.21 85.79 97.98
N LYS Z 191 65.39 86.24 97.54
CA LYS Z 191 66.37 86.83 98.43
C LYS Z 191 65.94 88.24 98.86
N ASN Z 192 65.19 88.90 97.99
CA ASN Z 192 64.87 90.31 98.18
C ASN Z 192 63.40 90.66 97.96
N SER Z 193 63.04 91.87 98.37
CA SER Z 193 61.72 92.41 98.08
C SER Z 193 61.59 92.81 96.62
N VAL Z 194 62.68 93.30 96.03
CA VAL Z 194 62.68 93.81 94.66
C VAL Z 194 62.27 92.75 93.63
N GLY Z 195 62.76 91.52 93.80
CA GLY Z 195 62.36 90.42 92.94
C GLY Z 195 60.86 90.20 93.00
N LEU Z 196 60.33 90.26 94.22
CA LEU Z 196 58.91 90.04 94.49
C LEU Z 196 58.01 91.15 93.94
N SER Z 197 58.42 92.40 94.09
CA SER Z 197 57.62 93.53 93.62
C SER Z 197 57.77 93.71 92.10
N SER Z 198 58.86 93.18 91.52
CA SER Z 198 59.00 93.14 90.05
C SER Z 198 58.12 92.02 89.50
N GLN Z 199 57.97 90.95 90.27
CA GLN Z 199 56.96 89.94 89.98
C GLN Z 199 55.58 90.59 89.97
N LEU Z 200 55.30 91.42 90.98
CA LEU Z 200 54.01 92.15 91.04
C LEU Z 200 53.78 93.04 89.82
N TYR Z 201 54.80 93.81 89.47
CA TYR Z 201 54.83 94.62 88.25
C TYR Z 201 54.42 93.78 87.03
N GLY Z 202 55.17 92.73 86.76
CA GLY Z 202 54.88 91.83 85.65
C GLY Z 202 53.46 91.27 85.63
N TYR Z 203 53.05 90.65 86.74
CA TYR Z 203 51.71 90.06 86.84
C TYR Z 203 50.64 91.13 86.55
N ALA Z 204 50.91 92.34 87.02
CA ALA Z 204 50.01 93.48 86.79
C ALA Z 204 49.90 93.84 85.30
N LEU Z 205 51.05 94.05 84.67
CA LEU Z 205 51.11 94.37 83.24
C LEU Z 205 50.40 93.33 82.38
N LEU Z 206 50.74 92.08 82.61
CA LEU Z 206 50.10 90.98 81.91
C LEU Z 206 48.60 90.94 82.20
N GLY Z 207 48.21 91.31 83.42
CA GLY Z 207 46.80 91.41 83.78
C GLY Z 207 46.08 92.45 82.94
N LYS Z 208 46.75 93.58 82.69
CA LYS Z 208 46.24 94.61 81.78
C LYS Z 208 46.09 94.04 80.38
N VAL Z 209 47.12 93.35 79.91
CA VAL Z 209 47.08 92.69 78.61
C VAL Z 209 45.84 91.79 78.47
N GLU Z 210 45.59 91.00 79.50
CA GLU Z 210 44.44 90.10 79.54
C GLU Z 210 43.11 90.83 79.48
N LEU Z 211 42.91 91.74 80.42
CA LEU Z 211 41.61 92.43 80.53
C LEU Z 211 41.31 93.30 79.31
N GLN Z 212 42.34 93.89 78.70
CA GLN Z 212 42.14 94.79 77.57
C GLN Z 212 41.87 94.08 76.24
N GLN Z 213 42.68 93.06 75.92
CA GLN Z 213 42.57 92.38 74.63
C GLN Z 213 42.09 90.94 74.74
N GLY Z 214 42.98 90.05 75.18
CA GLY Z 214 42.63 88.66 75.34
C GLY Z 214 43.69 87.87 76.08
N LEU Z 215 43.27 86.77 76.69
CA LEU Z 215 44.17 85.89 77.41
C LEU Z 215 45.18 85.27 76.44
N ARG Z 216 44.71 85.06 75.21
CA ARG Z 216 45.53 84.44 74.17
C ARG Z 216 46.69 85.33 73.76
N ALA Z 217 46.50 86.64 73.89
CA ALA Z 217 47.52 87.62 73.56
C ALA Z 217 48.74 87.41 74.45
N VAL Z 218 48.50 86.93 75.68
CA VAL Z 218 49.54 86.79 76.68
C VAL Z 218 50.49 85.62 76.39
N TYR Z 219 49.94 84.41 76.43
CA TYR Z 219 50.75 83.20 76.40
C TYR Z 219 51.17 82.76 75.00
N CYS Z 220 50.76 83.53 73.99
CA CYS Z 220 50.81 83.08 72.59
C CYS Z 220 52.17 82.47 72.21
N ASN Z 221 53.20 83.30 72.10
CA ASN Z 221 54.54 82.80 71.88
C ASN Z 221 55.40 82.76 73.15
N MET Z 222 54.87 83.28 74.25
CA MET Z 222 55.67 83.50 75.45
C MET Z 222 55.67 82.26 76.36
N PRO Z 223 56.77 82.03 77.10
CA PRO Z 223 56.78 81.00 78.15
C PRO Z 223 55.97 81.42 79.37
N LEU Z 224 54.66 81.52 79.15
CA LEU Z 224 53.68 81.87 80.18
C LEU Z 224 52.58 80.82 80.19
N LEU Z 225 51.71 80.84 81.21
CA LEU Z 225 50.63 79.85 81.28
C LEU Z 225 49.26 80.40 80.87
N TRP Z 226 48.51 79.56 80.17
CA TRP Z 226 47.18 79.88 79.61
C TRP Z 226 46.11 80.07 80.68
N GLN Z 227 46.41 79.67 81.91
CA GLN Z 227 45.46 79.79 83.00
C GLN Z 227 45.13 81.27 83.24
N PRO Z 228 43.83 81.59 83.35
CA PRO Z 228 43.33 82.97 83.36
C PRO Z 228 43.77 83.81 84.55
N GLY Z 229 43.93 83.22 85.74
CA GLY Z 229 44.34 83.99 86.91
C GLY Z 229 45.76 84.51 86.84
N TYR Z 230 45.90 85.83 86.86
CA TYR Z 230 47.20 86.50 86.88
C TYR Z 230 47.22 87.56 87.98
N LEU Z 231 46.32 88.52 87.88
CA LEU Z 231 46.09 89.48 88.95
C LEU Z 231 46.00 88.77 90.30
N HIS Z 232 45.35 87.61 90.30
CA HIS Z 232 45.25 86.78 91.49
C HIS Z 232 46.59 86.26 91.99
N ARG Z 233 47.51 85.97 91.06
CA ARG Z 233 48.86 85.53 91.43
C ARG Z 233 49.66 86.66 92.09
N ALA Z 234 49.54 87.87 91.53
CA ALA Z 234 50.13 89.07 92.12
C ALA Z 234 49.59 89.32 93.53
N LEU Z 235 48.26 89.34 93.66
CA LEU Z 235 47.62 89.54 94.96
C LEU Z 235 47.97 88.41 95.93
N GLN Z 236 48.35 87.23 95.41
CA GLN Z 236 48.83 86.14 96.24
C GLN Z 236 50.23 86.45 96.79
N VAL Z 237 51.08 87.00 95.93
CA VAL Z 237 52.40 87.45 96.36
C VAL Z 237 52.27 88.59 97.41
N MET Z 238 51.22 89.39 97.29
CA MET Z 238 50.92 90.43 98.29
C MET Z 238 50.29 89.84 99.55
N GLU Z 239 49.74 88.62 99.44
CA GLU Z 239 49.23 87.89 100.60
C GLU Z 239 50.35 87.18 101.36
N LYS Z 240 51.45 86.89 100.67
CA LYS Z 240 52.62 86.27 101.30
C LYS Z 240 53.27 87.19 102.34
N VAL Z 241 52.86 88.44 102.35
CA VAL Z 241 53.47 89.47 103.20
C VAL Z 241 52.99 89.42 104.66
N ALA Z 242 51.92 88.66 104.93
CA ALA Z 242 51.45 88.47 106.30
C ALA Z 242 52.53 87.82 107.16
N SER Z 243 53.16 86.78 106.60
CA SER Z 243 54.25 86.09 107.29
C SER Z 243 55.69 86.54 106.94
N SER Z 244 55.84 87.40 105.93
CA SER Z 244 57.16 87.77 105.38
C SER Z 244 57.47 89.28 105.44
N PRO Z 245 58.77 89.63 105.57
CA PRO Z 245 59.20 91.01 105.80
C PRO Z 245 59.01 92.07 104.69
N GLU Z 246 59.32 91.75 103.45
CA GLU Z 246 59.64 92.82 102.48
C GLU Z 246 58.86 92.87 101.16
N ASP Z 247 58.58 94.09 100.71
CA ASP Z 247 58.09 94.39 99.36
C ASP Z 247 58.71 95.70 98.83
N GLY Z 248 58.95 95.78 97.52
CA GLY Z 248 59.54 97.00 96.96
C GLY Z 248 58.84 97.93 95.94
N GLN Z 249 57.51 97.93 95.72
CA GLN Z 249 56.33 98.19 96.60
C GLN Z 249 55.99 99.68 96.44
N LEU Z 250 56.90 100.43 95.83
CA LEU Z 250 56.55 101.77 95.34
C LEU Z 250 56.00 101.65 93.92
N CYS Z 251 56.67 100.83 93.13
CA CYS Z 251 56.31 100.60 91.73
C CYS Z 251 55.14 99.60 91.62
N GLY Z 252 55.02 98.76 92.64
CA GLY Z 252 53.86 97.91 92.77
C GLY Z 252 52.66 98.83 92.90
N GLU Z 253 52.78 99.79 93.81
CA GLU Z 253 51.78 100.83 94.00
C GLU Z 253 51.46 101.55 92.70
N ALA Z 254 52.49 102.16 92.09
CA ALA Z 254 52.30 103.00 90.90
C ALA Z 254 51.65 102.25 89.74
N LEU Z 255 52.18 101.07 89.42
CA LEU Z 255 51.66 100.32 88.29
C LEU Z 255 50.27 99.74 88.57
N ASP Z 256 50.09 99.12 89.74
CA ASP Z 256 48.77 98.55 90.07
C ASP Z 256 47.73 99.65 90.23
N VAL Z 257 48.19 100.88 90.47
CA VAL Z 257 47.36 102.07 90.45
C VAL Z 257 46.93 102.39 89.00
N LEU Z 258 47.88 102.34 88.06
CA LEU Z 258 47.53 102.52 86.65
C LEU Z 258 46.53 101.45 86.14
N ASP Z 259 46.75 100.21 86.58
CA ASP Z 259 45.84 99.10 86.28
C ASP Z 259 44.45 99.38 86.82
N ARG Z 260 44.36 99.61 88.13
CA ARG Z 260 43.09 99.92 88.79
C ARG Z 260 42.37 101.13 88.15
N VAL Z 261 43.17 102.04 87.59
CA VAL Z 261 42.66 103.27 86.98
C VAL Z 261 42.11 103.02 85.58
N LEU Z 262 42.74 102.13 84.81
CA LEU Z 262 42.22 101.76 83.49
C LEU Z 262 41.01 100.82 83.60
N LYS Z 263 41.03 99.96 84.62
CA LYS Z 263 39.90 99.07 84.90
C LYS Z 263 38.70 99.84 85.40
N ALA Z 264 38.93 100.83 86.27
CA ALA Z 264 37.89 101.77 86.66
C ALA Z 264 37.35 102.53 85.44
N VAL Z 265 38.21 103.35 84.82
CA VAL Z 265 37.85 104.23 83.68
C VAL Z 265 37.16 103.52 82.51
N THR Z 266 37.55 102.27 82.24
CA THR Z 266 36.89 101.50 81.18
C THR Z 266 35.39 101.28 81.45
N ALA Z 267 35.01 101.11 82.73
CA ALA Z 267 33.62 100.82 83.11
C ALA Z 267 32.59 101.96 82.89
N PRO Z 268 32.78 103.16 83.51
CA PRO Z 268 31.77 104.20 83.25
C PRO Z 268 31.81 104.78 81.84
N ALA Z 269 33.02 104.93 81.28
CA ALA Z 269 33.16 105.47 79.93
C ALA Z 269 33.43 104.36 78.94
N GLN Z 270 32.40 104.01 78.17
CA GLN Z 270 32.47 102.99 77.13
C GLN Z 270 33.04 103.53 75.82
N GLY Z 271 32.70 104.78 75.52
CA GLY Z 271 33.14 105.42 74.29
C GLY Z 271 34.54 106.03 74.38
N THR Z 272 34.99 106.32 75.60
CA THR Z 272 36.35 106.82 75.81
C THR Z 272 37.39 105.70 75.78
N SER Z 273 37.16 104.64 76.56
CA SER Z 273 38.12 103.55 76.72
C SER Z 273 38.12 102.49 75.59
N GLU Z 274 36.94 102.00 75.23
CA GLU Z 274 36.81 100.81 74.38
C GLU Z 274 36.57 101.09 72.89
N GLU Z 275 36.58 102.36 72.49
CA GLU Z 275 36.26 102.77 71.12
C GLU Z 275 37.40 102.56 70.11
N GLN Z 276 38.55 102.10 70.60
CA GLN Z 276 39.79 102.11 69.81
C GLN Z 276 39.96 100.95 68.79
N PRO Z 277 39.19 99.87 68.88
CA PRO Z 277 39.36 98.79 67.91
C PRO Z 277 38.26 98.80 66.83
N GLN Z 278 38.62 99.30 65.65
CA GLN Z 278 37.73 99.37 64.50
C GLN Z 278 38.00 98.33 63.38
N GLU Z 279 39.03 97.50 63.54
CA GLU Z 279 39.65 96.78 62.41
C GLU Z 279 38.67 96.05 61.48
N GLY Z 280 38.13 94.92 61.94
CA GLY Z 280 37.04 94.25 61.24
C GLY Z 280 36.00 93.75 62.24
N GLU Z 281 34.76 94.23 62.16
CA GLU Z 281 33.71 93.78 63.07
C GLU Z 281 33.09 92.43 62.65
N GLU Z 282 32.82 92.27 61.36
CA GLU Z 282 32.16 91.07 60.83
C GLU Z 282 33.10 89.84 60.82
N SER Z 283 34.36 90.06 60.43
CA SER Z 283 35.36 89.00 60.43
C SER Z 283 35.75 88.56 61.86
N GLN Z 284 35.76 89.52 62.80
CA GLN Z 284 36.09 89.21 64.21
C GLN Z 284 34.89 88.58 64.95
N ARG Z 285 33.67 88.93 64.56
CA ARG Z 285 32.48 88.30 65.12
C ARG Z 285 32.25 86.89 64.56
N SER Z 286 32.60 86.68 63.29
CA SER Z 286 32.49 85.37 62.65
C SER Z 286 33.62 84.42 63.06
N GLU Z 287 34.83 84.96 63.18
CA GLU Z 287 36.01 84.17 63.58
C GLU Z 287 36.22 84.18 65.10
N GLU Z 288 35.24 84.74 65.82
CA GLU Z 288 35.27 84.82 67.28
C GLU Z 288 35.47 83.45 67.95
N LEU Z 289 36.49 83.36 68.79
CA LEU Z 289 36.75 82.13 69.55
C LEU Z 289 36.80 82.45 71.04
N VAL Z 290 36.30 81.52 71.85
CA VAL Z 290 36.31 81.71 73.29
C VAL Z 290 37.08 80.61 74.00
N GLU Z 291 38.21 80.97 74.60
CA GLU Z 291 39.02 80.01 75.35
C GLU Z 291 38.38 79.70 76.69
N GLN Z 292 37.63 80.67 77.22
CA GLN Z 292 37.13 80.60 78.58
C GLN Z 292 35.78 79.89 78.64
N LEU Z 293 35.58 79.12 79.71
CA LEU Z 293 34.32 78.42 79.94
C LEU Z 293 33.18 79.37 80.33
N ASP Z 294 31.99 78.81 80.53
CA ASP Z 294 30.83 79.56 81.03
C ASP Z 294 30.81 79.67 82.55
N VAL Z 295 31.41 78.68 83.21
CA VAL Z 295 31.47 78.62 84.66
C VAL Z 295 32.74 79.30 85.19
N GLU Z 296 33.63 79.65 84.28
CA GLU Z 296 34.98 80.05 84.68
C GLU Z 296 35.06 81.42 85.36
N GLU Z 297 33.95 82.17 85.37
CA GLU Z 297 33.91 83.49 86.02
C GLU Z 297 34.92 84.50 85.47
N THR Z 298 34.61 85.07 84.31
CA THR Z 298 35.49 86.00 83.59
C THR Z 298 36.03 87.08 84.53
N GLU Z 299 37.33 87.36 84.42
CA GLU Z 299 38.04 88.29 85.31
C GLU Z 299 37.39 89.67 85.39
N GLN Z 300 36.79 90.10 84.28
CA GLN Z 300 36.11 91.38 84.20
C GLN Z 300 34.94 91.50 85.18
N SER Z 301 34.46 90.37 85.67
CA SER Z 301 33.35 90.37 86.62
C SER Z 301 33.84 90.37 88.07
N LYS Z 302 35.15 90.25 88.25
CA LYS Z 302 35.74 90.24 89.59
C LYS Z 302 36.33 91.61 90.04
N LEU Z 303 36.17 92.64 89.22
CA LEU Z 303 36.74 93.97 89.50
C LEU Z 303 36.45 94.58 90.89
N PRO Z 304 35.23 94.42 91.43
CA PRO Z 304 35.02 94.97 92.77
C PRO Z 304 35.90 94.33 93.87
N GLN Z 305 36.31 93.08 93.69
CA GLN Z 305 37.19 92.43 94.67
C GLN Z 305 38.63 92.94 94.53
N TYR Z 306 39.14 92.97 93.30
CA TYR Z 306 40.51 93.43 93.02
C TYR Z 306 40.80 94.80 93.65
N LEU Z 307 39.98 95.78 93.27
CA LEU Z 307 40.06 97.15 93.79
C LEU Z 307 40.07 97.17 95.30
N GLU Z 308 39.34 96.24 95.92
CA GLU Z 308 39.32 96.15 97.38
C GLU Z 308 40.64 95.63 97.90
N ARG Z 309 41.10 94.52 97.33
CA ARG Z 309 42.32 93.87 97.80
C ARG Z 309 43.52 94.82 97.72
N PHE Z 310 43.75 95.38 96.53
CA PHE Z 310 44.82 96.36 96.36
C PHE Z 310 44.65 97.55 97.32
N GLU Z 311 43.40 97.91 97.65
CA GLU Z 311 43.17 98.96 98.64
C GLU Z 311 43.29 98.44 100.08
N ALA Z 312 42.90 97.19 100.31
CA ALA Z 312 43.09 96.57 101.62
C ALA Z 312 44.56 96.24 101.86
N LEU Z 313 45.14 95.48 100.94
CA LEU Z 313 46.51 95.00 101.07
C LEU Z 313 47.56 96.13 101.14
N ARG Z 314 47.39 97.17 100.31
CA ARG Z 314 48.34 98.29 100.34
C ARG Z 314 48.23 99.05 101.66
N SER Z 315 47.09 98.92 102.34
CA SER Z 315 46.93 99.56 103.64
C SER Z 315 47.64 98.73 104.71
N LYS Z 316 47.65 97.41 104.51
CA LYS Z 316 48.37 96.50 105.41
C LYS Z 316 49.89 96.58 105.24
N LEU Z 317 50.36 96.38 104.01
CA LEU Z 317 51.79 96.28 103.70
C LEU Z 317 52.60 97.46 104.25
N GLN Z 318 52.30 98.66 103.76
CA GLN Z 318 52.91 99.90 104.24
C GLN Z 318 52.83 100.04 105.76
N ALA Z 319 51.73 99.58 106.36
CA ALA Z 319 51.55 99.67 107.81
C ALA Z 319 52.22 98.53 108.57
N LEU Z 320 52.52 97.43 107.88
CA LEU Z 320 53.12 96.25 108.51
C LEU Z 320 54.58 96.07 108.09
N GLY Z 321 54.77 95.71 106.83
CA GLY Z 321 56.10 95.52 106.27
C GLY Z 321 56.92 96.80 106.33
N LYS Z 322 56.26 97.94 106.09
CA LYS Z 322 56.91 99.26 106.09
C LYS Z 322 58.05 99.33 105.08
N VAL Z 323 57.92 98.53 104.02
CA VAL Z 323 59.03 98.29 103.09
C VAL Z 323 59.02 99.22 101.89
N GLU Z 324 58.19 100.26 101.92
CA GLU Z 324 58.09 101.17 100.79
C GLU Z 324 59.46 101.69 100.37
N SER Z 325 59.78 101.42 99.12
CA SER Z 325 61.06 101.81 98.57
C SER Z 325 60.96 103.21 98.00
N GLU Z 326 62.02 103.99 98.12
CA GLU Z 326 62.03 105.37 97.61
C GLU Z 326 62.32 105.36 96.10
N SER Z 327 63.10 104.38 95.63
CA SER Z 327 63.26 104.09 94.20
C SER Z 327 63.51 102.60 93.98
N LEU Z 328 62.87 102.01 92.96
CA LEU Z 328 63.09 100.61 92.63
C LEU Z 328 64.38 100.44 91.85
N LEU Z 329 64.56 101.32 90.87
CA LEU Z 329 65.74 101.38 90.02
C LEU Z 329 67.05 101.30 90.81
N THR Z 330 67.25 102.28 91.68
CA THR Z 330 68.47 102.38 92.47
C THR Z 330 68.63 101.23 93.46
N LEU Z 331 67.58 100.92 94.23
CA LEU Z 331 67.66 99.90 95.27
C LEU Z 331 67.98 98.52 94.67
N SER Z 332 67.34 98.19 93.56
CA SER Z 332 67.67 96.98 92.82
C SER Z 332 69.12 96.98 92.33
N THR Z 333 69.54 98.13 91.79
CA THR Z 333 70.90 98.30 91.30
C THR Z 333 71.93 97.99 92.40
N GLN Z 334 71.70 98.56 93.58
CA GLN Z 334 72.54 98.32 94.75
C GLN Z 334 72.55 96.85 95.18
N LEU Z 335 71.36 96.26 95.20
CA LEU Z 335 71.21 94.84 95.54
C LEU Z 335 72.08 93.95 94.65
N ALA Z 336 71.82 93.97 93.34
CA ALA Z 336 72.53 93.06 92.44
C ALA Z 336 74.02 93.40 92.31
N LYS Z 337 74.37 94.67 92.47
CA LYS Z 337 75.78 95.05 92.50
C LYS Z 337 76.46 94.53 93.78
N ALA Z 338 75.67 94.33 94.83
CA ALA Z 338 76.17 93.75 96.09
C ALA Z 338 76.33 92.23 95.99
N GLN Z 339 75.36 91.57 95.37
CA GLN Z 339 75.38 90.11 95.26
C GLN Z 339 76.29 89.62 94.12
N LEU Z 340 76.66 90.54 93.23
CA LEU Z 340 77.45 90.23 92.03
C LEU Z 340 78.79 89.48 92.28
N PRO Z 341 79.70 90.03 93.12
CA PRO Z 341 81.07 89.49 93.21
C PRO Z 341 81.19 88.03 93.66
N THR Z 342 80.46 87.64 94.71
CA THR Z 342 80.50 86.26 95.19
C THR Z 342 79.99 85.29 94.14
N CYS Z 343 78.96 85.71 93.41
CA CYS Z 343 78.37 84.89 92.35
C CYS Z 343 79.35 84.71 91.18
N GLU Z 344 80.06 85.79 90.83
CA GLU Z 344 81.21 85.70 89.92
C GLU Z 344 82.17 84.62 90.39
N ALA Z 345 82.69 84.80 91.62
CA ALA Z 345 83.62 83.86 92.23
C ALA Z 345 83.14 82.40 92.22
N GLU Z 346 81.82 82.20 92.23
CA GLU Z 346 81.26 80.85 92.09
C GLU Z 346 81.23 80.37 90.63
N ASP Z 347 81.01 81.29 89.69
CA ASP Z 347 80.97 80.93 88.26
C ASP Z 347 82.36 80.60 87.69
N ILE Z 348 83.39 81.30 88.17
CA ILE Z 348 84.75 81.11 87.68
C ILE Z 348 85.22 79.66 87.84
N ALA Z 349 84.82 79.03 88.95
CA ALA Z 349 85.22 77.65 89.25
C ALA Z 349 84.66 76.65 88.25
N VAL Z 350 83.37 76.77 87.96
CA VAL Z 350 82.64 75.88 87.06
C VAL Z 350 83.03 76.06 85.59
N TYR Z 351 82.93 77.31 85.13
CA TYR Z 351 83.15 77.66 83.72
C TYR Z 351 84.51 77.17 83.23
N GLU Z 352 85.48 77.17 84.13
CA GLU Z 352 86.81 76.62 83.85
C GLU Z 352 86.78 75.10 83.57
N GLN Z 353 86.09 74.36 84.43
CA GLN Z 353 85.99 72.90 84.28
C GLN Z 353 85.25 72.53 83.00
N ARG Z 354 84.25 73.33 82.67
CA ARG Z 354 83.61 73.23 81.35
C ARG Z 354 84.64 73.43 80.23
N LEU Z 355 85.48 74.45 80.38
CA LEU Z 355 86.49 74.78 79.36
C LEU Z 355 87.48 73.64 79.10
N GLN Z 356 87.86 72.92 80.15
CA GLN Z 356 88.74 71.76 79.99
C GLN Z 356 87.98 70.56 79.40
N GLN Z 357 86.74 70.36 79.87
CA GLN Z 357 85.85 69.31 79.37
C GLN Z 357 85.68 69.36 77.84
N TRP Z 358 85.37 70.55 77.33
CA TRP Z 358 85.16 70.77 75.89
C TRP Z 358 86.39 70.34 75.08
N HIS Z 359 87.56 70.66 75.61
CA HIS Z 359 88.82 70.27 74.98
C HIS Z 359 88.99 68.75 74.99
N GLY Z 360 88.65 68.11 76.10
CA GLY Z 360 88.66 66.65 76.18
C GLY Z 360 87.81 66.01 75.09
N GLU Z 361 86.61 66.55 74.92
CA GLU Z 361 85.67 66.09 73.89
C GLU Z 361 86.23 66.27 72.46
N ARG Z 362 86.69 67.48 72.13
CA ARG Z 362 87.32 67.73 70.84
C ARG Z 362 88.45 66.74 70.55
N VAL Z 363 89.31 66.54 71.56
CA VAL Z 363 90.41 65.58 71.45
C VAL Z 363 89.93 64.17 71.10
N ARG Z 364 88.98 63.65 71.88
CA ARG Z 364 88.41 62.34 71.62
C ARG Z 364 87.87 62.22 70.19
N LEU Z 365 87.17 63.26 69.74
CA LEU Z 365 86.54 63.26 68.43
C LEU Z 365 87.56 63.28 67.28
N ILE Z 366 88.62 64.06 67.43
CA ILE Z 366 89.69 64.06 66.42
C ILE Z 366 90.36 62.68 66.40
N GLN Z 367 90.54 62.08 67.58
CA GLN Z 367 91.04 60.70 67.68
C GLN Z 367 90.20 59.75 66.86
N ARG Z 368 88.87 59.84 67.01
CA ARG Z 368 87.95 59.00 66.26
C ARG Z 368 88.06 59.24 64.75
N GLU Z 369 88.18 60.51 64.35
CA GLU Z 369 88.40 60.86 62.94
C GLU Z 369 89.63 60.14 62.37
N GLN Z 370 90.75 60.25 63.07
CA GLN Z 370 91.99 59.59 62.67
C GLN Z 370 91.86 58.06 62.59
N GLU Z 371 91.38 57.43 63.67
CA GLU Z 371 91.20 55.97 63.71
C GLU Z 371 90.36 55.48 62.52
N GLN Z 372 89.24 56.16 62.28
CA GLN Z 372 88.40 55.87 61.11
C GLN Z 372 89.17 55.98 59.80
N ARG Z 373 89.85 57.10 59.60
CA ARG Z 373 90.57 57.33 58.34
C ARG Z 373 91.65 56.28 58.10
N GLU Z 374 92.34 55.88 59.17
CA GLU Z 374 93.38 54.86 59.08
C GLU Z 374 92.80 53.48 58.76
N ARG Z 375 91.69 53.13 59.40
CA ARG Z 375 90.99 51.87 59.08
C ARG Z 375 90.56 51.85 57.61
N ALA Z 376 90.00 52.96 57.14
CA ALA Z 376 89.54 53.09 55.76
C ALA Z 376 90.70 52.99 54.76
N ARG Z 377 91.85 53.54 55.13
CA ARG Z 377 93.06 53.44 54.31
C ARG Z 377 93.64 52.01 54.28
N GLN Z 378 93.59 51.32 55.41
CA GLN Z 378 94.06 49.93 55.49
C GLN Z 378 93.19 48.97 54.67
N ASP Z 379 91.86 49.12 54.79
CA ASP Z 379 90.95 48.30 53.99
C ASP Z 379 91.03 48.67 52.50
N TYR Z 380 91.28 49.95 52.22
CA TYR Z 380 91.48 50.40 50.83
C TYR Z 380 92.74 49.80 50.21
N GLU Z 381 93.83 49.74 50.97
CA GLU Z 381 95.06 49.11 50.50
C GLU Z 381 94.87 47.60 50.35
N ALA Z 382 94.10 47.00 51.26
CA ALA Z 382 93.82 45.56 51.21
C ALA Z 382 92.97 45.17 49.99
N ARG Z 383 92.02 46.04 49.61
CA ARG Z 383 91.19 45.79 48.41
C ARG Z 383 91.88 46.20 47.10
N ARG Z 384 92.77 47.19 47.16
CA ARG Z 384 93.49 47.67 45.97
C ARG Z 384 94.70 46.79 45.60
N ALA Z 385 95.35 46.19 46.60
CA ALA Z 385 96.49 45.29 46.37
C ALA Z 385 96.04 43.91 45.88
N ALA Z 386 95.03 43.34 46.54
CA ALA Z 386 94.43 42.07 46.12
C ALA Z 386 92.96 42.25 45.81
N LYS Z 387 92.59 42.13 44.52
CA LYS Z 387 91.24 42.46 44.08
C LYS Z 387 90.30 41.26 44.01
N ALA Z 388 89.30 41.22 44.89
CA ALA Z 388 88.20 40.28 44.74
C ALA Z 388 86.84 40.95 44.86
N SER Z 389 86.12 41.05 43.74
CA SER Z 389 84.73 41.54 43.74
C SER Z 389 83.85 40.75 42.76
N ALA Z 390 82.81 40.10 43.28
CA ALA Z 390 81.83 39.29 42.53
C ALA Z 390 82.24 38.90 41.11
N VAL AA 78 4.39 -63.90 37.80
CA VAL AA 78 4.19 -63.16 36.54
C VAL AA 78 5.54 -62.94 35.83
N GLU AA 79 5.52 -63.02 34.51
CA GLU AA 79 6.74 -62.87 33.69
C GLU AA 79 6.98 -61.41 33.31
N SER AA 80 8.12 -60.88 33.73
CA SER AA 80 8.52 -59.52 33.35
C SER AA 80 8.82 -59.49 31.85
N PHE AA 81 8.49 -58.38 31.19
CA PHE AA 81 8.71 -58.29 29.76
C PHE AA 81 10.13 -58.66 29.37
N ALA AA 82 11.09 -58.17 30.15
CA ALA AA 82 12.49 -58.47 29.91
C ALA AA 82 12.70 -59.97 29.82
N SER AA 83 12.09 -60.71 30.74
CA SER AA 83 12.25 -62.16 30.76
C SER AA 83 11.75 -62.78 29.48
N MET AA 84 10.66 -62.25 28.95
CA MET AA 84 10.08 -62.79 27.73
C MET AA 84 11.02 -62.54 26.56
N LEU AA 85 11.41 -61.27 26.42
CA LEU AA 85 12.25 -60.82 25.31
C LEU AA 85 13.54 -61.65 25.27
N ARG AA 86 14.10 -61.92 26.44
CA ARG AA 86 15.39 -62.60 26.50
C ARG AA 86 15.33 -64.02 25.95
N HIS AA 87 14.19 -64.70 26.13
CA HIS AA 87 14.07 -66.10 25.70
C HIS AA 87 13.38 -66.30 24.36
N SER AA 88 12.88 -65.23 23.75
CA SER AA 88 12.09 -65.37 22.53
C SER AA 88 12.93 -65.93 21.38
N PRO AA 89 12.30 -66.60 20.41
CA PRO AA 89 13.07 -67.17 19.30
C PRO AA 89 13.72 -66.11 18.42
N LEU AA 90 13.16 -64.90 18.45
CA LEU AA 90 13.67 -63.80 17.65
C LEU AA 90 14.92 -63.17 18.26
N THR AA 91 15.07 -63.34 19.57
CA THR AA 91 16.29 -62.96 20.23
C THR AA 91 17.31 -64.08 20.09
N GLN AA 92 16.82 -65.31 20.02
CA GLN AA 92 17.71 -66.47 19.95
C GLN AA 92 18.50 -66.49 18.66
N MET AA 93 17.89 -65.95 17.61
CA MET AA 93 18.46 -66.01 16.27
C MET AA 93 19.78 -65.24 16.16
N GLY AA 94 19.90 -64.16 16.92
CA GLY AA 94 21.02 -63.26 16.76
C GLY AA 94 20.84 -62.43 15.50
N PRO AA 95 21.94 -62.16 14.79
CA PRO AA 95 21.84 -61.42 13.52
C PRO AA 95 21.04 -62.24 12.53
N ALA AA 96 20.23 -61.57 11.71
CA ALA AA 96 19.31 -62.28 10.84
C ALA AA 96 19.89 -62.61 9.46
N LYS AA 97 21.15 -62.26 9.24
CA LYS AA 97 21.78 -62.61 7.97
C LYS AA 97 22.00 -64.11 7.86
N ASN AA 98 21.71 -64.65 6.67
CA ASN AA 98 21.90 -66.06 6.33
C ASN AA 98 21.29 -67.02 7.33
N LYS AA 99 20.06 -66.76 7.76
CA LYS AA 99 19.46 -67.72 8.69
C LYS AA 99 18.38 -68.55 8.00
N LEU AA 100 18.43 -69.86 8.15
CA LEU AA 100 17.35 -70.71 7.65
C LEU AA 100 16.12 -70.50 8.51
N VAL AA 101 14.98 -70.23 7.88
CA VAL AA 101 13.75 -69.97 8.62
C VAL AA 101 12.56 -70.67 7.98
N ILE AA 102 11.46 -70.76 8.74
CA ILE AA 102 10.20 -71.31 8.24
C ILE AA 102 9.21 -70.20 8.05
N GLY AA 103 8.49 -70.19 6.93
CA GLY AA 103 7.57 -69.11 6.67
C GLY AA 103 6.35 -69.62 5.96
N GLN AA 104 5.31 -68.82 5.95
CA GLN AA 104 4.03 -69.30 5.48
C GLN AA 104 3.41 -68.29 4.53
N ILE AA 105 2.83 -68.78 3.45
CA ILE AA 105 2.37 -67.89 2.39
C ILE AA 105 0.96 -67.40 2.66
N PHE AA 106 0.79 -66.11 2.94
CA PHE AA 106 -0.55 -65.60 3.21
C PHE AA 106 -1.23 -64.86 2.05
N HIS AA 107 -0.51 -64.63 0.96
CA HIS AA 107 -1.11 -63.91 -0.16
C HIS AA 107 -0.41 -64.21 -1.46
N ILE AA 108 -1.14 -64.20 -2.57
CA ILE AA 108 -0.54 -64.45 -3.87
C ILE AA 108 -1.07 -63.50 -4.92
N VAL AA 109 -0.14 -62.96 -5.70
CA VAL AA 109 -0.42 -62.32 -6.96
C VAL AA 109 0.43 -63.13 -7.92
N GLU AA 110 0.26 -62.97 -9.23
CA GLU AA 110 0.53 -64.06 -10.18
C GLU AA 110 1.74 -64.92 -9.86
N ASP AA 111 2.94 -64.36 -9.96
CA ASP AA 111 4.14 -65.11 -9.58
C ASP AA 111 4.66 -64.73 -8.18
N ASP AA 112 3.99 -63.77 -7.55
CA ASP AA 112 4.49 -63.18 -6.30
C ASP AA 112 3.89 -63.82 -5.05
N LEU AA 113 4.74 -64.44 -4.26
CA LEU AA 113 4.30 -65.03 -3.02
C LEU AA 113 4.61 -64.10 -1.87
N TYR AA 114 3.58 -63.76 -1.11
CA TYR AA 114 3.76 -62.95 0.07
C TYR AA 114 3.90 -63.85 1.29
N ILE AA 115 5.11 -63.90 1.81
CA ILE AA 115 5.45 -64.86 2.83
C ILE AA 115 5.64 -64.23 4.19
N ASP AA 116 4.86 -64.67 5.16
CA ASP AA 116 5.06 -64.23 6.54
C ASP AA 116 5.97 -65.23 7.24
N PHE AA 117 7.18 -64.82 7.59
CA PHE AA 117 8.07 -65.72 8.30
C PHE AA 117 8.05 -65.45 9.81
N GLY AA 118 7.16 -64.56 10.21
CA GLY AA 118 6.92 -64.36 11.61
C GLY AA 118 7.66 -63.20 12.22
N GLY AA 119 8.59 -62.56 11.51
CA GLY AA 119 9.27 -61.47 12.16
C GLY AA 119 8.55 -60.13 12.33
N LYS AA 120 8.50 -59.29 11.30
CA LYS AA 120 7.73 -58.05 11.39
C LYS AA 120 7.05 -57.81 10.08
N PHE AA 121 7.87 -57.55 9.08
CA PHE AA 121 7.39 -57.40 7.72
C PHE AA 121 7.40 -58.72 6.99
N HIS AA 122 6.41 -58.92 6.14
CA HIS AA 122 6.42 -60.05 5.23
C HIS AA 122 7.55 -59.87 4.25
N CYS AA 123 8.01 -60.96 3.65
CA CYS AA 123 8.85 -60.82 2.47
C CYS AA 123 8.02 -61.19 1.26
N VAL AA 124 8.60 -61.03 0.07
CA VAL AA 124 7.89 -61.41 -1.15
C VAL AA 124 8.87 -62.10 -2.08
N CYS AA 125 8.56 -63.33 -2.47
CA CYS AA 125 9.47 -64.10 -3.34
C CYS AA 125 8.74 -64.55 -4.58
N LYS AA 126 9.48 -64.93 -5.62
CA LYS AA 126 8.81 -65.39 -6.81
C LYS AA 126 8.63 -66.90 -6.84
N ARG AA 127 7.42 -67.31 -7.24
CA ARG AA 127 7.07 -68.70 -7.43
C ARG AA 127 8.09 -69.40 -8.33
N PRO AA 128 8.71 -70.46 -7.82
CA PRO AA 128 9.77 -71.15 -8.55
C PRO AA 128 9.21 -71.93 -9.73
N GLU AA 129 10.07 -72.39 -10.62
CA GLU AA 129 9.62 -73.17 -11.77
C GLU AA 129 9.26 -74.62 -11.41
N VAL AA 130 10.03 -75.18 -10.48
CA VAL AA 130 9.83 -76.57 -10.04
C VAL AA 130 8.66 -76.68 -9.06
N ASP AA 131 7.67 -77.51 -9.41
CA ASP AA 131 6.45 -77.66 -8.62
C ASP AA 131 5.78 -76.33 -8.32
N GLY AA 132 5.40 -75.61 -9.36
CA GLY AA 132 4.87 -74.27 -9.18
C GLY AA 132 3.52 -74.23 -8.50
N GLU AA 133 2.74 -75.28 -8.72
CA GLU AA 133 1.36 -75.30 -8.28
C GLU AA 133 1.23 -75.78 -6.83
N LYS AA 134 2.34 -76.19 -6.24
CA LYS AA 134 2.33 -76.66 -4.87
C LYS AA 134 2.34 -75.50 -3.89
N TYR AA 135 2.59 -74.30 -4.40
CA TYR AA 135 2.64 -73.11 -3.56
C TYR AA 135 1.27 -72.42 -3.54
N GLN AA 136 0.58 -72.49 -2.41
CA GLN AA 136 -0.76 -71.93 -2.29
C GLN AA 136 -0.89 -71.19 -0.98
N LYS AA 137 -1.84 -70.26 -0.92
CA LYS AA 137 -2.08 -69.51 0.29
C LYS AA 137 -2.30 -70.52 1.42
N GLY AA 138 -1.51 -70.42 2.47
CA GLY AA 138 -1.54 -71.38 3.56
C GLY AA 138 -0.36 -72.34 3.60
N THR AA 139 0.34 -72.47 2.48
CA THR AA 139 1.50 -73.37 2.38
C THR AA 139 2.62 -72.94 3.34
N ARG AA 140 3.52 -73.85 3.68
CA ARG AA 140 4.72 -73.48 4.44
C ARG AA 140 5.98 -73.74 3.63
N VAL AA 141 6.96 -72.83 3.75
CA VAL AA 141 8.17 -72.83 2.93
C VAL AA 141 9.44 -72.53 3.72
N ARG AA 142 10.58 -72.93 3.17
CA ARG AA 142 11.85 -72.67 3.81
C ARG AA 142 12.53 -71.45 3.18
N LEU AA 143 12.97 -70.52 4.03
CA LEU AA 143 13.57 -69.27 3.56
C LEU AA 143 14.99 -69.11 4.05
N ARG AA 144 15.82 -68.40 3.28
CA ARG AA 144 17.10 -67.96 3.80
C ARG AA 144 17.03 -66.46 4.01
N LEU AA 145 16.96 -66.05 5.26
CA LEU AA 145 16.86 -64.65 5.60
C LEU AA 145 18.17 -63.93 5.37
N LEU AA 146 18.07 -62.82 4.64
CA LEU AA 146 19.14 -61.86 4.42
C LEU AA 146 19.00 -60.67 5.36
N ASP AA 147 17.93 -59.91 5.21
CA ASP AA 147 17.70 -58.73 6.05
C ASP AA 147 16.28 -58.67 6.60
N LEU AA 148 16.19 -58.31 7.86
CA LEU AA 148 14.91 -58.34 8.55
C LEU AA 148 14.00 -57.23 8.05
N GLU AA 149 14.60 -56.11 7.66
CA GLU AA 149 13.88 -55.01 7.04
C GLU AA 149 14.82 -54.30 6.08
N LEU AA 150 14.32 -53.98 4.89
CA LEU AA 150 15.14 -53.33 3.88
C LEU AA 150 15.01 -51.86 4.03
N THR AA 151 16.14 -51.23 4.32
CA THR AA 151 16.16 -49.88 4.81
C THR AA 151 17.48 -49.27 4.36
N SER AA 152 17.48 -47.99 4.01
CA SER AA 152 18.73 -47.29 3.76
C SER AA 152 18.55 -45.81 3.87
N ARG AA 153 19.65 -45.10 4.06
CA ARG AA 153 19.60 -43.65 4.04
C ARG AA 153 20.13 -43.18 2.72
N PHE AA 154 19.46 -42.18 2.16
CA PHE AA 154 19.85 -41.67 0.87
C PHE AA 154 20.25 -40.21 0.95
N LEU AA 155 20.99 -39.78 -0.06
CA LEU AA 155 21.62 -38.48 -0.03
C LEU AA 155 20.63 -37.34 0.20
N GLY AA 156 20.85 -36.58 1.28
CA GLY AA 156 19.98 -35.48 1.63
C GLY AA 156 18.78 -35.73 2.54
N ALA AA 157 18.63 -36.97 3.01
CA ALA AA 157 17.50 -37.33 3.85
C ALA AA 157 17.84 -37.36 5.33
N THR AA 158 16.92 -36.88 6.16
CA THR AA 158 17.07 -36.91 7.63
C THR AA 158 16.96 -38.30 8.25
N THR AA 159 16.09 -39.15 7.70
CA THR AA 159 15.83 -40.48 8.21
C THR AA 159 16.00 -41.51 7.13
N ASP AA 160 16.01 -42.78 7.50
CA ASP AA 160 16.11 -43.80 6.48
C ASP AA 160 14.78 -43.95 5.76
N THR AA 161 14.81 -44.73 4.68
CA THR AA 161 13.61 -45.00 3.91
C THR AA 161 13.29 -46.46 4.10
N THR AA 162 12.04 -46.74 4.43
CA THR AA 162 11.65 -48.12 4.52
C THR AA 162 10.90 -48.57 3.28
N ILE AA 163 11.28 -49.75 2.84
CA ILE AA 163 10.61 -50.41 1.78
C ILE AA 163 9.39 -51.13 2.35
N LEU AA 164 9.35 -51.21 3.69
CA LEU AA 164 8.37 -52.00 4.46
C LEU AA 164 8.33 -53.49 4.10
N GLU AA 165 9.48 -54.03 3.75
CA GLU AA 165 9.58 -55.43 3.36
C GLU AA 165 10.80 -56.05 3.96
N ALA AA 166 10.88 -57.37 3.85
CA ALA AA 166 12.03 -58.09 4.35
C ALA AA 166 12.70 -58.80 3.19
N ASP AA 167 13.98 -59.10 3.32
CA ASP AA 167 14.71 -59.71 2.23
C ASP AA 167 14.99 -61.17 2.49
N ALA AA 168 14.52 -62.01 1.59
CA ALA AA 168 14.65 -63.44 1.75
C ALA AA 168 14.84 -64.13 0.41
N VAL AA 169 15.41 -65.33 0.49
CA VAL AA 169 15.55 -66.20 -0.65
C VAL AA 169 14.66 -67.43 -0.42
N LEU AA 170 13.79 -67.72 -1.38
CA LEU AA 170 12.91 -68.88 -1.27
C LEU AA 170 13.69 -70.15 -1.63
N LEU AA 171 13.78 -71.08 -0.69
CA LEU AA 171 14.60 -72.28 -0.91
C LEU AA 171 13.81 -73.42 -1.54
N GLY AA 172 12.83 -73.92 -0.80
CA GLY AA 172 11.98 -75.00 -1.23
C GLY AA 172 10.81 -74.96 -0.29
N LEU AA 173 9.94 -75.97 -0.29
CA LEU AA 173 8.83 -75.90 0.64
C LEU AA 173 8.82 -77.01 1.69
N GLN AA 174 9.19 -76.62 2.92
CA GLN AA 174 8.84 -77.33 4.15
C GLN AA 174 8.94 -78.84 4.04
N GLU AA 175 10.12 -79.30 3.63
CA GLU AA 175 10.37 -80.72 3.48
C GLU AA 175 9.99 -81.43 4.78
N SER AA 176 9.08 -82.40 4.67
CA SER AA 176 8.44 -83.00 5.84
C SER AA 176 8.05 -84.45 5.60
N ARG BA 45 -12.95 -66.03 -83.95
CA ARG BA 45 -13.71 -66.93 -84.82
C ARG BA 45 -14.51 -66.13 -85.85
N ALA BA 46 -14.76 -64.86 -85.53
CA ALA BA 46 -15.62 -64.01 -86.35
C ALA BA 46 -14.96 -63.58 -87.65
N ILE BA 47 -15.80 -63.35 -88.67
CA ILE BA 47 -15.34 -62.99 -90.00
C ILE BA 47 -15.25 -61.47 -90.14
N SER BA 48 -14.17 -60.95 -90.72
CA SER BA 48 -14.07 -59.51 -90.94
C SER BA 48 -13.82 -59.10 -92.39
N ARG BA 49 -12.59 -59.22 -92.85
CA ARG BA 49 -12.19 -58.72 -94.17
C ARG BA 49 -12.30 -59.82 -95.23
N THR BA 50 -12.87 -60.96 -94.84
CA THR BA 50 -12.85 -62.19 -95.63
C THR BA 50 -13.86 -62.18 -96.79
N SER BA 51 -14.61 -61.10 -96.92
CA SER BA 51 -15.44 -60.89 -98.09
C SER BA 51 -14.60 -60.64 -99.34
N GLU BA 52 -14.96 -61.29 -100.44
CA GLU BA 52 -14.37 -61.01 -101.73
C GLU BA 52 -15.02 -59.75 -102.29
N ASP BA 53 -14.21 -58.84 -102.83
CA ASP BA 53 -14.69 -57.48 -103.06
C ASP BA 53 -15.31 -57.26 -104.44
N ASP BA 54 -16.63 -57.08 -104.43
CA ASP BA 54 -17.39 -56.76 -105.64
C ASP BA 54 -18.54 -55.80 -105.29
N PRO BA 55 -18.28 -54.48 -105.31
CA PRO BA 55 -19.22 -53.41 -104.90
C PRO BA 55 -20.62 -53.61 -105.48
N ALA BA 56 -20.68 -54.18 -106.68
CA ALA BA 56 -21.94 -54.51 -107.34
C ALA BA 56 -22.53 -55.84 -106.85
N LYS BA 57 -21.67 -56.83 -106.65
CA LYS BA 57 -22.12 -58.20 -106.38
C LYS BA 57 -22.27 -58.52 -104.89
N HIS BA 58 -22.13 -57.49 -104.04
CA HIS BA 58 -22.24 -57.65 -102.59
C HIS BA 58 -23.54 -58.35 -102.16
N ARG BA 59 -23.39 -59.40 -101.37
CA ARG BA 59 -24.50 -60.28 -101.05
C ARG BA 59 -25.08 -59.96 -99.68
N GLU BA 60 -26.40 -60.14 -99.54
CA GLU BA 60 -27.09 -59.85 -98.28
C GLU BA 60 -26.55 -60.65 -97.09
N GLN BA 61 -26.00 -61.84 -97.37
CA GLN BA 61 -25.46 -62.69 -96.32
C GLN BA 61 -23.95 -62.47 -96.12
N HIS BA 62 -23.41 -61.51 -96.86
CA HIS BA 62 -22.04 -61.03 -96.68
C HIS BA 62 -22.04 -59.82 -95.74
N GLU BA 63 -23.20 -59.58 -95.11
CA GLU BA 63 -23.40 -58.46 -94.19
C GLU BA 63 -22.33 -58.36 -93.10
N GLY BA 64 -21.75 -57.18 -92.96
CA GLY BA 64 -20.80 -56.92 -91.90
C GLY BA 64 -19.38 -57.35 -92.19
N GLN BA 65 -19.03 -57.47 -93.47
CA GLN BA 65 -17.67 -57.82 -93.84
C GLN BA 65 -16.99 -56.61 -94.48
N HIS BA 66 -15.67 -56.53 -94.35
CA HIS BA 66 -14.92 -55.40 -94.88
C HIS BA 66 -14.26 -55.73 -96.22
N TYR BA 67 -14.78 -55.16 -97.30
CA TYR BA 67 -14.11 -55.30 -98.58
C TYR BA 67 -12.99 -54.28 -98.68
N ASN BA 68 -11.99 -54.60 -99.50
CA ASN BA 68 -10.77 -53.80 -99.61
C ASN BA 68 -10.79 -52.90 -100.83
N ILE BA 69 -10.18 -51.73 -100.72
CA ILE BA 69 -10.08 -50.83 -101.87
C ILE BA 69 -8.61 -50.42 -102.07
N SER BA 70 -8.22 -50.16 -103.32
CA SER BA 70 -6.85 -49.73 -103.62
C SER BA 70 -6.62 -48.29 -103.19
N LEU BA 71 -5.38 -47.83 -103.27
CA LEU BA 71 -5.06 -46.43 -102.96
C LEU BA 71 -5.33 -45.50 -104.15
N GLN BA 72 -5.00 -45.97 -105.35
CA GLN BA 72 -5.25 -45.23 -106.57
C GLN BA 72 -6.74 -45.21 -106.83
N GLU BA 73 -7.41 -46.26 -106.38
CA GLU BA 73 -8.86 -46.29 -106.32
C GLU BA 73 -9.37 -45.16 -105.43
N LEU BA 74 -8.68 -44.94 -104.31
CA LEU BA 74 -9.03 -43.88 -103.37
C LEU BA 74 -8.78 -42.50 -103.95
N LYS BA 75 -7.77 -42.38 -104.80
CA LYS BA 75 -7.44 -41.11 -105.42
C LYS BA 75 -8.37 -40.76 -106.58
N THR BA 76 -8.80 -41.79 -107.32
CA THR BA 76 -9.71 -41.59 -108.45
C THR BA 76 -11.18 -41.44 -108.04
N VAL BA 77 -11.62 -42.26 -107.09
CA VAL BA 77 -13.03 -42.23 -106.65
C VAL BA 77 -13.33 -41.09 -105.67
N PHE BA 78 -12.41 -40.82 -104.74
CA PHE BA 78 -12.62 -39.76 -103.76
C PHE BA 78 -11.59 -38.65 -103.81
N PRO BA 79 -11.57 -37.87 -104.91
CA PRO BA 79 -10.67 -36.70 -104.93
C PRO BA 79 -11.20 -35.64 -104.00
N HIS BA 80 -12.52 -35.67 -103.85
CA HIS BA 80 -13.22 -34.85 -102.88
C HIS BA 80 -12.93 -35.43 -101.50
N GLY BA 81 -13.52 -34.84 -100.47
CA GLY BA 81 -13.30 -35.30 -99.12
C GLY BA 81 -13.77 -36.71 -98.85
N LEU BA 82 -13.01 -37.41 -98.02
CA LEU BA 82 -13.45 -38.63 -97.36
C LEU BA 82 -13.45 -38.21 -95.89
N PRO BA 83 -14.40 -38.75 -95.08
CA PRO BA 83 -14.49 -38.26 -93.68
C PRO BA 83 -13.17 -38.35 -92.93
N PRO BA 84 -12.73 -37.24 -92.31
CA PRO BA 84 -11.39 -37.10 -91.74
C PRO BA 84 -10.99 -38.26 -90.82
N ARG BA 85 -11.90 -38.70 -89.96
CA ARG BA 85 -11.63 -39.82 -89.07
C ARG BA 85 -11.25 -41.08 -89.87
N PHE BA 86 -12.03 -41.36 -90.91
CA PHE BA 86 -11.75 -42.52 -91.72
C PHE BA 86 -10.48 -42.34 -92.54
N ALA BA 87 -10.19 -41.11 -92.97
CA ALA BA 87 -8.95 -40.82 -93.67
C ALA BA 87 -7.76 -41.17 -92.77
N MET BA 88 -7.89 -40.85 -91.49
CA MET BA 88 -6.92 -41.24 -90.48
C MET BA 88 -6.82 -42.77 -90.41
N GLN BA 89 -7.96 -43.44 -90.43
CA GLN BA 89 -8.00 -44.91 -90.43
C GLN BA 89 -7.13 -45.50 -91.55
N VAL BA 90 -7.41 -45.05 -92.77
CA VAL BA 90 -6.68 -45.49 -93.95
C VAL BA 90 -5.18 -45.21 -93.85
N LYS BA 91 -4.82 -43.94 -93.65
CA LYS BA 91 -3.42 -43.56 -93.60
C LYS BA 91 -2.64 -44.31 -92.52
N THR BA 92 -3.33 -44.66 -91.44
CA THR BA 92 -2.69 -45.39 -90.34
C THR BA 92 -2.49 -46.87 -90.67
N PHE BA 93 -3.49 -47.50 -91.28
CA PHE BA 93 -3.37 -48.93 -91.59
C PHE BA 93 -2.71 -49.24 -92.94
N ASN BA 94 -2.60 -48.22 -93.80
CA ASN BA 94 -2.19 -48.37 -95.20
C ASN BA 94 -3.24 -49.13 -96.03
N GLU BA 95 -4.25 -49.64 -95.34
CA GLU BA 95 -5.34 -50.38 -95.96
C GLU BA 95 -6.64 -49.62 -95.82
N ALA BA 96 -7.34 -49.40 -96.93
CA ALA BA 96 -8.69 -48.87 -96.85
C ALA BA 96 -9.67 -50.03 -96.92
N CYS BA 97 -10.29 -50.32 -95.79
CA CYS BA 97 -11.25 -51.41 -95.68
C CYS BA 97 -12.58 -50.84 -95.24
N LEU BA 98 -13.65 -51.28 -95.89
CA LEU BA 98 -14.96 -50.71 -95.58
C LEU BA 98 -15.97 -51.81 -95.35
N MET BA 99 -16.79 -51.65 -94.32
CA MET BA 99 -17.76 -52.66 -93.96
C MET BA 99 -19.09 -52.44 -94.69
N VAL BA 100 -19.68 -53.55 -95.14
CA VAL BA 100 -20.97 -53.51 -95.83
C VAL BA 100 -22.12 -53.48 -94.83
N ARG BA 101 -22.95 -52.45 -94.93
CA ARG BA 101 -24.06 -52.28 -94.00
C ARG BA 101 -25.41 -52.38 -94.72
N LYS BA 102 -26.46 -52.74 -93.97
CA LYS BA 102 -27.79 -53.00 -94.54
C LYS BA 102 -28.45 -51.83 -95.29
N PRO BA 103 -28.33 -50.59 -94.77
CA PRO BA 103 -28.84 -49.48 -95.59
C PRO BA 103 -28.05 -49.26 -96.89
N ALA BA 104 -26.75 -49.51 -96.89
CA ALA BA 104 -25.94 -49.42 -98.11
C ALA BA 104 -26.37 -50.47 -99.13
N LEU BA 105 -26.61 -51.70 -98.66
CA LEU BA 105 -27.12 -52.78 -99.49
C LEU BA 105 -28.46 -52.43 -100.11
N GLU BA 106 -29.37 -51.94 -99.27
CA GLU BA 106 -30.69 -51.52 -99.72
C GLU BA 106 -30.61 -50.44 -100.79
N LEU BA 107 -29.80 -49.41 -100.53
CA LEU BA 107 -29.69 -48.29 -101.48
C LEU BA 107 -28.95 -48.68 -102.77
N LEU BA 108 -28.08 -49.68 -102.70
CA LEU BA 108 -27.47 -50.19 -103.92
C LEU BA 108 -28.48 -51.02 -104.71
N HIS BA 109 -29.34 -51.73 -103.98
CA HIS BA 109 -30.36 -52.58 -104.60
C HIS BA 109 -31.45 -51.73 -105.27
N TYR BA 110 -31.61 -50.49 -104.81
CA TYR BA 110 -32.50 -49.55 -105.51
C TYR BA 110 -31.75 -48.86 -106.64
N LEU BA 111 -30.43 -49.00 -106.66
CA LEU BA 111 -29.62 -48.47 -107.76
C LEU BA 111 -29.27 -49.51 -108.82
N LYS BA 112 -29.66 -50.77 -108.58
CA LYS BA 112 -29.56 -51.82 -109.57
C LYS BA 112 -30.73 -51.77 -110.55
N ASN BA 113 -31.91 -51.59 -109.97
CA ASN BA 113 -33.17 -51.68 -110.70
C ASN BA 113 -33.58 -50.34 -111.30
N THR BA 114 -32.69 -49.37 -111.20
CA THR BA 114 -32.95 -48.02 -111.70
C THR BA 114 -33.35 -48.00 -113.17
N ASN BA 115 -34.50 -47.40 -113.45
CA ASN BA 115 -34.93 -47.17 -114.82
C ASN BA 115 -34.61 -45.73 -115.21
N PHE BA 116 -33.62 -45.55 -116.08
CA PHE BA 116 -33.09 -44.23 -116.38
C PHE BA 116 -34.04 -43.41 -117.22
N ALA BA 117 -35.07 -44.06 -117.74
CA ALA BA 117 -36.13 -43.37 -118.49
C ALA BA 117 -36.98 -42.52 -117.56
N HIS BA 118 -37.27 -43.05 -116.37
CA HIS BA 118 -38.03 -42.34 -115.35
C HIS BA 118 -37.27 -41.11 -114.87
N PRO BA 119 -37.99 -40.10 -114.32
CA PRO BA 119 -37.30 -38.92 -113.79
C PRO BA 119 -36.38 -39.28 -112.63
N ALA BA 120 -35.41 -38.42 -112.34
CA ALA BA 120 -34.40 -38.68 -111.32
C ALA BA 120 -35.02 -38.96 -109.94
N VAL BA 121 -34.57 -40.02 -109.29
CA VAL BA 121 -35.10 -40.41 -107.99
C VAL BA 121 -34.25 -39.83 -106.85
N ARG BA 122 -34.93 -39.36 -105.81
CA ARG BA 122 -34.29 -38.78 -104.64
C ARG BA 122 -34.22 -39.73 -103.47
N TYR BA 123 -33.01 -40.00 -102.99
CA TYR BA 123 -32.81 -40.82 -101.80
C TYR BA 123 -32.29 -39.93 -100.66
N VAL BA 124 -32.59 -40.29 -99.42
CA VAL BA 124 -32.10 -39.52 -98.26
C VAL BA 124 -31.65 -40.44 -97.12
N LEU BA 125 -30.40 -40.28 -96.69
CA LEU BA 125 -29.85 -41.04 -95.57
C LEU BA 125 -29.96 -40.23 -94.29
N TYR BA 126 -30.65 -40.77 -93.30
CA TYR BA 126 -30.79 -40.06 -92.03
C TYR BA 126 -30.43 -40.96 -90.83
N GLY BA 127 -29.99 -40.35 -89.74
CA GLY BA 127 -29.64 -41.10 -88.54
C GLY BA 127 -28.97 -40.26 -87.47
N GLU BA 128 -28.73 -40.87 -86.30
CA GLU BA 128 -28.11 -40.19 -85.17
C GLU BA 128 -26.66 -39.82 -85.45
N LYS BA 129 -26.09 -38.92 -84.66
CA LYS BA 129 -24.72 -38.46 -84.87
C LYS BA 129 -23.69 -39.60 -84.80
N GLY BA 130 -22.82 -39.66 -85.81
CA GLY BA 130 -21.75 -40.63 -85.85
C GLY BA 130 -22.18 -42.05 -86.15
N THR BA 131 -23.30 -42.23 -86.86
CA THR BA 131 -23.82 -43.58 -87.20
C THR BA 131 -23.37 -44.17 -88.54
N GLY BA 132 -22.50 -43.48 -89.28
CA GLY BA 132 -22.04 -44.01 -90.56
C GLY BA 132 -22.81 -43.66 -91.83
N LYS BA 133 -23.43 -42.48 -91.85
CA LYS BA 133 -24.09 -41.98 -93.06
C LYS BA 133 -23.13 -41.73 -94.23
N THR BA 134 -22.06 -40.98 -94.01
CA THR BA 134 -21.15 -40.58 -95.09
C THR BA 134 -20.35 -41.77 -95.66
N LEU BA 135 -20.07 -42.77 -94.84
CA LEU BA 135 -19.45 -43.99 -95.35
C LEU BA 135 -20.45 -44.82 -96.18
N SER BA 136 -21.73 -44.70 -95.85
CA SER BA 136 -22.78 -45.35 -96.64
C SER BA 136 -23.06 -44.57 -97.94
N LEU BA 137 -22.73 -43.29 -97.98
CA LEU BA 137 -22.75 -42.54 -99.22
C LEU BA 137 -21.55 -42.90 -100.09
N CYS BA 138 -20.43 -43.17 -99.45
CA CYS BA 138 -19.18 -43.51 -100.12
C CYS BA 138 -19.20 -44.91 -100.76
N HIS BA 139 -19.81 -45.86 -100.06
CA HIS BA 139 -20.08 -47.20 -100.61
C HIS BA 139 -20.69 -47.08 -102.00
N ILE BA 140 -21.86 -46.44 -102.05
CA ILE BA 140 -22.52 -46.07 -103.31
C ILE BA 140 -21.59 -45.35 -104.29
N LEU BA 141 -20.91 -44.31 -103.82
CA LEU BA 141 -20.09 -43.47 -104.68
C LEU BA 141 -19.06 -44.28 -105.47
N HIS BA 142 -18.36 -45.19 -104.78
CA HIS BA 142 -17.32 -45.98 -105.45
C HIS BA 142 -17.89 -47.16 -106.24
N PHE BA 143 -19.00 -47.74 -105.78
CA PHE BA 143 -19.67 -48.74 -106.62
C PHE BA 143 -20.09 -48.13 -107.96
N CYS BA 144 -20.56 -46.88 -107.93
CA CYS BA 144 -21.03 -46.21 -109.14
C CYS BA 144 -19.92 -45.50 -109.92
N ALA BA 145 -18.74 -45.38 -109.33
CA ALA BA 145 -17.55 -45.01 -110.09
C ALA BA 145 -16.98 -46.26 -110.79
N LYS BA 146 -17.30 -47.44 -110.26
CA LYS BA 146 -16.89 -48.71 -110.87
C LYS BA 146 -17.79 -49.16 -112.02
N GLN BA 147 -19.04 -48.68 -112.05
CA GLN BA 147 -19.96 -48.91 -113.16
C GLN BA 147 -19.75 -47.84 -114.23
N ASN BA 148 -18.78 -46.97 -113.98
CA ASN BA 148 -18.45 -45.85 -114.86
C ASN BA 148 -19.61 -44.89 -115.07
N TRP BA 149 -19.94 -44.12 -114.03
CA TRP BA 149 -20.91 -43.05 -114.14
C TRP BA 149 -20.19 -41.71 -114.03
N LEU BA 150 -20.93 -40.61 -114.14
CA LEU BA 150 -20.35 -39.30 -113.89
C LEU BA 150 -20.59 -39.00 -112.41
N ILE BA 151 -19.52 -38.90 -111.63
CA ILE BA 151 -19.68 -38.70 -110.20
C ILE BA 151 -19.59 -37.22 -109.83
N LEU BA 152 -20.69 -36.70 -109.31
CA LEU BA 152 -20.74 -35.34 -108.78
C LEU BA 152 -20.86 -35.42 -107.26
N HIS BA 153 -19.81 -35.05 -106.54
CA HIS BA 153 -19.82 -35.21 -105.10
C HIS BA 153 -19.53 -33.91 -104.36
N ILE BA 154 -20.40 -33.59 -103.40
CA ILE BA 154 -20.15 -32.50 -102.46
C ILE BA 154 -19.97 -33.11 -101.07
N PRO BA 155 -18.73 -33.04 -100.55
CA PRO BA 155 -18.40 -33.72 -99.28
C PRO BA 155 -19.21 -33.15 -98.11
N ASP BA 156 -19.23 -31.83 -97.99
CA ASP BA 156 -20.11 -31.13 -97.04
C ASP BA 156 -20.71 -29.90 -97.69
N ALA BA 157 -22.03 -29.86 -97.77
CA ALA BA 157 -22.71 -28.69 -98.31
C ALA BA 157 -22.50 -27.49 -97.37
N HIS BA 158 -22.44 -27.80 -96.08
CA HIS BA 158 -22.33 -26.81 -95.02
C HIS BA 158 -21.15 -25.86 -95.21
N ILE BA 159 -20.05 -26.39 -95.73
CA ILE BA 159 -18.84 -25.60 -95.94
C ILE BA 159 -19.08 -24.39 -96.86
N TRP BA 160 -20.10 -24.49 -97.72
CA TRP BA 160 -20.38 -23.41 -98.65
C TRP BA 160 -21.18 -22.31 -97.93
N VAL BA 161 -21.97 -22.71 -96.94
CA VAL BA 161 -22.84 -21.80 -96.18
C VAL BA 161 -22.15 -21.08 -95.03
N LYS BA 162 -21.02 -21.60 -94.57
CA LYS BA 162 -20.36 -21.06 -93.37
C LYS BA 162 -18.87 -20.80 -93.52
N ASN BA 163 -18.36 -19.82 -92.76
CA ASN BA 163 -16.93 -19.55 -92.66
C ASN BA 163 -16.23 -19.21 -93.97
N CYS BA 164 -16.76 -18.26 -94.73
CA CYS BA 164 -16.14 -17.90 -96.00
C CYS BA 164 -15.32 -16.61 -95.90
N ARG BA 165 -14.02 -16.72 -96.15
CA ARG BA 165 -13.10 -15.58 -96.13
C ARG BA 165 -13.52 -14.53 -97.14
N ASP BA 166 -13.64 -14.96 -98.39
CA ASP BA 166 -13.99 -14.07 -99.48
C ASP BA 166 -15.41 -14.30 -99.97
N LEU BA 167 -16.20 -13.23 -99.93
CA LEU BA 167 -17.56 -13.26 -100.40
C LEU BA 167 -17.69 -12.23 -101.51
N LEU BA 168 -17.89 -12.69 -102.74
CA LEU BA 168 -17.87 -11.76 -103.88
C LEU BA 168 -19.29 -11.42 -104.35
N GLN BA 169 -19.49 -10.19 -104.84
CA GLN BA 169 -20.80 -9.77 -105.32
C GLN BA 169 -20.90 -9.87 -106.85
N SER BA 170 -22.01 -10.42 -107.30
CA SER BA 170 -22.27 -10.63 -108.71
C SER BA 170 -23.72 -10.25 -109.09
N ASN BA 171 -23.86 -9.28 -109.99
CA ASN BA 171 -25.18 -8.88 -110.49
C ASN BA 171 -25.53 -9.62 -111.78
N TYR BA 172 -24.59 -10.42 -112.27
CA TYR BA 172 -24.76 -11.21 -113.48
C TYR BA 172 -25.95 -12.13 -113.26
N ASN BA 173 -26.04 -12.60 -112.03
CA ASN BA 173 -27.10 -13.49 -111.56
C ASN BA 173 -28.25 -12.75 -110.87
N LYS BA 174 -28.25 -11.41 -110.97
CA LYS BA 174 -29.25 -10.55 -110.29
C LYS BA 174 -29.14 -10.61 -108.76
N GLN BA 175 -28.09 -9.98 -108.25
CA GLN BA 175 -27.81 -9.89 -106.81
C GLN BA 175 -27.55 -11.25 -106.17
N ARG BA 176 -26.46 -11.88 -106.58
CA ARG BA 176 -26.05 -13.17 -106.02
C ARG BA 176 -24.57 -13.13 -105.63
N PHE BA 177 -24.23 -13.84 -104.56
CA PHE BA 177 -22.87 -13.85 -104.05
C PHE BA 177 -22.16 -15.14 -104.41
N ASP BA 178 -20.85 -15.06 -104.60
CA ASP BA 178 -20.06 -16.22 -104.97
C ASP BA 178 -18.86 -16.47 -104.07
N GLN BA 179 -18.43 -17.73 -104.07
CA GLN BA 179 -17.37 -18.25 -103.21
C GLN BA 179 -16.21 -18.81 -104.04
N PRO BA 180 -15.26 -17.93 -104.42
CA PRO BA 180 -14.14 -18.29 -105.31
C PRO BA 180 -13.30 -19.47 -104.81
N LEU BA 181 -12.94 -19.43 -103.53
CA LEU BA 181 -12.13 -20.48 -102.90
C LEU BA 181 -12.79 -21.84 -103.03
N GLU BA 182 -13.96 -21.96 -102.42
CA GLU BA 182 -14.74 -23.19 -102.44
C GLU BA 182 -14.96 -23.72 -103.84
N ALA BA 183 -15.42 -22.86 -104.73
CA ALA BA 183 -15.66 -23.24 -106.13
C ALA BA 183 -14.40 -23.82 -106.76
N SER BA 184 -13.27 -23.11 -106.60
CA SER BA 184 -11.99 -23.57 -107.12
C SER BA 184 -11.66 -24.96 -106.62
N THR BA 185 -11.73 -25.16 -105.30
CA THR BA 185 -11.38 -26.46 -104.72
C THR BA 185 -12.27 -27.58 -105.28
N TRP BA 186 -13.56 -27.30 -105.35
CA TRP BA 186 -14.51 -28.30 -105.85
C TRP BA 186 -14.19 -28.66 -107.29
N LEU BA 187 -13.84 -27.66 -108.10
CA LEU BA 187 -13.48 -27.89 -109.49
C LEU BA 187 -12.22 -28.75 -109.61
N LYS BA 188 -11.22 -28.42 -108.80
CA LYS BA 188 -9.93 -29.13 -108.84
C LYS BA 188 -10.07 -30.58 -108.42
N ASN BA 189 -11.05 -30.86 -107.54
CA ASN BA 189 -11.35 -32.25 -107.20
C ASN BA 189 -12.19 -32.94 -108.28
N PHE BA 190 -13.05 -32.16 -108.93
CA PHE BA 190 -13.93 -32.66 -109.98
C PHE BA 190 -13.15 -33.05 -111.24
N LYS BA 191 -12.03 -32.38 -111.46
CA LYS BA 191 -11.17 -32.65 -112.60
C LYS BA 191 -10.56 -34.06 -112.51
N THR BA 192 -10.02 -34.38 -111.34
CA THR BA 192 -9.43 -35.70 -111.09
C THR BA 192 -10.53 -36.76 -110.93
N ALA BA 193 -11.71 -36.33 -110.51
CA ALA BA 193 -12.84 -37.23 -110.30
C ALA BA 193 -13.12 -38.08 -111.52
N ASN BA 194 -13.63 -37.44 -112.57
CA ASN BA 194 -13.86 -38.12 -113.83
C ASN BA 194 -13.12 -37.45 -114.99
N GLU BA 195 -12.06 -38.10 -115.48
CA GLU BA 195 -11.30 -37.62 -116.62
C GLU BA 195 -11.89 -38.04 -117.98
N HIS BA 196 -12.32 -39.30 -118.05
CA HIS BA 196 -12.76 -39.92 -119.31
C HIS BA 196 -13.89 -39.14 -119.94
N PHE BA 197 -14.84 -38.71 -119.12
CA PHE BA 197 -16.05 -38.06 -119.61
C PHE BA 197 -15.85 -36.58 -119.88
N LEU BA 198 -14.77 -36.00 -119.38
CA LEU BA 198 -14.54 -34.57 -119.60
C LEU BA 198 -14.08 -34.26 -121.02
N SER BA 199 -13.45 -35.24 -121.66
CA SER BA 199 -13.06 -35.13 -123.07
C SER BA 199 -14.23 -35.43 -124.01
N GLN BA 200 -15.12 -36.32 -123.55
CA GLN BA 200 -16.19 -36.87 -124.38
C GLN BA 200 -17.37 -35.92 -124.56
N ILE BA 201 -17.71 -35.18 -123.50
CA ILE BA 201 -18.80 -34.20 -123.53
C ILE BA 201 -18.54 -33.09 -124.53
N LYS BA 202 -19.57 -32.73 -125.29
CA LYS BA 202 -19.51 -31.53 -126.09
C LYS BA 202 -20.52 -30.52 -125.56
N VAL BA 203 -20.01 -29.39 -125.09
CA VAL BA 203 -20.83 -28.31 -124.57
C VAL BA 203 -21.52 -27.56 -125.70
N GLN BA 204 -22.85 -27.40 -125.63
CA GLN BA 204 -23.52 -26.59 -126.64
C GLN BA 204 -24.11 -25.33 -126.02
N GLU BA 205 -23.35 -24.24 -126.11
CA GLU BA 205 -23.74 -22.90 -125.68
C GLU BA 205 -22.74 -21.89 -126.22
N LYS BA 206 -23.09 -20.61 -126.17
CA LYS BA 206 -22.08 -19.56 -126.30
C LYS BA 206 -21.80 -18.96 -124.92
N TYR BA 207 -20.60 -19.19 -124.38
CA TYR BA 207 -20.26 -18.79 -123.00
C TYR BA 207 -19.26 -17.63 -122.92
N VAL BA 208 -19.61 -16.62 -122.11
CA VAL BA 208 -18.76 -15.44 -121.95
C VAL BA 208 -18.13 -15.36 -120.56
N TRP BA 209 -16.84 -15.59 -120.49
CA TRP BA 209 -16.09 -15.41 -119.24
C TRP BA 209 -15.79 -13.93 -118.99
N ASN BA 210 -15.25 -13.28 -120.01
CA ASN BA 210 -14.81 -11.89 -119.94
C ASN BA 210 -15.17 -11.14 -121.21
N LYS BA 211 -14.99 -9.82 -121.21
CA LYS BA 211 -15.12 -9.05 -122.44
C LYS BA 211 -14.04 -9.48 -123.45
N ARG BA 212 -12.88 -9.89 -122.93
CA ARG BA 212 -11.74 -10.29 -123.76
C ARG BA 212 -11.60 -11.80 -123.97
N GLU BA 213 -12.46 -12.60 -123.35
CA GLU BA 213 -12.35 -14.05 -123.44
C GLU BA 213 -13.71 -14.73 -123.52
N SER BA 214 -13.76 -15.86 -124.22
CA SER BA 214 -15.00 -16.62 -124.35
C SER BA 214 -14.74 -18.08 -124.72
N THR BA 215 -15.76 -18.90 -124.57
CA THR BA 215 -15.71 -20.29 -125.04
C THR BA 215 -17.01 -20.64 -125.77
N GLU BA 216 -16.88 -21.15 -126.99
CA GLU BA 216 -18.03 -21.38 -127.86
C GLU BA 216 -18.25 -22.86 -128.14
N LYS BA 217 -19.49 -23.22 -128.46
CA LYS BA 217 -19.96 -24.61 -128.44
C LYS BA 217 -19.13 -25.57 -129.28
N GLY BA 218 -19.06 -26.81 -128.84
CA GLY BA 218 -18.24 -27.83 -129.47
C GLY BA 218 -17.00 -28.16 -128.65
N ARG BA 219 -16.86 -27.47 -127.52
CA ARG BA 219 -15.72 -27.69 -126.62
C ARG BA 219 -15.95 -28.88 -125.69
N PRO BA 220 -14.88 -29.67 -125.47
CA PRO BA 220 -14.91 -30.66 -124.39
C PRO BA 220 -15.06 -29.97 -123.02
N LEU BA 221 -15.80 -30.58 -122.10
CA LEU BA 221 -16.14 -29.94 -120.83
C LEU BA 221 -14.90 -29.70 -119.96
N GLY BA 222 -13.89 -30.56 -120.13
CA GLY BA 222 -12.64 -30.42 -119.42
C GLY BA 222 -12.04 -29.04 -119.59
N GLU BA 223 -12.22 -28.47 -120.78
CA GLU BA 223 -11.72 -27.13 -121.08
C GLU BA 223 -12.44 -26.06 -120.26
N VAL BA 224 -13.75 -26.23 -120.07
CA VAL BA 224 -14.53 -25.34 -119.22
C VAL BA 224 -14.08 -25.44 -117.76
N VAL BA 225 -14.00 -26.68 -117.26
CA VAL BA 225 -13.55 -26.96 -115.90
C VAL BA 225 -12.21 -26.31 -115.59
N GLU BA 226 -11.22 -26.53 -116.46
CA GLU BA 226 -9.89 -26.00 -116.24
C GLU BA 226 -9.80 -24.49 -116.50
N GLN BA 227 -10.71 -23.99 -117.34
CA GLN BA 227 -10.81 -22.55 -117.58
C GLN BA 227 -11.34 -21.85 -116.33
N GLY BA 228 -12.12 -22.59 -115.55
CA GLY BA 228 -12.60 -22.10 -114.26
C GLY BA 228 -11.62 -22.31 -113.12
N ILE BA 229 -10.80 -23.35 -113.22
CA ILE BA 229 -9.74 -23.59 -112.25
C ILE BA 229 -8.68 -22.50 -112.32
N MET BA 230 -8.19 -22.26 -113.53
CA MET BA 230 -7.13 -21.27 -113.78
C MET BA 230 -7.52 -19.88 -113.29
N ARG BA 231 -8.67 -19.40 -113.74
CA ARG BA 231 -9.18 -18.10 -113.28
C ARG BA 231 -10.10 -18.32 -112.09
N VAL BA 232 -9.64 -17.89 -110.92
CA VAL BA 232 -10.38 -18.11 -109.69
C VAL BA 232 -11.59 -17.17 -109.63
N ARG BA 233 -11.44 -16.01 -110.26
CA ARG BA 233 -12.46 -14.95 -110.22
C ARG BA 233 -13.85 -15.44 -110.63
N ASN BA 234 -13.93 -16.11 -111.78
CA ASN BA 234 -15.20 -16.59 -112.31
C ASN BA 234 -15.51 -18.06 -112.01
N ALA BA 235 -14.67 -18.71 -111.22
CA ALA BA 235 -14.79 -20.15 -110.96
C ALA BA 235 -16.18 -20.62 -110.53
N THR BA 236 -16.92 -19.75 -109.83
CA THR BA 236 -18.26 -20.10 -109.37
C THR BA 236 -19.25 -20.21 -110.54
N ASP BA 237 -19.24 -19.20 -111.41
CA ASP BA 237 -20.08 -19.22 -112.61
C ASP BA 237 -19.71 -20.44 -113.45
N ALA BA 238 -18.45 -20.85 -113.36
CA ALA BA 238 -17.97 -22.05 -114.04
C ALA BA 238 -18.59 -23.31 -113.44
N VAL BA 239 -18.70 -23.35 -112.12
CA VAL BA 239 -19.36 -24.48 -111.45
C VAL BA 239 -20.84 -24.56 -111.82
N GLY BA 240 -21.52 -23.41 -111.80
CA GLY BA 240 -22.92 -23.35 -112.17
C GLY BA 240 -23.17 -23.77 -113.61
N ILE BA 241 -22.31 -23.29 -114.50
CA ILE BA 241 -22.34 -23.63 -115.92
C ILE BA 241 -22.13 -25.14 -116.13
N VAL BA 242 -21.12 -25.69 -115.46
CA VAL BA 242 -20.88 -27.13 -115.42
C VAL BA 242 -22.15 -27.87 -115.04
N LEU BA 243 -22.80 -27.39 -113.99
CA LEU BA 243 -24.00 -28.04 -113.46
C LEU BA 243 -25.18 -28.02 -114.46
N LYS BA 244 -25.55 -26.84 -114.95
CA LYS BA 244 -26.74 -26.74 -115.80
C LYS BA 244 -26.51 -27.41 -117.15
N GLU BA 245 -25.26 -27.40 -117.63
CA GLU BA 245 -24.98 -28.09 -118.88
C GLU BA 245 -24.93 -29.61 -118.63
N LEU BA 246 -24.56 -30.01 -117.42
CA LEU BA 246 -24.65 -31.42 -117.02
C LEU BA 246 -26.10 -31.89 -117.09
N LYS BA 247 -26.98 -31.08 -116.52
CA LYS BA 247 -28.41 -31.39 -116.48
C LYS BA 247 -29.05 -31.41 -117.88
N ARG BA 248 -28.63 -30.47 -118.74
CA ARG BA 248 -29.10 -30.45 -120.14
C ARG BA 248 -28.64 -31.70 -120.90
N GLN BA 249 -27.36 -32.02 -120.77
CA GLN BA 249 -26.76 -33.12 -121.52
C GLN BA 249 -27.04 -34.47 -120.86
N SER BA 250 -27.78 -34.46 -119.76
CA SER BA 250 -28.12 -35.70 -119.06
C SER BA 250 -29.25 -36.51 -119.71
N SER BA 251 -29.95 -35.91 -120.67
CA SER BA 251 -31.06 -36.57 -121.35
C SER BA 251 -30.58 -37.69 -122.28
N LEU BA 252 -29.39 -37.48 -122.84
CA LEU BA 252 -28.75 -38.46 -123.74
C LEU BA 252 -28.32 -39.71 -122.97
N GLY BA 253 -28.07 -40.80 -123.71
CA GLY BA 253 -27.56 -42.01 -123.10
C GLY BA 253 -26.06 -41.98 -122.81
N ILE BA 254 -25.41 -40.86 -123.12
CA ILE BA 254 -23.98 -40.66 -122.85
C ILE BA 254 -23.73 -40.38 -121.36
N PHE BA 255 -24.79 -39.98 -120.66
CA PHE BA 255 -24.68 -39.54 -119.27
C PHE BA 255 -25.46 -40.40 -118.29
N HIS BA 256 -24.75 -41.00 -117.34
CA HIS BA 256 -25.40 -41.54 -116.15
C HIS BA 256 -24.88 -40.76 -114.94
N LEU BA 257 -25.75 -39.94 -114.37
CA LEU BA 257 -25.32 -38.94 -113.40
C LEU BA 257 -25.71 -39.31 -111.96
N LEU BA 258 -24.71 -39.62 -111.15
CA LEU BA 258 -24.93 -39.80 -109.72
C LEU BA 258 -24.57 -38.51 -109.00
N VAL BA 259 -25.58 -37.87 -108.43
CA VAL BA 259 -25.34 -36.64 -107.68
C VAL BA 259 -25.45 -36.91 -106.18
N ALA BA 260 -24.33 -36.80 -105.48
CA ALA BA 260 -24.26 -37.02 -104.04
C ALA BA 260 -24.03 -35.71 -103.31
N VAL BA 261 -25.04 -35.23 -102.60
CA VAL BA 261 -24.90 -34.04 -101.78
C VAL BA 261 -25.07 -34.42 -100.31
N ASP BA 262 -23.99 -34.24 -99.55
CA ASP BA 262 -23.94 -34.59 -98.14
C ASP BA 262 -24.26 -33.35 -97.29
N GLY BA 263 -25.27 -33.46 -96.43
CA GLY BA 263 -25.74 -32.33 -95.65
C GLY BA 263 -26.62 -31.39 -96.46
N VAL BA 264 -27.59 -31.96 -97.17
CA VAL BA 264 -28.47 -31.20 -98.04
C VAL BA 264 -29.23 -30.10 -97.32
N ASN BA 265 -29.38 -30.23 -96.02
CA ASN BA 265 -30.10 -29.24 -95.22
C ASN BA 265 -29.44 -27.87 -95.30
N ALA BA 266 -28.16 -27.86 -95.69
CA ALA BA 266 -27.42 -26.62 -95.85
C ALA BA 266 -27.96 -25.79 -97.01
N LEU BA 267 -28.78 -26.40 -97.85
CA LEU BA 267 -29.38 -25.70 -98.98
C LEU BA 267 -30.56 -24.81 -98.59
N TRP BA 268 -31.51 -25.34 -97.83
CA TRP BA 268 -32.72 -24.58 -97.45
C TRP BA 268 -32.66 -23.98 -96.05
N GLY BA 269 -31.56 -24.19 -95.35
CA GLY BA 269 -31.43 -23.73 -93.98
C GLY BA 269 -31.15 -22.23 -93.88
N ARG BA 270 -30.59 -21.83 -92.75
CA ARG BA 270 -30.26 -20.44 -92.46
C ARG BA 270 -28.75 -20.25 -92.61
N THR BA 271 -28.32 -19.07 -93.04
CA THR BA 271 -26.91 -18.86 -93.36
C THR BA 271 -26.19 -17.94 -92.36
N THR BA 272 -24.96 -18.30 -92.02
CA THR BA 272 -24.11 -17.52 -91.11
C THR BA 272 -23.43 -16.31 -91.76
N LEU BA 273 -23.09 -16.44 -93.04
CA LEU BA 273 -22.31 -15.42 -93.75
C LEU BA 273 -23.02 -14.07 -93.83
N LYS BA 274 -22.24 -12.99 -93.87
CA LYS BA 274 -22.80 -11.64 -93.75
C LYS BA 274 -22.26 -10.63 -94.76
N ARG BA 275 -23.12 -9.69 -95.13
CA ARG BA 275 -22.72 -8.49 -95.88
C ARG BA 275 -21.98 -7.52 -94.97
N GLU BA 276 -21.29 -6.56 -95.57
CA GLU BA 276 -20.61 -5.51 -94.82
C GLU BA 276 -21.59 -4.66 -93.99
N ASP BA 277 -22.86 -4.76 -94.34
CA ASP BA 277 -23.94 -4.13 -93.59
C ASP BA 277 -24.24 -4.90 -92.30
N LYS BA 278 -23.54 -6.02 -92.12
CA LYS BA 278 -23.73 -6.96 -91.00
C LYS BA 278 -25.02 -7.76 -91.16
N SER BA 279 -25.83 -7.38 -92.15
CA SER BA 279 -27.10 -8.05 -92.41
C SER BA 279 -26.87 -9.43 -93.01
N PRO BA 280 -27.51 -10.46 -92.43
CA PRO BA 280 -27.33 -11.84 -92.90
C PRO BA 280 -27.93 -12.04 -94.29
N ILE BA 281 -27.40 -13.02 -95.01
CA ILE BA 281 -27.84 -13.31 -96.37
C ILE BA 281 -28.54 -14.65 -96.46
N ALA BA 282 -29.56 -14.74 -97.30
CA ALA BA 282 -30.26 -16.00 -97.52
C ALA BA 282 -29.33 -16.99 -98.21
N PRO BA 283 -29.66 -18.29 -98.10
CA PRO BA 283 -28.95 -19.28 -98.92
C PRO BA 283 -29.30 -19.14 -100.41
N GLU BA 284 -30.42 -18.47 -100.69
CA GLU BA 284 -30.81 -18.14 -102.06
C GLU BA 284 -29.80 -17.20 -102.68
N GLU BA 285 -29.34 -16.24 -101.87
CA GLU BA 285 -28.40 -15.20 -102.30
C GLU BA 285 -27.07 -15.76 -102.78
N LEU BA 286 -26.80 -17.02 -102.48
CA LEU BA 286 -25.53 -17.64 -102.85
C LEU BA 286 -25.63 -18.33 -104.19
N ALA BA 287 -24.69 -17.98 -105.08
CA ALA BA 287 -24.65 -18.55 -106.42
C ALA BA 287 -24.52 -20.07 -106.37
N LEU BA 288 -23.53 -20.55 -105.61
CA LEU BA 288 -23.26 -21.98 -105.46
C LEU BA 288 -24.47 -22.78 -104.97
N ILE BA 289 -25.19 -22.22 -104.00
CA ILE BA 289 -26.39 -22.88 -103.46
C ILE BA 289 -27.55 -22.80 -104.44
N HIS BA 290 -27.77 -21.61 -104.99
CA HIS BA 290 -28.83 -21.39 -105.97
C HIS BA 290 -28.74 -22.39 -107.14
N ASN BA 291 -27.52 -22.65 -107.60
CA ASN BA 291 -27.29 -23.60 -108.68
C ASN BA 291 -27.33 -25.05 -108.20
N LEU BA 292 -26.83 -25.30 -106.99
CA LEU BA 292 -26.84 -26.66 -106.46
C LEU BA 292 -28.27 -27.07 -106.07
N ARG BA 293 -29.18 -26.11 -105.98
CA ARG BA 293 -30.59 -26.41 -105.73
C ARG BA 293 -31.25 -27.00 -106.97
N LYS BA 294 -30.89 -26.46 -108.13
CA LYS BA 294 -31.45 -26.91 -109.40
C LYS BA 294 -31.10 -28.36 -109.70
N MET BA 295 -30.02 -28.84 -109.10
CA MET BA 295 -29.54 -30.18 -109.36
C MET BA 295 -30.35 -31.24 -108.60
N VAL BA 296 -31.11 -30.80 -107.61
CA VAL BA 296 -31.92 -31.74 -106.83
C VAL BA 296 -33.41 -31.82 -107.23
N LYS BA 297 -33.84 -31.00 -108.19
CA LYS BA 297 -35.28 -30.81 -108.50
C LYS BA 297 -36.00 -31.97 -109.20
N ASN BA 298 -35.26 -33.01 -109.56
CA ASN BA 298 -35.71 -34.22 -110.32
C ASN BA 298 -36.36 -33.95 -111.69
N ASP BA 299 -36.00 -32.84 -112.31
CA ASP BA 299 -36.56 -32.48 -113.63
C ASP BA 299 -35.99 -33.34 -114.76
N TRP BA 300 -34.94 -34.09 -114.49
CA TRP BA 300 -34.15 -34.70 -115.56
C TRP BA 300 -34.08 -36.22 -115.49
N GLN BA 301 -33.65 -36.83 -116.60
CA GLN BA 301 -33.62 -38.29 -116.75
C GLN BA 301 -32.20 -38.84 -116.84
N GLY BA 302 -32.03 -40.10 -116.43
CA GLY BA 302 -30.74 -40.75 -116.48
C GLY BA 302 -29.94 -40.63 -115.21
N GLY BA 303 -30.34 -39.72 -114.33
CA GLY BA 303 -29.63 -39.49 -113.08
C GLY BA 303 -30.30 -40.05 -111.83
N ALA BA 304 -29.54 -40.05 -110.74
CA ALA BA 304 -30.06 -40.38 -109.41
C ALA BA 304 -29.42 -39.45 -108.38
N ILE BA 305 -30.23 -38.88 -107.48
CA ILE BA 305 -29.65 -38.03 -106.45
C ILE BA 305 -29.71 -38.71 -105.07
N VAL BA 306 -28.53 -39.08 -104.56
CA VAL BA 306 -28.44 -39.67 -103.22
C VAL BA 306 -27.97 -38.60 -102.23
N LEU BA 307 -28.84 -38.31 -101.27
CA LEU BA 307 -28.68 -37.20 -100.35
C LEU BA 307 -28.45 -37.70 -98.93
N THR BA 308 -27.82 -36.88 -98.10
CA THR BA 308 -27.67 -37.19 -96.69
C THR BA 308 -27.98 -35.95 -95.86
N VAL BA 309 -28.93 -36.07 -94.94
CA VAL BA 309 -29.23 -34.97 -94.03
C VAL BA 309 -28.40 -35.09 -92.77
N SER BA 310 -27.79 -33.98 -92.38
CA SER BA 310 -26.73 -33.99 -91.40
C SER BA 310 -27.06 -33.18 -90.15
N GLN BA 311 -26.32 -33.47 -89.09
CA GLN BA 311 -26.31 -32.65 -87.90
C GLN BA 311 -24.97 -31.96 -87.74
N THR BA 312 -23.92 -32.77 -87.68
CA THR BA 312 -22.58 -32.39 -87.24
C THR BA 312 -22.07 -31.06 -87.80
N GLY BA 313 -22.46 -30.74 -89.01
CA GLY BA 313 -21.98 -29.51 -89.63
C GLY BA 313 -22.98 -28.38 -89.66
N SER BA 314 -24.17 -28.60 -89.09
CA SER BA 314 -25.32 -27.75 -89.38
C SER BA 314 -25.24 -26.35 -88.80
N LEU BA 315 -26.29 -25.57 -89.05
CA LEU BA 315 -26.42 -24.23 -88.50
C LEU BA 315 -27.80 -24.06 -87.88
N PHE BA 316 -27.84 -23.58 -86.64
CA PHE BA 316 -29.08 -23.20 -85.98
C PHE BA 316 -29.97 -24.39 -85.63
N LYS BA 317 -29.51 -25.60 -85.94
CA LYS BA 317 -30.19 -26.81 -85.50
C LYS BA 317 -29.64 -27.32 -84.16
N PRO BA 318 -30.54 -27.77 -83.26
CA PRO BA 318 -30.16 -28.42 -82.00
C PRO BA 318 -29.38 -29.73 -82.21
N ARG BA 319 -28.54 -30.10 -81.26
CA ARG BA 319 -27.61 -31.22 -81.43
C ARG BA 319 -28.31 -32.57 -81.47
N ASN BA 320 -29.49 -32.65 -80.89
CA ASN BA 320 -30.18 -33.94 -80.79
C ASN BA 320 -31.15 -34.21 -81.94
N ALA BA 321 -31.21 -33.33 -82.94
CA ALA BA 321 -32.16 -33.53 -84.03
C ALA BA 321 -31.53 -34.28 -85.21
N TYR BA 322 -31.89 -35.56 -85.34
CA TYR BA 322 -31.46 -36.39 -86.47
C TYR BA 322 -32.53 -36.59 -87.56
N LEU BA 323 -33.74 -36.09 -87.33
CA LEU BA 323 -34.88 -36.43 -88.20
C LEU BA 323 -34.98 -35.47 -89.40
N PRO BA 324 -35.35 -36.02 -90.57
CA PRO BA 324 -35.26 -35.31 -91.86
C PRO BA 324 -36.07 -34.02 -91.94
N GLN BA 325 -37.32 -34.03 -91.47
CA GLN BA 325 -38.17 -32.86 -91.57
C GLN BA 325 -37.75 -31.74 -90.61
N GLU BA 326 -37.12 -32.10 -89.49
CA GLU BA 326 -36.63 -31.11 -88.54
C GLU BA 326 -35.42 -30.36 -89.09
N LEU BA 327 -34.49 -31.11 -89.68
CA LEU BA 327 -33.27 -30.54 -90.26
C LEU BA 327 -33.57 -29.76 -91.55
N LEU BA 328 -34.45 -30.31 -92.38
CA LEU BA 328 -34.80 -29.68 -93.66
C LEU BA 328 -35.79 -28.54 -93.52
N GLY BA 329 -36.62 -28.59 -92.48
CA GLY BA 329 -37.64 -27.58 -92.24
C GLY BA 329 -38.78 -27.64 -93.24
N LYS BA 330 -39.65 -26.63 -93.20
CA LYS BA 330 -40.79 -26.56 -94.12
C LYS BA 330 -40.33 -26.41 -95.56
N GLU BA 331 -39.47 -25.43 -95.82
CA GLU BA 331 -38.90 -25.23 -97.15
C GLU BA 331 -38.21 -26.49 -97.67
N GLY BA 332 -37.32 -27.05 -96.85
CA GLY BA 332 -36.60 -28.25 -97.24
C GLY BA 332 -37.49 -29.43 -97.59
N PHE BA 333 -38.36 -29.83 -96.66
CA PHE BA 333 -39.17 -31.03 -96.88
C PHE BA 333 -40.24 -30.83 -97.94
N ASP BA 334 -40.78 -29.62 -98.04
CA ASP BA 334 -41.80 -29.33 -99.05
C ASP BA 334 -41.17 -29.29 -100.45
N ALA BA 335 -39.99 -28.69 -100.57
CA ALA BA 335 -39.32 -28.61 -101.86
C ALA BA 335 -38.46 -29.84 -102.15
N LEU BA 336 -38.48 -30.82 -101.26
CA LEU BA 336 -37.73 -32.06 -101.48
C LEU BA 336 -38.54 -33.19 -102.11
N ASP BA 337 -39.86 -33.02 -102.23
CA ASP BA 337 -40.69 -33.92 -103.05
C ASP BA 337 -40.76 -35.34 -102.44
N PRO BA 338 -41.63 -36.22 -102.98
CA PRO BA 338 -41.50 -37.62 -102.57
C PRO BA 338 -40.10 -38.20 -102.80
N PHE BA 339 -39.51 -38.74 -101.72
CA PHE BA 339 -38.15 -39.27 -101.74
C PHE BA 339 -38.13 -40.55 -100.90
N ILE BA 340 -37.01 -41.27 -100.96
CA ILE BA 340 -36.88 -42.47 -100.14
C ILE BA 340 -36.08 -42.21 -98.86
N PRO BA 341 -36.77 -42.26 -97.71
CA PRO BA 341 -36.20 -42.02 -96.38
C PRO BA 341 -35.50 -43.25 -95.78
N ILE BA 342 -34.23 -43.43 -96.14
CA ILE BA 342 -33.42 -44.53 -95.62
C ILE BA 342 -32.80 -44.23 -94.24
N LEU BA 343 -33.13 -45.08 -93.28
CA LEU BA 343 -32.66 -44.94 -91.90
C LEU BA 343 -31.34 -45.66 -91.66
N VAL BA 344 -30.40 -44.95 -91.04
CA VAL BA 344 -29.09 -45.50 -90.71
C VAL BA 344 -28.92 -45.66 -89.20
N SER BA 345 -28.76 -46.89 -88.73
CA SER BA 345 -28.71 -47.16 -87.29
C SER BA 345 -27.36 -47.68 -86.81
N ASN BA 346 -27.28 -47.97 -85.52
CA ASN BA 346 -26.07 -48.48 -84.88
C ASN BA 346 -25.77 -49.94 -85.24
N TYR BA 347 -24.53 -50.35 -85.04
CA TYR BA 347 -24.12 -51.75 -85.24
C TYR BA 347 -25.03 -52.71 -84.46
N ASN BA 348 -25.46 -53.78 -85.12
CA ASN BA 348 -26.10 -54.89 -84.41
C ASN BA 348 -24.99 -55.78 -83.83
N PRO BA 349 -25.34 -56.83 -83.07
CA PRO BA 349 -24.26 -57.66 -82.50
C PRO BA 349 -23.21 -58.17 -83.49
N LYS BA 350 -23.64 -58.64 -84.66
CA LYS BA 350 -22.72 -59.20 -85.64
C LYS BA 350 -21.82 -58.13 -86.27
N GLU BA 351 -22.41 -57.02 -86.70
CA GLU BA 351 -21.65 -55.88 -87.22
C GLU BA 351 -20.57 -55.45 -86.23
N PHE BA 352 -20.99 -55.32 -84.97
CA PHE BA 352 -20.12 -54.91 -83.88
C PHE BA 352 -18.92 -55.86 -83.71
N GLU BA 353 -19.22 -57.14 -83.52
CA GLU BA 353 -18.18 -58.15 -83.35
C GLU BA 353 -17.22 -58.19 -84.53
N SER BA 354 -17.76 -57.97 -85.73
CA SER BA 354 -16.94 -57.92 -86.95
C SER BA 354 -15.99 -56.72 -86.95
N CYS BA 355 -16.48 -55.57 -86.49
CA CYS BA 355 -15.64 -54.38 -86.42
C CYS BA 355 -14.51 -54.54 -85.40
N ILE BA 356 -14.87 -55.06 -84.22
CA ILE BA 356 -13.87 -55.37 -83.19
C ILE BA 356 -12.80 -56.34 -83.71
N GLN BA 357 -13.23 -57.40 -84.39
CA GLN BA 357 -12.30 -58.37 -84.96
C GLN BA 357 -11.41 -57.73 -86.01
N TYR BA 358 -11.97 -56.81 -86.79
CA TYR BA 358 -11.20 -56.08 -87.79
C TYR BA 358 -10.10 -55.24 -87.14
N TYR BA 359 -10.42 -54.65 -85.99
CA TYR BA 359 -9.42 -53.86 -85.25
C TYR BA 359 -8.34 -54.75 -84.64
N LEU BA 360 -8.73 -55.92 -84.15
CA LEU BA 360 -7.79 -56.87 -83.58
C LEU BA 360 -6.86 -57.44 -84.64
N GLU BA 361 -7.37 -57.61 -85.86
CA GLU BA 361 -6.58 -58.12 -86.98
C GLU BA 361 -5.50 -57.15 -87.39
N ASN BA 362 -5.78 -55.85 -87.25
CA ASN BA 362 -4.80 -54.81 -87.49
C ASN BA 362 -3.97 -54.51 -86.25
N ASN BA 363 -4.24 -55.27 -85.18
CA ASN BA 363 -3.70 -55.05 -83.83
C ASN BA 363 -3.73 -53.56 -83.43
N TRP BA 364 -4.90 -52.95 -83.62
CA TRP BA 364 -5.12 -51.54 -83.30
C TRP BA 364 -5.65 -51.36 -81.88
N LEU BA 365 -6.07 -52.45 -81.26
CA LEU BA 365 -6.36 -52.39 -79.84
C LEU BA 365 -5.11 -52.83 -79.10
N GLN BA 366 -4.44 -51.88 -78.46
CA GLN BA 366 -3.16 -52.15 -77.83
C GLN BA 366 -3.26 -52.41 -76.33
N HIS BA 367 -4.49 -52.41 -75.80
CA HIS BA 367 -4.68 -52.66 -74.39
C HIS BA 367 -4.72 -54.15 -74.10
N GLU BA 368 -3.88 -54.58 -73.17
CA GLU BA 368 -3.69 -55.99 -72.84
C GLU BA 368 -5.00 -56.72 -72.58
N LYS BA 369 -5.95 -56.03 -71.97
CA LYS BA 369 -7.20 -56.65 -71.54
C LYS BA 369 -8.31 -56.49 -72.59
N ALA BA 370 -7.97 -55.92 -73.74
CA ALA BA 370 -8.93 -55.75 -74.83
C ALA BA 370 -9.17 -57.04 -75.61
N HIS BA 371 -8.38 -58.07 -75.33
CA HIS BA 371 -8.52 -59.36 -76.01
C HIS BA 371 -9.49 -60.26 -75.26
N THR BA 372 -9.96 -59.79 -74.11
CA THR BA 372 -10.87 -60.58 -73.29
C THR BA 372 -12.30 -60.31 -73.74
N GLU BA 373 -13.25 -61.02 -73.14
CA GLU BA 373 -14.66 -60.80 -73.41
C GLU BA 373 -15.10 -59.57 -72.61
N GLU BA 374 -14.43 -59.37 -71.48
CA GLU BA 374 -14.62 -58.21 -70.63
C GLU BA 374 -14.50 -56.91 -71.43
N GLY BA 375 -13.38 -56.77 -72.12
CA GLY BA 375 -13.10 -55.62 -72.96
C GLY BA 375 -14.18 -55.34 -73.98
N LYS BA 376 -14.74 -56.41 -74.56
CA LYS BA 376 -15.81 -56.27 -75.53
C LYS BA 376 -17.11 -55.79 -74.88
N LYS BA 377 -17.43 -56.34 -73.71
CA LYS BA 377 -18.62 -55.89 -72.98
C LYS BA 377 -18.50 -54.39 -72.67
N GLU BA 378 -17.31 -53.99 -72.27
CA GLU BA 378 -17.06 -52.60 -71.88
C GLU BA 378 -17.11 -51.64 -73.07
N LEU BA 379 -16.48 -52.01 -74.18
CA LEU BA 379 -16.53 -51.18 -75.38
C LEU BA 379 -17.95 -51.08 -75.93
N LEU BA 380 -18.69 -52.20 -75.84
CA LEU BA 380 -20.08 -52.26 -76.27
C LEU BA 380 -20.94 -51.33 -75.43
N PHE BA 381 -20.71 -51.32 -74.13
CA PHE BA 381 -21.50 -50.47 -73.26
C PHE BA 381 -21.16 -48.99 -73.43
N LEU BA 382 -19.87 -48.66 -73.33
CA LEU BA 382 -19.42 -47.28 -73.40
C LEU BA 382 -19.73 -46.64 -74.74
N SER BA 383 -19.62 -47.41 -75.82
CA SER BA 383 -19.92 -46.86 -77.14
C SER BA 383 -21.40 -47.01 -77.53
N ASN BA 384 -22.14 -47.83 -76.79
CA ASN BA 384 -23.51 -48.21 -77.15
C ASN BA 384 -23.53 -48.79 -78.57
N ARG BA 385 -22.42 -49.43 -78.94
CA ARG BA 385 -22.14 -49.97 -80.28
C ARG BA 385 -22.57 -49.01 -81.39
N ASN BA 386 -22.25 -47.74 -81.18
CA ASN BA 386 -22.35 -46.72 -82.21
C ASN BA 386 -20.99 -46.61 -82.89
N PRO BA 387 -20.97 -46.63 -84.24
CA PRO BA 387 -19.69 -46.70 -84.97
C PRO BA 387 -18.70 -45.57 -84.68
N GLY BA 388 -19.14 -44.32 -84.73
CA GLY BA 388 -18.24 -43.20 -84.50
C GLY BA 388 -17.72 -43.20 -83.08
N GLN BA 389 -18.61 -43.48 -82.14
CA GLN BA 389 -18.27 -43.59 -80.73
C GLN BA 389 -17.27 -44.72 -80.48
N LEU BA 390 -17.48 -45.84 -81.15
CA LEU BA 390 -16.59 -47.00 -81.01
C LEU BA 390 -15.20 -46.70 -81.56
N GLU BA 391 -15.15 -45.98 -82.68
CA GLU BA 391 -13.88 -45.52 -83.23
C GLU BA 391 -13.15 -44.59 -82.25
N ARG BA 392 -13.90 -43.67 -81.64
CA ARG BA 392 -13.32 -42.76 -80.66
C ARG BA 392 -12.75 -43.53 -79.47
N LEU BA 393 -13.48 -44.54 -79.01
CA LEU BA 393 -13.06 -45.29 -77.83
C LEU BA 393 -11.90 -46.23 -78.12
N CYS BA 394 -11.78 -46.67 -79.37
CA CYS BA 394 -10.69 -47.55 -79.73
C CYS BA 394 -9.47 -46.78 -80.21
N ALA BA 395 -9.63 -45.48 -80.43
CA ALA BA 395 -8.51 -44.65 -80.90
C ALA BA 395 -7.45 -44.46 -79.81
N TYR BA 396 -7.88 -44.17 -78.58
CA TYR BA 396 -6.94 -43.94 -77.50
C TYR BA 396 -6.68 -45.20 -76.68
N LEU BA 397 -7.28 -46.31 -77.10
CA LEU BA 397 -7.13 -47.56 -76.36
C LEU BA 397 -5.92 -48.36 -76.84
N SER CA 268 -87.79 13.89 -32.81
CA SER CA 268 -88.36 13.44 -31.55
C SER CA 268 -87.29 13.05 -30.53
N LEU CA 269 -86.98 13.97 -29.62
CA LEU CA 269 -85.98 13.75 -28.58
C LEU CA 269 -86.50 12.80 -27.49
N TRP CA 270 -87.80 12.86 -27.26
CA TRP CA 270 -88.44 12.03 -26.24
C TRP CA 270 -88.47 10.54 -26.61
N ASP CA 271 -88.58 10.25 -27.90
CA ASP CA 271 -88.52 8.88 -28.40
C ASP CA 271 -87.10 8.32 -28.25
N ILE CA 272 -86.12 9.21 -28.40
CA ILE CA 272 -84.70 8.86 -28.27
C ILE CA 272 -84.33 8.61 -26.80
N GLU CA 273 -84.84 9.44 -25.89
CA GLU CA 273 -84.62 9.22 -24.46
C GLU CA 273 -85.40 7.99 -23.96
N PHE CA 274 -86.49 7.66 -24.64
CA PHE CA 274 -87.22 6.43 -24.36
C PHE CA 274 -86.43 5.18 -24.80
N ALA CA 275 -85.88 5.23 -26.02
CA ALA CA 275 -85.03 4.15 -26.53
C ALA CA 275 -83.75 4.00 -25.70
N LYS CA 276 -83.27 5.12 -25.13
CA LYS CA 276 -82.09 5.11 -24.26
C LYS CA 276 -82.41 4.52 -22.88
N GLN CA 277 -83.54 4.90 -22.30
CA GLN CA 277 -83.97 4.34 -21.03
C GLN CA 277 -84.28 2.85 -21.15
N LEU CA 278 -84.77 2.42 -22.32
CA LEU CA 278 -84.99 0.99 -22.57
C LEU CA 278 -83.67 0.25 -22.76
N ALA CA 279 -82.80 0.81 -23.59
CA ALA CA 279 -81.48 0.22 -23.85
C ALA CA 279 -80.61 0.19 -22.59
N ALA CA 280 -80.93 1.02 -21.60
CA ALA CA 280 -80.18 1.06 -20.34
C ALA CA 280 -80.50 -0.12 -19.42
N VAL CA 281 -81.78 -0.50 -19.35
CA VAL CA 281 -82.20 -1.69 -18.61
C VAL CA 281 -81.79 -2.96 -19.38
N THR CA 282 -81.83 -2.84 -20.70
CA THR CA 282 -81.41 -3.91 -21.61
C THR CA 282 -79.91 -4.23 -21.53
N GLU CA 283 -79.07 -3.22 -21.30
CA GLU CA 283 -77.62 -3.42 -21.39
C GLU CA 283 -76.98 -3.81 -20.04
N ARG CA 284 -76.53 -5.05 -19.99
CA ARG CA 284 -75.68 -5.53 -18.92
C ARG CA 284 -74.20 -5.40 -19.27
N PRO CA 285 -73.34 -5.28 -18.24
CA PRO CA 285 -71.93 -5.56 -18.48
C PRO CA 285 -71.78 -7.00 -18.99
N PHE CA 286 -70.93 -7.22 -19.99
CA PHE CA 286 -70.86 -8.49 -20.70
C PHE CA 286 -70.68 -9.70 -19.79
N GLN CA 287 -71.44 -10.75 -20.09
CA GLN CA 287 -71.39 -11.98 -19.32
C GLN CA 287 -70.44 -13.02 -19.91
N ASN CA 288 -69.92 -12.73 -21.09
CA ASN CA 288 -68.95 -13.63 -21.72
C ASN CA 288 -68.15 -13.00 -22.84
N GLY CA 289 -67.20 -13.75 -23.40
CA GLY CA 289 -66.43 -13.28 -24.51
C GLY CA 289 -67.30 -13.18 -25.74
N PHE CA 290 -68.08 -14.23 -25.96
CA PHE CA 290 -68.95 -14.29 -27.12
C PHE CA 290 -69.90 -13.11 -27.16
N GLU CA 291 -70.34 -12.67 -26.00
CA GLU CA 291 -71.14 -11.45 -25.92
C GLU CA 291 -70.33 -10.21 -26.35
N GLU CA 292 -69.10 -10.10 -25.84
CA GLU CA 292 -68.22 -8.98 -26.16
C GLU CA 292 -68.09 -8.87 -27.66
N MET CA 293 -67.82 -10.01 -28.29
CA MET CA 293 -67.67 -10.10 -29.74
C MET CA 293 -68.96 -9.77 -30.48
N ILE CA 294 -70.10 -10.19 -29.93
CA ILE CA 294 -71.37 -9.93 -30.59
C ILE CA 294 -71.69 -8.44 -30.62
N GLN CA 295 -71.61 -7.81 -29.45
CA GLN CA 295 -71.85 -6.37 -29.36
C GLN CA 295 -70.85 -5.61 -30.20
N TRP CA 296 -69.60 -6.06 -30.18
CA TRP CA 296 -68.56 -5.40 -30.95
C TRP CA 296 -68.84 -5.47 -32.45
N THR CA 297 -69.27 -6.64 -32.90
CA THR CA 297 -69.56 -6.84 -34.31
C THR CA 297 -70.71 -5.92 -34.75
N LYS CA 298 -71.81 -5.96 -34.01
CA LYS CA 298 -72.95 -5.09 -34.33
C LYS CA 298 -72.55 -3.63 -34.31
N GLU CA 299 -71.63 -3.28 -33.41
CA GLU CA 299 -71.14 -1.92 -33.27
C GLU CA 299 -70.34 -1.50 -34.49
N GLY CA 300 -69.63 -2.45 -35.09
CA GLY CA 300 -68.76 -2.17 -36.21
C GLY CA 300 -67.28 -2.19 -35.85
N LYS CA 301 -66.99 -2.38 -34.56
CA LYS CA 301 -65.61 -2.42 -34.09
C LYS CA 301 -64.92 -3.67 -34.56
N LEU CA 302 -65.58 -4.81 -34.37
CA LEU CA 302 -65.07 -6.09 -34.85
C LEU CA 302 -65.24 -6.21 -36.36
N TRP CA 303 -64.49 -7.13 -36.96
CA TRP CA 303 -64.62 -7.45 -38.37
C TRP CA 303 -65.76 -8.40 -38.66
N GLU CA 304 -66.26 -8.35 -39.89
CA GLU CA 304 -67.25 -9.32 -40.33
C GLU CA 304 -66.57 -10.58 -40.81
N PHE CA 305 -67.16 -11.73 -40.51
CA PHE CA 305 -66.61 -13.00 -40.97
C PHE CA 305 -67.68 -13.78 -41.74
N PRO CA 306 -67.28 -14.63 -42.70
CA PRO CA 306 -65.89 -14.85 -43.13
C PRO CA 306 -65.41 -13.62 -43.88
N ILE CA 307 -64.13 -13.34 -43.73
CA ILE CA 307 -63.58 -12.09 -44.24
C ILE CA 307 -63.74 -11.96 -45.74
N ASN CA 308 -64.25 -10.82 -46.17
CA ASN CA 308 -64.12 -10.38 -47.56
C ASN CA 308 -63.46 -9.00 -47.54
N ASN CA 309 -62.31 -8.89 -48.21
CA ASN CA 309 -61.45 -7.71 -48.09
C ASN CA 309 -62.08 -6.46 -48.68
N GLU CA 310 -63.10 -6.66 -49.49
CA GLU CA 310 -63.77 -5.58 -50.20
C GLU CA 310 -64.83 -4.94 -49.32
N ALA CA 311 -64.98 -5.47 -48.11
CA ALA CA 311 -65.99 -5.00 -47.17
C ALA CA 311 -65.77 -3.54 -46.79
N GLY CA 312 -66.84 -2.76 -46.85
CA GLY CA 312 -66.77 -1.35 -46.49
C GLY CA 312 -66.62 -0.47 -47.70
N PHE CA 313 -66.13 -1.04 -48.80
CA PHE CA 313 -65.86 -0.23 -50.00
C PHE CA 313 -66.51 -0.78 -51.27
N ASP CA 314 -67.54 -0.11 -51.75
CA ASP CA 314 -68.22 -0.53 -52.98
C ASP CA 314 -67.78 0.22 -54.23
N ASP CA 315 -67.00 1.29 -54.05
CA ASP CA 315 -66.57 2.13 -55.18
C ASP CA 315 -67.76 2.70 -55.96
N ASP CA 316 -68.55 3.53 -55.30
CA ASP CA 316 -69.60 4.34 -55.94
C ASP CA 316 -70.61 3.56 -56.78
N GLY CA 317 -70.77 2.27 -56.47
CA GLY CA 317 -71.68 1.40 -57.20
C GLY CA 317 -71.44 1.33 -58.71
N SER CA 318 -70.20 1.60 -59.11
CA SER CA 318 -69.85 1.61 -60.53
C SER CA 318 -69.76 0.19 -61.08
N GLU CA 319 -69.93 0.04 -62.39
CA GLU CA 319 -69.82 -1.28 -63.03
C GLU CA 319 -68.72 -1.24 -64.07
N PHE CA 320 -68.22 -2.41 -64.46
CA PHE CA 320 -66.95 -2.50 -65.17
C PHE CA 320 -66.90 -1.71 -66.49
N HIS CA 321 -68.06 -1.42 -67.06
CA HIS CA 321 -68.12 -0.66 -68.30
C HIS CA 321 -67.90 0.84 -68.09
N GLU CA 322 -68.04 1.32 -66.86
CA GLU CA 322 -67.75 2.70 -66.54
C GLU CA 322 -66.29 2.78 -66.15
N HIS CA 323 -65.61 1.66 -66.28
CA HIS CA 323 -64.18 1.58 -66.02
C HIS CA 323 -63.42 1.34 -67.32
N ILE CA 324 -63.69 0.20 -67.96
CA ILE CA 324 -62.97 -0.21 -69.17
C ILE CA 324 -63.17 0.73 -70.36
N PHE CA 325 -64.41 1.06 -70.67
CA PHE CA 325 -64.68 1.76 -71.91
C PHE CA 325 -64.85 3.26 -71.65
N LEU CA 326 -63.83 4.01 -72.04
CA LEU CA 326 -63.81 5.46 -71.82
C LEU CA 326 -64.14 6.27 -73.07
N ASP CA 327 -64.55 5.58 -74.13
CA ASP CA 327 -64.90 6.22 -75.39
C ASP CA 327 -65.81 7.44 -75.23
N LYS CA 328 -66.79 7.36 -74.31
CA LYS CA 328 -67.77 8.43 -74.12
C LYS CA 328 -67.16 9.82 -73.92
N TYR CA 329 -65.98 9.88 -73.30
CA TYR CA 329 -65.38 11.16 -72.95
C TYR CA 329 -64.38 11.60 -73.99
N LEU CA 330 -64.20 10.78 -75.02
CA LEU CA 330 -63.37 11.17 -76.15
C LEU CA 330 -64.22 11.73 -77.29
N GLN CA 331 -65.53 11.83 -77.07
CA GLN CA 331 -66.46 12.34 -78.07
C GLN CA 331 -66.04 13.71 -78.57
N ASP CA 332 -65.61 14.56 -77.65
CA ASP CA 332 -65.17 15.88 -78.04
C ASP CA 332 -63.65 15.90 -78.06
N PHE CA 333 -63.10 15.82 -79.26
CA PHE CA 333 -61.66 15.64 -79.54
C PHE CA 333 -61.55 15.41 -81.04
N PRO CA 334 -60.48 15.90 -81.66
CA PRO CA 334 -60.28 15.67 -83.11
C PRO CA 334 -60.18 14.18 -83.43
N LYS CA 335 -60.95 13.70 -84.40
CA LYS CA 335 -61.13 12.27 -84.60
C LYS CA 335 -60.00 11.54 -85.37
N GLN CA 336 -59.38 12.19 -86.35
CA GLN CA 336 -58.32 11.52 -87.10
C GLN CA 336 -56.88 11.91 -86.75
N GLY CA 337 -56.70 12.88 -85.86
CA GLY CA 337 -55.39 13.47 -85.65
C GLY CA 337 -54.42 12.66 -84.81
N PRO CA 338 -53.23 13.22 -84.53
CA PRO CA 338 -52.33 12.61 -83.54
C PRO CA 338 -52.91 12.75 -82.13
N ILE CA 339 -53.85 13.68 -81.94
CA ILE CA 339 -54.49 13.82 -80.65
C ILE CA 339 -55.32 12.57 -80.33
N ARG CA 340 -55.84 11.91 -81.35
CA ARG CA 340 -56.52 10.63 -81.11
C ARG CA 340 -55.54 9.58 -80.68
N HIS CA 341 -54.36 9.61 -81.26
CA HIS CA 341 -53.34 8.64 -80.90
C HIS CA 341 -53.02 8.80 -79.41
N PHE CA 342 -52.56 9.99 -79.05
CA PHE CA 342 -52.19 10.32 -77.68
C PHE CA 342 -53.31 10.01 -76.71
N MET CA 343 -54.48 10.54 -76.99
CA MET CA 343 -55.59 10.38 -76.06
C MET CA 343 -56.13 8.96 -75.99
N GLU CA 344 -55.90 8.17 -77.04
CA GLU CA 344 -56.30 6.77 -76.99
C GLU CA 344 -55.29 6.01 -76.16
N LEU CA 345 -54.06 6.48 -76.13
CA LEU CA 345 -53.09 5.89 -75.22
C LEU CA 345 -53.45 6.21 -73.78
N VAL CA 346 -53.66 7.49 -73.47
CA VAL CA 346 -54.07 7.88 -72.11
C VAL CA 346 -55.28 7.09 -71.65
N THR CA 347 -56.29 7.06 -72.53
CA THR CA 347 -57.48 6.26 -72.33
C THR CA 347 -57.19 4.81 -71.99
N CYS CA 348 -56.40 4.15 -72.85
CA CYS CA 348 -56.06 2.74 -72.65
C CYS CA 348 -55.36 2.53 -71.31
N GLY CA 349 -54.53 3.49 -70.92
CA GLY CA 349 -53.85 3.46 -69.63
C GLY CA 349 -54.84 3.46 -68.50
N LEU CA 350 -55.73 4.44 -68.51
CA LEU CA 350 -56.77 4.53 -67.49
C LEU CA 350 -57.65 3.28 -67.48
N SER CA 351 -57.76 2.62 -68.62
CA SER CA 351 -58.56 1.41 -68.70
C SER CA 351 -58.00 0.28 -67.85
N LYS CA 352 -56.69 0.31 -67.66
CA LYS CA 352 -56.02 -0.74 -66.90
C LYS CA 352 -55.78 -0.37 -65.43
N ASN CA 353 -56.25 0.80 -65.02
CA ASN CA 353 -55.89 1.34 -63.72
C ASN CA 353 -56.88 1.02 -62.60
N PRO CA 354 -56.51 0.11 -61.69
CA PRO CA 354 -57.37 -0.32 -60.58
C PRO CA 354 -57.50 0.70 -59.44
N TYR CA 355 -56.48 1.51 -59.23
CA TYR CA 355 -56.38 2.30 -58.01
C TYR CA 355 -57.23 3.57 -58.04
N LEU CA 356 -57.74 3.88 -59.22
CA LEU CA 356 -58.48 5.13 -59.42
C LEU CA 356 -59.98 4.90 -59.54
N SER CA 357 -60.77 5.89 -59.14
CA SER CA 357 -62.21 5.82 -59.31
C SER CA 357 -62.59 6.25 -60.71
N VAL CA 358 -63.87 6.16 -61.04
CA VAL CA 358 -64.36 6.62 -62.32
C VAL CA 358 -64.17 8.14 -62.41
N LYS CA 359 -64.64 8.82 -61.35
CA LYS CA 359 -64.54 10.26 -61.21
C LYS CA 359 -63.16 10.78 -61.56
N GLN CA 360 -62.15 10.16 -60.97
CA GLN CA 360 -60.78 10.61 -61.14
C GLN CA 360 -60.28 10.46 -62.58
N LYS CA 361 -60.60 9.33 -63.20
CA LYS CA 361 -60.21 9.10 -64.58
C LYS CA 361 -60.79 10.20 -65.44
N VAL CA 362 -62.08 10.44 -65.27
CA VAL CA 362 -62.76 11.50 -66.02
C VAL CA 362 -62.11 12.86 -65.79
N GLU CA 363 -61.63 13.10 -64.56
CA GLU CA 363 -60.95 14.36 -64.28
C GLU CA 363 -59.63 14.48 -65.03
N HIS CA 364 -58.93 13.36 -65.19
CA HIS CA 364 -57.74 13.33 -66.06
C HIS CA 364 -58.10 13.71 -67.51
N ILE CA 365 -59.08 13.00 -68.05
CA ILE CA 365 -59.58 13.26 -69.40
C ILE CA 365 -59.89 14.75 -69.60
N GLU CA 366 -60.62 15.32 -68.66
CA GLU CA 366 -61.03 16.72 -68.76
C GLU CA 366 -59.86 17.68 -68.62
N TRP CA 367 -58.88 17.35 -67.79
CA TRP CA 367 -57.69 18.18 -67.71
C TRP CA 367 -57.03 18.23 -69.07
N PHE CA 368 -57.05 17.11 -69.78
CA PHE CA 368 -56.48 17.14 -71.12
C PHE CA 368 -57.33 17.97 -72.10
N ARG CA 369 -58.65 17.79 -72.05
CA ARG CA 369 -59.57 18.59 -72.87
C ARG CA 369 -59.24 20.07 -72.72
N ASN CA 370 -59.20 20.48 -71.47
CA ASN CA 370 -58.97 21.87 -71.09
C ASN CA 370 -57.57 22.35 -71.46
N TYR CA 371 -56.58 21.48 -71.39
CA TYR CA 371 -55.21 21.91 -71.67
C TYR CA 371 -54.93 22.03 -73.17
N PHE CA 372 -55.52 21.14 -73.96
CA PHE CA 372 -55.38 21.24 -75.40
C PHE CA 372 -56.21 22.39 -75.94
N ASN CA 373 -57.42 22.53 -75.41
CA ASN CA 373 -58.27 23.65 -75.81
C ASN CA 373 -57.73 24.97 -75.25
N GLU CA 374 -56.81 24.88 -74.30
CA GLU CA 374 -56.13 26.07 -73.81
C GLU CA 374 -55.19 26.57 -74.89
N LYS CA 375 -54.39 25.67 -75.44
CA LYS CA 375 -53.51 26.07 -76.50
C LYS CA 375 -54.04 25.56 -77.83
N ARG CA 376 -54.71 26.45 -78.56
CA ARG CA 376 -55.07 26.22 -79.95
C ARG CA 376 -53.92 26.66 -80.83
N VAL CA 377 -53.31 27.76 -80.39
CA VAL CA 377 -52.31 28.49 -81.16
C VAL CA 377 -51.14 27.58 -81.57
N ILE CA 378 -50.51 26.97 -80.58
CA ILE CA 378 -49.34 26.13 -80.81
C ILE CA 378 -49.68 24.93 -81.69
N LEU CA 379 -50.91 24.44 -81.58
CA LEU CA 379 -51.37 23.31 -82.38
C LEU CA 379 -51.54 23.67 -83.84
N LYS CA 380 -52.22 24.78 -84.12
CA LYS CA 380 -52.35 25.27 -85.50
C LYS CA 380 -50.99 25.54 -86.12
N GLU CA 381 -50.13 26.25 -85.40
CA GLU CA 381 -48.77 26.55 -85.90
C GLU CA 381 -47.94 25.28 -86.14
N SER CA 382 -48.30 24.20 -85.46
CA SER CA 382 -47.48 22.99 -85.40
C SER CA 382 -47.33 22.26 -86.74
N GLY CA 383 -48.19 22.60 -87.70
CA GLY CA 383 -48.17 21.92 -88.99
C GLY CA 383 -49.34 20.97 -89.14
N ILE CA 384 -50.14 20.85 -88.09
CA ILE CA 384 -51.43 20.16 -88.20
C ILE CA 384 -52.54 21.00 -87.58
N GLN CA 385 -53.60 21.23 -88.35
CA GLN CA 385 -54.76 21.97 -87.87
C GLN CA 385 -55.53 21.07 -86.91
N LEU CA 386 -55.69 21.52 -85.69
CA LEU CA 386 -56.22 20.68 -84.64
C LEU CA 386 -57.36 21.34 -83.89
N ASN CA 387 -58.43 20.57 -83.69
CA ASN CA 387 -59.66 21.08 -83.09
C ASN CA 387 -59.67 20.94 -81.57
N LEU DA 4 -45.30 -13.87 -91.05
CA LEU DA 4 -46.18 -12.71 -90.87
C LEU DA 4 -47.06 -12.48 -92.11
N SER DA 5 -48.33 -12.20 -91.89
CA SER DA 5 -49.29 -11.99 -92.97
C SER DA 5 -50.17 -10.78 -92.70
N GLU DA 6 -51.12 -10.52 -93.58
CA GLU DA 6 -52.14 -9.50 -93.30
C GLU DA 6 -53.20 -10.10 -92.38
N TYR DA 7 -53.45 -11.38 -92.56
CA TYR DA 7 -54.41 -12.13 -91.73
C TYR DA 7 -54.01 -12.05 -90.27
N ALA DA 8 -52.74 -12.33 -89.99
CA ALA DA 8 -52.20 -12.29 -88.64
C ALA DA 8 -52.35 -10.91 -88.00
N VAL DA 9 -52.08 -9.86 -88.77
CA VAL DA 9 -52.17 -8.49 -88.28
C VAL DA 9 -53.62 -8.09 -87.99
N ARG DA 10 -54.54 -8.47 -88.88
CA ARG DA 10 -55.96 -8.24 -88.66
C ARG DA 10 -56.43 -8.93 -87.37
N MET DA 11 -56.00 -10.18 -87.22
CA MET DA 11 -56.27 -10.95 -86.01
C MET DA 11 -55.77 -10.25 -84.75
N SER DA 12 -54.52 -9.81 -84.79
CA SER DA 12 -53.90 -9.14 -83.65
C SER DA 12 -54.64 -7.85 -83.29
N ARG DA 13 -54.90 -7.02 -84.28
CA ARG DA 13 -55.70 -5.80 -84.09
C ARG DA 13 -57.01 -6.13 -83.40
N LEU DA 14 -57.66 -7.20 -83.86
CA LEU DA 14 -58.92 -7.63 -83.24
C LEU DA 14 -58.72 -8.04 -81.78
N SER DA 15 -57.62 -8.75 -81.51
CA SER DA 15 -57.30 -9.22 -80.16
C SER DA 15 -57.13 -8.06 -79.18
N ALA DA 16 -56.31 -7.08 -79.58
CA ALA DA 16 -56.11 -5.88 -78.77
C ALA DA 16 -57.42 -5.14 -78.55
N ARG DA 17 -58.13 -4.84 -79.63
CA ARG DA 17 -59.38 -4.11 -79.52
C ARG DA 17 -60.33 -4.83 -78.58
N LEU DA 18 -60.30 -6.15 -78.59
CA LEU DA 18 -61.23 -6.93 -77.79
C LEU DA 18 -60.87 -6.89 -76.33
N PHE DA 19 -59.67 -7.38 -76.02
CA PHE DA 19 -59.19 -7.41 -74.64
C PHE DA 19 -58.92 -6.01 -74.06
N GLY DA 20 -59.02 -4.98 -74.87
CA GLY DA 20 -58.95 -3.62 -74.37
C GLY DA 20 -57.53 -3.09 -74.19
N GLU DA 21 -56.58 -3.72 -74.88
CA GLU DA 21 -55.20 -3.23 -74.92
C GLU DA 21 -55.06 -2.27 -76.11
N VAL DA 22 -53.86 -1.74 -76.31
CA VAL DA 22 -53.67 -0.69 -77.31
C VAL DA 22 -54.03 -1.14 -78.72
N ALA DA 23 -54.92 -0.38 -79.37
CA ALA DA 23 -55.42 -0.72 -80.70
C ALA DA 23 -54.39 -0.45 -81.79
N ARG DA 24 -54.07 0.83 -82.01
CA ARG DA 24 -53.23 1.21 -83.14
C ARG DA 24 -51.74 1.07 -82.82
N PRO DA 25 -50.91 0.74 -83.83
CA PRO DA 25 -49.47 0.53 -83.62
C PRO DA 25 -48.74 1.75 -83.06
N THR DA 26 -47.95 1.52 -82.02
CA THR DA 26 -47.26 2.59 -81.30
C THR DA 26 -45.77 2.33 -81.20
N ASP DA 27 -45.01 3.39 -80.92
CA ASP DA 27 -43.57 3.28 -80.70
C ASP DA 27 -43.28 2.57 -79.38
N SER DA 28 -42.04 2.10 -79.22
CA SER DA 28 -41.60 1.60 -77.93
C SER DA 28 -41.60 2.74 -76.93
N LYS DA 29 -41.26 3.92 -77.43
CA LYS DA 29 -41.10 5.11 -76.61
C LYS DA 29 -42.43 5.70 -76.11
N SER DA 30 -43.48 5.58 -76.90
CA SER DA 30 -44.77 6.16 -76.55
C SER DA 30 -45.58 5.30 -75.60
N MET DA 31 -45.35 3.99 -75.61
CA MET DA 31 -46.11 3.06 -74.76
C MET DA 31 -45.98 3.42 -73.29
N LYS DA 32 -44.87 4.09 -72.96
CA LYS DA 32 -44.62 4.59 -71.62
C LYS DA 32 -45.84 5.34 -71.09
N VAL DA 33 -46.46 6.12 -71.96
CA VAL DA 33 -47.66 6.87 -71.60
C VAL DA 33 -48.69 5.96 -70.97
N VAL DA 34 -49.03 4.87 -71.65
CA VAL DA 34 -49.97 3.90 -71.11
C VAL DA 34 -49.52 3.43 -69.72
N LYS DA 35 -48.25 3.04 -69.63
CA LYS DA 35 -47.66 2.61 -68.37
C LYS DA 35 -47.93 3.66 -67.28
N LEU DA 36 -47.76 4.93 -67.63
CA LEU DA 36 -47.92 6.04 -66.68
C LEU DA 36 -49.31 6.12 -66.08
N PHE DA 37 -50.31 5.73 -66.85
CA PHE DA 37 -51.66 5.79 -66.34
C PHE DA 37 -52.19 4.44 -65.87
N SER DA 38 -51.40 3.40 -66.10
CA SER DA 38 -51.77 2.05 -65.69
C SER DA 38 -51.49 1.87 -64.22
N GLU DA 39 -50.55 2.67 -63.74
CA GLU DA 39 -49.95 2.49 -62.43
C GLU DA 39 -50.34 3.56 -61.46
N GLN DA 40 -49.87 3.40 -60.25
CA GLN DA 40 -49.99 4.43 -59.25
C GLN DA 40 -48.70 5.22 -59.27
N PRO DA 41 -48.77 6.53 -59.54
CA PRO DA 41 -47.54 7.32 -59.61
C PRO DA 41 -46.81 7.26 -58.28
N LEU DA 42 -45.48 7.16 -58.30
CA LEU DA 42 -44.70 6.86 -57.10
C LEU DA 42 -45.05 7.69 -55.86
N ALA DA 43 -45.21 9.00 -56.01
CA ALA DA 43 -45.46 9.86 -54.85
C ALA DA 43 -46.85 9.66 -54.26
N LYS DA 44 -47.70 8.88 -54.91
CA LYS DA 44 -49.04 8.61 -54.40
C LYS DA 44 -49.21 7.34 -53.56
N ARG DA 45 -48.21 6.47 -53.54
CA ARG DA 45 -48.34 5.20 -52.82
C ARG DA 45 -48.29 5.41 -51.32
N LYS DA 46 -49.04 4.61 -50.57
CA LYS DA 46 -49.07 4.79 -49.11
C LYS DA 46 -47.70 4.50 -48.50
N GLU DA 47 -46.91 3.71 -49.20
CA GLU DA 47 -45.56 3.44 -48.76
C GLU DA 47 -44.68 4.68 -48.82
N THR DA 48 -45.18 5.72 -49.49
CA THR DA 48 -44.38 6.92 -49.76
C THR DA 48 -44.79 8.15 -48.97
N TYR DA 49 -46.02 8.60 -49.15
CA TYR DA 49 -46.46 9.79 -48.43
C TYR DA 49 -46.78 9.48 -46.97
N ASP DA 50 -47.09 8.23 -46.69
CA ASP DA 50 -47.42 7.83 -45.33
C ASP DA 50 -46.24 7.21 -44.57
N TRP DA 51 -45.06 7.23 -45.19
CA TRP DA 51 -43.83 6.59 -44.70
C TRP DA 51 -43.55 6.82 -43.23
N TYR DA 52 -43.43 8.10 -42.86
CA TYR DA 52 -43.28 8.46 -41.46
C TYR DA 52 -44.55 8.30 -40.64
N PRO DA 53 -44.39 7.92 -39.37
CA PRO DA 53 -45.44 8.14 -38.38
C PRO DA 53 -45.50 9.63 -38.10
N ASN DA 54 -46.63 10.17 -37.67
CA ASN DA 54 -46.58 11.58 -37.34
C ASN DA 54 -45.91 11.70 -35.99
N HIS DA 55 -44.75 12.34 -35.97
CA HIS DA 55 -44.01 12.44 -34.73
C HIS DA 55 -44.57 13.57 -33.88
N ASN DA 56 -45.13 14.59 -34.52
CA ASN DA 56 -45.77 15.66 -33.80
C ASN DA 56 -46.90 15.11 -32.93
N THR DA 57 -47.74 14.24 -33.46
CA THR DA 57 -48.86 13.73 -32.67
C THR DA 57 -48.38 12.89 -31.51
N TYR DA 58 -47.34 12.09 -31.71
CA TYR DA 58 -46.85 11.24 -30.62
C TYR DA 58 -46.24 12.12 -29.52
N PHE DA 59 -45.37 13.04 -29.90
CA PHE DA 59 -44.68 13.89 -28.93
C PHE DA 59 -45.64 14.80 -28.17
N ALA DA 60 -46.53 15.45 -28.90
CA ALA DA 60 -47.54 16.31 -28.31
C ALA DA 60 -48.47 15.54 -27.38
N LEU DA 61 -49.10 14.48 -27.90
CA LEU DA 61 -50.03 13.73 -27.08
C LEU DA 61 -49.39 13.19 -25.81
N MET DA 62 -48.19 12.63 -25.90
CA MET DA 62 -47.61 12.06 -24.69
C MET DA 62 -47.09 13.12 -23.75
N GLY DA 63 -46.72 14.28 -24.29
CA GLY DA 63 -46.42 15.42 -23.45
C GLY DA 63 -47.62 15.85 -22.62
N THR DA 64 -48.76 16.06 -23.30
CA THR DA 64 -49.97 16.45 -22.59
C THR DA 64 -50.31 15.40 -21.55
N LEU DA 65 -50.41 14.15 -21.96
CA LEU DA 65 -50.72 13.07 -21.04
C LEU DA 65 -49.75 13.00 -19.86
N ARG DA 66 -48.54 13.53 -20.02
CA ARG DA 66 -47.64 13.66 -18.89
C ARG DA 66 -48.14 14.77 -17.97
N PHE DA 67 -48.45 15.93 -18.54
CA PHE DA 67 -48.96 17.03 -17.72
C PHE DA 67 -50.31 16.75 -17.04
N LEU DA 68 -51.11 15.87 -17.63
CA LEU DA 68 -52.36 15.44 -17.00
C LEU DA 68 -52.07 14.31 -16.03
N GLY DA 69 -50.79 13.99 -15.88
CA GLY DA 69 -50.33 13.05 -14.88
C GLY DA 69 -50.76 11.62 -15.10
N LEU DA 70 -51.02 11.26 -16.35
CA LEU DA 70 -51.34 9.86 -16.64
C LEU DA 70 -50.09 9.11 -17.01
N TYR DA 71 -49.46 9.56 -18.10
CA TYR DA 71 -48.14 9.06 -18.52
C TYR DA 71 -47.03 9.63 -17.65
N ARG DA 72 -46.01 8.81 -17.42
CA ARG DA 72 -44.83 9.23 -16.67
C ARG DA 72 -43.56 9.07 -17.49
N ASP DA 73 -42.91 10.18 -17.85
CA ASP DA 73 -41.73 10.10 -18.71
C ASP DA 73 -40.44 10.26 -17.91
N GLU DA 74 -39.69 9.17 -17.74
CA GLU DA 74 -38.49 9.25 -16.92
C GLU DA 74 -37.40 9.98 -17.67
N HIS DA 75 -37.46 9.95 -18.99
CA HIS DA 75 -36.45 10.63 -19.79
C HIS DA 75 -36.58 12.13 -19.62
N GLN DA 76 -37.82 12.60 -19.75
CA GLN DA 76 -38.07 14.01 -19.65
C GLN DA 76 -37.76 14.48 -18.23
N ASP DA 77 -38.09 13.63 -17.25
CA ASP DA 77 -37.77 13.90 -15.84
C ASP DA 77 -36.28 14.07 -15.59
N PHE DA 78 -35.50 13.17 -16.18
CA PHE DA 78 -34.05 13.22 -16.11
C PHE DA 78 -33.56 14.55 -16.69
N ARG DA 79 -34.06 14.88 -17.88
CA ARG DA 79 -33.70 16.13 -18.55
C ARG DA 79 -33.97 17.33 -17.65
N ASP DA 80 -35.17 17.33 -17.07
CA ASP DA 80 -35.61 18.36 -16.14
C ASP DA 80 -34.65 18.51 -14.98
N GLU DA 81 -34.54 17.47 -14.17
CA GLU DA 81 -33.73 17.53 -12.96
C GLU DA 81 -32.29 17.97 -13.26
N GLN DA 82 -31.70 17.41 -14.31
CA GLN DA 82 -30.39 17.88 -14.76
C GLN DA 82 -30.41 19.39 -14.97
N LEU DA 83 -31.42 19.87 -15.70
CA LEU DA 83 -31.48 21.30 -16.05
C LEU DA 83 -31.65 22.20 -14.82
N ARG DA 84 -32.53 21.79 -13.92
CA ARG DA 84 -32.71 22.47 -12.64
C ARG DA 84 -31.37 22.61 -11.94
N LEU DA 85 -30.67 21.49 -11.78
CA LEU DA 85 -29.39 21.53 -11.10
C LEU DA 85 -28.37 22.38 -11.86
N LYS DA 86 -28.59 22.55 -13.15
CA LYS DA 86 -27.68 23.34 -13.95
C LYS DA 86 -27.92 24.84 -13.76
N LYS DA 87 -29.18 25.26 -13.66
CA LYS DA 87 -29.50 26.67 -13.44
C LYS DA 87 -29.12 27.09 -12.03
N LEU DA 88 -29.13 26.12 -11.13
CA LEU DA 88 -28.75 26.33 -9.73
C LEU DA 88 -27.25 26.61 -9.60
N ARG DA 89 -26.46 25.80 -10.30
CA ARG DA 89 -25.00 25.95 -10.32
C ARG DA 89 -24.60 27.25 -11.01
N GLY DA 90 -25.54 27.84 -11.72
CA GLY DA 90 -25.33 29.17 -12.28
C GLY DA 90 -25.17 29.24 -13.79
N LYS DA 91 -25.08 28.09 -14.44
CA LYS DA 91 -25.03 28.12 -15.91
C LYS DA 91 -26.39 27.72 -16.46
N GLY DA 92 -27.13 28.73 -16.94
CA GLY DA 92 -28.44 28.50 -17.51
C GLY DA 92 -28.48 28.77 -19.00
N LYS DA 93 -29.69 28.83 -19.54
CA LYS DA 93 -29.88 29.27 -20.92
C LYS DA 93 -30.21 30.75 -20.92
N PRO DA 94 -29.32 31.57 -21.55
CA PRO DA 94 -29.52 33.01 -21.74
C PRO DA 94 -30.86 33.35 -22.39
N ARG DA 95 -31.58 34.30 -21.79
CA ARG DA 95 -32.78 34.86 -22.40
C ARG DA 95 -32.40 35.42 -23.78
N LYS DA 96 -33.29 35.28 -24.76
CA LYS DA 96 -32.95 35.59 -26.14
C LYS DA 96 -32.51 37.05 -26.40
N GLY DA 97 -31.34 37.21 -26.99
CA GLY DA 97 -30.81 38.52 -27.35
C GLY DA 97 -29.71 38.98 -26.41
N GLU DA 98 -29.65 38.38 -25.23
CA GLU DA 98 -28.78 38.85 -24.15
C GLU DA 98 -27.30 38.44 -24.25
N GLY DA 99 -27.03 37.21 -24.66
CA GLY DA 99 -25.73 36.58 -24.47
C GLY DA 99 -24.46 37.18 -25.07
N LYS DA 100 -24.45 37.37 -26.39
CA LYS DA 100 -23.24 37.78 -27.11
C LYS DA 100 -22.65 39.11 -26.65
N ARG DA 101 -23.40 40.18 -26.88
CA ARG DA 101 -22.92 41.56 -26.71
C ARG DA 101 -22.61 41.94 -25.25
N ALA DA 102 -23.46 41.45 -24.33
CA ALA DA 102 -23.35 41.78 -22.91
C ALA DA 102 -22.01 41.33 -22.33
N MET EA 1 47.96 28.61 39.24
CA MET EA 1 48.62 27.37 39.64
C MET EA 1 49.50 26.80 38.52
N ALA EA 2 49.82 25.52 38.62
CA ALA EA 2 50.79 24.87 37.73
C ALA EA 2 50.13 24.15 36.54
N ARG EA 3 50.31 24.72 35.36
CA ARG EA 3 49.98 24.07 34.09
C ARG EA 3 51.27 24.02 33.28
N LYS EA 4 51.60 22.85 32.75
CA LYS EA 4 52.96 22.53 32.32
C LYS EA 4 53.57 23.50 31.30
N LYS EA 5 52.71 24.25 30.62
CA LYS EA 5 53.15 25.15 29.56
C LYS EA 5 53.35 26.59 30.03
N VAL EA 6 53.17 26.83 31.33
CA VAL EA 6 53.06 28.19 31.87
C VAL EA 6 54.23 29.11 31.50
N ARG EA 7 53.88 30.30 30.99
CA ARG EA 7 54.85 31.30 30.58
C ARG EA 7 55.53 32.00 31.76
N PRO EA 8 56.81 32.35 31.59
CA PRO EA 8 57.66 33.03 32.56
C PRO EA 8 57.52 34.56 32.50
N ARG EA 9 56.58 35.15 33.23
CA ARG EA 9 56.44 36.60 33.12
C ARG EA 9 57.59 37.31 33.81
N LEU EA 10 58.39 38.00 33.00
CA LEU EA 10 59.59 38.68 33.49
C LEU EA 10 59.30 40.07 34.03
N ILE EA 11 58.48 40.80 33.28
CA ILE EA 11 58.25 42.21 33.53
C ILE EA 11 57.49 42.42 34.84
N ALA EA 12 56.78 41.38 35.26
CA ALA EA 12 56.13 41.38 36.56
C ALA EA 12 57.14 41.72 37.66
N GLU EA 13 58.35 41.16 37.54
CA GLU EA 13 59.40 41.38 38.52
C GLU EA 13 60.03 42.76 38.36
N LEU EA 14 60.35 43.08 37.11
CA LEU EA 14 60.96 44.36 36.75
C LEU EA 14 60.17 45.55 37.30
N ALA EA 15 58.86 45.53 37.10
CA ALA EA 15 58.02 46.61 37.58
C ALA EA 15 57.97 46.70 39.10
N ARG EA 16 57.98 45.55 39.78
CA ARG EA 16 58.05 45.53 41.24
C ARG EA 16 59.31 46.25 41.74
N ARG EA 17 60.45 45.78 41.25
CA ARG EA 17 61.74 46.36 41.62
C ARG EA 17 61.79 47.85 41.35
N VAL EA 18 61.54 48.22 40.10
CA VAL EA 18 61.58 49.61 39.66
C VAL EA 18 60.62 50.51 40.45
N ARG EA 19 59.42 50.02 40.73
CA ARG EA 19 58.46 50.80 41.50
C ARG EA 19 58.95 51.01 42.93
N ALA EA 20 59.46 49.96 43.57
CA ALA EA 20 60.02 50.09 44.91
C ALA EA 20 61.15 51.11 44.95
N LEU EA 21 62.01 51.06 43.93
CA LEU EA 21 63.14 51.99 43.83
C LEU EA 21 62.67 53.44 43.67
N ARG EA 22 61.80 53.69 42.71
CA ARG EA 22 61.28 55.03 42.46
C ARG EA 22 60.45 55.54 43.64
N GLU EA 23 59.99 54.60 44.46
CA GLU EA 23 59.31 54.95 45.70
C GLU EA 23 60.32 55.46 46.74
N GLN EA 24 61.39 54.70 46.95
CA GLN EA 24 62.41 55.09 47.95
C GLN EA 24 63.14 56.37 47.57
N ARG EA 25 63.38 56.55 46.26
CA ARG EA 25 64.16 57.68 45.76
C ARG EA 25 63.35 58.98 45.73
N GLU EA 26 62.07 58.86 45.40
CA GLU EA 26 61.18 60.01 45.32
C GLU EA 26 60.41 60.21 46.62
N ARG EA 27 60.74 59.42 47.63
CA ARG EA 27 60.05 59.48 48.92
C ARG EA 27 60.09 60.90 49.49
N PRO EA 28 58.90 61.52 49.62
CA PRO EA 28 58.75 62.95 49.94
C PRO EA 28 59.28 63.36 51.31
N ARG EA 29 59.95 64.52 51.34
CA ARG EA 29 60.35 65.14 52.60
C ARG EA 29 59.10 65.68 53.28
N ASP EA 30 58.94 65.42 54.57
CA ASP EA 30 57.68 65.75 55.23
C ASP EA 30 57.53 67.27 55.42
N SER EA 31 58.59 67.98 55.07
CA SER EA 31 58.57 69.43 55.03
C SER EA 31 57.54 69.92 54.01
N GLN EA 32 57.59 69.38 52.80
CA GLN EA 32 56.64 69.75 51.74
C GLN EA 32 55.31 69.02 51.90
N ARG EA 33 55.38 67.82 52.47
CA ARG EA 33 54.23 66.93 52.60
C ARG EA 33 53.06 67.55 53.36
N TYR EA 34 53.28 67.89 54.63
CA TYR EA 34 52.24 68.46 55.48
C TYR EA 34 52.12 69.97 55.32
N ALA EA 35 52.87 70.53 54.37
CA ALA EA 35 52.78 71.96 54.05
C ALA EA 35 51.35 72.36 53.77
N LEU EA 36 50.95 73.52 54.29
CA LEU EA 36 49.54 73.87 54.27
C LEU EA 36 49.27 75.29 53.80
N ASP EA 37 48.27 75.45 52.96
CA ASP EA 37 47.87 76.77 52.46
C ASP EA 37 46.76 77.31 53.36
N TYR EA 38 47.08 78.34 54.14
CA TYR EA 38 46.21 78.76 55.23
C TYR EA 38 45.00 79.54 54.74
N GLU EA 39 45.08 80.06 53.54
CA GLU EA 39 43.95 80.79 52.97
C GLU EA 39 42.87 79.82 52.49
N THR EA 40 43.26 78.83 51.70
CA THR EA 40 42.33 77.87 51.11
C THR EA 40 42.07 76.66 52.00
N MET EA 41 42.93 76.49 53.00
CA MET EA 41 42.93 75.31 53.86
C MET EA 41 43.11 74.02 53.07
N MET EA 42 44.14 74.00 52.25
CA MET EA 42 44.34 72.90 51.31
C MET EA 42 45.80 72.51 51.21
N ARG EA 43 46.08 71.21 51.30
CA ARG EA 43 47.43 70.70 51.10
C ARG EA 43 47.82 70.75 49.63
N PRO EA 44 48.99 71.34 49.33
CA PRO EA 44 49.51 71.34 47.96
C PRO EA 44 49.90 69.94 47.49
N HIS EA 45 50.50 69.16 48.38
CA HIS EA 45 51.03 67.85 48.01
C HIS EA 45 49.94 66.86 47.67
N SER EA 46 49.00 66.68 48.60
CA SER EA 46 47.96 65.67 48.45
C SER EA 46 46.72 66.19 47.73
N GLY EA 47 46.62 67.50 47.61
CA GLY EA 47 45.41 68.12 47.09
C GLY EA 47 44.21 67.99 48.03
N ASN EA 48 44.48 67.55 49.26
CA ASN EA 48 43.42 67.33 50.25
C ASN EA 48 42.97 68.58 50.99
N ARG EA 49 41.69 68.66 51.35
CA ARG EA 49 41.18 69.78 52.15
C ARG EA 49 40.98 69.38 53.60
N LEU EA 50 41.20 70.31 54.52
CA LEU EA 50 41.06 70.00 55.93
C LEU EA 50 39.63 70.14 56.41
N PRO EA 51 39.21 69.22 57.29
CA PRO EA 51 37.88 69.16 57.91
C PRO EA 51 37.47 70.45 58.60
N MET EA 52 36.21 70.83 58.40
CA MET EA 52 35.65 72.08 58.90
C MET EA 52 35.96 72.36 60.37
N ARG EA 53 35.97 71.33 61.20
CA ARG EA 53 36.11 71.50 62.65
C ARG EA 53 37.52 71.81 63.09
N ALA EA 54 38.46 71.66 62.18
CA ALA EA 54 39.85 71.87 62.56
C ALA EA 54 40.36 73.26 62.17
N TRP EA 55 39.53 74.04 61.49
CA TRP EA 55 39.96 75.31 60.91
C TRP EA 55 40.54 76.29 61.94
N ALA EA 56 39.71 76.70 62.89
CA ALA EA 56 40.13 77.64 63.92
C ALA EA 56 41.46 77.21 64.55
N ASP EA 57 41.50 76.00 65.07
CA ASP EA 57 42.69 75.46 65.73
C ASP EA 57 43.92 75.49 64.83
N VAL EA 58 43.68 75.54 63.52
CA VAL EA 58 44.78 75.60 62.57
C VAL EA 58 45.30 77.02 62.47
N ARG EA 59 44.38 77.99 62.44
CA ARG EA 59 44.79 79.39 62.38
C ARG EA 59 45.51 79.82 63.65
N HIS EA 60 44.92 79.49 64.80
CA HIS EA 60 45.31 80.09 66.07
C HIS EA 60 46.40 79.37 66.86
N GLU EA 61 46.80 78.17 66.45
CA GLU EA 61 47.72 77.39 67.27
C GLU EA 61 48.91 76.82 66.51
N SER EA 62 49.88 76.28 67.25
CA SER EA 62 51.17 75.95 66.66
C SER EA 62 51.51 74.47 66.73
N ARG EA 63 52.12 73.98 65.66
CA ARG EA 63 52.55 72.58 65.59
C ARG EA 63 53.83 72.38 66.40
N LEU EA 64 54.13 71.12 66.73
CA LEU EA 64 55.12 70.80 67.75
C LEU EA 64 56.52 71.36 67.48
N LEU EA 65 57.02 71.19 66.26
CA LEU EA 65 58.38 71.64 65.97
C LEU EA 65 58.48 73.16 65.82
N GLN EA 66 57.33 73.83 65.67
CA GLN EA 66 57.29 75.29 65.78
C GLN EA 66 57.58 75.77 67.20
N LEU EA 67 57.18 74.98 68.20
CA LEU EA 67 57.54 75.28 69.59
C LEU EA 67 58.83 74.58 70.06
N LEU EA 68 59.33 73.62 69.28
CA LEU EA 68 60.59 72.98 69.61
C LEU EA 68 61.83 73.51 68.91
N ASN EA 69 61.62 74.36 67.91
CA ASN EA 69 62.78 74.87 67.16
C ASN EA 69 63.46 76.01 67.91
N ARG EA 70 62.69 76.74 68.71
CA ARG EA 70 63.21 77.87 69.46
C ARG EA 70 63.65 77.46 70.87
N LEU EA 71 63.64 76.16 71.16
CA LEU EA 71 64.19 75.65 72.42
C LEU EA 71 65.69 75.33 72.25
N PRO EA 72 66.48 75.55 73.32
CA PRO EA 72 67.95 75.55 73.25
C PRO EA 72 68.61 74.25 72.79
N LEU EA 73 68.21 73.13 73.38
CA LEU EA 73 68.77 71.81 73.04
C LEU EA 73 67.88 71.14 72.00
N PHE EA 74 66.97 71.94 71.45
CA PHE EA 74 65.83 71.50 70.64
C PHE EA 74 64.87 70.76 71.53
N GLY EA 75 64.83 71.21 72.79
CA GLY EA 75 63.83 70.79 73.74
C GLY EA 75 63.87 69.36 74.21
N LEU EA 76 64.98 68.92 74.80
CA LEU EA 76 64.98 67.59 75.41
C LEU EA 76 64.61 67.68 76.89
N GLY EA 77 63.90 66.67 77.39
CA GLY EA 77 63.51 66.62 78.79
C GLY EA 77 62.38 67.58 79.14
N ARG EA 78 61.91 68.30 78.12
CA ARG EA 78 60.82 69.26 78.26
C ARG EA 78 59.44 68.61 78.30
N LEU EA 79 58.48 69.30 78.91
CA LEU EA 79 57.12 68.80 78.96
C LEU EA 79 56.22 69.52 77.96
N VAL EA 80 55.43 68.74 77.20
CA VAL EA 80 54.57 69.28 76.16
C VAL EA 80 53.11 68.80 76.33
N THR EA 81 52.16 69.69 76.10
CA THR EA 81 50.74 69.34 76.20
C THR EA 81 49.99 69.73 74.95
N ARG EA 82 48.76 69.26 74.83
CA ARG EA 82 47.96 69.47 73.62
C ARG EA 82 46.67 70.20 73.96
N LYS EA 83 46.35 71.22 73.17
CA LYS EA 83 45.18 72.07 73.43
C LYS EA 83 43.90 71.28 73.66
N SER EA 84 43.70 70.27 72.82
CA SER EA 84 42.52 69.41 72.89
C SER EA 84 42.40 68.74 74.27
N TRP EA 85 43.50 68.16 74.72
CA TRP EA 85 43.58 67.56 76.04
C TRP EA 85 43.23 68.55 77.15
N LEU EA 86 43.75 69.77 77.03
CA LEU EA 86 43.53 70.80 78.03
C LEU EA 86 42.06 71.16 78.10
N TRP EA 87 41.39 71.09 76.96
CA TRP EA 87 39.99 71.41 76.97
C TRP EA 87 39.14 70.27 77.51
N GLN EA 88 39.46 69.05 77.12
CA GLN EA 88 38.66 67.89 77.54
C GLN EA 88 38.98 67.31 78.94
N HIS EA 89 40.27 67.17 79.25
CA HIS EA 89 40.68 66.51 80.49
C HIS EA 89 41.28 67.47 81.52
N ASP EA 90 40.69 67.49 82.71
CA ASP EA 90 41.16 68.38 83.77
C ASP EA 90 42.36 67.83 84.50
N GLU EA 91 42.56 66.53 84.39
CA GLU EA 91 43.76 65.89 84.91
C GLU EA 91 44.90 66.10 83.91
N PRO EA 92 46.17 66.10 84.38
CA PRO EA 92 47.31 66.47 83.53
C PRO EA 92 47.59 65.49 82.41
N CYS EA 93 47.87 66.03 81.23
CA CYS EA 93 48.23 65.20 80.10
C CYS EA 93 49.38 65.82 79.36
N TYR EA 94 50.51 65.14 79.36
CA TYR EA 94 51.71 65.73 78.80
C TYR EA 94 52.58 64.68 78.12
N TRP EA 95 53.46 65.17 77.26
CA TRP EA 95 54.49 64.36 76.62
C TRP EA 95 55.85 64.85 77.12
N ARG EA 96 56.69 63.94 77.61
CA ARG EA 96 58.08 64.30 77.95
C ARG EA 96 59.03 63.84 76.84
N LEU EA 97 59.72 64.78 76.24
CA LEU EA 97 60.46 64.50 75.01
C LEU EA 97 61.77 63.75 75.24
N THR EA 98 61.90 62.59 74.58
CA THR EA 98 63.14 61.81 74.70
C THR EA 98 64.07 62.14 73.54
N ARG EA 99 63.63 61.84 72.32
CA ARG EA 99 64.36 62.28 71.14
C ARG EA 99 63.52 63.22 70.29
N VAL EA 100 64.20 64.06 69.53
CA VAL EA 100 63.58 64.93 68.54
C VAL EA 100 64.45 64.94 67.30
N ARG EA 101 63.87 64.66 66.14
CA ARG EA 101 64.65 64.60 64.92
C ARG EA 101 64.01 65.43 63.83
N PRO EA 102 64.33 66.73 63.81
CA PRO EA 102 63.74 67.71 62.89
C PRO EA 102 64.02 67.43 61.43
N ASP EA 103 63.23 68.05 60.55
CA ASP EA 103 63.47 67.95 59.12
C ASP EA 103 63.93 69.28 58.56
N TYR EA 104 65.13 69.20 58.00
CA TYR EA 104 65.99 70.33 57.70
C TYR EA 104 65.82 70.89 56.32
N ALA EA 105 65.11 70.17 55.47
CA ALA EA 105 64.78 70.69 54.15
C ALA EA 105 63.89 71.94 54.33
N ALA EA 106 63.23 72.00 55.47
CA ALA EA 106 62.34 73.11 55.80
C ALA EA 106 63.12 74.40 56.02
N GLU EA 107 62.71 75.45 55.33
CA GLU EA 107 63.33 76.75 55.48
C GLU EA 107 63.12 77.30 56.90
N ASN EA 108 61.92 77.13 57.44
CA ASN EA 108 61.58 77.66 58.76
C ASN EA 108 61.81 76.62 59.86
N LEU EA 109 62.19 75.41 59.44
CA LEU EA 109 62.46 74.28 60.33
C LEU EA 109 61.27 73.93 61.25
N ASP EA 110 60.09 73.75 60.67
CA ASP EA 110 58.84 73.47 61.41
C ASP EA 110 58.43 72.01 61.48
N HIS EA 111 59.19 71.10 60.87
CA HIS EA 111 58.71 69.74 60.69
C HIS EA 111 59.70 68.68 61.18
N GLY EA 112 59.17 67.57 61.67
CA GLY EA 112 60.01 66.46 62.10
C GLY EA 112 59.31 65.43 62.97
N LYS EA 113 59.98 64.29 63.14
CA LYS EA 113 59.46 63.19 63.95
C LYS EA 113 60.01 63.24 65.38
N ALA EA 114 59.18 62.93 66.37
CA ALA EA 114 59.56 63.05 67.76
C ALA EA 114 59.35 61.75 68.53
N TRP EA 115 59.92 61.69 69.73
CA TRP EA 115 59.73 60.55 70.63
C TRP EA 115 59.60 60.99 72.08
N GLY EA 116 59.22 60.06 72.94
CA GLY EA 116 59.18 60.37 74.35
C GLY EA 116 58.49 59.40 75.27
N ILE EA 117 58.03 59.93 76.40
CA ILE EA 117 57.28 59.16 77.37
C ILE EA 117 56.05 59.95 77.78
N LEU EA 118 54.91 59.26 77.83
CA LEU EA 118 53.60 59.91 77.87
C LEU EA 118 52.89 59.78 79.21
N THR EA 119 52.29 60.87 79.66
CA THR EA 119 51.39 60.80 80.81
C THR EA 119 50.02 61.26 80.37
N PHE EA 120 49.02 60.39 80.51
CA PHE EA 120 47.67 60.70 80.07
C PHE EA 120 46.65 60.50 81.20
N LYS EA 121 45.95 61.59 81.53
CA LYS EA 121 45.04 61.61 82.66
C LYS EA 121 45.78 61.24 83.95
N GLY EA 122 47.05 61.64 84.01
CA GLY EA 122 47.88 61.51 85.20
C GLY EA 122 48.64 60.20 85.30
N LYS EA 123 48.12 59.17 84.64
CA LYS EA 123 48.77 57.88 84.65
C LYS EA 123 50.00 57.97 83.76
N THR EA 124 51.07 57.32 84.17
CA THR EA 124 52.29 57.39 83.38
C THR EA 124 52.64 56.04 82.78
N GLU EA 125 53.00 56.07 81.50
CA GLU EA 125 53.51 54.91 80.80
C GLU EA 125 55.02 54.86 81.04
N SER EA 126 55.58 53.65 81.13
CA SER EA 126 56.97 53.49 81.55
C SER EA 126 57.99 53.41 80.42
N GLU EA 127 57.56 53.58 79.18
CA GLU EA 127 58.47 53.38 78.06
C GLU EA 127 58.63 54.61 77.17
N ALA EA 128 59.69 54.61 76.38
CA ALA EA 128 59.83 55.59 75.31
C ALA EA 128 59.01 55.14 74.10
N ARG EA 129 58.58 56.09 73.28
CA ARG EA 129 57.67 55.81 72.18
C ARG EA 129 57.79 56.93 71.15
N GLU EA 130 57.32 56.71 69.93
CA GLU EA 130 57.22 57.80 68.95
C GLU EA 130 55.90 58.55 69.12
N ILE EA 131 55.97 59.86 69.29
CA ILE EA 131 54.78 60.68 69.48
C ILE EA 131 53.94 60.77 68.20
N GLU EA 132 52.62 60.81 68.37
CA GLU EA 132 51.70 60.82 67.24
C GLU EA 132 51.06 62.17 67.04
N GLN EA 133 50.79 62.50 65.78
CA GLN EA 133 50.06 63.71 65.40
C GLN EA 133 50.82 64.97 65.74
N VAL EA 134 52.13 64.89 65.56
CA VAL EA 134 52.99 66.05 65.67
C VAL EA 134 52.47 67.20 64.78
N MET EA 135 52.27 66.93 63.50
CA MET EA 135 51.95 67.97 62.50
C MET EA 135 50.69 68.76 62.79
N TYR EA 136 49.84 68.20 63.64
CA TYR EA 136 48.60 68.85 64.02
C TYR EA 136 48.90 70.23 64.55
N HIS EA 137 48.03 71.22 64.40
CA HIS EA 137 48.27 72.36 65.28
C HIS EA 137 47.32 72.26 66.46
N ASP EA 138 47.70 71.51 67.48
CA ASP EA 138 47.15 71.65 68.82
C ASP EA 138 48.21 71.96 69.91
N TRP EA 139 49.47 71.94 69.52
CA TRP EA 139 50.53 71.77 70.51
C TRP EA 139 50.88 73.03 71.32
N ARG EA 140 51.20 72.80 72.59
CA ARG EA 140 51.59 73.86 73.53
C ARG EA 140 52.74 73.40 74.43
N LEU EA 141 53.60 74.34 74.79
CA LEU EA 141 54.73 74.06 75.67
C LEU EA 141 54.50 74.66 77.06
N VAL EA 142 54.74 73.85 78.10
CA VAL EA 142 54.63 74.35 79.47
C VAL EA 142 55.98 74.88 79.97
N PRO EA 143 55.96 76.09 80.57
CA PRO EA 143 57.15 76.77 81.09
C PRO EA 143 57.82 76.03 82.27
N LYS EA 144 59.08 76.33 82.53
CA LYS EA 144 59.88 75.63 83.55
C LYS EA 144 59.33 75.74 84.98
N HIS EA 145 58.81 76.91 85.31
CA HIS EA 145 58.32 77.15 86.67
C HIS EA 145 56.98 76.48 86.89
N GLU EA 146 56.14 76.49 85.86
CA GLU EA 146 54.82 75.88 85.94
C GLU EA 146 54.88 74.36 85.79
N GLU EA 147 56.07 73.85 85.41
CA GLU EA 147 56.29 72.42 85.21
C GLU EA 147 55.84 71.58 86.40
N GLU EA 148 56.20 72.04 87.60
CA GLU EA 148 55.90 71.30 88.81
C GLU EA 148 54.46 71.56 89.27
N ALA EA 149 53.80 72.54 88.65
CA ALA EA 149 52.37 72.77 88.87
C ALA EA 149 51.49 71.82 88.02
N PHE EA 150 51.92 71.53 86.80
CA PHE EA 150 51.21 70.59 85.94
C PHE EA 150 51.48 69.15 86.32
N THR EA 151 52.76 68.83 86.56
CA THR EA 151 53.11 67.46 86.95
C THR EA 151 52.46 67.10 88.30
N ALA EA 152 51.94 68.10 88.99
CA ALA EA 152 51.19 67.88 90.22
C ALA EA 152 49.86 67.17 89.93
N PHE EA 153 49.66 66.03 90.58
CA PHE EA 153 48.51 65.17 90.30
C PHE EA 153 47.84 64.67 91.57
N THR EA 154 46.53 64.90 91.66
CA THR EA 154 45.73 64.41 92.77
C THR EA 154 45.23 63.03 92.43
N LEU EA 155 45.75 62.00 93.09
CA LEU EA 155 45.41 60.63 92.73
C LEU EA 155 44.04 60.24 93.30
N VAL EA 156 43.11 59.86 92.42
CA VAL EA 156 41.76 59.48 92.84
C VAL EA 156 41.46 58.06 92.37
N PRO EA 157 40.79 57.26 93.23
CA PRO EA 157 40.38 55.90 92.84
C PRO EA 157 39.18 55.87 91.90
N GLU EA 158 39.02 54.72 91.23
CA GLU EA 158 37.96 54.52 90.25
C GLU EA 158 36.72 53.85 90.88
N ASP EA 159 35.56 54.47 90.66
CA ASP EA 159 34.32 54.03 91.32
C ASP EA 159 33.40 53.14 90.49
N THR EA 160 33.80 52.78 89.27
CA THR EA 160 32.96 51.97 88.40
C THR EA 160 32.89 50.51 88.91
N PRO EA 161 31.67 50.01 89.20
CA PRO EA 161 31.44 48.68 89.78
C PRO EA 161 32.10 47.57 88.96
N LEU EA 162 32.87 46.73 89.64
CA LEU EA 162 33.67 45.69 88.99
C LEU EA 162 32.82 44.65 88.27
N SER EA 163 31.55 44.56 88.67
CA SER EA 163 30.65 43.57 88.13
C SER EA 163 29.32 44.19 87.78
N VAL EA 164 28.65 43.59 86.81
CA VAL EA 164 27.34 44.05 86.36
C VAL EA 164 26.46 42.85 86.02
N PRO EA 165 25.12 43.04 86.04
CA PRO EA 165 24.21 41.97 85.63
C PRO EA 165 24.50 41.45 84.22
N TYR EA 166 24.29 40.16 83.99
CA TYR EA 166 24.23 39.68 82.62
C TYR EA 166 22.97 40.25 81.97
N PRO EA 167 22.98 40.37 80.64
CA PRO EA 167 21.74 40.85 79.99
C PRO EA 167 20.64 39.80 80.11
N PRO EA 168 19.37 40.25 80.16
CA PRO EA 168 18.23 39.47 80.65
C PRO EA 168 18.10 38.03 80.14
N LEU EA 169 18.29 37.80 78.85
CA LEU EA 169 18.14 36.45 78.33
C LEU EA 169 19.35 35.63 78.68
N LEU EA 170 20.52 36.23 78.55
CA LEU EA 170 21.74 35.49 78.80
C LEU EA 170 21.80 34.98 80.24
N ARG EA 171 21.31 35.82 81.15
CA ARG EA 171 21.19 35.43 82.55
C ARG EA 171 20.30 34.21 82.70
N ALA EA 172 19.16 34.22 82.01
CA ALA EA 172 18.23 33.11 82.03
C ALA EA 172 18.89 31.82 81.53
N MET EA 173 19.55 31.90 80.38
CA MET EA 173 20.27 30.76 79.82
C MET EA 173 21.26 30.17 80.80
N ILE EA 174 22.01 31.04 81.49
CA ILE EA 174 22.99 30.55 82.47
C ILE EA 174 22.35 29.90 83.68
N LEU EA 175 21.32 30.55 84.21
CA LEU EA 175 20.53 29.99 85.30
C LEU EA 175 20.04 28.59 84.99
N ALA EA 176 19.32 28.48 83.87
CA ALA EA 176 18.73 27.21 83.50
C ALA EA 176 19.82 26.18 83.22
N GLN EA 177 20.88 26.62 82.58
CA GLN EA 177 22.00 25.73 82.29
C GLN EA 177 22.60 25.13 83.56
N ARG EA 178 22.66 25.90 84.64
CA ARG EA 178 23.20 25.31 85.87
C ARG EA 178 22.15 24.55 86.68
N GLN EA 179 20.88 24.83 86.48
CA GLN EA 179 19.85 23.97 87.06
C GLN EA 179 19.89 22.57 86.47
N LYS EA 180 20.16 22.51 85.17
CA LYS EA 180 20.21 21.23 84.47
C LYS EA 180 21.30 20.30 85.01
N TYR EA 181 22.46 20.82 85.39
CA TYR EA 181 23.54 19.97 85.88
C TYR EA 181 23.52 19.74 87.38
N GLY EA 182 22.47 20.24 88.05
CA GLY EA 182 22.28 19.94 89.45
C GLY EA 182 23.01 20.87 90.41
N ASP EA 183 23.33 22.07 89.93
CA ASP EA 183 23.88 23.12 90.77
C ASP EA 183 22.74 24.02 91.27
N THR EA 184 22.47 23.97 92.57
CA THR EA 184 21.30 24.62 93.16
C THR EA 184 21.52 26.10 93.52
N SER EA 185 22.78 26.52 93.57
CA SER EA 185 23.16 27.83 94.09
C SER EA 185 22.43 28.97 93.40
N THR EA 186 21.73 29.79 94.19
CA THR EA 186 20.93 30.87 93.65
C THR EA 186 21.73 32.18 93.58
N GLU EA 187 23.02 32.10 93.88
CA GLU EA 187 23.90 33.27 93.78
C GLU EA 187 23.88 33.83 92.39
N GLU EA 188 23.56 35.11 92.31
CA GLU EA 188 23.38 35.80 91.05
C GLU EA 188 24.63 35.70 90.17
N PRO EA 189 24.45 35.35 88.89
CA PRO EA 189 25.54 35.35 87.90
C PRO EA 189 25.99 36.76 87.60
N MET EA 190 27.29 37.00 87.66
CA MET EA 190 27.81 38.36 87.51
C MET EA 190 28.86 38.44 86.41
N LEU EA 191 28.86 39.56 85.73
CA LEU EA 191 29.75 39.79 84.62
C LEU EA 191 30.88 40.69 85.06
N ASN EA 192 32.11 40.22 84.87
CA ASN EA 192 33.30 40.85 85.46
C ASN EA 192 34.03 41.80 84.50
N LEU EA 193 33.99 43.10 84.79
CA LEU EA 193 34.42 44.13 83.86
C LEU EA 193 35.89 44.50 83.96
N GLU EA 194 36.65 43.78 84.76
CA GLU EA 194 38.05 44.11 85.00
C GLU EA 194 38.84 44.27 83.71
N ARG EA 195 38.64 43.37 82.77
CA ARG EA 195 39.41 43.39 81.52
C ARG EA 195 38.71 44.15 80.39
N ALA EA 196 37.56 44.73 80.70
CA ALA EA 196 36.78 45.49 79.72
C ALA EA 196 37.17 46.96 79.67
N ARG EA 197 38.23 47.30 80.39
CA ARG EA 197 38.77 48.66 80.41
C ARG EA 197 39.28 49.08 79.02
N ILE EA 198 38.79 50.23 78.54
CA ILE EA 198 39.25 50.80 77.26
C ILE EA 198 39.62 52.27 77.43
N ASP EA 199 40.70 52.69 76.77
CA ASP EA 199 41.13 54.09 76.80
C ASP EA 199 40.19 54.97 75.99
N PRO EA 200 39.94 56.20 76.46
CA PRO EA 200 39.12 57.12 75.68
C PRO EA 200 39.79 57.40 74.34
N TRP EA 201 39.03 57.91 73.36
CA TRP EA 201 39.57 58.05 72.03
C TRP EA 201 40.75 59.02 71.96
N ASP EA 202 40.81 59.96 72.90
CA ASP EA 202 41.89 60.94 72.90
C ASP EA 202 43.26 60.30 73.03
N TYR EA 203 43.31 59.18 73.74
CA TYR EA 203 44.56 58.47 73.98
C TYR EA 203 45.28 58.13 72.68
N PRO EA 204 46.52 58.62 72.52
CA PRO EA 204 47.33 58.43 71.31
C PRO EA 204 47.84 57.00 71.11
N ALA EA 205 47.69 56.51 69.88
CA ALA EA 205 48.11 55.16 69.52
C ALA EA 205 49.57 55.11 69.14
N LYS EA 206 50.21 53.98 69.41
CA LYS EA 206 51.62 53.81 69.06
C LYS EA 206 51.84 53.54 67.58
N LEU EA 207 52.73 54.31 66.97
CA LEU EA 207 53.03 54.17 65.56
C LEU EA 207 54.02 53.05 65.31
N GLU EA 208 54.60 52.54 66.39
CA GLU EA 208 55.63 51.51 66.28
C GLU EA 208 55.02 50.18 65.85
N ALA EA 209 55.63 49.58 64.82
CA ALA EA 209 55.21 48.29 64.30
C ALA EA 209 55.29 47.23 65.39
N LYS EA 210 54.33 46.31 65.39
CA LYS EA 210 54.24 45.30 66.45
C LYS EA 210 55.20 44.13 66.23
N THR EA 211 55.84 43.71 67.32
CA THR EA 211 56.66 42.51 67.31
C THR EA 211 55.77 41.30 67.57
N LYS EA 212 55.78 40.34 66.65
CA LYS EA 212 54.87 39.20 66.73
C LYS EA 212 55.41 38.10 67.64
N THR EA 213 54.63 37.77 68.68
CA THR EA 213 55.01 36.74 69.66
C THR EA 213 53.98 35.61 69.69
N ARG FA 51 -52.73 -2.42 2.38
CA ARG FA 51 -53.47 -3.65 2.62
C ARG FA 51 -53.30 -4.67 1.49
N ARG FA 52 -52.64 -5.78 1.80
CA ARG FA 52 -52.25 -6.77 0.80
C ARG FA 52 -53.20 -7.97 0.71
N LYS FA 53 -53.79 -8.15 -0.47
CA LYS FA 53 -54.76 -9.22 -0.66
C LYS FA 53 -54.21 -10.35 -1.56
N ALA FA 54 -54.14 -11.56 -1.02
CA ALA FA 54 -53.80 -12.73 -1.83
C ALA FA 54 -54.91 -13.78 -1.77
N LEU FA 55 -55.61 -14.00 -2.88
CA LEU FA 55 -56.65 -15.02 -2.95
C LEU FA 55 -56.16 -16.29 -3.64
N PRO FA 56 -56.43 -17.47 -3.04
CA PRO FA 56 -56.05 -18.72 -3.73
C PRO FA 56 -56.66 -18.80 -5.14
N PRO FA 57 -55.96 -19.46 -6.07
CA PRO FA 57 -56.39 -19.64 -7.47
C PRO FA 57 -57.69 -20.42 -7.63
N ARG FA 58 -58.33 -20.28 -8.79
CA ARG FA 58 -59.55 -21.01 -9.10
C ARG FA 58 -59.36 -22.51 -9.09
N THR FA 59 -58.12 -22.95 -9.21
CA THR FA 59 -57.80 -24.37 -9.31
C THR FA 59 -58.26 -25.15 -8.06
N GLU FA 60 -58.26 -24.49 -6.91
CA GLU FA 60 -58.79 -25.05 -5.66
C GLU FA 60 -60.27 -25.43 -5.76
N LYS FA 61 -61.09 -24.47 -6.22
CA LYS FA 61 -62.55 -24.62 -6.28
C LYS FA 61 -62.98 -25.46 -7.48
N MET FA 62 -62.01 -25.91 -8.28
CA MET FA 62 -62.29 -26.60 -9.52
C MET FA 62 -62.69 -28.05 -9.28
N ALA FA 63 -63.89 -28.40 -9.72
CA ALA FA 63 -64.35 -29.78 -9.69
C ALA FA 63 -63.54 -30.58 -10.70
N VAL FA 64 -63.36 -31.86 -10.43
CA VAL FA 64 -62.58 -32.71 -11.30
C VAL FA 64 -63.27 -32.90 -12.64
N ASP FA 65 -64.59 -33.08 -12.61
CA ASP FA 65 -65.35 -33.39 -13.83
C ASP FA 65 -66.02 -32.19 -14.49
N GLN FA 66 -65.75 -31.00 -13.96
CA GLN FA 66 -66.28 -29.76 -14.52
C GLN FA 66 -65.96 -29.67 -16.00
N ASP FA 67 -66.98 -29.38 -16.81
CA ASP FA 67 -66.78 -29.26 -18.25
C ASP FA 67 -65.85 -28.10 -18.57
N TRP FA 68 -64.79 -28.40 -19.29
CA TRP FA 68 -63.74 -27.45 -19.56
C TRP FA 68 -64.17 -26.27 -20.47
N PRO FA 69 -64.94 -26.52 -21.55
CA PRO FA 69 -65.28 -25.39 -22.43
C PRO FA 69 -66.06 -24.29 -21.73
N SER FA 70 -66.61 -24.59 -20.57
CA SER FA 70 -67.22 -23.58 -19.74
C SER FA 70 -66.18 -22.53 -19.36
N VAL FA 71 -64.96 -22.97 -19.06
CA VAL FA 71 -63.90 -22.09 -18.54
C VAL FA 71 -63.30 -21.15 -19.59
N TYR FA 72 -63.01 -21.69 -20.77
CA TYR FA 72 -62.40 -20.92 -21.85
C TYR FA 72 -63.26 -20.94 -23.10
N PRO FA 73 -64.38 -20.20 -23.09
CA PRO FA 73 -65.22 -20.20 -24.28
C PRO FA 73 -64.53 -19.56 -25.49
N VAL FA 74 -63.80 -18.48 -25.25
CA VAL FA 74 -63.19 -17.72 -26.34
C VAL FA 74 -61.66 -17.72 -26.23
N ALA FA 75 -61.01 -17.10 -27.21
CA ALA FA 75 -59.54 -17.04 -27.22
C ALA FA 75 -59.02 -16.26 -26.02
N ALA FA 76 -58.12 -16.88 -25.27
CA ALA FA 76 -57.73 -16.35 -23.98
C ALA FA 76 -56.23 -16.43 -23.75
N PRO FA 77 -55.69 -15.40 -23.10
CA PRO FA 77 -54.27 -15.19 -22.79
C PRO FA 77 -53.57 -16.30 -22.00
N PHE FA 78 -54.28 -17.28 -21.44
CA PHE FA 78 -53.72 -18.22 -20.45
C PHE FA 78 -53.32 -17.55 -19.14
N LYS FA 79 -54.32 -17.24 -18.34
CA LYS FA 79 -54.09 -16.97 -16.93
C LYS FA 79 -53.80 -18.32 -16.24
N PRO FA 80 -52.69 -18.38 -15.48
CA PRO FA 80 -52.21 -19.58 -14.78
C PRO FA 80 -53.13 -19.95 -13.63
N SER FA 81 -53.80 -18.94 -13.10
CA SER FA 81 -54.73 -19.12 -12.00
C SER FA 81 -55.98 -19.91 -12.42
N ALA FA 82 -56.43 -19.72 -13.66
CA ALA FA 82 -57.66 -20.32 -14.13
C ALA FA 82 -57.43 -21.66 -14.84
N VAL FA 83 -56.19 -22.13 -14.87
CA VAL FA 83 -55.90 -23.44 -15.47
C VAL FA 83 -55.41 -24.44 -14.44
N PRO FA 84 -56.14 -25.55 -14.31
CA PRO FA 84 -55.91 -26.60 -13.31
C PRO FA 84 -54.60 -27.37 -13.50
N LEU FA 85 -54.28 -27.69 -14.75
CA LEU FA 85 -53.14 -28.54 -15.05
C LEU FA 85 -51.84 -27.90 -14.61
N PRO FA 86 -51.03 -28.62 -13.83
CA PRO FA 86 -49.67 -28.11 -13.65
C PRO FA 86 -48.89 -28.29 -14.95
N VAL FA 87 -48.28 -27.23 -15.43
CA VAL FA 87 -47.48 -27.30 -16.63
C VAL FA 87 -46.23 -26.47 -16.41
N ARG FA 88 -45.09 -27.12 -16.56
CA ARG FA 88 -43.83 -26.43 -16.43
C ARG FA 88 -43.25 -26.23 -17.81
N MET FA 89 -43.01 -24.98 -18.19
CA MET FA 89 -42.28 -24.71 -19.41
C MET FA 89 -41.19 -23.70 -19.15
N GLY FA 90 -40.25 -23.66 -20.08
CA GLY FA 90 -38.99 -23.00 -19.86
C GLY FA 90 -37.86 -24.01 -19.85
N TYR FA 91 -36.67 -23.51 -20.11
CA TYR FA 91 -35.49 -24.32 -20.06
C TYR FA 91 -35.12 -24.44 -18.59
N PRO FA 92 -34.56 -25.60 -18.22
CA PRO FA 92 -34.14 -25.79 -16.83
C PRO FA 92 -32.75 -25.23 -16.54
N VAL FA 93 -32.36 -25.33 -15.28
CA VAL FA 93 -31.02 -24.95 -14.84
C VAL FA 93 -30.42 -26.24 -14.31
N LYS FA 94 -29.10 -26.25 -14.14
CA LYS FA 94 -28.34 -27.50 -14.01
C LYS FA 94 -28.93 -28.53 -13.01
N ARG FA 95 -29.16 -28.13 -11.77
CA ARG FA 95 -29.90 -29.00 -10.85
C ARG FA 95 -31.40 -28.87 -11.06
N GLY FA 96 -31.83 -27.65 -11.34
CA GLY FA 96 -33.24 -27.29 -11.33
C GLY FA 96 -34.16 -27.86 -12.41
N VAL FA 97 -35.45 -27.55 -12.29
CA VAL FA 97 -36.46 -27.93 -13.28
C VAL FA 97 -36.97 -26.77 -14.13
N PRO FA 98 -37.84 -27.07 -15.12
CA PRO FA 98 -38.60 -26.03 -15.83
C PRO FA 98 -39.47 -25.18 -14.91
N MET FA 99 -39.54 -23.89 -15.19
CA MET FA 99 -40.21 -22.93 -14.32
C MET FA 99 -41.69 -23.26 -14.15
N ALA FA 100 -42.29 -22.76 -13.06
CA ALA FA 100 -43.67 -23.10 -12.75
C ALA FA 100 -44.62 -22.33 -13.65
N LYS FA 101 -45.91 -22.64 -13.55
CA LYS FA 101 -46.87 -22.03 -14.46
C LYS FA 101 -47.23 -20.63 -13.99
N GLU FA 102 -46.90 -20.31 -12.74
CA GLU FA 102 -47.22 -19.00 -12.19
C GLU FA 102 -46.12 -18.00 -12.48
N GLY FA 103 -46.50 -16.87 -13.06
CA GLY FA 103 -45.56 -15.82 -13.41
C GLY FA 103 -44.68 -16.14 -14.59
N ASN FA 104 -44.97 -17.25 -15.27
CA ASN FA 104 -44.14 -17.72 -16.38
C ASN FA 104 -44.45 -16.93 -17.64
N LEU FA 105 -43.46 -16.19 -18.14
CA LEU FA 105 -43.71 -15.30 -19.26
C LEU FA 105 -43.78 -16.09 -20.55
N GLU FA 106 -43.11 -17.23 -20.57
CA GLU FA 106 -42.98 -18.01 -21.79
C GLU FA 106 -44.27 -18.69 -22.18
N LEU FA 107 -45.09 -19.07 -21.19
CA LEU FA 107 -46.38 -19.67 -21.47
C LEU FA 107 -47.34 -18.62 -22.00
N LEU FA 108 -47.13 -17.39 -21.54
CA LEU FA 108 -47.93 -16.26 -21.98
C LEU FA 108 -47.77 -15.95 -23.47
N LYS FA 109 -46.61 -16.31 -24.03
CA LYS FA 109 -46.30 -16.06 -25.44
C LYS FA 109 -46.99 -17.05 -26.36
N ILE FA 110 -47.20 -18.25 -25.83
CA ILE FA 110 -47.82 -19.34 -26.57
C ILE FA 110 -49.28 -19.07 -26.95
N PRO FA 111 -49.61 -19.17 -28.25
CA PRO FA 111 -51.03 -19.26 -28.62
C PRO FA 111 -51.60 -20.53 -28.00
N ASN FA 112 -52.69 -20.44 -27.26
CA ASN FA 112 -53.19 -21.61 -26.57
C ASN FA 112 -54.47 -22.08 -27.20
N PHE FA 113 -54.56 -23.40 -27.38
CA PHE FA 113 -55.70 -24.01 -28.02
C PHE FA 113 -56.77 -24.40 -27.02
N LEU FA 114 -56.61 -23.89 -25.80
CA LEU FA 114 -57.54 -24.14 -24.70
C LEU FA 114 -59.04 -23.87 -24.97
N HIS FA 115 -59.37 -22.95 -25.86
CA HIS FA 115 -60.78 -22.74 -26.17
C HIS FA 115 -61.29 -23.82 -27.13
N LEU FA 116 -60.35 -24.46 -27.80
CA LEU FA 116 -60.61 -25.45 -28.84
C LEU FA 116 -60.52 -26.94 -28.46
N THR FA 117 -60.39 -27.27 -27.18
CA THR FA 117 -60.35 -28.67 -26.73
C THR FA 117 -61.49 -29.50 -27.33
N PRO FA 118 -61.17 -30.70 -27.86
CA PRO FA 118 -62.04 -31.46 -28.76
C PRO FA 118 -63.52 -31.55 -28.33
N VAL FA 119 -63.78 -31.61 -27.02
CA VAL FA 119 -65.16 -31.57 -26.55
C VAL FA 119 -65.84 -30.28 -27.02
N ALA FA 120 -65.12 -29.17 -26.85
CA ALA FA 120 -65.63 -27.86 -27.23
C ALA FA 120 -65.88 -27.79 -28.75
N ILE FA 121 -65.04 -28.45 -29.54
CA ILE FA 121 -65.27 -28.52 -30.98
C ILE FA 121 -66.51 -29.33 -31.32
N LYS FA 122 -66.62 -30.54 -30.78
CA LYS FA 122 -67.81 -31.38 -31.01
C LYS FA 122 -69.08 -30.58 -30.76
N ARG FA 123 -69.12 -29.92 -29.60
CA ARG FA 123 -70.27 -29.10 -29.25
C ARG FA 123 -70.49 -27.99 -30.27
N HIS FA 124 -69.44 -27.21 -30.52
CA HIS FA 124 -69.49 -26.10 -31.48
C HIS FA 124 -70.07 -26.51 -32.83
N CYS FA 125 -69.49 -27.56 -33.40
CA CYS FA 125 -69.91 -28.05 -34.71
C CYS FA 125 -71.35 -28.53 -34.69
N GLU FA 126 -71.72 -29.23 -33.63
CA GLU FA 126 -73.10 -29.71 -33.52
C GLU FA 126 -74.08 -28.53 -33.49
N ALA FA 127 -73.62 -27.40 -32.98
CA ALA FA 127 -74.44 -26.18 -33.03
C ALA FA 127 -74.49 -25.57 -34.43
N LEU FA 128 -73.49 -25.89 -35.25
CA LEU FA 128 -73.37 -25.31 -36.59
C LEU FA 128 -74.05 -26.12 -37.68
N LYS FA 129 -74.44 -27.34 -37.35
CA LYS FA 129 -75.09 -28.25 -38.29
C LYS FA 129 -76.37 -27.67 -38.91
N ASP FA 130 -76.93 -26.68 -38.24
CA ASP FA 130 -78.20 -26.08 -38.63
C ASP FA 130 -78.06 -25.10 -39.79
N PHE FA 131 -76.90 -24.46 -39.86
CA PHE FA 131 -76.64 -23.46 -40.89
C PHE FA 131 -76.29 -24.08 -42.23
N CYS FA 132 -75.58 -25.20 -42.20
CA CYS FA 132 -75.05 -25.80 -43.42
C CYS FA 132 -76.12 -26.46 -44.31
N THR FA 133 -75.96 -26.33 -45.63
CA THR FA 133 -76.88 -26.92 -46.59
C THR FA 133 -76.22 -28.07 -47.35
N GLU FA 134 -77.03 -29.03 -47.76
CA GLU FA 134 -76.52 -30.29 -48.30
C GLU FA 134 -75.89 -30.15 -49.69
N TRP FA 135 -75.07 -31.13 -50.04
CA TRP FA 135 -74.46 -31.20 -51.37
C TRP FA 135 -75.24 -32.18 -52.26
N PRO FA 136 -75.67 -31.72 -53.44
CA PRO FA 136 -76.44 -32.51 -54.41
C PRO FA 136 -75.79 -33.85 -54.77
N ALA FA 137 -76.59 -34.92 -54.72
CA ALA FA 137 -76.12 -36.30 -54.89
C ALA FA 137 -75.35 -36.56 -56.19
N ALA FA 138 -76.03 -36.41 -57.32
CA ALA FA 138 -75.49 -36.82 -58.64
C ALA FA 138 -74.14 -36.20 -59.00
N LEU FA 139 -73.79 -35.10 -58.35
CA LEU FA 139 -72.58 -34.36 -58.66
C LEU FA 139 -71.30 -35.01 -58.14
N ASP FA 140 -71.44 -36.16 -57.47
CA ASP FA 140 -70.32 -36.83 -56.77
C ASP FA 140 -69.03 -37.03 -57.59
N SER FA 141 -69.12 -37.15 -58.91
CA SER FA 141 -67.93 -37.32 -59.73
C SER FA 141 -67.64 -36.09 -60.58
N ASP FA 142 -66.36 -35.85 -60.88
CA ASP FA 142 -65.94 -34.68 -61.65
C ASP FA 142 -66.52 -34.66 -63.07
N GLU FA 143 -66.64 -35.85 -63.67
CA GLU FA 143 -67.21 -35.99 -65.00
C GLU FA 143 -68.55 -35.27 -65.09
N LYS FA 144 -69.45 -35.61 -64.17
CA LYS FA 144 -70.77 -35.01 -64.16
C LYS FA 144 -70.68 -33.53 -63.83
N CYS FA 145 -69.69 -33.14 -63.04
CA CYS FA 145 -69.47 -31.74 -62.74
C CYS FA 145 -69.28 -30.95 -64.02
N GLU FA 146 -68.39 -31.44 -64.88
CA GLU FA 146 -68.10 -30.78 -66.15
C GLU FA 146 -69.28 -30.84 -67.12
N LYS FA 147 -69.92 -32.01 -67.22
CA LYS FA 147 -71.07 -32.18 -68.11
C LYS FA 147 -72.21 -31.24 -67.75
N HIS FA 148 -72.31 -30.89 -66.46
CA HIS FA 148 -73.34 -29.98 -65.99
C HIS FA 148 -72.82 -28.55 -65.88
N PHE FA 149 -71.77 -28.35 -65.07
CA PHE FA 149 -71.15 -27.04 -64.96
C PHE FA 149 -69.77 -26.97 -65.61
N PRO FA 150 -69.69 -26.32 -66.79
CA PRO FA 150 -68.49 -26.10 -67.60
C PRO FA 150 -67.51 -25.07 -67.03
N ILE FA 151 -68.03 -24.12 -66.25
CA ILE FA 151 -67.28 -22.91 -65.93
C ILE FA 151 -66.81 -22.82 -64.48
N GLU FA 152 -65.49 -22.73 -64.27
CA GLU FA 152 -64.93 -22.55 -62.92
C GLU FA 152 -64.40 -21.13 -62.71
N ILE FA 153 -64.89 -20.48 -61.66
CA ILE FA 153 -64.45 -19.13 -61.31
C ILE FA 153 -63.63 -19.15 -60.03
N ASP FA 154 -62.33 -18.89 -60.14
CA ASP FA 154 -61.46 -18.88 -58.97
C ASP FA 154 -61.33 -17.48 -58.41
N THR FA 155 -61.43 -17.41 -57.08
CA THR FA 155 -61.51 -16.16 -56.35
C THR FA 155 -60.69 -16.28 -55.05
N ALA FA 156 -59.82 -15.31 -54.78
CA ALA FA 156 -59.02 -15.36 -53.57
C ALA FA 156 -59.53 -14.42 -52.48
N ASP FA 157 -59.39 -14.84 -51.23
CA ASP FA 157 -59.71 -13.99 -50.07
C ASP FA 157 -58.64 -14.13 -48.98
N TYR FA 158 -58.13 -13.00 -48.51
CA TYR FA 158 -56.97 -13.01 -47.61
C TYR FA 158 -57.27 -12.47 -46.22
N VAL FA 159 -56.78 -13.16 -45.19
CA VAL FA 159 -56.91 -12.64 -43.84
C VAL FA 159 -55.56 -12.44 -43.17
N SER FA 160 -55.30 -11.21 -42.78
CA SER FA 160 -54.08 -10.86 -42.08
C SER FA 160 -54.46 -9.97 -40.92
N ALA FA 161 -53.69 -10.05 -39.84
CA ALA FA 161 -54.04 -9.30 -38.64
C ALA FA 161 -53.60 -7.84 -38.72
N GLY FA 162 -54.47 -6.93 -38.30
CA GLY FA 162 -54.14 -5.52 -38.25
C GLY FA 162 -55.39 -4.67 -38.42
N PRO FA 163 -55.24 -3.35 -38.33
CA PRO FA 163 -56.33 -2.38 -38.48
C PRO FA 163 -57.09 -2.41 -39.81
N SER FA 164 -56.41 -2.66 -40.92
CA SER FA 164 -57.07 -2.59 -42.24
C SER FA 164 -57.36 -3.95 -42.84
N ILE FA 165 -58.52 -4.09 -43.47
CA ILE FA 165 -58.85 -5.33 -44.17
C ILE FA 165 -58.27 -5.37 -45.56
N ARG FA 166 -57.85 -4.23 -46.08
CA ARG FA 166 -57.67 -4.10 -47.52
C ARG FA 166 -56.44 -4.85 -48.03
N ASN FA 167 -56.70 -5.79 -48.92
CA ASN FA 167 -55.64 -6.50 -49.64
C ASN FA 167 -55.77 -6.28 -51.15
N PRO FA 168 -54.73 -5.70 -51.77
CA PRO FA 168 -54.68 -5.54 -53.23
C PRO FA 168 -54.96 -6.82 -54.02
N LYS FA 169 -54.38 -7.94 -53.61
CA LYS FA 169 -54.49 -9.19 -54.38
C LYS FA 169 -55.90 -9.74 -54.52
N ALA FA 170 -56.83 -9.21 -53.75
CA ALA FA 170 -58.18 -9.78 -53.69
C ALA FA 170 -58.99 -9.57 -54.97
N ARG FA 171 -58.65 -8.54 -55.74
CA ARG FA 171 -59.36 -8.21 -56.97
C ARG FA 171 -59.43 -9.38 -57.93
N VAL FA 172 -58.29 -10.03 -58.14
CA VAL FA 172 -58.11 -10.96 -59.25
C VAL FA 172 -59.15 -12.08 -59.35
N VAL FA 173 -59.78 -12.18 -60.50
CA VAL FA 173 -60.75 -13.25 -60.76
C VAL FA 173 -60.29 -14.09 -61.92
N THR FA 174 -60.22 -15.41 -61.76
CA THR FA 174 -59.77 -16.26 -62.86
C THR FA 174 -60.90 -17.11 -63.43
N LEU FA 175 -60.98 -17.17 -64.76
CA LEU FA 175 -62.04 -17.90 -65.43
C LEU FA 175 -61.48 -19.07 -66.21
N ARG FA 176 -61.80 -20.29 -65.78
CA ARG FA 176 -61.32 -21.47 -66.50
C ARG FA 176 -62.49 -22.22 -67.11
N VAL FA 177 -62.38 -22.44 -68.42
CA VAL FA 177 -63.46 -23.06 -69.20
C VAL FA 177 -62.94 -24.03 -70.24
N LYS FA 178 -63.47 -25.26 -70.23
CA LYS FA 178 -63.12 -26.23 -71.25
C LYS FA 178 -63.76 -25.82 -72.59
N LEU FA 179 -63.02 -25.97 -73.68
CA LEU FA 179 -63.57 -25.58 -75.00
C LEU FA 179 -64.49 -26.66 -75.57
N SER FA 180 -64.35 -27.88 -75.06
CA SER FA 180 -65.18 -29.00 -75.50
C SER FA 180 -66.63 -28.86 -75.00
N SER FA 181 -66.82 -27.99 -74.03
CA SER FA 181 -68.15 -27.72 -73.45
C SER FA 181 -68.81 -26.53 -74.12
N LEU FA 182 -68.18 -26.04 -75.19
CA LEU FA 182 -68.73 -24.91 -75.93
C LEU FA 182 -69.26 -25.33 -77.31
N ASN FA 183 -70.20 -24.55 -77.82
CA ASN FA 183 -71.02 -24.89 -78.98
C ASN FA 183 -70.32 -24.57 -80.31
N LEU FA 184 -69.05 -24.18 -80.21
CA LEU FA 184 -68.25 -23.71 -81.35
C LEU FA 184 -68.23 -24.60 -82.61
N ASP FA 185 -68.32 -23.93 -83.76
CA ASP FA 185 -68.02 -24.49 -85.08
C ASP FA 185 -66.55 -24.78 -85.23
N ASP FA 186 -66.19 -25.57 -86.24
CA ASP FA 186 -64.79 -25.80 -86.54
C ASP FA 186 -64.07 -24.49 -86.83
N HIS FA 187 -64.62 -23.72 -87.77
CA HIS FA 187 -64.10 -22.39 -88.09
C HIS FA 187 -64.01 -21.50 -86.85
N ALA FA 188 -65.11 -21.45 -86.10
CA ALA FA 188 -65.20 -20.61 -84.91
C ALA FA 188 -64.19 -21.02 -83.84
N LYS FA 189 -63.98 -22.32 -83.68
CA LYS FA 189 -63.01 -22.84 -82.71
C LYS FA 189 -61.58 -22.45 -83.09
N LYS FA 190 -61.21 -22.67 -84.34
CA LYS FA 190 -59.88 -22.26 -84.80
C LYS FA 190 -59.69 -20.75 -84.62
N LYS FA 191 -60.71 -19.97 -85.01
CA LYS FA 191 -60.62 -18.52 -84.92
C LYS FA 191 -60.50 -18.02 -83.48
N LEU FA 192 -61.19 -18.69 -82.55
CA LEU FA 192 -61.09 -18.35 -81.14
C LEU FA 192 -59.70 -18.68 -80.60
N ILE FA 193 -59.22 -19.90 -80.86
CA ILE FA 193 -57.86 -20.29 -80.48
C ILE FA 193 -56.81 -19.25 -80.93
N LYS FA 194 -56.86 -18.87 -82.20
CA LYS FA 194 -55.94 -17.85 -82.70
C LYS FA 194 -56.17 -16.49 -82.05
N LEU FA 195 -57.43 -16.21 -81.74
CA LEU FA 195 -57.82 -14.92 -81.19
C LEU FA 195 -57.27 -14.69 -79.78
N VAL FA 196 -57.47 -15.66 -78.90
CA VAL FA 196 -57.01 -15.55 -77.51
C VAL FA 196 -55.52 -15.88 -77.35
N GLY FA 197 -55.04 -16.89 -78.09
CA GLY FA 197 -53.64 -17.26 -78.00
C GLY FA 197 -53.26 -17.92 -76.68
N ASP FA 198 -52.29 -17.32 -75.98
CA ASP FA 198 -51.68 -17.89 -74.78
C ASP FA 198 -52.64 -18.31 -73.66
N ARG FA 199 -53.80 -17.68 -73.60
CA ARG FA 199 -54.83 -18.03 -72.62
C ARG FA 199 -55.43 -19.42 -72.85
N TYR FA 200 -55.05 -20.07 -73.95
CA TYR FA 200 -55.53 -21.41 -74.28
C TYR FA 200 -54.45 -22.49 -74.20
N CYS FA 201 -54.72 -23.50 -73.37
CA CYS FA 201 -53.84 -24.64 -73.20
C CYS FA 201 -54.24 -25.75 -74.17
N LYS FA 202 -53.35 -26.08 -75.10
CA LYS FA 202 -53.71 -26.96 -76.21
C LYS FA 202 -53.78 -28.42 -75.81
N SER FA 203 -53.05 -28.80 -74.76
CA SER FA 203 -53.06 -30.17 -74.26
C SER FA 203 -54.30 -30.48 -73.40
N THR FA 204 -54.63 -29.57 -72.47
CA THR FA 204 -55.74 -29.80 -71.56
C THR FA 204 -57.06 -29.13 -71.99
N ASP FA 205 -56.99 -28.34 -73.07
CA ASP FA 205 -58.16 -27.65 -73.61
C ASP FA 205 -58.87 -26.74 -72.60
N VAL FA 206 -58.13 -26.19 -71.64
CA VAL FA 206 -58.74 -25.29 -70.66
C VAL FA 206 -58.35 -23.83 -70.93
N LEU FA 207 -59.36 -23.05 -71.27
CA LEU FA 207 -59.21 -21.64 -71.56
C LEU FA 207 -59.16 -20.82 -70.28
N THR FA 208 -58.19 -19.90 -70.21
CA THR FA 208 -57.96 -19.12 -69.00
C THR FA 208 -58.14 -17.62 -69.23
N ILE FA 209 -58.97 -16.99 -68.41
CA ILE FA 209 -59.10 -15.53 -68.45
C ILE FA 209 -58.75 -14.95 -67.09
N LYS FA 210 -57.63 -14.25 -67.00
CA LYS FA 210 -57.29 -13.60 -65.74
C LYS FA 210 -57.69 -12.14 -65.76
N THR FA 211 -58.57 -11.78 -64.82
CA THR FA 211 -59.09 -10.44 -64.78
C THR FA 211 -58.63 -9.70 -63.55
N ASP FA 212 -58.11 -8.51 -63.79
CA ASP FA 212 -57.38 -7.76 -62.80
C ASP FA 212 -57.94 -6.35 -62.71
N ARG FA 213 -58.00 -5.70 -63.87
CA ARG FA 213 -57.98 -4.25 -64.04
C ARG FA 213 -58.95 -3.40 -63.19
N CYS FA 214 -59.97 -3.99 -62.60
CA CYS FA 214 -60.99 -3.18 -61.93
C CYS FA 214 -60.89 -3.31 -60.42
N PRO FA 215 -61.27 -2.24 -59.70
CA PRO FA 215 -61.19 -2.16 -58.24
C PRO FA 215 -61.82 -3.34 -57.47
N LEU FA 216 -62.97 -3.82 -57.91
CA LEU FA 216 -63.69 -4.82 -57.12
C LEU FA 216 -63.65 -6.20 -57.77
N LYS FA 217 -63.74 -7.24 -56.95
CA LYS FA 217 -63.74 -8.59 -57.47
C LYS FA 217 -65.04 -8.85 -58.24
N ARG FA 218 -66.12 -8.16 -57.88
CA ARG FA 218 -67.39 -8.40 -58.58
C ARG FA 218 -67.33 -7.77 -59.97
N GLN FA 219 -66.73 -6.58 -60.06
CA GLN FA 219 -66.50 -5.92 -61.32
C GLN FA 219 -65.64 -6.82 -62.23
N ASN FA 220 -64.55 -7.35 -61.68
CA ASN FA 220 -63.69 -8.21 -62.46
C ASN FA 220 -64.36 -9.50 -62.90
N TYR FA 221 -65.23 -10.02 -62.04
CA TYR FA 221 -66.00 -11.21 -62.40
C TYR FA 221 -66.88 -10.89 -63.62
N ASP FA 222 -67.59 -9.77 -63.55
CA ASP FA 222 -68.43 -9.33 -64.67
C ASP FA 222 -67.62 -9.15 -65.95
N TYR FA 223 -66.42 -8.60 -65.81
CA TYR FA 223 -65.59 -8.33 -66.99
C TYR FA 223 -65.03 -9.59 -67.60
N ALA FA 224 -64.75 -10.59 -66.77
CA ALA FA 224 -64.27 -11.87 -67.29
C ALA FA 224 -65.40 -12.56 -68.02
N VAL FA 225 -66.60 -12.54 -67.43
CA VAL FA 225 -67.75 -13.18 -68.07
C VAL FA 225 -68.04 -12.49 -69.40
N TYR FA 226 -68.05 -11.16 -69.34
CA TYR FA 226 -68.27 -10.37 -70.54
C TYR FA 226 -67.23 -10.74 -71.62
N LEU FA 227 -65.96 -10.78 -71.24
CA LEU FA 227 -64.89 -11.17 -72.16
C LEU FA 227 -65.17 -12.51 -72.82
N LEU FA 228 -65.60 -13.46 -72.02
CA LEU FA 228 -65.91 -14.78 -72.53
C LEU FA 228 -67.02 -14.71 -73.56
N THR FA 229 -68.10 -14.03 -73.18
CA THR FA 229 -69.24 -13.83 -74.07
C THR FA 229 -68.81 -13.28 -75.42
N VAL FA 230 -68.06 -12.18 -75.38
CA VAL FA 230 -67.60 -11.52 -76.58
C VAL FA 230 -66.68 -12.39 -77.43
N LEU FA 231 -65.81 -13.16 -76.78
CA LEU FA 231 -64.96 -14.10 -77.49
C LEU FA 231 -65.79 -15.09 -78.29
N TYR FA 232 -66.83 -15.62 -77.65
CA TYR FA 232 -67.70 -16.57 -78.33
C TYR FA 232 -68.52 -15.93 -79.47
N HIS FA 233 -69.04 -14.73 -79.26
CA HIS FA 233 -69.82 -14.05 -80.30
C HIS FA 233 -68.98 -13.66 -81.50
N GLU FA 234 -67.74 -13.25 -81.24
CA GLU FA 234 -66.87 -12.78 -82.30
C GLU FA 234 -66.00 -13.88 -82.90
N SER FA 235 -66.11 -15.10 -82.38
CA SER FA 235 -65.47 -16.23 -83.03
C SER FA 235 -66.33 -16.77 -84.19
N TRP FA 236 -67.64 -16.58 -84.13
CA TRP FA 236 -68.55 -17.11 -85.16
C TRP FA 236 -68.77 -16.17 -86.34
N LYS FA 237 -68.39 -14.90 -86.18
CA LYS FA 237 -68.51 -13.95 -87.28
C LYS FA 237 -67.38 -14.14 -88.27
N THR FA 238 -67.73 -14.46 -89.51
CA THR FA 238 -66.74 -14.52 -90.57
C THR FA 238 -66.69 -13.14 -91.22
N GLU FA 239 -65.50 -12.68 -91.56
CA GLU FA 239 -65.36 -11.36 -92.17
C GLU FA 239 -64.58 -11.44 -93.47
N GLU FA 240 -64.45 -10.30 -94.14
CA GLU FA 240 -63.81 -10.19 -95.44
C GLU FA 240 -62.39 -10.76 -95.48
N TRP FA 241 -61.55 -10.31 -94.56
CA TRP FA 241 -60.12 -10.64 -94.58
C TRP FA 241 -59.86 -12.09 -94.19
N GLU FA 242 -60.89 -12.80 -93.74
CA GLU FA 242 -60.74 -14.19 -93.35
C GLU FA 242 -60.61 -15.09 -94.58
N LYS FA 243 -60.98 -14.54 -95.74
CA LYS FA 243 -60.86 -15.25 -97.01
C LYS FA 243 -59.50 -14.99 -97.65
N LYS FA 244 -58.76 -14.03 -97.06
CA LYS FA 244 -57.41 -13.69 -97.50
C LYS FA 244 -56.37 -14.52 -96.77
N LYS FA 245 -56.83 -15.49 -95.99
CA LYS FA 245 -55.96 -16.27 -95.11
C LYS FA 245 -54.81 -16.94 -95.86
N THR FA 246 -53.60 -16.69 -95.39
CA THR FA 246 -52.39 -17.25 -95.99
C THR FA 246 -52.31 -18.74 -95.67
N GLU FA 247 -51.66 -19.51 -96.53
CA GLU FA 247 -51.47 -20.93 -96.28
C GLU FA 247 -50.41 -21.18 -95.21
N ALA FA 248 -49.54 -20.19 -95.00
CA ALA FA 248 -48.51 -20.26 -93.96
C ALA FA 248 -49.12 -19.95 -92.59
N ASP FA 249 -50.38 -19.51 -92.60
CA ASP FA 249 -51.12 -19.15 -91.40
C ASP FA 249 -51.87 -20.34 -90.83
N MET FA 250 -51.90 -21.45 -91.59
CA MET FA 250 -52.73 -22.60 -91.26
C MET FA 250 -52.24 -23.39 -90.05
N GLU FA 251 -53.18 -23.93 -89.28
CA GLU FA 251 -52.87 -24.80 -88.15
C GLU FA 251 -52.73 -26.25 -88.58
N GLU FA 252 -53.20 -26.53 -89.79
CA GLU FA 252 -53.15 -27.88 -90.33
C GLU FA 252 -52.53 -27.88 -91.72
N TYR FA 253 -52.13 -29.04 -92.19
CA TYR FA 253 -51.65 -29.17 -93.55
C TYR FA 253 -52.76 -29.80 -94.40
N ILE FA 254 -53.37 -29.00 -95.26
CA ILE FA 254 -54.44 -29.48 -96.12
C ILE FA 254 -53.85 -29.89 -97.46
N TRP FA 255 -54.27 -31.04 -97.97
CA TRP FA 255 -53.68 -31.60 -99.18
C TRP FA 255 -54.01 -30.78 -100.44
N GLU FA 256 -55.15 -30.12 -100.45
CA GLU FA 256 -55.56 -29.28 -101.58
C GLU FA 256 -54.61 -28.10 -101.80
N ASN FA 257 -54.27 -27.83 -103.05
CA ASN FA 257 -53.44 -26.68 -103.43
C ASN FA 257 -52.05 -26.67 -102.79
N SER FA 258 -51.56 -27.86 -102.41
CA SER FA 258 -50.26 -27.96 -101.74
C SER FA 258 -49.12 -27.85 -102.74
N THR FA 259 -47.90 -27.84 -102.22
CA THR FA 259 -46.71 -27.91 -103.07
C THR FA 259 -46.42 -29.36 -103.44
N SER FA 260 -46.63 -30.26 -102.48
CA SER FA 260 -46.45 -31.69 -102.70
C SER FA 260 -47.42 -32.20 -103.78
N GLU FA 261 -48.55 -31.53 -103.90
CA GLU FA 261 -49.52 -31.85 -104.94
C GLU FA 261 -48.95 -31.55 -106.33
N LYS FA 262 -48.30 -30.39 -106.46
CA LYS FA 262 -47.70 -29.99 -107.73
C LYS FA 262 -46.47 -30.83 -108.08
N ASN FA 263 -45.68 -31.15 -107.07
CA ASN FA 263 -44.52 -32.04 -107.26
C ASN FA 263 -44.96 -33.44 -107.69
N ILE FA 264 -46.03 -33.92 -107.10
CA ILE FA 264 -46.58 -35.23 -107.48
C ILE FA 264 -47.15 -35.20 -108.90
N LEU FA 265 -47.90 -34.14 -109.24
CA LEU FA 265 -48.51 -34.05 -110.56
C LEU FA 265 -47.45 -33.90 -111.66
N GLU FA 266 -46.35 -33.24 -111.34
CA GLU FA 266 -45.22 -33.13 -112.28
C GLU FA 266 -44.45 -34.45 -112.39
N THR FA 267 -44.29 -35.14 -111.27
CA THR FA 267 -43.64 -36.45 -111.23
C THR FA 267 -44.42 -37.48 -112.06
N LEU FA 268 -45.74 -37.46 -111.95
CA LEU FA 268 -46.60 -38.37 -112.67
C LEU FA 268 -46.82 -37.94 -114.12
N LEU FA 269 -46.74 -36.64 -114.38
CA LEU FA 269 -46.74 -36.14 -115.76
C LEU FA 269 -45.50 -36.64 -116.51
N GLN FA 270 -44.36 -36.59 -115.83
CA GLN FA 270 -43.08 -37.05 -116.41
C GLN FA 270 -43.01 -38.58 -116.49
N ILE FA 271 -43.65 -39.26 -115.53
CA ILE FA 271 -43.78 -40.70 -115.57
C ILE FA 271 -44.66 -41.13 -116.75
N LYS FA 272 -45.72 -40.39 -117.03
CA LYS FA 272 -46.59 -40.67 -118.17
C LYS FA 272 -45.92 -40.30 -119.51
N ALA FA 273 -45.05 -39.29 -119.48
CA ALA FA 273 -44.30 -38.91 -120.68
C ALA FA 273 -43.17 -39.92 -120.98
N ALA FA 274 -42.68 -40.57 -119.93
CA ALA FA 274 -41.64 -41.60 -120.08
C ALA FA 274 -42.18 -42.95 -120.54
N GLU FA 275 -43.31 -43.36 -119.97
CA GLU FA 275 -43.95 -44.65 -120.28
C GLU FA 275 -44.63 -44.67 -121.65
N LYS FA 276 -44.66 -43.50 -122.30
CA LYS FA 276 -45.35 -43.30 -123.59
C LYS FA 276 -46.85 -43.55 -123.52
N ASN FA 277 -47.42 -43.35 -122.33
CA ASN FA 277 -48.87 -43.29 -122.16
C ASN FA 277 -49.37 -41.86 -122.37
N LEU FA 278 -50.29 -41.68 -123.31
CA LEU FA 278 -50.77 -40.35 -123.68
C LEU FA 278 -51.96 -39.92 -122.82
N GLU FA 279 -52.29 -40.74 -121.82
CA GLU FA 279 -53.42 -40.44 -120.94
C GLU FA 279 -53.04 -39.37 -119.92
N LEU FA 280 -53.71 -38.21 -120.01
CA LEU FA 280 -53.41 -37.09 -119.12
C LEU FA 280 -54.69 -36.47 -118.55
N SER FA 281 -54.85 -36.58 -117.24
CA SER FA 281 -55.93 -35.89 -116.54
C SER FA 281 -55.53 -35.65 -115.09
N LYS FA 282 -56.06 -34.60 -114.48
CA LYS FA 282 -55.84 -34.39 -113.05
C LYS FA 282 -56.76 -35.32 -112.28
N GLU FA 283 -57.96 -35.51 -112.80
CA GLU FA 283 -58.95 -36.43 -112.22
C GLU FA 283 -58.42 -37.87 -112.20
N GLU FA 284 -57.80 -38.28 -113.29
CA GLU FA 284 -57.27 -39.63 -113.44
C GLU FA 284 -56.07 -39.87 -112.52
N LEU FA 285 -55.13 -38.95 -112.52
CA LEU FA 285 -53.93 -39.07 -111.69
C LEU FA 285 -54.28 -39.01 -110.21
N LEU FA 286 -54.96 -37.95 -109.79
CA LEU FA 286 -55.27 -37.73 -108.38
C LEU FA 286 -56.38 -38.64 -107.86
N GLY FA 287 -57.13 -39.27 -108.77
CA GLY FA 287 -58.20 -40.17 -108.39
C GLY FA 287 -57.71 -41.55 -108.00
N THR FA 288 -56.46 -41.86 -108.32
CA THR FA 288 -55.88 -43.18 -108.05
C THR FA 288 -55.69 -43.41 -106.55
N LYS FA 289 -55.57 -44.67 -106.16
CA LYS FA 289 -55.32 -45.06 -104.77
C LYS FA 289 -53.94 -44.62 -104.27
N GLU FA 290 -52.96 -44.56 -105.17
CA GLU FA 290 -51.58 -44.23 -104.79
C GLU FA 290 -51.48 -42.81 -104.26
N VAL FA 291 -51.98 -41.86 -105.04
CA VAL FA 291 -51.98 -40.46 -104.66
C VAL FA 291 -52.82 -40.25 -103.39
N GLU FA 292 -53.75 -41.17 -103.13
CA GLU FA 292 -54.56 -41.15 -101.91
C GLU FA 292 -53.75 -41.60 -100.67
N ASP FA 293 -52.95 -42.65 -100.85
CA ASP FA 293 -52.00 -43.09 -99.83
C ASP FA 293 -50.97 -42.00 -99.55
N TYR FA 294 -50.67 -41.20 -100.57
CA TYR FA 294 -49.77 -40.06 -100.43
C TYR FA 294 -50.45 -38.90 -99.67
N ARG FA 295 -51.75 -38.69 -99.92
CA ARG FA 295 -52.53 -37.75 -99.11
C ARG FA 295 -52.39 -38.12 -97.64
N LYS FA 296 -52.76 -39.37 -97.33
CA LYS FA 296 -52.77 -39.84 -95.96
C LYS FA 296 -51.39 -39.80 -95.29
N SER FA 297 -50.36 -40.23 -96.02
CA SER FA 297 -49.01 -40.26 -95.50
C SER FA 297 -48.43 -38.86 -95.27
N VAL FA 298 -48.64 -37.94 -96.21
CA VAL FA 298 -48.06 -36.60 -96.07
C VAL FA 298 -48.86 -35.70 -95.10
N VAL FA 299 -50.15 -35.98 -94.94
CA VAL FA 299 -50.97 -35.26 -93.98
C VAL FA 299 -50.70 -35.79 -92.58
N SER FA 300 -50.43 -37.09 -92.48
CA SER FA 300 -50.01 -37.66 -91.20
C SER FA 300 -48.58 -37.26 -90.86
N LEU FA 301 -47.78 -36.95 -91.88
CA LEU FA 301 -46.39 -36.54 -91.65
C LEU FA 301 -46.28 -35.08 -91.26
N LYS FA 302 -47.07 -34.23 -91.90
CA LYS FA 302 -47.00 -32.79 -91.59
C LYS FA 302 -47.75 -32.43 -90.31
N ASN FA 303 -48.91 -33.05 -90.08
CA ASN FA 303 -49.70 -32.77 -88.88
C ASN FA 303 -49.18 -33.46 -87.62
N GLU FA 304 -48.93 -34.77 -87.72
CA GLU FA 304 -48.50 -35.54 -86.56
C GLU FA 304 -47.01 -35.31 -86.25
N GLY FA 305 -46.21 -35.16 -87.31
CA GLY FA 305 -44.78 -34.93 -87.15
C GLY FA 305 -43.96 -36.16 -87.48
N ASP FA 306 -42.63 -35.99 -87.52
CA ASP FA 306 -41.72 -37.09 -87.81
C ASP FA 306 -41.90 -38.23 -86.82
N ASN FA 307 -41.95 -39.44 -87.35
CA ASN FA 307 -42.15 -40.62 -86.53
C ASN FA 307 -41.63 -41.83 -87.28
N GLU FA 308 -41.48 -42.96 -86.60
CA GLU FA 308 -41.08 -44.19 -87.26
C GLU FA 308 -42.15 -44.69 -88.26
N ASN FA 309 -43.36 -44.87 -87.75
CA ASN FA 309 -44.46 -45.39 -88.55
C ASN FA 309 -44.89 -44.45 -89.67
N THR FA 310 -44.76 -43.14 -89.41
CA THR FA 310 -45.15 -42.14 -90.39
C THR FA 310 -44.18 -42.12 -91.58
N LEU FA 311 -42.91 -42.34 -91.30
CA LEU FA 311 -41.91 -42.45 -92.36
C LEU FA 311 -41.97 -43.83 -93.02
N SER FA 312 -42.54 -44.81 -92.33
CA SER FA 312 -42.86 -46.08 -92.98
C SER FA 312 -44.00 -45.89 -93.99
N GLN FA 313 -44.98 -45.06 -93.62
CA GLN FA 313 -46.08 -44.68 -94.52
C GLN FA 313 -45.54 -43.93 -95.73
N TYR FA 314 -44.63 -43.00 -95.50
CA TYR FA 314 -43.97 -42.28 -96.58
C TYR FA 314 -43.21 -43.26 -97.49
N LYS FA 315 -42.49 -44.17 -96.85
CA LYS FA 315 -41.73 -45.20 -97.56
C LYS FA 315 -42.63 -45.99 -98.50
N GLU FA 316 -43.74 -46.46 -97.97
CA GLU FA 316 -44.67 -47.28 -98.76
C GLU FA 316 -45.33 -46.48 -99.89
N SER FA 317 -45.90 -45.32 -99.57
CA SER FA 317 -46.58 -44.49 -100.57
C SER FA 317 -45.65 -44.06 -101.72
N VAL FA 318 -44.44 -43.63 -101.40
CA VAL FA 318 -43.51 -43.19 -102.44
C VAL FA 318 -42.89 -44.40 -103.17
N LYS FA 319 -42.84 -45.54 -102.49
CA LYS FA 319 -42.43 -46.78 -103.16
C LYS FA 319 -43.43 -47.14 -104.27
N ARG FA 320 -44.71 -47.18 -103.90
CA ARG FA 320 -45.77 -47.48 -104.87
C ARG FA 320 -45.83 -46.45 -106.00
N LEU FA 321 -45.72 -45.17 -105.66
CA LEU FA 321 -45.84 -44.10 -106.65
C LEU FA 321 -44.73 -44.13 -107.70
N LEU FA 322 -43.50 -44.41 -107.26
CA LEU FA 322 -42.35 -44.39 -108.16
C LEU FA 322 -42.00 -45.77 -108.75
N ASN FA 323 -42.86 -46.75 -108.48
CA ASN FA 323 -42.81 -48.08 -109.12
C ASN FA 323 -41.69 -48.99 -108.61
N LEU FA 324 -40.86 -48.50 -107.71
CA LEU FA 324 -39.88 -49.36 -107.03
C LEU FA 324 -40.54 -50.23 -105.97
N ALA FA 325 -40.12 -51.48 -105.86
CA ALA FA 325 -40.68 -52.40 -104.87
C ALA FA 325 -39.67 -52.74 -103.79
N ALA GA 2 30.24 -47.89 -5.37
CA ALA GA 2 30.41 -47.02 -4.19
C ALA GA 2 30.34 -45.52 -4.55
N THR GA 3 29.63 -44.76 -3.72
CA THR GA 3 29.44 -43.33 -3.92
C THR GA 3 30.68 -42.59 -3.42
N PRO GA 4 31.13 -41.56 -4.18
CA PRO GA 4 32.22 -40.68 -3.74
C PRO GA 4 31.94 -40.10 -2.35
N SER GA 5 32.98 -39.88 -1.56
CA SER GA 5 32.79 -39.44 -0.19
C SER GA 5 32.30 -38.00 -0.10
N LEU GA 6 31.36 -37.77 0.82
CA LEU GA 6 30.86 -36.44 1.11
C LEU GA 6 31.46 -35.81 2.36
N ARG GA 7 32.29 -36.55 3.07
CA ARG GA 7 32.84 -36.06 4.33
C ARG GA 7 33.95 -35.06 4.11
N GLY GA 8 33.77 -33.86 4.66
CA GLY GA 8 34.81 -32.85 4.59
C GLY GA 8 34.72 -32.05 3.32
N ARG GA 9 33.86 -32.46 2.41
CA ARG GA 9 33.83 -31.84 1.09
C ARG GA 9 33.23 -30.45 1.05
N LEU GA 10 32.02 -30.29 1.59
CA LEU GA 10 31.31 -29.00 1.50
C LEU GA 10 31.77 -28.00 2.52
N ALA GA 11 31.63 -26.71 2.22
CA ALA GA 11 32.08 -25.65 3.14
C ALA GA 11 31.05 -25.41 4.23
N ARG GA 12 31.43 -25.72 5.47
CA ARG GA 12 30.50 -25.67 6.58
C ARG GA 12 31.20 -25.14 7.82
N LEU GA 13 30.43 -24.56 8.72
CA LEU GA 13 30.99 -23.87 9.88
C LEU GA 13 31.91 -24.78 10.71
N GLY GA 14 31.57 -26.06 10.74
CA GLY GA 14 32.35 -27.03 11.50
C GLY GA 14 33.61 -27.55 10.82
N ASN GA 15 33.55 -27.71 9.50
CA ASN GA 15 34.63 -28.29 8.70
C ASN GA 15 35.97 -27.56 8.85
N PRO GA 16 37.01 -28.30 9.29
CA PRO GA 16 38.35 -27.73 9.49
C PRO GA 16 38.97 -27.23 8.20
N ARG GA 17 38.92 -28.02 7.14
CA ARG GA 17 39.68 -27.75 5.92
C ARG GA 17 38.96 -26.84 4.93
N ARG GA 18 39.44 -26.84 3.70
CA ARG GA 18 38.95 -25.95 2.68
C ARG GA 18 38.09 -26.81 1.79
N PRO GA 19 37.05 -26.23 1.18
CA PRO GA 19 36.09 -26.92 0.31
C PRO GA 19 36.72 -27.71 -0.81
N ILE GA 20 36.05 -28.79 -1.16
CA ILE GA 20 36.46 -29.62 -2.26
C ILE GA 20 35.40 -29.46 -3.34
N LEU GA 21 34.15 -29.71 -2.98
CA LEU GA 21 33.05 -29.40 -3.87
C LEU GA 21 32.41 -28.06 -3.56
N LYS GA 22 32.08 -27.30 -4.59
CA LYS GA 22 31.08 -26.25 -4.44
C LYS GA 22 29.91 -26.63 -5.31
N PRO GA 23 28.86 -27.19 -4.69
CA PRO GA 23 27.72 -27.65 -5.47
C PRO GA 23 26.93 -26.46 -5.92
N ASN GA 24 26.45 -26.50 -7.15
CA ASN GA 24 25.77 -25.37 -7.72
C ASN GA 24 24.38 -25.24 -7.13
N LYS GA 25 23.77 -26.40 -6.94
CA LYS GA 25 22.45 -26.54 -6.33
C LYS GA 25 22.60 -27.68 -5.34
N PRO GA 26 21.86 -27.62 -4.22
CA PRO GA 26 22.10 -28.49 -3.06
C PRO GA 26 22.03 -29.97 -3.39
N LEU GA 27 22.84 -30.78 -2.72
CA LEU GA 27 22.81 -32.21 -3.02
C LEU GA 27 21.78 -32.80 -2.09
N ILE GA 28 20.59 -32.99 -2.67
CA ILE GA 28 19.45 -33.58 -2.01
C ILE GA 28 18.78 -34.39 -3.10
N LEU GA 29 18.57 -35.68 -2.89
CA LEU GA 29 17.94 -36.46 -3.92
C LEU GA 29 16.55 -35.88 -4.18
N ALA GA 30 16.25 -35.57 -5.43
CA ALA GA 30 14.92 -35.11 -5.83
C ALA GA 30 13.94 -36.27 -5.92
N ASN GA 31 12.64 -35.97 -5.93
CA ASN GA 31 11.63 -37.02 -5.94
C ASN GA 31 11.19 -37.46 -7.33
N HIS GA 32 11.88 -36.98 -8.35
CA HIS GA 32 11.60 -37.41 -9.72
C HIS GA 32 12.90 -37.49 -10.50
N VAL GA 33 12.90 -38.28 -11.57
CA VAL GA 33 14.05 -38.31 -12.43
C VAL GA 33 13.84 -37.38 -13.60
N GLY GA 34 14.87 -37.29 -14.44
CA GLY GA 34 14.84 -36.40 -15.58
C GLY GA 34 14.26 -37.12 -16.74
N GLU GA 35 13.97 -36.39 -17.80
CA GLU GA 35 13.40 -37.00 -18.98
C GLU GA 35 14.47 -37.27 -20.01
N ARG GA 36 14.49 -38.51 -20.51
CA ARG GA 36 15.50 -39.01 -21.42
C ARG GA 36 15.75 -38.09 -22.60
N ARG GA 37 17.02 -37.86 -22.91
CA ARG GA 37 17.35 -36.96 -24.00
C ARG GA 37 17.21 -37.66 -25.33
N ARG GA 38 16.39 -37.08 -26.20
CA ARG GA 38 16.16 -37.58 -27.54
C ARG GA 38 17.46 -37.57 -28.35
N GLU GA 39 17.70 -38.64 -29.09
CA GLU GA 39 18.97 -38.82 -29.81
C GLU GA 39 19.16 -37.81 -30.95
N LYS GA 40 20.32 -37.18 -30.98
CA LYS GA 40 20.69 -36.33 -32.10
C LYS GA 40 20.82 -37.16 -33.37
N GLY GA 41 20.11 -36.77 -34.42
CA GLY GA 41 20.17 -37.47 -35.67
C GLY GA 41 21.40 -37.11 -36.49
N GLU GA 42 21.86 -38.05 -37.31
CA GLU GA 42 22.89 -37.79 -38.30
C GLU GA 42 22.42 -38.35 -39.65
N ALA GA 43 22.98 -37.85 -40.74
CA ALA GA 43 22.57 -38.26 -42.09
C ALA GA 43 22.67 -39.77 -42.27
N THR GA 44 21.76 -40.31 -43.06
CA THR GA 44 21.75 -41.74 -43.31
C THR GA 44 22.02 -42.02 -44.78
N CYS GA 45 22.51 -43.23 -45.06
CA CYS GA 45 22.67 -43.70 -46.44
C CYS GA 45 23.83 -43.04 -47.17
N ILE GA 46 24.55 -42.15 -46.49
CA ILE GA 46 25.65 -41.41 -47.12
C ILE GA 46 26.68 -42.29 -47.88
N THR GA 47 27.02 -43.46 -47.35
CA THR GA 47 27.97 -44.35 -48.04
C THR GA 47 27.44 -44.80 -49.41
N GLU GA 48 26.23 -45.33 -49.43
CA GLU GA 48 25.61 -45.83 -50.66
C GLU GA 48 25.45 -44.70 -51.68
N MET GA 49 25.13 -43.52 -51.17
CA MET GA 49 25.07 -42.31 -52.00
C MET GA 49 26.42 -42.10 -52.67
N SER GA 50 27.50 -42.08 -51.89
CA SER GA 50 28.81 -41.76 -52.44
C SER GA 50 29.22 -42.78 -53.49
N VAL GA 51 28.93 -44.05 -53.23
CA VAL GA 51 29.25 -45.13 -54.19
C VAL GA 51 28.50 -44.94 -55.52
N MET GA 52 27.20 -44.63 -55.42
CA MET GA 52 26.41 -44.30 -56.60
C MET GA 52 26.97 -43.09 -57.35
N MET GA 53 27.37 -42.05 -56.62
CA MET GA 53 27.92 -40.83 -57.23
C MET GA 53 29.23 -41.11 -57.97
N ALA GA 54 30.05 -42.01 -57.43
CA ALA GA 54 31.26 -42.42 -58.13
C ALA GA 54 30.87 -43.14 -59.43
N CYS GA 55 29.95 -44.09 -59.31
CA CYS GA 55 29.42 -44.81 -60.48
C CYS GA 55 28.90 -43.87 -61.58
N TRP GA 56 28.31 -42.74 -61.20
CA TRP GA 56 27.83 -41.76 -62.16
C TRP GA 56 28.94 -40.95 -62.79
N LYS GA 57 29.80 -40.41 -61.94
CA LYS GA 57 30.92 -39.61 -62.41
C LYS GA 57 31.73 -40.39 -63.44
N GLN GA 58 31.88 -41.68 -63.19
CA GLN GA 58 32.63 -42.57 -64.09
C GLN GA 58 31.89 -42.82 -65.42
N ASN GA 59 30.62 -43.21 -65.33
CA ASN GA 59 29.85 -43.62 -66.50
C ASN GA 59 29.11 -42.50 -67.21
N GLU GA 60 29.39 -41.26 -66.81
CA GLU GA 60 28.83 -40.05 -67.45
C GLU GA 60 27.31 -39.91 -67.26
N PHE GA 61 26.86 -40.24 -66.06
CA PHE GA 61 25.50 -39.96 -65.57
C PHE GA 61 24.39 -40.59 -66.38
N ARG GA 62 24.68 -41.66 -67.11
CA ARG GA 62 23.62 -42.45 -67.73
C ARG GA 62 23.16 -43.47 -66.71
N ASP GA 63 21.86 -43.50 -66.45
CA ASP GA 63 21.29 -44.31 -65.38
C ASP GA 63 21.29 -45.80 -65.70
N GLU GA 64 21.16 -46.13 -66.98
CA GLU GA 64 21.15 -47.50 -67.47
C GLU GA 64 22.44 -48.23 -67.11
N ALA GA 65 23.54 -47.47 -67.04
CA ALA GA 65 24.88 -48.01 -66.83
C ALA GA 65 25.03 -48.75 -65.51
N CYS GA 66 24.66 -48.11 -64.42
CA CYS GA 66 24.69 -48.75 -63.11
C CYS GA 66 23.29 -48.82 -62.49
N ARG GA 67 22.71 -50.01 -62.49
CA ARG GA 67 21.41 -50.22 -61.88
C ARG GA 67 21.53 -50.74 -60.45
N LYS GA 68 22.74 -51.16 -60.08
CA LYS GA 68 22.93 -51.82 -58.80
C LYS GA 68 22.98 -50.80 -57.68
N GLU GA 69 23.75 -49.74 -57.89
CA GLU GA 69 24.00 -48.73 -56.86
C GLU GA 69 22.79 -47.83 -56.66
N ILE GA 70 22.08 -47.55 -57.76
CA ILE GA 70 20.80 -46.85 -57.66
C ILE GA 70 19.84 -47.66 -56.80
N GLN GA 71 19.64 -48.92 -57.17
CA GLN GA 71 18.70 -49.80 -56.49
C GLN GA 71 19.04 -50.02 -55.00
N ASP GA 72 20.34 -50.04 -54.70
CA ASP GA 72 20.82 -50.28 -53.35
C ASP GA 72 20.72 -49.01 -52.48
N PHE GA 73 20.92 -47.84 -53.09
CA PHE GA 73 20.69 -46.56 -52.44
C PHE GA 73 19.21 -46.40 -52.11
N PHE GA 74 18.35 -46.82 -53.04
CA PHE GA 74 16.92 -46.83 -52.78
C PHE GA 74 16.56 -47.76 -51.64
N ASP GA 75 17.06 -48.99 -51.70
CA ASP GA 75 16.82 -49.98 -50.67
C ASP GA 75 17.18 -49.40 -49.31
N CYS GA 76 18.35 -48.77 -49.25
CA CYS GA 76 18.84 -48.17 -48.02
C CYS GA 76 17.94 -47.03 -47.50
N ALA GA 77 17.49 -46.15 -48.40
CA ALA GA 77 16.59 -45.06 -48.01
C ALA GA 77 15.26 -45.61 -47.47
N SER GA 78 14.83 -46.74 -48.03
CA SER GA 78 13.64 -47.41 -47.51
C SER GA 78 13.90 -47.95 -46.09
N ARG GA 79 15.09 -48.50 -45.86
CA ARG GA 79 15.44 -49.00 -44.52
C ARG GA 79 15.61 -47.87 -43.49
N ALA GA 80 15.96 -46.67 -43.97
CA ALA GA 80 16.06 -45.49 -43.10
C ALA GA 80 14.69 -44.86 -42.79
N GLU GA 81 13.76 -44.91 -43.75
CA GLU GA 81 12.38 -44.52 -43.48
C GLU GA 81 11.72 -45.45 -42.48
N ALA GA 82 11.79 -46.76 -42.77
CA ALA GA 82 11.23 -47.77 -41.90
C ALA GA 82 11.85 -47.68 -40.50
N ALA GA 83 13.15 -47.42 -40.46
CA ALA GA 83 13.84 -47.18 -39.20
C ALA GA 83 13.27 -45.97 -38.45
N ARG GA 84 13.16 -44.82 -39.12
CA ARG GA 84 12.63 -43.62 -38.47
C ARG GA 84 11.22 -43.84 -37.90
N LYS GA 85 10.34 -44.47 -38.69
CA LYS GA 85 8.98 -44.75 -38.23
C LYS GA 85 8.93 -45.73 -37.03
N MET GA 86 9.51 -46.91 -37.22
CA MET GA 86 9.33 -48.02 -36.28
C MET GA 86 10.21 -47.93 -35.03
N ARG GA 87 11.33 -47.21 -35.11
CA ARG GA 87 12.24 -47.08 -33.95
C ARG GA 87 11.75 -46.07 -32.93
N SER GA 88 11.05 -45.05 -33.39
CA SER GA 88 10.51 -44.02 -32.51
C SER GA 88 9.69 -44.60 -31.35
N ILE GA 89 8.72 -45.45 -31.68
CA ILE GA 89 7.80 -46.03 -30.70
C ILE GA 89 8.47 -46.95 -29.68
N GLN GA 90 9.29 -47.88 -30.17
CA GLN GA 90 9.95 -48.87 -29.32
C GLN GA 90 11.10 -48.27 -28.50
N GLU GA 91 11.73 -47.22 -29.00
CA GLU GA 91 12.73 -46.49 -28.21
C GLU GA 91 12.01 -45.63 -27.16
N ASN GA 92 10.78 -45.23 -27.47
CA ASN GA 92 9.95 -44.44 -26.53
C ASN GA 92 9.23 -45.27 -25.46
N LEU GA 93 9.14 -46.58 -25.66
CA LEU GA 93 8.54 -47.44 -24.64
C LEU GA 93 9.60 -48.25 -23.89
N GLY GA 94 10.20 -49.24 -24.59
CA GLY GA 94 11.22 -50.09 -24.01
C GLY GA 94 12.54 -49.39 -23.71
N GLU GA 95 12.88 -49.38 -22.42
CA GLU GA 95 14.17 -48.89 -21.91
C GLU GA 95 15.15 -50.04 -21.63
N LEU GA 96 14.76 -51.24 -22.04
CA LEU GA 96 15.43 -52.49 -21.68
C LEU GA 96 15.32 -52.78 -20.17
N GLY GA 97 16.46 -52.92 -19.50
CA GLY GA 97 16.49 -53.30 -18.10
C GLY GA 97 15.85 -52.31 -17.13
N SER GA 98 15.61 -51.07 -17.59
CA SER GA 98 15.05 -50.03 -16.73
C SER GA 98 13.57 -49.75 -17.01
N LEU GA 99 13.05 -48.73 -16.33
CA LEU GA 99 11.66 -48.36 -16.46
C LEU GA 99 11.50 -47.01 -17.16
N PRO GA 100 10.36 -46.83 -17.84
CA PRO GA 100 10.01 -45.52 -18.42
C PRO GA 100 9.98 -44.46 -17.34
N PRO GA 101 10.45 -43.24 -17.62
CA PRO GA 101 10.57 -42.25 -16.56
C PRO GA 101 9.27 -41.99 -15.80
N LYS GA 102 8.10 -42.18 -16.41
CA LYS GA 102 6.85 -42.02 -15.66
C LYS GA 102 6.80 -42.99 -14.49
N LYS GA 103 7.02 -44.28 -14.77
CA LYS GA 103 6.97 -45.32 -13.75
C LYS GA 103 8.00 -45.07 -12.64
N LEU GA 104 9.16 -44.57 -13.03
CA LEU GA 104 10.17 -44.24 -12.06
C LEU GA 104 9.69 -43.13 -11.16
N ASN GA 105 9.13 -42.07 -11.75
CA ASN GA 105 8.62 -40.98 -10.94
C ASN GA 105 7.56 -41.44 -9.95
N LYS GA 106 6.63 -42.28 -10.40
CA LYS GA 106 5.59 -42.77 -9.51
C LYS GA 106 6.20 -43.57 -8.36
N LEU GA 107 7.10 -44.48 -8.72
CA LEU GA 107 7.81 -45.28 -7.73
C LEU GA 107 8.52 -44.39 -6.72
N LEU GA 108 9.07 -43.27 -7.17
CA LEU GA 108 9.80 -42.38 -6.30
C LEU GA 108 8.90 -41.51 -5.44
N HIS GA 109 7.66 -41.29 -5.89
CA HIS GA 109 6.73 -40.59 -5.03
C HIS GA 109 6.15 -41.52 -3.98
N ARG GA 110 6.13 -42.82 -4.27
CA ARG GA 110 5.71 -43.78 -3.25
C ARG GA 110 6.70 -43.91 -2.08
N PHE GA 111 7.96 -43.53 -2.28
CA PHE GA 111 8.96 -43.62 -1.22
C PHE GA 111 9.92 -42.45 -1.26
N PRO GA 112 9.40 -41.26 -0.98
CA PRO GA 112 10.10 -39.99 -1.21
C PRO GA 112 11.22 -39.70 -0.20
N ASN GA 113 12.06 -38.74 -0.56
CA ASN GA 113 13.12 -38.24 0.30
C ASN GA 113 12.59 -37.33 1.39
N LYS GA 114 13.15 -37.42 2.58
CA LYS GA 114 12.79 -36.45 3.59
C LYS GA 114 13.94 -35.51 3.90
N PRO GA 115 13.90 -34.30 3.32
CA PRO GA 115 14.74 -33.18 3.73
C PRO GA 115 14.30 -32.62 5.08
N HIS GA 116 12.98 -32.50 5.27
CA HIS GA 116 12.42 -31.89 6.48
C HIS GA 116 12.32 -32.86 7.66
N VAL GA 117 12.20 -32.29 8.86
CA VAL GA 117 12.00 -32.98 10.14
C VAL GA 117 13.26 -33.70 10.63
N LYS HA 128 22.69 -7.38 -8.84
CA LYS HA 128 22.11 -7.40 -7.50
C LYS HA 128 23.04 -6.64 -6.58
N ASN HA 129 24.12 -7.29 -6.15
CA ASN HA 129 25.24 -6.56 -5.52
C ASN HA 129 26.14 -5.93 -6.59
N ILE HA 130 26.08 -6.45 -7.82
CA ILE HA 130 27.05 -6.04 -8.83
C ILE HA 130 26.88 -4.58 -9.10
N LEU HA 131 25.66 -4.09 -8.97
CA LEU HA 131 25.41 -2.66 -9.13
C LEU HA 131 26.40 -1.79 -8.31
N LYS HA 132 26.70 -2.23 -7.09
CA LYS HA 132 27.71 -1.55 -6.28
C LYS HA 132 29.08 -1.70 -6.93
N ILE HA 133 29.51 -2.93 -7.16
CA ILE HA 133 30.76 -3.17 -7.86
C ILE HA 133 30.88 -2.36 -9.15
N ARG HA 134 29.87 -2.45 -10.01
CA ARG HA 134 29.86 -1.70 -11.28
C ARG HA 134 30.18 -0.25 -11.06
N ARG HA 135 29.52 0.36 -10.06
CA ARG HA 135 29.80 1.74 -9.79
C ARG HA 135 31.27 1.96 -9.54
N ARG HA 136 31.83 1.27 -8.54
CA ARG HA 136 33.26 1.40 -8.27
C ARG HA 136 34.04 1.15 -9.54
N LYS HA 137 33.65 0.13 -10.30
CA LYS HA 137 34.38 -0.24 -11.51
C LYS HA 137 34.55 0.98 -12.38
N MET HA 138 33.43 1.63 -12.67
CA MET HA 138 33.42 2.82 -13.50
C MET HA 138 34.34 3.89 -12.92
N ASN HA 139 34.12 4.24 -11.66
CA ASN HA 139 34.92 5.24 -10.97
C ASN HA 139 36.38 5.01 -11.18
N HIS HA 140 36.79 3.76 -11.05
CA HIS HA 140 38.20 3.50 -11.03
C HIS HA 140 38.73 3.69 -12.41
N HIS HA 141 38.00 3.17 -13.39
CA HIS HA 141 38.40 3.27 -14.78
C HIS HA 141 38.63 4.72 -15.14
N LYS HA 142 37.59 5.53 -14.97
CA LYS HA 142 37.61 6.97 -15.26
C LYS HA 142 38.75 7.65 -14.60
N TYR HA 143 39.15 7.17 -13.44
CA TYR HA 143 40.21 7.85 -12.71
C TYR HA 143 41.55 7.46 -13.30
N ARG HA 144 41.72 6.19 -13.59
CA ARG HA 144 42.97 5.75 -14.20
C ARG HA 144 43.20 6.51 -15.50
N LYS HA 145 42.17 6.53 -16.35
CA LYS HA 145 42.15 7.31 -17.57
C LYS HA 145 42.68 8.70 -17.30
N LEU HA 146 42.09 9.35 -16.29
CA LEU HA 146 42.46 10.72 -15.96
C LEU HA 146 43.94 10.83 -15.57
N VAL HA 147 44.44 9.92 -14.74
CA VAL HA 147 45.85 9.96 -14.37
C VAL HA 147 46.71 9.87 -15.62
N LYS HA 148 46.26 9.13 -16.64
CA LYS HA 148 47.03 9.07 -17.88
C LYS HA 148 47.09 10.43 -18.57
N ARG HA 149 45.96 11.14 -18.63
CA ARG HA 149 45.94 12.44 -19.30
C ARG HA 149 46.74 13.48 -18.56
N THR HA 150 46.53 13.49 -17.25
CA THR HA 150 46.93 14.55 -16.36
C THR HA 150 48.34 14.26 -15.84
N ARG HA 151 48.97 13.25 -16.42
CA ARG HA 151 50.18 12.69 -15.85
C ARG HA 151 51.31 13.63 -15.52
N PHE HA 152 51.75 14.42 -16.49
CA PHE HA 152 52.93 15.22 -16.28
C PHE HA 152 52.62 16.49 -15.48
N LEU HA 153 51.36 16.90 -15.53
CA LEU HA 153 50.86 17.86 -14.57
C LEU HA 153 51.04 17.33 -13.13
N ARG HA 154 50.62 16.08 -12.93
CA ARG HA 154 50.76 15.40 -11.65
C ARG HA 154 52.21 15.24 -11.19
N ARG HA 155 53.06 14.85 -12.12
CA ARG HA 155 54.50 14.79 -11.88
C ARG HA 155 55.00 16.09 -11.30
N LYS HA 156 54.67 17.18 -11.99
CA LYS HA 156 55.13 18.49 -11.57
C LYS HA 156 54.66 18.78 -10.15
N VAL HA 157 53.37 18.60 -9.90
CA VAL HA 157 52.84 18.91 -8.57
C VAL HA 157 53.50 18.07 -7.44
N ARG HA 158 53.74 16.79 -7.70
CA ARG HA 158 54.38 15.94 -6.69
C ARG HA 158 55.85 16.32 -6.45
N GLU HA 159 56.57 16.67 -7.52
CA GLU HA 159 57.94 17.11 -7.33
C GLU HA 159 58.00 18.39 -6.50
N GLY HA 160 57.10 19.32 -6.81
CA GLY HA 160 56.92 20.51 -6.02
C GLY HA 160 56.70 20.21 -4.55
N ARG HA 161 55.74 19.35 -4.26
CA ARG HA 161 55.45 18.98 -2.86
C ARG HA 161 56.65 18.37 -2.17
N LEU HA 162 57.46 17.62 -2.91
CA LEU HA 162 58.66 17.04 -2.34
C LEU HA 162 59.68 18.12 -1.99
N ARG HA 163 59.91 19.07 -2.89
CA ARG HA 163 60.79 20.18 -2.54
C ARG HA 163 60.31 20.88 -1.28
N GLN HA 164 59.04 21.27 -1.28
CA GLN HA 164 58.43 21.90 -0.11
C GLN HA 164 58.74 21.13 1.17
N LYS HA 165 58.53 19.82 1.10
CA LYS HA 165 58.76 18.93 2.23
C LYS HA 165 60.19 19.01 2.73
N GLN HA 166 61.14 18.85 1.82
CA GLN HA 166 62.55 18.97 2.16
C GLN HA 166 62.80 20.28 2.89
N VAL HA 167 62.31 21.38 2.31
CA VAL HA 167 62.47 22.69 2.92
C VAL HA 167 61.92 22.78 4.34
N LYS HA 168 60.65 22.41 4.55
CA LYS HA 168 60.05 22.46 5.88
C LYS HA 168 60.87 21.65 6.86
N PHE HA 169 61.46 20.58 6.35
CA PHE HA 169 62.33 19.75 7.16
C PHE HA 169 63.56 20.53 7.62
N GLU HA 170 64.30 21.08 6.66
CA GLU HA 170 65.45 21.94 6.95
C GLU HA 170 65.11 23.04 7.97
N ARG HA 171 64.00 23.72 7.77
CA ARG HA 171 63.55 24.73 8.71
C ARG HA 171 63.36 24.12 10.08
N ASP HA 172 62.78 22.93 10.14
CA ASP HA 172 62.56 22.29 11.44
C ASP HA 172 63.89 22.08 12.15
N LEU HA 173 64.90 21.69 11.39
CA LEU HA 173 66.22 21.45 11.97
C LEU HA 173 66.90 22.74 12.43
N LYS HA 174 66.99 23.71 11.50
CA LYS HA 174 67.54 25.03 11.79
C LYS HA 174 66.93 25.61 13.05
N ARG HA 175 65.60 25.56 13.11
CA ARG HA 175 64.85 26.04 14.24
C ARG HA 175 65.38 25.41 15.53
N ILE HA 176 65.68 24.13 15.47
CA ILE HA 176 66.15 23.43 16.65
C ILE HA 176 67.53 23.90 17.07
N TRP HA 177 68.50 23.95 16.16
CA TRP HA 177 69.83 24.33 16.64
C TRP HA 177 69.87 25.82 17.02
N GLN HA 178 68.98 26.63 16.46
CA GLN HA 178 68.93 28.03 16.87
C GLN HA 178 68.28 28.23 18.24
N LYS HA 179 67.14 27.59 18.49
CA LYS HA 179 66.48 27.73 19.78
C LYS HA 179 67.30 27.12 20.91
N ALA HA 180 68.35 26.41 20.54
CA ALA HA 180 69.28 25.88 21.50
C ALA HA 180 70.44 26.84 21.69
N GLY HA 181 70.36 28.00 21.04
CA GLY HA 181 71.31 29.05 21.25
C GLY HA 181 72.52 29.06 20.33
N LEU HA 182 72.77 27.93 19.68
CA LEU HA 182 73.88 27.87 18.72
C LEU HA 182 73.65 28.83 17.56
N LYS HA 183 74.73 29.22 16.89
CA LYS HA 183 74.59 30.10 15.73
C LYS HA 183 74.57 29.27 14.45
N GLU HA 184 75.71 28.71 14.09
CA GLU HA 184 75.78 27.74 12.99
C GLU HA 184 75.22 26.37 13.41
N ALA HA 185 74.83 25.56 12.45
CA ALA HA 185 74.56 24.15 12.72
C ALA HA 185 75.85 23.51 13.27
N PRO HA 186 75.71 22.51 14.15
CA PRO HA 186 76.84 21.80 14.78
C PRO HA 186 77.85 21.30 13.77
N ALA HA 187 79.09 21.11 14.19
CA ALA HA 187 80.18 20.74 13.27
C ALA HA 187 79.83 19.53 12.39
N GLY HA 188 80.11 19.66 11.09
CA GLY HA 188 79.97 18.56 10.16
C GLY HA 188 78.54 18.13 9.89
N TRP HA 189 77.62 19.08 9.93
CA TRP HA 189 76.23 18.72 9.72
C TRP HA 189 75.72 19.14 8.35
N GLN HA 190 75.48 18.15 7.49
CA GLN HA 190 75.06 18.47 6.13
C GLN HA 190 73.56 18.44 5.87
N THR HA 191 72.77 17.90 6.81
CA THR HA 191 71.32 17.79 6.63
C THR HA 191 70.88 17.15 5.31
N PRO HA 192 70.97 15.82 5.22
CA PRO HA 192 70.78 15.06 3.98
C PRO HA 192 69.44 15.32 3.30
N LYS HA 193 69.36 15.02 2.00
CA LYS HA 193 68.12 15.24 1.30
C LYS HA 193 67.39 13.91 1.23
N ILE HA 194 66.39 13.76 2.08
CA ILE HA 194 65.68 12.51 2.16
C ILE HA 194 64.53 12.35 1.19
N TYR HA 195 63.71 13.39 1.02
CA TYR HA 195 62.54 13.29 0.17
C TYR HA 195 62.88 13.42 -1.29
N LEU HA 196 63.92 14.20 -1.57
CA LEU HA 196 64.32 14.50 -2.95
C LEU HA 196 65.15 13.35 -3.48
N LYS HA 197 65.21 12.29 -2.66
CA LYS HA 197 65.96 11.08 -2.99
C LYS HA 197 65.61 10.65 -4.40
N ASN HA 198 66.67 10.45 -5.17
CA ASN HA 198 66.54 10.07 -6.57
C ASN HA 198 65.70 8.80 -6.69
N GLN HA 199 64.66 8.90 -7.53
CA GLN HA 199 63.61 7.89 -7.70
C GLN HA 199 64.08 6.43 -7.67
N GLU IA 55 -82.18 -32.78 -65.56
CA GLU IA 55 -83.14 -33.40 -64.64
C GLU IA 55 -82.44 -33.96 -63.41
N GLU IA 56 -81.31 -34.64 -63.62
CA GLU IA 56 -80.52 -35.19 -62.51
C GLU IA 56 -79.92 -34.05 -61.68
N VAL IA 57 -79.77 -32.89 -62.32
CA VAL IA 57 -79.24 -31.71 -61.64
C VAL IA 57 -80.20 -31.24 -60.54
N VAL IA 58 -79.68 -31.14 -59.33
CA VAL IA 58 -80.48 -30.69 -58.19
C VAL IA 58 -79.70 -29.61 -57.44
N ILE IA 59 -80.35 -28.49 -57.13
CA ILE IA 59 -79.70 -27.45 -56.34
C ILE IA 59 -80.51 -27.18 -55.09
N PRO IA 60 -79.85 -26.99 -53.94
CA PRO IA 60 -80.55 -26.56 -52.73
C PRO IA 60 -80.64 -25.05 -52.69
N LYS IA 61 -81.31 -24.48 -51.69
CA LYS IA 61 -81.39 -23.02 -51.63
C LYS IA 61 -80.36 -22.50 -50.65
N LYS IA 62 -80.22 -21.18 -50.57
CA LYS IA 62 -79.20 -20.60 -49.71
C LYS IA 62 -79.82 -20.10 -48.42
N LYS IA 63 -79.08 -20.27 -47.33
CA LYS IA 63 -79.55 -19.82 -46.05
C LYS IA 63 -78.92 -18.48 -45.71
N THR IA 64 -79.74 -17.44 -45.67
CA THR IA 64 -79.25 -16.12 -45.32
C THR IA 64 -79.47 -15.88 -43.83
N TRP IA 65 -78.37 -15.72 -43.11
CA TRP IA 65 -78.42 -15.47 -41.68
C TRP IA 65 -77.80 -14.11 -41.39
N ASP IA 66 -78.13 -13.55 -40.23
CA ASP IA 66 -77.60 -12.26 -39.82
C ASP IA 66 -76.11 -12.37 -39.53
N LYS IA 67 -75.41 -11.23 -39.51
CA LYS IA 67 -73.96 -11.17 -39.30
C LYS IA 67 -73.47 -11.91 -38.05
N VAL IA 68 -74.07 -11.60 -36.92
CA VAL IA 68 -73.65 -12.13 -35.63
C VAL IA 68 -74.11 -13.56 -35.37
N ALA IA 69 -74.96 -14.08 -36.25
CA ALA IA 69 -75.70 -15.32 -35.98
C ALA IA 69 -74.80 -16.48 -35.56
N ILE IA 70 -73.76 -16.74 -36.33
CA ILE IA 70 -72.88 -17.85 -36.04
C ILE IA 70 -72.21 -17.64 -34.67
N LEU IA 71 -72.00 -16.38 -34.30
CA LEU IA 71 -71.40 -16.08 -33.00
C LEU IA 71 -72.38 -16.40 -31.88
N GLN IA 72 -73.67 -16.19 -32.13
CA GLN IA 72 -74.71 -16.44 -31.15
C GLN IA 72 -74.98 -17.94 -30.98
N ALA IA 73 -74.98 -18.66 -32.09
CA ALA IA 73 -75.15 -20.11 -32.05
C ALA IA 73 -73.97 -20.79 -31.35
N LEU IA 74 -72.82 -20.13 -31.33
CA LEU IA 74 -71.66 -20.64 -30.60
C LEU IA 74 -71.76 -20.32 -29.10
N ALA IA 75 -72.32 -19.15 -28.79
CA ALA IA 75 -72.56 -18.76 -27.41
C ALA IA 75 -73.60 -19.67 -26.75
N SER IA 76 -74.32 -20.41 -27.57
CA SER IA 76 -75.41 -21.28 -27.11
C SER IA 76 -74.91 -22.60 -26.52
N THR IA 77 -73.73 -23.04 -26.92
CA THR IA 77 -73.19 -24.29 -26.38
C THR IA 77 -72.33 -24.02 -25.17
N VAL IA 78 -72.21 -22.76 -24.81
CA VAL IA 78 -71.52 -22.38 -23.60
C VAL IA 78 -72.50 -21.83 -22.59
N HIS IA 79 -72.69 -22.56 -21.49
CA HIS IA 79 -73.42 -22.04 -20.36
C HIS IA 79 -72.44 -21.29 -19.46
N ARG IA 80 -72.91 -20.84 -18.30
CA ARG IA 80 -72.14 -19.97 -17.42
C ARG IA 80 -71.27 -20.75 -16.42
N ASP IA 81 -70.07 -20.23 -16.14
CA ASP IA 81 -69.08 -20.94 -15.30
C ASP IA 81 -69.24 -20.67 -13.80
N SER IA 82 -69.23 -21.74 -13.01
CA SER IA 82 -69.45 -21.67 -11.57
C SER IA 82 -68.28 -21.05 -10.80
N THR IA 83 -67.08 -21.61 -10.96
CA THR IA 83 -65.93 -21.18 -10.15
C THR IA 83 -65.41 -19.82 -10.60
N ALA IA 84 -65.99 -19.30 -11.69
CA ALA IA 84 -65.50 -18.09 -12.33
C ALA IA 84 -66.08 -16.81 -11.75
N ALA IA 85 -65.21 -15.84 -11.50
CA ALA IA 85 -65.62 -14.48 -11.20
C ALA IA 85 -66.29 -13.89 -12.44
N PRO IA 86 -67.05 -12.79 -12.26
CA PRO IA 86 -67.70 -12.09 -13.39
C PRO IA 86 -66.74 -11.77 -14.53
N TYR IA 87 -67.18 -12.00 -15.78
CA TYR IA 87 -66.31 -11.83 -16.95
C TYR IA 87 -65.71 -10.43 -17.06
N VAL IA 88 -66.44 -9.41 -16.63
CA VAL IA 88 -66.00 -8.03 -16.77
C VAL IA 88 -64.68 -7.72 -16.05
N PHE IA 89 -64.53 -8.27 -14.85
CA PHE IA 89 -63.34 -8.04 -14.03
C PHE IA 89 -62.11 -8.80 -14.55
N GLN IA 90 -60.93 -8.31 -14.18
CA GLN IA 90 -59.67 -9.00 -14.48
C GLN IA 90 -59.65 -10.37 -13.79
N ASP IA 91 -59.02 -11.36 -14.42
CA ASP IA 91 -59.17 -12.74 -13.97
C ASP IA 91 -58.16 -13.20 -12.90
N ASP IA 92 -57.12 -12.41 -12.65
CA ASP IA 92 -56.10 -12.79 -11.67
C ASP IA 92 -56.61 -12.67 -10.23
N PRO IA 93 -56.09 -13.53 -9.34
CA PRO IA 93 -56.53 -13.61 -7.94
C PRO IA 93 -56.43 -12.30 -7.16
N TYR IA 94 -55.53 -11.42 -7.56
CA TYR IA 94 -55.32 -10.19 -6.82
C TYR IA 94 -56.41 -9.16 -7.15
N LEU IA 95 -56.86 -9.16 -8.39
CA LEU IA 95 -57.84 -8.18 -8.83
C LEU IA 95 -59.27 -8.72 -8.85
N ILE IA 96 -59.45 -9.99 -8.47
CA ILE IA 96 -60.79 -10.56 -8.35
C ILE IA 96 -61.47 -9.96 -7.12
N PRO IA 97 -62.69 -9.43 -7.31
CA PRO IA 97 -63.48 -8.84 -6.23
C PRO IA 97 -63.89 -9.86 -5.16
N THR IA 98 -63.61 -9.55 -3.89
CA THR IA 98 -63.93 -10.44 -2.78
C THR IA 98 -65.37 -10.31 -2.28
N SER IA 99 -65.86 -9.07 -2.18
CA SER IA 99 -67.16 -8.79 -1.58
C SER IA 99 -68.05 -8.04 -2.55
N SER IA 100 -69.22 -7.60 -2.09
CA SER IA 100 -70.11 -6.81 -2.92
C SER IA 100 -69.58 -5.38 -3.08
N VAL IA 101 -69.03 -4.85 -1.99
CA VAL IA 101 -68.47 -3.50 -1.98
C VAL IA 101 -67.28 -3.37 -2.94
N GLU IA 102 -66.43 -4.40 -2.93
CA GLU IA 102 -65.29 -4.45 -3.83
C GLU IA 102 -65.74 -4.53 -5.28
N SER IA 103 -66.73 -5.37 -5.57
CA SER IA 103 -67.31 -5.45 -6.92
C SER IA 103 -67.72 -4.07 -7.40
N HIS IA 104 -68.45 -3.37 -6.53
CA HIS IA 104 -68.90 -2.02 -6.86
C HIS IA 104 -67.74 -1.06 -7.13
N SER IA 105 -66.82 -0.94 -6.19
CA SER IA 105 -65.71 0.01 -6.32
C SER IA 105 -64.81 -0.31 -7.52
N PHE IA 106 -64.61 -1.60 -7.80
CA PHE IA 106 -63.85 -2.05 -8.97
C PHE IA 106 -64.52 -1.62 -10.28
N LEU IA 107 -65.76 -2.05 -10.49
CA LEU IA 107 -66.44 -1.74 -11.74
C LEU IA 107 -66.57 -0.23 -11.95
N LEU IA 108 -66.91 0.47 -10.86
CA LEU IA 108 -67.02 1.92 -10.89
C LEU IA 108 -65.70 2.58 -11.24
N ALA IA 109 -64.61 2.02 -10.70
CA ALA IA 109 -63.27 2.50 -11.01
C ALA IA 109 -62.99 2.39 -12.51
N LYS IA 110 -63.18 1.19 -13.04
CA LYS IA 110 -62.97 0.93 -14.46
C LYS IA 110 -63.74 1.95 -15.33
N LYS IA 111 -65.00 2.18 -14.97
CA LYS IA 111 -65.77 3.18 -15.70
C LYS IA 111 -65.22 4.60 -15.55
N SER IA 112 -64.67 4.92 -14.38
CA SER IA 112 -64.09 6.25 -14.16
C SER IA 112 -62.85 6.44 -15.05
N GLY IA 113 -62.13 5.34 -15.27
CA GLY IA 113 -60.96 5.35 -16.15
C GLY IA 113 -61.38 5.54 -17.58
N GLU IA 114 -62.31 4.71 -18.04
CA GLU IA 114 -62.88 4.84 -19.37
C GLU IA 114 -63.29 6.29 -19.65
N ASN IA 115 -63.99 6.87 -18.68
CA ASN IA 115 -64.40 8.26 -18.74
C ASN IA 115 -63.23 9.21 -18.89
N ALA IA 116 -62.22 9.05 -18.03
CA ALA IA 116 -61.03 9.90 -18.10
C ALA IA 116 -60.48 9.92 -19.53
N ALA IA 117 -60.36 8.73 -20.11
CA ALA IA 117 -59.90 8.59 -21.49
C ALA IA 117 -60.76 9.41 -22.44
N LYS IA 118 -62.07 9.14 -22.42
CA LYS IA 118 -62.95 9.83 -23.34
C LYS IA 118 -62.86 11.34 -23.19
N PHE IA 119 -62.65 11.78 -21.96
CA PHE IA 119 -62.43 13.19 -21.71
C PHE IA 119 -61.21 13.67 -22.49
N ILE IA 120 -60.09 12.96 -22.34
CA ILE IA 120 -58.86 13.37 -23.02
C ILE IA 120 -59.06 13.47 -24.52
N ILE IA 121 -59.71 12.45 -25.08
CA ILE IA 121 -59.98 12.42 -26.51
C ILE IA 121 -60.72 13.66 -26.93
N ASN IA 122 -61.86 13.89 -26.30
CA ASN IA 122 -62.74 14.97 -26.75
C ASN IA 122 -62.23 16.37 -26.40
N SER IA 123 -61.22 16.41 -25.53
CA SER IA 123 -60.56 17.67 -25.19
C SER IA 123 -59.53 18.06 -26.26
N TYR IA 124 -58.80 17.08 -26.76
CA TYR IA 124 -57.82 17.31 -27.82
C TYR IA 124 -58.05 16.36 -28.98
N PRO IA 125 -59.04 16.66 -29.84
CA PRO IA 125 -59.42 15.71 -30.89
C PRO IA 125 -58.39 15.52 -32.00
N LYS IA 126 -57.55 16.51 -32.27
CA LYS IA 126 -56.66 16.43 -33.43
C LYS IA 126 -55.68 15.27 -33.32
N TYR IA 127 -55.36 14.86 -32.10
CA TYR IA 127 -54.42 13.77 -31.90
C TYR IA 127 -55.02 12.46 -32.33
N PHE IA 128 -56.34 12.36 -32.24
CA PHE IA 128 -57.02 11.13 -32.57
C PHE IA 128 -57.65 11.11 -33.96
N GLN IA 129 -57.41 12.15 -34.73
CA GLN IA 129 -57.98 12.24 -36.06
C GLN IA 129 -57.44 11.19 -37.03
N LYS IA 130 -56.12 11.02 -37.09
CA LYS IA 130 -55.51 10.18 -38.13
C LYS IA 130 -56.07 8.77 -38.16
N ASP IA 131 -56.58 8.38 -39.31
CA ASP IA 131 -57.30 7.12 -39.41
C ASP IA 131 -56.45 6.05 -40.09
N ILE IA 132 -56.65 4.83 -39.64
CA ILE IA 132 -55.96 3.65 -40.15
C ILE IA 132 -56.99 2.66 -40.64
N ALA IA 133 -57.88 2.26 -39.72
CA ALA IA 133 -58.82 1.18 -39.92
C ALA IA 133 -59.61 1.28 -41.21
N GLU IA 134 -59.57 0.18 -41.99
CA GLU IA 134 -60.16 0.16 -43.32
C GLU IA 134 -61.67 0.21 -43.37
N PRO IA 135 -62.36 -0.69 -42.64
CA PRO IA 135 -63.82 -0.59 -42.69
C PRO IA 135 -64.32 0.74 -42.08
N HIS IA 136 -63.43 1.46 -41.40
CA HIS IA 136 -63.70 2.77 -40.82
C HIS IA 136 -64.82 2.77 -39.79
N ILE IA 137 -64.51 2.25 -38.62
CA ILE IA 137 -65.38 2.41 -37.47
C ILE IA 137 -65.63 3.89 -37.16
N PRO IA 138 -66.90 4.32 -37.24
CA PRO IA 138 -67.31 5.68 -36.84
C PRO IA 138 -67.29 5.87 -35.32
N CYS IA 139 -67.28 4.76 -34.58
CA CYS IA 139 -67.43 4.74 -33.12
C CYS IA 139 -66.19 5.16 -32.34
N LEU IA 140 -65.04 5.08 -32.99
CA LEU IA 140 -63.77 5.42 -32.35
C LEU IA 140 -63.34 6.83 -32.68
N MET IA 141 -64.17 7.55 -33.42
CA MET IA 141 -63.86 8.94 -33.74
C MET IA 141 -64.15 9.84 -32.54
N PRO IA 142 -63.30 10.86 -32.33
CA PRO IA 142 -63.56 11.90 -31.33
C PRO IA 142 -64.88 12.65 -31.62
N GLU IA 143 -65.47 13.23 -30.59
CA GLU IA 143 -66.79 13.86 -30.70
C GLU IA 143 -66.72 15.38 -30.68
N TYR IA 144 -67.66 16.01 -31.38
CA TYR IA 144 -67.66 17.47 -31.50
C TYR IA 144 -68.86 18.11 -30.81
N PHE IA 145 -68.57 18.74 -29.68
CA PHE IA 145 -69.57 19.40 -28.85
C PHE IA 145 -69.65 20.92 -29.05
N GLU IA 146 -68.87 21.45 -29.98
CA GLU IA 146 -68.94 22.87 -30.32
C GLU IA 146 -69.98 23.15 -31.42
N PRO IA 147 -70.60 24.34 -31.39
CA PRO IA 147 -71.51 24.79 -32.45
C PRO IA 147 -70.74 25.00 -33.75
N GLN IA 148 -71.28 24.53 -34.88
CA GLN IA 148 -70.56 24.60 -36.15
C GLN IA 148 -70.58 25.97 -36.83
N ILE IA 149 -71.57 26.80 -36.48
CA ILE IA 149 -71.60 28.19 -36.94
C ILE IA 149 -71.84 29.11 -35.74
N GLU IA 150 -71.28 30.31 -35.79
CA GLU IA 150 -71.36 31.24 -34.67
C GLU IA 150 -72.53 32.23 -34.76
N ASP IA 151 -72.46 33.14 -35.73
CA ASP IA 151 -73.38 34.28 -35.80
C ASP IA 151 -74.73 33.99 -36.45
N VAL IA 152 -74.80 32.94 -37.28
CA VAL IA 152 -76.04 32.54 -37.91
C VAL IA 152 -76.97 31.84 -36.91
N SER IA 153 -78.20 32.34 -36.79
CA SER IA 153 -79.14 31.86 -35.79
C SER IA 153 -79.61 30.42 -36.05
N GLU IA 154 -80.15 30.17 -37.25
CA GLU IA 154 -80.85 28.93 -37.58
C GLU IA 154 -80.01 27.66 -37.45
N ALA IA 155 -78.68 27.82 -37.49
CA ALA IA 155 -77.76 26.72 -37.25
C ALA IA 155 -77.46 26.63 -35.76
N ALA IA 156 -76.86 27.68 -35.22
CA ALA IA 156 -76.44 27.73 -33.81
C ALA IA 156 -77.53 27.36 -32.78
N LEU IA 157 -78.79 27.69 -33.06
CA LEU IA 157 -79.91 27.29 -32.18
C LEU IA 157 -79.96 25.77 -31.97
N GLN IA 158 -80.29 25.05 -33.04
CA GLN IA 158 -80.40 23.60 -33.03
C GLN IA 158 -79.09 22.92 -32.61
N GLU IA 159 -77.97 23.47 -33.09
CA GLU IA 159 -76.64 22.96 -32.72
C GLU IA 159 -76.45 22.98 -31.20
N ARG IA 160 -76.63 24.14 -30.59
CA ARG IA 160 -76.38 24.29 -29.14
C ARG IA 160 -77.49 23.68 -28.29
N ILE IA 161 -78.63 23.40 -28.91
CA ILE IA 161 -79.71 22.67 -28.24
C ILE IA 161 -79.37 21.19 -28.15
N LYS IA 162 -78.88 20.62 -29.26
CA LYS IA 162 -78.41 19.24 -29.26
C LYS IA 162 -77.34 19.02 -28.19
N LEU IA 163 -76.51 20.04 -27.98
CA LEU IA 163 -75.45 20.00 -26.97
C LEU IA 163 -76.02 20.18 -25.57
N UNK IA 206 -77.35 22.99 -22.78
CA UNK IA 206 -78.63 23.52 -22.36
C UNK IA 206 -78.60 25.04 -22.18
N UNK IA 207 -77.53 25.54 -21.55
CA UNK IA 207 -77.36 26.99 -21.33
C UNK IA 207 -76.85 27.70 -22.60
N UNK IA 208 -76.00 27.01 -23.36
CA UNK IA 208 -75.51 27.56 -24.63
C UNK IA 208 -76.64 27.58 -25.67
N UNK IA 209 -77.61 26.67 -25.50
CA UNK IA 209 -78.83 26.64 -26.30
C UNK IA 209 -79.66 27.90 -26.09
N UNK IA 210 -79.74 28.33 -24.83
CA UNK IA 210 -80.51 29.51 -24.44
C UNK IA 210 -79.78 30.81 -24.78
N UNK IA 211 -78.45 30.79 -24.66
CA UNK IA 211 -77.62 31.87 -25.16
C UNK IA 211 -77.83 32.03 -26.68
N UNK IA 212 -78.00 30.90 -27.36
CA UNK IA 212 -78.23 30.88 -28.81
C UNK IA 212 -79.61 31.42 -29.19
N UNK IA 213 -80.66 30.92 -28.53
CA UNK IA 213 -82.02 31.41 -28.76
C UNK IA 213 -82.15 32.89 -28.41
N UNK IA 214 -81.35 33.35 -27.45
CA UNK IA 214 -81.32 34.77 -27.07
C UNK IA 214 -80.62 35.63 -28.14
N UNK IA 215 -79.54 35.09 -28.72
CA UNK IA 215 -78.85 35.78 -29.81
C UNK IA 215 -79.65 35.76 -31.12
N UNK IA 216 -80.58 34.81 -31.25
CA UNK IA 216 -81.52 34.77 -32.38
C UNK IA 216 -82.72 35.72 -32.17
N UNK IA 217 -83.16 35.84 -30.91
CA UNK IA 217 -84.25 36.75 -30.56
C UNK IA 217 -83.77 38.21 -30.48
N UNK IA 218 -82.46 38.42 -30.38
CA UNK IA 218 -81.87 39.77 -30.38
C UNK IA 218 -81.72 40.38 -31.79
N UNK IA 219 -81.67 39.53 -32.82
CA UNK IA 219 -81.51 39.97 -34.20
C UNK IA 219 -82.86 40.11 -34.93
N UNK IA 220 -83.95 39.94 -34.18
CA UNK IA 220 -85.33 39.97 -34.70
C UNK IA 220 -85.57 38.81 -35.67
N UNK IA 221 -84.81 37.73 -35.50
CA UNK IA 221 -85.01 36.51 -36.27
C UNK IA 221 -86.22 35.75 -35.75
N UNK IA 222 -87.15 35.43 -36.63
CA UNK IA 222 -88.38 34.78 -36.22
C UNK IA 222 -88.16 33.31 -35.82
N UNK IA 223 -88.57 32.96 -34.59
CA UNK IA 223 -88.45 31.59 -34.10
C UNK IA 223 -89.73 30.82 -34.39
N UNK IA 224 -89.62 29.79 -35.23
CA UNK IA 224 -90.80 29.08 -35.76
C UNK IA 224 -91.30 27.97 -34.83
N UNK IA 225 -92.28 27.20 -35.31
CA UNK IA 225 -92.97 26.19 -34.50
C UNK IA 225 -92.08 25.01 -34.08
N UNK IA 226 -91.05 24.72 -34.87
CA UNK IA 226 -90.08 23.66 -34.55
C UNK IA 226 -88.97 24.11 -33.60
N UNK IA 227 -88.55 25.37 -33.74
CA UNK IA 227 -87.43 25.96 -32.98
C UNK IA 227 -87.53 25.77 -31.47
N UNK IA 228 -88.53 26.39 -30.86
CA UNK IA 228 -88.72 26.29 -29.42
C UNK IA 228 -89.59 25.09 -29.04
N UNK IA 229 -89.94 24.25 -30.01
CA UNK IA 229 -90.43 22.92 -29.71
C UNK IA 229 -89.22 22.06 -29.31
N UNK IA 230 -88.11 22.31 -30.01
CA UNK IA 230 -86.82 21.71 -29.66
C UNK IA 230 -86.24 22.35 -28.38
N UNK IA 231 -86.30 23.69 -28.29
CA UNK IA 231 -85.85 24.37 -27.07
C UNK IA 231 -86.75 24.01 -25.88
N UNK IA 232 -88.01 23.68 -26.16
CA UNK IA 232 -88.92 23.18 -25.15
C UNK IA 232 -88.55 21.76 -24.69
N UNK IA 233 -88.37 20.84 -25.65
CA UNK IA 233 -87.91 19.49 -25.33
C UNK IA 233 -86.59 19.53 -24.56
N UNK IA 234 -85.81 20.59 -24.78
CA UNK IA 234 -84.58 20.86 -24.03
C UNK IA 234 -84.85 21.44 -22.63
N UNK IA 235 -85.95 22.18 -22.48
CA UNK IA 235 -86.36 22.69 -21.17
C UNK IA 235 -87.00 21.59 -20.30
N UNK IA 236 -87.53 20.56 -20.95
CA UNK IA 236 -88.03 19.36 -20.30
C UNK IA 236 -86.92 18.37 -19.96
N UNK IA 237 -85.97 18.19 -20.88
CA UNK IA 237 -84.88 17.24 -20.71
C UNK IA 237 -83.75 17.74 -19.79
N UNK IA 238 -83.45 19.04 -19.84
CA UNK IA 238 -82.40 19.62 -18.97
C UNK IA 238 -82.94 20.04 -17.60
N UNK IA 239 -83.84 21.02 -17.59
CA UNK IA 239 -84.45 21.49 -16.34
C UNK IA 239 -85.42 20.44 -15.77
N THR IA 240 -88.02 27.11 -10.89
CA THR IA 240 -89.43 27.10 -11.29
C THR IA 240 -89.81 28.40 -12.01
N TRP IA 241 -89.01 29.45 -11.83
CA TRP IA 241 -89.26 30.74 -12.49
C TRP IA 241 -88.83 30.73 -13.96
N ARG IA 242 -87.71 30.07 -14.23
CA ARG IA 242 -87.19 29.95 -15.60
C ARG IA 242 -88.11 29.09 -16.47
N THR IA 243 -88.85 28.17 -15.86
CA THR IA 243 -89.80 27.32 -16.58
C THR IA 243 -91.00 28.16 -17.01
N LYS IA 244 -91.47 29.02 -16.12
CA LYS IA 244 -92.55 29.97 -16.41
C LYS IA 244 -92.13 30.97 -17.49
N ASN IA 245 -90.90 31.49 -17.39
CA ASN IA 245 -90.36 32.44 -18.37
C ASN IA 245 -90.19 31.83 -19.77
N ASN IA 246 -89.57 30.64 -19.81
CA ASN IA 246 -89.39 29.91 -21.06
C ASN IA 246 -90.71 29.51 -21.71
N ALA IA 247 -91.68 29.10 -20.88
CA ALA IA 247 -93.04 28.80 -21.34
C ALA IA 247 -93.74 30.04 -21.93
N GLU IA 248 -93.56 31.17 -21.27
CA GLU IA 248 -94.10 32.46 -21.73
C GLU IA 248 -93.50 32.87 -23.08
N ARG IA 249 -92.21 32.65 -23.27
CA ARG IA 249 -91.58 32.92 -24.57
C ARG IA 249 -92.04 31.93 -25.65
N ILE IA 250 -92.29 30.69 -25.25
CA ILE IA 250 -92.81 29.63 -26.14
C ILE IA 250 -94.19 30.00 -26.70
N PHE IA 251 -95.09 30.47 -25.84
CA PHE IA 251 -96.43 30.84 -26.30
C PHE IA 251 -96.56 32.25 -26.91
N ALA IA 252 -95.89 33.24 -26.31
CA ALA IA 252 -96.08 34.64 -26.69
C ALA IA 252 -95.46 34.97 -28.06
N LEU IA 253 -94.20 34.57 -28.26
CA LEU IA 253 -93.49 34.92 -29.49
C LEU IA 253 -94.06 34.11 -30.65
N MET IA 254 -93.86 32.79 -30.59
CA MET IA 254 -94.48 31.88 -31.54
C MET IA 254 -95.80 31.34 -31.01
N PRO IA 255 -96.81 31.27 -31.89
CA PRO IA 255 -98.04 30.55 -31.55
C PRO IA 255 -97.91 29.05 -31.84
N GLU IA 256 -97.21 28.33 -30.96
CA GLU IA 256 -96.86 26.94 -31.20
C GLU IA 256 -98.08 26.02 -31.27
N LYS IA 257 -98.06 25.10 -32.24
CA LYS IA 257 -99.07 24.06 -32.31
C LYS IA 257 -99.00 23.28 -31.01
N ASN IA 258 -100.17 22.97 -30.43
CA ASN IA 258 -100.24 22.37 -29.11
C ASN IA 258 -99.38 21.11 -28.97
N ALA IA 259 -99.39 20.27 -30.01
CA ALA IA 259 -98.83 18.90 -29.96
C ALA IA 259 -97.35 18.84 -29.56
N HIS IA 260 -96.72 20.01 -29.51
CA HIS IA 260 -95.33 20.15 -29.09
C HIS IA 260 -95.22 20.91 -27.75
N SER IA 261 -95.71 22.15 -27.73
CA SER IA 261 -95.67 23.01 -26.55
C SER IA 261 -96.31 22.35 -25.31
N TYR IA 262 -97.53 21.82 -25.46
CA TYR IA 262 -98.17 21.11 -24.34
C TYR IA 262 -97.31 19.91 -23.96
N CYS IA 263 -96.72 19.23 -24.94
CA CYS IA 263 -95.94 18.02 -24.68
C CYS IA 263 -94.84 18.33 -23.69
N THR IA 264 -93.95 19.21 -24.11
CA THR IA 264 -92.90 19.71 -23.22
C THR IA 264 -93.44 20.17 -21.86
N MET IA 265 -94.33 21.17 -21.84
CA MET IA 265 -94.75 21.77 -20.56
C MET IA 265 -95.54 20.84 -19.62
N ILE IA 266 -96.30 19.89 -20.17
CA ILE IA 266 -97.03 18.91 -19.37
C ILE IA 266 -96.03 17.87 -18.83
N ARG IA 267 -94.95 17.65 -19.57
CA ARG IA 267 -93.86 16.79 -19.05
C ARG IA 267 -93.00 17.47 -17.98
N GLY IA 268 -92.74 18.76 -18.16
CA GLY IA 268 -91.83 19.51 -17.31
C GLY IA 268 -92.48 20.07 -16.07
N MET IA 269 -93.78 20.35 -16.14
CA MET IA 269 -94.51 20.84 -14.97
C MET IA 269 -94.97 19.68 -14.09
N VAL IA 270 -94.70 18.45 -14.54
CA VAL IA 270 -94.76 17.26 -13.70
C VAL IA 270 -93.46 17.20 -12.88
N LYS IA 271 -92.38 17.66 -13.49
CA LYS IA 271 -91.05 17.74 -12.88
C LYS IA 271 -90.88 18.96 -11.95
N HIS IA 272 -91.46 20.09 -12.34
CA HIS IA 272 -91.44 21.30 -11.52
C HIS IA 272 -92.63 21.34 -10.54
N GLN IA 273 -93.45 20.28 -10.61
CA GLN IA 273 -94.57 20.06 -9.68
C GLN IA 273 -95.68 21.13 -9.70
N ALA IA 274 -96.21 21.43 -10.89
CA ALA IA 274 -97.38 22.31 -11.03
C ALA IA 274 -98.34 21.84 -12.14
N PRO IA 275 -99.16 20.80 -11.84
CA PRO IA 275 -100.07 20.11 -12.78
C PRO IA 275 -101.32 20.88 -13.22
N THR IA 276 -101.71 21.94 -12.52
CA THR IA 276 -102.94 22.71 -12.83
C THR IA 276 -102.90 23.43 -14.19
N GLN IA 277 -101.85 24.20 -14.41
CA GLN IA 277 -101.65 24.93 -15.66
C GLN IA 277 -101.58 23.95 -16.84
N ALA IA 278 -101.27 22.68 -16.54
CA ALA IA 278 -101.21 21.61 -17.54
C ALA IA 278 -102.62 21.13 -17.94
N LEU IA 279 -103.54 21.13 -16.98
CA LEU IA 279 -104.94 20.86 -17.31
C LEU IA 279 -105.53 22.05 -18.07
N ASN IA 280 -105.07 23.26 -17.72
CA ASN IA 280 -105.44 24.46 -18.49
C ASN IA 280 -104.95 24.37 -19.95
N LEU IA 281 -103.72 23.88 -20.12
CA LEU IA 281 -103.14 23.66 -21.45
C LEU IA 281 -103.81 22.49 -22.18
N TYR IA 282 -104.40 21.56 -21.42
CA TYR IA 282 -105.19 20.48 -22.01
C TYR IA 282 -106.52 21.04 -22.56
N THR IA 283 -107.07 22.03 -21.86
CA THR IA 283 -108.27 22.73 -22.34
C THR IA 283 -107.93 23.52 -23.62
N VAL IA 284 -106.87 24.32 -23.55
CA VAL IA 284 -106.39 25.09 -24.71
C VAL IA 284 -106.04 24.22 -25.93
N LEU IA 285 -105.53 23.01 -25.66
CA LEU IA 285 -105.17 22.06 -26.71
C LEU IA 285 -106.38 21.37 -27.32
N LEU IA 286 -107.36 21.04 -26.47
CA LEU IA 286 -108.59 20.41 -26.95
C LEU IA 286 -109.45 21.41 -27.73
N ASN IA 287 -109.30 22.70 -27.42
CA ASN IA 287 -110.03 23.76 -28.12
C ASN IA 287 -109.60 23.92 -29.59
N ASN IA 288 -108.33 23.68 -29.86
CA ASN IA 288 -107.73 23.98 -31.16
C ASN IA 288 -107.82 22.83 -32.17
N ARG IA 289 -108.55 21.78 -31.78
CA ARG IA 289 -108.82 20.58 -32.60
C ARG IA 289 -107.64 19.62 -32.66
N LEU IA 290 -106.46 20.07 -32.24
CA LEU IA 290 -105.35 19.15 -32.08
C LEU IA 290 -105.67 18.26 -30.89
N ARG IA 291 -105.69 16.96 -31.14
CA ARG IA 291 -106.01 15.97 -30.11
C ARG IA 291 -104.82 15.79 -29.17
N ALA IA 292 -105.10 15.36 -27.95
CA ALA IA 292 -104.02 15.04 -27.03
C ALA IA 292 -103.43 13.67 -27.40
N ASP IA 293 -102.13 13.63 -27.61
CA ASP IA 293 -101.48 12.38 -27.99
C ASP IA 293 -101.45 11.43 -26.79
N VAL IA 294 -100.88 10.24 -26.97
CA VAL IA 294 -100.94 9.22 -25.92
C VAL IA 294 -100.27 9.67 -24.59
N TYR IA 295 -99.11 10.33 -24.71
CA TYR IA 295 -98.32 10.75 -23.54
C TYR IA 295 -99.00 11.88 -22.77
N THR IA 296 -99.97 12.54 -23.41
CA THR IA 296 -100.75 13.59 -22.77
C THR IA 296 -101.68 12.97 -21.77
N PHE IA 297 -102.60 12.16 -22.29
CA PHE IA 297 -103.54 11.42 -21.48
C PHE IA 297 -102.81 10.58 -20.44
N ASN IA 298 -101.59 10.15 -20.77
CA ASN IA 298 -100.76 9.48 -19.77
C ASN IA 298 -100.37 10.43 -18.62
N SER IA 299 -99.83 11.60 -18.97
CA SER IA 299 -99.30 12.56 -18.00
C SER IA 299 -100.40 13.28 -17.18
N LEU IA 300 -101.55 13.48 -17.81
CA LEU IA 300 -102.74 14.07 -17.18
C LEU IA 300 -103.61 13.05 -16.43
N ILE IA 301 -103.59 11.79 -16.86
CA ILE IA 301 -104.20 10.73 -16.05
C ILE IA 301 -103.35 10.61 -14.79
N GLU IA 302 -102.04 10.74 -14.96
CA GLU IA 302 -101.11 10.75 -13.83
C GLU IA 302 -101.20 12.04 -13.00
N ALA IA 303 -101.57 13.16 -13.62
CA ALA IA 303 -101.66 14.45 -12.92
C ALA IA 303 -102.95 14.55 -12.11
N THR IA 304 -104.05 14.03 -12.67
CA THR IA 304 -105.33 14.03 -11.98
C THR IA 304 -105.39 12.93 -10.91
N ALA IA 305 -104.77 11.78 -11.20
CA ALA IA 305 -104.54 10.78 -10.17
C ALA IA 305 -103.70 11.33 -9.03
N LEU IA 306 -102.44 11.67 -9.30
CA LEU IA 306 -101.46 12.06 -8.27
C LEU IA 306 -101.87 13.25 -7.40
N VAL IA 307 -102.75 14.10 -7.93
CA VAL IA 307 -103.29 15.20 -7.14
C VAL IA 307 -104.60 14.75 -6.52
N VAL IA 308 -104.58 14.53 -5.21
CA VAL IA 308 -105.76 14.10 -4.48
C VAL IA 308 -105.77 14.90 -3.18
N ASN IA 309 -106.83 15.68 -2.97
CA ASN IA 309 -107.03 16.30 -1.67
C ASN IA 309 -108.28 15.69 -1.05
N GLU IA 310 -108.06 14.75 -0.12
CA GLU IA 310 -109.12 14.12 0.67
C GLU IA 310 -110.15 13.33 -0.17
N LYS IA 311 -110.15 13.48 -1.49
CA LYS IA 311 -111.21 12.85 -2.30
C LYS IA 311 -110.65 12.12 -3.52
N PHE IA 312 -110.73 10.78 -3.47
CA PHE IA 312 -110.19 9.88 -4.50
C PHE IA 312 -111.13 9.64 -5.68
N GLU IA 313 -112.44 9.55 -5.41
CA GLU IA 313 -113.44 9.28 -6.45
C GLU IA 313 -113.55 10.42 -7.47
N GLU IA 314 -113.48 11.67 -7.00
CA GLU IA 314 -113.50 12.86 -7.86
C GLU IA 314 -112.35 12.85 -8.86
N LYS IA 315 -111.25 12.21 -8.45
CA LYS IA 315 -110.04 12.09 -9.27
C LYS IA 315 -110.15 10.91 -10.24
N TRP IA 316 -110.34 9.70 -9.71
CA TRP IA 316 -110.54 8.49 -10.52
C TRP IA 316 -111.64 8.64 -11.61
N ASN IA 317 -112.70 9.39 -11.30
CA ASN IA 317 -113.77 9.65 -12.27
C ASN IA 317 -113.27 10.55 -13.42
N ASN IA 318 -112.54 11.61 -13.07
CA ASN IA 318 -111.93 12.51 -14.06
C ASN IA 318 -110.95 11.76 -14.95
N ILE IA 319 -110.25 10.81 -14.34
CA ILE IA 319 -109.35 9.90 -15.04
C ILE IA 319 -110.08 9.03 -16.06
N LEU IA 320 -111.13 8.33 -15.64
CA LEU IA 320 -111.93 7.51 -16.55
C LEU IA 320 -112.62 8.36 -17.64
N ASP IA 321 -112.87 9.63 -17.33
CA ASP IA 321 -113.44 10.59 -18.29
C ASP IA 321 -112.44 11.01 -19.37
N LEU IA 322 -111.19 11.27 -18.97
CA LEU IA 322 -110.14 11.56 -19.95
C LEU IA 322 -109.72 10.30 -20.73
N LEU IA 323 -109.94 9.14 -20.11
CA LEU IA 323 -109.68 7.84 -20.75
C LEU IA 323 -110.72 7.51 -21.81
N LYS IA 324 -111.97 7.89 -21.55
CA LYS IA 324 -113.05 7.77 -22.55
C LYS IA 324 -112.88 8.84 -23.66
N GLN IA 325 -112.48 10.04 -23.23
CA GLN IA 325 -112.24 11.17 -24.15
C GLN IA 325 -111.05 10.92 -25.08
N MET IA 326 -110.10 10.10 -24.65
CA MET IA 326 -109.01 9.68 -25.52
C MET IA 326 -109.51 8.69 -26.60
N VAL IA 327 -110.36 7.75 -26.21
CA VAL IA 327 -110.94 6.78 -27.14
C VAL IA 327 -111.84 7.48 -28.17
N THR IA 328 -112.48 8.57 -27.75
CA THR IA 328 -113.33 9.36 -28.63
C THR IA 328 -112.53 10.23 -29.63
N GLN IA 329 -111.30 10.60 -29.26
CA GLN IA 329 -110.47 11.50 -30.07
C GLN IA 329 -109.59 10.77 -31.11
N ASN IA 330 -109.79 9.46 -31.22
CA ASN IA 330 -109.06 8.55 -32.15
C ASN IA 330 -107.69 8.12 -31.66
N VAL IA 331 -107.25 8.68 -30.52
CA VAL IA 331 -105.98 8.26 -29.93
C VAL IA 331 -106.17 6.91 -29.24
N LYS IA 332 -105.41 5.91 -29.66
CA LYS IA 332 -105.49 4.59 -29.03
C LYS IA 332 -104.64 4.57 -27.78
N PRO IA 333 -105.26 4.20 -26.64
CA PRO IA 333 -104.44 4.06 -25.42
C PRO IA 333 -103.39 2.97 -25.58
N ASN IA 334 -102.13 3.31 -25.29
CA ASN IA 334 -101.03 2.36 -25.41
C ASN IA 334 -101.04 1.35 -24.26
N LEU IA 335 -100.08 0.43 -24.27
CA LEU IA 335 -99.91 -0.46 -23.14
C LEU IA 335 -99.43 0.35 -21.94
N GLN IA 336 -98.69 1.41 -22.25
CA GLN IA 336 -98.08 2.29 -21.24
C GLN IA 336 -99.08 3.31 -20.68
N THR IA 337 -100.24 3.43 -21.32
CA THR IA 337 -101.35 4.22 -20.78
C THR IA 337 -102.11 3.46 -19.70
N PHE IA 338 -102.45 2.19 -19.97
CA PHE IA 338 -103.06 1.31 -18.97
C PHE IA 338 -102.05 1.05 -17.84
N ASN IA 339 -100.78 0.93 -18.22
CA ASN IA 339 -99.67 0.80 -17.27
C ASN IA 339 -99.53 2.04 -16.37
N THR IA 340 -99.56 3.24 -16.96
CA THR IA 340 -99.57 4.49 -16.21
C THR IA 340 -100.77 4.57 -15.26
N ILE IA 341 -101.94 4.18 -15.75
CA ILE IA 341 -103.17 4.12 -14.95
C ILE IA 341 -103.02 3.19 -13.73
N LEU IA 342 -102.43 2.01 -13.95
CA LEU IA 342 -102.17 1.08 -12.85
C LEU IA 342 -101.22 1.72 -11.84
N LYS IA 343 -100.10 2.25 -12.34
CA LYS IA 343 -99.11 2.96 -11.51
C LYS IA 343 -99.75 4.05 -10.63
N CYS IA 344 -100.72 4.76 -11.19
CA CYS IA 344 -101.48 5.77 -10.46
C CYS IA 344 -102.40 5.17 -9.40
N LEU IA 345 -103.07 4.07 -9.74
CA LEU IA 345 -104.01 3.41 -8.82
C LEU IA 345 -103.27 2.75 -7.65
N ARG IA 346 -101.95 2.54 -7.81
CA ARG IA 346 -101.09 1.97 -6.75
C ARG IA 346 -101.00 2.82 -5.49
N ARG IA 347 -100.67 4.10 -5.67
CA ARG IA 347 -100.20 4.96 -4.59
C ARG IA 347 -101.27 5.45 -3.61
N PHE IA 348 -102.55 5.20 -3.90
CA PHE IA 348 -103.62 5.74 -3.07
C PHE IA 348 -104.34 4.68 -2.22
N TYR IA 349 -105.14 3.81 -2.84
CA TYR IA 349 -105.90 2.79 -2.11
C TYR IA 349 -105.24 1.42 -2.29
N ALA IA 350 -105.14 0.63 -1.21
CA ALA IA 350 -104.57 -0.70 -1.31
C ALA IA 350 -105.57 -1.67 -1.97
N PHE IA 351 -106.84 -1.26 -1.97
CA PHE IA 351 -107.93 -2.01 -2.58
C PHE IA 351 -108.28 -1.51 -3.99
N GLY IA 352 -107.49 -0.57 -4.50
CA GLY IA 352 -107.64 -0.07 -5.85
C GLY IA 352 -107.04 -1.01 -6.87
N LYS IA 353 -106.82 -2.25 -6.46
CA LYS IA 353 -106.34 -3.31 -7.35
C LYS IA 353 -107.49 -3.88 -8.18
N LEU IA 354 -108.71 -3.78 -7.67
CA LEU IA 354 -109.90 -4.26 -8.40
C LEU IA 354 -110.24 -3.45 -9.66
N PRO IA 355 -110.18 -2.09 -9.59
CA PRO IA 355 -110.27 -1.39 -10.89
C PRO IA 355 -109.07 -1.71 -11.80
N ALA IA 356 -107.87 -1.69 -11.23
CA ALA IA 356 -106.65 -2.01 -11.97
C ALA IA 356 -106.72 -3.39 -12.61
N LEU IA 357 -107.17 -4.40 -11.85
CA LEU IA 357 -107.39 -5.76 -12.38
C LEU IA 357 -108.28 -5.70 -13.61
N GLN IA 358 -109.35 -4.90 -13.54
CA GLN IA 358 -110.23 -4.69 -14.68
C GLN IA 358 -109.42 -4.18 -15.87
N THR IA 359 -108.57 -3.18 -15.62
CA THR IA 359 -107.68 -2.63 -16.65
C THR IA 359 -106.80 -3.74 -17.23
N LEU IA 360 -106.35 -4.64 -16.35
CA LEU IA 360 -105.47 -5.74 -16.74
C LEU IA 360 -106.18 -6.69 -17.71
N ARG IA 361 -107.50 -6.78 -17.57
CA ARG IA 361 -108.30 -7.56 -18.52
C ARG IA 361 -108.54 -6.71 -19.78
N GLU IA 362 -108.77 -5.42 -19.58
CA GLU IA 362 -109.12 -4.49 -20.65
C GLU IA 362 -108.10 -4.50 -21.80
N MET IA 363 -106.82 -4.28 -21.47
CA MET IA 363 -105.77 -4.31 -22.49
C MET IA 363 -105.72 -5.69 -23.17
N LYS IA 364 -105.97 -6.77 -22.42
CA LYS IA 364 -105.91 -8.11 -22.97
C LYS IA 364 -107.00 -8.32 -24.03
N ALA IA 365 -108.01 -7.45 -24.05
CA ALA IA 365 -109.04 -7.52 -25.08
C ALA IA 365 -108.56 -6.90 -26.41
N ILE IA 366 -107.71 -5.87 -26.33
CA ILE IA 366 -107.33 -5.13 -27.54
C ILE IA 366 -106.05 -5.64 -28.24
N GLY IA 367 -105.43 -6.68 -27.69
CA GLY IA 367 -104.32 -7.34 -28.34
C GLY IA 367 -102.91 -6.99 -27.89
N ILE IA 368 -102.78 -6.01 -27.00
CA ILE IA 368 -101.47 -5.59 -26.50
C ILE IA 368 -101.02 -6.44 -25.30
N GLU IA 369 -99.86 -7.09 -25.46
CA GLU IA 369 -99.31 -7.96 -24.43
C GLU IA 369 -98.81 -7.15 -23.23
N PRO IA 370 -99.36 -7.41 -22.03
CA PRO IA 370 -99.09 -6.66 -20.80
C PRO IA 370 -97.59 -6.64 -20.44
N SER IA 371 -97.08 -5.45 -20.16
CA SER IA 371 -95.66 -5.23 -19.90
C SER IA 371 -95.29 -5.78 -18.53
N LEU IA 372 -94.00 -5.99 -18.31
CA LEU IA 372 -93.51 -6.41 -17.01
C LEU IA 372 -93.73 -5.32 -15.96
N ALA IA 373 -93.92 -4.07 -16.39
CA ALA IA 373 -94.17 -2.94 -15.50
C ALA IA 373 -95.60 -2.97 -14.95
N THR IA 374 -96.52 -3.20 -15.88
CA THR IA 374 -97.91 -3.53 -15.57
C THR IA 374 -98.00 -4.63 -14.49
N TYR IA 375 -97.45 -5.81 -14.81
CA TYR IA 375 -97.42 -6.94 -13.88
C TYR IA 375 -96.72 -6.59 -12.58
N HIS IA 376 -95.70 -5.73 -12.62
CA HIS IA 376 -95.05 -5.30 -11.38
C HIS IA 376 -96.03 -4.58 -10.46
N TYR IA 377 -96.62 -3.50 -10.97
CA TYR IA 377 -97.55 -2.70 -10.19
C TYR IA 377 -98.66 -3.60 -9.64
N VAL IA 378 -99.12 -4.52 -10.51
CA VAL IA 378 -100.06 -5.57 -10.12
C VAL IA 378 -99.55 -6.28 -8.85
N ILE IA 379 -98.30 -6.76 -8.89
CA ILE IA 379 -97.71 -7.47 -7.74
C ILE IA 379 -97.46 -6.54 -6.53
N GLN IA 380 -97.37 -5.23 -6.75
CA GLN IA 380 -97.13 -4.28 -5.68
C GLN IA 380 -98.39 -4.10 -4.82
N LEU IA 381 -99.52 -3.78 -5.45
CA LEU IA 381 -100.77 -3.64 -4.69
C LEU IA 381 -101.26 -4.99 -4.21
N PHE IA 382 -101.03 -6.01 -5.04
CA PHE IA 382 -101.40 -7.37 -4.68
C PHE IA 382 -100.56 -7.87 -3.50
N TYR IA 383 -99.38 -7.30 -3.30
CA TYR IA 383 -98.52 -7.58 -2.14
C TYR IA 383 -98.98 -6.84 -0.89
N GLN IA 384 -99.26 -5.55 -1.07
CA GLN IA 384 -99.80 -4.72 0.01
C GLN IA 384 -101.09 -5.32 0.57
N HIS IA 385 -101.85 -5.97 -0.30
CA HIS IA 385 -103.03 -6.72 0.12
C HIS IA 385 -102.72 -8.22 0.29
N GLU IA 386 -101.47 -8.62 0.03
CA GLU IA 386 -101.03 -10.02 0.22
C GLU IA 386 -100.65 -10.30 1.67
N SER IA 387 -100.09 -9.31 2.35
CA SER IA 387 -99.65 -9.48 3.73
C SER IA 387 -100.82 -9.91 4.66
N PRO IA 388 -101.92 -9.11 4.76
CA PRO IA 388 -103.03 -9.62 5.59
C PRO IA 388 -103.82 -10.78 4.96
N SER IA 389 -104.05 -10.73 3.65
CA SER IA 389 -104.88 -11.72 2.96
C SER IA 389 -104.08 -12.52 1.92
N LYS IA 390 -104.09 -13.84 2.06
CA LYS IA 390 -103.25 -14.73 1.27
C LYS IA 390 -103.93 -15.27 -0.01
N GLY IA 391 -105.13 -14.78 -0.31
CA GLY IA 391 -105.80 -15.11 -1.56
C GLY IA 391 -105.27 -14.32 -2.76
N SER IA 392 -105.05 -13.02 -2.53
CA SER IA 392 -104.48 -12.17 -3.57
C SER IA 392 -103.10 -12.69 -3.94
N SER IA 393 -102.44 -13.33 -2.96
CA SER IA 393 -101.19 -14.05 -3.20
C SER IA 393 -101.37 -15.12 -4.27
N LEU IA 394 -102.39 -15.96 -4.10
CA LEU IA 394 -102.71 -17.02 -5.06
C LEU IA 394 -103.03 -16.44 -6.45
N ILE IA 395 -103.62 -15.24 -6.48
CA ILE IA 395 -103.87 -14.55 -7.77
C ILE IA 395 -102.58 -14.05 -8.44
N ILE IA 396 -101.63 -13.53 -7.65
CA ILE IA 396 -100.31 -13.14 -8.19
C ILE IA 396 -99.59 -14.38 -8.72
N TYR IA 397 -99.71 -15.47 -7.96
CA TYR IA 397 -99.05 -16.72 -8.27
C TYR IA 397 -99.59 -17.37 -9.54
N ASP IA 398 -100.89 -17.23 -9.78
CA ASP IA 398 -101.51 -17.77 -11.00
C ASP IA 398 -101.31 -16.87 -12.23
N ILE IA 399 -101.39 -15.55 -12.02
CA ILE IA 399 -101.03 -14.57 -13.06
C ILE IA 399 -99.59 -14.80 -13.53
N MET IA 400 -98.70 -14.98 -12.57
CA MET IA 400 -97.32 -15.35 -12.81
C MET IA 400 -97.23 -16.71 -13.52
N ASN IA 401 -98.05 -17.67 -13.08
CA ASN IA 401 -98.09 -19.03 -13.67
C ASN IA 401 -98.46 -19.05 -15.16
N GLU IA 402 -99.30 -18.10 -15.58
CA GLU IA 402 -99.59 -17.92 -17.00
C GLU IA 402 -98.48 -17.12 -17.70
N VAL IA 403 -97.90 -16.17 -16.97
CA VAL IA 403 -96.82 -15.31 -17.47
C VAL IA 403 -95.51 -16.09 -17.77
N MET IA 404 -95.32 -17.22 -17.09
CA MET IA 404 -94.05 -17.95 -17.11
C MET IA 404 -93.90 -19.06 -18.15
N GLY IA 405 -94.98 -19.36 -18.87
CA GLY IA 405 -94.90 -20.33 -19.95
C GLY IA 405 -94.45 -19.63 -21.22
N LYS IA 406 -94.00 -18.38 -21.08
CA LYS IA 406 -93.74 -17.52 -22.22
C LYS IA 406 -92.33 -16.90 -22.21
N ARG IA 407 -91.84 -16.58 -23.41
CA ARG IA 407 -90.52 -15.96 -23.58
C ARG IA 407 -90.65 -14.46 -23.77
N PHE IA 408 -89.95 -13.71 -22.91
CA PHE IA 408 -90.13 -12.27 -22.81
C PHE IA 408 -89.40 -11.45 -23.88
N SER IA 409 -89.93 -10.26 -24.09
CA SER IA 409 -89.25 -9.20 -24.84
C SER IA 409 -89.34 -7.91 -24.02
N PRO IA 410 -88.44 -7.77 -23.02
CA PRO IA 410 -88.47 -6.67 -22.04
C PRO IA 410 -88.21 -5.30 -22.67
N ARG IA 411 -89.17 -4.85 -23.48
CA ARG IA 411 -89.02 -3.61 -24.26
C ARG IA 411 -89.69 -2.34 -23.69
N ASP IA 412 -90.33 -2.40 -22.53
CA ASP IA 412 -90.99 -1.21 -21.98
C ASP IA 412 -90.15 -0.53 -20.86
N PRO IA 413 -90.54 0.70 -20.42
CA PRO IA 413 -89.63 1.49 -19.57
C PRO IA 413 -89.37 1.06 -18.11
N ASP IA 414 -90.39 0.59 -17.40
CA ASP IA 414 -90.33 0.46 -15.93
C ASP IA 414 -90.00 -0.93 -15.36
N ASP IA 415 -89.67 -1.88 -16.24
CA ASP IA 415 -89.83 -3.31 -15.96
C ASP IA 415 -89.08 -3.98 -14.80
N ASP IA 416 -88.07 -3.33 -14.21
CA ASP IA 416 -87.18 -4.00 -13.24
C ASP IA 416 -87.90 -4.56 -12.00
N MET IA 417 -88.76 -3.72 -11.44
CA MET IA 417 -89.39 -4.07 -10.20
C MET IA 417 -90.36 -5.27 -10.32
N PHE IA 418 -90.66 -5.69 -11.54
CA PHE IA 418 -91.41 -6.92 -11.76
C PHE IA 418 -90.66 -8.09 -11.15
N PHE IA 419 -89.52 -8.44 -11.75
CA PHE IA 419 -88.69 -9.54 -11.31
C PHE IA 419 -88.11 -9.23 -9.93
N GLN IA 420 -88.17 -7.96 -9.51
CA GLN IA 420 -87.90 -7.67 -8.09
C GLN IA 420 -89.01 -8.25 -7.17
N SER IA 421 -90.26 -7.83 -7.40
CA SER IA 421 -91.37 -8.15 -6.52
C SER IA 421 -92.07 -9.47 -6.86
N ALA IA 422 -91.80 -10.02 -8.04
CA ALA IA 422 -92.34 -11.33 -8.38
C ALA IA 422 -91.71 -12.39 -7.50
N MET IA 423 -90.40 -12.26 -7.28
CA MET IA 423 -89.70 -13.14 -6.37
C MET IA 423 -89.85 -12.66 -4.91
N ARG IA 424 -89.93 -11.34 -4.68
CA ARG IA 424 -90.03 -10.81 -3.32
C ARG IA 424 -91.14 -11.43 -2.44
N VAL IA 425 -92.27 -11.78 -3.08
CA VAL IA 425 -93.42 -12.34 -2.37
C VAL IA 425 -93.18 -13.76 -1.83
N CYS IA 426 -92.39 -14.53 -2.57
CA CYS IA 426 -92.09 -15.91 -2.22
C CYS IA 426 -91.22 -16.00 -0.97
N SER IA 427 -90.52 -14.91 -0.65
CA SER IA 427 -89.65 -14.87 0.54
C SER IA 427 -90.46 -14.70 1.83
N SER IA 428 -91.47 -13.85 1.77
CA SER IA 428 -92.36 -13.62 2.91
C SER IA 428 -93.33 -14.78 3.10
N LEU IA 429 -93.90 -15.25 2.00
CA LEU IA 429 -94.88 -16.35 2.06
C LEU IA 429 -94.25 -17.74 2.17
N ARG IA 430 -92.93 -17.79 2.00
CA ARG IA 430 -92.17 -19.05 2.03
C ARG IA 430 -92.76 -20.10 1.08
N ASP IA 431 -92.76 -19.80 -0.22
CA ASP IA 431 -93.22 -20.75 -1.22
C ASP IA 431 -92.14 -20.91 -2.29
N LEU IA 432 -91.53 -22.09 -2.34
CA LEU IA 432 -90.35 -22.31 -3.20
C LEU IA 432 -90.66 -22.68 -4.65
N GLU IA 433 -91.74 -23.41 -4.91
CA GLU IA 433 -92.09 -23.83 -6.27
C GLU IA 433 -92.21 -22.63 -7.23
N LEU IA 434 -92.95 -21.61 -6.78
CA LEU IA 434 -93.18 -20.41 -7.58
C LEU IA 434 -91.90 -19.57 -7.73
N ALA IA 435 -90.93 -19.80 -6.85
CA ALA IA 435 -89.61 -19.21 -7.00
C ALA IA 435 -88.79 -19.94 -8.07
N TYR IA 436 -88.89 -21.28 -8.11
CA TYR IA 436 -88.34 -22.07 -9.21
C TYR IA 436 -88.89 -21.56 -10.53
N GLN IA 437 -90.18 -21.24 -10.52
CA GLN IA 437 -90.87 -20.69 -11.68
C GLN IA 437 -90.39 -19.28 -12.08
N VAL IA 438 -90.20 -18.41 -11.08
CA VAL IA 438 -89.67 -17.06 -11.34
C VAL IA 438 -88.26 -17.16 -11.93
N HIS IA 439 -87.49 -18.15 -11.48
CA HIS IA 439 -86.14 -18.38 -11.99
C HIS IA 439 -86.14 -18.92 -13.42
N GLY IA 440 -87.04 -19.87 -13.69
CA GLY IA 440 -87.24 -20.38 -15.03
C GLY IA 440 -87.72 -19.30 -15.98
N LEU IA 441 -88.39 -18.29 -15.43
CA LEU IA 441 -88.80 -17.12 -16.20
C LEU IA 441 -87.62 -16.18 -16.49
N LEU IA 442 -86.84 -15.92 -15.45
CA LEU IA 442 -85.64 -15.10 -15.53
C LEU IA 442 -84.70 -15.64 -16.63
N ASN IA 443 -84.24 -16.86 -16.47
CA ASN IA 443 -83.28 -17.47 -17.41
C ASN IA 443 -83.75 -17.64 -18.86
N THR IA 444 -85.04 -17.38 -19.11
CA THR IA 444 -85.63 -17.69 -20.40
C THR IA 444 -85.40 -16.64 -21.50
N GLY IA 445 -86.10 -15.51 -21.44
CA GLY IA 445 -86.06 -14.59 -22.56
C GLY IA 445 -84.73 -13.88 -22.74
N ASP IA 446 -84.36 -13.03 -21.79
CA ASP IA 446 -82.98 -12.66 -21.55
C ASP IA 446 -82.83 -12.50 -20.06
N ASN IA 447 -82.06 -13.35 -19.39
CA ASN IA 447 -81.91 -13.22 -17.94
C ASN IA 447 -81.29 -11.89 -17.56
N TRP IA 448 -80.19 -11.59 -18.23
CA TRP IA 448 -79.39 -10.39 -17.99
C TRP IA 448 -80.21 -9.11 -18.11
N LYS IA 449 -81.06 -9.01 -19.12
CA LYS IA 449 -81.85 -7.81 -19.32
C LYS IA 449 -83.01 -7.65 -18.32
N LEU IA 450 -83.24 -8.67 -17.49
CA LEU IA 450 -84.42 -8.65 -16.63
C LEU IA 450 -84.22 -8.06 -15.22
N ILE IA 451 -83.01 -7.63 -14.88
CA ILE IA 451 -82.77 -6.98 -13.59
C ILE IA 451 -81.90 -5.74 -13.78
N GLY IA 452 -82.42 -4.59 -13.37
CA GLY IA 452 -81.80 -3.30 -13.64
C GLY IA 452 -80.57 -2.94 -12.82
N SER IA 453 -80.67 -3.11 -11.49
CA SER IA 453 -79.60 -2.62 -10.61
C SER IA 453 -79.02 -3.72 -9.70
N ASP IA 454 -77.82 -3.46 -9.18
CA ASP IA 454 -77.07 -4.42 -8.38
C ASP IA 454 -77.64 -4.63 -6.98
N HIS IA 455 -78.17 -3.57 -6.39
CA HIS IA 455 -78.82 -3.66 -5.09
C HIS IA 455 -80.10 -4.50 -5.23
N ARG IA 456 -80.93 -4.10 -6.18
CA ARG IA 456 -82.15 -4.82 -6.52
C ARG IA 456 -81.84 -6.21 -7.07
N ARG IA 457 -80.59 -6.42 -7.47
CA ARG IA 457 -80.13 -7.75 -7.86
C ARG IA 457 -79.81 -8.61 -6.63
N ASN IA 458 -79.13 -8.05 -5.62
CA ASN IA 458 -78.76 -8.85 -4.46
C ASN IA 458 -79.96 -9.15 -3.56
N PHE IA 459 -80.99 -8.31 -3.62
CA PHE IA 459 -82.28 -8.64 -2.99
C PHE IA 459 -82.77 -10.00 -3.47
N TYR IA 460 -82.73 -10.17 -4.79
CA TYR IA 460 -83.20 -11.38 -5.46
C TYR IA 460 -82.56 -12.63 -4.87
N TYR IA 461 -81.24 -12.64 -4.76
CA TYR IA 461 -80.52 -13.83 -4.29
C TYR IA 461 -80.58 -13.98 -2.77
N SER IA 462 -80.60 -12.87 -2.05
CA SER IA 462 -80.82 -12.89 -0.60
C SER IA 462 -82.08 -13.68 -0.29
N LYS IA 463 -83.18 -13.27 -0.92
CA LYS IA 463 -84.47 -13.88 -0.66
C LYS IA 463 -84.60 -15.29 -1.24
N PHE IA 464 -84.13 -15.46 -2.47
CA PHE IA 464 -84.26 -16.74 -3.15
C PHE IA 464 -83.45 -17.83 -2.46
N PHE IA 465 -82.23 -17.50 -2.07
CA PHE IA 465 -81.40 -18.47 -1.38
C PHE IA 465 -81.87 -18.62 0.07
N ASN IA 466 -82.51 -17.58 0.61
CA ASN IA 466 -83.20 -17.70 1.89
C ASN IA 466 -84.23 -18.82 1.82
N LEU IA 467 -85.02 -18.88 0.74
CA LEU IA 467 -85.98 -19.97 0.55
C LEU IA 467 -85.29 -21.33 0.35
N LEU IA 468 -84.31 -21.34 -0.55
CA LEU IA 468 -83.62 -22.58 -0.91
C LEU IA 468 -83.00 -23.27 0.31
N CYS IA 469 -82.46 -22.49 1.25
CA CYS IA 469 -81.75 -23.07 2.39
C CYS IA 469 -82.65 -23.86 3.37
N PHE IA 470 -83.69 -23.22 3.91
CA PHE IA 470 -84.54 -23.87 4.90
C PHE IA 470 -85.60 -24.79 4.28
N MET IA 471 -86.13 -24.41 3.10
CA MET IA 471 -87.27 -25.12 2.53
C MET IA 471 -86.88 -26.45 1.85
N GLU IA 472 -85.62 -26.57 1.45
CA GLU IA 472 -85.16 -27.71 0.66
C GLU IA 472 -84.16 -28.60 1.40
N GLN IA 473 -84.06 -29.84 0.93
CA GLN IA 473 -83.08 -30.80 1.44
C GLN IA 473 -81.65 -30.27 1.30
N ILE IA 474 -80.77 -30.68 2.21
CA ILE IA 474 -79.36 -30.26 2.18
C ILE IA 474 -78.70 -30.61 0.84
N ASP IA 475 -79.16 -31.71 0.23
CA ASP IA 475 -78.65 -32.11 -1.10
C ASP IA 475 -78.82 -31.01 -2.16
N VAL IA 476 -79.95 -30.30 -2.10
CA VAL IA 476 -80.24 -29.18 -2.99
C VAL IA 476 -79.57 -27.86 -2.54
N THR IA 477 -79.58 -27.58 -1.23
CA THR IA 477 -79.03 -26.33 -0.72
C THR IA 477 -77.50 -26.25 -0.92
N LEU IA 478 -76.78 -27.30 -0.51
CA LEU IA 478 -75.32 -27.36 -0.69
C LEU IA 478 -74.92 -27.19 -2.15
N LYS IA 479 -75.83 -27.60 -3.03
CA LYS IA 479 -75.60 -27.61 -4.48
C LYS IA 479 -75.67 -26.20 -5.10
N TRP IA 480 -76.83 -25.56 -4.95
CA TRP IA 480 -77.04 -24.17 -5.39
C TRP IA 480 -76.17 -23.15 -4.64
N TYR IA 481 -75.67 -23.55 -3.47
CA TYR IA 481 -74.72 -22.72 -2.71
C TYR IA 481 -73.51 -22.32 -3.52
N LYS IA 482 -72.73 -23.35 -3.91
CA LYS IA 482 -71.46 -23.15 -4.60
C LYS IA 482 -71.65 -22.47 -5.96
N ASP IA 483 -72.84 -22.62 -6.56
CA ASP IA 483 -73.15 -22.01 -7.84
C ASP IA 483 -73.47 -20.52 -7.71
N LEU IA 484 -74.32 -20.18 -6.75
CA LEU IA 484 -74.74 -18.79 -6.62
C LEU IA 484 -73.76 -17.88 -5.86
N ILE IA 485 -73.21 -18.37 -4.75
CA ILE IA 485 -72.53 -17.47 -3.80
C ILE IA 485 -71.23 -16.80 -4.31
N PRO IA 486 -70.18 -17.59 -4.65
CA PRO IA 486 -68.99 -16.85 -5.08
C PRO IA 486 -69.13 -16.26 -6.49
N SER IA 487 -69.89 -16.97 -7.33
CA SER IA 487 -69.96 -16.68 -8.76
C SER IA 487 -70.77 -15.43 -9.10
N VAL IA 488 -72.03 -15.39 -8.67
CA VAL IA 488 -72.90 -14.31 -9.13
C VAL IA 488 -72.83 -13.10 -8.20
N PHE IA 489 -73.45 -13.22 -7.04
CA PHE IA 489 -73.53 -12.09 -6.12
C PHE IA 489 -73.30 -12.55 -4.69
N PHE IA 490 -72.55 -11.73 -3.96
CA PHE IA 490 -71.93 -12.12 -2.71
C PHE IA 490 -72.84 -11.97 -1.50
N PRO IA 491 -72.70 -12.89 -0.53
CA PRO IA 491 -73.52 -13.02 0.68
C PRO IA 491 -73.64 -11.75 1.53
N HIS IA 492 -74.87 -11.40 1.91
CA HIS IA 492 -75.14 -10.34 2.88
C HIS IA 492 -75.22 -11.00 4.26
N SER IA 493 -75.71 -10.26 5.25
CA SER IA 493 -75.94 -10.81 6.59
C SER IA 493 -77.15 -11.75 6.63
N GLN IA 494 -78.17 -11.40 5.84
CA GLN IA 494 -79.41 -12.18 5.76
C GLN IA 494 -79.17 -13.59 5.21
N THR IA 495 -78.33 -13.69 4.18
CA THR IA 495 -77.98 -14.98 3.60
C THR IA 495 -76.92 -15.69 4.46
N MET IA 496 -76.28 -14.91 5.33
CA MET IA 496 -75.30 -15.45 6.26
C MET IA 496 -75.97 -16.25 7.38
N ILE IA 497 -76.98 -15.65 8.00
CA ILE IA 497 -77.71 -16.31 9.11
C ILE IA 497 -78.46 -17.57 8.65
N ASP IA 498 -78.90 -17.56 7.40
CA ASP IA 498 -79.69 -18.66 6.84
C ASP IA 498 -78.91 -19.98 6.75
N LEU IA 499 -77.64 -19.89 6.35
CA LEU IA 499 -76.76 -21.05 6.28
C LEU IA 499 -76.50 -21.63 7.67
N LEU IA 500 -76.50 -20.73 8.66
CA LEU IA 500 -76.31 -21.10 10.05
C LEU IA 500 -77.52 -21.87 10.59
N GLN IA 501 -78.72 -21.38 10.31
CA GLN IA 501 -79.94 -22.08 10.74
C GLN IA 501 -80.25 -23.33 9.91
N ALA IA 502 -79.63 -23.44 8.73
CA ALA IA 502 -79.86 -24.59 7.85
C ALA IA 502 -79.07 -25.83 8.29
N LEU IA 503 -77.92 -25.59 8.94
CA LEU IA 503 -77.06 -26.68 9.41
C LEU IA 503 -77.32 -27.11 10.86
N ASP IA 504 -78.14 -26.34 11.59
CA ASP IA 504 -78.52 -26.71 12.95
C ASP IA 504 -79.65 -27.74 12.95
N VAL IA 505 -80.58 -27.59 12.00
CA VAL IA 505 -81.76 -28.45 11.91
C VAL IA 505 -81.45 -29.80 11.25
N ALA IA 506 -80.64 -29.78 10.20
CA ALA IA 506 -80.31 -31.01 9.46
C ALA IA 506 -79.11 -31.73 10.08
N ASN IA 507 -78.59 -31.18 11.18
CA ASN IA 507 -77.43 -31.73 11.88
C ASN IA 507 -76.23 -31.98 10.96
N ARG IA 508 -75.68 -30.90 10.40
CA ARG IA 508 -74.50 -30.97 9.55
C ARG IA 508 -73.30 -30.26 10.20
N LEU IA 509 -72.34 -31.03 10.70
CA LEU IA 509 -71.15 -30.47 11.34
C LEU IA 509 -69.94 -30.47 10.38
N ASP IA 510 -70.14 -31.03 9.19
CA ASP IA 510 -69.05 -31.19 8.24
C ASP IA 510 -68.78 -29.92 7.44
N MET IA 511 -69.83 -29.15 7.17
CA MET IA 511 -69.74 -27.99 6.29
C MET IA 511 -69.46 -26.67 7.02
N VAL IA 512 -69.22 -26.74 8.32
CA VAL IA 512 -68.92 -25.53 9.09
C VAL IA 512 -67.58 -24.86 8.72
N PRO IA 513 -66.47 -25.64 8.60
CA PRO IA 513 -65.21 -24.97 8.23
C PRO IA 513 -65.27 -24.27 6.87
N GLN IA 514 -65.94 -24.91 5.92
CA GLN IA 514 -66.09 -24.39 4.56
C GLN IA 514 -66.85 -23.06 4.54
N ILE IA 515 -68.07 -23.07 5.10
CA ILE IA 515 -68.91 -21.87 5.14
C ILE IA 515 -68.24 -20.77 5.96
N TRP IA 516 -67.45 -21.14 6.97
CA TRP IA 516 -66.71 -20.13 7.73
C TRP IA 516 -65.63 -19.48 6.87
N LYS IA 517 -64.84 -20.30 6.19
CA LYS IA 517 -63.76 -19.78 5.35
C LYS IA 517 -64.29 -18.92 4.21
N ASP IA 518 -65.46 -19.29 3.68
CA ASP IA 518 -66.10 -18.48 2.65
C ASP IA 518 -66.61 -17.16 3.23
N SER IA 519 -67.22 -17.23 4.42
CA SER IA 519 -67.79 -16.06 5.08
C SER IA 519 -66.72 -15.07 5.54
N LYS IA 520 -65.50 -15.56 5.69
CA LYS IA 520 -64.37 -14.71 6.04
C LYS IA 520 -64.01 -13.78 4.88
N GLU IA 521 -63.92 -14.35 3.67
CA GLU IA 521 -63.57 -13.60 2.48
C GLU IA 521 -64.57 -12.47 2.19
N TYR IA 522 -65.84 -12.83 2.01
CA TYR IA 522 -66.87 -11.88 1.60
C TYR IA 522 -67.33 -10.95 2.74
N GLY IA 523 -67.39 -11.52 3.94
CA GLY IA 523 -68.12 -10.97 5.08
C GLY IA 523 -67.37 -10.28 6.20
N HIS IA 524 -66.22 -9.68 5.91
CA HIS IA 524 -65.37 -9.06 6.95
C HIS IA 524 -66.07 -8.08 7.93
N THR IA 525 -66.87 -7.15 7.42
CA THR IA 525 -67.48 -6.10 8.27
C THR IA 525 -68.54 -6.67 9.23
N PHE IA 526 -69.40 -7.55 8.72
CA PHE IA 526 -70.48 -8.15 9.51
C PHE IA 526 -69.97 -8.97 10.70
N ARG IA 527 -68.69 -9.34 10.66
CA ARG IA 527 -68.10 -10.40 11.49
C ARG IA 527 -68.54 -10.39 12.95
N ASN IA 528 -68.24 -9.31 13.66
CA ASN IA 528 -68.57 -9.19 15.09
C ASN IA 528 -70.02 -9.53 15.45
N GLU IA 529 -70.96 -9.11 14.60
CA GLU IA 529 -72.39 -9.25 14.90
C GLU IA 529 -72.98 -10.64 14.61
N LEU IA 530 -72.61 -11.23 13.48
CA LEU IA 530 -73.10 -12.57 13.12
C LEU IA 530 -72.16 -13.65 13.66
N LYS IA 531 -71.10 -13.22 14.34
CA LYS IA 531 -70.15 -14.12 14.98
C LYS IA 531 -70.77 -14.92 16.11
N GLU IA 532 -71.53 -14.22 16.95
CA GLU IA 532 -72.11 -14.83 18.14
C GLU IA 532 -73.10 -15.92 17.74
N GLU IA 533 -73.71 -15.80 16.56
CA GLU IA 533 -74.67 -16.79 16.06
C GLU IA 533 -74.01 -18.05 15.49
N ILE IA 534 -73.01 -17.87 14.64
CA ILE IA 534 -72.24 -18.97 14.03
C ILE IA 534 -71.85 -20.01 15.08
N LEU IA 535 -71.01 -19.57 16.00
CA LEU IA 535 -70.48 -20.42 17.05
C LEU IA 535 -71.60 -21.10 17.87
N MET IA 536 -72.80 -20.52 17.90
CA MET IA 536 -73.87 -21.10 18.74
C MET IA 536 -74.29 -22.48 18.23
N LEU IA 537 -73.98 -22.79 16.97
CA LEU IA 537 -74.33 -24.10 16.42
C LEU IA 537 -73.25 -25.14 16.74
N MET IA 538 -72.20 -24.72 17.44
CA MET IA 538 -71.16 -25.65 17.89
C MET IA 538 -71.51 -26.35 19.22
N ALA IA 539 -72.43 -25.76 19.99
CA ALA IA 539 -72.89 -26.35 21.25
C ALA IA 539 -73.93 -27.45 21.03
N ARG IA 540 -74.85 -27.20 20.10
CA ARG IA 540 -75.98 -28.08 19.83
C ARG IA 540 -75.60 -29.50 19.47
N ASP IA 541 -74.38 -29.70 18.97
CA ASP IA 541 -73.97 -31.01 18.47
C ASP IA 541 -73.35 -31.91 19.54
N GLN IA 542 -73.03 -33.14 19.13
CA GLN IA 542 -72.21 -34.07 19.91
C GLN IA 542 -71.01 -34.44 19.04
N HIS IA 543 -69.81 -34.42 19.62
CA HIS IA 543 -68.58 -34.39 18.81
C HIS IA 543 -67.71 -35.65 18.90
N PRO IA 544 -67.71 -36.47 17.83
CA PRO IA 544 -66.86 -37.65 17.64
C PRO IA 544 -65.37 -37.29 17.53
N PRO IA 545 -64.47 -38.29 17.67
CA PRO IA 545 -63.01 -38.13 17.58
C PRO IA 545 -62.45 -37.65 16.24
N GLU IA 546 -63.25 -37.73 15.18
CA GLU IA 546 -62.82 -37.29 13.85
C GLU IA 546 -62.91 -35.77 13.66
N LEU IA 547 -63.89 -35.16 14.32
CA LEU IA 547 -64.21 -33.75 14.11
C LEU IA 547 -63.40 -32.79 14.98
N GLN IA 548 -62.56 -33.34 15.87
CA GLN IA 548 -61.77 -32.54 16.81
C GLN IA 548 -60.92 -31.46 16.16
N VAL IA 549 -60.18 -31.84 15.12
CA VAL IA 549 -59.21 -30.95 14.46
C VAL IA 549 -59.90 -29.80 13.72
N ALA IA 550 -61.09 -30.06 13.17
CA ALA IA 550 -61.88 -29.02 12.51
C ALA IA 550 -62.28 -27.92 13.50
N PHE IA 551 -62.76 -28.33 14.67
CA PHE IA 551 -63.08 -27.41 15.77
C PHE IA 551 -61.85 -26.64 16.22
N ALA IA 552 -60.75 -27.36 16.45
CA ALA IA 552 -59.48 -26.77 16.86
C ALA IA 552 -59.03 -25.65 15.92
N ASP IA 553 -58.90 -25.96 14.62
CA ASP IA 553 -58.48 -24.95 13.64
C ASP IA 553 -59.46 -23.78 13.55
N CYS IA 554 -60.74 -24.11 13.31
CA CYS IA 554 -61.78 -23.08 13.11
C CYS IA 554 -61.89 -22.09 14.27
N ALA IA 555 -61.83 -22.61 15.50
CA ALA IA 555 -61.93 -21.76 16.69
C ALA IA 555 -60.59 -21.04 16.99
N ALA IA 556 -59.47 -21.71 16.74
CA ALA IA 556 -58.15 -21.14 17.01
C ALA IA 556 -57.86 -19.92 16.13
N ASP IA 557 -58.18 -20.01 14.85
CA ASP IA 557 -57.98 -18.88 13.94
C ASP IA 557 -58.79 -17.67 14.39
N ILE IA 558 -60.05 -17.94 14.71
CA ILE IA 558 -61.00 -17.00 15.31
C ILE IA 558 -60.40 -16.23 16.52
N LYS IA 559 -60.04 -16.96 17.57
CA LYS IA 559 -59.62 -16.31 18.81
C LYS IA 559 -58.22 -15.72 18.69
N SER IA 560 -57.40 -16.27 17.78
CA SER IA 560 -56.10 -15.68 17.46
C SER IA 560 -56.27 -14.36 16.69
N THR IA 561 -57.42 -14.22 16.02
CA THR IA 561 -57.76 -12.97 15.33
C THR IA 561 -58.25 -11.92 16.34
N TYR IA 562 -59.03 -12.32 17.34
CA TYR IA 562 -59.57 -11.30 18.28
C TYR IA 562 -58.65 -11.01 19.49
N GLU IA 563 -57.66 -11.84 19.72
CA GLU IA 563 -56.72 -11.59 20.83
C GLU IA 563 -55.50 -10.78 20.34
N SER IA 564 -55.41 -10.59 19.01
CA SER IA 564 -54.32 -9.81 18.40
C SER IA 564 -54.74 -8.36 18.10
N GLN IA 565 -56.00 -8.02 18.40
CA GLN IA 565 -56.53 -6.68 18.13
C GLN IA 565 -56.91 -5.94 19.41
N PRO IA 572 -62.60 -5.84 19.66
CA PRO IA 572 -62.95 -7.25 19.47
C PRO IA 572 -63.46 -7.93 20.75
N GLU IA 573 -64.61 -7.51 21.26
CA GLU IA 573 -65.18 -8.14 22.46
C GLU IA 573 -65.54 -9.60 22.19
N TRP IA 574 -65.07 -10.47 23.06
CA TRP IA 574 -65.08 -11.91 22.83
C TRP IA 574 -66.02 -12.64 23.81
N PRO IA 575 -67.05 -13.33 23.28
CA PRO IA 575 -68.08 -14.01 24.08
C PRO IA 575 -67.57 -15.24 24.85
N ALA IA 576 -68.14 -15.49 26.02
CA ALA IA 576 -67.80 -16.67 26.82
C ALA IA 576 -68.33 -17.95 26.14
N SER IA 577 -69.32 -17.76 25.27
CA SER IA 577 -69.86 -18.84 24.45
C SER IA 577 -68.74 -19.53 23.67
N SER IA 578 -67.90 -18.71 23.03
CA SER IA 578 -66.74 -19.18 22.27
C SER IA 578 -65.82 -20.07 23.12
N LEU IA 579 -65.75 -19.80 24.42
CA LEU IA 579 -64.97 -20.61 25.35
C LEU IA 579 -65.67 -21.90 25.77
N ASN IA 580 -66.99 -21.83 25.91
CA ASN IA 580 -67.81 -23.05 26.07
C ASN IA 580 -67.51 -24.00 24.91
N TYR IA 581 -67.34 -23.42 23.74
CA TYR IA 581 -67.10 -24.17 22.51
C TYR IA 581 -65.67 -24.71 22.44
N VAL IA 582 -64.64 -23.86 22.47
CA VAL IA 582 -63.26 -24.37 22.49
C VAL IA 582 -63.06 -25.42 23.59
N ALA IA 583 -63.55 -25.16 24.81
CA ALA IA 583 -63.36 -26.12 25.91
C ALA IA 583 -64.16 -27.42 25.76
N VAL IA 584 -65.43 -27.35 25.34
CA VAL IA 584 -66.22 -28.57 25.13
C VAL IA 584 -65.70 -29.39 23.94
N LEU IA 585 -65.48 -28.75 22.80
CA LEU IA 585 -64.92 -29.40 21.62
C LEU IA 585 -63.52 -29.97 21.90
N PHE IA 586 -62.79 -29.37 22.84
CA PHE IA 586 -61.51 -29.93 23.27
C PHE IA 586 -61.63 -31.00 24.37
N LEU IA 587 -62.81 -31.12 24.98
CA LEU IA 587 -63.11 -32.28 25.84
C LEU IA 587 -63.53 -33.49 24.98
N ARG IA 588 -64.22 -33.25 23.86
CA ARG IA 588 -64.56 -34.31 22.92
C ARG IA 588 -63.37 -34.59 22.00
N ALA IA 589 -62.41 -33.67 22.00
CA ALA IA 589 -61.11 -33.88 21.35
C ALA IA 589 -60.18 -34.74 22.20
N GLY IA 590 -60.20 -34.49 23.50
CA GLY IA 590 -59.30 -35.13 24.45
C GLY IA 590 -58.13 -34.23 24.81
N ARG IA 591 -58.23 -32.95 24.45
CA ARG IA 591 -57.15 -32.00 24.68
C ARG IA 591 -57.52 -31.00 25.79
N THR IA 592 -56.96 -31.21 26.97
CA THR IA 592 -57.19 -30.32 28.12
C THR IA 592 -56.26 -29.09 28.12
N GLN IA 593 -55.01 -29.31 27.77
CA GLN IA 593 -53.93 -28.34 27.90
C GLN IA 593 -54.17 -27.02 27.16
N GLU IA 594 -54.85 -27.07 26.02
CA GLU IA 594 -55.18 -25.87 25.26
C GLU IA 594 -56.42 -25.15 25.81
N ALA IA 595 -57.42 -25.92 26.23
CA ALA IA 595 -58.62 -25.34 26.84
C ALA IA 595 -58.26 -24.58 28.13
N TRP IA 596 -57.21 -25.05 28.83
CA TRP IA 596 -56.69 -24.33 30.00
C TRP IA 596 -56.12 -22.96 29.66
N LYS IA 597 -55.28 -22.91 28.62
CA LYS IA 597 -54.65 -21.67 28.19
C LYS IA 597 -55.67 -20.70 27.61
N MET IA 598 -56.76 -21.25 27.03
CA MET IA 598 -57.84 -20.40 26.50
C MET IA 598 -58.72 -19.82 27.64
N LEU IA 599 -59.02 -20.63 28.65
CA LEU IA 599 -59.72 -20.12 29.84
C LEU IA 599 -58.87 -19.03 30.51
N GLY IA 600 -57.56 -19.28 30.52
CA GLY IA 600 -56.58 -18.31 30.97
C GLY IA 600 -56.67 -17.01 30.17
N LEU IA 601 -56.78 -17.13 28.85
CA LEU IA 601 -56.85 -15.97 27.97
C LEU IA 601 -58.17 -15.18 28.06
N PHE IA 602 -59.25 -15.81 28.52
CA PHE IA 602 -60.47 -15.04 28.83
C PHE IA 602 -60.43 -14.38 30.20
N ARG IA 603 -59.89 -15.06 31.22
CA ARG IA 603 -59.75 -14.41 32.52
C ARG IA 603 -58.66 -13.33 32.46
N LYS IA 604 -57.88 -13.32 31.37
CA LYS IA 604 -56.91 -12.25 31.09
C LYS IA 604 -57.54 -11.07 30.36
N HIS IA 605 -58.78 -11.25 29.90
CA HIS IA 605 -59.50 -10.24 29.12
C HIS IA 605 -60.26 -9.28 30.04
N ASN IA 606 -60.04 -9.45 31.34
CA ASN IA 606 -60.67 -8.64 32.41
C ASN IA 606 -62.19 -8.79 32.50
N LYS IA 607 -62.64 -10.04 32.42
CA LYS IA 607 -64.01 -10.45 32.69
C LYS IA 607 -64.07 -11.97 32.56
N ILE IA 608 -65.15 -12.56 33.07
CA ILE IA 608 -65.21 -14.01 33.22
C ILE IA 608 -66.43 -14.65 32.53
N PRO IA 609 -66.33 -15.95 32.23
CA PRO IA 609 -67.47 -16.75 31.77
C PRO IA 609 -68.46 -17.00 32.91
N ARG IA 610 -69.66 -17.47 32.61
CA ARG IA 610 -70.54 -17.90 33.69
C ARG IA 610 -69.97 -19.21 34.22
N ALA IA 611 -70.55 -19.74 35.29
CA ALA IA 611 -69.83 -20.74 36.08
C ALA IA 611 -70.00 -22.19 35.60
N GLU IA 612 -70.90 -22.43 34.64
CA GLU IA 612 -71.05 -23.77 34.07
C GLU IA 612 -69.87 -24.14 33.18
N LEU IA 613 -69.24 -23.15 32.56
CA LEU IA 613 -68.02 -23.37 31.78
C LEU IA 613 -66.82 -23.61 32.70
N LEU IA 614 -66.70 -22.81 33.76
CA LEU IA 614 -65.62 -22.99 34.72
C LEU IA 614 -65.75 -24.33 35.46
N ASN IA 615 -66.99 -24.79 35.69
CA ASN IA 615 -67.22 -26.11 36.26
C ASN IA 615 -66.94 -27.22 35.23
N GLU IA 616 -67.17 -26.90 33.95
CA GLU IA 616 -66.87 -27.83 32.85
C GLU IA 616 -65.36 -28.08 32.68
N PHE IA 617 -64.53 -27.04 32.76
CA PHE IA 617 -63.09 -27.27 32.70
C PHE IA 617 -62.50 -27.65 34.07
N LEU IA 618 -63.22 -27.35 35.16
CA LEU IA 618 -62.91 -27.93 36.46
C LEU IA 618 -63.02 -29.46 36.34
N ASP IA 619 -64.04 -29.91 35.61
CA ASP IA 619 -64.27 -31.33 35.34
C ASP IA 619 -63.29 -31.94 34.33
N SER IA 620 -62.93 -31.18 33.29
CA SER IA 620 -61.97 -31.64 32.29
C SER IA 620 -60.55 -31.74 32.87
N ALA IA 621 -60.23 -30.88 33.85
CA ALA IA 621 -58.96 -30.98 34.57
C ALA IA 621 -59.04 -31.95 35.75
N LYS IA 622 -60.26 -32.30 36.17
CA LYS IA 622 -60.49 -33.29 37.22
C LYS IA 622 -60.44 -34.75 36.75
N ALA IA 623 -60.88 -35.00 35.51
CA ALA IA 623 -60.93 -36.35 34.97
C ALA IA 623 -59.53 -36.90 34.64
N SER IA 624 -58.61 -36.02 34.23
CA SER IA 624 -57.23 -36.37 33.93
C SER IA 624 -56.32 -36.18 35.15
N SER IA 625 -56.92 -35.87 36.29
CA SER IA 625 -56.22 -35.61 37.56
C SER IA 625 -55.24 -34.44 37.47
N SER IA 626 -55.77 -33.25 37.22
CA SER IA 626 -54.99 -32.02 37.28
C SER IA 626 -55.60 -31.05 38.30
N PRO IA 627 -55.33 -31.29 39.61
CA PRO IA 627 -55.87 -30.49 40.71
C PRO IA 627 -55.27 -29.07 40.86
N ALA IA 628 -54.04 -28.85 40.40
CA ALA IA 628 -53.39 -27.55 40.52
C ALA IA 628 -54.07 -26.51 39.63
N GLN IA 629 -54.39 -26.91 38.40
CA GLN IA 629 -55.15 -26.07 37.47
C GLN IA 629 -56.56 -25.77 38.01
N ALA IA 630 -57.13 -26.73 38.73
CA ALA IA 630 -58.41 -26.54 39.43
C ALA IA 630 -58.29 -25.50 40.56
N ILE IA 631 -57.18 -25.56 41.32
CA ILE IA 631 -56.87 -24.54 42.34
C ILE IA 631 -56.82 -23.14 41.73
N GLU IA 632 -56.08 -23.00 40.65
CA GLU IA 632 -56.01 -21.75 39.91
C GLU IA 632 -57.40 -21.26 39.47
N LEU IA 633 -58.14 -22.14 38.79
CA LEU IA 633 -59.49 -21.82 38.30
C LEU IA 633 -60.46 -21.34 39.39
N VAL IA 634 -60.51 -22.02 40.54
CA VAL IA 634 -61.45 -21.65 41.61
C VAL IA 634 -60.93 -20.47 42.46
N LYS IA 635 -59.62 -20.22 42.45
CA LYS IA 635 -59.07 -18.98 43.02
C LYS IA 635 -59.52 -17.77 42.20
N LEU IA 636 -59.35 -17.85 40.88
CA LEU IA 636 -59.80 -16.80 39.97
C LEU IA 636 -61.33 -16.68 39.96
N ALA IA 637 -62.02 -17.78 40.28
CA ALA IA 637 -63.49 -17.79 40.39
C ALA IA 637 -63.99 -17.07 41.63
N SER IA 638 -63.34 -17.34 42.76
CA SER IA 638 -63.69 -16.72 44.04
C SER IA 638 -63.25 -15.25 44.10
N ALA IA 639 -62.27 -14.89 43.27
CA ALA IA 639 -61.87 -13.48 43.15
C ALA IA 639 -62.92 -12.64 42.41
N PHE IA 640 -63.60 -13.28 41.45
CA PHE IA 640 -64.59 -12.61 40.59
C PHE IA 640 -66.07 -12.76 41.00
N SER IA 641 -66.33 -13.38 42.17
CA SER IA 641 -67.67 -13.41 42.81
C SER IA 641 -68.64 -14.49 42.30
N LEU IA 642 -68.19 -15.35 41.38
CA LEU IA 642 -69.07 -16.24 40.60
C LEU IA 642 -70.18 -16.95 41.43
N PRO IA 643 -71.42 -16.98 40.89
CA PRO IA 643 -72.69 -17.36 41.56
C PRO IA 643 -72.76 -18.80 42.10
N VAL IA 644 -71.98 -19.71 41.51
CA VAL IA 644 -72.03 -21.12 41.89
C VAL IA 644 -71.02 -21.41 43.03
N CYS IA 645 -70.44 -20.35 43.59
CA CYS IA 645 -69.32 -20.45 44.54
C CYS IA 645 -69.46 -21.50 45.66
N GLU IA 646 -70.66 -21.71 46.18
CA GLU IA 646 -70.92 -22.85 47.07
C GLU IA 646 -70.64 -24.17 46.33
N GLY IA 647 -71.24 -24.32 45.15
CA GLY IA 647 -71.04 -25.48 44.30
C GLY IA 647 -69.63 -25.58 43.72
N LEU IA 648 -69.03 -24.44 43.38
CA LEU IA 648 -67.62 -24.37 42.93
C LEU IA 648 -66.65 -24.89 43.99
N THR IA 649 -66.71 -24.32 45.20
CA THR IA 649 -65.88 -24.78 46.33
C THR IA 649 -66.15 -26.25 46.62
N ARG IA 650 -67.42 -26.67 46.49
CA ARG IA 650 -67.78 -28.09 46.66
C ARG IA 650 -67.15 -28.99 45.58
N ARG IA 651 -67.00 -28.47 44.35
CA ARG IA 651 -66.41 -29.21 43.23
C ARG IA 651 -64.89 -29.35 43.33
N VAL IA 652 -64.20 -28.30 43.79
CA VAL IA 652 -62.76 -28.46 44.03
C VAL IA 652 -62.49 -29.29 45.29
N MET IA 653 -63.35 -29.20 46.32
CA MET IA 653 -63.22 -30.11 47.47
C MET IA 653 -63.43 -31.58 47.05
N ALA IA 654 -64.38 -31.81 46.14
CA ALA IA 654 -64.65 -33.16 45.62
C ALA IA 654 -63.49 -33.70 44.77
N GLU IA 655 -62.97 -32.87 43.87
CA GLU IA 655 -61.82 -33.27 43.04
C GLU IA 655 -60.52 -33.45 43.85
N PHE IA 656 -60.34 -32.65 44.91
CA PHE IA 656 -59.14 -32.79 45.76
C PHE IA 656 -59.31 -33.93 46.79
N THR IA 657 -60.55 -34.37 47.02
CA THR IA 657 -60.80 -35.62 47.78
C THR IA 657 -60.64 -36.86 46.87
N LEU IA 658 -60.83 -36.68 45.56
CA LEU IA 658 -60.60 -37.77 44.57
C LEU IA 658 -59.11 -37.94 44.16
N THR IA 659 -58.34 -36.86 44.09
CA THR IA 659 -56.90 -36.96 43.81
C THR IA 659 -56.04 -36.90 45.09
N GLN IA 660 -56.72 -36.81 46.25
CA GLN IA 660 -56.10 -36.78 47.57
C GLN IA 660 -55.14 -35.58 47.74
N GLU IA 661 -55.62 -34.42 47.33
CA GLU IA 661 -54.96 -33.12 47.46
C GLU IA 661 -55.39 -32.35 48.71
N GLN IA 662 -56.12 -33.04 49.61
CA GLN IA 662 -56.90 -32.43 50.69
C GLN IA 662 -56.22 -31.27 51.46
N ARG IA 663 -54.92 -31.34 51.69
CA ARG IA 663 -54.18 -30.24 52.34
C ARG IA 663 -54.24 -28.93 51.54
N GLU IA 664 -54.29 -29.05 50.21
CA GLU IA 664 -54.41 -27.87 49.34
C GLU IA 664 -55.85 -27.37 49.28
N ALA IA 665 -56.80 -28.24 49.62
CA ALA IA 665 -58.21 -27.87 49.76
C ALA IA 665 -58.43 -27.09 51.07
N LEU IA 666 -57.79 -27.53 52.15
CA LEU IA 666 -57.81 -26.80 53.42
C LEU IA 666 -57.04 -25.47 53.32
N GLY IA 667 -55.94 -25.48 52.56
CA GLY IA 667 -55.20 -24.27 52.26
C GLY IA 667 -56.00 -23.34 51.36
N GLU IA 668 -56.90 -23.91 50.55
CA GLU IA 668 -57.84 -23.14 49.74
C GLU IA 668 -58.90 -22.45 50.61
N LEU IA 669 -59.46 -23.20 51.57
CA LEU IA 669 -60.43 -22.62 52.51
C LEU IA 669 -59.78 -21.52 53.38
N THR IA 670 -58.51 -21.71 53.71
CA THR IA 670 -57.74 -20.72 54.47
C THR IA 670 -57.35 -19.49 53.62
N ALA IA 671 -57.20 -19.70 52.31
CA ALA IA 671 -56.91 -18.58 51.38
C ALA IA 671 -58.18 -17.79 51.01
N LEU IA 672 -59.34 -18.44 51.05
CA LEU IA 672 -60.64 -17.78 50.83
C LEU IA 672 -61.16 -17.04 52.07
N THR IA 673 -60.95 -17.62 53.26
CA THR IA 673 -61.40 -16.99 54.51
C THR IA 673 -60.66 -15.66 54.78
N SER IA 674 -59.40 -15.60 54.38
CA SER IA 674 -58.58 -14.39 54.55
C SER IA 674 -58.93 -13.31 53.52
N SER JA 49 -28.39 27.00 36.65
CA SER JA 49 -28.73 25.69 37.18
C SER JA 49 -29.65 25.81 38.40
N PRO JA 50 -30.67 24.94 38.48
CA PRO JA 50 -31.65 24.92 39.57
C PRO JA 50 -31.06 24.48 40.91
N TYR JA 51 -30.13 23.54 40.84
CA TYR JA 51 -29.49 22.94 42.01
C TYR JA 51 -28.75 23.94 42.90
N LYS JA 52 -27.65 24.52 42.41
CA LYS JA 52 -26.93 25.54 43.18
C LYS JA 52 -26.57 25.02 44.57
N ASP JA 53 -27.23 25.58 45.60
CA ASP JA 53 -27.00 25.27 47.01
C ASP JA 53 -26.93 23.76 47.33
N GLU JA 54 -27.66 22.95 46.57
CA GLU JA 54 -27.59 21.50 46.71
C GLU JA 54 -27.06 20.86 45.43
N PRO JA 55 -25.75 20.96 45.17
CA PRO JA 55 -25.18 20.43 43.93
C PRO JA 55 -25.27 18.90 43.88
N TRP JA 56 -25.03 18.25 45.02
CA TRP JA 56 -25.02 16.79 45.07
C TRP JA 56 -26.28 16.19 44.46
N LYS JA 57 -27.39 16.92 44.54
CA LYS JA 57 -28.65 16.47 44.00
C LYS JA 57 -28.53 16.01 42.56
N TYR JA 58 -27.82 16.78 41.75
CA TYR JA 58 -27.78 16.48 40.33
C TYR JA 58 -27.08 15.16 40.07
N LEU JA 59 -26.22 14.75 40.99
CA LEU JA 59 -25.51 13.50 40.82
C LEU JA 59 -26.40 12.30 41.13
N ASP JA 60 -27.47 12.53 41.87
CA ASP JA 60 -28.43 11.46 42.16
C ASP JA 60 -29.65 11.53 41.24
N SER JA 61 -29.71 12.55 40.40
CA SER JA 61 -30.81 12.74 39.48
C SER JA 61 -30.86 11.63 38.45
N GLU JA 62 -32.01 11.52 37.82
CA GLU JA 62 -32.19 10.49 36.81
C GLU JA 62 -31.57 10.89 35.50
N GLU JA 63 -31.48 12.19 35.22
CA GLU JA 63 -30.90 12.62 33.95
C GLU JA 63 -29.37 12.49 33.95
N TYR JA 64 -28.75 12.66 35.12
CA TYR JA 64 -27.33 12.37 35.26
C TYR JA 64 -27.11 10.89 34.97
N GLN JA 65 -27.79 10.05 35.74
CA GLN JA 65 -27.66 8.60 35.67
C GLN JA 65 -27.88 8.11 34.25
N ASN JA 66 -28.84 8.74 33.59
CA ASN JA 66 -29.17 8.44 32.22
C ASN JA 66 -28.01 8.82 31.31
N ARG JA 67 -27.48 10.01 31.52
CA ARG JA 67 -26.46 10.55 30.64
C ARG JA 67 -25.09 9.91 30.80
N TYR JA 68 -24.58 9.88 32.02
CA TYR JA 68 -23.24 9.37 32.29
C TYR JA 68 -23.14 7.88 32.66
N GLY JA 69 -24.25 7.26 33.04
CA GLY JA 69 -24.20 5.91 33.60
C GLY JA 69 -23.41 5.85 34.88
N SER JA 70 -22.66 4.77 35.07
CA SER JA 70 -21.79 4.64 36.24
C SER JA 70 -20.32 4.99 35.96
N ARG JA 71 -20.01 5.35 34.72
CA ARG JA 71 -18.66 5.76 34.33
C ARG JA 71 -18.34 7.16 34.86
N PRO JA 72 -17.06 7.56 34.84
CA PRO JA 72 -16.86 8.92 35.35
C PRO JA 72 -17.32 9.94 34.32
N VAL JA 73 -17.38 11.21 34.71
CA VAL JA 73 -17.97 12.22 33.86
C VAL JA 73 -17.13 12.42 32.60
N TRP JA 74 -15.83 12.21 32.75
CA TRP JA 74 -14.88 12.46 31.69
C TRP JA 74 -14.53 11.26 30.82
N ALA JA 75 -15.19 10.14 31.05
CA ALA JA 75 -14.69 8.90 30.47
C ALA JA 75 -14.81 8.89 28.94
N ASP JA 76 -15.84 9.53 28.42
CA ASP JA 76 -16.13 9.45 27.00
C ASP JA 76 -15.57 10.62 26.18
N TYR JA 77 -14.95 11.59 26.84
CA TYR JA 77 -14.44 12.80 26.19
C TYR JA 77 -13.02 12.61 25.64
N ARG JA 78 -12.79 13.09 24.43
CA ARG JA 78 -11.46 12.97 23.82
C ARG JA 78 -10.97 14.33 23.27
N ARG JA 79 -9.76 14.69 23.67
CA ARG JA 79 -9.15 15.98 23.37
C ARG JA 79 -8.56 15.99 21.94
N ASN JA 80 -8.87 17.01 21.15
CA ASN JA 80 -8.42 17.04 19.75
C ASN JA 80 -7.10 17.73 19.55
N HIS JA 81 -6.14 17.07 18.91
CA HIS JA 81 -4.82 17.66 18.83
C HIS JA 81 -3.92 17.15 17.72
N LYS JA 82 -2.85 17.89 17.53
CA LYS JA 82 -2.06 17.91 16.31
C LYS JA 82 -1.21 16.67 15.96
N GLY JA 83 -1.12 15.67 16.84
CA GLY JA 83 -0.20 14.57 16.56
C GLY JA 83 -0.40 13.43 17.50
N GLY JA 84 0.59 12.56 17.64
CA GLY JA 84 0.49 11.46 18.58
C GLY JA 84 0.40 11.87 20.06
N ILE JA 85 1.27 12.79 20.46
CA ILE JA 85 1.39 13.22 21.84
C ILE JA 85 0.75 14.58 22.06
N PRO JA 86 -0.22 14.67 22.96
CA PRO JA 86 -0.94 15.92 23.15
C PRO JA 86 -0.03 16.99 23.72
N PRO JA 87 -0.44 18.25 23.64
CA PRO JA 87 0.32 19.36 24.22
C PRO JA 87 0.27 19.22 25.72
N GLN JA 88 1.37 19.54 26.37
CA GLN JA 88 1.58 19.04 27.71
C GLN JA 88 0.70 19.67 28.77
N ARG JA 89 -0.05 20.69 28.39
CA ARG JA 89 -1.03 21.20 29.31
C ARG JA 89 -2.26 21.51 28.50
N THR JA 90 -3.44 21.36 29.08
CA THR JA 90 -4.68 21.45 28.32
C THR JA 90 -5.03 22.88 27.97
N ARG JA 91 -6.11 23.03 27.21
CA ARG JA 91 -6.54 24.35 26.82
C ARG JA 91 -6.82 25.19 28.06
N LYS JA 92 -6.56 26.49 27.99
CA LYS JA 92 -6.63 27.32 29.20
C LYS JA 92 -7.98 27.34 29.87
N MET JA 93 -8.97 27.88 29.19
CA MET JA 93 -10.34 27.88 29.70
C MET JA 93 -11.25 27.82 28.51
N CYS JA 94 -12.33 27.06 28.63
CA CYS JA 94 -13.11 26.77 27.45
C CYS JA 94 -14.36 27.65 27.33
N ILE JA 95 -14.60 28.53 28.31
CA ILE JA 95 -15.67 29.52 28.19
C ILE JA 95 -15.19 30.94 28.48
N ARG JA 96 -15.16 31.77 27.44
CA ARG JA 96 -14.77 33.16 27.59
C ARG JA 96 -15.99 34.05 27.41
N GLY JA 97 -16.49 34.61 28.51
CA GLY JA 97 -17.72 35.36 28.47
C GLY JA 97 -18.90 34.48 28.07
N ASN JA 98 -19.58 34.88 26.99
CA ASN JA 98 -20.72 34.13 26.47
C ASN JA 98 -20.36 32.99 25.51
N LYS JA 99 -19.14 33.02 24.97
CA LYS JA 99 -18.76 32.09 23.91
C LYS JA 99 -18.20 30.79 24.44
N VAL JA 100 -18.87 29.68 24.19
CA VAL JA 100 -18.34 28.39 24.63
C VAL JA 100 -17.52 27.74 23.55
N ALA JA 101 -16.28 27.41 23.91
CA ALA JA 101 -15.25 27.14 22.94
C ALA JA 101 -15.22 25.69 22.46
N GLY JA 102 -15.47 25.51 21.17
CA GLY JA 102 -15.23 24.25 20.50
C GLY JA 102 -15.84 23.10 21.23
N ASN JA 103 -15.06 22.02 21.40
CA ASN JA 103 -15.55 20.82 22.05
C ASN JA 103 -15.20 20.93 23.52
N PRO JA 104 -16.21 21.24 24.35
CA PRO JA 104 -15.97 21.69 25.73
C PRO JA 104 -15.60 20.55 26.66
N CYS JA 105 -15.07 20.88 27.83
CA CYS JA 105 -14.58 19.87 28.77
C CYS JA 105 -15.65 18.94 29.25
N PRO JA 106 -15.22 17.94 30.00
CA PRO JA 106 -16.19 17.17 30.77
C PRO JA 106 -16.94 18.04 31.73
N ILE JA 107 -16.26 18.94 32.43
CA ILE JA 107 -16.93 19.69 33.47
C ILE JA 107 -17.71 20.89 32.95
N CYS JA 108 -17.23 21.51 31.90
CA CYS JA 108 -17.80 22.77 31.47
C CYS JA 108 -18.80 22.60 30.33
N ARG JA 109 -18.93 21.37 29.82
CA ARG JA 109 -19.93 21.08 28.80
C ARG JA 109 -21.27 20.83 29.46
N ASP JA 110 -21.23 20.36 30.69
CA ASP JA 110 -22.45 20.14 31.43
C ASP JA 110 -22.54 21.15 32.56
N GLN JA 111 -23.40 22.14 32.39
CA GLN JA 111 -23.43 23.27 33.30
C GLN JA 111 -24.03 22.93 34.65
N LYS JA 112 -24.71 21.78 34.73
CA LYS JA 112 -25.36 21.39 35.97
C LYS JA 112 -24.37 20.76 36.94
N LEU JA 113 -23.21 20.38 36.42
CA LEU JA 113 -22.08 20.02 37.26
C LEU JA 113 -21.56 21.25 37.99
N HIS JA 114 -21.48 21.18 39.30
CA HIS JA 114 -20.90 22.27 40.06
C HIS JA 114 -19.69 21.75 40.80
N VAL JA 115 -18.60 22.49 40.73
CA VAL JA 115 -17.44 22.09 41.51
C VAL JA 115 -17.50 22.82 42.83
N ASP JA 116 -17.80 22.09 43.90
CA ASP JA 116 -17.68 22.64 45.23
C ASP JA 116 -16.78 21.74 46.02
N PHE JA 117 -16.48 22.13 47.23
CA PHE JA 117 -15.82 21.20 48.11
C PHE JA 117 -16.90 20.21 48.57
N ARG JA 118 -18.16 20.55 48.32
CA ARG JA 118 -19.22 19.78 48.93
C ARG JA 118 -19.57 18.48 48.21
N ASN JA 119 -19.74 18.44 46.90
CA ASN JA 119 -20.11 17.14 46.36
C ASN JA 119 -18.88 16.31 46.20
N VAL JA 120 -18.84 15.25 47.00
CA VAL JA 120 -17.71 14.38 47.01
C VAL JA 120 -17.85 13.40 45.87
N LYS JA 121 -19.08 13.15 45.46
CA LYS JA 121 -19.34 12.19 44.41
C LYS JA 121 -18.77 12.67 43.09
N LEU JA 122 -18.74 13.98 42.90
CA LEU JA 122 -18.11 14.54 41.72
C LEU JA 122 -16.59 14.55 41.85
N LEU JA 123 -16.08 15.05 42.98
CA LEU JA 123 -14.65 15.25 43.15
C LEU JA 123 -13.92 13.93 43.14
N GLU JA 124 -14.57 12.92 43.70
CA GLU JA 124 -14.02 11.58 43.78
C GLU JA 124 -13.55 11.08 42.41
N GLN JA 125 -14.25 11.49 41.36
CA GLN JA 125 -13.91 11.06 40.01
C GLN JA 125 -12.57 11.61 39.54
N PHE JA 126 -12.14 12.70 40.14
CA PHE JA 126 -10.90 13.28 39.68
C PHE JA 126 -9.72 12.90 40.55
N VAL JA 127 -9.96 12.07 41.57
CA VAL JA 127 -8.85 11.48 42.31
C VAL JA 127 -8.69 10.04 41.96
N CYS JA 128 -7.46 9.56 41.99
CA CYS JA 128 -7.20 8.15 41.81
C CYS JA 128 -7.85 7.38 42.96
N ALA JA 129 -8.36 6.19 42.70
CA ALA JA 129 -8.96 5.41 43.76
C ALA JA 129 -7.89 4.84 44.66
N HIS JA 130 -6.92 4.21 44.03
CA HIS JA 130 -5.91 3.47 44.75
C HIS JA 130 -4.81 4.37 45.31
N THR JA 131 -4.37 5.32 44.50
CA THR JA 131 -3.19 6.11 44.82
C THR JA 131 -3.52 7.42 45.51
N GLY JA 132 -4.78 7.78 45.54
CA GLY JA 132 -5.21 8.99 46.23
C GLY JA 132 -4.51 10.26 45.79
N ILE JA 133 -4.14 10.33 44.51
CA ILE JA 133 -3.52 11.52 43.96
C ILE JA 133 -4.45 12.12 42.93
N ILE JA 134 -4.29 13.41 42.68
CA ILE JA 134 -5.22 14.04 41.76
C ILE JA 134 -4.68 13.86 40.35
N PHE JA 135 -5.55 13.47 39.44
CA PHE JA 135 -5.17 13.35 38.04
C PHE JA 135 -4.66 14.67 37.51
N HIS JA 136 -3.69 14.64 36.61
CA HIS JA 136 -3.31 15.87 35.96
C HIS JA 136 -4.33 16.20 34.91
N ALA JA 137 -4.39 17.46 34.52
CA ALA JA 137 -5.40 17.93 33.60
C ALA JA 137 -5.49 17.16 32.27
N PRO JA 138 -4.35 16.80 31.64
CA PRO JA 138 -4.46 16.03 30.38
C PRO JA 138 -5.12 14.66 30.53
N TYR JA 139 -4.83 13.96 31.61
CA TYR JA 139 -5.38 12.63 31.82
C TYR JA 139 -6.88 12.65 31.63
N THR JA 140 -7.53 13.50 32.42
CA THR JA 140 -8.97 13.70 32.33
C THR JA 140 -9.37 14.48 31.10
N GLY JA 141 -8.74 15.63 30.89
CA GLY JA 141 -9.07 16.47 29.77
C GLY JA 141 -9.79 17.76 30.12
N VAL JA 142 -9.95 18.05 31.41
CA VAL JA 142 -10.55 19.32 31.84
C VAL JA 142 -9.66 20.48 31.44
N CYS JA 143 -10.24 21.67 31.34
CA CYS JA 143 -9.46 22.85 30.99
C CYS JA 143 -8.74 23.33 32.22
N MET JA 144 -7.58 23.96 32.01
CA MET JA 144 -6.76 24.40 33.12
C MET JA 144 -7.52 25.16 34.20
N LYS JA 145 -8.50 25.97 33.79
CA LYS JA 145 -9.25 26.74 34.78
C LYS JA 145 -9.98 25.81 35.71
N GLN JA 146 -10.73 24.90 35.15
CA GLN JA 146 -11.49 24.00 36.00
C GLN JA 146 -10.57 23.01 36.71
N HIS JA 147 -9.42 22.73 36.14
CA HIS JA 147 -8.52 21.79 36.81
C HIS JA 147 -7.98 22.43 38.08
N LYS JA 148 -7.67 23.72 37.99
CA LYS JA 148 -7.24 24.42 39.18
C LYS JA 148 -8.37 24.53 40.18
N LYS JA 149 -9.56 24.84 39.67
CA LYS JA 149 -10.74 24.94 40.52
C LYS JA 149 -10.92 23.65 41.30
N LEU JA 150 -10.87 22.54 40.59
CA LEU JA 150 -10.95 21.21 41.17
C LEU JA 150 -9.90 20.97 42.22
N THR JA 151 -8.64 21.22 41.89
CA THR JA 151 -7.57 20.99 42.86
C THR JA 151 -7.90 21.72 44.15
N GLN JA 152 -8.22 23.00 44.06
CA GLN JA 152 -8.57 23.74 45.28
C GLN JA 152 -9.76 23.11 46.01
N ALA JA 153 -10.76 22.69 45.25
CA ALA JA 153 -11.97 22.09 45.82
C ALA JA 153 -11.66 20.83 46.60
N ILE JA 154 -11.00 19.88 45.96
CA ILE JA 154 -10.54 18.67 46.61
C ILE JA 154 -9.70 19.00 47.85
N GLN JA 155 -8.97 20.10 47.80
CA GLN JA 155 -8.25 20.49 48.99
C GLN JA 155 -9.19 20.87 50.12
N LYS JA 156 -10.11 21.79 49.86
CA LYS JA 156 -11.02 22.22 50.93
C LYS JA 156 -11.77 21.02 51.48
N ALA JA 157 -12.25 20.20 50.56
CA ALA JA 157 -13.00 18.99 50.89
C ALA JA 157 -12.23 18.07 51.80
N ARG JA 158 -10.96 17.81 51.49
CA ARG JA 158 -10.16 16.99 52.38
C ARG JA 158 -9.97 17.69 53.72
N ASP JA 159 -10.05 19.01 53.69
CA ASP JA 159 -9.80 19.76 54.92
C ASP JA 159 -11.02 19.83 55.82
N HIS JA 160 -12.19 19.58 55.26
CA HIS JA 160 -13.40 19.39 56.07
C HIS JA 160 -13.73 17.92 56.26
N GLY JA 161 -12.81 17.05 55.83
CA GLY JA 161 -12.90 15.62 56.10
C GLY JA 161 -13.99 14.92 55.32
N LEU JA 162 -14.62 15.65 54.39
CA LEU JA 162 -15.68 15.10 53.55
C LEU JA 162 -15.17 14.06 52.58
N LEU JA 163 -13.86 14.01 52.38
CA LEU JA 163 -13.24 13.14 51.39
C LEU JA 163 -12.05 12.42 52.02
N ARG JA 164 -11.84 11.15 51.68
CA ARG JA 164 -10.81 10.36 52.37
C ARG JA 164 -9.43 10.44 51.76
N TYR JA 165 -8.42 10.47 52.62
CA TYR JA 165 -7.03 10.45 52.18
C TYR JA 165 -6.16 9.89 53.28
N HIS JA 166 -4.87 9.84 53.02
CA HIS JA 166 -3.96 9.12 53.91
C HIS JA 166 -3.38 9.95 55.02
N ILE JA 167 -3.70 9.54 56.25
CA ILE JA 167 -3.17 10.19 57.44
C ILE JA 167 -2.18 9.24 58.07
N PRO JA 168 -0.88 9.54 57.94
CA PRO JA 168 0.12 8.60 58.43
C PRO JA 168 0.14 8.51 59.95
N GLN JA 169 0.75 7.44 60.46
CA GLN JA 169 1.12 7.37 61.87
C GLN JA 169 2.44 8.07 62.10
N VAL JA 170 2.44 9.04 62.99
CA VAL JA 170 3.66 9.73 63.32
C VAL JA 170 3.91 9.61 64.82
N GLU JA 171 5.18 9.53 65.19
CA GLU JA 171 5.58 9.47 66.58
C GLU JA 171 5.22 10.78 67.29
N PRO JA 172 5.44 10.86 68.61
CA PRO JA 172 5.32 12.22 69.16
C PRO JA 172 6.56 13.03 68.78
N ARG JA 173 6.47 14.35 68.89
CA ARG JA 173 7.57 15.20 68.44
C ARG JA 173 8.76 15.11 69.37
N ASP JA 174 8.50 14.81 70.63
CA ASP JA 174 9.53 14.83 71.66
C ASP JA 174 9.97 13.44 72.09
N LEU JA 175 11.26 13.32 72.44
CA LEU JA 175 11.76 12.09 73.02
C LEU JA 175 11.28 11.98 74.47
N ASP JA 176 11.73 12.93 75.30
CA ASP JA 176 11.34 12.98 76.71
C ASP JA 176 10.68 14.31 77.09
N PHE JA 177 9.48 14.25 77.62
CA PHE JA 177 8.72 15.47 77.90
C PHE JA 177 8.83 15.83 79.36
N SER JA 178 9.60 16.88 79.63
CA SER JA 178 9.77 17.35 80.98
C SER JA 178 9.68 18.86 80.99
N THR JA 179 8.74 19.37 81.77
CA THR JA 179 8.44 20.80 81.83
C THR JA 179 9.37 21.48 82.85
N THR JA 180 10.35 20.72 83.31
CA THR JA 180 11.32 21.17 84.31
C THR JA 180 12.28 22.28 83.86
N HIS JA 181 12.79 22.19 82.63
CA HIS JA 181 13.87 23.08 82.18
C HIS JA 181 13.48 24.55 82.22
N GLY JA 182 14.48 25.39 82.50
CA GLY JA 182 14.28 26.80 82.68
C GLY JA 182 13.50 27.46 81.57
N ALA JA 183 13.76 27.04 80.34
CA ALA JA 183 13.11 27.60 79.17
C ALA JA 183 11.60 27.67 79.35
N VAL JA 184 11.00 26.53 79.66
CA VAL JA 184 9.56 26.45 79.85
C VAL JA 184 9.07 26.89 81.22
N SER JA 185 9.92 26.71 82.24
CA SER JA 185 9.51 26.90 83.63
C SER JA 185 9.98 28.23 84.22
N SER JA 186 9.20 28.79 85.13
CA SER JA 186 9.49 30.11 85.69
C SER JA 186 10.91 30.27 86.28
N THR JA 187 11.53 31.41 85.94
CA THR JA 187 12.83 31.81 86.51
C THR JA 187 12.65 32.68 87.77
N PRO JA 188 13.68 32.67 88.65
CA PRO JA 188 13.84 33.52 89.85
C PRO JA 188 14.21 34.97 89.51
N PRO JA 189 13.21 35.87 89.39
CA PRO JA 189 13.32 37.22 88.81
C PRO JA 189 14.54 37.98 89.31
N ALA JA 190 15.28 38.64 88.40
CA ALA JA 190 16.52 39.32 88.76
C ALA JA 190 16.27 40.49 89.71
N PRO JA 191 17.23 40.74 90.62
CA PRO JA 191 17.09 41.75 91.68
C PRO JA 191 16.80 43.15 91.15
N THR JA 192 17.06 43.36 89.87
CA THR JA 192 16.74 44.63 89.23
C THR JA 192 15.25 44.78 89.03
N LEU JA 193 14.63 43.68 88.60
CA LEU JA 193 13.23 43.63 88.23
C LEU JA 193 12.29 43.79 89.42
N VAL JA 194 12.61 43.08 90.50
CA VAL JA 194 11.80 43.06 91.71
C VAL JA 194 11.60 44.48 92.25
N SER JA 195 12.66 45.28 92.17
CA SER JA 195 12.64 46.65 92.66
C SER JA 195 11.83 47.59 91.77
N GLY JA 196 11.90 47.37 90.46
CA GLY JA 196 11.25 48.26 89.50
C GLY JA 196 12.22 49.19 88.76
N ASP JA 197 13.50 48.89 88.87
CA ASP JA 197 14.56 49.66 88.22
C ASP JA 197 14.88 49.15 86.81
N PRO JA 198 15.35 50.05 85.94
CA PRO JA 198 15.91 49.73 84.62
C PRO JA 198 17.04 48.72 84.71
N TRP JA 199 17.10 47.78 83.76
CA TRP JA 199 17.99 46.63 83.90
C TRP JA 199 19.43 47.04 84.12
N TYR JA 200 19.82 48.10 83.44
CA TYR JA 200 21.11 48.74 83.67
C TYR JA 200 20.89 50.15 84.18
N PRO JA 201 21.86 50.68 84.93
CA PRO JA 201 21.80 52.07 85.41
C PRO JA 201 21.62 53.08 84.28
N TRP JA 202 22.20 52.81 83.12
CA TRP JA 202 22.24 53.82 82.09
C TRP JA 202 21.12 53.78 81.04
N TYR JA 203 20.14 52.89 81.20
CA TYR JA 203 18.93 52.98 80.38
C TYR JA 203 18.17 54.25 80.74
N SER JA 204 18.24 54.65 82.01
CA SER JA 204 17.56 55.84 82.47
C SER JA 204 18.37 57.08 82.10
N TRP JA 205 17.67 58.17 81.87
CA TRP JA 205 18.29 59.42 81.48
C TRP JA 205 18.73 60.20 82.71
N LYS JA 206 20.03 60.43 82.84
CA LYS JA 206 20.56 61.11 84.02
C LYS JA 206 21.16 62.46 83.63
N GLN JA 207 20.68 63.55 84.25
CA GLN JA 207 21.11 64.90 83.91
C GLN JA 207 22.62 65.12 84.16
N PRO JA 208 23.32 65.66 83.16
CA PRO JA 208 24.78 65.82 83.27
C PRO JA 208 25.18 66.98 84.17
N PRO JA 209 26.40 66.92 84.74
CA PRO JA 209 27.02 68.03 85.47
C PRO JA 209 27.17 69.28 84.61
N GLU JA 210 27.06 70.46 85.22
CA GLU JA 210 27.03 71.71 84.45
C GLU JA 210 28.39 72.06 83.87
N ARG JA 211 29.46 71.67 84.58
CA ARG JA 211 30.80 71.89 84.07
C ARG JA 211 30.99 71.18 82.72
N GLU JA 212 30.50 69.95 82.65
CA GLU JA 212 30.62 69.15 81.43
C GLU JA 212 29.80 69.73 80.27
N LEU JA 213 28.57 70.16 80.59
CA LEU JA 213 27.74 70.81 79.59
C LEU JA 213 28.38 72.07 79.02
N SER JA 214 28.95 72.89 79.90
CA SER JA 214 29.65 74.09 79.45
C SER JA 214 30.86 73.73 78.62
N ARG JA 215 31.55 72.66 79.01
CA ARG JA 215 32.72 72.18 78.30
C ARG JA 215 32.41 71.80 76.85
N LEU JA 216 31.37 71.01 76.68
CA LEU JA 216 30.85 70.73 75.35
C LEU JA 216 30.55 72.03 74.60
N ARG JA 217 29.83 72.93 75.27
CA ARG JA 217 29.43 74.19 74.67
C ARG JA 217 30.63 74.97 74.11
N ARG JA 218 31.75 74.91 74.82
CA ARG JA 218 32.98 75.50 74.32
C ARG JA 218 33.47 74.75 73.11
N LEU JA 219 33.37 73.42 73.14
CA LEU JA 219 33.93 72.63 72.04
C LEU JA 219 33.22 72.85 70.71
N TYR JA 220 31.91 72.78 70.73
CA TYR JA 220 31.11 72.80 69.51
C TYR JA 220 30.55 74.18 69.13
N GLN JA 221 31.06 75.23 69.79
CA GLN JA 221 30.48 76.58 69.71
C GLN JA 221 30.17 77.10 68.30
N GLY JA 222 28.95 77.61 68.17
CA GLY JA 222 28.43 78.18 66.93
C GLY JA 222 27.79 77.12 66.06
N ARG JA 223 28.24 75.89 66.26
CA ARG JA 223 27.67 74.72 65.60
C ARG JA 223 26.61 74.12 66.52
N LEU JA 224 26.33 74.82 67.61
CA LEU JA 224 25.43 74.36 68.66
C LEU JA 224 23.94 74.27 68.30
N ARG JA 225 23.21 73.55 69.15
CA ARG JA 225 21.78 73.34 69.01
C ARG JA 225 21.12 73.59 70.38
N GLU JA 226 19.79 73.69 70.44
CA GLU JA 226 19.07 73.93 71.70
C GLU JA 226 19.23 72.75 72.66
N GLU JA 227 19.67 73.02 73.89
CA GLU JA 227 19.84 71.95 74.87
C GLU JA 227 18.49 71.31 75.18
N SER JA 228 18.48 70.00 75.41
CA SER JA 228 17.24 69.30 75.66
C SER JA 228 17.23 68.77 77.08
N GLY JA 229 16.05 68.81 77.70
CA GLY JA 229 15.91 68.40 79.08
C GLY JA 229 15.54 66.94 79.23
N PRO JA 230 14.91 66.58 80.35
CA PRO JA 230 14.49 65.19 80.57
C PRO JA 230 13.44 64.76 79.57
N PRO JA 231 13.48 63.49 79.14
CA PRO JA 231 12.43 62.94 78.28
C PRO JA 231 11.13 62.79 79.05
N PRO JA 232 9.99 63.07 78.39
CA PRO JA 232 8.68 62.81 78.98
C PRO JA 232 8.54 61.34 79.36
N GLU JA 233 7.99 61.06 80.54
CA GLU JA 233 7.94 59.69 81.08
C GLU JA 233 7.14 58.72 80.20
N LEU JA 234 5.87 59.03 79.98
CA LEU JA 234 5.06 58.18 79.13
C LEU JA 234 4.63 58.94 77.89
N MET JA 235 4.39 58.22 76.80
CA MET JA 235 4.13 58.87 75.52
C MET JA 235 2.66 58.88 75.14
N PRO JA 236 2.08 60.09 75.08
CA PRO JA 236 0.67 60.34 74.77
C PRO JA 236 0.33 60.13 73.29
N GLU JA 237 -0.95 60.02 72.95
CA GLU JA 237 -1.40 59.84 71.57
C GLU JA 237 -2.02 61.11 70.97
N VAL JA 238 -2.48 61.00 69.72
CA VAL JA 238 -3.15 62.11 69.02
C VAL JA 238 -4.63 62.20 69.39
PG GSP KA . 25.45 83.70 -0.60
O3B GSP KA . 25.99 85.20 -0.36
S1G GSP KA . 26.57 82.86 -1.56
O2G GSP KA . 24.07 83.75 -1.28
O3G GSP KA . 25.30 83.05 0.80
PB GSP KA . 25.19 86.23 0.59
O1B GSP KA . 24.90 85.68 1.94
O2B GSP KA . 23.97 86.69 -0.12
PA GSP KA . 27.56 87.44 1.61
O1A GSP KA . 28.29 86.15 1.58
O2A GSP KA . 27.19 87.82 2.99
O3A GSP KA . 26.24 87.44 0.67
O5' GSP KA . 28.42 88.61 0.92
C5' GSP KA . 29.10 88.40 -0.30
C4' GSP KA . 30.18 89.45 -0.53
O4' GSP KA . 29.59 90.72 -0.80
C3' GSP KA . 31.08 89.61 0.68
O3' GSP KA . 32.43 89.48 0.30
C2' GSP KA . 30.83 91.03 1.19
O2' GSP KA . 32.05 91.64 1.53
C1' GSP KA . 30.17 91.73 0.01
N9 GSP KA . 29.15 92.71 0.48
C8 GSP KA . 28.05 92.44 1.25
N7 GSP KA . 27.38 93.60 1.46
C5 GSP KA . 28.04 94.61 0.85
C6 GSP KA . 27.79 95.97 0.76
O6 GSP KA . 26.80 96.47 1.30
N1 GSP KA . 28.66 96.78 0.04
C2 GSP KA . 29.77 96.22 -0.57
N2 GSP KA . 30.61 96.98 -1.25
N3 GSP KA . 30.01 94.86 -0.48
C4 GSP KA . 29.16 94.06 0.22
MG MG LA . 25.21 83.78 2.76
NA NA MA . 31.05 85.26 -0.14
MG MG NA . 11.17 48.77 13.47
N1 SPM OA . 46.04 -20.46 17.55
C2 SPM OA . 46.69 -19.46 16.66
C3 SPM OA . 45.71 -18.39 16.15
C4 SPM OA . 46.28 -16.99 16.37
N5 SPM OA . 46.29 -16.25 15.11
C6 SPM OA . 46.61 -14.82 15.28
C7 SPM OA . 47.02 -14.22 13.94
C8 SPM OA . 47.27 -12.71 14.04
C9 SPM OA . 47.45 -12.18 12.63
N10 SPM OA . 48.61 -11.31 12.53
C11 SPM OA . 48.08 -10.06 11.97
C12 SPM OA . 49.04 -9.48 10.94
C13 SPM OA . 48.42 -8.19 10.44
N14 SPM OA . 49.26 -7.59 9.40
MG MG PA . -8.53 14.27 10.14
MG MG QA . 39.91 -5.06 -14.76
MG MG RA . 59.18 -14.23 -26.62
MG MG SA . 43.03 -0.93 -5.40
MG MG TA . 9.12 26.57 3.88
MG MG UA . 42.67 -5.03 -28.50
MG MG VA . 46.93 44.67 30.66
MG MG WA . 15.87 41.76 23.42
MG MG XA . 10.83 42.18 19.40
MG MG YA . 24.92 -5.59 -24.53
MG MG ZA . 22.66 53.54 18.39
MG MG AB . 11.48 -5.81 -8.35
MG MG BB . 24.99 -20.47 -6.78
MG MG CB . 57.84 -11.97 -13.06
MG MG DB . 44.93 6.91 -3.56
MG MG EB . 42.62 -12.71 15.51
MG MG FB . 42.55 -18.11 -3.17
MG MG GB . 54.31 -11.01 -4.83
MG MG HB . 30.89 -7.57 -21.93
MG MG IB . 49.39 -15.80 19.85
MG MG JB . -26.88 -2.47 -59.55
MG MG KB . -1.00 -4.12 -60.99
MG MG LB . 36.35 50.18 26.19
MG MG MB . -32.65 8.94 -53.68
MG MG NB . -20.66 -24.58 -27.56
MG MG OB . 35.86 33.32 23.92
MG MG PB . 44.24 15.98 5.34
MG MG QB . -10.08 8.47 -33.39
MG MG RB . 45.11 -17.87 -50.66
MG MG SB . -24.52 18.32 -52.97
MG MG TB . -1.94 20.36 4.63
MG MG UB . 0.71 -10.31 -61.00
MG MG VB . -7.75 6.34 -27.95
MG MG WB . -24.65 22.93 -38.53
MG MG XB . -27.79 22.41 -51.44
MG MG YB . 11.32 3.78 -22.87
MG MG ZB . 29.32 -6.50 3.23
MG MG AC . -13.48 -19.81 -55.47
MG MG BC . 13.01 52.27 19.09
MG MG CC . 27.95 -8.03 -29.89
MG MG DC . -12.56 3.81 -26.07
MG MG EC . -12.52 23.87 -10.14
MG MG FC . -11.87 -5.02 -48.89
MG MG GC . 36.24 52.32 35.02
MG MG HC . 52.92 -36.31 -15.09
MG MG IC . 46.11 27.96 48.26
MG MG JC . -35.08 12.02 -71.05
MG MG KC . 44.03 -10.25 -30.79
MG MG LC . 21.89 60.01 43.61
MG MG MC . -6.24 27.03 0.30
MG MG NC . 61.11 -37.30 -25.18
MG MG OC . 39.76 -14.41 6.76
MG MG PC . 36.29 -11.18 -19.04
MG MG QC . 31.46 39.08 38.45
MG MG RC . 12.07 4.31 10.08
MG MG SC . -10.72 11.11 -46.36
MG MG TC . 42.22 -5.71 1.14
MG MG UC . -16.74 -23.30 -8.71
MG MG VC . 28.17 -10.01 -22.81
MG MG WC . 53.61 -27.66 15.23
MG MG XC . 22.23 -14.28 -10.61
MG MG YC . 24.14 -12.60 -17.44
MG MG ZC . 42.58 -5.26 -37.53
MG MG AD . 22.49 0.88 13.94
MG MG BD . 4.99 3.62 -4.66
MG MG CD . 14.46 -0.55 -1.75
MG MG DD . 22.32 53.72 53.79
MG MG ED . 23.00 55.18 57.58
MG MG FD . 66.80 -21.68 -6.97
MG MG GD . 64.95 -9.63 -19.08
MG MG HD . 45.16 41.50 29.02
MG MG ID . -4.66 3.19 -57.55
MG MG JD . 67.15 -23.49 -29.99
MG MG KD . 42.27 62.43 53.26
MG MG LD . 49.52 -17.89 -31.59
MG MG MD . -24.77 14.79 -30.30
MG MG ND . 48.70 30.76 58.93
MG MG OD . -17.94 -17.31 -36.03
MG MG PD . 3.76 18.03 -10.94
MG MG QD . 29.52 11.00 3.69
MG MG RD . 26.90 51.68 29.93
MG MG SD . 22.39 -17.54 -26.13
MG MG TD . 36.76 -9.49 3.73
MG MG UD . -12.83 -25.04 -16.44
MG MG VD . -12.44 -11.88 -74.54
MG MG WD . 45.52 -26.57 7.31
MG MG XD . -20.42 -31.03 -34.13
MG MG YD . -28.80 -32.03 -35.57
MG MG ZD . 14.24 41.27 43.47
MG MG AE . 44.47 28.68 22.29
MG MG BE . -8.67 11.51 -38.24
MG MG CE . 17.89 -28.23 -11.23
MG MG DE . 20.48 6.46 -30.97
MG MG EE . -6.53 -18.76 -3.68
MG MG FE . 6.74 -19.24 4.32
MG MG GE . 3.03 35.61 25.38
MG MG HE . -0.67 28.09 2.65
MG MG IE . -5.46 -0.19 -34.06
MG MG JE . -16.26 14.68 -34.40
MG MG KE . -8.44 -8.02 -82.90
MG MG LE . -30.05 15.29 -32.78
MG MG ME . 16.14 53.48 18.61
MG MG NE . -0.74 -19.69 -45.91
MG MG OE . 5.99 46.70 9.64
MG MG PE . -6.01 -12.82 -62.70
MG MG QE . 5.50 -48.62 10.98
ZN ZN RE . 44.36 -52.68 3.40
N FME SE . 54.49 44.50 -57.62
CN FME SE . 55.34 45.19 -56.80
O1 FME SE . 55.33 45.10 -55.56
CA FME SE . 53.49 43.57 -57.14
CB FME SE . 52.62 42.94 -58.25
CG FME SE . 51.22 43.48 -58.22
SD FME SE . 50.86 44.22 -59.79
CE FME SE . 49.48 43.29 -60.32
C FME SE . 54.12 42.42 -56.34
O FME SE . 55.32 42.17 -56.33
MG MG TE . 15.92 -2.84 -26.70
ZN ZN UE . 9.26 35.84 47.71
PG GTP VE . -21.94 -37.35 -88.76
O1G GTP VE . -21.50 -36.69 -87.49
O2G GTP VE . -21.21 -36.69 -89.90
O3G GTP VE . -23.44 -37.12 -88.93
O3B GTP VE . -21.63 -38.93 -88.60
PB GTP VE . -21.88 -40.02 -89.76
O1B GTP VE . -23.26 -40.63 -89.63
O2B GTP VE . -21.66 -39.37 -91.11
O3A GTP VE . -20.75 -41.14 -89.53
PA GTP VE . -19.51 -41.26 -90.55
O1A GTP VE . -19.92 -42.09 -91.75
O2A GTP VE . -19.02 -39.90 -90.98
O5' GTP VE . -18.33 -42.01 -89.75
C5' GTP VE . -18.60 -42.74 -88.59
C4' GTP VE . -17.34 -43.49 -88.20
O4' GTP VE . -17.75 -44.78 -87.78
C3' GTP VE . -16.40 -43.70 -89.37
O3' GTP VE . -15.32 -42.78 -89.38
C2' GTP VE . -15.94 -45.14 -89.23
O2' GTP VE . -14.76 -45.24 -88.47
C1' GTP VE . -17.09 -45.80 -88.50
N9 GTP VE . -18.02 -46.30 -89.53
C8 GTP VE . -19.29 -45.84 -89.79
N7 GTP VE . -19.83 -46.54 -90.81
C5 GTP VE . -18.92 -47.45 -91.22
C6 GTP VE . -18.95 -48.41 -92.23
O6 GTP VE . -19.95 -48.53 -92.93
N1 GTP VE . -17.85 -49.22 -92.41
C2 GTP VE . -16.72 -49.07 -91.61
N2 GTP VE . -15.66 -49.84 -91.81
N3 GTP VE . -16.70 -48.11 -90.62
C4 GTP VE . -17.78 -47.31 -90.43
MG MG WE . -21.11 -37.42 -91.87
MG MG XE . 30.62 7.33 -10.34
ZN ZN YE . -13.53 23.60 30.43
#